data_9FR3
#
_entry.id   9FR3
#
_cell.length_a   1.00
_cell.length_b   1.00
_cell.length_c   1.00
_cell.angle_alpha   90.00
_cell.angle_beta   90.00
_cell.angle_gamma   90.00
#
_symmetry.space_group_name_H-M   'P 1'
#
loop_
_entity.id
_entity.type
_entity.pdbx_description
1 polymer 'Nanobody 7F'
2 polymer 'Spike glycoprotein'
3 non-polymer 2-acetamido-2-deoxy-beta-D-glucopyranose
#
loop_
_entity_poly.entity_id
_entity_poly.type
_entity_poly.pdbx_seq_one_letter_code
_entity_poly.pdbx_strand_id
1 'polypeptide(L)'
;EVQLVESGGGLVEAGGSLRLSCVASGLTFSDYTMAWFRQVPGQEREFVSHIGWGGSETYYADSVKGRFTISRDNAKNAMY
LQMNELKPDDTAVYYCAADRGSSFYYVRESEYTFWGQGTQVTVSSAAAEQKLISEEDLNGAAHHHHHH
;
C,E,F,I,K,L
2 'polypeptide(L)'
;QCVNLTTRTQLPPAYTNSFTRGVYYPDKVFRSSVLHSTQDLFLPFFSNVTWFHAIHVSGTNGTKRFDNPVLPFNDGVYFA
STEKSNIIRGWIFGTTLDSKTQSLLIVNNATNVVIKVCEFQFCNDPFLGVYYHKNNKSWMESEFRVYSSANNCTFEYVSQ
PFLMDLEGKQGNFKNLREFVFKNIDGYFKIYSKHTPINLVRDLPQGFSALEPLVDLPIGINITRFQTLLALHRSYLTPGD
SSSGWTAGAAAYYVGYLQPRTFLLKYNENGTITDAVDCALDPLSETKCTLKSFTVEKGIYQTSNFRVQPTESIVRFPNIT
NLCPFGEVFNATRFASVYAWNRKRISNCVADYSVLYNSASFSTFKCYGVSPTKLNDLCFFNVYADSFVIRGDEVRQIAPG
QTGKIADYNYKLPDDFTGCVIAWNSNNLDSKVGGNYNYLYRLFRKSNLKPFERDISTEIYQAGSTPCNGVEGFNCYFPLQ
SYGFQPTNGVGYQPYRVVVLSFELLHAPATVCGPKKSTNLVKNKCVNFNFNGLTGTGVLTESNKKFLPFQQFGRDIADTT
DAVRDPQTLEILDITPCSFGGVSVITPGTNTSNEVAVLYQDVNCTEVPVAIHADQLTPTWRVYSTGSNVFQTRAGCLIGA
EHVNNSYECDIPIGAGICASYQTQTNSPAAARSVASQSIIAYTMSLGAENSVAYSNNSIAIPTNFTISVTTEILPVSMTK
TSVDCTMYICGDSTECSNLLLQYGSFCTQLNRALTGIAVEQDKNTQEVFAQVKQIYKTPPIKDFGGFNFSQILPDPSKPS
KRSFIEDLLFNKVTLADAGFIKQYGDCLGDIAARDLICAQKFNGLTVLPPLLTDEMIAQYTSALLAGTITSGWTFGAGPA
LQIPFPMQMAYRFNGIGVTQNVLYENQKLIANQFNSAIGKIQDSLSSTPSALGKLQDVVNQNAQALNTLVKQLSSNFGAI
SSVLNDILSRLDPPEAEVQIDRLITGRLQSLQTYVTQQLIRAAEIRASANLAATKMSECVLGQSKRVDFCGKGYHLMSFP
QSAPHGVVFLHVTYVPAQEKNFTTAPAICHDGKAHFPREGVFVSNGTHWFVTQRNFYEPQIITTDNTFVSGNCDVVIGIV
NNTVYDPLQPELDSFKEELDKYFKNHTSPDVDLGDISGINASVVNIQKEIDRLNEVAKNLNESLIDLQELGKYEQGSGYI
PEAPRDGQAYVRKDGEWVLLSTFLGRSLEVLFQGPGHHHHHHHHSAWSHPQFEKGGGSGGGGSGGSAWSHPQFEK
;
A,B,D,G,H,J
#
loop_
_chem_comp.id
_chem_comp.type
_chem_comp.name
_chem_comp.formula
NAG D-saccharide, beta linking 2-acetamido-2-deoxy-beta-D-glucopyranose 'C8 H15 N O6'
#
# COMPACT_ATOMS: atom_id res chain seq x y z
N GLN A 3 -30.79 2.24 -4.63
CA GLN A 3 -30.13 2.97 -5.70
C GLN A 3 -30.13 4.47 -5.40
N LEU A 4 -31.32 5.02 -5.20
CA LEU A 4 -31.49 6.44 -4.91
C LEU A 4 -31.99 6.57 -3.46
N VAL A 5 -31.07 6.88 -2.56
CA VAL A 5 -31.39 7.08 -1.15
C VAL A 5 -31.70 8.55 -0.93
N GLU A 6 -32.84 8.83 -0.30
CA GLU A 6 -33.28 10.20 -0.09
C GLU A 6 -33.50 10.45 1.39
N SER A 7 -33.46 11.73 1.77
CA SER A 7 -33.61 12.15 3.15
C SER A 7 -34.62 13.29 3.22
N GLY A 8 -34.85 13.78 4.44
CA GLY A 8 -35.76 14.88 4.67
C GLY A 8 -37.18 14.43 4.91
N GLY A 9 -38.01 15.39 5.26
CA GLY A 9 -39.42 15.16 5.50
C GLY A 9 -39.77 15.11 6.97
N GLY A 10 -41.05 15.35 7.24
CA GLY A 10 -41.55 15.32 8.60
C GLY A 10 -42.75 16.23 8.73
N LEU A 11 -43.33 16.23 9.94
CA LEU A 11 -44.45 17.12 10.23
C LEU A 11 -43.98 18.57 10.23
N VAL A 12 -44.78 19.45 9.66
CA VAL A 12 -44.43 20.84 9.50
C VAL A 12 -45.49 21.70 10.18
N GLU A 13 -45.13 22.96 10.43
CA GLU A 13 -45.99 23.92 11.11
C GLU A 13 -47.00 24.57 10.19
N ALA A 14 -47.21 24.03 8.99
CA ALA A 14 -48.21 24.51 8.03
C ALA A 14 -47.96 25.99 7.68
N GLY A 15 -46.81 26.23 7.08
CA GLY A 15 -46.43 27.57 6.67
C GLY A 15 -44.95 27.87 6.78
N GLY A 16 -44.20 26.98 7.45
CA GLY A 16 -42.77 27.15 7.57
C GLY A 16 -42.03 26.72 6.32
N SER A 17 -40.85 26.14 6.50
CA SER A 17 -40.05 25.66 5.38
C SER A 17 -39.47 24.28 5.72
N LEU A 18 -39.19 23.51 4.67
CA LEU A 18 -38.59 22.19 4.81
C LEU A 18 -37.56 22.00 3.71
N ARG A 19 -36.65 21.05 3.93
CA ARG A 19 -35.60 20.75 2.97
C ARG A 19 -35.57 19.25 2.72
N LEU A 20 -35.60 18.86 1.45
CA LEU A 20 -35.54 17.46 1.04
C LEU A 20 -34.30 17.23 0.17
N SER A 21 -33.75 16.02 0.28
CA SER A 21 -32.56 15.63 -0.45
C SER A 21 -32.73 14.24 -1.02
N CYS A 22 -32.00 13.96 -2.09
CA CYS A 22 -31.98 12.63 -2.69
C CYS A 22 -30.55 12.35 -3.13
N VAL A 23 -29.95 11.30 -2.57
CA VAL A 23 -28.55 10.97 -2.77
C VAL A 23 -28.45 9.77 -3.69
N ALA A 24 -27.63 9.88 -4.72
CA ALA A 24 -27.35 8.77 -5.62
C ALA A 24 -26.09 8.06 -5.15
N SER A 25 -26.19 6.75 -4.98
CA SER A 25 -25.10 5.94 -4.46
C SER A 25 -24.40 5.12 -5.53
N GLY A 26 -25.02 4.96 -6.70
CA GLY A 26 -24.43 4.16 -7.75
C GLY A 26 -24.56 4.78 -9.12
N LEU A 27 -24.59 6.12 -9.17
CA LEU A 27 -24.66 6.85 -10.42
C LEU A 27 -23.65 7.98 -10.40
N THR A 28 -23.14 8.32 -11.60
CA THR A 28 -22.13 9.37 -11.70
C THR A 28 -22.68 10.73 -11.30
N PHE A 29 -23.98 10.95 -11.48
CA PHE A 29 -24.72 12.14 -11.11
C PHE A 29 -24.30 13.37 -11.90
N SER A 30 -23.29 13.26 -12.77
CA SER A 30 -22.83 14.39 -13.56
C SER A 30 -23.40 14.41 -14.97
N ASP A 31 -23.90 13.27 -15.45
CA ASP A 31 -24.57 13.18 -16.74
C ASP A 31 -25.94 12.53 -16.60
N TYR A 32 -26.64 12.85 -15.51
CA TYR A 32 -27.98 12.33 -15.24
C TYR A 32 -28.90 13.47 -14.85
N THR A 33 -30.19 13.29 -15.13
CA THR A 33 -31.21 14.30 -14.87
C THR A 33 -32.30 13.68 -14.00
N MET A 34 -32.65 14.38 -12.92
CA MET A 34 -33.56 13.89 -11.90
C MET A 34 -34.91 14.61 -11.99
N ALA A 35 -35.78 14.30 -11.05
CA ALA A 35 -37.09 14.92 -10.95
C ALA A 35 -37.69 14.61 -9.59
N TRP A 36 -38.81 15.26 -9.29
CA TRP A 36 -39.56 15.02 -8.07
C TRP A 36 -41.02 14.73 -8.42
N PHE A 37 -41.54 13.65 -7.88
CA PHE A 37 -42.90 13.22 -8.15
C PHE A 37 -43.61 13.02 -6.83
N ARG A 38 -44.93 13.18 -6.84
CA ARG A 38 -45.73 13.14 -5.63
C ARG A 38 -46.75 12.01 -5.69
N GLN A 39 -46.92 11.32 -4.57
CA GLN A 39 -47.84 10.19 -4.46
C GLN A 39 -48.95 10.53 -3.49
N VAL A 40 -50.19 10.28 -3.90
CA VAL A 40 -51.34 10.44 -3.01
C VAL A 40 -52.14 9.14 -3.01
N PRO A 41 -52.56 8.65 -1.85
CA PRO A 41 -53.38 7.43 -1.81
C PRO A 41 -54.71 7.63 -2.51
N GLY A 42 -55.17 6.57 -3.18
CA GLY A 42 -56.44 6.60 -3.89
C GLY A 42 -56.42 7.36 -5.20
N GLN A 43 -55.25 7.80 -5.65
CA GLN A 43 -55.14 8.61 -6.85
C GLN A 43 -53.80 8.34 -7.50
N GLU A 44 -53.65 8.82 -8.74
CA GLU A 44 -52.46 8.55 -9.54
C GLU A 44 -51.25 9.31 -8.99
N ARG A 45 -50.13 9.12 -9.67
CA ARG A 45 -48.85 9.74 -9.31
C ARG A 45 -48.76 11.12 -9.95
N GLU A 46 -48.33 12.11 -9.17
CA GLU A 46 -48.26 13.49 -9.63
C GLU A 46 -46.81 13.94 -9.77
N PHE A 47 -46.61 14.87 -10.71
CA PHE A 47 -45.32 15.50 -10.95
C PHE A 47 -45.28 16.85 -10.25
N VAL A 48 -44.12 17.20 -9.70
CA VAL A 48 -43.97 18.50 -9.04
C VAL A 48 -42.81 19.30 -9.63
N SER A 49 -41.60 18.77 -9.56
CA SER A 49 -40.41 19.53 -9.91
C SER A 49 -39.48 18.71 -10.79
N HIS A 50 -38.60 19.43 -11.48
CA HIS A 50 -37.63 18.82 -12.38
C HIS A 50 -36.41 19.72 -12.49
N ILE A 51 -35.23 19.11 -12.59
CA ILE A 51 -33.98 19.83 -12.71
C ILE A 51 -33.11 19.15 -13.78
N GLY A 52 -32.50 19.95 -14.64
CA GLY A 52 -31.61 19.44 -15.66
C GLY A 52 -30.18 19.33 -15.16
N TRP A 53 -29.26 19.07 -16.10
CA TRP A 53 -27.85 19.01 -15.76
C TRP A 53 -27.39 20.33 -15.19
N GLY A 54 -26.73 20.28 -14.05
CA GLY A 54 -26.25 21.49 -13.40
C GLY A 54 -27.30 22.33 -12.69
N GLY A 55 -28.41 22.61 -13.36
CA GLY A 55 -29.47 23.39 -12.75
C GLY A 55 -29.80 24.65 -13.52
N SER A 56 -29.33 24.74 -14.76
CA SER A 56 -29.55 25.92 -15.59
C SER A 56 -30.85 25.86 -16.38
N GLU A 57 -31.55 24.73 -16.36
CA GLU A 57 -32.82 24.59 -17.08
C GLU A 57 -33.76 23.76 -16.20
N THR A 58 -34.53 24.44 -15.38
CA THR A 58 -35.43 23.80 -14.44
C THR A 58 -36.87 24.25 -14.70
N TYR A 59 -37.81 23.34 -14.52
CA TYR A 59 -39.23 23.63 -14.69
C TYR A 59 -39.97 23.25 -13.42
N TYR A 60 -41.18 23.78 -13.28
CA TYR A 60 -42.01 23.51 -12.12
C TYR A 60 -43.46 23.36 -12.55
N ALA A 61 -44.24 22.69 -11.71
CA ALA A 61 -45.64 22.44 -12.02
C ALA A 61 -46.45 23.72 -11.97
N ASP A 62 -47.59 23.71 -12.68
CA ASP A 62 -48.47 24.88 -12.71
C ASP A 62 -49.10 25.18 -11.35
N SER A 63 -49.32 24.15 -10.53
CA SER A 63 -49.89 24.33 -9.20
C SER A 63 -48.83 24.54 -8.13
N VAL A 64 -47.55 24.48 -8.48
CA VAL A 64 -46.47 24.66 -7.53
C VAL A 64 -45.50 25.77 -7.95
N LYS A 65 -45.67 26.33 -9.15
CA LYS A 65 -44.75 27.35 -9.65
C LYS A 65 -44.65 28.54 -8.70
N GLY A 66 -43.42 29.00 -8.47
CA GLY A 66 -43.17 30.16 -7.65
C GLY A 66 -43.00 29.89 -6.16
N ARG A 67 -43.22 28.65 -5.72
CA ARG A 67 -43.18 28.33 -4.30
C ARG A 67 -41.91 27.58 -3.90
N PHE A 68 -41.62 26.48 -4.57
CA PHE A 68 -40.51 25.61 -4.20
C PHE A 68 -39.31 25.85 -5.11
N THR A 69 -38.12 25.68 -4.55
CA THR A 69 -36.87 25.89 -5.27
C THR A 69 -36.08 24.58 -5.34
N ILE A 70 -35.46 24.34 -6.49
CA ILE A 70 -34.69 23.12 -6.73
C ILE A 70 -33.24 23.51 -6.99
N SER A 71 -32.33 22.59 -6.66
CA SER A 71 -30.90 22.81 -6.85
C SER A 71 -30.20 21.47 -6.85
N ARG A 72 -29.00 21.46 -7.42
CA ARG A 72 -28.19 20.24 -7.44
C ARG A 72 -26.72 20.62 -7.29
N ASP A 73 -25.94 19.65 -6.81
CA ASP A 73 -24.51 19.84 -6.58
C ASP A 73 -23.80 18.51 -6.72
N ASN A 74 -22.83 18.46 -7.64
CA ASN A 74 -22.13 17.22 -7.96
C ASN A 74 -21.06 16.84 -6.94
N ALA A 75 -20.70 17.75 -6.03
CA ALA A 75 -19.63 17.46 -5.10
C ALA A 75 -19.99 16.38 -4.10
N LYS A 76 -21.26 15.98 -4.02
CA LYS A 76 -21.69 14.96 -3.08
C LYS A 76 -22.67 13.97 -3.68
N ASN A 77 -22.89 14.01 -5.00
CA ASN A 77 -23.83 13.13 -5.69
C ASN A 77 -25.24 13.25 -5.10
N ALA A 78 -25.70 14.49 -4.91
CA ALA A 78 -27.02 14.72 -4.36
C ALA A 78 -27.54 16.07 -4.82
N MET A 79 -28.86 16.23 -4.78
CA MET A 79 -29.52 17.48 -5.09
C MET A 79 -30.48 17.85 -3.98
N TYR A 80 -30.78 19.14 -3.88
CA TYR A 80 -31.55 19.68 -2.78
C TYR A 80 -32.85 20.28 -3.30
N LEU A 81 -33.97 19.90 -2.68
CA LEU A 81 -35.26 20.51 -2.94
C LEU A 81 -35.73 21.18 -1.65
N GLN A 82 -36.01 22.48 -1.73
CA GLN A 82 -36.41 23.28 -0.58
C GLN A 82 -37.82 23.82 -0.81
N MET A 83 -38.67 23.67 0.19
CA MET A 83 -40.04 24.18 0.15
C MET A 83 -40.12 25.51 0.92
N ASN A 84 -41.12 26.31 0.56
CA ASN A 84 -41.30 27.62 1.17
C ASN A 84 -42.72 27.89 1.66
N GLU A 85 -43.73 27.12 1.22
CA GLU A 85 -45.10 27.33 1.64
C GLU A 85 -45.63 26.17 2.47
N LEU A 86 -45.56 24.95 1.94
CA LEU A 86 -46.05 23.75 2.63
C LEU A 86 -47.52 23.90 3.01
N LYS A 87 -48.35 24.02 1.98
CA LYS A 87 -49.79 24.13 2.18
C LYS A 87 -50.34 22.85 2.80
N PRO A 88 -51.45 22.94 3.54
CA PRO A 88 -52.05 21.74 4.12
C PRO A 88 -52.73 20.85 3.09
N ASP A 89 -52.51 21.13 1.80
CA ASP A 89 -53.02 20.28 0.73
C ASP A 89 -51.93 19.48 0.03
N ASP A 90 -50.65 19.83 0.22
CA ASP A 90 -49.54 19.16 -0.45
C ASP A 90 -48.93 18.04 0.40
N THR A 91 -49.51 17.75 1.56
CA THR A 91 -49.04 16.65 2.40
C THR A 91 -49.27 15.33 1.68
N ALA A 92 -48.19 14.72 1.17
CA ALA A 92 -48.30 13.53 0.34
C ALA A 92 -46.98 12.76 0.42
N VAL A 93 -46.84 11.76 -0.44
CA VAL A 93 -45.66 10.90 -0.46
C VAL A 93 -44.73 11.38 -1.55
N TYR A 94 -43.45 11.51 -1.22
CA TYR A 94 -42.45 12.09 -2.10
C TYR A 94 -41.58 10.99 -2.70
N TYR A 95 -41.41 11.04 -4.03
CA TYR A 95 -40.60 10.08 -4.76
C TYR A 95 -39.55 10.78 -5.59
N CYS A 96 -38.31 10.31 -5.49
CA CYS A 96 -37.18 10.86 -6.23
C CYS A 96 -36.90 10.00 -7.45
N ALA A 97 -36.83 10.63 -8.61
CA ALA A 97 -36.57 9.96 -9.87
C ALA A 97 -35.25 10.45 -10.44
N ALA A 98 -34.78 9.77 -11.48
CA ALA A 98 -33.55 10.14 -12.15
C ALA A 98 -33.54 9.49 -13.54
N ASP A 99 -32.77 10.07 -14.45
CA ASP A 99 -32.57 9.46 -15.75
C ASP A 99 -31.29 9.97 -16.38
N ARG A 100 -30.83 9.24 -17.40
CA ARG A 100 -29.61 9.62 -18.11
C ARG A 100 -29.78 10.97 -18.80
N GLY A 101 -30.95 11.20 -19.40
CA GLY A 101 -31.19 12.41 -20.16
C GLY A 101 -32.41 13.18 -19.66
N SER A 102 -32.72 14.25 -20.38
CA SER A 102 -33.89 15.06 -20.15
C SER A 102 -34.86 14.86 -21.31
N SER A 103 -36.15 14.84 -21.01
CA SER A 103 -37.17 14.52 -22.00
C SER A 103 -38.09 15.71 -22.23
N PHE A 104 -38.59 15.82 -23.46
CA PHE A 104 -39.66 16.76 -23.74
C PHE A 104 -40.93 16.41 -22.98
N TYR A 105 -41.30 15.13 -22.97
CA TYR A 105 -42.41 14.69 -22.15
C TYR A 105 -41.91 14.46 -20.72
N TYR A 106 -41.28 15.47 -20.15
CA TYR A 106 -40.74 15.42 -18.79
C TYR A 106 -41.82 15.34 -17.72
N VAL A 107 -43.08 15.59 -18.08
CA VAL A 107 -44.16 15.43 -17.11
C VAL A 107 -44.57 13.97 -16.95
N ARG A 108 -44.29 13.14 -17.94
CA ARG A 108 -44.70 11.74 -17.88
C ARG A 108 -43.86 10.98 -16.87
N GLU A 109 -44.53 10.13 -16.08
CA GLU A 109 -43.82 9.32 -15.10
C GLU A 109 -43.01 8.22 -15.76
N SER A 110 -43.48 7.71 -16.91
CA SER A 110 -42.77 6.65 -17.63
C SER A 110 -41.40 7.10 -18.13
N GLU A 111 -41.16 8.41 -18.21
CA GLU A 111 -39.89 8.92 -18.71
C GLU A 111 -38.86 9.08 -17.60
N TYR A 112 -38.97 8.31 -16.53
CA TYR A 112 -37.98 8.31 -15.44
C TYR A 112 -37.74 6.86 -15.05
N THR A 113 -36.71 6.26 -15.63
CA THR A 113 -36.43 4.85 -15.39
C THR A 113 -36.06 4.59 -13.94
N PHE A 114 -35.23 5.46 -13.35
CA PHE A 114 -34.76 5.29 -11.99
C PHE A 114 -35.73 5.97 -11.03
N TRP A 115 -35.99 5.30 -9.90
CA TRP A 115 -36.86 5.84 -8.87
C TRP A 115 -36.24 5.53 -7.51
N GLY A 116 -36.43 6.46 -6.56
CA GLY A 116 -35.87 6.34 -5.24
C GLY A 116 -36.85 5.76 -4.24
N GLN A 117 -36.50 5.93 -2.97
CA GLN A 117 -37.35 5.50 -1.87
C GLN A 117 -38.44 6.55 -1.63
N GLY A 118 -39.12 6.47 -0.50
CA GLY A 118 -40.20 7.38 -0.19
C GLY A 118 -39.93 8.22 1.04
N VAL A 121 -40.46 9.43 1.04
CA VAL A 121 -40.38 10.33 2.19
C VAL A 121 -41.65 10.14 3.01
N THR A 122 -41.56 10.45 4.30
CA THR A 122 -42.69 10.30 5.21
C THR A 122 -43.91 11.07 4.70
N VAL A 123 -45.08 10.42 4.80
CA VAL A 123 -46.31 11.03 4.31
C VAL A 123 -46.70 12.22 5.17
N ALA B 14 -49.52 66.24 2.63
CA ALA B 14 -49.39 67.54 1.98
C ALA B 14 -48.04 67.67 1.30
N TYR B 15 -47.93 68.63 0.39
CA TYR B 15 -46.70 68.89 -0.35
C TYR B 15 -46.39 70.37 -0.34
N THR B 16 -45.10 70.69 -0.34
CA THR B 16 -44.64 72.07 -0.29
C THR B 16 -43.46 72.22 -1.24
N ASN B 17 -43.13 73.47 -1.56
CA ASN B 17 -42.08 73.80 -2.52
C ASN B 17 -40.81 74.20 -1.78
N SER B 18 -39.77 73.39 -1.93
CA SER B 18 -38.47 73.69 -1.33
C SER B 18 -37.76 74.70 -2.22
N PHE B 19 -37.93 75.99 -1.92
CA PHE B 19 -37.45 77.03 -2.82
C PHE B 19 -35.94 76.91 -3.06
N THR B 20 -35.15 77.15 -2.04
CA THR B 20 -33.72 77.28 -2.24
C THR B 20 -32.91 76.53 -1.18
N ARG B 21 -33.55 75.87 -0.23
CA ARG B 21 -32.86 75.22 0.87
C ARG B 21 -32.42 73.82 0.47
N GLY B 22 -31.46 73.28 1.24
CA GLY B 22 -30.97 71.93 1.03
C GLY B 22 -29.55 71.87 0.51
N VAL B 23 -28.78 72.91 0.79
CA VAL B 23 -27.44 73.08 0.26
C VAL B 23 -26.43 72.96 1.40
N TYR B 24 -25.43 72.13 1.21
CA TYR B 24 -24.47 71.82 2.26
C TYR B 24 -23.06 71.91 1.71
N TYR B 25 -22.09 71.81 2.62
CA TYR B 25 -20.70 71.85 2.22
C TYR B 25 -20.23 70.45 1.88
N PRO B 26 -19.91 70.15 0.62
CA PRO B 26 -19.50 68.79 0.27
C PRO B 26 -18.13 68.41 0.78
N ASP B 27 -17.34 69.35 1.31
CA ASP B 27 -16.00 69.04 1.77
C ASP B 27 -15.59 70.05 2.82
N LYS B 28 -14.38 69.86 3.37
CA LYS B 28 -13.83 70.71 4.40
C LYS B 28 -13.16 71.96 3.82
N VAL B 29 -12.64 71.87 2.60
CA VAL B 29 -11.73 72.85 2.02
C VAL B 29 -12.34 74.25 2.02
N PHE B 30 -11.49 75.26 1.97
CA PHE B 30 -11.89 76.65 2.11
C PHE B 30 -11.61 77.36 0.80
N ARG B 31 -12.65 77.94 0.20
CA ARG B 31 -12.54 78.63 -1.07
C ARG B 31 -13.07 80.04 -0.92
N SER B 32 -12.31 81.02 -1.37
CA SER B 32 -12.62 82.42 -1.19
C SER B 32 -12.94 83.05 -2.54
N SER B 33 -14.17 83.56 -2.68
CA SER B 33 -14.61 84.25 -3.89
C SER B 33 -14.39 83.38 -5.13
N VAL B 34 -14.98 82.19 -5.10
CA VAL B 34 -14.85 81.21 -6.18
C VAL B 34 -16.22 80.65 -6.48
N LEU B 35 -16.53 80.48 -7.76
CA LEU B 35 -17.76 79.80 -8.16
C LEU B 35 -17.41 78.36 -8.51
N HIS B 36 -17.28 77.55 -7.47
CA HIS B 36 -16.93 76.15 -7.65
C HIS B 36 -18.14 75.35 -8.12
N SER B 37 -17.91 74.42 -9.03
CA SER B 37 -18.95 73.54 -9.57
C SER B 37 -18.61 72.12 -9.19
N THR B 38 -19.50 71.46 -8.46
CA THR B 38 -19.28 70.11 -7.98
C THR B 38 -20.51 69.25 -8.23
N GLN B 39 -20.28 67.95 -8.36
CA GLN B 39 -21.32 66.97 -8.56
C GLN B 39 -21.41 66.10 -7.31
N ASP B 40 -22.51 66.23 -6.58
CA ASP B 40 -22.78 65.42 -5.40
C ASP B 40 -24.28 65.38 -5.20
N LEU B 41 -24.74 64.67 -4.16
CA LEU B 41 -26.16 64.49 -3.92
C LEU B 41 -26.71 65.74 -3.25
N PHE B 42 -27.40 66.57 -4.01
CA PHE B 42 -27.98 67.80 -3.52
C PHE B 42 -29.49 67.74 -3.66
N LEU B 43 -30.18 68.56 -2.89
CA LEU B 43 -31.64 68.63 -2.99
C LEU B 43 -32.02 69.45 -4.20
N PRO B 44 -32.70 68.87 -5.20
CA PRO B 44 -33.02 69.63 -6.41
C PRO B 44 -33.83 70.88 -6.10
N PHE B 45 -33.50 71.96 -6.80
CA PHE B 45 -34.12 73.24 -6.54
C PHE B 45 -35.59 73.22 -6.90
N PHE B 46 -36.40 73.95 -6.13
CA PHE B 46 -37.83 74.06 -6.37
C PHE B 46 -38.48 72.69 -6.48
N SER B 47 -38.10 71.79 -5.58
CA SER B 47 -38.64 70.45 -5.55
C SER B 47 -39.89 70.39 -4.68
N ASN B 48 -40.43 69.20 -4.53
CA ASN B 48 -41.64 68.95 -3.75
C ASN B 48 -41.23 68.25 -2.46
N VAL B 49 -41.32 68.96 -1.34
CA VAL B 49 -41.05 68.37 -0.04
C VAL B 49 -42.37 67.85 0.52
N THR B 50 -42.40 66.55 0.82
CA THR B 50 -43.58 65.90 1.38
C THR B 50 -43.81 66.38 2.80
N TRP B 51 -44.89 67.13 3.01
CA TRP B 51 -45.23 67.69 4.31
C TRP B 51 -45.98 66.65 5.14
N PHE B 52 -45.41 66.25 6.27
CA PHE B 52 -46.10 65.41 7.24
C PHE B 52 -46.31 66.16 8.56
N HIS B 53 -46.98 65.47 9.48
CA HIS B 53 -47.20 65.93 10.84
C HIS B 53 -47.51 64.74 11.74
N ASN B 68 -44.83 61.03 12.38
CA ASN B 68 -45.37 59.71 12.70
C ASN B 68 -44.96 58.60 11.70
N PRO B 69 -45.27 58.75 10.41
CA PRO B 69 -45.06 57.64 9.49
C PRO B 69 -43.59 57.41 9.19
N VAL B 70 -43.29 56.19 8.76
CA VAL B 70 -41.93 55.82 8.38
C VAL B 70 -41.72 56.18 6.91
N LEU B 71 -40.45 56.27 6.51
CA LEU B 71 -40.10 56.69 5.17
C LEU B 71 -38.88 55.91 4.69
N PRO B 72 -38.67 55.84 3.37
CA PRO B 72 -37.45 55.23 2.85
C PRO B 72 -36.25 56.16 2.97
N PHE B 73 -35.08 55.58 2.72
CA PHE B 73 -33.78 56.24 2.75
C PHE B 73 -32.96 55.85 1.53
N ASN B 74 -33.55 56.01 0.35
CA ASN B 74 -32.93 55.57 -0.90
C ASN B 74 -31.49 56.04 -1.01
N ASP B 75 -31.26 57.35 -0.99
CA ASP B 75 -29.91 57.87 -1.12
C ASP B 75 -29.59 59.05 -0.20
N GLY B 76 -30.59 59.68 0.40
CA GLY B 76 -30.35 60.83 1.24
C GLY B 76 -31.63 61.50 1.65
N VAL B 77 -31.58 62.37 2.66
CA VAL B 77 -32.78 62.99 3.21
C VAL B 77 -32.46 64.42 3.60
N TYR B 78 -33.42 65.32 3.42
CA TYR B 78 -33.32 66.70 3.87
C TYR B 78 -34.33 66.94 4.99
N PHE B 79 -34.34 66.06 5.98
CA PHE B 79 -35.25 66.24 7.09
C PHE B 79 -35.14 67.65 7.65
N ALA B 80 -36.22 68.40 7.54
CA ALA B 80 -36.32 69.70 8.16
C ALA B 80 -37.39 69.64 9.25
N SER B 81 -37.58 70.76 9.94
CA SER B 81 -38.55 70.82 11.02
C SER B 81 -38.74 72.26 11.44
N THR B 82 -39.89 72.56 12.02
CA THR B 82 -40.21 73.90 12.51
C THR B 82 -40.73 73.74 13.93
N GLU B 83 -39.82 73.76 14.89
CA GLU B 83 -40.17 73.57 16.29
C GLU B 83 -40.40 74.92 16.98
N LYS B 84 -41.01 74.87 18.16
CA LYS B 84 -41.22 76.05 18.98
C LYS B 84 -40.55 75.94 20.33
N SER B 85 -40.69 74.80 21.02
CA SER B 85 -40.08 74.57 22.32
C SER B 85 -39.48 73.17 22.38
N ASN B 86 -38.74 72.80 21.33
CA ASN B 86 -38.13 71.47 21.21
C ASN B 86 -39.20 70.37 21.25
N ILE B 87 -40.26 70.58 20.47
CA ILE B 87 -41.30 69.56 20.35
C ILE B 87 -40.74 68.30 19.70
N ILE B 88 -39.96 68.47 18.62
CA ILE B 88 -39.37 67.34 17.91
C ILE B 88 -38.08 66.94 18.62
N ARG B 89 -37.88 65.64 18.79
CA ARG B 89 -36.80 65.14 19.63
C ARG B 89 -35.70 64.44 18.84
N GLY B 90 -36.02 63.40 18.07
CA GLY B 90 -34.96 62.61 17.47
C GLY B 90 -35.32 61.84 16.22
N TRP B 91 -34.43 60.96 15.78
CA TRP B 91 -34.57 60.24 14.53
C TRP B 91 -34.32 58.76 14.75
N ILE B 92 -34.98 57.95 13.91
CA ILE B 92 -34.82 56.50 13.92
C ILE B 92 -34.36 56.09 12.54
N PHE B 93 -33.32 55.26 12.48
CA PHE B 93 -32.75 54.84 11.22
C PHE B 93 -32.48 53.34 11.24
N GLY B 94 -32.38 52.77 10.05
CA GLY B 94 -32.09 51.36 9.89
C GLY B 94 -32.77 50.79 8.67
N THR B 95 -32.67 49.47 8.55
CA THR B 95 -33.32 48.74 7.45
C THR B 95 -34.67 48.16 7.87
N THR B 96 -34.65 47.30 8.89
CA THR B 96 -35.88 46.66 9.37
C THR B 96 -36.54 47.41 10.52
N LEU B 97 -35.86 48.41 11.09
CA LEU B 97 -36.43 49.29 12.11
C LEU B 97 -36.85 48.55 13.38
N ASP B 98 -36.25 47.40 13.67
CA ASP B 98 -36.55 46.67 14.89
C ASP B 98 -35.39 45.72 15.19
N SER B 99 -35.64 44.75 16.06
CA SER B 99 -34.60 43.80 16.43
C SER B 99 -34.26 42.90 15.24
N LYS B 100 -33.31 42.00 15.47
CA LYS B 100 -32.74 41.07 14.49
C LYS B 100 -31.94 41.79 13.41
N THR B 101 -31.82 43.12 13.48
CA THR B 101 -31.05 43.90 12.51
C THR B 101 -30.63 45.20 13.18
N GLN B 102 -29.41 45.63 12.89
CA GLN B 102 -28.89 46.86 13.49
C GLN B 102 -29.72 48.07 13.07
N SER B 103 -29.79 49.07 13.94
CA SER B 103 -30.56 50.27 13.68
C SER B 103 -29.94 51.45 14.42
N LEU B 104 -29.57 52.49 13.68
CA LEU B 104 -29.05 53.71 14.28
C LEU B 104 -30.14 54.41 15.07
N LEU B 105 -29.74 55.19 16.06
CA LEU B 105 -30.66 55.79 17.02
C LEU B 105 -30.11 57.12 17.50
N ILE B 106 -30.85 58.20 17.26
CA ILE B 106 -30.52 59.52 17.77
C ILE B 106 -31.75 60.12 18.41
N VAL B 107 -31.68 60.41 19.71
CA VAL B 107 -32.75 61.12 20.42
C VAL B 107 -32.12 62.20 21.29
N ASN B 108 -32.80 63.33 21.37
CA ASN B 108 -32.44 64.42 22.28
C ASN B 108 -33.41 64.37 23.46
N ASN B 109 -32.99 63.70 24.54
CA ASN B 109 -33.82 63.60 25.74
C ASN B 109 -33.51 64.72 26.73
N ALA B 110 -33.57 65.96 26.24
CA ALA B 110 -33.41 67.17 27.06
C ALA B 110 -32.03 67.25 27.70
N THR B 111 -31.16 66.27 27.45
CA THR B 111 -29.81 66.27 27.98
C THR B 111 -28.76 66.32 26.88
N ASN B 112 -28.84 65.41 25.92
CA ASN B 112 -27.86 65.30 24.84
C ASN B 112 -28.44 64.36 23.78
N VAL B 113 -27.64 64.09 22.77
CA VAL B 113 -28.02 63.17 21.70
C VAL B 113 -27.28 61.86 21.92
N VAL B 114 -28.03 60.79 22.15
CA VAL B 114 -27.45 59.47 22.38
C VAL B 114 -27.48 58.72 21.06
N ILE B 115 -26.31 58.29 20.60
CA ILE B 115 -26.18 57.60 19.33
C ILE B 115 -25.88 56.14 19.61
N LYS B 116 -26.67 55.26 19.03
CA LYS B 116 -26.52 53.83 19.22
C LYS B 116 -26.72 53.14 17.88
N VAL B 117 -26.17 51.94 17.75
CA VAL B 117 -26.30 51.17 16.52
C VAL B 117 -26.75 49.76 16.89
N CYS B 118 -27.21 49.59 18.13
CA CYS B 118 -27.65 48.28 18.60
C CYS B 118 -29.01 47.92 18.01
N GLU B 119 -29.24 46.60 17.89
CA GLU B 119 -30.50 46.08 17.38
C GLU B 119 -31.56 46.24 18.46
N PHE B 120 -32.08 47.46 18.56
CA PHE B 120 -33.06 47.79 19.59
C PHE B 120 -34.44 47.28 19.18
N GLN B 121 -35.41 47.45 20.07
CA GLN B 121 -36.74 46.90 19.90
C GLN B 121 -37.78 48.02 19.83
N PHE B 122 -37.53 49.00 18.96
CA PHE B 122 -38.41 50.16 18.83
C PHE B 122 -39.87 49.76 18.77
N CYS B 123 -40.72 50.53 19.44
CA CYS B 123 -42.15 50.33 19.36
C CYS B 123 -42.69 50.90 18.04
N ASN B 124 -43.96 50.61 17.77
CA ASN B 124 -44.59 51.12 16.56
C ASN B 124 -44.76 52.62 16.59
N ASP B 125 -44.62 53.25 17.76
CA ASP B 125 -44.70 54.71 17.85
C ASP B 125 -44.01 55.19 19.12
N PRO B 126 -42.68 55.18 19.16
CA PRO B 126 -41.98 55.64 20.36
C PRO B 126 -41.89 57.16 20.41
N PHE B 127 -41.48 57.67 21.57
CA PHE B 127 -41.28 59.10 21.75
C PHE B 127 -40.36 59.37 22.93
N ASN B 151 -28.06 45.42 22.90
CA ASN B 151 -28.31 44.26 22.06
C ASN B 151 -27.33 44.20 20.89
N ASN B 152 -26.17 43.57 21.13
CA ASN B 152 -25.12 43.42 20.13
C ASN B 152 -24.65 44.78 19.61
N CYS B 153 -24.32 45.67 20.55
CA CYS B 153 -23.88 47.01 20.19
C CYS B 153 -22.47 46.97 19.61
N THR B 154 -22.25 47.83 18.61
CA THR B 154 -20.92 48.03 18.05
C THR B 154 -20.46 49.48 18.07
N PHE B 155 -21.35 50.44 18.31
CA PHE B 155 -20.96 51.83 18.44
C PHE B 155 -21.95 52.53 19.36
N GLU B 156 -21.45 53.34 20.28
CA GLU B 156 -22.28 54.12 21.18
C GLU B 156 -21.65 55.51 21.32
N TYR B 157 -22.49 56.49 21.66
CA TYR B 157 -22.02 57.86 21.83
C TYR B 157 -23.07 58.63 22.61
N VAL B 158 -22.68 59.25 23.71
CA VAL B 158 -23.53 60.17 24.46
C VAL B 158 -22.84 61.53 24.45
N SER B 159 -23.41 62.47 23.70
CA SER B 159 -22.85 63.82 23.63
C SER B 159 -23.13 64.61 24.90
N PHE B 173 -43.91 79.41 15.60
CA PHE B 173 -42.92 78.54 14.96
C PHE B 173 -41.81 79.35 14.32
N LYS B 174 -40.81 79.70 15.13
CA LYS B 174 -39.72 80.57 14.72
C LYS B 174 -38.39 79.82 14.76
N ASN B 175 -38.40 78.55 14.37
CA ASN B 175 -37.20 77.75 14.31
C ASN B 175 -37.19 76.94 13.01
N LEU B 176 -35.98 76.60 12.56
CA LEU B 176 -35.80 75.80 11.36
C LEU B 176 -34.58 74.91 11.57
N ARG B 177 -34.82 73.65 11.87
CA ARG B 177 -33.74 72.69 12.13
C ARG B 177 -33.55 71.85 10.86
N GLU B 178 -32.76 72.37 9.93
CA GLU B 178 -32.53 71.68 8.67
C GLU B 178 -31.43 70.64 8.83
N PHE B 179 -31.69 69.43 8.38
CA PHE B 179 -30.78 68.32 8.54
C PHE B 179 -30.62 67.59 7.22
N VAL B 180 -29.43 67.05 6.98
CA VAL B 180 -29.17 66.24 5.80
C VAL B 180 -28.47 64.98 6.25
N PHE B 181 -28.98 63.82 5.82
CA PHE B 181 -28.41 62.53 6.18
C PHE B 181 -28.09 61.76 4.92
N LYS B 182 -26.88 61.21 4.86
CA LYS B 182 -26.51 60.33 3.77
C LYS B 182 -25.36 59.46 4.22
N ASN B 183 -25.21 58.33 3.53
CA ASN B 183 -24.17 57.37 3.89
C ASN B 183 -22.97 57.47 2.96
N TYR B 187 -19.41 56.70 5.01
CA TYR B 187 -20.42 56.25 5.96
C TYR B 187 -21.39 57.37 6.32
N PHE B 188 -22.02 57.27 7.48
CA PHE B 188 -23.09 58.19 7.84
C PHE B 188 -22.52 59.59 8.09
N LYS B 189 -23.16 60.59 7.48
CA LYS B 189 -22.79 61.98 7.66
C LYS B 189 -24.03 62.82 7.92
N ILE B 190 -23.89 63.79 8.81
CA ILE B 190 -24.97 64.68 9.21
C ILE B 190 -24.52 66.12 9.02
N TYR B 191 -25.36 66.92 8.36
CA TYR B 191 -25.15 68.36 8.23
C TYR B 191 -26.35 69.04 8.86
N SER B 192 -26.12 70.14 9.56
CA SER B 192 -27.19 70.78 10.30
C SER B 192 -26.98 72.29 10.31
N LYS B 193 -28.10 73.01 10.38
CA LYS B 193 -28.05 74.47 10.46
C LYS B 193 -29.37 74.95 11.01
N HIS B 194 -29.33 75.70 12.12
CA HIS B 194 -30.52 76.19 12.80
C HIS B 194 -30.56 77.70 12.62
N THR B 195 -31.67 78.19 12.09
CA THR B 195 -31.84 79.62 11.93
C THR B 195 -33.26 80.04 12.30
N PRO B 196 -33.42 81.21 12.90
CA PRO B 196 -34.78 81.73 13.14
C PRO B 196 -35.47 82.05 11.84
N ILE B 197 -36.78 81.81 11.82
CA ILE B 197 -37.62 82.05 10.65
C ILE B 197 -38.94 82.66 11.13
N ASN B 198 -39.83 82.93 10.16
CA ASN B 198 -41.14 83.47 10.45
C ASN B 198 -42.22 82.70 9.70
N ASP B 202 -44.72 75.56 5.17
CA ASP B 202 -44.38 76.90 4.72
C ASP B 202 -42.89 77.17 4.84
N LEU B 203 -42.11 76.51 4.00
CA LEU B 203 -40.66 76.68 4.03
C LEU B 203 -40.30 78.09 3.56
N PRO B 204 -39.50 78.84 4.31
CA PRO B 204 -39.17 80.20 3.90
C PRO B 204 -38.28 80.21 2.67
N GLN B 205 -38.43 81.26 1.87
CA GLN B 205 -37.52 81.49 0.76
C GLN B 205 -36.25 82.17 1.27
N GLY B 206 -35.16 81.92 0.58
CA GLY B 206 -33.86 82.41 0.98
C GLY B 206 -32.82 81.31 0.98
N PHE B 207 -31.59 81.70 1.27
CA PHE B 207 -30.45 80.80 1.17
C PHE B 207 -29.73 80.68 2.50
N SER B 208 -29.40 79.45 2.87
CA SER B 208 -28.57 79.18 4.04
C SER B 208 -27.92 77.82 3.85
N ALA B 209 -26.60 77.77 3.98
CA ALA B 209 -25.86 76.52 3.83
C ALA B 209 -25.86 75.72 5.13
N LEU B 210 -25.68 74.41 5.00
CA LEU B 210 -25.70 73.50 6.14
C LEU B 210 -24.29 73.01 6.41
N GLU B 211 -23.61 73.67 7.33
CA GLU B 211 -22.28 73.22 7.71
C GLU B 211 -22.36 71.85 8.38
N PRO B 212 -21.39 70.99 8.13
CA PRO B 212 -21.39 69.67 8.79
C PRO B 212 -21.30 69.80 10.30
N LEU B 213 -22.01 68.92 10.99
CA LEU B 213 -22.06 68.96 12.45
C LEU B 213 -21.51 67.70 13.10
N VAL B 214 -21.82 66.53 12.56
CA VAL B 214 -21.37 65.26 13.13
C VAL B 214 -21.15 64.26 12.01
N ASP B 215 -20.07 63.49 12.09
CA ASP B 215 -19.82 62.37 11.20
C ASP B 215 -19.57 61.12 12.04
N LEU B 216 -20.22 60.02 11.70
CA LEU B 216 -20.22 58.81 12.51
C LEU B 216 -19.75 57.61 11.69
N PRO B 217 -18.72 56.89 12.11
CA PRO B 217 -18.17 55.75 11.32
C PRO B 217 -18.85 54.43 11.64
N ILE B 218 -20.18 54.43 11.61
CA ILE B 218 -20.95 53.28 12.07
C ILE B 218 -21.20 52.27 10.95
N GLY B 219 -21.28 52.72 9.70
CA GLY B 219 -21.30 51.79 8.59
C GLY B 219 -22.46 50.81 8.59
N ILE B 220 -23.67 51.31 8.81
CA ILE B 220 -24.87 50.47 8.82
C ILE B 220 -25.59 50.66 7.49
N ASN B 221 -26.04 49.55 6.91
CA ASN B 221 -26.87 49.62 5.71
C ASN B 221 -28.24 50.17 6.08
N ILE B 222 -28.57 51.34 5.56
CA ILE B 222 -29.81 52.04 5.89
C ILE B 222 -30.68 52.11 4.65
N THR B 223 -31.97 51.84 4.83
CA THR B 223 -32.95 51.97 3.75
C THR B 223 -34.22 52.69 4.19
N ARG B 224 -34.55 52.69 5.48
CA ARG B 224 -35.78 53.32 5.97
C ARG B 224 -35.46 54.17 7.19
N PHE B 225 -36.37 55.07 7.52
CA PHE B 225 -36.18 55.93 8.69
C PHE B 225 -37.54 56.42 9.16
N GLN B 226 -37.58 56.88 10.41
CA GLN B 226 -38.82 57.36 11.01
C GLN B 226 -38.47 58.56 11.91
N THR B 227 -39.44 59.00 12.69
CA THR B 227 -39.28 60.21 13.48
C THR B 227 -39.94 60.06 14.84
N LEU B 228 -39.45 60.83 15.80
CA LEU B 228 -40.01 60.95 17.14
C LEU B 228 -40.71 62.29 17.29
N LEU B 229 -41.25 62.53 18.47
CA LEU B 229 -41.90 63.80 18.77
C LEU B 229 -42.17 63.94 20.27
N ALA B 250 -46.05 69.80 15.04
CA ALA B 250 -45.29 70.86 14.41
C ALA B 250 -45.04 70.56 12.95
N ALA B 251 -44.46 71.53 12.24
CA ALA B 251 -44.11 71.32 10.85
C ALA B 251 -42.99 70.30 10.74
N TYR B 252 -43.19 69.32 9.85
CA TYR B 252 -42.35 68.12 9.76
C TYR B 252 -42.21 67.75 8.28
N TYR B 253 -41.17 68.31 7.66
CA TYR B 253 -40.92 68.17 6.23
C TYR B 253 -39.84 67.13 5.97
N VAL B 254 -39.87 66.55 4.77
CA VAL B 254 -38.84 65.63 4.32
C VAL B 254 -38.49 65.96 2.88
N GLY B 255 -37.19 66.07 2.59
CA GLY B 255 -36.74 66.16 1.21
C GLY B 255 -35.89 64.95 0.86
N TYR B 256 -35.66 64.72 -0.43
CA TYR B 256 -34.85 63.59 -0.86
C TYR B 256 -33.70 64.09 -1.73
N LEU B 257 -32.51 63.58 -1.48
CA LEU B 257 -31.34 63.98 -2.24
C LEU B 257 -31.28 63.26 -3.58
N GLN B 258 -30.81 63.97 -4.61
CA GLN B 258 -30.62 63.44 -5.94
C GLN B 258 -29.24 63.82 -6.43
N PRO B 259 -28.62 62.99 -7.28
CA PRO B 259 -27.27 63.29 -7.78
C PRO B 259 -27.27 64.35 -8.87
N ARG B 260 -27.32 65.61 -8.46
CA ARG B 260 -27.37 66.73 -9.39
C ARG B 260 -26.16 67.63 -9.19
N THR B 261 -25.74 68.26 -10.28
CA THR B 261 -24.55 69.11 -10.29
C THR B 261 -24.93 70.55 -9.95
N PHE B 262 -24.20 71.14 -9.01
CA PHE B 262 -24.50 72.47 -8.52
C PHE B 262 -23.29 73.38 -8.73
N LEU B 263 -23.55 74.68 -8.87
CA LEU B 263 -22.49 75.69 -8.96
C LEU B 263 -22.54 76.50 -7.67
N LEU B 264 -21.51 76.37 -6.84
CA LEU B 264 -21.50 76.93 -5.49
C LEU B 264 -20.74 78.25 -5.46
N LYS B 265 -21.40 79.29 -4.95
CA LYS B 265 -20.82 80.63 -4.90
C LYS B 265 -20.25 80.87 -3.51
N TYR B 266 -18.97 80.54 -3.34
CA TYR B 266 -18.27 80.87 -2.10
C TYR B 266 -18.02 82.36 -2.04
N ASN B 267 -17.98 82.91 -0.84
CA ASN B 267 -17.63 84.31 -0.65
C ASN B 267 -16.20 84.42 -0.11
N GLU B 268 -15.80 85.64 0.23
CA GLU B 268 -14.42 85.86 0.66
C GLU B 268 -14.11 85.13 1.96
N ASN B 269 -15.11 84.88 2.79
CA ASN B 269 -14.90 84.20 4.06
C ASN B 269 -14.99 82.69 3.95
N GLY B 270 -15.42 82.17 2.81
CA GLY B 270 -15.60 80.74 2.62
C GLY B 270 -17.02 80.25 2.74
N THR B 271 -17.99 81.14 2.94
CA THR B 271 -19.37 80.75 3.16
C THR B 271 -20.13 80.70 1.84
N ILE B 272 -20.79 79.58 1.58
CA ILE B 272 -21.58 79.44 0.37
C ILE B 272 -22.77 80.38 0.47
N THR B 273 -22.73 81.49 -0.26
CA THR B 273 -23.79 82.48 -0.20
C THR B 273 -24.85 82.30 -1.27
N ASP B 274 -24.63 81.42 -2.25
CA ASP B 274 -25.60 81.17 -3.29
C ASP B 274 -25.19 79.93 -4.08
N ALA B 275 -26.12 79.41 -4.86
CA ALA B 275 -25.83 78.27 -5.71
C ALA B 275 -26.79 78.24 -6.88
N VAL B 276 -26.41 77.49 -7.91
CA VAL B 276 -27.19 77.35 -9.14
C VAL B 276 -27.32 75.87 -9.46
N ASP B 277 -28.55 75.41 -9.67
CA ASP B 277 -28.78 74.03 -10.06
C ASP B 277 -28.56 73.90 -11.55
N CYS B 278 -27.60 73.08 -11.94
CA CYS B 278 -27.23 73.00 -13.35
C CYS B 278 -28.26 72.31 -14.21
N ALA B 279 -29.47 72.04 -13.73
CA ALA B 279 -30.47 71.41 -14.58
C ALA B 279 -31.87 71.97 -14.35
N LEU B 280 -32.00 73.10 -13.65
CA LEU B 280 -33.33 73.62 -13.34
C LEU B 280 -34.05 74.12 -14.58
N ASP B 281 -33.37 74.94 -15.38
CA ASP B 281 -33.96 75.51 -16.58
C ASP B 281 -32.82 75.88 -17.53
N PRO B 282 -33.14 76.30 -18.76
CA PRO B 282 -32.06 76.71 -19.67
C PRO B 282 -31.16 77.80 -19.12
N LEU B 283 -31.71 78.79 -18.43
CA LEU B 283 -30.87 79.87 -17.93
C LEU B 283 -29.87 79.35 -16.91
N SER B 284 -30.27 78.40 -16.07
CA SER B 284 -29.36 77.82 -15.11
C SER B 284 -28.28 76.99 -15.78
N GLU B 285 -28.63 76.31 -16.88
CA GLU B 285 -27.59 75.61 -17.63
C GLU B 285 -26.59 76.59 -18.22
N THR B 286 -27.07 77.72 -18.74
CA THR B 286 -26.17 78.73 -19.26
C THR B 286 -25.25 79.27 -18.18
N LYS B 287 -25.80 79.53 -16.99
CA LYS B 287 -24.97 80.00 -15.89
C LYS B 287 -23.92 78.96 -15.51
N CYS B 288 -24.31 77.68 -15.48
CA CYS B 288 -23.37 76.63 -15.11
C CYS B 288 -22.27 76.45 -16.14
N THR B 289 -22.61 76.51 -17.43
CA THR B 289 -21.61 76.27 -18.45
C THR B 289 -20.65 77.45 -18.59
N LEU B 290 -21.11 78.65 -18.24
CA LEU B 290 -20.24 79.82 -18.24
C LEU B 290 -19.47 79.98 -16.94
N LYS B 291 -19.81 79.21 -15.90
CA LYS B 291 -19.20 79.34 -14.58
C LYS B 291 -19.36 80.76 -14.03
N SER B 292 -20.55 81.33 -14.23
CA SER B 292 -20.84 82.68 -13.78
C SER B 292 -22.28 82.75 -13.27
N PHE B 293 -22.50 83.67 -12.34
CA PHE B 293 -23.85 83.92 -11.84
C PHE B 293 -24.55 85.05 -12.57
N THR B 294 -23.88 85.67 -13.54
CA THR B 294 -24.50 86.61 -14.46
C THR B 294 -24.07 86.25 -15.88
N VAL B 295 -24.96 86.47 -16.84
CA VAL B 295 -24.68 86.16 -18.23
C VAL B 295 -25.03 87.37 -19.08
N GLU B 296 -24.11 87.75 -19.97
CA GLU B 296 -24.29 88.89 -20.84
C GLU B 296 -25.10 88.51 -22.07
N LYS B 297 -25.54 89.52 -22.81
CA LYS B 297 -26.36 89.29 -23.99
C LYS B 297 -25.65 88.41 -24.99
N GLY B 298 -26.34 87.40 -25.49
CA GLY B 298 -25.77 86.56 -26.53
C GLY B 298 -26.44 85.22 -26.57
N ILE B 299 -25.95 84.39 -27.48
CA ILE B 299 -26.44 83.04 -27.68
C ILE B 299 -25.33 82.07 -27.31
N TYR B 300 -25.54 81.30 -26.26
CA TYR B 300 -24.54 80.41 -25.71
C TYR B 300 -24.98 78.98 -25.93
N GLN B 301 -24.08 78.14 -26.43
CA GLN B 301 -24.37 76.72 -26.58
C GLN B 301 -24.07 76.02 -25.27
N THR B 302 -25.04 75.23 -24.80
CA THR B 302 -24.96 74.62 -23.47
C THR B 302 -24.89 73.11 -23.49
N SER B 303 -25.70 72.43 -24.30
CA SER B 303 -25.74 70.97 -24.28
C SER B 303 -26.01 70.45 -25.68
N ASN B 304 -25.99 69.12 -25.81
CA ASN B 304 -26.25 68.44 -27.07
C ASN B 304 -27.56 67.67 -26.95
N PHE B 305 -28.46 67.90 -27.90
CA PHE B 305 -29.74 67.21 -27.92
C PHE B 305 -29.67 66.00 -28.84
N ARG B 306 -30.07 64.85 -28.33
CA ARG B 306 -29.95 63.60 -29.08
C ARG B 306 -31.28 62.85 -29.04
N VAL B 307 -31.76 62.44 -30.21
CA VAL B 307 -32.97 61.63 -30.28
C VAL B 307 -32.60 60.19 -29.98
N GLN B 308 -33.28 59.59 -29.00
CA GLN B 308 -32.97 58.21 -28.68
C GLN B 308 -33.93 57.26 -29.38
N PRO B 309 -33.47 56.08 -29.75
CA PRO B 309 -34.35 55.11 -30.42
C PRO B 309 -35.44 54.60 -29.49
N THR B 310 -36.58 54.27 -30.07
CA THR B 310 -37.71 53.76 -29.31
C THR B 310 -37.72 52.24 -29.24
N GLU B 311 -37.82 51.58 -30.39
CA GLU B 311 -37.99 50.15 -30.46
C GLU B 311 -36.91 49.54 -31.33
N SER B 312 -36.60 48.27 -31.08
CA SER B 312 -35.70 47.52 -31.93
C SER B 312 -36.50 46.77 -32.99
N ILE B 313 -35.95 46.72 -34.19
CA ILE B 313 -36.57 45.98 -35.29
C ILE B 313 -35.56 44.94 -35.78
N VAL B 314 -36.07 43.76 -36.14
CA VAL B 314 -35.26 42.69 -36.70
C VAL B 314 -36.04 42.06 -37.84
N ARG B 315 -35.40 41.94 -39.00
CA ARG B 315 -36.01 41.32 -40.16
C ARG B 315 -35.04 40.34 -40.78
N PHE B 316 -35.52 39.14 -41.10
CA PHE B 316 -34.75 38.11 -41.74
C PHE B 316 -35.54 37.53 -42.91
N PRO B 317 -34.86 36.94 -43.91
CA PRO B 317 -35.58 36.39 -45.05
C PRO B 317 -36.62 35.36 -44.64
N ASN B 318 -37.68 35.24 -45.44
CA ASN B 318 -38.88 34.43 -45.08
C ASN B 318 -38.51 32.96 -44.96
N ILE B 319 -39.35 32.17 -44.29
CA ILE B 319 -39.09 30.71 -44.11
C ILE B 319 -38.78 30.08 -45.47
N THR B 320 -37.62 29.43 -45.59
CA THR B 320 -37.19 28.84 -46.89
C THR B 320 -37.69 27.39 -46.96
N ASN B 321 -36.92 26.50 -47.61
CA ASN B 321 -37.32 25.10 -47.61
C ASN B 321 -36.96 24.46 -46.28
N LEU B 322 -37.96 23.90 -45.60
CA LEU B 322 -37.74 23.27 -44.30
C LEU B 322 -37.07 21.92 -44.47
N CYS B 323 -36.39 21.48 -43.42
CA CYS B 323 -35.70 20.19 -43.45
C CYS B 323 -36.73 19.06 -43.53
N PRO B 324 -36.36 17.94 -44.16
CA PRO B 324 -37.30 16.83 -44.30
C PRO B 324 -37.57 16.13 -42.97
N PHE B 325 -38.78 16.32 -42.43
CA PHE B 325 -39.21 15.63 -41.23
C PHE B 325 -40.56 14.94 -41.39
N GLY B 326 -41.16 15.00 -42.57
CA GLY B 326 -42.40 14.31 -42.81
C GLY B 326 -42.17 13.01 -43.57
N GLU B 327 -41.10 12.96 -44.36
CA GLU B 327 -40.71 11.76 -45.06
C GLU B 327 -39.84 10.84 -44.23
N VAL B 328 -39.51 11.24 -43.00
CA VAL B 328 -38.78 10.41 -42.07
C VAL B 328 -39.66 9.97 -40.91
N PHE B 329 -40.39 10.91 -40.31
CA PHE B 329 -41.29 10.61 -39.20
C PHE B 329 -42.65 10.13 -39.63
N ASN B 330 -43.02 10.35 -40.89
CA ASN B 330 -44.28 9.83 -41.44
C ASN B 330 -44.02 9.03 -42.71
N ALA B 331 -42.88 8.36 -42.78
CA ALA B 331 -42.55 7.54 -43.95
C ALA B 331 -43.46 6.32 -44.03
N THR B 332 -43.58 5.80 -45.25
CA THR B 332 -44.49 4.67 -45.46
C THR B 332 -43.89 3.36 -44.95
N ARG B 333 -42.59 3.14 -45.15
CA ARG B 333 -41.94 1.90 -44.78
C ARG B 333 -40.65 2.18 -44.02
N PHE B 334 -40.49 1.51 -42.88
CA PHE B 334 -39.29 1.63 -42.07
C PHE B 334 -38.36 0.44 -42.28
N ALA B 335 -37.10 0.64 -41.91
CA ALA B 335 -36.07 -0.37 -42.12
C ALA B 335 -35.89 -1.24 -40.88
N SER B 336 -35.35 -2.43 -41.10
CA SER B 336 -35.03 -3.33 -40.00
C SER B 336 -33.85 -2.79 -39.20
N VAL B 337 -33.77 -3.22 -37.95
CA VAL B 337 -32.87 -2.57 -37.00
C VAL B 337 -31.41 -2.83 -37.35
N TYR B 338 -31.08 -4.05 -37.76
CA TYR B 338 -29.71 -4.34 -38.13
C TYR B 338 -29.28 -3.51 -39.34
N ALA B 339 -30.14 -3.39 -40.34
CA ALA B 339 -29.92 -2.50 -41.48
C ALA B 339 -30.71 -1.20 -41.30
N TRP B 340 -30.35 -0.44 -40.26
CA TRP B 340 -31.10 0.76 -39.94
C TRP B 340 -30.94 1.82 -41.03
N ASN B 341 -32.06 2.46 -41.37
CA ASN B 341 -32.07 3.46 -42.45
C ASN B 341 -31.46 4.76 -41.92
N ARG B 342 -30.45 5.27 -42.62
CA ARG B 342 -29.75 6.49 -42.24
C ARG B 342 -29.93 7.54 -43.33
N LYS B 343 -30.26 8.76 -42.92
CA LYS B 343 -30.42 9.89 -43.84
C LYS B 343 -29.72 11.09 -43.26
N ARG B 344 -28.91 11.77 -44.08
CA ARG B 344 -28.17 12.96 -43.68
C ARG B 344 -28.94 14.20 -44.09
N ILE B 345 -29.37 14.99 -43.12
CA ILE B 345 -30.16 16.19 -43.35
C ILE B 345 -29.20 17.38 -43.39
N SER B 346 -29.26 18.14 -44.48
CA SER B 346 -28.35 19.26 -44.66
C SER B 346 -28.96 20.27 -45.62
N ASN B 347 -28.48 21.51 -45.53
CA ASN B 347 -28.88 22.61 -46.40
C ASN B 347 -30.40 22.83 -46.35
N CYS B 348 -30.90 23.19 -45.16
CA CYS B 348 -32.35 23.48 -44.99
C CYS B 348 -32.56 24.17 -43.64
N VAL B 349 -33.78 24.63 -43.36
CA VAL B 349 -34.05 25.21 -42.01
C VAL B 349 -34.49 24.06 -41.08
N ALA B 350 -33.76 23.86 -39.98
CA ALA B 350 -34.07 22.73 -39.06
C ALA B 350 -35.17 23.12 -38.07
N ASP B 351 -36.41 23.21 -38.54
CA ASP B 351 -37.55 23.50 -37.62
C ASP B 351 -37.84 22.24 -36.80
N TYR B 352 -38.00 22.39 -35.48
CA TYR B 352 -38.30 21.23 -34.61
C TYR B 352 -39.75 21.32 -34.14
N SER B 353 -40.50 22.32 -34.61
CA SER B 353 -41.85 22.47 -34.11
C SER B 353 -42.70 21.24 -34.36
N VAL B 354 -42.42 20.48 -35.42
CA VAL B 354 -43.20 19.29 -35.71
C VAL B 354 -43.00 18.24 -34.63
N LEU B 355 -41.80 18.16 -34.07
CA LEU B 355 -41.54 17.21 -32.99
C LEU B 355 -42.08 17.69 -31.66
N TYR B 356 -42.56 18.93 -31.58
CA TYR B 356 -43.08 19.48 -30.34
C TYR B 356 -44.60 19.32 -30.24
N ASN B 357 -45.32 19.76 -31.27
CA ASN B 357 -46.77 19.65 -31.25
C ASN B 357 -47.23 18.20 -31.35
N SER B 358 -46.45 17.33 -31.98
CA SER B 358 -46.83 15.94 -32.14
C SER B 358 -46.79 15.25 -30.77
N ALA B 359 -47.96 15.04 -30.17
CA ALA B 359 -48.06 14.46 -28.85
C ALA B 359 -48.19 12.95 -28.88
N SER B 360 -48.09 12.33 -30.05
CA SER B 360 -48.22 10.88 -30.19
C SER B 360 -46.90 10.15 -30.02
N PHE B 361 -45.81 10.85 -29.76
CA PHE B 361 -44.54 10.19 -29.51
C PHE B 361 -44.57 9.47 -28.18
N SER B 362 -44.15 8.21 -28.17
CA SER B 362 -44.05 7.44 -26.93
C SER B 362 -42.81 7.77 -26.13
N THR B 363 -41.85 8.47 -26.74
CA THR B 363 -40.60 8.81 -26.07
C THR B 363 -39.90 9.92 -26.83
N PHE B 364 -39.48 10.96 -26.12
CA PHE B 364 -38.65 12.02 -26.68
C PHE B 364 -37.61 12.33 -25.59
N LYS B 365 -36.44 11.74 -25.71
CA LYS B 365 -35.38 11.90 -24.70
C LYS B 365 -34.14 12.48 -25.35
N CYS B 366 -33.49 13.42 -24.67
CA CYS B 366 -32.34 14.13 -25.21
C CYS B 366 -31.12 13.94 -24.31
N TYR B 367 -29.95 13.89 -24.93
CA TYR B 367 -28.70 13.64 -24.24
C TYR B 367 -27.72 14.75 -24.58
N GLY B 368 -27.10 15.33 -23.56
CA GLY B 368 -26.12 16.38 -23.75
C GLY B 368 -26.68 17.75 -24.03
N VAL B 369 -27.88 17.82 -24.60
CA VAL B 369 -28.52 19.08 -24.96
C VAL B 369 -29.94 19.08 -24.41
N SER B 370 -30.48 20.28 -24.26
CA SER B 370 -31.84 20.43 -23.79
C SER B 370 -32.84 19.97 -24.85
N PRO B 371 -33.97 19.41 -24.45
CA PRO B 371 -35.01 19.04 -25.42
C PRO B 371 -35.65 20.23 -26.12
N THR B 372 -35.44 21.45 -25.62
CA THR B 372 -36.04 22.65 -26.19
C THR B 372 -35.04 23.65 -26.75
N LYS B 373 -33.80 23.64 -26.30
CA LYS B 373 -32.80 24.60 -26.76
C LYS B 373 -32.05 24.12 -27.99
N LEU B 374 -32.67 23.26 -28.80
CA LEU B 374 -31.98 22.69 -29.95
C LEU B 374 -31.86 23.70 -31.09
N ASN B 375 -32.88 24.56 -31.26
CA ASN B 375 -32.87 25.49 -32.38
C ASN B 375 -31.79 26.56 -32.27
N ASP B 376 -31.35 26.87 -31.04
CA ASP B 376 -30.40 27.96 -30.86
C ASP B 376 -29.05 27.63 -31.47
N LEU B 377 -28.49 26.47 -31.12
CA LEU B 377 -27.19 26.05 -31.60
C LEU B 377 -27.37 25.11 -32.78
N CYS B 378 -26.54 25.29 -33.81
CA CYS B 378 -26.72 24.53 -35.03
C CYS B 378 -25.38 24.15 -35.64
N PHE B 379 -25.42 23.12 -36.48
CA PHE B 379 -24.24 22.38 -36.88
C PHE B 379 -24.28 22.17 -38.38
N PHE B 380 -23.36 21.34 -38.88
CA PHE B 380 -23.22 21.12 -40.31
C PHE B 380 -24.31 20.18 -40.82
N ASN B 381 -24.40 18.99 -40.22
CA ASN B 381 -25.29 17.94 -40.70
C ASN B 381 -26.21 17.46 -39.59
N VAL B 382 -27.38 16.98 -40.00
CA VAL B 382 -28.32 16.29 -39.11
C VAL B 382 -28.51 14.89 -39.66
N TYR B 383 -28.28 13.88 -38.83
CA TYR B 383 -28.43 12.49 -39.22
C TYR B 383 -29.69 11.91 -38.61
N ALA B 384 -30.50 11.27 -39.44
CA ALA B 384 -31.70 10.58 -39.00
C ALA B 384 -31.50 9.08 -39.21
N ASP B 385 -31.42 8.35 -38.10
CA ASP B 385 -31.31 6.89 -38.14
C ASP B 385 -32.67 6.32 -37.73
N SER B 386 -33.35 5.69 -38.69
CA SER B 386 -34.70 5.17 -38.46
C SER B 386 -34.70 3.66 -38.59
N PHE B 387 -35.29 2.99 -37.62
CA PHE B 387 -35.41 1.54 -37.63
C PHE B 387 -36.58 1.14 -36.75
N VAL B 388 -36.85 -0.17 -36.68
CA VAL B 388 -37.97 -0.71 -35.92
C VAL B 388 -37.43 -1.76 -34.95
N ILE B 389 -37.79 -1.65 -33.68
CA ILE B 389 -37.44 -2.63 -32.67
C ILE B 389 -38.68 -2.95 -31.86
N ARG B 390 -38.50 -3.78 -30.84
CA ARG B 390 -39.57 -4.11 -29.92
C ARG B 390 -39.54 -3.18 -28.71
N GLY B 391 -40.70 -3.07 -28.05
CA GLY B 391 -40.80 -2.20 -26.90
C GLY B 391 -39.87 -2.60 -25.77
N ASP B 392 -39.61 -3.89 -25.62
CA ASP B 392 -38.79 -4.39 -24.52
C ASP B 392 -37.35 -3.88 -24.60
N GLU B 393 -36.89 -3.49 -25.78
CA GLU B 393 -35.51 -3.06 -25.98
C GLU B 393 -35.41 -1.59 -26.34
N VAL B 394 -36.52 -0.85 -26.26
CA VAL B 394 -36.47 0.59 -26.55
C VAL B 394 -35.58 1.32 -25.58
N ARG B 395 -35.64 0.94 -24.30
CA ARG B 395 -34.80 1.57 -23.29
C ARG B 395 -33.32 1.35 -23.55
N GLN B 396 -32.97 0.38 -24.38
CA GLN B 396 -31.58 0.10 -24.70
C GLN B 396 -31.01 1.02 -25.76
N ILE B 397 -31.83 1.86 -26.38
CA ILE B 397 -31.33 2.87 -27.32
C ILE B 397 -30.95 4.08 -26.47
N ALA B 398 -29.75 4.01 -25.91
CA ALA B 398 -29.22 5.04 -25.02
C ALA B 398 -27.74 4.79 -24.77
N PRO B 399 -26.96 5.81 -24.47
CA PRO B 399 -25.55 5.59 -24.14
C PRO B 399 -25.43 4.72 -22.90
N GLY B 400 -24.39 3.88 -22.89
CA GLY B 400 -24.15 2.99 -21.76
C GLY B 400 -25.22 1.94 -21.57
N GLN B 401 -25.73 1.37 -22.64
CA GLN B 401 -26.73 0.31 -22.58
C GLN B 401 -26.14 -0.98 -23.15
N THR B 402 -26.57 -2.10 -22.59
CA THR B 402 -26.16 -3.41 -23.08
C THR B 402 -27.40 -4.30 -23.24
N GLY B 403 -27.38 -5.10 -24.29
CA GLY B 403 -28.48 -5.99 -24.58
C GLY B 403 -28.31 -6.57 -25.97
N LYS B 404 -29.32 -7.36 -26.35
CA LYS B 404 -29.31 -7.97 -27.68
C LYS B 404 -29.33 -6.94 -28.80
N ILE B 405 -29.83 -5.74 -28.54
CA ILE B 405 -29.85 -4.68 -29.53
C ILE B 405 -28.74 -3.67 -29.32
N ALA B 406 -28.40 -3.33 -28.08
CA ALA B 406 -27.45 -2.27 -27.78
C ALA B 406 -26.03 -2.59 -28.21
N ASP B 407 -25.72 -3.83 -28.54
CA ASP B 407 -24.36 -4.16 -28.95
C ASP B 407 -24.28 -5.02 -30.19
N TYR B 408 -25.39 -5.49 -30.74
CA TYR B 408 -25.38 -6.29 -31.95
C TYR B 408 -26.08 -5.65 -33.13
N ASN B 409 -26.86 -4.60 -32.92
CA ASN B 409 -27.60 -3.98 -34.01
C ASN B 409 -27.48 -2.46 -34.05
N TYR B 410 -27.29 -1.81 -32.91
CA TYR B 410 -27.17 -0.35 -32.87
C TYR B 410 -26.59 0.04 -31.52
N LYS B 411 -25.49 0.78 -31.54
CA LYS B 411 -24.81 1.20 -30.31
C LYS B 411 -24.67 2.71 -30.30
N LEU B 412 -24.82 3.32 -29.11
CA LEU B 412 -24.61 4.74 -28.96
C LEU B 412 -23.31 5.02 -28.21
N PRO B 413 -22.58 6.07 -28.55
CA PRO B 413 -21.33 6.37 -27.86
C PRO B 413 -21.58 6.77 -26.42
N ASP B 414 -20.51 6.67 -25.62
CA ASP B 414 -20.61 7.04 -24.20
C ASP B 414 -21.03 8.49 -24.04
N ASP B 415 -20.47 9.39 -24.86
CA ASP B 415 -20.95 10.75 -24.97
C ASP B 415 -21.73 10.87 -26.27
N PHE B 416 -22.91 11.49 -26.19
CA PHE B 416 -23.80 11.56 -27.34
C PHE B 416 -24.33 12.97 -27.49
N THR B 417 -24.46 13.41 -28.74
CA THR B 417 -24.98 14.73 -29.08
C THR B 417 -26.21 14.53 -29.94
N GLY B 418 -27.36 14.37 -29.29
CA GLY B 418 -28.59 14.14 -30.03
C GLY B 418 -29.72 13.74 -29.09
N CYS B 419 -30.81 13.29 -29.70
CA CYS B 419 -32.00 12.86 -28.99
C CYS B 419 -32.57 11.63 -29.66
N VAL B 420 -33.34 10.84 -28.91
CA VAL B 420 -33.97 9.64 -29.42
C VAL B 420 -35.49 9.79 -29.34
N ILE B 421 -36.17 9.34 -30.39
CA ILE B 421 -37.62 9.40 -30.47
C ILE B 421 -38.12 8.05 -30.94
N ALA B 422 -39.16 7.54 -30.28
CA ALA B 422 -39.73 6.25 -30.62
C ALA B 422 -41.22 6.25 -30.31
N TRP B 423 -42.03 5.80 -31.26
CA TRP B 423 -43.48 5.76 -31.08
C TRP B 423 -44.00 4.40 -31.52
N ASN B 424 -45.10 3.99 -30.90
CA ASN B 424 -45.70 2.70 -31.20
C ASN B 424 -46.20 2.67 -32.63
N SER B 425 -45.89 1.60 -33.34
CA SER B 425 -46.32 1.43 -34.73
C SER B 425 -46.89 0.04 -34.93
N ASN B 426 -47.75 -0.39 -34.00
CA ASN B 426 -48.38 -1.70 -34.13
C ASN B 426 -49.27 -1.76 -35.36
N ASN B 427 -49.96 -0.68 -35.69
CA ASN B 427 -50.88 -0.66 -36.81
C ASN B 427 -50.21 -0.47 -38.15
N LEU B 428 -48.88 -0.28 -38.17
CA LEU B 428 -48.15 -0.04 -39.39
C LEU B 428 -47.18 -1.15 -39.75
N ASP B 429 -46.74 -1.94 -38.77
CA ASP B 429 -45.72 -2.95 -38.98
C ASP B 429 -46.17 -4.34 -38.56
N SER B 430 -47.42 -4.51 -38.15
CA SER B 430 -47.93 -5.79 -37.66
C SER B 430 -49.11 -6.21 -38.52
N LYS B 431 -49.07 -7.45 -39.02
CA LYS B 431 -50.12 -7.98 -39.86
C LYS B 431 -50.65 -9.28 -39.26
N VAL B 432 -51.72 -9.78 -39.87
CA VAL B 432 -52.36 -10.99 -39.39
C VAL B 432 -51.46 -12.20 -39.65
N GLY B 433 -51.43 -13.11 -38.68
CA GLY B 433 -50.57 -14.27 -38.77
C GLY B 433 -49.13 -14.03 -38.40
N GLY B 434 -48.78 -12.85 -37.91
CA GLY B 434 -47.42 -12.55 -37.55
C GLY B 434 -46.66 -11.90 -38.68
N ASN B 435 -46.10 -10.72 -38.42
CA ASN B 435 -45.30 -9.99 -39.41
C ASN B 435 -43.85 -10.36 -39.17
N TYR B 436 -43.23 -11.01 -40.16
CA TYR B 436 -41.85 -11.47 -40.06
C TYR B 436 -40.95 -10.83 -41.12
N ASN B 437 -41.28 -9.61 -41.54
CA ASN B 437 -40.50 -8.90 -42.53
C ASN B 437 -39.41 -8.03 -41.91
N TYR B 438 -39.31 -7.99 -40.59
CA TYR B 438 -38.27 -7.25 -39.88
C TYR B 438 -37.37 -8.25 -39.16
N LEU B 439 -36.07 -8.01 -39.21
CA LEU B 439 -35.09 -8.92 -38.62
C LEU B 439 -34.25 -8.19 -37.60
N TYR B 440 -33.32 -8.92 -37.00
CA TYR B 440 -32.31 -8.33 -36.12
C TYR B 440 -31.16 -9.32 -35.95
N ARG B 441 -30.08 -8.83 -35.36
CA ARG B 441 -28.88 -9.64 -35.17
C ARG B 441 -28.82 -10.12 -33.73
N LEU B 442 -28.70 -11.43 -33.56
CA LEU B 442 -28.63 -12.04 -32.24
C LEU B 442 -27.24 -12.54 -31.88
N PHE B 443 -26.43 -12.92 -32.85
CA PHE B 443 -25.10 -13.47 -32.63
C PHE B 443 -24.07 -12.58 -33.30
N ARG B 444 -23.03 -12.21 -32.55
CA ARG B 444 -21.92 -11.46 -33.11
C ARG B 444 -20.69 -11.67 -32.25
N LYS B 445 -19.52 -11.66 -32.90
CA LYS B 445 -18.27 -11.94 -32.21
C LYS B 445 -17.95 -10.86 -31.18
N SER B 446 -18.09 -9.60 -31.55
CA SER B 446 -17.71 -8.48 -30.71
C SER B 446 -18.80 -7.42 -30.71
N ASN B 447 -18.84 -6.64 -29.63
CA ASN B 447 -19.83 -5.58 -29.52
C ASN B 447 -19.62 -4.54 -30.61
N LEU B 448 -20.73 -4.02 -31.13
CA LEU B 448 -20.67 -3.08 -32.24
C LEU B 448 -20.15 -1.73 -31.77
N LYS B 449 -19.20 -1.18 -32.53
CA LYS B 449 -18.74 0.19 -32.29
C LYS B 449 -19.90 1.14 -32.57
N PRO B 450 -20.02 2.22 -31.79
CA PRO B 450 -21.14 3.14 -31.99
C PRO B 450 -21.20 3.67 -33.41
N PHE B 451 -22.43 3.83 -33.91
CA PHE B 451 -22.69 4.33 -35.26
C PHE B 451 -22.03 3.45 -36.30
N GLU B 452 -22.12 2.14 -36.11
CA GLU B 452 -21.61 1.17 -37.07
C GLU B 452 -22.74 0.22 -37.44
N ARG B 453 -22.88 -0.05 -38.73
CA ARG B 453 -23.90 -0.97 -39.23
C ARG B 453 -23.23 -2.22 -39.78
N ASP B 454 -23.76 -3.38 -39.40
CA ASP B 454 -23.24 -4.67 -39.84
C ASP B 454 -24.38 -5.46 -40.48
N ILE B 455 -24.41 -5.46 -41.82
CA ILE B 455 -25.43 -6.18 -42.56
C ILE B 455 -24.97 -7.58 -42.98
N SER B 456 -23.76 -7.97 -42.59
CA SER B 456 -23.24 -9.28 -42.95
C SER B 456 -24.10 -10.39 -42.35
N THR B 457 -24.37 -11.41 -43.16
CA THR B 457 -25.20 -12.54 -42.75
C THR B 457 -24.39 -13.84 -42.68
N GLU B 458 -23.13 -13.75 -42.26
CA GLU B 458 -22.30 -14.93 -42.15
C GLU B 458 -22.80 -15.84 -41.04
N ILE B 459 -22.55 -17.15 -41.22
CA ILE B 459 -23.04 -18.14 -40.27
C ILE B 459 -22.17 -18.09 -39.02
N TYR B 460 -22.81 -17.96 -37.86
CA TYR B 460 -22.10 -17.79 -36.61
C TYR B 460 -21.56 -19.11 -36.10
N GLN B 461 -20.32 -19.11 -35.64
CA GLN B 461 -19.67 -20.30 -35.07
C GLN B 461 -19.64 -20.15 -33.56
N ALA B 462 -20.61 -20.76 -32.88
CA ALA B 462 -20.69 -20.67 -31.43
C ALA B 462 -19.70 -21.59 -30.72
N GLY B 463 -19.32 -22.71 -31.32
CA GLY B 463 -18.44 -23.64 -30.65
C GLY B 463 -17.01 -23.55 -31.13
N SER B 464 -16.39 -24.71 -31.41
CA SER B 464 -15.02 -24.75 -31.88
C SER B 464 -14.90 -25.32 -33.29
N THR B 465 -15.98 -25.84 -33.86
CA THR B 465 -15.94 -26.40 -35.20
C THR B 465 -16.32 -25.33 -36.21
N PRO B 466 -15.42 -24.91 -37.09
CA PRO B 466 -15.80 -23.91 -38.11
C PRO B 466 -16.95 -24.40 -38.97
N CYS B 467 -17.85 -23.49 -39.29
CA CYS B 467 -19.09 -23.83 -39.98
C CYS B 467 -18.91 -23.91 -41.49
N ASN B 468 -18.23 -22.92 -42.08
CA ASN B 468 -18.09 -22.82 -43.53
C ASN B 468 -19.44 -22.76 -44.22
N GLY B 469 -20.41 -22.10 -43.60
CA GLY B 469 -21.71 -21.89 -44.19
C GLY B 469 -22.53 -23.16 -44.38
N VAL B 470 -22.92 -23.79 -43.28
CA VAL B 470 -23.68 -25.04 -43.36
C VAL B 470 -24.98 -24.90 -42.60
N GLU B 471 -25.01 -24.05 -41.58
CA GLU B 471 -26.18 -23.81 -40.73
C GLU B 471 -26.69 -25.12 -40.14
N GLY B 472 -25.87 -25.72 -39.29
CA GLY B 472 -26.24 -26.95 -38.63
C GLY B 472 -26.07 -26.90 -37.13
N PHE B 473 -25.53 -27.97 -36.55
CA PHE B 473 -25.29 -28.01 -35.11
C PHE B 473 -24.18 -27.05 -34.73
N ASN B 474 -24.42 -26.25 -33.70
CA ASN B 474 -23.48 -25.23 -33.22
C ASN B 474 -23.11 -24.24 -34.32
N CYS B 475 -24.04 -24.00 -35.25
CA CYS B 475 -23.85 -23.02 -36.31
C CYS B 475 -25.19 -22.36 -36.57
N TYR B 476 -25.28 -21.06 -36.35
CA TYR B 476 -26.55 -20.35 -36.34
C TYR B 476 -26.57 -19.20 -37.34
N PHE B 477 -27.78 -18.86 -37.78
CA PHE B 477 -28.02 -17.73 -38.68
C PHE B 477 -28.39 -16.53 -37.84
N PRO B 478 -27.54 -15.50 -37.76
CA PRO B 478 -27.79 -14.42 -36.77
C PRO B 478 -29.04 -13.61 -37.03
N LEU B 479 -29.59 -13.63 -38.24
CA LEU B 479 -30.71 -12.76 -38.58
C LEU B 479 -32.00 -13.39 -38.08
N GLN B 480 -32.32 -13.14 -36.82
CA GLN B 480 -33.57 -13.59 -36.23
C GLN B 480 -34.71 -12.65 -36.60
N SER B 481 -35.86 -13.22 -36.92
CA SER B 481 -37.03 -12.43 -37.26
C SER B 481 -37.77 -11.99 -35.99
N TYR B 482 -38.76 -11.15 -36.19
CA TYR B 482 -39.56 -10.59 -35.10
C TYR B 482 -40.96 -11.17 -35.18
N GLY B 483 -41.51 -11.53 -34.02
CA GLY B 483 -42.87 -12.03 -33.96
C GLY B 483 -43.89 -10.93 -33.77
N PHE B 484 -44.15 -10.16 -34.84
CA PHE B 484 -45.03 -8.99 -34.75
C PHE B 484 -46.42 -9.40 -35.21
N GLN B 485 -47.37 -9.43 -34.27
CA GLN B 485 -48.77 -9.70 -34.54
C GLN B 485 -49.62 -8.71 -33.76
N PRO B 486 -50.81 -8.37 -34.27
CA PRO B 486 -51.64 -7.37 -33.57
C PRO B 486 -52.07 -7.79 -32.18
N THR B 487 -52.07 -9.08 -31.88
CA THR B 487 -52.53 -9.57 -30.58
C THR B 487 -51.43 -9.58 -29.53
N ASN B 488 -50.24 -9.08 -29.86
CA ASN B 488 -49.19 -8.96 -28.86
C ASN B 488 -49.60 -7.97 -27.78
N GLY B 489 -48.91 -8.04 -26.65
CA GLY B 489 -49.10 -7.06 -25.60
C GLY B 489 -48.52 -5.72 -26.01
N VAL B 490 -48.72 -4.74 -25.13
CA VAL B 490 -48.23 -3.39 -25.41
C VAL B 490 -46.70 -3.40 -25.55
N GLY B 491 -46.02 -4.09 -24.64
CA GLY B 491 -44.57 -4.12 -24.66
C GLY B 491 -43.99 -4.95 -25.79
N TYR B 492 -44.77 -5.88 -26.34
CA TYR B 492 -44.28 -6.73 -27.42
C TYR B 492 -44.69 -6.22 -28.80
N GLN B 493 -45.35 -5.07 -28.87
CA GLN B 493 -45.69 -4.47 -30.15
C GLN B 493 -44.48 -3.76 -30.75
N PRO B 494 -44.43 -3.63 -32.07
CA PRO B 494 -43.29 -2.94 -32.69
C PRO B 494 -43.27 -1.47 -32.33
N TYR B 495 -42.05 -0.92 -32.27
CA TYR B 495 -41.85 0.50 -32.01
C TYR B 495 -40.97 1.06 -33.09
N ARG B 496 -41.45 2.08 -33.80
CA ARG B 496 -40.62 2.78 -34.78
C ARG B 496 -39.74 3.78 -34.05
N VAL B 497 -38.43 3.65 -34.23
CA VAL B 497 -37.44 4.46 -33.52
C VAL B 497 -36.68 5.28 -34.54
N VAL B 498 -36.53 6.58 -34.26
CA VAL B 498 -35.75 7.49 -35.08
C VAL B 498 -34.79 8.23 -34.16
N VAL B 499 -33.51 8.22 -34.51
CA VAL B 499 -32.47 8.85 -33.70
C VAL B 499 -31.86 9.98 -34.50
N LEU B 500 -31.76 11.16 -33.88
CA LEU B 500 -31.21 12.35 -34.50
C LEU B 500 -29.86 12.67 -33.87
N SER B 501 -28.82 12.73 -34.69
CA SER B 501 -27.46 13.03 -34.24
C SER B 501 -26.96 14.27 -34.93
N PHE B 502 -26.27 15.13 -34.17
CA PHE B 502 -25.73 16.38 -34.68
C PHE B 502 -24.21 16.27 -34.71
N GLU B 503 -23.62 16.52 -35.86
CA GLU B 503 -22.17 16.54 -35.97
C GLU B 503 -21.75 17.92 -36.44
N LEU B 504 -20.76 18.49 -35.76
CA LEU B 504 -20.24 19.81 -36.09
C LEU B 504 -18.73 19.71 -36.29
N LEU B 505 -18.25 20.24 -37.40
CA LEU B 505 -16.81 20.27 -37.68
C LEU B 505 -16.47 21.67 -38.18
N HIS B 506 -15.19 21.85 -38.55
CA HIS B 506 -14.71 23.16 -39.01
C HIS B 506 -15.10 23.32 -40.47
N ALA B 507 -16.36 23.68 -40.70
CA ALA B 507 -16.93 23.80 -42.03
C ALA B 507 -18.20 24.63 -41.93
N PRO B 508 -18.66 25.21 -43.04
CA PRO B 508 -19.89 26.03 -43.00
C PRO B 508 -21.08 25.24 -42.50
N ALA B 509 -21.83 25.83 -41.58
CA ALA B 509 -23.05 25.23 -41.05
C ALA B 509 -24.26 25.97 -41.59
N THR B 510 -25.16 25.23 -42.25
CA THR B 510 -26.30 25.84 -42.92
C THR B 510 -27.63 25.20 -42.49
N VAL B 511 -27.62 24.50 -41.37
CA VAL B 511 -28.85 23.79 -40.92
C VAL B 511 -29.21 24.30 -39.53
N CYS B 512 -30.10 25.31 -39.46
CA CYS B 512 -30.54 25.86 -38.15
C CYS B 512 -32.04 26.17 -38.20
N GLY B 513 -32.60 26.63 -37.08
CA GLY B 513 -34.05 26.88 -37.01
C GLY B 513 -34.43 28.18 -37.68
N PRO B 514 -35.62 28.75 -37.41
CA PRO B 514 -36.01 30.05 -37.94
C PRO B 514 -35.47 31.17 -37.05
N LYS B 515 -35.40 32.31 -37.84
CA LYS B 515 -34.87 33.51 -37.13
C LYS B 515 -36.01 34.49 -36.80
N LYS B 516 -35.69 35.60 -36.15
CA LYS B 516 -36.73 36.60 -35.77
C LYS B 516 -37.07 37.47 -36.97
N SER B 517 -38.32 37.93 -37.04
CA SER B 517 -38.76 38.78 -38.17
C SER B 517 -39.98 39.59 -37.73
N THR B 518 -39.77 40.79 -37.19
CA THR B 518 -40.86 41.60 -36.68
C THR B 518 -41.51 42.39 -37.82
N ASN B 519 -42.59 43.09 -37.48
CA ASN B 519 -43.23 43.97 -38.44
C ASN B 519 -42.33 45.16 -38.74
N LEU B 520 -42.52 45.74 -39.91
CA LEU B 520 -41.71 46.86 -40.36
C LEU B 520 -42.34 48.17 -39.93
N VAL B 521 -41.57 49.01 -39.24
CA VAL B 521 -42.00 50.34 -38.84
C VAL B 521 -41.07 51.37 -39.48
N LYS B 522 -41.65 52.47 -39.94
CA LYS B 522 -40.94 53.51 -40.65
C LYS B 522 -41.21 54.84 -39.97
N ASN B 523 -40.41 55.84 -40.33
CA ASN B 523 -40.58 57.20 -39.83
C ASN B 523 -40.47 57.27 -38.31
N LYS B 524 -39.45 56.60 -37.76
CA LYS B 524 -39.17 56.63 -36.34
C LYS B 524 -37.77 56.11 -36.11
N CYS B 525 -37.03 56.77 -35.22
CA CYS B 525 -35.65 56.35 -34.94
C CYS B 525 -35.67 54.98 -34.27
N VAL B 526 -35.32 53.95 -35.03
CA VAL B 526 -35.37 52.57 -34.58
C VAL B 526 -33.95 52.02 -34.55
N ASN B 527 -33.79 50.92 -33.81
CA ASN B 527 -32.50 50.24 -33.69
C ASN B 527 -32.54 48.99 -34.57
N PHE B 528 -32.46 49.20 -35.88
CA PHE B 528 -32.74 48.11 -36.82
C PHE B 528 -31.61 47.09 -36.81
N ASN B 529 -31.94 45.88 -37.25
CA ASN B 529 -30.95 44.82 -37.48
C ASN B 529 -31.56 43.96 -38.57
N PHE B 530 -31.13 44.21 -39.81
CA PHE B 530 -31.58 43.42 -40.95
C PHE B 530 -30.74 42.17 -41.07
N ASN B 531 -30.77 41.53 -42.23
CA ASN B 531 -30.08 40.26 -42.40
C ASN B 531 -28.58 40.47 -42.35
N GLY B 532 -28.06 40.80 -41.16
CA GLY B 532 -26.63 40.90 -40.95
C GLY B 532 -26.13 42.22 -40.41
N LEU B 533 -26.67 43.34 -40.89
CA LEU B 533 -26.15 44.65 -40.51
C LEU B 533 -27.01 45.28 -39.42
N THR B 534 -26.33 45.91 -38.47
CA THR B 534 -26.99 46.52 -37.31
C THR B 534 -26.71 48.01 -37.31
N GLY B 535 -27.74 48.81 -37.07
CA GLY B 535 -27.58 50.24 -37.04
C GLY B 535 -28.82 50.90 -36.50
N THR B 536 -28.71 52.21 -36.34
CA THR B 536 -29.80 53.05 -35.84
C THR B 536 -30.13 54.08 -36.91
N GLY B 537 -31.42 54.29 -37.15
CA GLY B 537 -31.79 55.22 -38.19
C GLY B 537 -33.28 55.42 -38.26
N VAL B 538 -33.70 56.06 -39.34
CA VAL B 538 -35.11 56.34 -39.60
C VAL B 538 -35.40 55.80 -40.99
N LEU B 539 -36.00 54.62 -41.06
CA LEU B 539 -36.27 54.00 -42.35
C LEU B 539 -37.45 54.70 -43.03
N THR B 540 -37.30 54.99 -44.32
CA THR B 540 -38.35 55.60 -45.11
C THR B 540 -38.46 54.88 -46.43
N GLU B 541 -39.65 54.95 -47.05
CA GLU B 541 -39.86 54.36 -48.36
C GLU B 541 -38.95 55.02 -49.38
N SER B 542 -37.97 54.27 -49.87
CA SER B 542 -36.88 54.84 -50.65
C SER B 542 -37.32 55.06 -52.09
N ASN B 543 -36.38 55.47 -52.93
CA ASN B 543 -36.60 55.66 -54.36
C ASN B 543 -35.50 55.06 -55.22
N LYS B 544 -34.39 54.63 -54.64
CA LYS B 544 -33.32 54.02 -55.42
C LYS B 544 -33.78 52.68 -55.99
N LYS B 545 -33.22 52.30 -57.13
CA LYS B 545 -33.54 51.04 -57.79
C LYS B 545 -32.32 50.14 -57.72
N PHE B 546 -32.28 49.29 -56.69
CA PHE B 546 -31.16 48.39 -56.51
C PHE B 546 -31.09 47.38 -57.64
N LEU B 547 -29.90 46.78 -57.80
CA LEU B 547 -29.75 45.67 -58.72
C LEU B 547 -30.41 44.42 -58.14
N PRO B 548 -30.67 43.41 -58.98
CA PRO B 548 -31.35 42.21 -58.48
C PRO B 548 -30.64 41.54 -57.32
N PHE B 549 -29.32 41.54 -57.30
CA PHE B 549 -28.54 40.79 -56.32
C PHE B 549 -28.03 41.63 -55.16
N GLN B 550 -28.40 42.91 -55.10
CA GLN B 550 -27.81 43.82 -54.13
C GLN B 550 -28.71 44.00 -52.91
N GLN B 551 -28.09 44.00 -51.73
CA GLN B 551 -28.80 44.09 -50.47
C GLN B 551 -28.36 45.25 -49.61
N PHE B 552 -27.35 46.01 -50.04
CA PHE B 552 -26.74 47.07 -49.26
C PHE B 552 -26.82 48.39 -50.01
N GLY B 553 -26.52 49.47 -49.30
CA GLY B 553 -26.40 50.77 -49.91
C GLY B 553 -25.29 51.54 -49.23
N ARG B 554 -24.50 52.30 -49.99
CA ARG B 554 -23.40 53.03 -49.38
C ARG B 554 -23.21 54.37 -50.07
N ASP B 555 -22.62 55.30 -49.32
CA ASP B 555 -22.31 56.64 -49.80
C ASP B 555 -20.82 56.73 -50.13
N ILE B 556 -20.36 57.93 -50.44
CA ILE B 556 -18.95 58.13 -50.76
C ILE B 556 -18.09 57.85 -49.53
N ALA B 557 -18.57 58.23 -48.35
CA ALA B 557 -17.82 58.04 -47.12
C ALA B 557 -17.89 56.63 -46.58
N ASP B 558 -18.37 55.67 -47.39
CA ASP B 558 -18.54 54.28 -46.97
C ASP B 558 -19.40 54.18 -45.71
N THR B 559 -20.52 54.91 -45.72
CA THR B 559 -21.50 54.87 -44.65
C THR B 559 -22.77 54.24 -45.17
N THR B 560 -23.35 53.34 -44.39
CA THR B 560 -24.54 52.63 -44.83
C THR B 560 -25.69 53.59 -45.04
N ASP B 561 -26.33 53.50 -46.19
CA ASP B 561 -27.36 54.46 -46.59
C ASP B 561 -28.71 53.82 -46.83
N ALA B 562 -28.76 52.74 -47.61
CA ALA B 562 -30.03 52.11 -47.97
C ALA B 562 -29.91 50.61 -47.76
N VAL B 563 -31.04 49.98 -47.47
CA VAL B 563 -31.12 48.56 -47.22
C VAL B 563 -32.32 48.00 -47.98
N ARG B 564 -32.16 46.81 -48.56
CA ARG B 564 -33.27 46.12 -49.19
C ARG B 564 -33.87 45.11 -48.22
N ASP B 565 -35.16 45.23 -47.97
CA ASP B 565 -35.81 44.38 -46.97
C ASP B 565 -35.86 42.93 -47.46
N PRO B 566 -35.31 41.98 -46.71
CA PRO B 566 -35.27 40.60 -47.21
C PRO B 566 -36.63 39.98 -47.43
N GLN B 567 -37.62 40.31 -46.60
CA GLN B 567 -38.93 39.70 -46.72
C GLN B 567 -39.69 40.25 -47.92
N THR B 568 -39.95 41.56 -47.90
CA THR B 568 -40.52 42.25 -49.05
C THR B 568 -39.40 43.01 -49.74
N LEU B 569 -39.14 42.68 -51.00
CA LEU B 569 -37.97 43.23 -51.68
C LEU B 569 -38.16 44.70 -51.99
N GLU B 570 -38.22 45.53 -50.95
CA GLU B 570 -38.40 46.96 -51.09
C GLU B 570 -37.20 47.67 -50.46
N ILE B 571 -36.72 48.70 -51.14
CA ILE B 571 -35.53 49.43 -50.72
C ILE B 571 -35.94 50.51 -49.72
N LEU B 572 -35.16 50.64 -48.64
CA LEU B 572 -35.45 51.58 -47.57
C LEU B 572 -34.31 52.57 -47.41
N ASP B 573 -34.65 53.85 -47.29
CA ASP B 573 -33.65 54.88 -47.02
C ASP B 573 -33.40 54.98 -45.52
N ILE B 574 -32.14 55.19 -45.15
CA ILE B 574 -31.75 55.30 -43.75
C ILE B 574 -31.20 56.69 -43.52
N THR B 575 -31.82 57.43 -42.60
CA THR B 575 -31.31 58.73 -42.19
C THR B 575 -31.16 58.72 -40.68
N PRO B 576 -29.99 59.03 -40.12
CA PRO B 576 -29.84 58.99 -38.67
C PRO B 576 -30.83 59.92 -37.99
N CYS B 577 -31.36 59.47 -36.86
CA CYS B 577 -32.33 60.30 -36.14
C CYS B 577 -31.65 61.55 -35.61
N SER B 578 -32.43 62.63 -35.57
CA SER B 578 -31.88 63.97 -35.46
C SER B 578 -31.01 64.14 -34.22
N PHE B 579 -29.92 64.86 -34.38
CA PHE B 579 -29.02 65.23 -33.30
C PHE B 579 -28.63 66.69 -33.51
N GLY B 580 -27.75 67.18 -32.67
CA GLY B 580 -27.33 68.55 -32.83
C GLY B 580 -26.93 69.15 -31.49
N GLY B 581 -27.11 70.46 -31.38
CA GLY B 581 -26.75 71.18 -30.18
C GLY B 581 -27.88 72.08 -29.72
N VAL B 582 -27.79 72.47 -28.46
CA VAL B 582 -28.78 73.32 -27.83
C VAL B 582 -28.11 74.64 -27.49
N SER B 583 -28.69 75.74 -27.95
CA SER B 583 -28.17 77.06 -27.68
C SER B 583 -29.25 77.91 -27.02
N VAL B 584 -28.85 78.66 -26.01
CA VAL B 584 -29.77 79.44 -25.18
C VAL B 584 -29.65 80.90 -25.55
N ILE B 585 -30.65 81.43 -26.23
CA ILE B 585 -30.64 82.83 -26.65
C ILE B 585 -31.17 83.70 -25.51
N THR B 586 -30.34 84.61 -25.02
CA THR B 586 -30.73 85.36 -23.85
C THR B 586 -30.26 86.81 -23.88
N PRO B 587 -31.08 87.76 -23.46
CA PRO B 587 -30.55 89.06 -23.06
C PRO B 587 -29.86 88.93 -21.72
N GLY B 588 -29.12 89.97 -21.34
CA GLY B 588 -28.35 89.89 -20.12
C GLY B 588 -29.24 89.74 -18.90
N THR B 589 -28.74 89.00 -17.91
CA THR B 589 -29.46 88.94 -16.65
C THR B 589 -29.58 90.30 -16.00
N ASN B 590 -28.73 91.25 -16.40
CA ASN B 590 -28.91 92.64 -16.00
C ASN B 590 -30.23 93.19 -16.51
N THR B 591 -30.82 92.57 -17.52
CA THR B 591 -32.10 93.01 -18.06
C THR B 591 -33.25 92.09 -17.65
N SER B 592 -33.13 90.79 -17.90
CA SER B 592 -34.23 89.87 -17.67
C SER B 592 -33.67 88.46 -17.51
N ASN B 593 -34.55 87.56 -17.08
CA ASN B 593 -34.21 86.15 -16.93
C ASN B 593 -35.01 85.27 -17.88
N GLU B 594 -35.57 85.86 -18.93
CA GLU B 594 -36.38 85.15 -19.91
C GLU B 594 -35.50 84.78 -21.10
N VAL B 595 -35.40 83.48 -21.38
CA VAL B 595 -34.50 82.99 -22.41
C VAL B 595 -35.30 82.26 -23.47
N ALA B 596 -34.68 82.11 -24.64
CA ALA B 596 -35.24 81.36 -25.75
C ALA B 596 -34.24 80.30 -26.17
N VAL B 597 -34.73 79.10 -26.44
CA VAL B 597 -33.88 77.96 -26.73
C VAL B 597 -34.00 77.59 -28.20
N LEU B 598 -32.84 77.36 -28.82
CA LEU B 598 -32.78 76.97 -30.22
C LEU B 598 -32.16 75.59 -30.34
N TYR B 599 -32.83 74.70 -31.04
CA TYR B 599 -32.33 73.36 -31.31
C TYR B 599 -31.83 73.33 -32.74
N GLN B 600 -30.53 73.11 -32.92
CA GLN B 600 -29.92 73.27 -34.23
C GLN B 600 -30.21 72.07 -35.11
N ASP B 601 -30.66 72.34 -36.34
CA ASP B 601 -30.90 71.32 -37.35
C ASP B 601 -31.94 70.30 -36.87
N VAL B 602 -33.15 70.78 -36.65
CA VAL B 602 -34.26 69.97 -36.15
C VAL B 602 -35.56 70.53 -36.73
N ASN B 603 -36.49 69.63 -37.04
CA ASN B 603 -37.75 69.99 -37.71
C ASN B 603 -38.87 70.32 -36.73
N CYS B 604 -38.55 70.66 -35.48
CA CYS B 604 -39.49 71.05 -34.42
C CYS B 604 -40.38 69.91 -33.96
N THR B 605 -40.33 68.74 -34.60
CA THR B 605 -41.19 67.63 -34.26
C THR B 605 -40.50 66.59 -33.40
N GLU B 606 -39.28 66.87 -32.93
CA GLU B 606 -38.53 65.91 -32.14
C GLU B 606 -38.18 66.42 -30.76
N VAL B 607 -38.62 67.62 -30.39
CA VAL B 607 -38.23 68.19 -29.11
C VAL B 607 -39.09 67.62 -27.98
N ASN B 628 -44.74 80.86 -30.89
CA ASN B 628 -44.10 80.28 -29.72
C ASN B 628 -43.08 79.23 -30.12
N VAL B 629 -43.28 78.60 -31.27
CA VAL B 629 -42.33 77.65 -31.84
C VAL B 629 -42.08 78.07 -33.28
N PHE B 630 -40.97 78.76 -33.50
CA PHE B 630 -40.59 79.28 -34.81
C PHE B 630 -39.56 78.34 -35.42
N GLN B 631 -39.73 78.03 -36.70
CA GLN B 631 -38.84 77.12 -37.41
C GLN B 631 -38.05 77.92 -38.44
N THR B 632 -36.72 77.89 -38.31
CA THR B 632 -35.81 78.64 -39.16
C THR B 632 -34.87 77.67 -39.87
N ARG B 633 -33.91 78.24 -40.61
CA ARG B 633 -32.88 77.41 -41.23
C ARG B 633 -31.84 76.93 -40.23
N ALA B 634 -31.60 77.68 -39.16
CA ALA B 634 -30.68 77.21 -38.13
C ALA B 634 -31.26 76.07 -37.31
N GLY B 635 -32.56 76.10 -37.06
CA GLY B 635 -33.20 75.03 -36.30
C GLY B 635 -34.48 75.54 -35.66
N CYS B 636 -35.01 74.72 -34.75
CA CYS B 636 -36.28 75.00 -34.10
C CYS B 636 -36.07 76.00 -32.97
N LEU B 637 -36.68 77.18 -33.10
CA LEU B 637 -36.54 78.22 -32.10
C LEU B 637 -37.76 78.21 -31.19
N ILE B 638 -37.53 77.94 -29.91
CA ILE B 638 -38.61 77.79 -28.93
C ILE B 638 -38.51 78.93 -27.93
N GLY B 639 -39.62 79.63 -27.73
CA GLY B 639 -39.68 80.66 -26.74
C GLY B 639 -39.49 82.08 -27.24
N ALA B 640 -39.46 82.28 -28.55
CA ALA B 640 -39.24 83.60 -29.12
C ALA B 640 -40.32 83.90 -30.14
N GLU B 641 -40.93 85.07 -30.03
CA GLU B 641 -41.92 85.52 -31.01
C GLU B 641 -41.26 85.75 -32.35
N HIS B 642 -42.04 85.61 -33.41
CA HIS B 642 -41.58 85.93 -34.76
C HIS B 642 -42.27 87.21 -35.20
N VAL B 643 -41.48 88.23 -35.50
CA VAL B 643 -41.99 89.51 -35.94
C VAL B 643 -41.77 89.65 -37.44
N ASN B 644 -42.72 90.31 -38.11
CA ASN B 644 -42.61 90.57 -39.54
C ASN B 644 -41.81 91.83 -39.86
N ASN B 645 -41.32 92.54 -38.86
CA ASN B 645 -40.47 93.70 -39.10
C ASN B 645 -39.04 93.25 -39.38
N SER B 646 -38.11 94.21 -39.37
CA SER B 646 -36.70 93.91 -39.59
C SER B 646 -35.90 95.02 -38.95
N TYR B 647 -35.14 94.69 -37.90
CA TYR B 647 -34.31 95.64 -37.20
C TYR B 647 -32.84 95.25 -37.34
N GLU B 648 -31.98 96.03 -36.71
CA GLU B 648 -30.57 95.70 -36.68
C GLU B 648 -30.34 94.42 -35.88
N CYS B 649 -29.29 93.70 -36.22
CA CYS B 649 -29.02 92.43 -35.56
C CYS B 649 -28.57 92.67 -34.13
N ASP B 650 -29.19 91.96 -33.18
CA ASP B 650 -28.86 92.02 -31.77
C ASP B 650 -28.19 90.74 -31.29
N ILE B 651 -28.82 89.60 -31.53
CA ILE B 651 -28.25 88.30 -31.23
C ILE B 651 -28.32 87.47 -32.51
N PRO B 652 -27.19 87.15 -33.12
CA PRO B 652 -27.23 86.35 -34.36
C PRO B 652 -27.74 84.94 -34.10
N ILE B 653 -28.38 84.38 -35.11
CA ILE B 653 -28.83 82.99 -35.05
C ILE B 653 -28.33 82.22 -36.26
N GLY B 654 -28.62 82.71 -37.45
CA GLY B 654 -28.18 82.06 -38.66
C GLY B 654 -29.16 82.27 -39.78
N ALA B 655 -28.63 82.28 -41.01
CA ALA B 655 -29.42 82.49 -42.21
C ALA B 655 -30.19 83.81 -42.17
N GLY B 656 -29.62 84.81 -41.52
CA GLY B 656 -30.23 86.12 -41.49
C GLY B 656 -31.20 86.38 -40.35
N ILE B 657 -31.40 85.41 -39.48
CA ILE B 657 -32.33 85.56 -38.36
C ILE B 657 -31.57 86.09 -37.16
N CYS B 658 -32.06 87.17 -36.57
CA CYS B 658 -31.47 87.75 -35.38
C CYS B 658 -32.56 87.95 -34.34
N ALA B 659 -32.38 87.38 -33.15
CA ALA B 659 -33.32 87.54 -32.07
C ALA B 659 -32.93 88.72 -31.19
N SER B 660 -33.91 89.40 -30.63
CA SER B 660 -33.64 90.54 -29.78
C SER B 660 -34.73 90.67 -28.74
N TYR B 661 -34.36 91.29 -27.61
CA TYR B 661 -35.27 91.49 -26.49
C TYR B 661 -35.84 92.89 -26.58
N GLN B 662 -37.13 92.99 -26.88
CA GLN B 662 -37.78 94.28 -27.02
C GLN B 662 -39.25 94.13 -26.71
N THR B 663 -39.92 95.26 -26.53
CA THR B 663 -41.34 95.35 -26.17
C THR B 663 -42.23 94.38 -26.95
N SER B 676 -45.30 92.59 -21.26
CA SER B 676 -44.75 93.75 -21.94
C SER B 676 -43.67 93.34 -22.95
N GLN B 677 -42.41 93.36 -22.50
CA GLN B 677 -41.28 93.04 -23.36
C GLN B 677 -41.01 91.54 -23.36
N SER B 678 -40.69 91.02 -24.53
CA SER B 678 -40.38 89.61 -24.71
C SER B 678 -39.28 89.49 -25.75
N ILE B 679 -38.98 88.26 -26.15
CA ILE B 679 -37.90 87.96 -27.08
C ILE B 679 -38.49 87.70 -28.45
N ILE B 680 -38.07 88.46 -29.44
CA ILE B 680 -38.57 88.34 -30.80
C ILE B 680 -37.50 87.67 -31.66
N ALA B 681 -37.86 87.34 -32.89
CA ALA B 681 -36.95 86.66 -33.81
C ALA B 681 -37.27 87.13 -35.22
N TYR B 682 -36.59 88.16 -35.67
CA TYR B 682 -36.86 88.79 -36.95
C TYR B 682 -35.76 88.44 -37.95
N THR B 683 -35.92 88.93 -39.17
CA THR B 683 -34.90 88.81 -40.21
C THR B 683 -34.17 90.15 -40.31
N MET B 684 -32.85 90.12 -40.06
CA MET B 684 -32.11 91.36 -39.87
C MET B 684 -32.10 92.20 -41.14
N SER B 685 -32.02 93.52 -40.95
CA SER B 685 -32.04 94.46 -42.06
C SER B 685 -30.64 95.01 -42.30
N LEU B 686 -30.29 95.20 -43.57
CA LEU B 686 -28.94 95.58 -43.96
C LEU B 686 -28.79 97.10 -44.03
N GLY B 687 -29.07 97.74 -42.91
CA GLY B 687 -28.93 99.18 -42.84
C GLY B 687 -30.15 99.93 -43.36
N ALA B 688 -30.11 101.24 -43.16
CA ALA B 688 -31.23 102.11 -43.50
C ALA B 688 -31.17 102.49 -44.98
N GLU B 689 -32.31 102.41 -45.64
CA GLU B 689 -32.36 102.66 -47.07
C GLU B 689 -32.02 104.10 -47.41
N ASN B 690 -31.42 104.30 -48.58
CA ASN B 690 -31.06 105.61 -49.07
C ASN B 690 -30.87 105.51 -50.58
N SER B 691 -31.37 106.50 -51.30
CA SER B 691 -31.20 106.59 -52.75
C SER B 691 -30.69 107.98 -53.07
N VAL B 692 -29.57 108.06 -53.78
CA VAL B 692 -28.96 109.35 -54.06
C VAL B 692 -29.69 110.00 -55.22
N ALA B 693 -30.03 111.28 -55.06
CA ALA B 693 -30.72 112.04 -56.09
C ALA B 693 -29.74 112.31 -57.22
N TYR B 694 -29.57 111.33 -58.09
CA TYR B 694 -28.54 111.37 -59.13
C TYR B 694 -29.16 111.78 -60.46
N SER B 695 -28.60 112.82 -61.06
CA SER B 695 -28.96 113.25 -62.41
C SER B 695 -27.69 113.43 -63.21
N ASN B 696 -27.82 113.86 -64.45
CA ASN B 696 -26.66 114.06 -65.30
C ASN B 696 -26.14 115.50 -65.28
N ASN B 697 -26.71 116.36 -64.45
CA ASN B 697 -26.18 117.71 -64.28
C ASN B 697 -26.23 118.18 -62.84
N SER B 698 -26.59 117.32 -61.90
CA SER B 698 -26.73 117.71 -60.50
C SER B 698 -25.52 117.20 -59.73
N ILE B 699 -24.87 118.10 -58.99
CA ILE B 699 -23.75 117.77 -58.14
C ILE B 699 -24.02 118.34 -56.76
N ALA B 700 -23.61 117.62 -55.73
CA ALA B 700 -23.77 118.05 -54.35
C ALA B 700 -22.40 118.41 -53.79
N ILE B 701 -22.32 119.53 -53.08
CA ILE B 701 -21.04 119.99 -52.55
C ILE B 701 -21.20 120.33 -51.08
N PRO B 702 -20.34 119.86 -50.20
CA PRO B 702 -20.46 120.21 -48.79
C PRO B 702 -20.16 121.68 -48.56
N THR B 703 -20.72 122.22 -47.48
CA THR B 703 -20.50 123.61 -47.11
C THR B 703 -19.87 123.78 -45.73
N ASN B 704 -19.91 122.75 -44.89
CA ASN B 704 -19.28 122.79 -43.58
C ASN B 704 -18.51 121.49 -43.41
N PHE B 705 -18.10 121.19 -42.18
CA PHE B 705 -17.36 119.97 -41.92
C PHE B 705 -17.41 119.68 -40.43
N THR B 706 -16.94 118.49 -40.06
CA THR B 706 -16.73 118.14 -38.67
C THR B 706 -15.41 117.41 -38.54
N ILE B 707 -14.72 117.63 -37.43
CA ILE B 707 -13.44 117.00 -37.15
C ILE B 707 -13.72 115.88 -36.16
N SER B 708 -13.95 114.68 -36.67
CA SER B 708 -14.26 113.54 -35.82
C SER B 708 -12.99 112.79 -35.47
N VAL B 709 -12.94 112.26 -34.26
CA VAL B 709 -11.77 111.57 -33.73
C VAL B 709 -12.21 110.20 -33.24
N THR B 710 -11.80 109.16 -33.97
CA THR B 710 -12.22 107.80 -33.67
C THR B 710 -11.07 107.03 -33.02
N THR B 711 -11.43 105.92 -32.37
CA THR B 711 -10.48 105.14 -31.59
C THR B 711 -10.32 103.76 -32.20
N GLU B 712 -9.08 103.30 -32.30
CA GLU B 712 -8.78 101.96 -32.78
C GLU B 712 -7.85 101.25 -31.83
N ILE B 713 -8.23 100.05 -31.42
CA ILE B 713 -7.50 99.27 -30.42
C ILE B 713 -6.92 98.04 -31.09
N LEU B 714 -5.63 97.78 -30.88
CA LEU B 714 -4.94 96.67 -31.50
C LEU B 714 -4.05 95.93 -30.51
N PRO B 715 -4.18 94.62 -30.35
CA PRO B 715 -3.23 93.88 -29.53
C PRO B 715 -1.86 93.82 -30.17
N VAL B 716 -0.83 93.88 -29.34
CA VAL B 716 0.53 93.95 -29.86
C VAL B 716 1.42 92.85 -29.28
N SER B 717 1.10 92.37 -28.08
CA SER B 717 1.95 91.35 -27.47
C SER B 717 1.13 90.43 -26.59
N MET B 718 1.79 89.39 -26.09
CA MET B 718 1.18 88.43 -25.18
C MET B 718 2.01 88.31 -23.91
N THR B 719 1.70 87.34 -23.06
CA THR B 719 2.53 87.08 -21.89
C THR B 719 3.60 86.08 -22.25
N LYS B 720 4.83 86.38 -21.88
CA LYS B 720 5.96 85.50 -22.16
C LYS B 720 5.93 84.38 -21.15
N THR B 721 5.24 83.29 -21.49
CA THR B 721 5.08 82.14 -20.61
C THR B 721 6.01 81.03 -21.05
N SER B 722 6.73 80.45 -20.10
CA SER B 722 7.55 79.28 -20.35
C SER B 722 7.11 78.16 -19.41
N VAL B 723 7.25 76.93 -19.87
CA VAL B 723 6.84 75.75 -19.12
C VAL B 723 7.97 74.74 -19.15
N ASP B 724 8.33 74.22 -17.98
CA ASP B 724 9.41 73.25 -17.88
C ASP B 724 8.88 71.84 -18.10
N CYS B 725 9.70 71.01 -18.76
CA CYS B 725 9.34 69.62 -18.99
C CYS B 725 9.32 68.82 -17.71
N THR B 726 10.47 68.74 -17.03
CA THR B 726 10.61 67.85 -15.89
C THR B 726 9.63 68.20 -14.78
N MET B 727 9.46 69.49 -14.48
CA MET B 727 8.61 69.87 -13.36
C MET B 727 7.14 69.66 -13.68
N TYR B 728 6.73 69.90 -14.92
CA TYR B 728 5.31 69.76 -15.25
C TYR B 728 4.90 68.30 -15.30
N ILE B 729 5.71 67.46 -15.94
CA ILE B 729 5.31 66.08 -16.22
C ILE B 729 5.63 65.16 -15.04
N CYS B 730 6.83 65.26 -14.48
CA CYS B 730 7.31 64.37 -13.44
C CYS B 730 7.80 65.16 -12.26
N GLY B 731 6.97 66.08 -11.76
CA GLY B 731 7.35 66.92 -10.64
C GLY B 731 7.78 66.14 -9.42
N ASP B 732 9.07 66.22 -9.09
CA ASP B 732 9.67 65.53 -7.95
C ASP B 732 9.44 64.02 -8.04
N SER B 733 10.01 63.42 -9.09
CA SER B 733 9.93 61.98 -9.29
C SER B 733 11.12 61.55 -10.13
N THR B 734 12.10 60.91 -9.49
CA THR B 734 13.26 60.44 -10.23
C THR B 734 12.89 59.30 -11.18
N GLU B 735 12.01 58.41 -10.74
CA GLU B 735 11.62 57.29 -11.59
C GLU B 735 10.91 57.77 -12.86
N CYS B 736 10.00 58.73 -12.72
CA CYS B 736 9.33 59.30 -13.88
C CYS B 736 10.32 60.01 -14.80
N SER B 737 11.27 60.73 -14.21
CA SER B 737 12.22 61.50 -15.01
C SER B 737 13.10 60.59 -15.87
N ASN B 738 13.50 59.43 -15.32
CA ASN B 738 14.36 58.52 -16.06
C ASN B 738 13.64 57.93 -17.27
N LEU B 739 12.37 57.56 -17.10
CA LEU B 739 11.63 56.98 -18.23
C LEU B 739 11.35 58.04 -19.29
N LEU B 740 11.20 59.30 -18.88
CA LEU B 740 10.96 60.37 -19.85
C LEU B 740 12.08 60.48 -20.87
N LEU B 741 13.30 60.13 -20.48
CA LEU B 741 14.44 60.24 -21.39
C LEU B 741 14.33 59.29 -22.58
N GLN B 742 13.43 58.30 -22.52
CA GLN B 742 13.29 57.40 -23.66
C GLN B 742 12.68 58.11 -24.85
N TYR B 743 11.89 59.16 -24.61
CA TYR B 743 11.24 59.88 -25.70
C TYR B 743 12.19 60.74 -26.49
N GLY B 744 13.44 60.88 -26.05
CA GLY B 744 14.44 61.62 -26.78
C GLY B 744 14.52 63.07 -26.38
N SER B 745 14.21 63.96 -27.31
CA SER B 745 14.22 65.40 -27.08
C SER B 745 12.90 66.01 -27.49
N PHE B 746 11.80 65.40 -27.04
CA PHE B 746 10.49 65.98 -27.32
C PHE B 746 10.34 67.34 -26.68
N CYS B 747 10.83 67.50 -25.45
CA CYS B 747 10.65 68.78 -24.77
C CYS B 747 11.94 69.59 -24.68
N THR B 748 13.00 69.18 -25.36
CA THR B 748 14.00 70.15 -25.75
C THR B 748 13.46 71.02 -26.88
N GLN B 749 12.50 70.50 -27.64
CA GLN B 749 11.82 71.32 -28.64
C GLN B 749 10.86 72.30 -27.98
N LEU B 750 10.10 71.84 -26.99
CA LEU B 750 9.05 72.69 -26.42
C LEU B 750 9.64 73.90 -25.72
N ASN B 751 10.74 73.72 -24.98
CA ASN B 751 11.42 74.87 -24.41
C ASN B 751 12.01 75.75 -25.50
N ARG B 752 12.30 75.18 -26.67
CA ARG B 752 12.74 76.00 -27.80
C ARG B 752 11.57 76.71 -28.46
N ALA B 753 10.43 76.03 -28.57
CA ALA B 753 9.26 76.63 -29.21
C ALA B 753 8.68 77.75 -28.38
N LEU B 754 8.57 77.54 -27.07
CA LEU B 754 7.99 78.56 -26.19
C LEU B 754 8.94 79.73 -25.97
N THR B 755 10.24 79.53 -26.15
CA THR B 755 11.16 80.65 -26.05
C THR B 755 11.08 81.54 -27.27
N GLY B 756 11.03 80.94 -28.47
CA GLY B 756 10.95 81.74 -29.68
C GLY B 756 9.72 82.63 -29.71
N ILE B 757 8.62 82.15 -29.14
CA ILE B 757 7.45 83.00 -28.96
C ILE B 757 7.78 84.18 -28.07
N ALA B 758 8.47 83.90 -26.96
CA ALA B 758 8.71 84.94 -25.96
C ALA B 758 9.71 85.98 -26.45
N VAL B 759 10.78 85.55 -27.13
CA VAL B 759 11.72 86.52 -27.67
C VAL B 759 11.11 87.31 -28.82
N GLU B 760 10.03 86.83 -29.41
CA GLU B 760 9.32 87.53 -30.46
C GLU B 760 8.30 88.50 -29.91
N GLN B 761 7.69 88.17 -28.76
CA GLN B 761 6.75 89.07 -28.11
C GLN B 761 7.42 90.38 -27.72
N ASP B 762 8.73 90.36 -27.54
CA ASP B 762 9.47 91.59 -27.26
C ASP B 762 9.81 92.34 -28.52
N LYS B 763 9.89 91.63 -29.65
CA LYS B 763 10.10 92.31 -30.92
C LYS B 763 8.84 93.02 -31.36
N ASN B 764 7.68 92.39 -31.17
CA ASN B 764 6.42 93.03 -31.50
C ASN B 764 6.29 94.39 -30.85
N THR B 765 6.60 94.47 -29.56
CA THR B 765 6.51 95.73 -28.84
C THR B 765 7.55 96.72 -29.33
N GLN B 766 8.70 96.23 -29.79
CA GLN B 766 9.77 97.12 -30.23
C GLN B 766 9.49 97.72 -31.60
N GLU B 767 8.91 96.94 -32.51
CA GLU B 767 8.58 97.48 -33.83
C GLU B 767 7.53 98.57 -33.75
N VAL B 768 6.54 98.41 -32.87
CA VAL B 768 5.44 99.36 -32.83
C VAL B 768 5.92 100.70 -32.31
N PHE B 769 6.43 100.72 -31.08
CA PHE B 769 6.73 101.97 -30.40
C PHE B 769 8.11 102.49 -30.73
N ALA B 770 9.14 101.64 -30.64
CA ALA B 770 10.52 102.07 -30.79
C ALA B 770 10.81 102.39 -32.25
N GLN B 771 10.15 103.45 -32.73
CA GLN B 771 10.34 103.89 -34.12
C GLN B 771 11.05 105.22 -34.23
N VAL B 772 11.05 106.01 -33.17
CA VAL B 772 11.66 107.33 -33.16
C VAL B 772 12.96 107.23 -32.35
N LYS B 773 13.97 107.98 -32.77
CA LYS B 773 15.27 107.90 -32.13
C LYS B 773 15.41 108.84 -30.95
N GLN B 774 15.25 110.15 -31.17
CA GLN B 774 15.38 111.13 -30.11
C GLN B 774 14.07 111.19 -29.34
N ILE B 775 14.18 111.31 -28.02
CA ILE B 775 13.00 111.43 -27.15
C ILE B 775 12.59 112.90 -27.14
N TYR B 776 11.56 113.24 -27.90
CA TYR B 776 11.11 114.61 -28.02
C TYR B 776 10.26 115.00 -26.82
N LYS B 777 10.04 116.31 -26.69
CA LYS B 777 9.26 116.87 -25.59
C LYS B 777 8.46 118.04 -26.10
N THR B 778 7.31 118.25 -25.50
CA THR B 778 6.54 119.44 -25.82
C THR B 778 7.15 120.66 -25.14
N PRO B 779 6.98 121.85 -25.72
CA PRO B 779 7.46 123.05 -25.05
C PRO B 779 6.71 123.26 -23.76
N PRO B 780 7.31 123.97 -22.80
CA PRO B 780 6.58 124.28 -21.56
C PRO B 780 5.30 125.06 -21.80
N ILE B 781 5.26 125.92 -22.82
CA ILE B 781 4.04 126.58 -23.20
C ILE B 781 3.11 125.59 -23.92
N LYS B 782 1.86 126.00 -24.09
CA LYS B 782 0.85 125.13 -24.68
C LYS B 782 -0.05 125.90 -25.64
N ASP B 783 0.50 126.90 -26.32
CA ASP B 783 -0.31 127.73 -27.22
C ASP B 783 -0.23 127.16 -28.64
N PHE B 784 -0.85 126.00 -28.80
CA PHE B 784 -0.85 125.31 -30.11
C PHE B 784 -1.99 125.81 -30.98
N GLY B 785 -2.04 127.12 -31.21
CA GLY B 785 -3.08 127.68 -32.04
C GLY B 785 -4.47 127.59 -31.46
N GLY B 786 -4.59 127.17 -30.20
CA GLY B 786 -5.88 126.97 -29.59
C GLY B 786 -6.31 125.52 -29.49
N PHE B 787 -5.47 124.57 -29.87
CA PHE B 787 -5.80 123.16 -29.78
C PHE B 787 -5.35 122.62 -28.43
N ASN B 788 -6.16 121.72 -27.87
CA ASN B 788 -5.97 121.25 -26.50
C ASN B 788 -5.59 119.78 -26.51
N PHE B 789 -4.38 119.47 -26.06
CA PHE B 789 -3.88 118.10 -26.05
C PHE B 789 -3.71 117.55 -24.64
N SER B 790 -4.33 118.17 -23.64
CA SER B 790 -4.09 117.76 -22.27
C SER B 790 -4.58 116.34 -22.02
N GLN B 791 -5.59 115.90 -22.75
CA GLN B 791 -6.16 114.58 -22.54
C GLN B 791 -5.29 113.46 -23.11
N ILE B 792 -4.38 113.77 -24.02
CA ILE B 792 -3.50 112.76 -24.60
C ILE B 792 -2.05 112.92 -24.14
N LEU B 793 -1.63 114.11 -23.77
CA LEU B 793 -0.25 114.36 -23.38
C LEU B 793 -0.03 113.97 -21.92
N PRO B 794 1.20 113.61 -21.55
CA PRO B 794 1.45 113.21 -20.17
C PRO B 794 1.19 114.36 -19.21
N ASP B 795 0.72 114.02 -18.02
CA ASP B 795 0.54 115.05 -17.03
C ASP B 795 1.42 114.74 -15.82
N PRO B 796 2.08 115.75 -15.25
CA PRO B 796 2.95 115.53 -14.10
C PRO B 796 2.21 115.38 -12.78
N SER B 797 0.88 115.29 -12.81
CA SER B 797 0.07 115.15 -11.60
C SER B 797 -0.15 113.68 -11.23
N LYS B 798 0.68 112.78 -11.74
CA LYS B 798 0.52 111.36 -11.43
C LYS B 798 1.84 110.76 -10.99
N SER B 800 3.77 106.71 -12.36
CA SER B 800 3.08 106.52 -13.63
C SER B 800 2.82 107.86 -14.31
N LYS B 801 3.79 108.32 -15.10
CA LYS B 801 3.64 109.56 -15.85
C LYS B 801 2.92 109.29 -17.18
N ARG B 802 1.72 108.74 -17.06
CA ARG B 802 0.83 108.53 -18.19
C ARG B 802 -0.05 109.77 -18.36
N SER B 803 -0.95 109.70 -19.34
CA SER B 803 -1.82 110.81 -19.64
C SER B 803 -3.20 110.55 -19.05
N PHE B 804 -4.15 111.43 -19.36
CA PHE B 804 -5.52 111.18 -18.94
C PHE B 804 -6.09 109.93 -19.60
N ILE B 805 -6.01 109.84 -20.93
CA ILE B 805 -6.67 108.74 -21.62
C ILE B 805 -5.94 107.43 -21.39
N GLU B 806 -4.61 107.45 -21.36
CA GLU B 806 -3.86 106.21 -21.17
C GLU B 806 -4.25 105.54 -19.86
N ASP B 807 -4.55 106.33 -18.82
CA ASP B 807 -4.93 105.76 -17.54
C ASP B 807 -6.27 105.07 -17.60
N LEU B 808 -7.21 105.60 -18.38
CA LEU B 808 -8.50 104.93 -18.53
C LEU B 808 -8.32 103.54 -19.12
N LEU B 809 -7.41 103.41 -20.10
CA LEU B 809 -7.14 102.12 -20.70
C LEU B 809 -6.48 101.17 -19.72
N PHE B 810 -5.64 101.70 -18.83
CA PHE B 810 -4.91 100.83 -17.91
C PHE B 810 -5.77 100.42 -16.73
N ASN B 811 -6.62 101.33 -16.23
CA ASN B 811 -7.55 100.95 -15.18
C ASN B 811 -8.53 99.89 -15.65
N LYS B 812 -9.04 100.06 -16.87
CA LYS B 812 -10.12 99.21 -17.36
C LYS B 812 -9.66 97.76 -17.49
N VAL B 813 -8.56 97.51 -18.18
CA VAL B 813 -8.09 96.15 -18.43
C VAL B 813 -7.31 95.69 -17.21
N THR B 814 -7.74 94.57 -16.63
CA THR B 814 -7.11 94.03 -15.43
C THR B 814 -6.94 92.52 -15.55
N LYS B 841 1.50 77.67 -11.21
CA LYS B 841 2.79 78.11 -10.69
C LYS B 841 3.56 76.93 -10.12
N PHE B 842 2.82 75.92 -9.67
CA PHE B 842 3.42 74.78 -9.01
C PHE B 842 4.07 73.80 -9.99
N ASN B 843 3.95 74.03 -11.30
CA ASN B 843 4.37 73.07 -12.31
C ASN B 843 5.23 73.73 -13.37
N GLY B 844 6.14 74.60 -12.96
CA GLY B 844 7.04 75.21 -13.92
C GLY B 844 6.40 76.25 -14.82
N LEU B 845 5.29 76.84 -14.41
CA LEU B 845 4.66 77.91 -15.19
C LEU B 845 5.33 79.23 -14.79
N THR B 846 6.42 79.54 -15.48
CA THR B 846 7.17 80.75 -15.23
C THR B 846 6.79 81.81 -16.26
N VAL B 847 6.32 82.96 -15.79
CA VAL B 847 5.95 84.07 -16.65
C VAL B 847 7.11 85.05 -16.67
N LEU B 848 7.73 85.23 -17.83
CA LEU B 848 8.83 86.15 -17.94
C LEU B 848 8.32 87.59 -18.00
N PRO B 849 9.13 88.55 -17.56
CA PRO B 849 8.71 89.94 -17.59
C PRO B 849 9.04 90.57 -18.94
N PRO B 850 8.20 91.47 -19.44
CA PRO B 850 8.51 92.12 -20.71
C PRO B 850 9.76 92.98 -20.59
N LEU B 851 10.52 93.05 -21.69
CA LEU B 851 11.77 93.80 -21.67
C LEU B 851 11.53 95.29 -21.50
N LEU B 852 10.49 95.82 -22.12
CA LEU B 852 10.15 97.23 -22.00
C LEU B 852 9.02 97.36 -20.99
N THR B 853 9.32 97.91 -19.82
CA THR B 853 8.28 98.09 -18.83
C THR B 853 7.33 99.21 -19.26
N ASP B 854 6.10 99.15 -18.76
CA ASP B 854 5.06 100.06 -19.23
C ASP B 854 5.40 101.51 -19.03
N GLU B 855 6.33 101.83 -18.13
CA GLU B 855 6.80 103.20 -18.02
C GLU B 855 7.67 103.59 -19.20
N MET B 856 8.42 102.65 -19.77
CA MET B 856 9.21 102.95 -20.95
C MET B 856 8.34 103.07 -22.18
N ILE B 857 7.31 102.23 -22.29
CA ILE B 857 6.42 102.28 -23.44
C ILE B 857 5.68 103.61 -23.49
N ALA B 858 5.17 104.06 -22.35
CA ALA B 858 4.52 105.36 -22.30
C ALA B 858 5.50 106.51 -22.41
N GLN B 859 6.80 106.26 -22.22
CA GLN B 859 7.79 107.26 -22.57
C GLN B 859 7.99 107.31 -24.08
N TYR B 860 7.77 106.20 -24.76
CA TYR B 860 7.90 106.14 -26.21
C TYR B 860 6.75 106.82 -26.90
N THR B 861 5.51 106.61 -26.43
CA THR B 861 4.37 107.24 -27.07
C THR B 861 4.28 108.72 -26.79
N SER B 862 5.01 109.21 -25.78
CA SER B 862 5.09 110.66 -25.57
C SER B 862 6.07 111.30 -26.54
N ALA B 863 7.11 110.56 -26.92
CA ALA B 863 8.02 111.05 -27.95
C ALA B 863 7.32 111.18 -29.29
N LEU B 864 6.48 110.21 -29.63
CA LEU B 864 5.71 110.27 -30.87
C LEU B 864 4.65 111.36 -30.80
N LEU B 865 3.99 111.48 -29.65
CA LEU B 865 3.00 112.54 -29.47
C LEU B 865 3.65 113.91 -29.52
N ALA B 866 4.77 114.09 -28.83
CA ALA B 866 5.40 115.40 -28.77
C ALA B 866 6.08 115.75 -30.08
N GLY B 867 6.61 114.75 -30.78
CA GLY B 867 7.21 115.01 -32.08
C GLY B 867 6.19 115.40 -33.12
N THR B 868 5.01 114.77 -33.08
CA THR B 868 3.95 115.09 -34.03
C THR B 868 3.45 116.51 -33.84
N ILE B 869 3.31 116.93 -32.58
CA ILE B 869 2.68 118.21 -32.28
C ILE B 869 3.58 119.37 -32.71
N THR B 870 4.88 119.24 -32.50
CA THR B 870 5.80 120.32 -32.78
C THR B 870 6.38 120.27 -34.19
N SER B 871 6.55 119.09 -34.77
CA SER B 871 7.24 118.96 -36.06
C SER B 871 6.38 118.41 -37.19
N GLY B 872 5.30 117.71 -36.90
CA GLY B 872 4.44 117.18 -37.95
C GLY B 872 4.92 115.82 -38.44
N TRP B 873 5.04 115.67 -39.74
CA TRP B 873 5.56 114.44 -40.29
C TRP B 873 7.04 114.52 -40.60
N THR B 874 7.69 115.63 -40.27
CA THR B 874 9.08 115.83 -40.62
C THR B 874 10.04 115.11 -39.70
N PHE B 875 9.56 114.51 -38.62
CA PHE B 875 10.46 113.85 -37.69
C PHE B 875 10.62 112.37 -37.96
N GLY B 876 9.70 111.75 -38.68
CA GLY B 876 9.86 110.37 -39.07
C GLY B 876 10.55 110.21 -40.41
N ALA B 877 10.97 111.31 -41.01
CA ALA B 877 11.57 111.29 -42.33
C ALA B 877 12.97 111.85 -42.36
N GLY B 878 13.50 112.30 -41.23
CA GLY B 878 14.80 112.93 -41.19
C GLY B 878 14.95 113.83 -39.98
N PRO B 879 15.69 114.93 -40.15
CA PRO B 879 15.85 115.88 -39.06
C PRO B 879 14.50 116.52 -38.71
N ALA B 880 14.22 116.61 -37.42
CA ALA B 880 12.94 117.17 -36.97
C ALA B 880 12.92 118.67 -37.20
N LEU B 881 11.97 119.14 -38.01
CA LEU B 881 11.81 120.55 -38.31
C LEU B 881 10.50 121.03 -37.71
N GLN B 882 10.57 122.04 -36.85
CA GLN B 882 9.37 122.52 -36.17
C GLN B 882 8.52 123.37 -37.11
N ILE B 883 7.25 123.48 -36.77
CA ILE B 883 6.31 124.27 -37.56
C ILE B 883 5.10 124.54 -36.67
N PRO B 884 4.55 125.76 -36.66
CA PRO B 884 3.40 126.05 -35.79
C PRO B 884 2.23 125.12 -36.06
N PHE B 885 1.56 124.71 -34.99
CA PHE B 885 0.47 123.76 -35.13
C PHE B 885 -0.72 124.35 -35.87
N PRO B 886 -0.94 125.65 -35.76
CA PRO B 886 -1.98 126.26 -36.58
C PRO B 886 -1.63 126.11 -38.06
N MET B 887 -0.35 126.27 -38.40
CA MET B 887 0.10 126.15 -39.78
C MET B 887 0.23 124.72 -40.26
N GLN B 888 0.60 123.79 -39.39
CA GLN B 888 0.74 122.40 -39.80
C GLN B 888 -0.60 121.82 -40.24
N MET B 889 -1.67 122.16 -39.54
CA MET B 889 -2.99 121.67 -39.93
C MET B 889 -3.40 122.21 -41.30
N ALA B 890 -2.87 123.37 -41.69
CA ALA B 890 -3.12 123.85 -43.04
C ALA B 890 -2.44 122.95 -44.06
N TYR B 891 -1.28 122.39 -43.71
CA TYR B 891 -0.68 121.36 -44.54
C TYR B 891 -1.55 120.12 -44.60
N ARG B 892 -2.05 119.67 -43.45
CA ARG B 892 -2.91 118.50 -43.42
C ARG B 892 -4.20 118.74 -44.19
N PHE B 893 -4.80 119.92 -44.04
CA PHE B 893 -6.00 120.25 -44.81
C PHE B 893 -5.70 120.30 -46.29
N ASN B 894 -4.58 120.88 -46.67
CA ASN B 894 -4.19 120.98 -48.06
C ASN B 894 -3.91 119.62 -48.68
N GLY B 895 -3.69 118.59 -47.87
CA GLY B 895 -3.46 117.26 -48.36
C GLY B 895 -4.68 116.43 -48.59
N ILE B 896 -5.87 116.94 -48.27
CA ILE B 896 -7.11 116.24 -48.55
C ILE B 896 -7.98 117.04 -49.53
N GLY B 897 -7.38 117.92 -50.31
CA GLY B 897 -8.08 118.66 -51.33
C GLY B 897 -8.75 119.93 -50.89
N VAL B 898 -8.54 120.36 -49.65
CA VAL B 898 -9.15 121.57 -49.11
C VAL B 898 -8.06 122.62 -48.96
N THR B 899 -8.32 123.83 -49.46
CA THR B 899 -7.31 124.87 -49.49
C THR B 899 -6.93 125.30 -48.08
N GLN B 900 -5.80 126.01 -47.99
CA GLN B 900 -5.31 126.46 -46.69
C GLN B 900 -6.28 127.41 -46.02
N ASN B 901 -6.84 128.36 -46.79
CA ASN B 901 -7.63 129.43 -46.19
C ASN B 901 -8.90 128.93 -45.53
N VAL B 902 -9.31 127.70 -45.80
CA VAL B 902 -10.46 127.15 -45.11
C VAL B 902 -10.15 126.95 -43.63
N LEU B 903 -8.95 126.48 -43.31
CA LEU B 903 -8.59 126.31 -41.91
C LEU B 903 -8.40 127.66 -41.21
N TYR B 904 -7.64 128.56 -41.84
CA TYR B 904 -7.31 129.82 -41.19
C TYR B 904 -8.55 130.65 -40.89
N GLU B 905 -9.48 130.71 -41.84
CA GLU B 905 -10.70 131.47 -41.62
C GLU B 905 -11.58 130.84 -40.56
N ASN B 906 -11.45 129.54 -40.31
CA ASN B 906 -12.30 128.85 -39.36
C ASN B 906 -11.49 128.17 -38.27
N GLN B 907 -10.32 128.73 -37.94
CA GLN B 907 -9.45 128.08 -36.96
C GLN B 907 -10.13 127.96 -35.61
N LYS B 908 -10.87 129.00 -35.21
CA LYS B 908 -11.52 128.99 -33.90
C LYS B 908 -12.57 127.91 -33.82
N LEU B 909 -13.35 127.73 -34.89
CA LEU B 909 -14.33 126.65 -34.93
C LEU B 909 -13.67 125.29 -34.93
N ILE B 910 -12.58 125.15 -35.70
CA ILE B 910 -11.92 123.86 -35.83
C ILE B 910 -11.26 123.44 -34.52
N ALA B 911 -10.63 124.38 -33.82
CA ALA B 911 -10.00 124.04 -32.55
C ALA B 911 -11.04 123.52 -31.56
N ASN B 912 -12.22 124.11 -31.55
CA ASN B 912 -13.27 123.63 -30.66
C ASN B 912 -13.78 122.26 -31.07
N GLN B 913 -13.88 122.02 -32.38
CA GLN B 913 -14.32 120.71 -32.86
C GLN B 913 -13.30 119.64 -32.52
N PHE B 914 -12.02 119.94 -32.64
CA PHE B 914 -10.99 118.98 -32.26
C PHE B 914 -11.02 118.72 -30.76
N ASN B 915 -11.17 119.76 -29.95
CA ASN B 915 -11.17 119.59 -28.51
C ASN B 915 -12.39 118.83 -28.04
N SER B 916 -13.56 119.14 -28.59
CA SER B 916 -14.78 118.47 -28.18
C SER B 916 -14.75 116.99 -28.52
N ALA B 917 -14.24 116.66 -29.71
CA ALA B 917 -14.21 115.26 -30.14
C ALA B 917 -13.25 114.45 -29.29
N ILE B 918 -12.13 115.03 -28.87
CA ILE B 918 -11.20 114.32 -28.00
C ILE B 918 -11.85 113.99 -26.67
N GLY B 919 -12.62 114.94 -26.12
CA GLY B 919 -13.23 114.71 -24.82
C GLY B 919 -14.18 113.53 -24.82
N LYS B 920 -14.91 113.34 -25.92
CA LYS B 920 -15.83 112.20 -26.00
C LYS B 920 -15.10 110.88 -25.98
N ILE B 921 -13.81 110.86 -26.26
CA ILE B 921 -13.06 109.60 -26.25
C ILE B 921 -13.00 109.03 -24.84
N GLN B 922 -12.71 109.88 -23.85
CA GLN B 922 -12.65 109.40 -22.48
C GLN B 922 -14.01 108.84 -22.04
N ASP B 923 -15.08 109.55 -22.37
CA ASP B 923 -16.42 109.07 -22.01
C ASP B 923 -16.73 107.75 -22.70
N SER B 924 -16.38 107.64 -23.98
CA SER B 924 -16.72 106.44 -24.73
C SER B 924 -16.02 105.21 -24.15
N LEU B 925 -14.78 105.38 -23.69
CA LEU B 925 -14.13 104.28 -22.97
C LEU B 925 -14.65 104.16 -21.55
N SER B 926 -14.95 105.28 -20.89
CA SER B 926 -15.39 105.22 -19.50
C SER B 926 -16.82 104.69 -19.37
N SER B 927 -17.69 104.99 -20.34
CA SER B 927 -19.08 104.58 -20.24
C SER B 927 -19.20 103.07 -20.36
N THR B 928 -18.82 102.52 -21.50
CA THR B 928 -18.94 101.10 -21.77
C THR B 928 -17.57 100.43 -21.65
N PRO B 929 -17.51 99.34 -20.89
CA PRO B 929 -16.28 98.62 -20.63
C PRO B 929 -15.94 97.60 -21.72
N SER B 930 -16.81 97.43 -22.71
CA SER B 930 -16.57 96.53 -23.82
C SER B 930 -15.73 97.17 -24.92
N ALA B 931 -15.33 98.43 -24.74
CA ALA B 931 -14.50 99.09 -25.76
C ALA B 931 -13.16 98.40 -25.92
N LEU B 932 -12.50 98.08 -24.80
CA LEU B 932 -11.21 97.39 -24.83
C LEU B 932 -11.41 95.89 -24.75
N GLY B 933 -12.27 95.36 -25.60
CA GLY B 933 -12.53 93.94 -25.62
C GLY B 933 -11.53 93.19 -26.47
N LYS B 934 -10.77 93.92 -27.29
CA LYS B 934 -9.75 93.27 -28.11
C LYS B 934 -8.55 92.87 -27.29
N LEU B 935 -8.07 93.78 -26.42
CA LEU B 935 -6.92 93.46 -25.58
C LEU B 935 -7.31 92.52 -24.45
N GLN B 936 -8.54 92.63 -23.96
CA GLN B 936 -8.98 91.72 -22.92
C GLN B 936 -9.16 90.31 -23.44
N ASP B 937 -9.64 90.17 -24.68
CA ASP B 937 -9.84 88.84 -25.25
C ASP B 937 -8.51 88.10 -25.38
N VAL B 938 -7.42 88.83 -25.60
CA VAL B 938 -6.11 88.21 -25.66
C VAL B 938 -5.74 87.66 -24.28
N VAL B 939 -6.03 88.41 -23.23
CA VAL B 939 -5.66 88.00 -21.88
C VAL B 939 -6.45 86.76 -21.47
N ASN B 940 -7.75 86.74 -21.75
CA ASN B 940 -8.56 85.59 -21.35
C ASN B 940 -8.13 84.32 -22.08
N GLN B 941 -7.83 84.43 -23.37
CA GLN B 941 -7.47 83.26 -24.15
C GLN B 941 -6.20 82.61 -23.60
N ASN B 942 -5.23 83.42 -23.21
CA ASN B 942 -3.99 82.86 -22.68
C ASN B 942 -4.21 82.21 -21.33
N ALA B 943 -4.95 82.87 -20.44
CA ALA B 943 -5.19 82.32 -19.11
C ALA B 943 -5.98 81.03 -19.18
N GLN B 944 -7.03 80.99 -20.01
CA GLN B 944 -7.81 79.76 -20.15
C GLN B 944 -6.94 78.63 -20.69
N ALA B 945 -6.05 78.92 -21.64
CA ALA B 945 -5.17 77.89 -22.16
C ALA B 945 -4.23 77.38 -21.08
N LEU B 946 -3.75 78.27 -20.22
CA LEU B 946 -2.88 77.84 -19.13
C LEU B 946 -3.64 77.08 -18.06
N ASN B 947 -4.85 77.53 -17.72
CA ASN B 947 -5.64 76.82 -16.72
C ASN B 947 -6.01 75.43 -17.22
N THR B 948 -6.34 75.30 -18.50
CA THR B 948 -6.59 73.98 -19.06
C THR B 948 -5.33 73.12 -19.01
N LEU B 949 -4.16 73.74 -19.18
CA LEU B 949 -2.92 72.99 -19.08
C LEU B 949 -2.72 72.45 -17.67
N VAL B 950 -3.03 73.25 -16.65
CA VAL B 950 -2.85 72.81 -15.28
C VAL B 950 -3.87 71.73 -14.93
N LYS B 951 -5.14 71.97 -15.26
CA LYS B 951 -6.20 71.03 -14.88
C LYS B 951 -6.02 69.68 -15.55
N GLN B 952 -5.25 69.60 -16.63
CA GLN B 952 -4.97 68.31 -17.24
C GLN B 952 -4.08 67.43 -16.37
N LEU B 953 -3.52 67.99 -15.29
CA LEU B 953 -2.76 67.17 -14.36
C LEU B 953 -3.67 66.26 -13.55
N SER B 954 -4.93 66.62 -13.42
CA SER B 954 -5.93 65.79 -12.73
C SER B 954 -6.67 64.90 -13.71
N SER B 955 -5.93 64.15 -14.51
CA SER B 955 -6.54 63.19 -15.43
C SER B 955 -5.71 61.93 -15.44
N ASN B 956 -6.40 60.79 -15.45
CA ASN B 956 -5.72 59.50 -15.32
C ASN B 956 -5.07 59.04 -16.62
N PHE B 957 -5.65 59.41 -17.76
CA PHE B 957 -5.18 58.93 -19.07
C PHE B 957 -5.11 57.42 -19.10
N GLY B 958 -6.09 56.76 -18.48
CA GLY B 958 -6.13 55.32 -18.43
C GLY B 958 -5.30 54.69 -17.35
N ALA B 959 -4.65 55.48 -16.49
CA ALA B 959 -3.89 54.95 -15.38
C ALA B 959 -4.80 54.82 -14.16
N ILE B 960 -4.22 54.34 -13.05
CA ILE B 960 -5.01 54.13 -11.84
C ILE B 960 -5.24 55.44 -11.10
N SER B 961 -4.17 56.17 -10.80
CA SER B 961 -4.26 57.40 -10.03
C SER B 961 -3.55 58.53 -10.75
N SER B 962 -4.03 59.76 -10.51
CA SER B 962 -3.45 60.95 -11.11
C SER B 962 -2.28 61.51 -10.31
N VAL B 963 -2.03 61.00 -9.12
CA VAL B 963 -0.91 61.45 -8.30
C VAL B 963 0.29 60.54 -8.55
N LEU B 964 1.45 61.15 -8.72
CA LEU B 964 2.64 60.37 -9.06
C LEU B 964 3.11 59.53 -7.89
N ASN B 965 3.08 60.08 -6.68
CA ASN B 965 3.53 59.31 -5.52
C ASN B 965 2.55 58.21 -5.15
N ASP B 966 1.25 58.44 -5.36
CA ASP B 966 0.26 57.43 -5.02
C ASP B 966 0.42 56.18 -5.89
N ILE B 967 0.60 56.37 -7.20
CA ILE B 967 0.81 55.21 -8.07
C ILE B 967 2.14 54.56 -7.78
N LEU B 968 3.13 55.32 -7.31
CA LEU B 968 4.44 54.75 -7.02
C LEU B 968 4.39 53.88 -5.77
N SER B 969 3.74 54.36 -4.71
CA SER B 969 3.69 53.62 -3.47
C SER B 969 2.75 52.42 -3.56
N ARG B 970 1.61 52.58 -4.23
CA ARG B 970 0.59 51.54 -4.24
C ARG B 970 1.09 50.27 -4.90
N LEU B 971 1.79 50.38 -6.02
CA LEU B 971 2.21 49.23 -6.80
C LEU B 971 3.73 49.09 -6.73
N ASP B 972 4.21 48.02 -7.34
CA ASP B 972 5.61 47.63 -7.51
C ASP B 972 6.19 48.26 -8.76
N PRO B 973 7.51 48.49 -8.77
CA PRO B 973 8.16 49.15 -9.91
C PRO B 973 7.94 48.40 -11.22
N PRO B 974 7.91 47.06 -11.24
CA PRO B 974 7.60 46.39 -12.52
C PRO B 974 6.23 46.77 -13.09
N GLU B 975 5.23 46.99 -12.24
CA GLU B 975 3.91 47.38 -12.71
C GLU B 975 3.71 48.88 -12.79
N ALA B 976 4.29 49.63 -11.85
CA ALA B 976 4.14 51.09 -11.87
C ALA B 976 4.73 51.72 -13.12
N GLU B 977 5.68 51.03 -13.77
CA GLU B 977 6.26 51.57 -14.99
C GLU B 977 5.22 51.70 -16.09
N VAL B 978 4.32 50.71 -16.22
CA VAL B 978 3.25 50.81 -17.19
C VAL B 978 2.32 51.96 -16.85
N GLN B 979 1.94 52.08 -15.58
CA GLN B 979 1.07 53.18 -15.17
C GLN B 979 1.80 54.52 -15.27
N ILE B 980 3.12 54.52 -15.06
CA ILE B 980 3.91 55.73 -15.28
C ILE B 980 3.88 56.09 -16.75
N ASP B 981 4.01 55.10 -17.64
CA ASP B 981 4.00 55.37 -19.07
C ASP B 981 2.68 55.97 -19.52
N ARG B 982 1.56 55.48 -18.97
CA ARG B 982 0.27 56.01 -19.39
C ARG B 982 0.11 57.47 -19.02
N LEU B 983 0.59 57.87 -17.84
CA LEU B 983 0.46 59.26 -17.43
C LEU B 983 1.35 60.18 -18.26
N ILE B 984 2.63 59.82 -18.43
CA ILE B 984 3.55 60.72 -19.11
C ILE B 984 3.13 60.92 -20.56
N THR B 985 2.73 59.86 -21.25
CA THR B 985 2.23 60.01 -22.61
C THR B 985 1.00 60.91 -22.63
N GLY B 986 0.11 60.76 -21.66
CA GLY B 986 -1.02 61.66 -21.56
C GLY B 986 -0.60 63.09 -21.26
N ARG B 987 0.47 63.26 -20.49
CA ARG B 987 0.94 64.59 -20.17
C ARG B 987 1.82 65.18 -21.27
N LEU B 988 2.47 64.34 -22.08
CA LEU B 988 3.19 64.85 -23.24
C LEU B 988 2.24 65.46 -24.25
N GLN B 989 1.14 64.77 -24.55
CA GLN B 989 0.18 65.31 -25.51
C GLN B 989 -0.44 66.59 -24.98
N SER B 990 -0.74 66.64 -23.69
CA SER B 990 -1.36 67.82 -23.11
C SER B 990 -0.41 69.01 -23.17
N LEU B 991 0.89 68.76 -23.01
CA LEU B 991 1.89 69.81 -23.23
C LEU B 991 2.13 70.06 -24.71
N GLN B 992 2.05 69.02 -25.53
CA GLN B 992 2.22 69.20 -26.97
C GLN B 992 1.09 70.04 -27.55
N THR B 993 -0.14 69.80 -27.11
CA THR B 993 -1.26 70.57 -27.62
C THR B 993 -1.15 72.03 -27.23
N TYR B 994 -0.73 72.32 -26.00
CA TYR B 994 -0.68 73.69 -25.54
C TYR B 994 0.30 74.52 -26.36
N VAL B 995 1.46 73.96 -26.68
CA VAL B 995 2.43 74.72 -27.46
C VAL B 995 1.92 74.97 -28.87
N THR B 996 1.27 73.99 -29.47
CA THR B 996 0.76 74.18 -30.82
C THR B 996 -0.28 75.29 -30.87
N GLN B 997 -1.21 75.32 -29.92
CA GLN B 997 -2.18 76.40 -29.90
C GLN B 997 -1.52 77.73 -29.55
N GLN B 998 -0.36 77.69 -28.89
CA GLN B 998 0.39 78.92 -28.63
C GLN B 998 1.05 79.43 -29.90
N LEU B 999 1.56 78.52 -30.73
CA LEU B 999 2.23 78.93 -31.95
C LEU B 999 1.24 79.52 -32.94
N ILE B 1000 0.02 78.98 -32.97
CA ILE B 1000 -1.02 79.52 -33.83
C ILE B 1000 -1.52 80.85 -33.30
N ARG B 1001 -1.62 80.99 -31.98
CA ARG B 1001 -2.11 82.23 -31.39
C ARG B 1001 -1.05 83.31 -31.47
N ALA B 1002 0.22 82.97 -31.26
CA ALA B 1002 1.27 83.96 -31.33
C ALA B 1002 1.46 84.49 -32.74
N ALA B 1003 1.11 83.71 -33.75
CA ALA B 1003 1.14 84.20 -35.12
C ALA B 1003 -0.05 85.07 -35.46
N GLU B 1004 -1.12 85.00 -34.67
CA GLU B 1004 -2.23 85.91 -34.82
C GLU B 1004 -1.95 87.26 -34.18
N ILE B 1005 -1.04 87.30 -33.21
CA ILE B 1005 -0.64 88.56 -32.59
C ILE B 1005 0.45 89.23 -33.39
N ARG B 1006 1.32 88.45 -34.04
CA ARG B 1006 2.34 89.05 -34.89
C ARG B 1006 1.73 89.72 -36.10
N ALA B 1007 0.58 89.23 -36.56
CA ALA B 1007 -0.13 89.89 -37.64
C ALA B 1007 -0.86 91.14 -37.18
N SER B 1008 -1.05 91.32 -35.87
CA SER B 1008 -1.58 92.54 -35.29
C SER B 1008 -0.50 93.51 -34.85
N ALA B 1009 0.68 93.00 -34.50
CA ALA B 1009 1.81 93.87 -34.19
C ALA B 1009 2.45 94.42 -35.45
N ASN B 1010 2.29 93.73 -36.58
CA ASN B 1010 2.75 94.26 -37.85
C ASN B 1010 1.77 95.27 -38.42
N LEU B 1011 0.49 95.14 -38.10
CA LEU B 1011 -0.48 96.13 -38.53
C LEU B 1011 -0.39 97.39 -37.69
N ALA B 1012 -0.21 97.25 -36.38
CA ALA B 1012 -0.06 98.42 -35.54
C ALA B 1012 1.26 99.14 -35.79
N ALA B 1013 2.30 98.40 -36.15
CA ALA B 1013 3.56 99.03 -36.55
C ALA B 1013 3.41 99.75 -37.88
N THR B 1014 2.49 99.29 -38.72
CA THR B 1014 2.21 99.93 -40.00
C THR B 1014 1.23 101.07 -39.86
N LYS B 1015 0.31 101.00 -38.91
CA LYS B 1015 -0.59 102.10 -38.67
C LYS B 1015 0.08 103.22 -37.92
N MET B 1016 1.27 103.00 -37.40
CA MET B 1016 2.04 104.06 -36.77
C MET B 1016 3.05 104.70 -37.70
N SER B 1017 3.58 103.95 -38.65
CA SER B 1017 4.46 104.53 -39.64
C SER B 1017 3.71 105.39 -40.62
N GLU B 1018 2.45 105.07 -40.90
CA GLU B 1018 1.71 105.70 -41.97
C GLU B 1018 0.60 106.62 -41.49
N CYS B 1019 -0.03 106.32 -40.36
CA CYS B 1019 -1.04 107.22 -39.83
C CYS B 1019 -0.43 108.27 -38.90
N VAL B 1020 0.41 107.85 -37.97
CA VAL B 1020 0.97 108.78 -36.98
C VAL B 1020 2.12 109.58 -37.58
N LEU B 1021 3.10 108.90 -38.16
CA LEU B 1021 4.31 109.55 -38.67
C LEU B 1021 4.14 109.97 -40.12
N GLY B 1022 3.04 110.63 -40.40
CA GLY B 1022 2.72 111.06 -41.75
C GLY B 1022 1.23 110.92 -42.00
N GLN B 1023 0.75 111.63 -43.02
CA GLN B 1023 -0.67 111.67 -43.32
C GLN B 1023 -0.99 110.67 -44.43
N SER B 1024 -2.04 109.89 -44.22
CA SER B 1024 -2.36 108.76 -45.07
C SER B 1024 -3.38 109.14 -46.13
N LYS B 1025 -3.28 108.49 -47.29
CA LYS B 1025 -4.25 108.61 -48.35
C LYS B 1025 -4.89 107.27 -48.68
N ARG B 1026 -4.73 106.28 -47.81
CA ARG B 1026 -5.36 104.99 -47.97
C ARG B 1026 -6.72 105.02 -47.29
N VAL B 1027 -7.77 104.68 -48.03
CA VAL B 1027 -9.12 104.85 -47.52
C VAL B 1027 -9.39 103.89 -46.39
N ASP B 1028 -10.03 104.39 -45.34
CA ASP B 1028 -10.45 103.63 -44.17
C ASP B 1028 -9.29 102.98 -43.44
N PHE B 1029 -8.05 103.29 -43.80
CA PHE B 1029 -6.92 102.77 -43.06
C PHE B 1029 -6.81 103.44 -41.70
N CYS B 1030 -6.71 104.76 -41.70
CA CYS B 1030 -6.65 105.53 -40.47
C CYS B 1030 -8.00 106.21 -40.19
N GLY B 1031 -9.02 105.39 -39.96
CA GLY B 1031 -10.31 105.89 -39.58
C GLY B 1031 -11.17 106.26 -40.78
N LYS B 1032 -12.48 106.29 -40.54
CA LYS B 1032 -13.46 106.56 -41.59
C LYS B 1032 -13.64 108.07 -41.73
N GLY B 1033 -13.19 108.61 -42.85
CA GLY B 1033 -13.18 110.02 -43.13
C GLY B 1033 -12.02 110.33 -44.03
N TYR B 1034 -11.62 111.59 -44.06
CA TYR B 1034 -10.40 112.00 -44.74
C TYR B 1034 -9.34 112.24 -43.67
N HIS B 1035 -8.29 111.45 -43.69
CA HIS B 1035 -7.33 111.41 -42.59
C HIS B 1035 -6.63 112.74 -42.43
N LEU B 1036 -6.49 113.18 -41.19
CA LEU B 1036 -5.71 114.36 -40.85
C LEU B 1036 -4.46 114.01 -40.05
N MET B 1037 -4.61 113.35 -38.91
CA MET B 1037 -3.47 112.90 -38.12
C MET B 1037 -3.98 111.92 -37.08
N SER B 1038 -3.03 111.22 -36.44
CA SER B 1038 -3.38 110.27 -35.40
C SER B 1038 -2.42 110.41 -34.24
N PHE B 1039 -2.87 109.97 -33.08
CA PHE B 1039 -2.10 110.08 -31.85
C PHE B 1039 -2.11 108.72 -31.17
N PRO B 1040 -0.97 108.10 -30.95
CA PRO B 1040 -0.95 106.80 -30.29
C PRO B 1040 -1.17 106.95 -28.79
N GLN B 1041 -1.85 105.98 -28.22
CA GLN B 1041 -1.97 105.88 -26.77
C GLN B 1041 -1.68 104.44 -26.39
N SER B 1042 -0.76 104.24 -25.46
CA SER B 1042 -0.44 102.89 -25.06
C SER B 1042 -1.58 102.27 -24.27
N ALA B 1043 -1.51 100.97 -24.10
CA ALA B 1043 -2.51 100.21 -23.35
C ALA B 1043 -1.87 98.90 -22.94
N PRO B 1044 -2.45 98.18 -21.99
CA PRO B 1044 -1.83 96.92 -21.56
C PRO B 1044 -1.84 95.90 -22.68
N HIS B 1045 -0.65 95.52 -23.15
CA HIS B 1045 -0.48 94.56 -24.24
C HIS B 1045 -1.15 95.04 -25.52
N GLY B 1046 -1.05 96.33 -25.80
CA GLY B 1046 -1.76 96.85 -26.96
C GLY B 1046 -1.45 98.30 -27.20
N VAL B 1047 -2.20 98.89 -28.12
CA VAL B 1047 -2.03 100.29 -28.48
C VAL B 1047 -3.36 100.80 -29.00
N VAL B 1048 -3.65 102.06 -28.72
CA VAL B 1048 -4.88 102.71 -29.15
C VAL B 1048 -4.50 103.88 -30.03
N PHE B 1049 -5.08 103.95 -31.22
CA PHE B 1049 -4.87 105.04 -32.15
C PHE B 1049 -6.11 105.92 -32.13
N LEU B 1050 -5.90 107.23 -32.03
CA LEU B 1050 -7.00 108.19 -32.12
C LEU B 1050 -6.90 108.87 -33.47
N HIS B 1051 -7.75 108.46 -34.40
CA HIS B 1051 -7.62 108.87 -35.79
C HIS B 1051 -8.41 110.15 -36.00
N VAL B 1052 -7.72 111.27 -36.10
CA VAL B 1052 -8.37 112.56 -36.36
C VAL B 1052 -8.68 112.64 -37.86
N THR B 1053 -9.95 112.66 -38.20
CA THR B 1053 -10.36 112.69 -39.60
C THR B 1053 -11.33 113.84 -39.83
N TYR B 1054 -11.30 114.35 -41.05
CA TYR B 1054 -12.15 115.45 -41.51
C TYR B 1054 -13.33 114.87 -42.26
N VAL B 1055 -14.54 115.12 -41.77
CA VAL B 1055 -15.75 114.57 -42.36
C VAL B 1055 -16.54 115.73 -42.98
N PRO B 1056 -16.86 115.68 -44.27
CA PRO B 1056 -17.70 116.72 -44.85
C PRO B 1056 -19.11 116.67 -44.30
N ALA B 1057 -19.78 117.81 -44.29
CA ALA B 1057 -21.12 117.88 -43.75
C ALA B 1057 -21.87 119.03 -44.41
N GLN B 1058 -23.19 118.97 -44.31
CA GLN B 1058 -24.09 120.00 -44.84
C GLN B 1058 -23.94 120.16 -46.35
N GLU B 1059 -24.26 119.09 -47.07
CA GLU B 1059 -24.19 119.13 -48.52
C GLU B 1059 -25.33 119.98 -49.08
N LYS B 1060 -25.08 120.59 -50.23
CA LYS B 1060 -26.04 121.44 -50.91
C LYS B 1060 -26.08 121.07 -52.38
N ASN B 1061 -27.28 120.92 -52.93
CA ASN B 1061 -27.42 120.61 -54.34
C ASN B 1061 -26.96 121.78 -55.19
N PHE B 1062 -26.42 121.48 -56.36
CA PHE B 1062 -26.03 122.50 -57.32
C PHE B 1062 -26.25 121.94 -58.73
N THR B 1063 -25.99 122.78 -59.73
CA THR B 1063 -26.06 122.37 -61.12
C THR B 1063 -24.67 122.50 -61.73
N THR B 1064 -24.19 121.41 -62.30
CA THR B 1064 -22.81 121.33 -62.79
C THR B 1064 -22.77 121.41 -64.30
N ALA B 1065 -21.55 121.60 -64.82
CA ALA B 1065 -21.32 121.68 -66.23
C ALA B 1065 -19.91 121.19 -66.50
N PRO B 1066 -19.73 120.25 -67.43
CA PRO B 1066 -18.35 119.82 -67.76
C PRO B 1066 -17.46 120.95 -68.21
N ALA B 1067 -17.98 121.88 -68.99
CA ALA B 1067 -17.20 122.99 -69.51
C ALA B 1067 -18.14 124.11 -69.90
N ILE B 1068 -17.57 125.30 -70.10
CA ILE B 1068 -18.34 126.46 -70.51
C ILE B 1068 -17.69 127.06 -71.75
N CYS B 1069 -18.53 127.54 -72.68
CA CYS B 1069 -18.06 128.18 -73.89
C CYS B 1069 -18.34 129.67 -73.82
N HIS B 1070 -17.31 130.48 -74.09
CA HIS B 1070 -17.43 131.92 -74.06
C HIS B 1070 -17.11 132.55 -75.41
N ASP B 1071 -16.01 132.16 -76.04
CA ASP B 1071 -15.60 132.70 -77.32
C ASP B 1071 -15.45 131.60 -78.35
N GLY B 1072 -16.36 130.63 -78.35
CA GLY B 1072 -16.23 129.49 -79.22
C GLY B 1072 -15.17 128.50 -78.79
N LYS B 1073 -14.67 128.62 -77.56
CA LYS B 1073 -13.69 127.71 -77.00
C LYS B 1073 -14.20 127.14 -75.69
N ALA B 1074 -13.76 125.93 -75.37
CA ALA B 1074 -14.21 125.23 -74.17
C ALA B 1074 -13.27 125.51 -73.01
N HIS B 1075 -13.85 125.82 -71.86
CA HIS B 1075 -13.08 126.13 -70.65
C HIS B 1075 -13.33 125.06 -69.60
N PHE B 1076 -12.23 124.47 -69.09
CA PHE B 1076 -12.28 123.48 -68.04
C PHE B 1076 -11.64 124.02 -66.77
N PRO B 1077 -12.21 123.75 -65.60
CA PRO B 1077 -11.63 124.28 -64.37
C PRO B 1077 -10.27 123.67 -64.11
N ARG B 1078 -9.38 124.48 -63.54
CA ARG B 1078 -8.05 124.00 -63.22
C ARG B 1078 -8.09 123.01 -62.05
N GLU B 1079 -8.59 123.47 -60.91
CA GLU B 1079 -8.77 122.63 -59.72
C GLU B 1079 -10.11 123.03 -59.11
N GLY B 1080 -11.15 122.33 -59.50
CA GLY B 1080 -12.47 122.64 -59.00
C GLY B 1080 -13.55 122.12 -59.94
N VAL B 1081 -14.79 122.44 -59.58
CA VAL B 1081 -15.97 122.02 -60.33
C VAL B 1081 -16.86 123.24 -60.53
N PHE B 1082 -17.42 123.35 -61.73
CA PHE B 1082 -18.34 124.45 -62.02
C PHE B 1082 -19.68 124.20 -61.34
N VAL B 1083 -20.19 125.23 -60.66
CA VAL B 1083 -21.49 125.13 -60.01
C VAL B 1083 -22.32 126.35 -60.39
N SER B 1084 -23.62 126.25 -60.13
CA SER B 1084 -24.56 127.30 -60.47
C SER B 1084 -25.70 127.30 -59.46
N ASN B 1085 -25.97 128.45 -58.86
CA ASN B 1085 -27.08 128.58 -57.93
C ASN B 1085 -28.41 128.76 -58.64
N GLY B 1086 -28.47 128.45 -59.93
CA GLY B 1086 -29.65 128.64 -60.74
C GLY B 1086 -29.66 129.92 -61.53
N THR B 1087 -28.86 130.90 -61.14
CA THR B 1087 -28.78 132.18 -61.86
C THR B 1087 -27.40 132.43 -62.43
N HIS B 1088 -26.36 132.35 -61.60
CA HIS B 1088 -25.00 132.62 -62.04
C HIS B 1088 -24.18 131.34 -62.02
N TRP B 1089 -22.95 131.43 -62.49
CA TRP B 1089 -22.02 130.31 -62.53
C TRP B 1089 -20.78 130.64 -61.73
N PHE B 1090 -20.28 129.65 -60.99
CA PHE B 1090 -19.10 129.82 -60.17
C PHE B 1090 -18.22 128.58 -60.31
N VAL B 1091 -16.95 128.73 -59.98
CA VAL B 1091 -16.03 127.62 -59.83
C VAL B 1091 -15.68 127.50 -58.35
N THR B 1092 -15.72 126.29 -57.83
CA THR B 1092 -15.42 126.06 -56.43
C THR B 1092 -14.60 124.79 -56.29
N GLN B 1093 -13.83 124.71 -55.22
CA GLN B 1093 -13.09 123.48 -54.95
C GLN B 1093 -14.07 122.35 -54.70
N ARG B 1094 -13.70 121.14 -55.12
CA ARG B 1094 -14.65 120.05 -55.15
C ARG B 1094 -15.08 119.59 -53.76
N ASN B 1095 -14.35 119.95 -52.72
CA ASN B 1095 -14.60 119.42 -51.39
C ASN B 1095 -15.21 120.43 -50.42
N PHE B 1096 -15.48 121.65 -50.85
CA PHE B 1096 -15.97 122.68 -49.95
C PHE B 1096 -16.55 123.82 -50.78
N TYR B 1097 -17.74 124.27 -50.43
CA TYR B 1097 -18.45 125.26 -51.25
C TYR B 1097 -17.83 126.64 -51.00
N GLU B 1098 -16.93 127.04 -51.89
CA GLU B 1098 -16.29 128.35 -51.85
C GLU B 1098 -16.37 128.93 -53.26
N PRO B 1099 -17.54 129.43 -53.66
CA PRO B 1099 -17.72 129.84 -55.05
C PRO B 1099 -16.82 131.01 -55.43
N GLN B 1100 -16.32 130.99 -56.66
CA GLN B 1100 -15.43 132.02 -57.17
C GLN B 1100 -15.89 132.42 -58.56
N ILE B 1101 -15.48 133.63 -58.97
CA ILE B 1101 -15.77 134.10 -60.31
C ILE B 1101 -14.95 133.31 -61.31
N ILE B 1102 -15.57 132.94 -62.44
CA ILE B 1102 -14.87 132.18 -63.46
C ILE B 1102 -13.98 133.11 -64.26
N THR B 1103 -12.73 133.25 -63.84
CA THR B 1103 -11.78 134.08 -64.55
C THR B 1103 -10.94 133.21 -65.48
N THR B 1104 -10.07 133.86 -66.24
CA THR B 1104 -9.18 133.11 -67.13
C THR B 1104 -8.17 132.30 -66.35
N ASP B 1105 -7.74 132.80 -65.20
CA ASP B 1105 -6.77 132.07 -64.38
C ASP B 1105 -7.41 130.87 -63.68
N ASN B 1106 -8.68 130.96 -63.31
CA ASN B 1106 -9.35 129.84 -62.65
C ASN B 1106 -9.53 128.63 -63.54
N THR B 1107 -9.35 128.78 -64.85
CA THR B 1107 -9.61 127.70 -65.78
C THR B 1107 -8.51 127.65 -66.83
N PHE B 1108 -8.57 126.61 -67.66
CA PHE B 1108 -7.68 126.47 -68.79
C PHE B 1108 -8.50 126.05 -70.00
N VAL B 1109 -8.00 126.38 -71.18
CA VAL B 1109 -8.75 126.23 -72.43
C VAL B 1109 -8.12 125.12 -73.25
N SER B 1110 -8.97 124.26 -73.83
CA SER B 1110 -8.48 123.19 -74.69
C SER B 1110 -9.59 122.83 -75.69
N GLY B 1111 -9.50 123.39 -76.89
CA GLY B 1111 -10.43 123.04 -77.95
C GLY B 1111 -11.51 124.06 -78.23
N ASN B 1112 -12.69 123.58 -78.59
CA ASN B 1112 -13.82 124.43 -78.95
C ASN B 1112 -15.09 123.81 -78.38
N CYS B 1113 -16.25 124.29 -78.82
CA CYS B 1113 -17.53 123.87 -78.27
C CYS B 1113 -18.06 122.59 -78.87
N ASP B 1114 -17.36 121.98 -79.82
CA ASP B 1114 -17.94 120.88 -80.57
C ASP B 1114 -17.83 119.57 -79.80
N VAL B 1115 -16.61 119.18 -79.43
CA VAL B 1115 -16.35 117.81 -78.99
C VAL B 1115 -17.07 117.50 -77.68
N VAL B 1116 -17.06 118.42 -76.73
CA VAL B 1116 -17.53 118.14 -75.39
C VAL B 1116 -19.03 117.95 -75.37
N ILE B 1117 -19.50 116.91 -74.70
CA ILE B 1117 -20.92 116.68 -74.47
C ILE B 1117 -21.31 117.36 -73.18
N GLY B 1118 -22.42 118.08 -73.19
CA GLY B 1118 -22.93 118.73 -72.00
C GLY B 1118 -22.39 120.10 -71.73
N ILE B 1119 -21.60 120.68 -72.64
CA ILE B 1119 -21.06 122.00 -72.42
C ILE B 1119 -22.18 123.03 -72.32
N VAL B 1120 -21.96 124.08 -71.55
CA VAL B 1120 -22.95 125.12 -71.37
C VAL B 1120 -22.36 126.46 -71.81
N ASN B 1121 -23.25 127.41 -72.06
CA ASN B 1121 -22.88 128.73 -72.53
C ASN B 1121 -22.78 129.68 -71.34
N ASN B 1122 -21.66 130.39 -71.25
CA ASN B 1122 -21.51 131.43 -70.23
C ASN B 1122 -20.34 132.32 -70.61
N THR B 1123 -20.01 133.25 -69.72
CA THR B 1123 -18.94 134.21 -69.93
C THR B 1123 -17.85 133.99 -68.90
N VAL B 1124 -16.59 134.01 -69.37
CA VAL B 1124 -15.43 133.89 -68.51
C VAL B 1124 -14.78 135.26 -68.41
N TYR B 1125 -14.65 135.76 -67.19
CA TYR B 1125 -14.07 137.07 -66.97
C TYR B 1125 -12.58 137.04 -67.29
N ASP B 1126 -12.08 138.12 -67.88
CA ASP B 1126 -10.66 138.25 -68.19
C ASP B 1126 -10.06 139.33 -67.30
N PRO B 1127 -9.07 139.01 -66.46
CA PRO B 1127 -8.54 140.02 -65.54
C PRO B 1127 -7.87 141.18 -66.23
N LEU B 1128 -7.43 141.03 -67.49
CA LEU B 1128 -6.71 142.09 -68.16
C LEU B 1128 -7.62 143.16 -68.75
N GLN B 1129 -8.93 142.95 -68.74
CA GLN B 1129 -9.84 143.95 -69.31
C GLN B 1129 -9.74 145.30 -68.61
N PRO B 1130 -9.82 145.41 -67.28
CA PRO B 1130 -9.62 146.74 -66.66
C PRO B 1130 -8.24 147.32 -66.91
N GLU B 1131 -7.20 146.47 -66.99
CA GLU B 1131 -5.87 146.99 -67.25
C GLU B 1131 -5.72 147.43 -68.69
N LEU B 1132 -6.21 146.63 -69.64
CA LEU B 1132 -6.13 146.99 -71.05
C LEU B 1132 -6.97 148.23 -71.34
N ASP B 1133 -8.18 148.30 -70.78
CA ASP B 1133 -9.02 149.48 -70.98
C ASP B 1133 -8.39 150.71 -70.32
N SER B 1134 -7.84 150.56 -69.12
CA SER B 1134 -7.21 151.67 -68.44
C SER B 1134 -5.69 151.57 -68.49
N GLN C 3 12.61 16.15 23.54
CA GLN C 3 11.72 17.04 22.82
C GLN C 3 12.50 17.94 21.87
N LEU C 4 13.45 18.68 22.43
CA LEU C 4 14.30 19.59 21.65
C LEU C 4 15.71 19.04 21.65
N VAL C 5 16.09 18.38 20.56
CA VAL C 5 17.42 17.83 20.39
C VAL C 5 18.28 18.88 19.70
N GLU C 6 19.45 19.15 20.28
CA GLU C 6 20.34 20.19 19.78
C GLU C 6 21.70 19.59 19.48
N SER C 7 22.44 20.27 18.60
CA SER C 7 23.75 19.82 18.17
C SER C 7 24.73 20.99 18.25
N GLY C 8 25.99 20.72 17.88
CA GLY C 8 27.02 21.73 17.88
C GLY C 8 27.76 21.81 19.20
N GLY C 9 28.81 22.62 19.20
CA GLY C 9 29.61 22.87 20.38
C GLY C 9 30.93 22.11 20.36
N GLY C 10 31.87 22.61 21.14
CA GLY C 10 33.18 22.00 21.26
C GLY C 10 34.21 23.04 21.63
N LEU C 11 35.43 22.55 21.82
CA LEU C 11 36.54 23.46 22.09
C LEU C 11 36.84 24.31 20.87
N VAL C 12 37.13 25.58 21.10
CA VAL C 12 37.35 26.54 20.03
C VAL C 12 38.72 27.17 20.19
N GLU C 13 39.20 27.79 19.11
CA GLU C 13 40.51 28.41 19.07
C GLU C 13 40.53 29.81 19.67
N ALA C 14 39.49 30.19 20.41
CA ALA C 14 39.42 31.48 21.11
C ALA C 14 39.57 32.64 20.12
N GLY C 15 38.60 32.72 19.21
CA GLY C 15 38.59 33.78 18.21
C GLY C 15 38.05 33.36 16.86
N GLY C 16 37.87 32.05 16.66
CA GLY C 16 37.31 31.55 15.42
C GLY C 16 35.80 31.68 15.38
N SER C 17 35.13 30.70 14.76
CA SER C 17 33.68 30.70 14.67
C SER C 17 33.16 29.30 14.97
N LEU C 18 31.91 29.24 15.42
CA LEU C 18 31.24 27.98 15.72
C LEU C 18 29.78 28.08 15.28
N ARG C 19 29.16 26.93 15.08
CA ARG C 19 27.76 26.86 14.65
C ARG C 19 27.00 25.92 15.58
N LEU C 20 25.88 26.40 16.11
CA LEU C 20 25.01 25.60 16.97
C LEU C 20 23.64 25.46 16.34
N SER C 21 23.00 24.32 16.61
CA SER C 21 21.69 24.01 16.06
C SER C 21 20.82 23.40 17.15
N CYS C 22 19.51 23.55 16.98
CA CYS C 22 18.54 22.93 17.88
C CYS C 22 17.37 22.43 17.04
N VAL C 23 17.13 21.13 17.08
CA VAL C 23 16.16 20.47 16.22
C VAL C 23 14.94 20.10 17.06
N ALA C 24 13.76 20.46 16.58
CA ALA C 24 12.51 20.08 17.22
C ALA C 24 11.99 18.82 16.56
N SER C 25 11.69 17.81 17.38
CA SER C 25 11.25 16.51 16.89
C SER C 25 9.77 16.27 17.07
N GLY C 26 9.10 17.08 17.90
CA GLY C 26 7.69 16.89 18.15
C GLY C 26 6.91 18.18 18.18
N LEU C 27 7.37 19.17 17.42
CA LEU C 27 6.69 20.45 17.31
C LEU C 27 6.61 20.86 15.85
N THR C 28 5.55 21.61 15.52
CA THR C 28 5.35 22.03 14.13
C THR C 28 6.44 22.98 13.68
N PHE C 29 7.03 23.75 14.59
CA PHE C 29 8.13 24.67 14.38
C PHE C 29 7.74 25.85 13.49
N SER C 30 6.52 25.88 12.95
CA SER C 30 6.07 26.98 12.10
C SER C 30 5.27 28.03 12.84
N ASP C 31 4.72 27.68 14.01
CA ASP C 31 4.01 28.63 14.87
C ASP C 31 4.57 28.61 16.28
N TYR C 32 5.90 28.47 16.40
CA TYR C 32 6.58 28.47 17.69
C TYR C 32 7.76 29.41 17.64
N THR C 33 8.12 29.94 18.81
CA THR C 33 9.20 30.89 18.95
C THR C 33 10.21 30.37 19.97
N MET C 34 11.49 30.39 19.59
CA MET C 34 12.56 29.79 20.36
C MET C 34 13.43 30.88 21.00
N ALA C 35 14.50 30.44 21.66
CA ALA C 35 15.46 31.35 22.30
C ALA C 35 16.70 30.56 22.65
N TRP C 36 17.74 31.28 23.06
CA TRP C 36 18.98 30.69 23.53
C TRP C 36 19.33 31.25 24.89
N PHE C 37 19.62 30.36 25.83
CA PHE C 37 19.92 30.74 27.20
C PHE C 37 21.25 30.10 27.59
N ARG C 38 21.97 30.73 28.52
CA ARG C 38 23.31 30.30 28.89
C ARG C 38 23.35 29.92 30.37
N GLN C 39 24.06 28.84 30.66
CA GLN C 39 24.18 28.31 32.02
C GLN C 39 25.63 28.43 32.47
N VAL C 40 25.83 28.96 33.66
CA VAL C 40 27.16 29.00 34.27
C VAL C 40 27.09 28.38 35.66
N PRO C 41 28.02 27.51 36.03
CA PRO C 41 28.01 26.93 37.38
C PRO C 41 28.21 27.99 38.45
N GLY C 42 27.52 27.80 39.58
CA GLY C 42 27.61 28.73 40.69
C GLY C 42 26.86 30.02 40.51
N GLN C 43 26.08 30.15 39.43
CA GLN C 43 25.38 31.39 39.14
C GLN C 43 24.10 31.05 38.39
N GLU C 44 23.23 32.06 38.26
CA GLU C 44 21.90 31.87 37.68
C GLU C 44 22.01 31.63 36.18
N ARG C 45 20.84 31.46 35.56
CA ARG C 45 20.72 31.21 34.13
C ARG C 45 20.68 32.53 33.37
N GLU C 46 21.45 32.62 32.29
CA GLU C 46 21.55 33.85 31.52
C GLU C 46 20.89 33.70 30.15
N PHE C 47 20.38 34.83 29.65
CA PHE C 47 19.79 34.93 28.33
C PHE C 47 20.81 35.47 27.35
N VAL C 48 20.78 34.97 26.12
CA VAL C 48 21.70 35.45 25.09
C VAL C 48 20.95 35.92 23.85
N SER C 49 20.21 35.03 23.20
CA SER C 49 19.62 35.32 21.91
C SER C 49 18.16 34.88 21.86
N HIS C 50 17.44 35.46 20.90
CA HIS C 50 16.02 35.18 20.71
C HIS C 50 15.67 35.42 19.25
N ILE C 51 14.78 34.58 18.72
CA ILE C 51 14.31 34.68 17.35
C ILE C 51 12.80 34.48 17.31
N GLY C 52 12.11 35.32 16.55
CA GLY C 52 10.67 35.20 16.38
C GLY C 52 10.31 34.28 15.23
N TRP C 53 9.02 34.29 14.88
CA TRP C 53 8.55 33.51 13.75
C TRP C 53 9.26 33.95 12.48
N GLY C 54 9.81 32.99 11.74
CA GLY C 54 10.52 33.30 10.52
C GLY C 54 11.91 33.89 10.68
N GLY C 55 12.04 34.91 11.53
CA GLY C 55 13.33 35.53 11.75
C GLY C 55 13.35 37.01 11.43
N SER C 56 12.19 37.60 11.27
CA SER C 56 12.07 39.02 10.93
C SER C 56 12.08 39.94 12.14
N GLU C 57 12.04 39.39 13.36
CA GLU C 57 12.05 40.19 14.58
C GLU C 57 12.91 39.44 15.60
N THR C 58 14.20 39.75 15.62
CA THR C 58 15.15 39.10 16.51
C THR C 58 15.82 40.13 17.39
N TYR C 59 16.10 39.73 18.63
CA TYR C 59 16.78 40.58 19.60
C TYR C 59 18.01 39.86 20.12
N TYR C 60 18.92 40.63 20.71
CA TYR C 60 20.14 40.08 21.27
C TYR C 60 20.47 40.78 22.58
N ALA C 61 21.29 40.11 23.39
CA ALA C 61 21.64 40.64 24.70
C ALA C 61 22.56 41.86 24.56
N ASP C 62 22.57 42.69 25.59
CA ASP C 62 23.42 43.88 25.59
C ASP C 62 24.90 43.55 25.62
N SER C 63 25.28 42.42 26.21
CA SER C 63 26.67 42.00 26.27
C SER C 63 27.06 41.13 25.08
N VAL C 64 26.13 40.80 24.20
CA VAL C 64 26.40 39.96 23.04
C VAL C 64 25.99 40.62 21.73
N LYS C 65 25.34 41.78 21.78
CA LYS C 65 24.86 42.45 20.58
C LYS C 65 26.00 42.71 19.59
N GLY C 66 25.72 42.44 18.32
CA GLY C 66 26.67 42.70 17.25
C GLY C 66 27.64 41.58 16.96
N ARG C 67 27.65 40.51 17.77
CA ARG C 67 28.64 39.44 17.62
C ARG C 67 28.04 38.19 16.99
N PHE C 68 26.95 37.67 17.56
CA PHE C 68 26.38 36.40 17.14
C PHE C 68 25.15 36.64 16.27
N THR C 69 24.93 35.73 15.32
CA THR C 69 23.81 35.82 14.39
C THR C 69 22.89 34.62 14.56
N ILE C 70 21.59 34.88 14.47
CA ILE C 70 20.57 33.86 14.65
C ILE C 70 19.79 33.71 13.35
N SER C 71 19.26 32.51 13.12
CA SER C 71 18.48 32.24 11.93
C SER C 71 17.62 31.00 12.17
N ARG C 72 16.57 30.86 11.37
CA ARG C 72 15.70 29.69 11.47
C ARG C 72 15.24 29.30 10.07
N ASP C 73 14.86 28.04 9.94
CA ASP C 73 14.41 27.49 8.67
C ASP C 73 13.45 26.34 8.94
N ASN C 74 12.22 26.46 8.41
CA ASN C 74 11.17 25.49 8.68
C ASN C 74 11.28 24.22 7.86
N ALA C 75 12.15 24.20 6.83
CA ALA C 75 12.24 23.04 5.97
C ALA C 75 12.81 21.81 6.67
N LYS C 76 13.37 21.98 7.87
CA LYS C 76 13.95 20.86 8.61
C LYS C 76 13.59 20.88 10.09
N ASN C 77 12.69 21.76 10.52
CA ASN C 77 12.30 21.89 11.93
C ASN C 77 13.51 22.18 12.82
N ALA C 78 14.34 23.13 12.39
CA ALA C 78 15.52 23.49 13.16
C ALA C 78 15.91 24.92 12.86
N MET C 79 16.67 25.52 13.79
CA MET C 79 17.20 26.85 13.62
C MET C 79 18.69 26.85 13.92
N TYR C 80 19.40 27.84 13.35
CA TYR C 80 20.84 27.88 13.39
C TYR C 80 21.30 29.11 14.16
N LEU C 81 22.21 28.91 15.11
CA LEU C 81 22.88 29.99 15.82
C LEU C 81 24.36 29.91 15.50
N GLN C 82 24.92 30.99 14.97
CA GLN C 82 26.31 31.06 14.55
C GLN C 82 27.04 32.11 15.37
N MET C 83 28.20 31.76 15.91
CA MET C 83 29.03 32.67 16.67
C MET C 83 30.16 33.21 15.79
N ASN C 84 30.68 34.38 16.17
CA ASN C 84 31.73 35.04 15.40
C ASN C 84 32.92 35.49 16.23
N GLU C 85 32.79 35.58 17.56
CA GLU C 85 33.88 36.02 18.41
C GLU C 85 34.38 34.91 19.33
N LEU C 86 33.48 34.30 20.11
CA LEU C 86 33.82 33.24 21.06
C LEU C 86 34.91 33.69 22.03
N LYS C 87 34.57 34.69 22.83
CA LYS C 87 35.48 35.21 23.82
C LYS C 87 35.78 34.14 24.88
N PRO C 88 36.94 34.22 25.52
CA PRO C 88 37.25 33.24 26.58
C PRO C 88 36.46 33.46 27.86
N ASP C 89 35.44 34.34 27.81
CA ASP C 89 34.54 34.54 28.93
C ASP C 89 33.16 33.94 28.70
N ASP C 90 32.80 33.59 27.47
CA ASP C 90 31.48 33.07 27.15
C ASP C 90 31.43 31.55 27.15
N THR C 91 32.52 30.88 27.52
CA THR C 91 32.54 29.44 27.63
C THR C 91 31.60 28.98 28.75
N ALA C 92 30.45 28.44 28.38
CA ALA C 92 29.41 28.10 29.35
C ALA C 92 28.53 27.00 28.77
N VAL C 93 27.41 26.72 29.44
CA VAL C 93 26.50 25.66 29.04
C VAL C 93 25.35 26.29 28.26
N TYR C 94 25.02 25.69 27.13
CA TYR C 94 24.04 26.24 26.20
C TYR C 94 22.72 25.47 26.31
N TYR C 95 21.63 26.20 26.43
CA TYR C 95 20.30 25.62 26.53
C TYR C 95 19.36 26.22 25.49
N CYS C 96 18.65 25.33 24.78
CA CYS C 96 17.72 25.72 23.74
C CYS C 96 16.30 25.70 24.29
N ALA C 97 15.59 26.81 24.13
CA ALA C 97 14.22 26.96 24.59
C ALA C 97 13.30 27.13 23.40
N ALA C 98 11.99 27.06 23.67
CA ALA C 98 10.98 27.25 22.64
C ALA C 98 9.66 27.57 23.31
N ASP C 99 8.77 28.23 22.57
CA ASP C 99 7.42 28.47 23.06
C ASP C 99 6.47 28.71 21.90
N ARG C 100 5.17 28.60 22.20
CA ARG C 100 4.15 28.82 21.19
C ARG C 100 4.19 30.24 20.66
N GLY C 101 4.38 31.22 21.56
CA GLY C 101 4.36 32.61 21.20
C GLY C 101 5.64 33.34 21.59
N SER C 102 5.61 34.65 21.34
CA SER C 102 6.69 35.54 21.73
C SER C 102 6.18 36.46 22.84
N SER C 103 7.06 36.76 23.79
CA SER C 103 6.68 37.49 24.99
C SER C 103 7.39 38.83 25.05
N PHE C 104 6.72 39.82 25.64
CA PHE C 104 7.38 41.08 25.97
C PHE C 104 8.48 40.86 27.00
N TYR C 105 8.20 40.09 28.04
CA TYR C 105 9.25 39.73 28.98
C TYR C 105 10.03 38.54 28.43
N TYR C 106 10.54 38.69 27.20
CA TYR C 106 11.31 37.66 26.53
C TYR C 106 12.66 37.40 27.18
N VAL C 107 13.11 38.26 28.09
CA VAL C 107 14.35 38.00 28.80
C VAL C 107 14.14 37.02 29.95
N ARG C 108 12.92 36.89 30.45
CA ARG C 108 12.64 36.02 31.57
C ARG C 108 12.75 34.56 31.17
N GLU C 109 13.40 33.75 32.01
CA GLU C 109 13.51 32.32 31.73
C GLU C 109 12.18 31.61 31.89
N SER C 110 11.33 32.09 32.81
CA SER C 110 10.03 31.48 33.04
C SER C 110 9.12 31.55 31.83
N GLU C 111 9.40 32.44 30.88
CA GLU C 111 8.57 32.62 29.70
C GLU C 111 8.97 31.69 28.56
N TYR C 112 9.60 30.56 28.87
CA TYR C 112 9.95 29.55 27.88
C TYR C 112 9.61 28.19 28.46
N THR C 113 8.42 27.69 28.14
CA THR C 113 7.94 26.43 28.71
C THR C 113 8.80 25.27 28.26
N PHE C 114 9.17 25.24 26.98
CA PHE C 114 9.94 24.14 26.42
C PHE C 114 11.43 24.44 26.55
N TRP C 115 12.20 23.41 26.91
CA TRP C 115 13.64 23.53 27.04
C TRP C 115 14.29 22.28 26.45
N GLY C 116 15.47 22.47 25.84
CA GLY C 116 16.18 21.41 25.19
C GLY C 116 17.24 20.78 26.07
N GLN C 117 18.13 20.03 25.42
CA GLN C 117 19.26 19.41 26.10
C GLN C 117 20.37 20.44 26.27
N GLY C 118 21.57 19.99 26.60
CA GLY C 118 22.70 20.88 26.84
C GLY C 118 23.82 20.65 25.85
N VAL C 121 24.54 21.73 25.54
CA VAL C 121 25.73 21.69 24.72
C VAL C 121 26.93 21.56 25.63
N THR C 122 28.02 21.00 25.08
CA THR C 122 29.24 20.81 25.85
C THR C 122 29.72 22.11 26.46
N VAL C 123 30.15 22.05 27.73
CA VAL C 123 30.61 23.24 28.42
C VAL C 123 31.92 23.75 27.84
N ALA D 14 51.14 65.06 -1.43
CA ALA D 14 51.04 66.31 -2.16
C ALA D 14 49.88 66.28 -3.13
N TYR D 15 49.47 67.47 -3.59
CA TYR D 15 48.36 67.60 -4.53
C TYR D 15 48.76 68.53 -5.67
N THR D 16 48.23 68.26 -6.85
CA THR D 16 48.54 69.05 -8.04
C THR D 16 47.27 69.25 -8.84
N ASN D 17 47.31 70.21 -9.76
CA ASN D 17 46.16 70.61 -10.56
C ASN D 17 46.24 69.97 -11.94
N SER D 18 45.31 69.07 -12.24
CA SER D 18 45.24 68.44 -13.56
C SER D 18 44.56 69.40 -14.51
N PHE D 19 45.35 70.21 -15.21
CA PHE D 19 44.78 71.30 -16.01
C PHE D 19 43.79 70.77 -17.04
N THR D 20 44.29 70.05 -18.04
CA THR D 20 43.46 69.70 -19.17
C THR D 20 43.62 68.25 -19.59
N ARG D 21 44.44 67.47 -18.91
CA ARG D 21 44.72 66.09 -19.29
C ARG D 21 43.67 65.15 -18.72
N GLY D 22 43.60 63.95 -19.31
CA GLY D 22 42.70 62.92 -18.84
C GLY D 22 41.56 62.63 -19.79
N VAL D 23 41.78 62.91 -21.07
CA VAL D 23 40.74 62.82 -22.09
C VAL D 23 41.09 61.69 -23.04
N TYR D 24 40.13 60.81 -23.30
CA TYR D 24 40.38 59.63 -24.09
C TYR D 24 39.28 59.45 -25.12
N TYR D 25 39.46 58.49 -26.00
CA TYR D 25 38.46 58.22 -27.03
C TYR D 25 37.45 57.22 -26.48
N PRO D 26 36.19 57.63 -26.28
CA PRO D 26 35.22 56.69 -25.71
C PRO D 26 34.79 55.59 -26.67
N ASP D 27 35.15 55.65 -27.94
CA ASP D 27 34.74 54.64 -28.90
C ASP D 27 35.73 54.60 -30.06
N LYS D 28 35.49 53.68 -30.99
CA LYS D 28 36.33 53.48 -32.16
C LYS D 28 35.99 54.45 -33.28
N VAL D 29 34.73 54.90 -33.37
CA VAL D 29 34.20 55.59 -34.53
C VAL D 29 35.01 56.83 -34.88
N PHE D 30 34.92 57.25 -36.13
CA PHE D 30 35.73 58.32 -36.67
C PHE D 30 34.83 59.49 -37.02
N ARG D 31 35.10 60.65 -36.44
CA ARG D 31 34.29 61.84 -36.65
C ARG D 31 35.21 62.97 -37.11
N SER D 32 34.80 63.63 -38.18
CA SER D 32 35.63 64.66 -38.81
C SER D 32 34.96 66.02 -38.64
N SER D 33 35.64 66.94 -37.97
CA SER D 33 35.17 68.31 -37.76
C SER D 33 33.77 68.31 -37.15
N VAL D 34 33.65 67.67 -35.99
CA VAL D 34 32.39 67.54 -35.29
C VAL D 34 32.63 67.84 -33.82
N LEU D 35 31.72 68.60 -33.21
CA LEU D 35 31.76 68.82 -31.76
C LEU D 35 30.79 67.84 -31.10
N HIS D 36 31.24 66.61 -30.95
CA HIS D 36 30.42 65.57 -30.34
C HIS D 36 30.36 65.74 -28.83
N SER D 37 29.18 65.51 -28.27
CA SER D 37 28.96 65.59 -26.83
C SER D 37 28.56 64.22 -26.32
N THR D 38 29.35 63.67 -25.40
CA THR D 38 29.12 62.34 -24.88
C THR D 38 29.22 62.34 -23.36
N GLN D 39 28.52 61.39 -22.75
CA GLN D 39 28.53 61.21 -21.30
C GLN D 39 29.24 59.89 -20.99
N ASP D 40 30.41 59.99 -20.38
CA ASP D 40 31.17 58.82 -19.95
C ASP D 40 32.06 59.26 -18.79
N LEU D 41 32.84 58.33 -18.26
CA LEU D 41 33.68 58.60 -17.09
C LEU D 41 34.94 59.32 -17.56
N PHE D 42 34.99 60.62 -17.34
CA PHE D 42 36.12 61.44 -17.73
C PHE D 42 36.74 62.07 -16.48
N LEU D 43 37.99 62.47 -16.60
CA LEU D 43 38.66 63.13 -15.50
C LEU D 43 38.21 64.59 -15.42
N PRO D 44 37.56 65.00 -14.34
CA PRO D 44 37.04 66.37 -14.28
C PRO D 44 38.14 67.41 -14.45
N PHE D 45 37.82 68.46 -15.20
CA PHE D 45 38.82 69.48 -15.54
C PHE D 45 39.25 70.22 -14.29
N PHE D 46 40.53 70.61 -14.28
CA PHE D 46 41.10 71.39 -13.18
C PHE D 46 40.84 70.72 -11.83
N SER D 47 41.02 69.40 -11.79
CA SER D 47 40.83 68.62 -10.59
C SER D 47 42.12 68.57 -9.78
N ASN D 48 42.07 67.83 -8.67
CA ASN D 48 43.19 67.66 -7.77
C ASN D 48 43.75 66.25 -7.95
N VAL D 49 44.92 66.15 -8.55
CA VAL D 49 45.59 64.86 -8.68
C VAL D 49 46.50 64.67 -7.48
N THR D 50 46.28 63.58 -6.74
CA THR D 50 47.06 63.25 -5.56
C THR D 50 48.47 62.85 -5.98
N TRP D 51 49.45 63.68 -5.63
CA TRP D 51 50.85 63.46 -5.99
C TRP D 51 51.49 62.53 -4.97
N PHE D 52 51.95 61.36 -5.42
CA PHE D 52 52.74 60.47 -4.60
C PHE D 52 54.15 60.31 -5.16
N HIS D 53 54.96 59.55 -4.43
CA HIS D 53 56.30 59.16 -4.83
C HIS D 53 56.73 57.91 -4.07
N ASN D 68 54.53 53.85 -4.10
CA ASN D 68 54.57 52.93 -2.97
C ASN D 68 53.18 52.55 -2.40
N PRO D 69 52.37 53.52 -1.98
CA PRO D 69 51.13 53.18 -1.28
C PRO D 69 50.08 52.62 -2.23
N VAL D 70 49.15 51.88 -1.65
CA VAL D 70 48.03 51.31 -2.40
C VAL D 70 46.91 52.34 -2.45
N LEU D 71 45.99 52.15 -3.39
CA LEU D 71 44.92 53.10 -3.65
C LEU D 71 43.64 52.35 -4.01
N PRO D 72 42.49 52.98 -3.85
CA PRO D 72 41.23 52.38 -4.31
C PRO D 72 41.08 52.50 -5.83
N PHE D 73 40.08 51.78 -6.34
CA PHE D 73 39.70 51.75 -7.75
C PHE D 73 38.19 51.87 -7.89
N ASN D 74 37.62 52.89 -7.26
CA ASN D 74 36.17 53.06 -7.21
C ASN D 74 35.52 52.90 -8.59
N ASP D 75 35.91 53.74 -9.54
CA ASP D 75 35.33 53.67 -10.88
C ASP D 75 36.31 53.86 -12.01
N GLY D 76 37.52 54.35 -11.74
CA GLY D 76 38.48 54.59 -12.80
C GLY D 76 39.69 55.33 -12.29
N VAL D 77 40.77 55.35 -13.05
CA VAL D 77 42.03 55.93 -12.62
C VAL D 77 42.70 56.61 -13.80
N TYR D 78 43.37 57.72 -13.55
CA TYR D 78 44.19 58.42 -14.54
C TYR D 78 45.65 58.32 -14.14
N PHE D 79 46.12 57.12 -13.82
CA PHE D 79 47.51 56.96 -13.47
C PHE D 79 48.40 57.61 -14.51
N ALA D 80 49.12 58.63 -14.10
CA ALA D 80 50.16 59.24 -14.92
C ALA D 80 51.51 58.97 -14.29
N SER D 81 52.56 59.45 -14.96
CA SER D 81 53.91 59.24 -14.47
C SER D 81 54.86 60.11 -15.28
N THR D 82 56.01 60.43 -14.68
CA THR D 82 57.04 61.22 -15.33
C THR D 82 58.36 60.49 -15.15
N GLU D 83 58.68 59.59 -16.07
CA GLU D 83 59.88 58.78 -15.99
C GLU D 83 61.02 59.43 -16.77
N LYS D 84 62.23 58.94 -16.52
CA LYS D 84 63.41 59.40 -17.24
C LYS D 84 64.10 58.27 -17.99
N SER D 85 64.29 57.12 -17.35
CA SER D 85 64.92 55.96 -17.98
C SER D 85 64.15 54.68 -17.62
N ASN D 86 62.83 54.75 -17.74
CA ASN D 86 61.95 53.63 -17.40
C ASN D 86 62.11 53.23 -15.94
N ILE D 87 62.09 54.24 -15.07
CA ILE D 87 62.15 53.97 -13.63
C ILE D 87 60.90 53.24 -13.18
N ILE D 88 59.74 53.68 -13.64
CA ILE D 88 58.46 53.06 -13.28
C ILE D 88 58.22 51.86 -14.19
N ARG D 89 57.78 50.75 -13.61
CA ARG D 89 57.71 49.49 -14.34
C ARG D 89 56.29 49.03 -14.61
N GLY D 90 55.47 48.85 -13.57
CA GLY D 90 54.18 48.22 -13.80
C GLY D 90 53.09 48.54 -12.79
N TRP D 91 51.97 47.80 -12.86
CA TRP D 91 50.81 48.09 -12.06
C TRP D 91 50.30 46.80 -11.42
N ILE D 92 49.68 46.95 -10.25
CA ILE D 92 49.08 45.86 -9.51
C ILE D 92 47.61 46.17 -9.33
N PHE D 93 46.74 45.21 -9.63
CA PHE D 93 45.31 45.44 -9.55
C PHE D 93 44.65 44.24 -8.88
N GLY D 94 43.46 44.48 -8.35
CA GLY D 94 42.66 43.46 -7.72
C GLY D 94 41.84 44.01 -6.57
N THR D 95 41.21 43.10 -5.84
CA THR D 95 40.41 43.46 -4.68
C THR D 95 41.20 43.32 -3.38
N THR D 96 41.68 42.10 -3.09
CA THR D 96 42.43 41.84 -1.87
C THR D 96 43.94 41.97 -2.05
N LEU D 97 44.42 42.08 -3.29
CA LEU D 97 45.82 42.34 -3.61
C LEU D 97 46.76 41.24 -3.12
N ASP D 98 46.26 40.01 -2.97
CA ASP D 98 47.10 38.90 -2.54
C ASP D 98 46.41 37.59 -2.96
N SER D 99 46.87 36.49 -2.39
CA SER D 99 46.29 35.19 -2.70
C SER D 99 44.85 35.10 -2.19
N LYS D 100 44.22 33.96 -2.43
CA LYS D 100 42.83 33.65 -2.12
C LYS D 100 41.84 34.49 -2.93
N THR D 101 42.33 35.35 -3.82
CA THR D 101 41.46 36.17 -4.67
C THR D 101 42.26 36.55 -5.91
N GLN D 102 41.58 36.57 -7.06
CA GLN D 102 42.25 36.89 -8.31
C GLN D 102 42.77 38.33 -8.29
N SER D 103 43.85 38.56 -9.02
CA SER D 103 44.47 39.88 -9.08
C SER D 103 45.18 40.05 -10.42
N LEU D 104 44.80 41.08 -11.15
CA LEU D 104 45.45 41.41 -12.41
C LEU D 104 46.88 41.88 -12.15
N LEU D 105 47.74 41.70 -13.14
CA LEU D 105 49.17 41.93 -12.99
C LEU D 105 49.76 42.39 -14.31
N ILE D 106 50.33 43.60 -14.33
CA ILE D 106 51.05 44.13 -15.48
C ILE D 106 52.40 44.65 -15.01
N VAL D 107 53.48 44.08 -15.52
CA VAL D 107 54.83 44.59 -15.27
C VAL D 107 55.60 44.62 -16.59
N ASN D 108 56.42 45.64 -16.75
CA ASN D 108 57.35 45.74 -17.87
C ASN D 108 58.74 45.41 -17.34
N ASN D 109 59.14 44.14 -17.51
CA ASN D 109 60.46 43.69 -17.07
C ASN D 109 61.48 43.80 -18.18
N ALA D 110 61.60 45.00 -18.77
CA ALA D 110 62.59 45.33 -19.78
C ALA D 110 62.44 44.48 -21.05
N THR D 111 61.45 43.59 -21.08
CA THR D 111 61.19 42.77 -22.25
C THR D 111 59.81 43.03 -22.85
N ASN D 112 58.77 42.97 -22.04
CA ASN D 112 57.40 43.13 -22.50
C ASN D 112 56.51 43.30 -21.27
N VAL D 113 55.21 43.39 -21.50
CA VAL D 113 54.23 43.50 -20.43
C VAL D 113 53.55 42.14 -20.28
N VAL D 114 53.71 41.53 -19.12
CA VAL D 114 53.12 40.22 -18.84
C VAL D 114 51.82 40.46 -18.08
N ILE D 115 50.72 39.97 -18.63
CA ILE D 115 49.41 40.17 -18.05
C ILE D 115 48.94 38.84 -17.48
N LYS D 116 48.56 38.85 -16.20
CA LYS D 116 48.11 37.65 -15.51
C LYS D 116 46.90 38.02 -14.67
N VAL D 117 46.08 37.01 -14.37
CA VAL D 117 44.91 37.23 -13.53
C VAL D 117 44.89 36.17 -12.43
N CYS D 118 46.03 35.51 -12.23
CA CYS D 118 46.14 34.48 -11.22
C CYS D 118 46.23 35.07 -9.83
N GLU D 119 45.77 34.29 -8.84
CA GLU D 119 45.82 34.70 -7.43
C GLU D 119 47.25 34.60 -6.95
N PHE D 120 48.04 35.61 -7.29
CA PHE D 120 49.45 35.63 -6.96
C PHE D 120 49.63 36.02 -5.49
N GLN D 121 50.88 36.01 -5.04
CA GLN D 121 51.22 36.23 -3.64
C GLN D 121 52.08 37.47 -3.47
N PHE D 122 51.65 38.59 -4.06
CA PHE D 122 52.39 39.84 -4.05
C PHE D 122 52.94 40.13 -2.66
N CYS D 123 54.17 40.63 -2.60
CA CYS D 123 54.75 41.09 -1.36
C CYS D 123 54.20 42.47 -0.99
N ASN D 124 54.50 42.90 0.23
CA ASN D 124 54.05 44.21 0.67
C ASN D 124 54.72 45.35 -0.09
N ASP D 125 55.79 45.07 -0.83
CA ASP D 125 56.45 46.08 -1.63
C ASP D 125 57.28 45.43 -2.74
N PRO D 126 56.64 44.88 -3.77
CA PRO D 126 57.40 44.25 -4.85
C PRO D 126 57.95 45.28 -5.83
N PHE D 127 58.84 44.81 -6.71
CA PHE D 127 59.41 45.66 -7.74
C PHE D 127 59.97 44.81 -8.89
N ASN D 151 48.68 30.08 -10.15
CA ASN D 151 47.72 29.84 -9.08
C ASN D 151 46.29 30.09 -9.55
N ASN D 152 45.67 29.06 -10.13
CA ASN D 152 44.31 29.12 -10.65
C ASN D 152 44.16 30.22 -11.71
N CYS D 153 45.07 30.19 -12.68
CA CYS D 153 45.05 31.18 -13.74
C CYS D 153 43.87 30.96 -14.69
N THR D 154 43.29 32.06 -15.15
CA THR D 154 42.26 32.02 -16.17
C THR D 154 42.58 32.86 -17.39
N PHE D 155 43.57 33.76 -17.32
CA PHE D 155 43.98 34.54 -18.48
C PHE D 155 45.45 34.89 -18.32
N GLU D 156 46.22 34.73 -19.39
CA GLU D 156 47.63 35.10 -19.42
C GLU D 156 47.94 35.77 -20.75
N TYR D 157 48.98 36.59 -20.76
CA TYR D 157 49.39 37.30 -21.97
C TYR D 157 50.81 37.81 -21.77
N VAL D 158 51.70 37.46 -22.69
CA VAL D 158 53.05 38.01 -22.74
C VAL D 158 53.20 38.72 -24.08
N SER D 159 53.24 40.05 -24.04
CA SER D 159 53.39 40.84 -25.26
C SER D 159 54.82 40.78 -25.77
N PHE D 173 63.34 64.80 -16.41
CA PHE D 173 62.03 64.16 -16.51
C PHE D 173 61.27 64.69 -17.73
N LYS D 174 61.53 64.10 -18.88
CA LYS D 174 60.98 64.53 -20.16
C LYS D 174 60.07 63.46 -20.76
N ASN D 175 59.31 62.77 -19.90
CA ASN D 175 58.36 61.77 -20.34
C ASN D 175 57.05 61.95 -19.60
N LEU D 176 55.96 61.50 -20.23
CA LEU D 176 54.64 61.55 -19.63
C LEU D 176 53.87 60.32 -20.10
N ARG D 177 53.75 59.33 -19.23
CA ARG D 177 53.07 58.09 -19.56
C ARG D 177 51.68 58.14 -18.94
N GLU D 178 50.74 58.76 -19.65
CA GLU D 178 49.37 58.90 -19.15
C GLU D 178 48.58 57.64 -19.43
N PHE D 179 47.91 57.13 -18.41
CA PHE D 179 47.17 55.88 -18.49
C PHE D 179 45.79 56.07 -17.89
N VAL D 180 44.80 55.37 -18.45
CA VAL D 180 43.46 55.37 -17.91
C VAL D 180 42.99 53.93 -17.80
N PHE D 181 42.49 53.56 -16.63
CA PHE D 181 42.02 52.20 -16.37
C PHE D 181 40.58 52.25 -15.90
N LYS D 182 39.73 51.43 -16.50
CA LYS D 182 38.36 51.29 -16.02
C LYS D 182 37.81 49.96 -16.50
N ASN D 183 36.79 49.48 -15.81
CA ASN D 183 36.20 48.19 -16.11
C ASN D 183 34.90 48.34 -16.90
N TYR D 187 34.46 45.23 -19.64
CA TYR D 187 35.55 44.74 -18.81
C TYR D 187 36.71 45.71 -18.79
N PHE D 188 37.91 45.20 -18.50
CA PHE D 188 39.06 46.06 -18.30
C PHE D 188 39.49 46.71 -19.62
N LYS D 189 39.69 48.03 -19.58
CA LYS D 189 40.16 48.78 -20.73
C LYS D 189 41.29 49.71 -20.32
N ILE D 190 42.28 49.84 -21.21
CA ILE D 190 43.46 50.66 -20.98
C ILE D 190 43.60 51.62 -22.13
N TYR D 191 43.80 52.90 -21.82
CA TYR D 191 44.13 53.92 -22.81
C TYR D 191 45.47 54.52 -22.42
N SER D 192 46.31 54.81 -23.40
CA SER D 192 47.65 55.26 -23.11
C SER D 192 48.12 56.24 -24.16
N LYS D 193 49.00 57.14 -23.75
CA LYS D 193 49.58 58.13 -24.66
C LYS D 193 50.84 58.67 -24.04
N HIS D 194 51.96 58.55 -24.76
CA HIS D 194 53.27 58.95 -24.28
C HIS D 194 53.70 60.16 -25.09
N THR D 195 54.02 61.26 -24.41
CA THR D 195 54.50 62.45 -25.09
C THR D 195 55.66 63.07 -24.32
N PRO D 196 56.64 63.62 -25.01
CA PRO D 196 57.70 64.37 -24.33
C PRO D 196 57.14 65.64 -23.69
N ILE D 197 57.70 65.98 -22.53
CA ILE D 197 57.29 67.15 -21.77
C ILE D 197 58.54 67.82 -21.21
N ASN D 198 58.32 68.91 -20.48
CA ASN D 198 59.41 69.64 -19.84
C ASN D 198 59.08 69.94 -18.39
N ASP D 202 54.15 68.40 -11.23
CA ASP D 202 54.13 69.51 -12.19
C ASP D 202 53.57 69.06 -13.53
N LEU D 203 52.28 68.76 -13.56
CA LEU D 203 51.64 68.32 -14.80
C LEU D 203 51.61 69.47 -15.80
N PRO D 204 52.08 69.26 -17.03
CA PRO D 204 52.08 70.34 -18.00
C PRO D 204 50.67 70.72 -18.43
N GLN D 205 50.51 72.00 -18.76
CA GLN D 205 49.27 72.45 -19.37
C GLN D 205 49.29 72.15 -20.86
N GLY D 206 48.10 71.96 -21.43
CA GLY D 206 47.95 71.58 -22.82
C GLY D 206 47.03 70.38 -22.95
N PHE D 207 46.78 70.02 -24.20
CA PHE D 207 45.80 69.00 -24.54
C PHE D 207 46.44 67.86 -25.31
N SER D 208 46.11 66.63 -24.92
CA SER D 208 46.52 65.44 -25.66
C SER D 208 45.54 64.33 -25.31
N ALA D 209 44.97 63.70 -26.33
CA ALA D 209 44.03 62.61 -26.13
C ALA D 209 44.76 61.29 -25.94
N LEU D 210 44.08 60.35 -25.29
CA LEU D 210 44.65 59.05 -24.96
C LEU D 210 43.98 57.99 -25.83
N GLU D 211 44.60 57.66 -26.96
CA GLU D 211 44.08 56.62 -27.81
C GLU D 211 44.13 55.27 -27.07
N PRO D 212 43.12 54.42 -27.26
CA PRO D 212 43.16 53.10 -26.62
C PRO D 212 44.36 52.29 -27.10
N LEU D 213 44.92 51.51 -26.18
CA LEU D 213 46.11 50.72 -26.48
C LEU D 213 45.89 49.23 -26.30
N VAL D 214 45.19 48.81 -25.24
CA VAL D 214 44.95 47.40 -24.97
C VAL D 214 43.59 47.25 -24.29
N ASP D 215 42.84 46.24 -24.70
CA ASP D 215 41.60 45.85 -24.04
C ASP D 215 41.68 44.37 -23.68
N LEU D 216 41.32 44.03 -22.44
CA LEU D 216 41.52 42.69 -21.91
C LEU D 216 40.21 42.13 -21.37
N PRO D 217 39.75 40.97 -21.84
CA PRO D 217 38.44 40.41 -21.42
C PRO D 217 38.54 39.53 -20.17
N ILE D 218 39.18 40.06 -19.15
CA ILE D 218 39.51 39.27 -17.96
C ILE D 218 38.39 39.29 -16.92
N GLY D 219 37.62 40.36 -16.86
CA GLY D 219 36.41 40.36 -16.05
C GLY D 219 36.63 40.09 -14.58
N ILE D 220 37.59 40.79 -13.97
CA ILE D 220 37.89 40.65 -12.56
C ILE D 220 37.28 41.83 -11.81
N ASN D 221 36.63 41.55 -10.68
CA ASN D 221 36.14 42.61 -9.82
C ASN D 221 37.32 43.33 -9.17
N ILE D 222 37.51 44.59 -9.49
CA ILE D 222 38.64 45.38 -9.02
C ILE D 222 38.12 46.48 -8.11
N THR D 223 38.81 46.69 -6.98
CA THR D 223 38.51 47.78 -6.07
C THR D 223 39.75 48.53 -5.60
N ARG D 224 40.93 47.91 -5.64
CA ARG D 224 42.15 48.55 -5.17
C ARG D 224 43.26 48.32 -6.18
N PHE D 225 44.31 49.13 -6.08
CA PHE D 225 45.44 49.00 -6.98
C PHE D 225 46.68 49.60 -6.33
N GLN D 226 47.84 49.21 -6.84
CA GLN D 226 49.11 49.69 -6.30
C GLN D 226 50.08 49.90 -7.46
N THR D 227 51.35 50.14 -7.14
CA THR D 227 52.32 50.49 -8.16
C THR D 227 53.67 49.84 -7.85
N LEU D 228 54.45 49.65 -8.90
CA LEU D 228 55.82 49.16 -8.83
C LEU D 228 56.78 50.31 -9.11
N LEU D 229 58.07 50.00 -9.08
CA LEU D 229 59.11 50.98 -9.40
C LEU D 229 60.46 50.32 -9.61
N ALA D 250 60.45 59.06 -8.92
CA ALA D 250 59.97 59.90 -10.01
C ALA D 250 58.58 60.43 -9.71
N ALA D 251 58.10 61.31 -10.57
CA ALA D 251 56.75 61.84 -10.42
C ALA D 251 55.72 60.74 -10.67
N TYR D 252 54.77 60.62 -9.74
CA TYR D 252 53.84 59.49 -9.65
C TYR D 252 52.48 60.04 -9.23
N TYR D 253 51.67 60.40 -10.22
CA TYR D 253 50.37 61.03 -10.03
C TYR D 253 49.25 60.02 -10.19
N VAL D 254 48.11 60.32 -9.57
CA VAL D 254 46.90 59.52 -9.72
C VAL D 254 45.72 60.46 -9.88
N GLY D 255 44.88 60.20 -10.88
CA GLY D 255 43.61 60.89 -11.00
C GLY D 255 42.46 59.91 -10.85
N TYR D 256 41.26 60.40 -10.62
CA TYR D 256 40.10 59.52 -10.48
C TYR D 256 39.02 59.95 -11.48
N LEU D 257 38.44 58.98 -12.16
CA LEU D 257 37.40 59.25 -13.14
C LEU D 257 36.06 59.49 -12.46
N GLN D 258 35.28 60.42 -13.02
CA GLN D 258 33.94 60.74 -12.56
C GLN D 258 33.00 60.76 -13.76
N PRO D 259 31.73 60.42 -13.55
CA PRO D 259 30.76 60.41 -14.68
C PRO D 259 30.29 61.80 -15.08
N ARG D 260 31.11 62.49 -15.86
CA ARG D 260 30.82 63.85 -16.29
C ARG D 260 30.70 63.90 -17.81
N THR D 261 29.87 64.83 -18.28
CA THR D 261 29.58 64.99 -19.70
C THR D 261 30.55 65.96 -20.33
N PHE D 262 31.15 65.57 -21.45
CA PHE D 262 32.16 66.36 -22.11
C PHE D 262 31.73 66.66 -23.54
N LEU D 263 32.22 67.77 -24.08
CA LEU D 263 32.01 68.14 -25.48
C LEU D 263 33.34 67.99 -26.20
N LEU D 264 33.42 67.02 -27.11
CA LEU D 264 34.68 66.64 -27.73
C LEU D 264 34.81 67.28 -29.11
N LYS D 265 35.92 67.98 -29.33
CA LYS D 265 36.16 68.68 -30.59
C LYS D 265 37.05 67.83 -31.47
N TYR D 266 36.43 67.00 -32.31
CA TYR D 266 37.17 66.25 -33.30
C TYR D 266 37.64 67.19 -34.41
N ASN D 267 38.76 66.87 -35.03
CA ASN D 267 39.25 67.63 -36.16
C ASN D 267 39.00 66.84 -37.45
N GLU D 268 39.51 67.36 -38.56
CA GLU D 268 39.24 66.74 -39.85
C GLU D 268 39.84 65.35 -39.96
N ASN D 269 40.90 65.07 -39.20
CA ASN D 269 41.54 63.76 -39.24
C ASN D 269 40.95 62.77 -38.24
N GLY D 270 40.07 63.23 -37.36
CA GLY D 270 39.49 62.39 -36.33
C GLY D 270 40.11 62.52 -34.97
N THR D 271 41.08 63.41 -34.79
CA THR D 271 41.81 63.53 -33.53
C THR D 271 41.14 64.55 -32.63
N ILE D 272 40.84 64.16 -31.39
CA ILE D 272 40.23 65.06 -30.43
C ILE D 272 41.26 66.14 -30.09
N THR D 273 41.07 67.35 -30.62
CA THR D 273 42.01 68.43 -30.40
C THR D 273 41.63 69.33 -29.24
N ASP D 274 40.43 69.17 -28.67
CA ASP D 274 40.01 69.98 -27.54
C ASP D 274 38.74 69.39 -26.97
N ALA D 275 38.39 69.83 -25.76
CA ALA D 275 37.16 69.39 -25.12
C ALA D 275 36.71 70.43 -24.10
N VAL D 276 35.44 70.34 -23.73
CA VAL D 276 34.81 71.25 -22.77
C VAL D 276 34.09 70.43 -21.74
N ASP D 277 34.37 70.69 -20.46
CA ASP D 277 33.68 70.02 -19.38
C ASP D 277 32.34 70.70 -19.14
N CYS D 278 31.25 69.97 -19.32
CA CYS D 278 29.93 70.59 -19.26
C CYS D 278 29.52 70.99 -17.87
N ALA D 279 30.41 70.99 -16.87
CA ALA D 279 30.01 71.41 -15.54
C ALA D 279 31.09 72.22 -14.83
N LEU D 280 32.12 72.67 -15.54
CA LEU D 280 33.23 73.37 -14.89
C LEU D 280 32.78 74.74 -14.37
N ASP D 281 32.12 75.52 -15.20
CA ASP D 281 31.68 76.86 -14.82
C ASP D 281 30.52 77.24 -15.72
N PRO D 282 29.86 78.37 -15.46
CA PRO D 282 28.75 78.78 -16.33
C PRO D 282 29.13 78.89 -17.80
N LEU D 283 30.31 79.42 -18.11
CA LEU D 283 30.68 79.58 -19.52
C LEU D 283 30.79 78.22 -20.20
N SER D 284 31.31 77.22 -19.50
CA SER D 284 31.40 75.89 -20.08
C SER D 284 30.02 75.27 -20.28
N GLU D 285 29.08 75.54 -19.36
CA GLU D 285 27.70 75.09 -19.59
C GLU D 285 27.12 75.74 -20.82
N THR D 286 27.37 77.04 -21.00
CA THR D 286 26.86 77.72 -22.19
C THR D 286 27.46 77.13 -23.46
N LYS D 287 28.75 76.84 -23.44
CA LYS D 287 29.37 76.21 -24.61
C LYS D 287 28.78 74.85 -24.88
N CYS D 288 28.52 74.06 -23.83
CA CYS D 288 27.96 72.72 -24.01
C CYS D 288 26.53 72.78 -24.55
N THR D 289 25.72 73.70 -24.04
CA THR D 289 24.32 73.73 -24.45
C THR D 289 24.17 74.28 -25.86
N LEU D 290 25.11 75.12 -26.29
CA LEU D 290 25.10 75.62 -27.65
C LEU D 290 25.80 74.69 -28.63
N LYS D 291 26.50 73.67 -28.14
CA LYS D 291 27.28 72.76 -28.98
C LYS D 291 28.32 73.51 -29.80
N SER D 292 28.96 74.50 -29.18
CA SER D 292 29.95 75.32 -29.85
C SER D 292 31.09 75.63 -28.90
N PHE D 293 32.27 75.84 -29.46
CA PHE D 293 33.43 76.24 -28.69
C PHE D 293 33.63 77.75 -28.65
N THR D 294 32.75 78.50 -29.31
CA THR D 294 32.68 79.94 -29.19
C THR D 294 31.23 80.34 -29.01
N VAL D 295 31.01 81.40 -28.24
CA VAL D 295 29.66 81.88 -27.97
C VAL D 295 29.61 83.38 -28.24
N GLU D 296 28.59 83.80 -28.97
CA GLU D 296 28.42 85.21 -29.33
C GLU D 296 27.72 85.95 -28.21
N LYS D 297 27.73 87.29 -28.30
CA LYS D 297 27.13 88.12 -27.27
C LYS D 297 25.66 87.79 -27.09
N GLY D 298 25.25 87.63 -25.84
CA GLY D 298 23.85 87.41 -25.56
C GLY D 298 23.66 86.72 -24.23
N ILE D 299 22.38 86.47 -23.93
CA ILE D 299 21.97 85.81 -22.70
C ILE D 299 21.36 84.47 -23.08
N TYR D 300 22.01 83.39 -22.69
CA TYR D 300 21.61 82.04 -23.04
C TYR D 300 21.13 81.31 -21.80
N GLN D 301 19.98 80.66 -21.90
CA GLN D 301 19.49 79.84 -20.80
C GLN D 301 20.10 78.45 -20.90
N THR D 302 20.67 77.98 -19.78
CA THR D 302 21.46 76.76 -19.78
C THR D 302 20.85 75.65 -18.93
N SER D 303 20.37 75.94 -17.73
CA SER D 303 19.88 74.90 -16.84
C SER D 303 18.72 75.45 -16.01
N ASN D 304 18.12 74.56 -15.22
CA ASN D 304 17.00 74.90 -14.33
C ASN D 304 17.48 74.79 -12.89
N PHE D 305 17.26 75.85 -12.12
CA PHE D 305 17.65 75.87 -10.71
C PHE D 305 16.44 75.51 -9.86
N ARG D 306 16.62 74.53 -8.96
CA ARG D 306 15.50 74.04 -8.15
C ARG D 306 15.92 73.98 -6.69
N VAL D 307 15.10 74.56 -5.82
CA VAL D 307 15.36 74.48 -4.38
C VAL D 307 14.88 73.13 -3.88
N GLN D 308 15.76 72.39 -3.21
CA GLN D 308 15.36 71.09 -2.71
C GLN D 308 14.94 71.19 -1.25
N PRO D 309 13.98 70.38 -0.83
CA PRO D 309 13.55 70.42 0.58
C PRO D 309 14.63 69.92 1.51
N THR D 310 14.62 70.47 2.73
CA THR D 310 15.60 70.10 3.75
C THR D 310 15.10 68.97 4.64
N GLU D 311 14.00 69.20 5.35
CA GLU D 311 13.51 68.27 6.36
C GLU D 311 12.06 67.93 6.07
N SER D 312 11.64 66.76 6.52
CA SER D 312 10.25 66.35 6.45
C SER D 312 9.54 66.74 7.74
N ILE D 313 8.31 67.20 7.62
CA ILE D 313 7.47 67.55 8.76
C ILE D 313 6.22 66.70 8.70
N VAL D 314 5.76 66.26 9.88
CA VAL D 314 4.51 65.50 10.00
C VAL D 314 3.78 66.02 11.23
N ARG D 315 2.50 66.36 11.06
CA ARG D 315 1.67 66.82 12.16
C ARG D 315 0.34 66.09 12.12
N PHE D 316 -0.10 65.61 13.28
CA PHE D 316 -1.38 64.95 13.42
C PHE D 316 -2.10 65.51 14.63
N PRO D 317 -3.45 65.41 14.66
CA PRO D 317 -4.20 65.95 15.80
C PRO D 317 -3.72 65.38 17.13
N ASN D 318 -3.87 66.16 18.20
CA ASN D 318 -3.28 65.85 19.52
C ASN D 318 -3.91 64.57 20.09
N ILE D 319 -3.25 63.94 21.06
CA ILE D 319 -3.78 62.69 21.69
C ILE D 319 -5.23 62.90 22.12
N THR D 320 -6.14 62.06 21.63
CA THR D 320 -7.59 62.23 21.93
C THR D 320 -7.94 61.42 23.19
N ASN D 321 -9.14 60.86 23.25
CA ASN D 321 -9.46 60.02 24.41
C ASN D 321 -8.84 58.64 24.21
N LEU D 322 -8.00 58.23 25.17
CA LEU D 322 -7.33 56.95 25.09
C LEU D 322 -8.29 55.82 25.41
N CYS D 323 -7.97 54.62 24.91
CA CYS D 323 -8.80 53.46 25.16
C CYS D 323 -8.78 53.08 26.63
N PRO D 324 -9.86 52.51 27.14
CA PRO D 324 -9.90 52.15 28.56
C PRO D 324 -8.99 50.98 28.91
N PHE D 325 -7.90 51.27 29.61
CA PHE D 325 -6.99 50.24 30.09
C PHE D 325 -6.69 50.36 31.58
N GLY D 326 -7.30 51.32 32.27
CA GLY D 326 -7.12 51.45 33.70
C GLY D 326 -8.30 50.87 34.44
N GLU D 327 -9.47 50.88 33.82
CA GLU D 327 -10.67 50.27 34.38
C GLU D 327 -10.77 48.79 34.07
N VAL D 328 -9.84 48.25 33.31
CA VAL D 328 -9.77 46.82 33.03
C VAL D 328 -8.58 46.18 33.73
N PHE D 329 -7.40 46.79 33.61
CA PHE D 329 -6.20 46.26 34.23
C PHE D 329 -6.03 46.70 35.67
N ASN D 330 -6.75 47.73 36.11
CA ASN D 330 -6.74 48.16 37.50
C ASN D 330 -8.16 48.23 38.06
N ALA D 331 -9.04 47.35 37.59
CA ALA D 331 -10.41 47.31 38.06
C ALA D 331 -10.48 46.83 39.51
N THR D 332 -11.56 47.21 40.19
CA THR D 332 -11.68 46.87 41.60
C THR D 332 -12.06 45.41 41.80
N ARG D 333 -12.95 44.87 40.97
CA ARG D 333 -13.44 43.51 41.12
C ARG D 333 -13.38 42.78 39.79
N PHE D 334 -12.83 41.57 39.81
CA PHE D 334 -12.74 40.72 38.64
C PHE D 334 -13.81 39.63 38.67
N ALA D 335 -14.08 39.07 37.49
CA ALA D 335 -15.12 38.08 37.33
C ALA D 335 -14.55 36.67 37.44
N SER D 336 -15.43 35.73 37.77
CA SER D 336 -15.06 34.32 37.82
C SER D 336 -14.82 33.79 36.42
N VAL D 337 -14.04 32.72 36.34
CA VAL D 337 -13.50 32.30 35.04
C VAL D 337 -14.60 31.75 34.15
N TYR D 338 -15.55 30.99 34.70
CA TYR D 338 -16.63 30.46 33.89
C TYR D 338 -17.49 31.59 33.31
N ALA D 339 -17.79 32.60 34.14
CA ALA D 339 -18.47 33.81 33.67
C ALA D 339 -17.46 34.94 33.49
N TRP D 340 -16.55 34.74 32.54
CA TRP D 340 -15.47 35.71 32.33
C TRP D 340 -16.03 37.03 31.82
N ASN D 341 -15.51 38.13 32.37
CA ASN D 341 -15.97 39.46 32.03
C ASN D 341 -15.39 39.87 30.68
N ARG D 342 -16.25 40.25 29.74
CA ARG D 342 -15.86 40.63 28.39
C ARG D 342 -16.23 42.08 28.15
N LYS D 343 -15.31 42.85 27.59
CA LYS D 343 -15.54 44.24 27.24
C LYS D 343 -14.99 44.51 25.86
N ARG D 344 -15.78 45.16 25.01
CA ARG D 344 -15.40 45.49 23.65
C ARG D 344 -14.89 46.93 23.60
N ILE D 345 -13.61 47.09 23.25
CA ILE D 345 -12.97 48.40 23.20
C ILE D 345 -13.04 48.90 21.77
N SER D 346 -13.60 50.10 21.59
CA SER D 346 -13.77 50.66 20.25
C SER D 346 -13.86 52.18 20.34
N ASN D 347 -13.58 52.83 19.21
CA ASN D 347 -13.64 54.28 19.07
C ASN D 347 -12.77 54.99 20.10
N CYS D 348 -11.46 54.75 20.02
CA CYS D 348 -10.49 55.43 20.93
C CYS D 348 -9.07 55.20 20.40
N VAL D 349 -8.07 55.85 21.00
CA VAL D 349 -6.66 55.58 20.58
C VAL D 349 -6.13 54.38 21.40
N ALA D 350 -5.71 53.32 20.72
CA ALA D 350 -5.25 52.09 21.42
C ALA D 350 -3.78 52.23 21.83
N ASP D 351 -3.50 53.04 22.85
CA ASP D 351 -2.11 53.15 23.36
C ASP D 351 -1.78 51.88 24.15
N TYR D 352 -0.61 51.29 23.89
CA TYR D 352 -0.18 50.07 24.63
C TYR D 352 0.93 50.42 25.61
N SER D 353 1.31 51.70 25.69
CA SER D 353 2.44 52.03 26.54
C SER D 353 2.21 51.63 27.99
N VAL D 354 0.95 51.60 28.44
CA VAL D 354 0.68 51.21 29.82
C VAL D 354 1.05 49.75 30.05
N LEU D 355 0.85 48.90 29.05
CA LEU D 355 1.22 47.50 29.17
C LEU D 355 2.72 47.26 29.01
N TYR D 356 3.47 48.30 28.64
CA TYR D 356 4.91 48.17 28.44
C TYR D 356 5.68 48.59 29.69
N ASN D 357 5.41 49.79 30.22
CA ASN D 357 6.09 50.24 31.41
C ASN D 357 5.73 49.45 32.65
N SER D 358 4.52 48.88 32.69
CA SER D 358 4.07 48.12 33.84
C SER D 358 4.87 46.82 33.91
N ALA D 359 5.85 46.77 34.82
CA ALA D 359 6.73 45.62 34.97
C ALA D 359 6.22 44.61 35.98
N SER D 360 5.01 44.82 36.52
CA SER D 360 4.45 43.91 37.50
C SER D 360 3.64 42.77 36.87
N PHE D 361 3.57 42.69 35.54
CA PHE D 361 2.88 41.59 34.91
C PHE D 361 3.69 40.31 35.06
N SER D 362 3.01 39.24 35.49
CA SER D 362 3.65 37.94 35.59
C SER D 362 3.77 37.23 34.26
N THR D 363 3.07 37.72 33.22
CA THR D 363 3.10 37.08 31.92
C THR D 363 2.56 38.06 30.89
N PHE D 364 3.29 38.23 29.79
CA PHE D 364 2.83 38.99 28.62
C PHE D 364 3.28 38.19 27.41
N LYS D 365 2.39 37.38 26.86
CA LYS D 365 2.70 36.51 25.74
C LYS D 365 1.78 36.81 24.57
N CYS D 366 2.34 36.84 23.37
CA CYS D 366 1.60 37.22 22.17
C CYS D 366 1.63 36.09 21.15
N TYR D 367 0.54 35.96 20.40
CA TYR D 367 0.36 34.91 19.42
C TYR D 367 0.01 35.52 18.08
N GLY D 368 0.72 35.12 17.04
CA GLY D 368 0.47 35.58 15.68
C GLY D 368 1.03 36.96 15.37
N VAL D 369 1.20 37.80 16.40
CA VAL D 369 1.69 39.15 16.22
C VAL D 369 2.84 39.38 17.20
N SER D 370 3.67 40.37 16.88
CA SER D 370 4.78 40.72 17.75
C SER D 370 4.26 41.39 19.02
N PRO D 371 4.95 41.19 20.15
CA PRO D 371 4.56 41.90 21.38
C PRO D 371 4.78 43.40 21.31
N THR D 372 5.51 43.91 20.32
CA THR D 372 5.80 45.32 20.21
C THR D 372 5.23 45.98 18.97
N LYS D 373 4.96 45.24 17.90
CA LYS D 373 4.45 45.81 16.66
C LYS D 373 2.93 45.89 16.63
N LEU D 374 2.29 45.98 17.79
CA LEU D 374 0.83 45.99 17.85
C LEU D 374 0.26 47.32 17.40
N ASN D 375 0.95 48.42 17.72
CA ASN D 375 0.41 49.74 17.41
C ASN D 375 0.34 50.01 15.92
N ASP D 376 1.20 49.37 15.12
CA ASP D 376 1.27 49.68 13.70
C ASP D 376 -0.01 49.26 12.98
N LEU D 377 -0.43 48.02 13.17
CA LEU D 377 -1.61 47.49 12.50
C LEU D 377 -2.80 47.57 13.46
N CYS D 378 -3.95 47.98 12.92
CA CYS D 378 -5.10 48.21 13.79
C CYS D 378 -6.39 47.78 13.10
N PHE D 379 -7.40 47.55 13.93
CA PHE D 379 -8.58 46.79 13.54
C PHE D 379 -9.82 47.53 14.02
N PHE D 380 -10.98 46.87 13.90
CA PHE D 380 -12.24 47.49 14.23
C PHE D 380 -12.44 47.53 15.75
N ASN D 381 -12.36 46.36 16.39
CA ASN D 381 -12.68 46.23 17.81
C ASN D 381 -11.52 45.60 18.57
N VAL D 382 -11.44 45.94 19.85
CA VAL D 382 -10.53 45.30 20.78
C VAL D 382 -11.38 44.68 21.89
N TYR D 383 -11.21 43.38 22.12
CA TYR D 383 -11.95 42.67 23.14
C TYR D 383 -11.05 42.39 24.34
N ALA D 384 -11.53 42.73 25.53
CA ALA D 384 -10.84 42.44 26.78
C ALA D 384 -11.65 41.40 27.55
N ASP D 385 -11.10 40.20 27.68
CA ASP D 385 -11.71 39.14 28.47
C ASP D 385 -10.93 39.01 29.78
N SER D 386 -11.56 39.38 30.89
CA SER D 386 -10.90 39.40 32.18
C SER D 386 -11.57 38.39 33.11
N PHE D 387 -10.75 37.57 33.77
CA PHE D 387 -11.23 36.59 34.72
C PHE D 387 -10.09 36.24 35.67
N VAL D 388 -10.38 35.36 36.63
CA VAL D 388 -9.43 34.96 37.65
C VAL D 388 -9.33 33.45 37.65
N ILE D 389 -8.11 32.92 37.59
CA ILE D 389 -7.86 31.50 37.68
C ILE D 389 -6.71 31.28 38.66
N ARG D 390 -6.29 30.01 38.78
CA ARG D 390 -5.16 29.66 39.61
C ARG D 390 -3.89 29.61 38.78
N GLY D 391 -2.76 29.75 39.47
CA GLY D 391 -1.49 29.74 38.77
C GLY D 391 -1.21 28.45 38.04
N ASP D 392 -1.70 27.33 38.58
CA ASP D 392 -1.43 26.03 37.99
C ASP D 392 -2.01 25.87 36.60
N GLU D 393 -3.04 26.66 36.27
CA GLU D 393 -3.72 26.56 34.98
C GLU D 393 -3.52 27.78 34.11
N VAL D 394 -2.62 28.70 34.51
CA VAL D 394 -2.35 29.89 33.69
C VAL D 394 -1.76 29.49 32.36
N ARG D 395 -0.87 28.50 32.35
CA ARG D 395 -0.26 28.05 31.11
C ARG D 395 -1.29 27.47 30.14
N GLN D 396 -2.48 27.13 30.64
CA GLN D 396 -3.52 26.57 29.78
C GLN D 396 -4.30 27.63 29.02
N ILE D 397 -4.07 28.91 29.29
CA ILE D 397 -4.70 29.98 28.52
C ILE D 397 -3.77 30.20 27.32
N ALA D 398 -3.96 29.37 26.31
CA ALA D 398 -3.13 29.38 25.10
C ALA D 398 -3.78 28.49 24.05
N PRO D 399 -3.56 28.76 22.77
CA PRO D 399 -4.08 27.85 21.73
C PRO D 399 -3.49 26.46 21.88
N GLY D 400 -4.31 25.47 21.58
CA GLY D 400 -3.87 24.08 21.67
C GLY D 400 -3.56 23.62 23.08
N GLN D 401 -4.37 24.03 24.05
CA GLN D 401 -4.21 23.62 25.44
C GLN D 401 -5.42 22.81 25.87
N THR D 402 -5.17 21.83 26.74
CA THR D 402 -6.24 21.02 27.31
C THR D 402 -6.08 20.95 28.83
N GLY D 403 -7.21 20.99 29.51
CA GLY D 403 -7.22 20.93 30.96
C GLY D 403 -8.59 21.26 31.48
N LYS D 404 -8.69 21.31 32.81
CA LYS D 404 -9.95 21.63 33.45
C LYS D 404 -10.45 23.04 33.10
N ILE D 405 -9.55 23.94 32.72
CA ILE D 405 -9.94 25.29 32.32
C ILE D 405 -9.96 25.46 30.81
N ALA D 406 -9.02 24.85 30.09
CA ALA D 406 -8.86 25.07 28.65
C ALA D 406 -10.04 24.54 27.83
N ASP D 407 -10.91 23.72 28.40
CA ASP D 407 -12.03 23.20 27.63
C ASP D 407 -13.36 23.27 28.34
N TYR D 408 -13.40 23.68 29.61
CA TYR D 408 -14.65 23.81 30.34
C TYR D 408 -15.00 25.23 30.76
N ASN D 409 -14.05 26.15 30.69
CA ASN D 409 -14.32 27.52 31.14
C ASN D 409 -13.85 28.58 30.15
N TYR D 410 -12.81 28.31 29.37
CA TYR D 410 -12.31 29.28 28.40
C TYR D 410 -11.39 28.58 27.43
N LYS D 411 -11.68 28.68 26.14
CA LYS D 411 -10.91 28.01 25.11
C LYS D 411 -10.42 29.04 24.08
N LEU D 412 -9.19 28.84 23.59
CA LEU D 412 -8.66 29.70 22.55
C LEU D 412 -8.61 28.95 21.22
N PRO D 413 -8.86 29.63 20.11
CA PRO D 413 -8.83 28.95 18.81
C PRO D 413 -7.43 28.50 18.45
N ASP D 414 -7.36 27.54 17.51
CA ASP D 414 -6.07 27.03 17.05
C ASP D 414 -5.20 28.14 16.48
N ASP D 415 -5.80 29.04 15.70
CA ASP D 415 -5.14 30.27 15.28
C ASP D 415 -5.73 31.41 16.10
N PHE D 416 -4.85 32.26 16.63
CA PHE D 416 -5.29 33.32 17.53
C PHE D 416 -4.62 34.64 17.14
N THR D 417 -5.37 35.72 17.25
CA THR D 417 -4.90 37.07 16.94
C THR D 417 -5.02 37.90 18.22
N GLY D 418 -4.00 37.84 19.06
CA GLY D 418 -4.05 38.58 20.31
C GLY D 418 -2.91 38.19 21.21
N CYS D 419 -3.00 38.63 22.46
CA CYS D 419 -2.01 38.37 23.48
C CYS D 419 -2.70 38.10 24.80
N VAL D 420 -2.01 37.40 25.70
CA VAL D 420 -2.53 37.07 27.01
C VAL D 420 -1.66 37.71 28.08
N ILE D 421 -2.31 38.27 29.10
CA ILE D 421 -1.63 38.93 30.21
C ILE D 421 -2.23 38.42 31.51
N ALA D 422 -1.38 38.06 32.46
CA ALA D 422 -1.84 37.56 33.75
C ALA D 422 -0.86 37.95 34.84
N TRP D 423 -1.36 38.49 35.94
CA TRP D 423 -0.51 38.92 37.04
C TRP D 423 -1.09 38.39 38.34
N ASN D 424 -0.20 38.17 39.31
CA ASN D 424 -0.61 37.65 40.60
C ASN D 424 -1.49 38.65 41.33
N SER D 425 -2.60 38.17 41.87
CA SER D 425 -3.53 39.03 42.61
C SER D 425 -3.92 38.36 43.92
N ASN D 426 -2.92 37.85 44.64
CA ASN D 426 -3.19 37.23 45.93
C ASN D 426 -3.73 38.24 46.93
N ASN D 427 -3.24 39.47 46.88
CA ASN D 427 -3.65 40.50 47.84
C ASN D 427 -4.97 41.15 47.49
N LEU D 428 -5.57 40.79 46.35
CA LEU D 428 -6.83 41.39 45.91
C LEU D 428 -7.99 40.43 45.90
N ASP D 429 -7.73 39.12 45.81
CA ASP D 429 -8.79 38.12 45.66
C ASP D 429 -8.73 37.05 46.74
N SER D 430 -7.84 37.18 47.72
CA SER D 430 -7.69 36.17 48.77
C SER D 430 -7.92 36.83 50.13
N LYS D 431 -8.79 36.21 50.93
CA LYS D 431 -9.12 36.72 52.25
C LYS D 431 -8.86 35.65 53.29
N VAL D 432 -8.98 36.05 54.56
CA VAL D 432 -8.73 35.15 55.67
C VAL D 432 -9.82 34.09 55.74
N GLY D 433 -9.42 32.86 56.04
CA GLY D 433 -10.35 31.75 56.09
C GLY D 433 -10.69 31.15 54.74
N GLY D 434 -10.03 31.58 53.67
CA GLY D 434 -10.33 31.06 52.36
C GLY D 434 -11.36 31.88 51.62
N ASN D 435 -11.00 32.37 50.44
CA ASN D 435 -11.91 33.15 49.60
C ASN D 435 -12.59 32.20 48.63
N TYR D 436 -13.91 32.07 48.75
CA TYR D 436 -14.69 31.15 47.94
C TYR D 436 -15.73 31.87 47.09
N ASN D 437 -15.44 33.12 46.72
CA ASN D 437 -16.36 33.90 45.90
C ASN D 437 -16.10 33.75 44.41
N TYR D 438 -15.09 32.98 44.02
CA TYR D 438 -14.79 32.69 42.63
C TYR D 438 -15.04 31.21 42.37
N LEU D 439 -15.64 30.90 41.22
CA LEU D 439 -16.00 29.53 40.88
C LEU D 439 -15.35 29.15 39.56
N TYR D 440 -15.61 27.90 39.15
CA TYR D 440 -15.21 27.43 37.84
C TYR D 440 -16.01 26.19 37.49
N ARG D 441 -15.92 25.77 36.23
CA ARG D 441 -16.66 24.62 35.74
C ARG D 441 -15.74 23.41 35.66
N LEU D 442 -16.14 22.33 36.31
CA LEU D 442 -15.36 21.10 36.32
C LEU D 442 -15.95 20.00 35.47
N PHE D 443 -17.27 19.98 35.28
CA PHE D 443 -17.96 18.95 34.53
C PHE D 443 -18.68 19.57 33.33
N ARG D 444 -18.47 18.99 32.15
CA ARG D 444 -19.19 19.44 30.96
C ARG D 444 -19.22 18.31 29.95
N LYS D 445 -20.31 18.26 29.18
CA LYS D 445 -20.49 17.17 28.22
C LYS D 445 -19.43 17.22 27.12
N SER D 446 -19.20 18.40 26.57
CA SER D 446 -18.32 18.56 25.41
C SER D 446 -17.39 19.74 25.64
N ASN D 447 -16.24 19.69 24.97
CA ASN D 447 -15.26 20.77 25.08
C ASN D 447 -15.84 22.07 24.54
N LEU D 448 -15.51 23.17 25.21
CA LEU D 448 -16.06 24.46 24.84
C LEU D 448 -15.46 24.96 23.53
N LYS D 449 -16.32 25.43 22.63
CA LYS D 449 -15.87 26.10 21.43
C LYS D 449 -15.15 27.39 21.81
N PRO D 450 -14.09 27.75 21.10
CA PRO D 450 -13.34 28.96 21.46
C PRO D 450 -14.24 30.19 21.51
N PHE D 451 -13.95 31.07 22.48
CA PHE D 451 -14.70 32.31 22.67
C PHE D 451 -16.17 32.03 22.91
N GLU D 452 -16.47 31.01 23.71
CA GLU D 452 -17.82 30.68 24.11
C GLU D 452 -17.90 30.64 25.63
N ARG D 453 -18.94 31.26 26.18
CA ARG D 453 -19.15 31.27 27.62
C ARG D 453 -20.38 30.44 27.96
N ASP D 454 -20.25 29.59 28.98
CA ASP D 454 -21.32 28.72 29.43
C ASP D 454 -21.54 28.98 30.92
N ILE D 455 -22.58 29.75 31.24
CA ILE D 455 -22.93 30.07 32.61
C ILE D 455 -23.99 29.13 33.17
N SER D 456 -24.43 28.15 32.39
CA SER D 456 -25.46 27.22 32.84
C SER D 456 -24.96 26.42 34.03
N THR D 457 -25.82 26.26 35.03
CA THR D 457 -25.51 25.52 36.25
C THR D 457 -26.33 24.25 36.37
N GLU D 458 -26.60 23.59 35.25
CA GLU D 458 -27.37 22.35 35.28
C GLU D 458 -26.59 21.24 35.98
N ILE D 459 -27.32 20.32 36.59
CA ILE D 459 -26.70 19.23 37.34
C ILE D 459 -26.13 18.21 36.38
N TYR D 460 -24.86 17.88 36.54
CA TYR D 460 -24.16 17.00 35.62
C TYR D 460 -24.53 15.55 35.88
N GLN D 461 -24.78 14.79 34.81
CA GLN D 461 -25.09 13.37 34.89
C GLN D 461 -23.87 12.58 34.44
N ALA D 462 -23.08 12.12 35.41
CA ALA D 462 -21.87 11.38 35.11
C ALA D 462 -22.13 9.93 34.72
N GLY D 463 -23.21 9.33 35.22
CA GLY D 463 -23.47 7.93 34.96
C GLY D 463 -24.53 7.72 33.90
N SER D 464 -25.48 6.83 34.16
CA SER D 464 -26.55 6.55 33.23
C SER D 464 -27.93 6.90 33.77
N THR D 465 -28.02 7.28 35.04
CA THR D 465 -29.30 7.64 35.63
C THR D 465 -29.50 9.14 35.52
N PRO D 466 -30.49 9.60 34.76
CA PRO D 466 -30.73 11.05 34.68
C PRO D 466 -31.02 11.64 36.05
N CYS D 467 -30.49 12.84 36.28
CA CYS D 467 -30.53 13.47 37.59
C CYS D 467 -31.84 14.21 37.83
N ASN D 468 -32.28 15.00 36.85
CA ASN D 468 -33.45 15.87 36.99
C ASN D 468 -33.29 16.83 38.16
N GLY D 469 -32.07 17.31 38.38
CA GLY D 469 -31.81 18.32 39.40
C GLY D 469 -32.01 17.84 40.82
N VAL D 470 -31.19 16.88 41.26
CA VAL D 470 -31.33 16.32 42.60
C VAL D 470 -30.02 16.49 43.37
N GLU D 471 -28.91 16.51 42.65
CA GLU D 471 -27.57 16.65 43.24
C GLU D 471 -27.32 15.56 44.29
N GLY D 472 -27.30 14.33 43.82
CA GLY D 472 -27.04 13.19 44.69
C GLY D 472 -25.92 12.30 44.20
N PHE D 473 -26.14 10.98 44.29
CA PHE D 473 -25.15 10.03 43.83
C PHE D 473 -25.05 10.07 42.31
N ASN D 474 -23.82 10.14 41.79
CA ASN D 474 -23.55 10.23 40.36
C ASN D 474 -24.23 11.44 39.73
N CYS D 475 -24.40 12.50 40.50
CA CYS D 475 -24.98 13.76 40.01
C CYS D 475 -24.27 14.89 40.72
N TYR D 476 -23.57 15.73 39.96
CA TYR D 476 -22.67 16.73 40.53
C TYR D 476 -23.02 18.14 40.08
N PHE D 477 -22.64 19.11 40.92
CA PHE D 477 -22.82 20.52 40.63
C PHE D 477 -21.53 21.05 40.02
N PRO D 478 -21.51 21.41 38.72
CA PRO D 478 -20.22 21.70 38.07
C PRO D 478 -19.49 22.91 38.62
N LEU D 479 -20.18 23.81 39.31
CA LEU D 479 -19.56 25.07 39.74
C LEU D 479 -18.76 24.83 41.01
N GLN D 480 -17.51 24.40 40.83
CA GLN D 480 -16.60 24.22 41.95
C GLN D 480 -15.98 25.53 42.35
N SER D 481 -15.86 25.76 43.64
CA SER D 481 -15.25 26.97 44.17
C SER D 481 -13.73 26.84 44.19
N TYR D 482 -13.07 27.94 44.51
CA TYR D 482 -11.61 28.02 44.58
C TYR D 482 -11.19 28.17 46.02
N GLY D 483 -10.13 27.47 46.40
CA GLY D 483 -9.59 27.60 47.75
C GLY D 483 -8.53 28.68 47.84
N PHE D 484 -8.95 29.94 47.80
CA PHE D 484 -8.02 31.06 47.79
C PHE D 484 -7.83 31.58 49.22
N GLN D 485 -6.64 31.36 49.76
CA GLN D 485 -6.24 31.88 51.06
C GLN D 485 -4.84 32.46 50.97
N PRO D 486 -4.52 33.46 51.80
CA PRO D 486 -3.19 34.09 51.70
C PRO D 486 -2.05 33.16 51.98
N THR D 487 -2.28 32.05 52.68
CA THR D 487 -1.21 31.12 53.04
C THR D 487 -0.93 30.08 51.96
N ASN D 488 -1.61 30.17 50.82
CA ASN D 488 -1.30 29.27 49.71
C ASN D 488 0.11 29.51 49.22
N GLY D 489 0.62 28.54 48.47
CA GLY D 489 1.90 28.71 47.81
C GLY D 489 1.79 29.68 46.66
N VAL D 490 2.94 29.96 46.04
CA VAL D 490 2.96 30.90 44.91
C VAL D 490 2.08 30.37 43.77
N GLY D 491 2.21 29.09 43.46
CA GLY D 491 1.45 28.52 42.35
C GLY D 491 -0.03 28.36 42.64
N TYR D 492 -0.41 28.31 43.91
CA TYR D 492 -1.81 28.14 44.27
C TYR D 492 -2.50 29.47 44.58
N GLN D 493 -1.81 30.59 44.43
CA GLN D 493 -2.42 31.89 44.62
C GLN D 493 -3.23 32.28 43.39
N PRO D 494 -4.26 33.12 43.56
CA PRO D 494 -5.05 33.54 42.41
C PRO D 494 -4.23 34.37 41.43
N TYR D 495 -4.59 34.26 40.16
CA TYR D 495 -3.97 35.06 39.11
C TYR D 495 -5.07 35.75 38.32
N ARG D 496 -5.00 37.08 38.24
CA ARG D 496 -5.93 37.82 37.39
C ARG D 496 -5.43 37.78 35.96
N VAL D 497 -6.27 37.29 35.06
CA VAL D 497 -5.91 37.08 33.66
C VAL D 497 -6.79 37.96 32.80
N VAL D 498 -6.17 38.67 31.87
CA VAL D 498 -6.88 39.50 30.90
C VAL D 498 -6.36 39.13 29.51
N VAL D 499 -7.28 38.83 28.60
CA VAL D 499 -6.93 38.41 27.24
C VAL D 499 -7.45 39.45 26.27
N LEU D 500 -6.57 39.90 25.36
CA LEU D 500 -6.91 40.90 24.37
C LEU D 500 -6.97 40.24 23.00
N SER D 501 -8.11 40.36 22.33
CA SER D 501 -8.33 39.79 21.00
C SER D 501 -8.66 40.90 20.01
N PHE D 502 -8.10 40.80 18.82
CA PHE D 502 -8.30 41.78 17.77
C PHE D 502 -9.13 41.14 16.66
N GLU D 503 -10.24 41.76 16.30
CA GLU D 503 -11.05 41.28 15.19
C GLU D 503 -11.11 42.38 14.14
N LEU D 504 -10.87 42.01 12.89
CA LEU D 504 -10.91 42.95 11.78
C LEU D 504 -11.84 42.41 10.72
N LEU D 505 -12.77 43.25 10.27
CA LEU D 505 -13.69 42.89 9.20
C LEU D 505 -13.75 44.04 8.21
N HIS D 506 -14.61 43.90 7.20
CA HIS D 506 -14.72 44.92 6.16
C HIS D 506 -15.62 46.03 6.67
N ALA D 507 -15.04 46.91 7.48
CA ALA D 507 -15.76 47.99 8.14
C ALA D 507 -14.74 49.01 8.62
N PRO D 508 -15.16 50.25 8.87
CA PRO D 508 -14.22 51.29 9.32
C PRO D 508 -13.52 50.90 10.62
N ALA D 509 -12.21 51.07 10.64
CA ALA D 509 -11.41 50.80 11.83
C ALA D 509 -10.96 52.11 12.45
N THR D 510 -11.29 52.31 13.73
CA THR D 510 -11.02 53.57 14.40
C THR D 510 -10.26 53.38 15.70
N VAL D 511 -9.63 52.22 15.87
CA VAL D 511 -8.92 51.94 17.15
C VAL D 511 -7.46 51.63 16.83
N CYS D 512 -6.60 52.65 16.91
CA CYS D 512 -5.15 52.45 16.64
C CYS D 512 -4.33 53.28 17.62
N GLY D 513 -3.00 53.17 17.54
CA GLY D 513 -2.13 53.88 18.50
C GLY D 513 -1.99 55.35 18.18
N PRO D 514 -0.97 56.05 18.71
CA PRO D 514 -0.72 57.44 18.35
C PRO D 514 0.12 57.52 17.08
N LYS D 515 -0.11 58.78 16.50
CA LYS D 515 0.62 59.02 15.23
C LYS D 515 1.80 59.96 15.48
N LYS D 516 2.56 60.26 14.43
CA LYS D 516 3.74 61.15 14.56
C LYS D 516 3.29 62.61 14.57
N SER D 517 4.04 63.47 15.27
CA SER D 517 3.69 64.90 15.36
C SER D 517 4.93 65.70 15.73
N THR D 518 5.69 66.16 14.74
CA THR D 518 6.92 66.87 14.99
C THR D 518 6.65 68.34 15.28
N ASN D 519 7.71 69.06 15.63
CA ASN D 519 7.61 70.50 15.81
C ASN D 519 7.36 71.18 14.48
N LEU D 520 6.74 72.36 14.54
CA LEU D 520 6.40 73.10 13.33
C LEU D 520 7.54 74.04 12.95
N VAL D 521 7.99 73.94 11.71
CA VAL D 521 9.01 74.83 11.16
C VAL D 521 8.43 75.58 9.98
N LYS D 522 8.75 76.87 9.88
CA LYS D 522 8.22 77.75 8.87
C LYS D 522 9.38 78.40 8.14
N ASN D 523 9.06 79.03 7.00
CA ASN D 523 10.04 79.78 6.21
C ASN D 523 11.20 78.89 5.76
N LYS D 524 10.88 77.71 5.25
CA LYS D 524 11.87 76.80 4.70
C LYS D 524 11.15 75.75 3.88
N CYS D 525 11.72 75.42 2.71
CA CYS D 525 11.10 74.43 1.84
C CYS D 525 11.14 73.07 2.52
N VAL D 526 9.98 72.63 3.03
CA VAL D 526 9.86 71.39 3.78
C VAL D 526 8.97 70.43 3.00
N ASN D 527 9.06 69.16 3.36
CA ASN D 527 8.26 68.10 2.74
C ASN D 527 7.14 67.74 3.70
N PHE D 528 6.14 68.62 3.80
CA PHE D 528 5.16 68.48 4.87
C PHE D 528 4.22 67.32 4.59
N ASN D 529 3.60 66.83 5.66
CA ASN D 529 2.54 65.82 5.58
C ASN D 529 1.65 66.07 6.80
N PHE D 530 0.57 66.80 6.59
CA PHE D 530 -0.39 67.08 7.64
C PHE D 530 -1.37 65.92 7.76
N ASN D 531 -2.49 66.16 8.43
CA ASN D 531 -3.43 65.07 8.66
C ASN D 531 -4.07 64.62 7.36
N GLY D 532 -3.28 63.97 6.51
CA GLY D 532 -3.80 63.37 5.30
C GLY D 532 -3.12 63.80 4.02
N LEU D 533 -2.83 65.09 3.87
CA LEU D 533 -2.31 65.60 2.61
C LEU D 533 -0.79 65.76 2.66
N THR D 534 -0.15 65.40 1.56
CA THR D 534 1.31 65.42 1.45
C THR D 534 1.72 66.38 0.35
N GLY D 535 2.71 67.20 0.64
CA GLY D 535 3.17 68.16 -0.35
C GLY D 535 4.46 68.80 0.10
N THR D 536 5.02 69.60 -0.79
CA THR D 536 6.26 70.33 -0.55
C THR D 536 5.97 71.81 -0.67
N GLY D 537 6.49 72.61 0.26
CA GLY D 537 6.21 74.01 0.21
C GLY D 537 6.97 74.77 1.27
N VAL D 538 6.57 76.03 1.45
CA VAL D 538 7.17 76.91 2.43
C VAL D 538 6.02 77.46 3.29
N LEU D 539 5.83 76.88 4.46
CA LEU D 539 4.73 77.29 5.32
C LEU D 539 5.05 78.63 5.97
N THR D 540 4.07 79.53 5.95
CA THR D 540 4.20 80.84 6.59
C THR D 540 2.95 81.14 7.39
N GLU D 541 3.09 82.00 8.39
CA GLU D 541 1.95 82.42 9.19
C GLU D 541 0.93 83.13 8.32
N SER D 542 -0.22 82.49 8.10
CA SER D 542 -1.17 82.95 7.10
C SER D 542 -2.00 84.11 7.63
N ASN D 543 -2.98 84.53 6.83
CA ASN D 543 -3.91 85.57 7.20
C ASN D 543 -5.37 85.22 6.90
N LYS D 544 -5.62 84.14 6.16
CA LYS D 544 -6.99 83.75 5.87
C LYS D 544 -7.70 83.30 7.14
N LYS D 545 -9.01 83.47 7.17
CA LYS D 545 -9.83 83.07 8.31
C LYS D 545 -10.72 81.91 7.88
N PHE D 546 -10.24 80.69 8.12
CA PHE D 546 -10.98 79.51 7.75
C PHE D 546 -12.29 79.41 8.54
N LEU D 547 -13.21 78.62 8.02
CA LEU D 547 -14.42 78.30 8.75
C LEU D 547 -14.10 77.33 9.88
N PRO D 548 -15.00 77.20 10.87
CA PRO D 548 -14.70 76.30 11.99
C PRO D 548 -14.39 74.87 11.58
N PHE D 549 -15.05 74.34 10.55
CA PHE D 549 -14.94 72.94 10.19
C PHE D 549 -13.98 72.68 9.04
N GLN D 550 -13.27 73.69 8.55
CA GLN D 550 -12.47 73.56 7.34
C GLN D 550 -10.99 73.33 7.67
N GLN D 551 -10.38 72.41 6.94
CA GLN D 551 -9.01 72.02 7.17
C GLN D 551 -8.12 72.18 5.94
N PHE D 552 -8.68 72.58 4.81
CA PHE D 552 -7.98 72.65 3.54
C PHE D 552 -8.06 74.07 2.98
N GLY D 553 -7.26 74.31 1.96
CA GLY D 553 -7.32 75.56 1.23
C GLY D 553 -7.06 75.29 -0.24
N ARG D 554 -7.76 75.97 -1.14
CA ARG D 554 -7.58 75.71 -2.56
C ARG D 554 -7.71 77.00 -3.35
N ASP D 555 -7.08 77.01 -4.52
CA ASP D 555 -7.12 78.12 -5.47
C ASP D 555 -8.10 77.80 -6.58
N ILE D 556 -8.12 78.68 -7.60
CA ILE D 556 -9.01 78.46 -8.74
C ILE D 556 -8.58 77.20 -9.50
N ALA D 557 -7.28 76.98 -9.62
CA ALA D 557 -6.75 75.84 -10.36
C ALA D 557 -6.81 74.55 -9.56
N ASP D 558 -7.56 74.51 -8.47
CA ASP D 558 -7.65 73.33 -7.60
C ASP D 558 -6.27 72.87 -7.15
N THR D 559 -5.46 73.82 -6.71
CA THR D 559 -4.14 73.54 -6.16
C THR D 559 -4.14 73.90 -4.68
N THR D 560 -3.57 73.01 -3.86
CA THR D 560 -3.58 73.22 -2.42
C THR D 560 -2.81 74.47 -2.06
N ASP D 561 -3.43 75.33 -1.26
CA ASP D 561 -2.88 76.64 -0.95
C ASP D 561 -2.62 76.84 0.54
N ALA D 562 -3.60 76.55 1.38
CA ALA D 562 -3.50 76.79 2.82
C ALA D 562 -3.93 75.55 3.57
N VAL D 563 -3.38 75.37 4.76
CA VAL D 563 -3.66 74.22 5.61
C VAL D 563 -3.85 74.72 7.04
N ARG D 564 -4.82 74.15 7.74
CA ARG D 564 -5.02 74.45 9.15
C ARG D 564 -4.33 73.39 9.99
N ASP D 565 -3.45 73.82 10.87
CA ASP D 565 -2.65 72.89 11.66
C ASP D 565 -3.54 72.16 12.66
N PRO D 566 -3.58 70.82 12.64
CA PRO D 566 -4.50 70.10 13.54
C PRO D 566 -4.21 70.32 15.01
N GLN D 567 -2.95 70.44 15.40
CA GLN D 567 -2.61 70.58 16.81
C GLN D 567 -2.97 71.97 17.33
N THR D 568 -2.35 73.00 16.75
CA THR D 568 -2.70 74.38 17.03
C THR D 568 -3.53 74.90 15.87
N LEU D 569 -4.77 75.29 16.13
CA LEU D 569 -5.68 75.63 15.05
C LEU D 569 -5.29 76.95 14.39
N GLU D 570 -4.15 76.95 13.71
CA GLU D 570 -3.64 78.13 13.04
C GLU D 570 -3.49 77.81 11.56
N ILE D 571 -3.88 78.77 10.72
CA ILE D 571 -3.88 78.58 9.27
C ILE D 571 -2.49 78.92 8.73
N LEU D 572 -1.99 78.11 7.81
CA LEU D 572 -0.66 78.27 7.24
C LEU D 572 -0.75 78.45 5.74
N ASP D 573 -0.01 79.42 5.21
CA ASP D 573 0.09 79.61 3.78
C ASP D 573 1.17 78.73 3.20
N ILE D 574 0.91 78.17 2.03
CA ILE D 574 1.85 77.28 1.35
C ILE D 574 2.27 77.94 0.04
N THR D 575 3.57 78.18 -0.12
CA THR D 575 4.12 78.68 -1.37
C THR D 575 5.23 77.73 -1.80
N PRO D 576 5.19 77.18 -3.02
CA PRO D 576 6.23 76.25 -3.43
C PRO D 576 7.61 76.90 -3.36
N CYS D 577 8.60 76.13 -2.93
CA CYS D 577 9.94 76.67 -2.81
C CYS D 577 10.49 77.01 -4.20
N SER D 578 11.31 78.05 -4.25
CA SER D 578 11.61 78.74 -5.50
C SER D 578 12.21 77.81 -6.54
N PHE D 579 11.79 78.00 -7.78
CA PHE D 579 12.34 77.29 -8.93
C PHE D 579 12.50 78.31 -10.05
N GLY D 580 12.90 77.83 -11.21
CA GLY D 580 13.08 78.74 -12.32
C GLY D 580 14.14 78.25 -13.27
N GLY D 581 14.80 79.20 -13.93
CA GLY D 581 15.82 78.87 -14.90
C GLY D 581 17.08 79.68 -14.65
N VAL D 582 18.17 79.20 -15.22
CA VAL D 582 19.48 79.82 -15.09
C VAL D 582 19.89 80.31 -16.47
N SER D 583 20.22 81.59 -16.57
CA SER D 583 20.65 82.19 -17.83
C SER D 583 22.02 82.82 -17.63
N VAL D 584 22.89 82.63 -18.60
CA VAL D 584 24.29 83.05 -18.52
C VAL D 584 24.47 84.26 -19.41
N ILE D 585 24.64 85.43 -18.81
CA ILE D 585 24.81 86.68 -19.55
C ILE D 585 26.28 86.83 -19.90
N THR D 586 26.59 86.89 -21.19
CA THR D 586 27.99 86.90 -21.59
C THR D 586 28.24 87.78 -22.80
N PRO D 587 29.34 88.52 -22.82
CA PRO D 587 29.86 89.02 -24.09
C PRO D 587 30.53 87.89 -24.83
N GLY D 588 30.83 88.13 -26.10
CA GLY D 588 31.37 87.07 -26.92
C GLY D 588 32.71 86.60 -26.40
N THR D 589 32.97 85.30 -26.57
CA THR D 589 34.30 84.79 -26.25
C THR D 589 35.37 85.44 -27.12
N ASN D 590 34.98 86.03 -28.24
CA ASN D 590 35.90 86.86 -29.02
C ASN D 590 36.36 88.06 -28.21
N THR D 591 35.64 88.43 -27.15
CA THR D 591 36.01 89.55 -26.31
C THR D 591 36.57 89.10 -24.96
N SER D 592 35.84 88.28 -24.23
CA SER D 592 36.23 87.90 -22.88
C SER D 592 35.56 86.58 -22.51
N ASN D 593 36.01 86.01 -21.39
CA ASN D 593 35.44 84.79 -20.85
C ASN D 593 34.78 85.02 -19.50
N GLU D 594 34.45 86.27 -19.19
CA GLU D 594 33.82 86.64 -17.93
C GLU D 594 32.31 86.72 -18.12
N VAL D 595 31.56 85.92 -17.38
CA VAL D 595 30.13 85.81 -17.57
C VAL D 595 29.42 86.22 -16.28
N ALA D 596 28.14 86.55 -16.43
CA ALA D 596 27.27 86.88 -15.30
C ALA D 596 26.06 85.98 -15.35
N VAL D 597 25.64 85.46 -14.21
CA VAL D 597 24.59 84.47 -14.12
C VAL D 597 23.35 85.12 -13.51
N LEU D 598 22.21 84.86 -14.11
CA LEU D 598 20.92 85.38 -13.64
C LEU D 598 20.03 84.20 -13.28
N TYR D 599 19.48 84.25 -12.07
CA TYR D 599 18.53 83.24 -11.62
C TYR D 599 17.15 83.86 -11.68
N GLN D 600 16.28 83.30 -12.50
CA GLN D 600 15.00 83.95 -12.79
C GLN D 600 14.01 83.70 -11.67
N ASP D 601 13.36 84.78 -11.21
CA ASP D 601 12.32 84.73 -10.19
C ASP D 601 12.84 84.12 -8.89
N VAL D 602 13.81 84.81 -8.28
CA VAL D 602 14.45 84.37 -7.05
C VAL D 602 14.86 85.60 -6.25
N ASN D 603 14.75 85.50 -4.93
CA ASN D 603 14.97 86.63 -4.03
C ASN D 603 16.43 86.73 -3.56
N CYS D 604 17.38 86.12 -4.28
CA CYS D 604 18.81 86.15 -4.01
C CYS D 604 19.20 85.41 -2.74
N THR D 605 18.25 84.92 -1.95
CA THR D 605 18.54 84.26 -0.69
C THR D 605 18.49 82.74 -0.80
N GLU D 606 18.34 82.20 -2.01
CA GLU D 606 18.24 80.77 -2.20
C GLU D 606 19.34 80.20 -3.08
N VAL D 607 20.29 81.01 -3.53
CA VAL D 607 21.31 80.53 -4.45
C VAL D 607 22.40 79.81 -3.69
N ASN D 628 27.81 93.17 -6.52
CA ASN D 628 28.19 91.81 -6.92
C ASN D 628 26.98 90.91 -7.01
N VAL D 629 25.95 91.21 -6.23
CA VAL D 629 24.69 90.48 -6.28
C VAL D 629 23.58 91.51 -6.41
N PHE D 630 23.10 91.71 -7.63
CA PHE D 630 22.08 92.69 -7.95
C PHE D 630 20.73 91.98 -8.06
N GLN D 631 19.71 92.57 -7.46
CA GLN D 631 18.38 91.99 -7.46
C GLN D 631 17.47 92.85 -8.33
N THR D 632 16.89 92.26 -9.37
CA THR D 632 16.04 92.93 -10.33
C THR D 632 14.66 92.29 -10.33
N ARG D 633 13.81 92.74 -11.26
CA ARG D 633 12.50 92.12 -11.43
C ARG D 633 12.59 90.79 -12.17
N ALA D 634 13.59 90.62 -13.02
CA ALA D 634 13.76 89.33 -13.69
C ALA D 634 14.27 88.26 -12.75
N GLY D 635 15.13 88.63 -11.80
CA GLY D 635 15.66 87.68 -10.85
C GLY D 635 16.98 88.16 -10.29
N CYS D 636 17.65 87.25 -9.59
CA CYS D 636 18.90 87.57 -8.91
C CYS D 636 20.06 87.54 -9.91
N LEU D 637 20.69 88.69 -10.11
CA LEU D 637 21.80 88.82 -11.06
C LEU D 637 23.11 88.74 -10.29
N ILE D 638 23.90 87.72 -10.59
CA ILE D 638 25.15 87.46 -9.89
C ILE D 638 26.31 87.66 -10.85
N GLY D 639 27.28 88.47 -10.46
CA GLY D 639 28.48 88.66 -11.23
C GLY D 639 28.51 89.89 -12.10
N ALA D 640 27.53 90.79 -11.97
CA ALA D 640 27.46 91.98 -12.79
C ALA D 640 27.30 93.20 -11.91
N GLU D 641 28.13 94.22 -12.16
CA GLU D 641 28.02 95.47 -11.44
C GLU D 641 26.71 96.17 -11.81
N HIS D 642 26.22 96.99 -10.89
CA HIS D 642 25.06 97.82 -11.13
C HIS D 642 25.52 99.26 -11.26
N VAL D 643 25.26 99.86 -12.41
CA VAL D 643 25.65 101.24 -12.69
C VAL D 643 24.42 102.12 -12.60
N ASN D 644 24.60 103.36 -12.12
CA ASN D 644 23.51 104.32 -12.04
C ASN D 644 23.33 105.10 -13.33
N ASN D 645 24.13 104.85 -14.36
CA ASN D 645 23.95 105.49 -15.65
C ASN D 645 22.84 104.78 -16.44
N SER D 646 22.74 105.10 -17.73
CA SER D 646 21.75 104.48 -18.59
C SER D 646 22.25 104.59 -20.03
N TYR D 647 22.58 103.46 -20.63
CA TYR D 647 23.06 103.41 -22.00
C TYR D 647 22.07 102.65 -22.87
N GLU D 648 22.42 102.50 -24.15
CA GLU D 648 21.62 101.70 -25.05
C GLU D 648 21.67 100.23 -24.63
N CYS D 649 20.61 99.51 -24.95
CA CYS D 649 20.53 98.11 -24.55
C CYS D 649 21.52 97.28 -25.35
N ASP D 650 22.30 96.46 -24.65
CA ASP D 650 23.27 95.56 -25.26
C ASP D 650 22.84 94.10 -25.13
N ILE D 651 22.55 93.66 -23.91
CA ILE D 651 22.03 92.33 -23.64
C ILE D 651 20.76 92.52 -22.82
N PRO D 652 19.59 92.21 -23.37
CA PRO D 652 18.35 92.36 -22.60
C PRO D 652 18.29 91.40 -21.44
N ILE D 653 17.61 91.83 -20.38
CA ILE D 653 17.37 90.96 -19.22
C ILE D 653 15.89 90.93 -18.89
N GLY D 654 15.29 92.08 -18.69
CA GLY D 654 13.87 92.15 -18.39
C GLY D 654 13.56 93.33 -17.50
N ALA D 655 12.34 93.85 -17.65
CA ALA D 655 11.86 95.00 -16.91
C ALA D 655 12.77 96.21 -17.10
N GLY D 656 13.37 96.34 -18.28
CA GLY D 656 14.17 97.49 -18.60
C GLY D 656 15.63 97.39 -18.24
N ILE D 657 16.08 96.27 -17.69
CA ILE D 657 17.47 96.09 -17.30
C ILE D 657 18.22 95.47 -18.47
N CYS D 658 19.33 96.10 -18.85
CA CYS D 658 20.18 95.59 -19.92
C CYS D 658 21.61 95.56 -19.43
N ALA D 659 22.24 94.39 -19.49
CA ALA D 659 23.63 94.23 -19.08
C ALA D 659 24.54 94.41 -20.28
N SER D 660 25.73 94.96 -20.03
CA SER D 660 26.67 95.19 -21.11
C SER D 660 28.10 95.09 -20.57
N TYR D 661 29.02 94.72 -21.46
CA TYR D 661 30.43 94.58 -21.11
C TYR D 661 31.16 95.85 -21.48
N GLN D 662 31.59 96.61 -20.48
CA GLN D 662 32.29 97.85 -20.71
C GLN D 662 33.21 98.13 -19.53
N THR D 663 34.11 99.10 -19.74
CA THR D 663 35.12 99.49 -18.77
C THR D 663 34.59 99.61 -17.33
N SER D 676 39.95 96.19 -15.13
CA SER D 676 39.55 97.21 -16.10
C SER D 676 38.08 97.08 -16.48
N GLN D 677 37.82 96.35 -17.55
CA GLN D 677 36.45 96.19 -18.05
C GLN D 677 35.77 95.01 -17.38
N SER D 678 34.50 95.19 -17.07
CA SER D 678 33.68 94.16 -16.43
C SER D 678 32.27 94.25 -16.98
N ILE D 679 31.36 93.49 -16.39
CA ILE D 679 29.99 93.41 -16.86
C ILE D 679 29.11 94.23 -15.94
N ILE D 680 28.40 95.20 -16.52
CA ILE D 680 27.54 96.10 -15.76
C ILE D 680 26.09 95.69 -16.00
N ALA D 681 25.17 96.31 -15.25
CA ALA D 681 23.75 96.01 -15.36
C ALA D 681 22.98 97.29 -15.08
N TYR D 682 22.66 98.04 -16.12
CA TYR D 682 22.02 99.33 -16.01
C TYR D 682 20.57 99.23 -16.44
N THR D 683 19.86 100.35 -16.35
CA THR D 683 18.49 100.48 -16.84
C THR D 683 18.54 101.22 -18.17
N MET D 684 18.07 100.56 -19.23
CA MET D 684 18.29 101.04 -20.58
C MET D 684 17.60 102.37 -20.82
N SER D 685 18.19 103.18 -21.70
CA SER D 685 17.68 104.50 -22.01
C SER D 685 17.01 104.50 -23.37
N LEU D 686 15.90 105.24 -23.46
CA LEU D 686 15.04 105.22 -24.65
C LEU D 686 15.48 106.29 -25.65
N GLY D 687 16.73 106.22 -26.07
CA GLY D 687 17.24 107.15 -27.04
C GLY D 687 17.72 108.45 -26.43
N ALA D 688 18.34 109.27 -27.27
CA ALA D 688 18.95 110.51 -26.85
C ALA D 688 17.91 111.62 -26.80
N GLU D 689 17.93 112.40 -25.73
CA GLU D 689 16.92 113.42 -25.52
C GLU D 689 17.01 114.52 -26.57
N ASN D 690 15.86 115.11 -26.89
CA ASN D 690 15.78 116.20 -27.84
C ASN D 690 14.47 116.93 -27.61
N SER D 691 14.50 118.25 -27.65
CA SER D 691 13.32 119.08 -27.52
C SER D 691 13.32 120.08 -28.66
N VAL D 692 12.24 120.12 -29.43
CA VAL D 692 12.18 120.96 -30.60
C VAL D 692 11.88 122.39 -30.17
N ALA D 693 12.65 123.34 -30.70
CA ALA D 693 12.46 124.76 -30.39
C ALA D 693 11.18 125.23 -31.07
N TYR D 694 10.05 124.96 -30.44
CA TYR D 694 8.75 125.20 -31.03
C TYR D 694 8.16 126.50 -30.51
N SER D 695 7.79 127.39 -31.42
CA SER D 695 7.07 128.61 -31.10
C SER D 695 5.87 128.71 -32.03
N ASN D 696 5.12 129.80 -31.91
CA ASN D 696 3.95 129.98 -32.74
C ASN D 696 4.24 130.80 -34.00
N ASN D 697 5.49 131.16 -34.25
CA ASN D 697 5.84 131.83 -35.49
C ASN D 697 7.17 131.35 -36.05
N SER D 698 7.78 130.32 -35.46
CA SER D 698 9.08 129.84 -35.89
C SER D 698 8.90 128.56 -36.69
N ILE D 699 9.48 128.53 -37.89
CA ILE D 699 9.46 127.37 -38.76
C ILE D 699 10.90 127.08 -39.17
N ALA D 700 11.23 125.80 -39.29
CA ALA D 700 12.55 125.37 -39.73
C ALA D 700 12.44 124.78 -41.12
N ILE D 701 13.36 125.14 -42.00
CA ILE D 701 13.32 124.67 -43.38
C ILE D 701 14.68 124.12 -43.78
N PRO D 702 14.76 122.93 -44.36
CA PRO D 702 16.06 122.42 -44.78
C PRO D 702 16.63 123.22 -45.93
N THR D 703 17.95 123.20 -46.05
CA THR D 703 18.64 123.90 -47.12
C THR D 703 19.46 122.98 -48.01
N ASN D 704 19.77 121.77 -47.56
CA ASN D 704 20.50 120.79 -48.35
C ASN D 704 19.77 119.47 -48.21
N PHE D 705 20.42 118.38 -48.62
CA PHE D 705 19.81 117.06 -48.53
C PHE D 705 20.90 116.01 -48.64
N THR D 706 20.51 114.77 -48.39
CA THR D 706 21.37 113.63 -48.65
C THR D 706 20.54 112.52 -49.26
N ILE D 707 21.15 111.76 -50.17
CA ILE D 707 20.49 110.66 -50.86
C ILE D 707 21.01 109.39 -50.19
N SER D 708 20.29 108.91 -49.18
CA SER D 708 20.69 107.72 -48.46
C SER D 708 20.04 106.48 -49.06
N VAL D 709 20.79 105.38 -49.06
CA VAL D 709 20.37 104.13 -49.68
C VAL D 709 20.46 103.04 -48.63
N THR D 710 19.30 102.55 -48.18
CA THR D 710 19.24 101.57 -47.11
C THR D 710 18.90 100.19 -47.68
N THR D 711 19.18 99.16 -46.89
CA THR D 711 19.04 97.78 -47.32
C THR D 711 17.97 97.08 -46.50
N GLU D 712 17.10 96.34 -47.17
CA GLU D 712 16.08 95.54 -46.50
C GLU D 712 16.11 94.11 -47.01
N ILE D 713 16.17 93.15 -46.10
CA ILE D 713 16.31 91.74 -46.42
C ILE D 713 15.05 91.02 -45.99
N LEU D 714 14.47 90.22 -46.90
CA LEU D 714 13.23 89.52 -46.63
C LEU D 714 13.29 88.07 -47.10
N PRO D 715 13.01 87.09 -46.25
CA PRO D 715 12.91 85.71 -46.72
C PRO D 715 11.70 85.51 -47.62
N VAL D 716 11.85 84.68 -48.63
CA VAL D 716 10.78 84.50 -49.61
C VAL D 716 10.40 83.03 -49.78
N SER D 717 11.31 82.11 -49.51
CA SER D 717 11.01 80.71 -49.70
C SER D 717 11.77 79.85 -48.70
N MET D 718 11.45 78.56 -48.71
CA MET D 718 12.11 77.58 -47.85
C MET D 718 12.65 76.44 -48.72
N THR D 719 13.11 75.37 -48.09
CA THR D 719 13.52 74.19 -48.82
C THR D 719 12.33 73.26 -48.99
N LYS D 720 12.12 72.79 -50.20
CA LYS D 720 11.01 71.89 -50.50
C LYS D 720 11.41 70.50 -50.02
N THR D 721 11.08 70.18 -48.78
CA THR D 721 11.44 68.92 -48.16
C THR D 721 10.22 68.02 -48.12
N SER D 722 10.39 66.78 -48.54
CA SER D 722 9.36 65.75 -48.43
C SER D 722 9.91 64.59 -47.64
N VAL D 723 9.02 63.91 -46.91
CA VAL D 723 9.39 62.79 -46.06
C VAL D 723 8.43 61.64 -46.33
N ASP D 724 8.98 60.45 -46.55
CA ASP D 724 8.16 59.29 -46.83
C ASP D 724 7.74 58.59 -45.55
N CYS D 725 6.50 58.09 -45.55
CA CYS D 725 5.99 57.35 -44.39
C CYS D 725 6.72 56.04 -44.18
N THR D 726 6.64 55.16 -45.18
CA THR D 726 7.15 53.79 -44.99
C THR D 726 8.63 53.79 -44.69
N MET D 727 9.41 54.60 -45.39
CA MET D 727 10.86 54.53 -45.20
C MET D 727 11.28 55.15 -43.86
N TYR D 728 10.59 56.20 -43.42
CA TYR D 728 10.99 56.83 -42.17
C TYR D 728 10.62 55.98 -40.96
N ILE D 729 9.41 55.43 -40.95
CA ILE D 729 8.88 54.75 -39.78
C ILE D 729 9.32 53.30 -39.73
N CYS D 730 9.18 52.58 -40.84
CA CYS D 730 9.43 51.15 -40.90
C CYS D 730 10.41 50.83 -42.03
N GLY D 731 11.54 51.53 -42.03
CA GLY D 731 12.55 51.33 -43.05
C GLY D 731 13.00 49.90 -43.20
N ASP D 732 12.64 49.27 -44.33
CA ASP D 732 12.99 47.88 -44.62
C ASP D 732 12.48 46.93 -43.53
N SER D 733 11.15 46.90 -43.40
CA SER D 733 10.51 46.01 -42.42
C SER D 733 9.09 45.74 -42.92
N THR D 734 8.87 44.53 -43.44
CA THR D 734 7.53 44.17 -43.90
C THR D 734 6.57 44.05 -42.73
N GLU D 735 7.01 43.49 -41.61
CA GLU D 735 6.13 43.33 -40.46
C GLU D 735 5.67 44.68 -39.92
N CYS D 736 6.59 45.65 -39.82
CA CYS D 736 6.22 46.99 -39.38
C CYS D 736 5.27 47.64 -40.37
N SER D 737 5.51 47.45 -41.66
CA SER D 737 4.70 48.10 -42.68
C SER D 737 3.25 47.61 -42.63
N ASN D 738 3.05 46.31 -42.38
CA ASN D 738 1.71 45.76 -42.35
C ASN D 738 0.90 46.31 -41.17
N LEU D 739 1.53 46.44 -40.00
CA LEU D 739 0.81 46.96 -38.85
C LEU D 739 0.51 48.44 -39.03
N LEU D 740 1.36 49.18 -39.75
CA LEU D 740 1.12 50.59 -39.98
C LEU D 740 -0.21 50.83 -40.69
N LEU D 741 -0.64 49.88 -41.52
CA LEU D 741 -1.88 50.06 -42.27
C LEU D 741 -3.10 50.11 -41.36
N GLN D 742 -2.98 49.71 -40.10
CA GLN D 742 -4.12 49.77 -39.20
C GLN D 742 -4.50 51.22 -38.88
N TYR D 743 -3.53 52.13 -38.95
CA TYR D 743 -3.79 53.53 -38.63
C TYR D 743 -4.58 54.25 -39.71
N GLY D 744 -4.80 53.60 -40.86
CA GLY D 744 -5.61 54.18 -41.90
C GLY D 744 -4.79 54.95 -42.92
N SER D 745 -5.05 56.25 -43.01
CA SER D 745 -4.34 57.14 -43.92
C SER D 745 -3.79 58.33 -43.16
N PHE D 746 -3.10 58.06 -42.05
CA PHE D 746 -2.45 59.14 -41.31
C PHE D 746 -1.38 59.80 -42.15
N CYS D 747 -0.60 59.01 -42.88
CA CYS D 747 0.48 59.61 -43.65
C CYS D 747 0.21 59.63 -45.15
N THR D 748 -1.01 59.32 -45.58
CA THR D 748 -1.46 59.86 -46.85
C THR D 748 -1.74 61.35 -46.71
N GLN D 749 -2.06 61.79 -45.49
CA GLN D 749 -2.19 63.22 -45.23
C GLN D 749 -0.84 63.91 -45.21
N LEU D 750 0.15 63.30 -44.56
CA LEU D 750 1.43 63.97 -44.38
C LEU D 750 2.13 64.21 -45.70
N ASN D 751 2.10 63.23 -46.61
CA ASN D 751 2.62 63.46 -47.94
C ASN D 751 1.79 64.50 -48.68
N ARG D 752 0.52 64.66 -48.32
CA ARG D 752 -0.28 65.73 -48.90
C ARG D 752 0.04 67.08 -48.26
N ALA D 753 0.28 67.09 -46.94
CA ALA D 753 0.58 68.34 -46.27
C ALA D 753 1.94 68.89 -46.66
N LEU D 754 2.95 68.02 -46.73
CA LEU D 754 4.29 68.46 -47.08
C LEU D 754 4.42 68.81 -48.55
N THR D 755 3.56 68.28 -49.40
CA THR D 755 3.58 68.66 -50.80
C THR D 755 2.99 70.05 -51.01
N GLY D 756 1.86 70.32 -50.35
CA GLY D 756 1.24 71.63 -50.50
C GLY D 756 2.16 72.76 -50.07
N ILE D 757 2.97 72.51 -49.05
CA ILE D 757 4.01 73.47 -48.69
C ILE D 757 4.98 73.66 -49.83
N ALA D 758 5.42 72.56 -50.45
CA ALA D 758 6.46 72.63 -51.47
C ALA D 758 5.95 73.27 -52.75
N VAL D 759 4.73 72.95 -53.18
CA VAL D 759 4.18 73.60 -54.37
C VAL D 759 3.88 75.07 -54.12
N GLU D 760 3.78 75.48 -52.86
CA GLU D 760 3.57 76.87 -52.50
C GLU D 760 4.87 77.63 -52.40
N GLN D 761 5.95 76.96 -51.98
CA GLN D 761 7.26 77.61 -51.93
C GLN D 761 7.72 78.05 -53.30
N ASP D 762 7.18 77.44 -54.35
CA ASP D 762 7.49 77.86 -55.71
C ASP D 762 6.60 79.00 -56.15
N LYS D 763 5.42 79.11 -55.55
CA LYS D 763 4.56 80.26 -55.83
C LYS D 763 5.11 81.51 -55.18
N ASN D 764 5.62 81.39 -53.95
CA ASN D 764 6.22 82.54 -53.27
C ASN D 764 7.30 83.17 -54.13
N THR D 765 8.18 82.37 -54.69
CA THR D 765 9.25 82.89 -55.53
C THR D 765 8.71 83.48 -56.82
N GLN D 766 7.59 82.96 -57.31
CA GLN D 766 7.04 83.44 -58.58
C GLN D 766 6.32 84.77 -58.42
N GLU D 767 5.62 84.97 -57.30
CA GLU D 767 4.93 86.25 -57.09
C GLU D 767 5.92 87.38 -56.93
N VAL D 768 7.05 87.14 -56.26
CA VAL D 768 7.98 88.22 -55.98
C VAL D 768 8.65 88.69 -57.26
N PHE D 769 9.35 87.80 -57.94
CA PHE D 769 10.20 88.19 -59.06
C PHE D 769 9.44 88.22 -60.37
N ALA D 770 8.69 87.16 -60.67
CA ALA D 770 8.04 87.03 -61.97
C ALA D 770 6.87 87.99 -62.06
N GLN D 771 7.20 89.28 -62.09
CA GLN D 771 6.19 90.33 -62.19
C GLN D 771 6.24 91.08 -63.50
N VAL D 772 7.36 91.03 -64.20
CA VAL D 772 7.54 91.72 -65.46
C VAL D 772 7.48 90.69 -66.58
N LYS D 773 6.93 91.09 -67.72
CA LYS D 773 6.75 90.14 -68.82
C LYS D 773 7.96 90.09 -69.74
N GLN D 774 8.33 91.20 -70.35
CA GLN D 774 9.47 91.26 -71.26
C GLN D 774 10.74 91.34 -70.44
N ILE D 775 11.78 90.63 -70.89
CA ILE D 775 13.08 90.67 -70.24
C ILE D 775 13.84 91.88 -70.79
N TYR D 776 13.87 92.96 -70.02
CA TYR D 776 14.51 94.18 -70.46
C TYR D 776 16.02 94.09 -70.30
N LYS D 777 16.71 95.04 -70.92
CA LYS D 777 18.17 95.10 -70.90
C LYS D 777 18.60 96.55 -70.86
N THR D 778 19.73 96.79 -70.22
CA THR D 778 20.30 98.13 -70.26
C THR D 778 20.97 98.37 -71.61
N PRO D 779 21.03 99.63 -72.05
CA PRO D 779 21.76 99.91 -73.28
C PRO D 779 23.23 99.60 -73.10
N PRO D 780 23.94 99.32 -74.20
CA PRO D 780 25.40 99.11 -74.08
C PRO D 780 26.13 100.31 -73.50
N ILE D 781 25.67 101.52 -73.76
CA ILE D 781 26.23 102.70 -73.12
C ILE D 781 25.76 102.76 -71.67
N LYS D 782 26.40 103.64 -70.89
CA LYS D 782 26.13 103.74 -69.46
C LYS D 782 26.10 105.19 -69.01
N ASP D 783 25.67 106.10 -69.88
CA ASP D 783 25.65 107.53 -69.55
C ASP D 783 24.30 107.92 -68.97
N PHE D 784 24.04 107.41 -67.77
CA PHE D 784 22.79 107.67 -67.07
C PHE D 784 22.85 108.98 -66.29
N GLY D 785 23.17 110.07 -66.98
CA GLY D 785 23.26 111.36 -66.34
C GLY D 785 24.36 111.49 -65.32
N GLY D 786 25.26 110.51 -65.26
CA GLY D 786 26.31 110.50 -64.27
C GLY D 786 26.07 109.58 -63.09
N PHE D 787 25.01 108.79 -63.10
CA PHE D 787 24.72 107.85 -62.04
C PHE D 787 25.37 106.50 -62.35
N ASN D 788 25.87 105.85 -61.32
CA ASN D 788 26.68 104.64 -61.48
C ASN D 788 25.94 103.46 -60.89
N PHE D 789 25.58 102.49 -61.75
CA PHE D 789 24.83 101.31 -61.34
C PHE D 789 25.65 100.04 -61.44
N SER D 790 26.98 100.14 -61.55
CA SER D 790 27.78 98.95 -61.79
C SER D 790 27.71 97.98 -60.62
N GLN D 791 27.47 98.48 -59.41
CA GLN D 791 27.43 97.63 -58.24
C GLN D 791 26.15 96.82 -58.12
N ILE D 792 25.09 97.22 -58.82
CA ILE D 792 23.83 96.49 -58.78
C ILE D 792 23.52 95.79 -60.09
N LEU D 793 24.03 96.26 -61.21
CA LEU D 793 23.74 95.69 -62.51
C LEU D 793 24.63 94.47 -62.77
N PRO D 794 24.18 93.53 -63.59
CA PRO D 794 24.99 92.34 -63.86
C PRO D 794 26.29 92.71 -64.53
N ASP D 795 27.33 91.96 -64.22
CA ASP D 795 28.59 92.19 -64.92
C ASP D 795 28.99 90.93 -65.67
N PRO D 796 29.47 91.07 -66.91
CA PRO D 796 29.86 89.90 -67.70
C PRO D 796 31.21 89.31 -67.33
N SER D 797 31.82 89.78 -66.24
CA SER D 797 33.11 89.28 -65.79
C SER D 797 32.98 88.11 -64.83
N LYS D 798 31.84 87.43 -64.81
CA LYS D 798 31.64 86.29 -63.93
C LYS D 798 31.11 85.09 -64.70
N SER D 800 27.58 82.25 -63.49
CA SER D 800 26.86 83.12 -62.57
C SER D 800 26.94 84.57 -63.01
N LYS D 801 26.00 84.99 -63.86
CA LYS D 801 25.95 86.37 -64.32
C LYS D 801 25.17 87.23 -63.32
N ARG D 802 25.66 87.22 -62.09
CA ARG D 802 25.14 88.07 -61.03
C ARG D 802 25.89 89.40 -61.04
N SER D 803 25.55 90.26 -60.09
CA SER D 803 26.16 91.58 -60.00
C SER D 803 27.22 91.58 -58.91
N PHE D 804 27.76 92.75 -58.62
CA PHE D 804 28.70 92.86 -57.50
C PHE D 804 28.01 92.57 -56.18
N ILE D 805 26.90 93.24 -55.90
CA ILE D 805 26.27 93.11 -54.58
C ILE D 805 25.61 91.74 -54.42
N GLU D 806 24.97 91.24 -55.47
CA GLU D 806 24.30 89.95 -55.36
C GLU D 806 25.28 88.85 -54.95
N ASP D 807 26.52 88.94 -55.41
CA ASP D 807 27.51 87.93 -55.06
C ASP D 807 27.88 87.99 -53.59
N LEU D 808 27.95 89.18 -53.00
CA LEU D 808 28.21 89.28 -51.57
C LEU D 808 27.15 88.56 -50.77
N LEU D 809 25.89 88.69 -51.18
CA LEU D 809 24.80 88.01 -50.50
C LEU D 809 24.90 86.50 -50.66
N PHE D 810 25.36 86.04 -51.81
CA PHE D 810 25.41 84.60 -52.06
C PHE D 810 26.62 83.95 -51.42
N ASN D 811 27.75 84.64 -51.40
CA ASN D 811 28.91 84.12 -50.69
C ASN D 811 28.64 84.01 -49.19
N LYS D 812 28.00 85.04 -48.63
CA LYS D 812 27.84 85.12 -47.19
C LYS D 812 26.98 83.98 -46.64
N VAL D 813 25.80 83.79 -47.21
CA VAL D 813 24.87 82.77 -46.71
C VAL D 813 25.27 81.43 -47.31
N THR D 814 25.53 80.46 -46.44
CA THR D 814 25.96 79.13 -46.87
C THR D 814 25.23 78.05 -46.08
N LYS D 841 18.96 61.62 -44.77
CA LYS D 841 18.89 61.13 -46.14
C LYS D 841 18.52 59.67 -46.17
N PHE D 842 18.87 58.97 -45.10
CA PHE D 842 18.66 57.53 -45.02
C PHE D 842 17.22 57.16 -44.74
N ASN D 843 16.33 58.13 -44.50
CA ASN D 843 14.98 57.87 -44.04
C ASN D 843 13.96 58.63 -44.86
N GLY D 844 14.15 58.67 -46.17
CA GLY D 844 13.17 59.30 -47.02
C GLY D 844 13.16 60.82 -46.96
N LEU D 845 14.25 61.44 -46.52
CA LEU D 845 14.35 62.90 -46.51
C LEU D 845 14.82 63.35 -47.89
N THR D 846 13.84 63.55 -48.76
CA THR D 846 14.11 63.99 -50.13
C THR D 846 13.88 65.49 -50.23
N VAL D 847 14.89 66.22 -50.65
CA VAL D 847 14.81 67.67 -50.83
C VAL D 847 14.58 67.93 -52.31
N LEU D 848 13.43 68.49 -52.64
CA LEU D 848 13.13 68.79 -54.02
C LEU D 848 13.87 70.05 -54.47
N PRO D 849 14.16 70.17 -55.76
CA PRO D 849 14.85 71.36 -56.24
C PRO D 849 13.85 72.46 -56.58
N PRO D 850 14.21 73.72 -56.35
CA PRO D 850 13.31 74.81 -56.71
C PRO D 850 13.09 74.87 -58.21
N LEU D 851 11.88 75.28 -58.61
CA LEU D 851 11.54 75.31 -60.02
C LEU D 851 12.34 76.38 -60.75
N LEU D 852 12.57 77.52 -60.13
CA LEU D 852 13.35 78.60 -60.73
C LEU D 852 14.75 78.52 -60.14
N THR D 853 15.72 78.13 -60.97
CA THR D 853 17.08 78.09 -60.48
C THR D 853 17.63 79.50 -60.31
N ASP D 854 18.62 79.65 -59.43
CA ASP D 854 19.11 80.97 -59.05
C ASP D 854 19.63 81.77 -60.23
N GLU D 855 19.97 81.12 -61.33
CA GLU D 855 20.34 81.85 -62.53
C GLU D 855 19.12 82.48 -63.19
N MET D 856 17.95 81.84 -63.09
CA MET D 856 16.74 82.44 -63.62
C MET D 856 16.25 83.58 -62.75
N ILE D 857 16.37 83.44 -61.43
CA ILE D 857 15.93 84.49 -60.51
C ILE D 857 16.75 85.75 -60.72
N ALA D 858 18.07 85.60 -60.84
CA ALA D 858 18.91 86.77 -61.11
C ALA D 858 18.75 87.28 -62.54
N GLN D 859 18.15 86.49 -63.43
CA GLN D 859 17.75 87.03 -64.72
C GLN D 859 16.49 87.86 -64.58
N TYR D 860 15.66 87.54 -63.59
CA TYR D 860 14.44 88.28 -63.35
C TYR D 860 14.72 89.63 -62.71
N THR D 861 15.63 89.68 -61.73
CA THR D 861 15.92 90.94 -61.07
C THR D 861 16.75 91.87 -61.95
N SER D 862 17.35 91.36 -63.02
CA SER D 862 18.00 92.24 -63.98
C SER D 862 16.98 92.88 -64.91
N ALA D 863 15.88 92.19 -65.21
CA ALA D 863 14.81 92.78 -65.98
C ALA D 863 14.15 93.92 -65.21
N LEU D 864 13.95 93.74 -63.91
CA LEU D 864 13.39 94.81 -63.09
C LEU D 864 14.37 95.95 -62.92
N LEU D 865 15.65 95.63 -62.74
CA LEU D 865 16.67 96.67 -62.63
C LEU D 865 16.82 97.42 -63.93
N ALA D 866 16.87 96.72 -65.05
CA ALA D 866 17.07 97.38 -66.33
C ALA D 866 15.83 98.13 -66.77
N GLY D 867 14.65 97.61 -66.46
CA GLY D 867 13.43 98.32 -66.79
C GLY D 867 13.26 99.60 -66.00
N THR D 868 13.65 99.58 -64.73
CA THR D 868 13.56 100.78 -63.89
C THR D 868 14.48 101.88 -64.38
N ILE D 869 15.69 101.51 -64.79
CA ILE D 869 16.71 102.48 -65.13
C ILE D 869 16.35 103.22 -66.41
N THR D 870 15.81 102.51 -67.40
CA THR D 870 15.52 103.09 -68.70
C THR D 870 14.12 103.64 -68.82
N SER D 871 13.13 103.07 -68.11
CA SER D 871 11.75 103.46 -68.29
C SER D 871 11.09 104.05 -67.05
N GLY D 872 11.60 103.80 -65.86
CA GLY D 872 11.01 104.36 -64.65
C GLY D 872 9.89 103.49 -64.12
N TRP D 873 8.75 104.09 -63.83
CA TRP D 873 7.60 103.31 -63.39
C TRP D 873 6.64 102.98 -64.52
N THR D 874 6.99 103.35 -65.75
CA THR D 874 6.10 103.16 -66.88
C THR D 874 6.07 101.73 -67.39
N PHE D 875 6.94 100.86 -66.90
CA PHE D 875 6.97 99.50 -67.41
C PHE D 875 6.13 98.53 -66.59
N GLY D 876 5.81 98.86 -65.35
CA GLY D 876 4.91 98.04 -64.58
C GLY D 876 3.47 98.43 -64.72
N ALA D 877 3.18 99.41 -65.57
CA ALA D 877 1.84 99.93 -65.73
C ALA D 877 1.32 99.81 -67.16
N GLY D 878 2.11 99.28 -68.08
CA GLY D 878 1.72 99.20 -69.47
C GLY D 878 2.92 99.08 -70.38
N PRO D 879 2.83 99.69 -71.57
CA PRO D 879 3.95 99.68 -72.49
C PRO D 879 5.13 100.45 -71.90
N ALA D 880 6.33 99.89 -72.01
CA ALA D 880 7.52 100.51 -71.45
C ALA D 880 7.90 101.73 -72.28
N LEU D 881 7.91 102.90 -71.64
CA LEU D 881 8.27 104.15 -72.29
C LEU D 881 9.57 104.65 -71.69
N GLN D 882 10.59 104.84 -72.52
CA GLN D 882 11.89 105.26 -72.04
C GLN D 882 11.89 106.73 -71.67
N ILE D 883 12.82 107.12 -70.82
CA ILE D 883 12.98 108.50 -70.39
C ILE D 883 14.38 108.64 -69.80
N PRO D 884 15.11 109.72 -70.09
CA PRO D 884 16.47 109.86 -69.57
C PRO D 884 16.50 109.81 -68.05
N PHE D 885 17.53 109.15 -67.52
CA PHE D 885 17.61 108.97 -66.08
C PHE D 885 17.85 110.28 -65.35
N PRO D 886 18.53 111.23 -65.97
CA PRO D 886 18.61 112.54 -65.35
C PRO D 886 17.23 113.17 -65.21
N MET D 887 16.37 112.98 -66.22
CA MET D 887 15.02 113.53 -66.22
C MET D 887 14.06 112.74 -65.35
N GLN D 888 14.22 111.42 -65.28
CA GLN D 888 13.31 110.61 -64.47
C GLN D 888 13.43 110.96 -63.00
N MET D 889 14.64 111.21 -62.52
CA MET D 889 14.81 111.60 -61.13
C MET D 889 14.14 112.92 -60.83
N ALA D 890 14.00 113.79 -61.84
CA ALA D 890 13.23 115.01 -61.64
C ALA D 890 11.76 114.69 -61.41
N TYR D 891 11.26 113.65 -62.06
CA TYR D 891 9.92 113.16 -61.73
C TYR D 891 9.86 112.63 -60.31
N ARG D 892 10.85 111.85 -59.90
CA ARG D 892 10.86 111.31 -58.55
C ARG D 892 10.99 112.43 -57.52
N PHE D 893 11.84 113.42 -57.79
CA PHE D 893 11.97 114.56 -56.89
C PHE D 893 10.67 115.34 -56.81
N ASN D 894 10.03 115.55 -57.96
CA ASN D 894 8.77 116.28 -58.02
C ASN D 894 7.65 115.56 -57.29
N GLY D 895 7.80 114.26 -57.03
CA GLY D 895 6.81 113.50 -56.31
C GLY D 895 6.94 113.52 -54.81
N ILE D 896 7.97 114.15 -54.27
CA ILE D 896 8.11 114.29 -52.83
C ILE D 896 8.08 115.77 -52.42
N GLY D 897 7.48 116.62 -53.24
CA GLY D 897 7.30 118.01 -52.91
C GLY D 897 8.45 118.93 -53.25
N VAL D 898 9.47 118.44 -53.93
CA VAL D 898 10.64 119.23 -54.29
C VAL D 898 10.61 119.48 -55.79
N THR D 899 10.80 120.73 -56.19
CA THR D 899 10.64 121.10 -57.59
C THR D 899 11.71 120.45 -58.45
N GLN D 900 11.49 120.48 -59.77
CA GLN D 900 12.42 119.85 -60.69
C GLN D 900 13.78 120.52 -60.65
N ASN D 901 13.80 121.86 -60.60
CA ASN D 901 15.06 122.58 -60.76
C ASN D 901 16.03 122.32 -59.62
N VAL D 902 15.57 121.76 -58.50
CA VAL D 902 16.49 121.40 -57.44
C VAL D 902 17.43 120.28 -57.89
N LEU D 903 16.90 119.31 -58.62
CA LEU D 903 17.76 118.23 -59.10
C LEU D 903 18.70 118.72 -60.20
N TYR D 904 18.16 119.44 -61.19
CA TYR D 904 18.97 119.84 -62.33
C TYR D 904 20.12 120.73 -61.92
N GLU D 905 19.86 121.69 -61.04
CA GLU D 905 20.92 122.57 -60.58
C GLU D 905 21.97 121.85 -59.75
N ASN D 906 21.62 120.72 -59.14
CA ASN D 906 22.55 119.99 -58.27
C ASN D 906 22.75 118.56 -58.74
N GLN D 907 22.62 118.32 -60.04
CA GLN D 907 22.72 116.96 -60.56
C GLN D 907 24.08 116.35 -60.26
N LYS D 908 25.13 117.14 -60.37
CA LYS D 908 26.48 116.63 -60.16
C LYS D 908 26.68 116.22 -58.71
N LEU D 909 26.16 117.01 -57.78
CA LEU D 909 26.23 116.63 -56.36
C LEU D 909 25.40 115.40 -56.07
N ILE D 910 24.20 115.33 -56.66
CA ILE D 910 23.29 114.22 -56.38
C ILE D 910 23.83 112.91 -56.93
N ALA D 911 24.41 112.94 -58.13
CA ALA D 911 24.97 111.71 -58.69
C ALA D 911 26.07 111.15 -57.80
N ASN D 912 26.90 112.04 -57.23
CA ASN D 912 27.94 111.58 -56.33
C ASN D 912 27.37 111.03 -55.03
N GLN D 913 26.31 111.66 -54.52
CA GLN D 913 25.67 111.17 -53.30
C GLN D 913 25.04 109.81 -53.52
N PHE D 914 24.40 109.60 -54.68
CA PHE D 914 23.84 108.30 -54.98
C PHE D 914 24.93 107.25 -55.13
N ASN D 915 26.02 107.58 -55.81
CA ASN D 915 27.09 106.62 -56.03
C ASN D 915 27.80 106.28 -54.73
N SER D 916 28.06 107.27 -53.89
CA SER D 916 28.76 107.02 -52.63
C SER D 916 27.92 106.14 -51.71
N ALA D 917 26.61 106.40 -51.65
CA ALA D 917 25.75 105.63 -50.75
C ALA D 917 25.64 104.18 -51.19
N ILE D 918 25.62 103.92 -52.50
CA ILE D 918 25.57 102.56 -52.99
C ILE D 918 26.83 101.80 -52.57
N GLY D 919 27.99 102.45 -52.67
CA GLY D 919 29.23 101.78 -52.33
C GLY D 919 29.28 101.29 -50.90
N LYS D 920 28.70 102.08 -49.98
CA LYS D 920 28.68 101.66 -48.58
C LYS D 920 27.86 100.41 -48.35
N ILE D 921 26.97 100.07 -49.29
CA ILE D 921 26.15 98.87 -49.13
C ILE D 921 27.02 97.63 -49.15
N GLN D 922 27.97 97.55 -50.09
CA GLN D 922 28.83 96.38 -50.14
C GLN D 922 29.66 96.25 -48.87
N ASP D 923 30.19 97.36 -48.38
CA ASP D 923 30.96 97.32 -47.14
C ASP D 923 30.09 96.89 -45.97
N SER D 924 28.87 97.43 -45.89
CA SER D 924 28.01 97.13 -44.75
C SER D 924 27.67 95.65 -44.69
N LEU D 925 27.48 95.02 -45.85
CA LEU D 925 27.31 93.57 -45.87
C LEU D 925 28.64 92.85 -45.69
N SER D 926 29.72 93.39 -46.27
CA SER D 926 31.00 92.71 -46.19
C SER D 926 31.63 92.80 -44.80
N SER D 927 31.41 93.92 -44.09
CA SER D 927 32.03 94.10 -42.79
C SER D 927 31.45 93.13 -41.77
N THR D 928 30.15 93.25 -41.50
CA THR D 928 29.49 92.43 -40.50
C THR D 928 28.66 91.36 -41.19
N PRO D 929 28.83 90.11 -40.76
CA PRO D 929 28.13 88.98 -41.35
C PRO D 929 26.75 88.75 -40.77
N SER D 930 26.35 89.54 -39.78
CA SER D 930 25.02 89.44 -39.19
C SER D 930 23.97 90.21 -39.99
N ALA D 931 24.36 90.86 -41.08
CA ALA D 931 23.41 91.60 -41.89
C ALA D 931 22.35 90.68 -42.49
N LEU D 932 22.78 89.56 -43.06
CA LEU D 932 21.86 88.58 -43.64
C LEU D 932 21.46 87.53 -42.61
N GLY D 933 21.04 87.99 -41.44
CA GLY D 933 20.64 87.07 -40.40
C GLY D 933 19.19 86.64 -40.54
N LYS D 934 18.44 87.35 -41.39
CA LYS D 934 17.06 86.97 -41.61
C LYS D 934 16.95 85.74 -42.49
N LEU D 935 17.73 85.69 -43.59
CA LEU D 935 17.69 84.55 -44.47
C LEU D 935 18.43 83.37 -43.86
N GLN D 936 19.47 83.63 -43.07
CA GLN D 936 20.18 82.54 -42.42
C GLN D 936 19.33 81.91 -41.33
N ASP D 937 18.55 82.71 -40.60
CA ASP D 937 17.71 82.17 -39.54
C ASP D 937 16.68 81.20 -40.11
N VAL D 938 16.22 81.43 -41.34
CA VAL D 938 15.30 80.50 -41.98
C VAL D 938 15.99 79.17 -42.24
N VAL D 939 17.25 79.22 -42.69
CA VAL D 939 17.97 77.99 -43.01
C VAL D 939 18.22 77.16 -41.76
N ASN D 940 18.65 77.81 -40.68
CA ASN D 940 18.94 77.08 -39.46
C ASN D 940 17.69 76.42 -38.89
N GLN D 941 16.57 77.14 -38.90
CA GLN D 941 15.34 76.60 -38.32
C GLN D 941 14.90 75.34 -39.03
N ASN D 942 15.03 75.31 -40.35
CA ASN D 942 14.61 74.13 -41.10
C ASN D 942 15.54 72.96 -40.83
N ALA D 943 16.85 73.21 -40.84
CA ALA D 943 17.81 72.13 -40.63
C ALA D 943 17.69 71.55 -39.22
N GLN D 944 17.54 72.40 -38.22
CA GLN D 944 17.36 71.91 -36.85
C GLN D 944 16.10 71.07 -36.73
N ALA D 945 15.03 71.49 -37.39
CA ALA D 945 13.79 70.71 -37.34
C ALA D 945 13.98 69.36 -38.01
N LEU D 946 14.74 69.32 -39.10
CA LEU D 946 15.00 68.03 -39.76
C LEU D 946 15.95 67.16 -38.94
N ASN D 947 16.98 67.76 -38.35
CA ASN D 947 17.90 66.98 -37.53
C ASN D 947 17.19 66.40 -36.31
N THR D 948 16.29 67.19 -35.71
CA THR D 948 15.50 66.66 -34.60
C THR D 948 14.59 65.53 -35.09
N LEU D 949 14.10 65.62 -36.32
CA LEU D 949 13.28 64.54 -36.87
C LEU D 949 14.09 63.26 -37.01
N VAL D 950 15.34 63.36 -37.45
CA VAL D 950 16.17 62.18 -37.62
C VAL D 950 16.55 61.60 -36.27
N LYS D 951 17.02 62.45 -35.36
CA LYS D 951 17.50 61.97 -34.07
C LYS D 951 16.40 61.31 -33.26
N GLN D 952 15.13 61.58 -33.58
CA GLN D 952 14.03 60.91 -32.90
C GLN D 952 13.96 59.44 -33.26
N LEU D 953 14.71 58.98 -34.25
CA LEU D 953 14.76 57.57 -34.56
C LEU D 953 15.53 56.79 -33.50
N SER D 954 16.40 57.47 -32.75
CA SER D 954 17.12 56.85 -31.65
C SER D 954 16.41 57.06 -30.32
N SER D 955 15.13 56.71 -30.28
CA SER D 955 14.37 56.79 -29.04
C SER D 955 13.47 55.57 -28.93
N ASN D 956 13.39 55.02 -27.72
CA ASN D 956 12.69 53.76 -27.51
C ASN D 956 11.18 53.94 -27.46
N PHE D 957 10.71 55.09 -26.98
CA PHE D 957 9.27 55.32 -26.78
C PHE D 957 8.65 54.23 -25.93
N GLY D 958 9.39 53.78 -24.92
CA GLY D 958 8.92 52.73 -24.04
C GLY D 958 9.13 51.32 -24.55
N ALA D 959 9.77 51.15 -25.71
CA ALA D 959 10.06 49.83 -26.22
C ALA D 959 11.43 49.37 -25.71
N ILE D 960 11.84 48.17 -26.11
CA ILE D 960 13.10 47.62 -25.64
C ILE D 960 14.27 48.22 -26.40
N SER D 961 14.24 48.16 -27.72
CA SER D 961 15.34 48.63 -28.55
C SER D 961 14.83 49.57 -29.62
N SER D 962 15.70 50.50 -30.02
CA SER D 962 15.38 51.49 -31.05
C SER D 962 15.63 50.98 -32.46
N VAL D 963 16.26 49.81 -32.61
CA VAL D 963 16.51 49.23 -33.92
C VAL D 963 15.38 48.28 -34.26
N LEU D 964 14.88 48.35 -35.49
CA LEU D 964 13.74 47.54 -35.88
C LEU D 964 14.12 46.06 -35.99
N ASN D 965 15.28 45.77 -36.56
CA ASN D 965 15.69 44.38 -36.70
C ASN D 965 16.07 43.75 -35.37
N ASP D 966 16.63 44.53 -34.46
CA ASP D 966 17.01 43.99 -33.15
C ASP D 966 15.80 43.54 -32.35
N ILE D 967 14.75 44.36 -32.32
CA ILE D 967 13.54 43.96 -31.60
C ILE D 967 12.86 42.81 -32.32
N LEU D 968 13.01 42.71 -33.64
CA LEU D 968 12.39 41.62 -34.37
C LEU D 968 13.06 40.29 -34.11
N SER D 969 14.40 40.28 -34.10
CA SER D 969 15.13 39.03 -33.90
C SER D 969 15.09 38.59 -32.44
N ARG D 970 15.18 39.54 -31.50
CA ARG D 970 15.32 39.19 -30.10
C ARG D 970 14.07 38.46 -29.59
N LEU D 971 12.89 38.94 -29.95
CA LEU D 971 11.65 38.39 -29.43
C LEU D 971 10.89 37.67 -30.54
N ASP D 972 9.77 37.08 -30.15
CA ASP D 972 8.81 36.35 -30.95
C ASP D 972 7.76 37.30 -31.52
N PRO D 973 7.19 36.96 -32.68
CA PRO D 973 6.20 37.85 -33.32
C PRO D 973 5.01 38.16 -32.42
N PRO D 974 4.51 37.23 -31.61
CA PRO D 974 3.42 37.61 -30.68
C PRO D 974 3.80 38.73 -29.72
N GLU D 975 5.03 38.78 -29.26
CA GLU D 975 5.47 39.84 -28.36
C GLU D 975 6.07 41.04 -29.08
N ALA D 976 6.79 40.83 -30.19
CA ALA D 976 7.38 41.93 -30.93
C ALA D 976 6.33 42.87 -31.49
N GLU D 977 5.10 42.40 -31.68
CA GLU D 977 4.04 43.27 -32.17
C GLU D 977 3.76 44.40 -31.20
N VAL D 978 3.74 44.11 -29.90
CA VAL D 978 3.54 45.17 -28.92
C VAL D 978 4.71 46.15 -28.94
N GLN D 979 5.94 45.65 -28.99
CA GLN D 979 7.09 46.53 -29.07
C GLN D 979 7.15 47.26 -30.41
N ILE D 980 6.66 46.63 -31.48
CA ILE D 980 6.52 47.34 -32.75
C ILE D 980 5.51 48.46 -32.63
N ASP D 981 4.39 48.20 -31.95
CA ASP D 981 3.36 49.23 -31.79
C ASP D 981 3.89 50.43 -31.03
N ARG D 982 4.70 50.20 -29.99
CA ARG D 982 5.21 51.32 -29.20
C ARG D 982 6.12 52.21 -30.02
N LEU D 983 6.95 51.62 -30.89
CA LEU D 983 7.86 52.43 -31.71
C LEU D 983 7.09 53.23 -32.76
N ILE D 984 6.19 52.58 -33.49
CA ILE D 984 5.52 53.27 -34.60
C ILE D 984 4.68 54.42 -34.08
N THR D 985 3.95 54.21 -32.99
CA THR D 985 3.19 55.30 -32.40
C THR D 985 4.11 56.43 -31.96
N GLY D 986 5.26 56.10 -31.40
CA GLY D 986 6.23 57.12 -31.08
C GLY D 986 6.78 57.82 -32.31
N ARG D 987 6.91 57.07 -33.42
CA ARG D 987 7.42 57.67 -34.65
C ARG D 987 6.33 58.38 -35.44
N LEU D 988 5.07 58.00 -35.27
CA LEU D 988 3.99 58.77 -35.87
C LEU D 988 3.89 60.16 -35.27
N GLN D 989 3.94 60.26 -33.95
CA GLN D 989 3.87 61.57 -33.32
C GLN D 989 5.07 62.43 -33.71
N SER D 990 6.24 61.82 -33.78
CA SER D 990 7.44 62.58 -34.14
C SER D 990 7.37 63.09 -35.57
N LEU D 991 6.74 62.33 -36.46
CA LEU D 991 6.46 62.82 -37.80
C LEU D 991 5.28 63.77 -37.82
N GLN D 992 4.28 63.53 -36.96
CA GLN D 992 3.14 64.42 -36.89
C GLN D 992 3.54 65.80 -36.39
N THR D 993 4.42 65.84 -35.39
CA THR D 993 4.86 67.12 -34.85
C THR D 993 5.65 67.91 -35.89
N TYR D 994 6.51 67.23 -36.66
CA TYR D 994 7.35 67.94 -37.61
C TYR D 994 6.53 68.62 -38.68
N VAL D 995 5.48 67.97 -39.17
CA VAL D 995 4.67 68.58 -40.21
C VAL D 995 3.91 69.78 -39.67
N THR D 996 3.40 69.68 -38.44
CA THR D 996 2.67 70.80 -37.87
C THR D 996 3.55 72.02 -37.71
N GLN D 997 4.77 71.85 -37.21
CA GLN D 997 5.68 72.98 -37.11
C GLN D 997 6.10 73.48 -38.48
N GLN D 998 6.03 72.62 -39.50
CA GLN D 998 6.31 73.06 -40.86
C GLN D 998 5.16 73.91 -41.41
N LEU D 999 3.93 73.55 -41.09
CA LEU D 999 2.78 74.30 -41.57
C LEU D 999 2.72 75.68 -40.94
N ILE D 1000 3.11 75.77 -39.67
CA ILE D 1000 3.15 77.06 -39.00
C ILE D 1000 4.31 77.90 -39.51
N ARG D 1001 5.45 77.27 -39.79
CA ARG D 1001 6.60 78.01 -40.29
C ARG D 1001 6.42 78.43 -41.74
N ALA D 1002 5.82 77.56 -42.56
CA ALA D 1002 5.60 77.91 -43.96
C ALA D 1002 4.60 79.04 -44.11
N ALA D 1003 3.69 79.21 -43.15
CA ALA D 1003 2.77 80.33 -43.16
C ALA D 1003 3.43 81.61 -42.69
N GLU D 1004 4.56 81.51 -41.99
CA GLU D 1004 5.33 82.68 -41.63
C GLU D 1004 6.18 83.17 -42.79
N ILE D 1005 6.50 82.29 -43.73
CA ILE D 1005 7.25 82.67 -44.92
C ILE D 1005 6.32 83.20 -45.99
N ARG D 1006 5.09 82.69 -46.06
CA ARG D 1006 4.14 83.21 -47.02
C ARG D 1006 3.75 84.63 -46.68
N ALA D 1007 3.77 84.99 -45.40
CA ALA D 1007 3.52 86.37 -45.01
C ALA D 1007 4.71 87.27 -45.28
N SER D 1008 5.89 86.71 -45.52
CA SER D 1008 7.06 87.46 -45.97
C SER D 1008 7.21 87.48 -47.47
N ALA D 1009 6.72 86.46 -48.16
CA ALA D 1009 6.72 86.47 -49.61
C ALA D 1009 5.62 87.35 -50.16
N ASN D 1010 4.55 87.57 -49.38
CA ASN D 1010 3.52 88.52 -49.78
C ASN D 1010 3.93 89.94 -49.50
N LEU D 1011 4.78 90.16 -48.50
CA LEU D 1011 5.28 91.50 -48.24
C LEU D 1011 6.36 91.88 -49.23
N ALA D 1012 7.24 90.95 -49.58
CA ALA D 1012 8.27 91.23 -50.58
C ALA D 1012 7.67 91.39 -51.96
N ALA D 1013 6.60 90.67 -52.25
CA ALA D 1013 5.89 90.86 -53.52
C ALA D 1013 5.18 92.21 -53.54
N THR D 1014 4.82 92.73 -52.38
CA THR D 1014 4.19 94.04 -52.25
C THR D 1014 5.20 95.16 -52.20
N LYS D 1015 6.37 94.90 -51.65
CA LYS D 1015 7.42 95.91 -51.66
C LYS D 1015 8.09 96.01 -53.00
N MET D 1016 7.83 95.09 -53.92
CA MET D 1016 8.32 95.20 -55.27
C MET D 1016 7.32 95.80 -56.22
N SER D 1017 6.03 95.61 -55.99
CA SER D 1017 5.02 96.26 -56.80
C SER D 1017 4.94 97.74 -56.53
N GLU D 1018 5.24 98.16 -55.30
CA GLU D 1018 5.00 99.52 -54.85
C GLU D 1018 6.27 100.32 -54.65
N CYS D 1019 7.36 99.69 -54.23
CA CYS D 1019 8.62 100.42 -54.10
C CYS D 1019 9.42 100.40 -55.39
N VAL D 1020 9.58 99.23 -56.00
CA VAL D 1020 10.42 99.11 -57.19
C VAL D 1020 9.67 99.58 -58.43
N LEU D 1021 8.48 99.05 -58.66
CA LEU D 1021 7.71 99.35 -59.88
C LEU D 1021 6.81 100.57 -59.68
N GLY D 1022 7.38 101.63 -59.15
CA GLY D 1022 6.63 102.84 -58.87
C GLY D 1022 7.13 103.46 -57.57
N GLN D 1023 6.83 104.74 -57.40
CA GLN D 1023 7.31 105.49 -56.26
C GLN D 1023 6.25 105.54 -55.18
N SER D 1024 6.65 105.26 -53.94
CA SER D 1024 5.73 105.08 -52.83
C SER D 1024 5.54 106.36 -52.05
N LYS D 1025 4.35 106.52 -51.49
CA LYS D 1025 4.04 107.60 -50.57
C LYS D 1025 3.60 107.08 -49.21
N ARG D 1026 3.85 105.80 -48.93
CA ARG D 1026 3.56 105.21 -47.64
C ARG D 1026 4.79 105.36 -46.77
N VAL D 1027 4.61 105.94 -45.59
CA VAL D 1027 5.75 106.30 -44.74
C VAL D 1027 6.42 105.05 -44.22
N ASP D 1028 7.75 105.05 -44.24
CA ASP D 1028 8.60 103.99 -43.73
C ASP D 1028 8.35 102.65 -44.39
N PHE D 1029 7.56 102.61 -45.46
CA PHE D 1029 7.38 101.37 -46.20
C PHE D 1029 8.64 101.02 -46.96
N CYS D 1030 9.08 101.92 -47.84
CA CYS D 1030 10.30 101.74 -48.61
C CYS D 1030 11.43 102.58 -48.02
N GLY D 1031 11.83 102.25 -46.80
CA GLY D 1031 12.96 102.90 -46.17
C GLY D 1031 12.59 104.18 -45.46
N LYS D 1032 13.44 104.58 -44.51
CA LYS D 1032 13.20 105.75 -43.69
C LYS D 1032 13.73 106.98 -44.41
N GLY D 1033 12.83 107.85 -44.83
CA GLY D 1033 13.12 109.02 -45.62
C GLY D 1033 11.94 109.32 -46.51
N TYR D 1034 12.18 110.09 -47.56
CA TYR D 1034 11.19 110.30 -48.60
C TYR D 1034 11.59 109.45 -49.80
N HIS D 1035 10.75 108.48 -50.14
CA HIS D 1035 11.13 107.45 -51.09
C HIS D 1035 11.39 108.04 -52.46
N LEU D 1036 12.46 107.57 -53.11
CA LEU D 1036 12.77 107.94 -54.48
C LEU D 1036 12.64 106.74 -55.42
N MET D 1037 13.37 105.66 -55.16
CA MET D 1037 13.25 104.43 -55.95
C MET D 1037 13.96 103.32 -55.20
N SER D 1038 13.74 102.09 -55.65
CA SER D 1038 14.38 100.94 -55.04
C SER D 1038 14.85 99.99 -56.12
N PHE D 1039 15.84 99.18 -55.77
CA PHE D 1039 16.46 98.24 -56.70
C PHE D 1039 16.49 96.87 -56.03
N PRO D 1040 15.86 95.86 -56.59
CA PRO D 1040 15.90 94.53 -55.98
C PRO D 1040 17.23 93.87 -56.23
N GLN D 1041 17.68 93.09 -55.25
CA GLN D 1041 18.84 92.24 -55.41
C GLN D 1041 18.46 90.87 -54.87
N SER D 1042 18.66 89.83 -55.67
CA SER D 1042 18.31 88.51 -55.21
C SER D 1042 19.29 88.05 -54.13
N ALA D 1043 18.91 86.98 -53.44
CA ALA D 1043 19.71 86.39 -52.39
C ALA D 1043 19.23 84.96 -52.19
N PRO D 1044 20.01 84.11 -51.52
CA PRO D 1044 19.56 82.73 -51.35
C PRO D 1044 18.32 82.65 -50.49
N HIS D 1045 17.22 82.19 -51.09
CA HIS D 1045 15.93 82.07 -50.41
C HIS D 1045 15.42 83.42 -49.91
N GLY D 1046 15.64 84.47 -50.67
CA GLY D 1046 15.28 85.78 -50.18
C GLY D 1046 15.46 86.85 -51.24
N VAL D 1047 15.33 88.09 -50.81
CA VAL D 1047 15.46 89.24 -51.68
C VAL D 1047 15.91 90.42 -50.84
N VAL D 1048 16.74 91.27 -51.43
CA VAL D 1048 17.26 92.46 -50.77
C VAL D 1048 16.81 93.68 -51.56
N PHE D 1049 16.19 94.63 -50.88
CA PHE D 1049 15.76 95.87 -51.50
C PHE D 1049 16.72 96.97 -51.07
N LEU D 1050 17.18 97.76 -52.02
CA LEU D 1050 18.00 98.93 -51.72
C LEU D 1050 17.14 100.16 -51.90
N HIS D 1051 16.68 100.73 -50.81
CA HIS D 1051 15.68 101.79 -50.85
C HIS D 1051 16.38 103.14 -50.94
N VAL D 1052 16.37 103.74 -52.12
CA VAL D 1052 16.96 105.05 -52.32
C VAL D 1052 15.96 106.09 -51.81
N THR D 1053 16.34 106.80 -50.76
CA THR D 1053 15.47 107.80 -50.16
C THR D 1053 16.18 109.13 -50.03
N TYR D 1054 15.40 110.19 -50.09
CA TYR D 1054 15.88 111.57 -49.99
C TYR D 1054 15.65 112.04 -48.56
N VAL D 1055 16.73 112.42 -47.89
CA VAL D 1055 16.67 112.84 -46.49
C VAL D 1055 17.00 114.32 -46.42
N PRO D 1056 16.14 115.16 -45.87
CA PRO D 1056 16.49 116.57 -45.70
C PRO D 1056 17.60 116.75 -44.70
N ALA D 1057 18.37 117.83 -44.87
CA ALA D 1057 19.48 118.09 -43.98
C ALA D 1057 19.77 119.58 -43.94
N GLN D 1058 20.48 120.00 -42.89
CA GLN D 1058 20.90 121.38 -42.70
C GLN D 1058 19.69 122.31 -42.58
N GLU D 1059 18.89 122.08 -41.54
CA GLU D 1059 17.73 122.93 -41.31
C GLU D 1059 18.17 124.29 -40.81
N LYS D 1060 17.37 125.31 -41.11
CA LYS D 1060 17.63 126.68 -40.73
C LYS D 1060 16.36 127.28 -40.15
N ASN D 1061 16.48 127.96 -39.00
CA ASN D 1061 15.33 128.61 -38.42
C ASN D 1061 14.86 129.77 -39.28
N PHE D 1062 13.56 130.02 -39.26
CA PHE D 1062 12.99 131.17 -39.97
C PHE D 1062 11.79 131.66 -39.15
N THR D 1063 11.18 132.74 -39.64
CA THR D 1063 9.98 133.29 -39.04
C THR D 1063 8.85 133.20 -40.05
N THR D 1064 7.75 132.56 -39.66
CA THR D 1064 6.66 132.26 -40.58
C THR D 1064 5.48 133.18 -40.33
N ALA D 1065 4.53 133.14 -41.27
CA ALA D 1065 3.35 133.92 -41.19
C ALA D 1065 2.24 133.20 -41.94
N PRO D 1066 1.08 132.98 -41.33
CA PRO D 1066 -0.02 132.34 -42.05
C PRO D 1066 -0.40 133.07 -43.32
N ALA D 1067 -0.42 134.40 -43.30
CA ALA D 1067 -0.80 135.18 -44.46
C ALA D 1067 -0.24 136.58 -44.31
N ILE D 1068 -0.24 137.33 -45.40
CA ILE D 1068 0.25 138.70 -45.41
C ILE D 1068 -0.83 139.60 -45.99
N CYS D 1069 -0.98 140.79 -45.43
CA CYS D 1069 -1.92 141.79 -45.91
C CYS D 1069 -1.18 142.92 -46.59
N HIS D 1070 -1.60 143.25 -47.80
CA HIS D 1070 -1.00 144.33 -48.58
C HIS D 1070 -1.98 145.44 -48.90
N ASP D 1071 -3.17 145.10 -49.40
CA ASP D 1071 -4.18 146.08 -49.75
C ASP D 1071 -5.48 145.83 -48.99
N GLY D 1072 -5.36 145.49 -47.71
CA GLY D 1072 -6.54 145.11 -46.95
C GLY D 1072 -7.08 143.75 -47.27
N LYS D 1073 -6.33 142.92 -48.00
CA LYS D 1073 -6.73 141.57 -48.34
C LYS D 1073 -5.63 140.60 -47.90
N ALA D 1074 -6.06 139.37 -47.58
CA ALA D 1074 -5.14 138.35 -47.08
C ALA D 1074 -4.60 137.51 -48.23
N HIS D 1075 -3.30 137.29 -48.22
CA HIS D 1075 -2.61 136.51 -49.26
C HIS D 1075 -2.06 135.23 -48.67
N PHE D 1076 -2.42 134.10 -49.28
CA PHE D 1076 -1.94 132.79 -48.87
C PHE D 1076 -1.07 132.20 -49.97
N PRO D 1077 0.04 131.54 -49.62
CA PRO D 1077 0.91 130.98 -50.65
C PRO D 1077 0.21 129.87 -51.41
N ARG D 1078 0.51 129.77 -52.70
CA ARG D 1078 -0.09 128.72 -53.52
C ARG D 1078 0.49 127.37 -53.16
N GLU D 1079 1.80 127.22 -53.29
CA GLU D 1079 2.52 126.00 -52.91
C GLU D 1079 3.82 126.44 -52.24
N GLY D 1080 3.78 126.58 -50.92
CA GLY D 1080 4.95 127.02 -50.20
C GLY D 1080 4.56 127.60 -48.85
N VAL D 1081 5.57 128.11 -48.15
CA VAL D 1081 5.42 128.68 -46.84
C VAL D 1081 6.15 130.02 -46.81
N PHE D 1082 5.54 131.02 -46.18
CA PHE D 1082 6.17 132.33 -46.06
C PHE D 1082 7.28 132.27 -45.03
N VAL D 1083 8.45 132.81 -45.38
CA VAL D 1083 9.57 132.87 -44.46
C VAL D 1083 10.14 134.27 -44.46
N SER D 1084 10.95 134.56 -43.45
CA SER D 1084 11.54 135.87 -43.26
C SER D 1084 12.90 135.71 -42.60
N ASN D 1085 13.93 136.30 -43.20
CA ASN D 1085 15.26 136.28 -42.61
C ASN D 1085 15.44 137.33 -41.53
N GLY D 1086 14.34 137.89 -41.02
CA GLY D 1086 14.36 138.94 -40.04
C GLY D 1086 14.22 140.34 -40.62
N THR D 1087 14.48 140.51 -41.91
CA THR D 1087 14.35 141.79 -42.58
C THR D 1087 13.30 141.78 -43.68
N HIS D 1088 13.40 140.84 -44.61
CA HIS D 1088 12.47 140.76 -45.73
C HIS D 1088 11.61 139.51 -45.61
N TRP D 1089 10.66 139.39 -46.53
CA TRP D 1089 9.75 138.25 -46.57
C TRP D 1089 9.88 137.54 -47.91
N PHE D 1090 9.86 136.21 -47.86
CA PHE D 1090 9.96 135.40 -49.05
C PHE D 1090 8.97 134.25 -48.97
N VAL D 1091 8.64 133.68 -50.13
CA VAL D 1091 7.89 132.44 -50.21
C VAL D 1091 8.83 131.36 -50.73
N THR D 1092 8.82 130.21 -50.09
CA THR D 1092 9.69 129.11 -50.49
C THR D 1092 8.92 127.80 -50.40
N GLN D 1093 9.34 126.83 -51.19
CA GLN D 1093 8.74 125.50 -51.10
C GLN D 1093 9.00 124.92 -49.72
N ARG D 1094 8.05 124.15 -49.21
CA ARG D 1094 8.10 123.76 -47.81
C ARG D 1094 9.23 122.79 -47.50
N ASN D 1095 9.82 122.16 -48.51
CA ASN D 1095 10.81 121.11 -48.29
C ASN D 1095 12.24 121.50 -48.63
N PHE D 1096 12.48 122.74 -49.05
CA PHE D 1096 13.80 123.15 -49.47
C PHE D 1096 13.85 124.66 -49.52
N TYR D 1097 14.89 125.24 -48.94
CA TYR D 1097 14.97 126.69 -48.80
C TYR D 1097 15.36 127.30 -50.14
N GLU D 1098 14.36 127.75 -50.88
CA GLU D 1098 14.55 128.43 -52.16
C GLU D 1098 13.70 129.70 -52.14
N PRO D 1099 14.15 130.74 -51.45
CA PRO D 1099 13.31 131.92 -51.25
C PRO D 1099 12.99 132.62 -52.56
N GLN D 1100 11.76 133.13 -52.67
CA GLN D 1100 11.30 133.82 -53.85
C GLN D 1100 10.58 135.09 -53.44
N ILE D 1101 10.50 136.03 -54.38
CA ILE D 1101 9.76 137.27 -54.15
C ILE D 1101 8.27 136.97 -54.09
N ILE D 1102 7.57 137.59 -53.15
CA ILE D 1102 6.14 137.37 -53.01
C ILE D 1102 5.41 138.16 -54.08
N THR D 1103 5.17 137.54 -55.23
CA THR D 1103 4.43 138.18 -56.31
C THR D 1103 2.97 137.77 -56.23
N THR D 1104 2.17 138.33 -57.14
CA THR D 1104 0.75 137.98 -57.19
C THR D 1104 0.57 136.54 -57.66
N ASP D 1105 1.44 136.07 -58.54
CA ASP D 1105 1.33 134.70 -59.03
C ASP D 1105 1.76 133.68 -57.99
N ASN D 1106 2.72 134.03 -57.13
CA ASN D 1106 3.16 133.09 -56.10
C ASN D 1106 2.10 132.82 -55.04
N THR D 1107 1.04 133.62 -54.99
CA THR D 1107 0.05 133.48 -53.94
C THR D 1107 -1.34 133.62 -54.53
N PHE D 1108 -2.34 133.38 -53.69
CA PHE D 1108 -3.74 133.61 -54.05
C PHE D 1108 -4.42 134.31 -52.90
N VAL D 1109 -5.48 135.06 -53.23
CA VAL D 1109 -6.14 135.96 -52.29
C VAL D 1109 -7.51 135.40 -51.94
N SER D 1110 -7.85 135.44 -50.65
CA SER D 1110 -9.17 134.98 -50.22
C SER D 1110 -9.52 135.74 -48.93
N GLY D 1111 -10.31 136.80 -49.06
CA GLY D 1111 -10.80 137.51 -47.90
C GLY D 1111 -10.11 138.83 -47.60
N ASN D 1112 -9.98 139.15 -46.32
CA ASN D 1112 -9.38 140.40 -45.88
C ASN D 1112 -8.53 140.12 -44.65
N CYS D 1113 -8.12 141.17 -43.94
CA CYS D 1113 -7.20 141.04 -42.83
C CYS D 1113 -7.87 140.67 -41.51
N ASP D 1114 -9.20 140.51 -41.50
CA ASP D 1114 -9.90 140.38 -40.23
C ASP D 1114 -9.83 138.95 -39.70
N VAL D 1115 -10.29 137.98 -40.50
CA VAL D 1115 -10.57 136.64 -39.98
C VAL D 1115 -9.31 135.94 -39.52
N VAL D 1116 -8.22 136.06 -40.29
CA VAL D 1116 -7.04 135.24 -40.04
C VAL D 1116 -6.34 135.68 -38.77
N ILE D 1117 -5.96 134.72 -37.94
CA ILE D 1117 -5.15 134.97 -36.75
C ILE D 1117 -3.69 134.87 -37.14
N GLY D 1118 -2.89 135.82 -36.69
CA GLY D 1118 -1.47 135.79 -36.94
C GLY D 1118 -1.02 136.41 -38.23
N ILE D 1119 -1.92 137.05 -38.98
CA ILE D 1119 -1.54 137.66 -40.25
C ILE D 1119 -0.52 138.77 -39.99
N VAL D 1120 0.36 138.98 -40.96
CA VAL D 1120 1.39 140.01 -40.85
C VAL D 1120 1.24 141.00 -42.00
N ASN D 1121 1.83 142.18 -41.82
CA ASN D 1121 1.77 143.25 -42.80
C ASN D 1121 2.99 143.20 -43.69
N ASN D 1122 2.77 143.22 -45.01
CA ASN D 1122 3.87 143.32 -45.95
C ASN D 1122 3.31 143.73 -47.31
N THR D 1123 4.19 143.75 -48.31
CA THR D 1123 3.84 144.15 -49.66
C THR D 1123 4.02 142.98 -50.61
N VAL D 1124 3.04 142.78 -51.48
CA VAL D 1124 3.09 141.74 -52.50
C VAL D 1124 3.34 142.42 -53.85
N TYR D 1125 4.41 142.02 -54.51
CA TYR D 1125 4.77 142.61 -55.78
C TYR D 1125 3.77 142.20 -56.85
N ASP D 1126 3.45 143.12 -57.74
CA ASP D 1126 2.55 142.85 -58.85
C ASP D 1126 3.34 142.88 -60.15
N PRO D 1127 3.39 141.78 -60.90
CA PRO D 1127 4.22 141.76 -62.13
C PRO D 1127 3.76 142.74 -63.19
N LEU D 1128 2.50 143.18 -63.16
CA LEU D 1128 2.00 144.07 -64.21
C LEU D 1128 2.38 145.52 -64.01
N GLN D 1129 2.98 145.88 -62.86
CA GLN D 1129 3.35 147.27 -62.62
C GLN D 1129 4.35 147.80 -63.65
N PRO D 1130 5.46 147.13 -63.96
CA PRO D 1130 6.33 147.65 -65.02
C PRO D 1130 5.66 147.67 -66.39
N GLU D 1131 4.78 146.72 -66.67
CA GLU D 1131 4.10 146.72 -67.96
C GLU D 1131 3.05 147.82 -68.02
N LEU D 1132 2.26 147.97 -66.95
CA LEU D 1132 1.25 149.03 -66.93
C LEU D 1132 1.89 150.42 -66.94
N ASP D 1133 2.96 150.61 -66.17
CA ASP D 1133 3.66 151.89 -66.18
C ASP D 1133 4.30 152.15 -67.53
N SER D 1134 4.91 151.13 -68.13
CA SER D 1134 5.56 151.29 -69.43
C SER D 1134 4.72 150.66 -70.53
N GLN E 3 18.12 -6.94 -24.48
CA GLN E 3 18.33 -5.53 -24.16
C GLN E 3 17.53 -4.64 -25.10
N LEU E 4 17.76 -4.79 -26.39
CA LEU E 4 17.06 -4.01 -27.41
C LEU E 4 16.15 -4.96 -28.19
N VAL E 5 14.87 -4.95 -27.84
CA VAL E 5 13.86 -5.75 -28.53
C VAL E 5 13.28 -4.94 -29.67
N GLU E 6 13.25 -5.52 -30.86
CA GLU E 6 12.78 -4.82 -32.05
C GLU E 6 11.65 -5.61 -32.69
N SER E 7 10.84 -4.90 -33.47
CA SER E 7 9.68 -5.47 -34.14
C SER E 7 9.68 -5.06 -35.61
N GLY E 8 8.67 -5.52 -36.33
CA GLY E 8 8.52 -5.20 -37.74
C GLY E 8 9.22 -6.19 -38.65
N GLY E 9 8.98 -6.02 -39.94
CA GLY E 9 9.61 -6.83 -40.96
C GLY E 9 8.66 -7.87 -41.53
N GLY E 10 8.98 -8.32 -42.72
CA GLY E 10 8.19 -9.34 -43.40
C GLY E 10 8.35 -9.21 -44.90
N LEU E 11 7.70 -10.13 -45.61
CA LEU E 11 7.70 -10.08 -47.06
C LEU E 11 6.89 -8.87 -47.53
N VAL E 12 7.41 -8.19 -48.56
CA VAL E 12 6.80 -6.98 -49.06
C VAL E 12 6.49 -7.14 -50.53
N GLU E 13 5.62 -6.26 -51.04
CA GLU E 13 5.16 -6.30 -52.42
C GLU E 13 6.13 -5.64 -53.39
N ALA E 14 7.37 -5.40 -52.98
CA ALA E 14 8.42 -4.85 -53.84
C ALA E 14 8.01 -3.50 -54.43
N GLY E 15 7.80 -2.55 -53.53
CA GLY E 15 7.42 -1.21 -53.92
C GLY E 15 6.47 -0.52 -52.95
N GLY E 16 5.93 -1.26 -52.01
CA GLY E 16 5.05 -0.69 -51.01
C GLY E 16 5.81 0.01 -49.90
N SER E 17 5.31 -0.08 -48.67
CA SER E 17 5.96 0.53 -47.52
C SER E 17 5.94 -0.43 -46.35
N LEU E 18 6.91 -0.27 -45.44
CA LEU E 18 7.01 -1.08 -44.24
C LEU E 18 7.43 -0.19 -43.08
N ARG E 19 7.17 -0.67 -41.87
CA ARG E 19 7.49 0.07 -40.65
C ARG E 19 8.26 -0.84 -39.70
N LEU E 20 9.42 -0.38 -39.23
CA LEU E 20 10.24 -1.12 -38.28
C LEU E 20 10.38 -0.32 -36.99
N SER E 21 10.48 -1.05 -35.88
CA SER E 21 10.59 -0.45 -34.56
C SER E 21 11.66 -1.18 -33.76
N CYS E 22 12.24 -0.48 -32.79
CA CYS E 22 13.21 -1.07 -31.87
C CYS E 22 12.94 -0.48 -30.49
N VAL E 23 12.62 -1.36 -29.53
CA VAL E 23 12.20 -0.95 -28.20
C VAL E 23 13.32 -1.24 -27.23
N ALA E 24 13.67 -0.25 -26.42
CA ALA E 24 14.65 -0.40 -25.36
C ALA E 24 13.94 -0.73 -24.07
N SER E 25 14.36 -1.81 -23.41
CA SER E 25 13.71 -2.30 -22.20
C SER E 25 14.52 -2.00 -20.94
N GLY E 26 15.79 -1.65 -21.08
CA GLY E 26 16.63 -1.38 -19.93
C GLY E 26 17.51 -0.16 -20.11
N LEU E 27 17.05 0.81 -20.88
CA LEU E 27 17.77 2.05 -21.09
C LEU E 27 16.82 3.23 -20.96
N THR E 28 17.36 4.35 -20.50
CA THR E 28 16.52 5.54 -20.29
C THR E 28 15.97 6.08 -21.60
N PHE E 29 16.68 5.86 -22.71
CA PHE E 29 16.29 6.23 -24.07
C PHE E 29 16.22 7.74 -24.28
N SER E 30 16.43 8.55 -23.23
CA SER E 30 16.38 9.99 -23.34
C SER E 30 17.76 10.62 -23.50
N ASP E 31 18.82 9.92 -23.12
CA ASP E 31 20.19 10.36 -23.32
C ASP E 31 21.01 9.31 -24.06
N TYR E 32 20.40 8.64 -25.03
CA TYR E 32 21.06 7.62 -25.82
C TYR E 32 20.77 7.86 -27.30
N THR E 33 21.71 7.43 -28.14
CA THR E 33 21.63 7.62 -29.58
C THR E 33 21.73 6.27 -30.28
N MET E 34 20.81 6.01 -31.19
CA MET E 34 20.65 4.71 -31.85
C MET E 34 21.12 4.79 -33.30
N ALA E 35 20.94 3.68 -34.01
CA ALA E 35 21.29 3.59 -35.42
C ALA E 35 20.65 2.34 -36.00
N TRP E 36 20.72 2.23 -37.33
CA TRP E 36 20.26 1.05 -38.03
C TRP E 36 21.36 0.53 -38.93
N PHE E 37 21.63 -0.77 -38.84
CA PHE E 37 22.69 -1.41 -39.60
C PHE E 37 22.09 -2.61 -40.33
N ARG E 38 22.69 -2.97 -41.45
CA ARG E 38 22.16 -4.01 -42.32
C ARG E 38 23.16 -5.15 -42.45
N GLN E 39 22.64 -6.38 -42.42
CA GLN E 39 23.45 -7.59 -42.50
C GLN E 39 23.12 -8.32 -43.79
N VAL E 40 24.15 -8.71 -44.53
CA VAL E 40 23.98 -9.55 -45.72
C VAL E 40 24.88 -10.77 -45.59
N PRO E 41 24.38 -11.98 -45.89
CA PRO E 41 25.23 -13.17 -45.83
C PRO E 41 26.36 -13.11 -46.84
N GLY E 42 27.52 -13.64 -46.44
CA GLY E 42 28.69 -13.65 -47.29
C GLY E 42 29.40 -12.33 -47.44
N GLN E 43 29.00 -11.31 -46.69
CA GLN E 43 29.56 -9.97 -46.81
C GLN E 43 29.50 -9.30 -45.45
N GLU E 44 30.20 -8.16 -45.35
CA GLU E 44 30.33 -7.45 -44.09
C GLU E 44 29.02 -6.78 -43.69
N ARG E 45 29.05 -6.10 -42.55
CA ARG E 45 27.89 -5.41 -42.00
C ARG E 45 27.80 -4.01 -42.59
N GLU E 46 26.60 -3.60 -42.99
CA GLU E 46 26.39 -2.32 -43.64
C GLU E 46 25.61 -1.37 -42.73
N PHE E 47 25.88 -0.08 -42.91
CA PHE E 47 25.17 0.99 -42.22
C PHE E 47 24.09 1.56 -43.12
N VAL E 48 22.95 1.92 -42.54
CA VAL E 48 21.87 2.50 -43.31
C VAL E 48 21.44 3.85 -42.74
N SER E 49 20.98 3.87 -41.49
CA SER E 49 20.36 5.06 -40.92
C SER E 49 20.89 5.34 -39.53
N HIS E 50 20.71 6.59 -39.10
CA HIS E 50 21.16 7.04 -37.80
C HIS E 50 20.29 8.20 -37.33
N ILE E 51 20.02 8.25 -36.04
CA ILE E 51 19.21 9.30 -35.44
C ILE E 51 19.86 9.75 -34.14
N GLY E 52 19.91 11.06 -33.93
CA GLY E 52 20.45 11.64 -32.72
C GLY E 52 19.40 11.78 -31.64
N TRP E 53 19.77 12.49 -30.57
CA TRP E 53 18.84 12.76 -29.50
C TRP E 53 17.64 13.55 -30.02
N GLY E 54 16.44 13.07 -29.72
CA GLY E 54 15.23 13.74 -30.19
C GLY E 54 14.89 13.54 -31.65
N GLY E 55 15.86 13.72 -32.55
CA GLY E 55 15.61 13.53 -33.97
C GLY E 55 15.89 14.77 -34.79
N SER E 56 16.57 15.75 -34.20
CA SER E 56 16.87 17.00 -34.87
C SER E 56 18.16 16.95 -35.69
N GLU E 57 18.94 15.87 -35.59
CA GLU E 57 20.18 15.73 -36.35
C GLU E 57 20.28 14.27 -36.79
N THR E 58 19.77 13.99 -37.98
CA THR E 58 19.75 12.63 -38.52
C THR E 58 20.48 12.59 -39.84
N TYR E 59 21.16 11.48 -40.10
CA TYR E 59 21.90 11.27 -41.34
C TYR E 59 21.43 9.98 -41.98
N TYR E 60 21.72 9.83 -43.26
CA TYR E 60 21.35 8.65 -44.01
C TYR E 60 22.47 8.26 -44.97
N ALA E 61 22.46 6.99 -45.38
CA ALA E 61 23.49 6.48 -46.25
C ALA E 61 23.36 7.07 -47.65
N ASP E 62 24.48 7.07 -48.38
CA ASP E 62 24.49 7.61 -49.74
C ASP E 62 23.66 6.78 -50.70
N SER E 63 23.52 5.48 -50.46
CA SER E 63 22.71 4.61 -51.31
C SER E 63 21.26 4.52 -50.84
N VAL E 64 20.92 5.16 -49.72
CA VAL E 64 19.57 5.12 -49.18
C VAL E 64 18.98 6.52 -48.97
N LYS E 65 19.78 7.57 -49.17
CA LYS E 65 19.31 8.93 -48.92
C LYS E 65 18.07 9.25 -49.75
N GLY E 66 17.10 9.90 -49.10
CA GLY E 66 15.89 10.33 -49.75
C GLY E 66 14.77 9.33 -49.79
N ARG E 67 15.00 8.10 -49.34
CA ARG E 67 14.00 7.03 -49.43
C ARG E 67 13.36 6.72 -48.09
N PHE E 68 14.15 6.44 -47.07
CA PHE E 68 13.64 6.01 -45.77
C PHE E 68 13.66 7.16 -44.77
N THR E 69 12.69 7.15 -43.86
CA THR E 69 12.55 8.18 -42.85
C THR E 69 12.71 7.57 -41.46
N ILE E 70 13.38 8.30 -40.57
CA ILE E 70 13.65 7.86 -39.22
C ILE E 70 12.98 8.82 -38.24
N SER E 71 12.62 8.30 -37.07
CA SER E 71 11.97 9.09 -36.04
C SER E 71 12.14 8.39 -34.70
N ARG E 72 11.98 9.15 -33.62
CA ARG E 72 12.06 8.59 -32.28
C ARG E 72 11.07 9.31 -31.39
N ASP E 73 10.69 8.62 -30.31
CA ASP E 73 9.71 9.15 -29.36
C ASP E 73 9.98 8.53 -28.00
N ASN E 74 10.22 9.39 -27.00
CA ASN E 74 10.60 8.96 -25.67
C ASN E 74 9.43 8.48 -24.83
N ALA E 75 8.19 8.72 -25.26
CA ALA E 75 7.03 8.36 -24.46
C ALA E 75 6.85 6.85 -24.33
N LYS E 76 7.59 6.05 -25.12
CA LYS E 76 7.46 4.61 -25.07
C LYS E 76 8.81 3.89 -25.13
N ASN E 77 9.93 4.62 -25.04
CA ASN E 77 11.28 4.06 -25.12
C ASN E 77 11.47 3.28 -26.42
N ALA E 78 11.06 3.88 -27.53
CA ALA E 78 11.22 3.23 -28.83
C ALA E 78 11.31 4.30 -29.92
N MET E 79 11.87 3.89 -31.06
CA MET E 79 11.97 4.74 -32.23
C MET E 79 11.45 3.99 -33.45
N TYR E 80 11.02 4.75 -34.45
CA TYR E 80 10.34 4.20 -35.62
C TYR E 80 11.17 4.46 -36.86
N LEU E 81 11.38 3.41 -37.66
CA LEU E 81 12.00 3.52 -38.98
C LEU E 81 10.98 3.07 -40.01
N GLN E 82 10.68 3.95 -40.96
CA GLN E 82 9.69 3.70 -41.99
C GLN E 82 10.35 3.70 -43.36
N MET E 83 10.06 2.69 -44.16
CA MET E 83 10.57 2.58 -45.52
C MET E 83 9.52 3.04 -46.52
N ASN E 84 9.99 3.47 -47.69
CA ASN E 84 9.10 3.98 -48.73
C ASN E 84 9.32 3.35 -50.10
N GLU E 85 10.46 2.71 -50.36
CA GLU E 85 10.74 2.10 -51.64
C GLU E 85 10.81 0.57 -51.56
N LEU E 86 11.65 0.04 -50.69
CA LEU E 86 11.83 -1.40 -50.52
C LEU E 86 12.21 -2.06 -51.84
N LYS E 87 13.39 -1.68 -52.34
CA LYS E 87 13.90 -2.24 -53.57
C LYS E 87 14.19 -3.73 -53.40
N PRO E 88 14.13 -4.50 -54.49
CA PRO E 88 14.45 -5.93 -54.38
C PRO E 88 15.93 -6.21 -54.18
N ASP E 89 16.72 -5.16 -53.90
CA ASP E 89 18.12 -5.32 -53.56
C ASP E 89 18.43 -5.08 -52.09
N ASP E 90 17.50 -4.48 -51.34
CA ASP E 90 17.73 -4.16 -49.93
C ASP E 90 17.19 -5.23 -48.99
N THR E 91 16.70 -6.35 -49.52
CA THR E 91 16.24 -7.45 -48.70
C THR E 91 17.42 -8.07 -47.95
N ALA E 92 17.51 -7.80 -46.65
CA ALA E 92 18.67 -8.21 -45.86
C ALA E 92 18.24 -8.33 -44.40
N VAL E 93 19.22 -8.48 -43.51
CA VAL E 93 18.98 -8.65 -42.09
C VAL E 93 19.17 -7.31 -41.40
N TYR E 94 18.23 -6.95 -40.54
CA TYR E 94 18.18 -5.64 -39.90
C TYR E 94 18.66 -5.76 -38.45
N TYR E 95 19.56 -4.87 -38.06
CA TYR E 95 20.10 -4.83 -36.70
C TYR E 95 19.96 -3.45 -36.11
N CYS E 96 19.44 -3.40 -34.89
CA CYS E 96 19.23 -2.15 -34.15
C CYS E 96 20.36 -1.94 -33.17
N ALA E 97 20.99 -0.77 -33.24
CA ALA E 97 22.10 -0.41 -32.37
C ALA E 97 21.70 0.77 -31.49
N ALA E 98 22.52 1.06 -30.49
CA ALA E 98 22.30 2.18 -29.60
C ALA E 98 23.61 2.53 -28.92
N ASP E 99 23.71 3.78 -28.45
CA ASP E 99 24.86 4.18 -27.66
C ASP E 99 24.51 5.39 -26.81
N ARG E 100 25.35 5.64 -25.81
CA ARG E 100 25.15 6.78 -24.92
C ARG E 100 25.24 8.09 -25.68
N GLY E 101 26.20 8.19 -26.60
CA GLY E 101 26.45 9.41 -27.33
C GLY E 101 26.38 9.22 -28.84
N SER E 102 26.67 10.31 -29.54
CA SER E 102 26.78 10.31 -30.99
C SER E 102 28.22 10.51 -31.38
N SER E 103 28.65 9.85 -32.44
CA SER E 103 30.05 9.82 -32.85
C SER E 103 30.23 10.47 -34.21
N PHE E 104 31.40 11.09 -34.40
CA PHE E 104 31.78 11.56 -35.72
C PHE E 104 31.96 10.38 -36.68
N TYR E 105 32.64 9.33 -36.23
CA TYR E 105 32.72 8.11 -37.03
C TYR E 105 31.45 7.28 -36.82
N TYR E 106 30.30 7.90 -37.03
CA TYR E 106 29.01 7.26 -36.87
C TYR E 106 28.75 6.18 -37.90
N VAL E 107 29.55 6.10 -38.96
CA VAL E 107 29.39 5.02 -39.92
C VAL E 107 30.04 3.73 -39.43
N ARG E 108 31.00 3.82 -38.51
CA ARG E 108 31.69 2.63 -38.04
C ARG E 108 30.78 1.79 -37.15
N GLU E 109 30.83 0.46 -37.36
CA GLU E 109 30.02 -0.43 -36.54
C GLU E 109 30.56 -0.53 -35.12
N SER E 110 31.88 -0.39 -34.95
CA SER E 110 32.48 -0.46 -33.63
C SER E 110 32.02 0.66 -32.70
N GLU E 111 31.46 1.72 -33.24
CA GLU E 111 31.01 2.86 -32.45
C GLU E 111 29.57 2.70 -31.96
N TYR E 112 29.10 1.47 -31.85
CA TYR E 112 27.76 1.19 -31.31
C TYR E 112 27.90 0.00 -30.36
N THR E 113 28.06 0.29 -29.07
CA THR E 113 28.28 -0.76 -28.08
C THR E 113 27.07 -1.67 -27.96
N PHE E 114 25.87 -1.08 -27.95
CA PHE E 114 24.64 -1.84 -27.78
C PHE E 114 24.11 -2.28 -29.13
N TRP E 115 23.64 -3.52 -29.19
CA TRP E 115 23.05 -4.07 -30.41
C TRP E 115 21.81 -4.87 -30.05
N GLY E 116 20.82 -4.83 -30.94
CA GLY E 116 19.56 -5.50 -30.72
C GLY E 116 19.48 -6.87 -31.37
N GLN E 117 18.26 -7.37 -31.47
CA GLN E 117 18.01 -8.64 -32.13
C GLN E 117 17.95 -8.43 -33.64
N GLY E 118 17.45 -9.41 -34.37
CA GLY E 118 17.40 -9.34 -35.82
C GLY E 118 15.98 -9.36 -36.35
N VAL E 121 15.78 -8.68 -37.47
CA VAL E 121 14.52 -8.69 -38.19
C VAL E 121 14.58 -9.78 -39.26
N THR E 122 13.41 -10.28 -39.65
CA THR E 122 13.34 -11.35 -40.64
C THR E 122 14.05 -10.95 -41.94
N VAL E 123 14.80 -11.89 -42.49
CA VAL E 123 15.55 -11.61 -43.71
C VAL E 123 14.62 -11.41 -44.90
N ALA F 14 -2.80 27.80 -77.92
CA ALA F 14 -2.86 29.16 -78.43
C ALA F 14 -3.06 30.16 -77.30
N TYR F 15 -2.78 31.43 -77.58
CA TYR F 15 -2.92 32.49 -76.59
C TYR F 15 -3.66 33.66 -77.22
N THR F 16 -4.42 34.36 -76.39
CA THR F 16 -5.22 35.50 -76.84
C THR F 16 -5.14 36.60 -75.79
N ASN F 17 -5.54 37.80 -76.19
CA ASN F 17 -5.44 39.01 -75.36
C ASN F 17 -6.80 39.31 -74.75
N SER F 18 -6.89 39.20 -73.43
CA SER F 18 -8.13 39.54 -72.73
C SER F 18 -8.18 41.05 -72.55
N PHE F 19 -8.83 41.73 -73.49
CA PHE F 19 -8.77 43.20 -73.52
C PHE F 19 -9.28 43.79 -72.23
N THR F 20 -10.58 43.67 -71.96
CA THR F 20 -11.19 44.39 -70.86
C THR F 20 -12.12 43.53 -70.03
N ARG F 21 -12.28 42.26 -70.36
CA ARG F 21 -13.23 41.39 -69.67
C ARG F 21 -12.59 40.78 -68.43
N GLY F 22 -13.47 40.29 -67.54
CA GLY F 22 -13.03 39.63 -66.33
C GLY F 22 -13.30 40.41 -65.06
N VAL F 23 -14.31 41.28 -65.12
CA VAL F 23 -14.64 42.20 -64.04
C VAL F 23 -15.97 41.81 -63.44
N TYR F 24 -16.02 41.70 -62.12
CA TYR F 24 -17.18 41.20 -61.43
C TYR F 24 -17.51 42.11 -60.25
N TYR F 25 -18.65 41.86 -59.63
CA TYR F 25 -19.06 42.63 -58.48
C TYR F 25 -18.49 42.00 -57.22
N PRO F 26 -17.55 42.65 -56.53
CA PRO F 26 -16.96 42.03 -55.33
C PRO F 26 -17.90 41.97 -54.15
N ASP F 27 -19.06 42.62 -54.19
CA ASP F 27 -19.97 42.61 -53.06
C ASP F 27 -21.39 42.86 -53.56
N LYS F 28 -22.34 42.84 -52.61
CA LYS F 28 -23.75 43.05 -52.90
C LYS F 28 -24.10 44.53 -52.97
N VAL F 29 -23.38 45.38 -52.24
CA VAL F 29 -23.78 46.76 -51.99
C VAL F 29 -24.00 47.53 -53.27
N PHE F 30 -24.78 48.60 -53.17
CA PHE F 30 -25.22 49.37 -54.33
C PHE F 30 -24.62 50.77 -54.23
N ARG F 31 -23.86 51.15 -55.26
CA ARG F 31 -23.20 52.44 -55.30
C ARG F 31 -23.59 53.16 -56.57
N SER F 32 -24.00 54.42 -56.43
CA SER F 32 -24.52 55.20 -57.54
C SER F 32 -23.56 56.33 -57.86
N SER F 33 -23.04 56.33 -59.08
CA SER F 33 -22.13 57.38 -59.57
C SER F 33 -20.95 57.57 -58.63
N VAL F 34 -20.21 56.49 -58.40
CA VAL F 34 -19.08 56.47 -57.49
C VAL F 34 -17.94 55.73 -58.17
N LEU F 35 -16.72 56.26 -58.06
CA LEU F 35 -15.53 55.57 -58.54
C LEU F 35 -14.89 54.87 -57.35
N HIS F 36 -15.44 53.71 -56.99
CA HIS F 36 -14.94 52.94 -55.87
C HIS F 36 -13.66 52.21 -56.25
N SER F 37 -12.71 52.17 -55.33
CA SER F 37 -11.45 51.47 -55.53
C SER F 37 -11.35 50.34 -54.51
N THR F 38 -11.22 49.12 -55.00
CA THR F 38 -11.18 47.95 -54.14
C THR F 38 -10.05 47.03 -54.54
N GLN F 39 -9.56 46.27 -53.58
CA GLN F 39 -8.50 45.28 -53.79
C GLN F 39 -9.10 43.90 -53.62
N ASP F 40 -9.16 43.15 -54.72
CA ASP F 40 -9.64 41.77 -54.72
C ASP F 40 -9.01 41.08 -55.92
N LEU F 41 -9.32 39.79 -56.08
CA LEU F 41 -8.73 38.99 -57.15
C LEU F 41 -9.47 39.29 -58.45
N PHE F 42 -8.84 40.08 -59.31
CA PHE F 42 -9.40 40.45 -60.59
C PHE F 42 -8.51 39.94 -61.71
N LEU F 43 -9.08 39.82 -62.90
CA LEU F 43 -8.30 39.40 -64.05
C LEU F 43 -7.48 40.57 -64.57
N PRO F 44 -6.15 40.49 -64.56
CA PRO F 44 -5.35 41.64 -64.98
C PRO F 44 -5.66 42.06 -66.40
N PHE F 45 -5.70 43.36 -66.62
CA PHE F 45 -6.09 43.91 -67.92
C PHE F 45 -5.06 43.55 -68.98
N PHE F 46 -5.54 43.33 -70.20
CA PHE F 46 -4.68 43.03 -71.33
C PHE F 46 -3.74 41.87 -71.03
N SER F 47 -4.28 40.83 -70.39
CA SER F 47 -3.52 39.65 -70.05
C SER F 47 -3.55 38.64 -71.20
N ASN F 48 -2.93 37.48 -70.96
CA ASN F 48 -2.84 36.41 -71.92
C ASN F 48 -3.78 35.29 -71.48
N VAL F 49 -4.88 35.11 -72.20
CA VAL F 49 -5.78 34.01 -71.92
C VAL F 49 -5.37 32.82 -72.79
N THR F 50 -5.09 31.70 -72.12
CA THR F 50 -4.67 30.47 -72.79
C THR F 50 -5.84 29.88 -73.55
N TRP F 51 -5.75 29.91 -74.88
CA TRP F 51 -6.82 29.41 -75.76
C TRP F 51 -6.68 27.91 -75.92
N PHE F 52 -7.69 27.15 -75.50
CA PHE F 52 -7.77 25.72 -75.77
C PHE F 52 -8.98 25.41 -76.64
N HIS F 53 -9.08 24.11 -76.97
CA HIS F 53 -10.21 23.56 -77.69
C HIS F 53 -10.29 22.05 -77.45
N ASN F 68 -10.70 20.00 -73.33
CA ASN F 68 -10.18 18.67 -73.06
C ASN F 68 -9.17 18.60 -71.88
N PRO F 69 -8.08 19.37 -71.93
CA PRO F 69 -7.03 19.20 -70.91
C PRO F 69 -7.46 19.75 -69.56
N VAL F 70 -6.80 19.24 -68.53
CA VAL F 70 -7.04 19.70 -67.16
C VAL F 70 -6.14 20.90 -66.88
N LEU F 71 -6.50 21.66 -65.86
CA LEU F 71 -5.81 22.90 -65.53
C LEU F 71 -5.74 23.07 -64.03
N PRO F 72 -4.80 23.87 -63.54
CA PRO F 72 -4.77 24.20 -62.10
C PRO F 72 -5.83 25.23 -61.72
N PHE F 73 -5.99 25.39 -60.41
CA PHE F 73 -6.92 26.33 -59.79
C PHE F 73 -6.24 27.07 -58.66
N ASN F 74 -5.08 27.67 -58.95
CA ASN F 74 -4.24 28.32 -57.94
C ASN F 74 -5.06 29.25 -57.05
N ASP F 75 -5.70 30.26 -57.64
CA ASP F 75 -6.48 31.21 -56.86
C ASP F 75 -7.80 31.63 -57.49
N GLY F 76 -8.01 31.35 -58.77
CA GLY F 76 -9.23 31.77 -59.44
C GLY F 76 -9.17 31.55 -60.92
N VAL F 77 -10.30 31.58 -61.61
CA VAL F 77 -10.37 31.26 -63.03
C VAL F 77 -11.39 32.17 -63.69
N TYR F 78 -11.11 32.57 -64.92
CA TYR F 78 -12.04 33.33 -65.75
C TYR F 78 -12.49 32.47 -66.91
N PHE F 79 -12.92 31.24 -66.63
CA PHE F 79 -13.40 30.38 -67.69
C PHE F 79 -14.43 31.11 -68.54
N ALA F 80 -14.09 31.33 -69.80
CA ALA F 80 -15.03 31.84 -70.78
C ALA F 80 -15.31 30.76 -71.81
N SER F 81 -16.18 31.08 -72.77
CA SER F 81 -16.56 30.13 -73.79
C SER F 81 -17.34 30.86 -74.87
N THR F 82 -17.33 30.29 -76.08
CA THR F 82 -18.07 30.85 -77.21
C THR F 82 -18.86 29.70 -77.84
N GLU F 83 -20.06 29.48 -77.35
CA GLU F 83 -20.90 28.38 -77.81
C GLU F 83 -21.83 28.86 -78.91
N LYS F 84 -22.42 27.91 -79.63
CA LYS F 84 -23.41 28.19 -80.66
C LYS F 84 -24.76 27.56 -80.36
N SER F 85 -24.78 26.29 -79.95
CA SER F 85 -26.00 25.57 -79.63
C SER F 85 -25.81 24.75 -78.36
N ASN F 86 -25.22 25.38 -77.34
CA ASN F 86 -24.93 24.72 -76.06
C ASN F 86 -24.01 23.52 -76.27
N ILE F 87 -22.94 23.73 -77.04
CA ILE F 87 -21.94 22.69 -77.25
C ILE F 87 -21.23 22.38 -75.94
N ILE F 88 -20.85 23.42 -75.19
CA ILE F 88 -20.15 23.25 -73.91
C ILE F 88 -21.19 23.02 -72.83
N ARG F 89 -20.92 22.05 -71.95
CA ARG F 89 -21.92 21.60 -71.00
C ARG F 89 -21.59 21.97 -69.56
N GLY F 90 -20.44 21.56 -69.03
CA GLY F 90 -20.20 21.75 -67.62
C GLY F 90 -18.75 21.80 -67.18
N TRP F 91 -18.52 21.75 -65.87
CA TRP F 91 -17.20 21.92 -65.30
C TRP F 91 -16.92 20.82 -64.28
N ILE F 92 -15.64 20.50 -64.15
CA ILE F 92 -15.16 19.51 -63.18
C ILE F 92 -14.15 20.20 -62.28
N PHE F 93 -14.32 20.02 -60.97
CA PHE F 93 -13.46 20.68 -60.00
C PHE F 93 -13.03 19.70 -58.94
N GLY F 94 -11.94 20.02 -58.27
CA GLY F 94 -11.41 19.22 -57.18
C GLY F 94 -9.91 19.28 -57.12
N THR F 95 -9.35 18.44 -56.25
CA THR F 95 -7.90 18.33 -56.09
C THR F 95 -7.34 17.17 -56.90
N THR F 96 -7.79 15.95 -56.62
CA THR F 96 -7.31 14.76 -57.31
C THR F 96 -8.15 14.38 -58.51
N LEU F 97 -9.32 14.99 -58.69
CA LEU F 97 -10.18 14.82 -59.87
C LEU F 97 -10.67 13.39 -60.05
N ASP F 98 -10.74 12.61 -58.97
CA ASP F 98 -11.25 11.25 -59.04
C ASP F 98 -11.71 10.82 -57.65
N SER F 99 -11.89 9.51 -57.47
CA SER F 99 -12.33 8.99 -56.18
C SER F 99 -11.23 9.18 -55.13
N LYS F 100 -11.53 8.74 -53.91
CA LYS F 100 -10.70 8.87 -52.72
C LYS F 100 -10.54 10.33 -52.27
N THR F 101 -11.17 11.28 -52.96
CA THR F 101 -11.10 12.69 -52.60
C THR F 101 -12.33 13.37 -53.17
N GLN F 102 -12.89 14.31 -52.41
CA GLN F 102 -14.08 15.03 -52.84
C GLN F 102 -13.80 15.84 -54.10
N SER F 103 -14.83 16.02 -54.92
CA SER F 103 -14.70 16.76 -56.17
C SER F 103 -16.03 17.38 -56.53
N LEU F 104 -16.05 18.70 -56.69
CA LEU F 104 -17.24 19.41 -57.11
C LEU F 104 -17.59 19.05 -58.55
N LEU F 105 -18.86 19.16 -58.90
CA LEU F 105 -19.37 18.68 -60.18
C LEU F 105 -20.52 19.56 -60.62
N ILE F 106 -20.38 20.21 -61.78
CA ILE F 106 -21.46 20.98 -62.39
C ILE F 106 -21.57 20.57 -63.86
N VAL F 107 -22.72 20.04 -64.25
CA VAL F 107 -23.01 19.74 -65.65
C VAL F 107 -24.42 20.22 -65.97
N ASN F 108 -24.58 20.73 -67.18
CA ASN F 108 -25.88 21.10 -67.73
C ASN F 108 -26.29 20.02 -68.71
N ASN F 109 -27.07 19.05 -68.24
CA ASN F 109 -27.56 17.96 -69.09
C ASN F 109 -28.91 18.29 -69.71
N ALA F 110 -28.99 19.45 -70.38
CA ALA F 110 -30.16 19.89 -71.12
C ALA F 110 -31.39 20.08 -70.23
N THR F 111 -31.24 19.84 -68.93
CA THR F 111 -32.33 20.03 -67.99
C THR F 111 -32.02 21.10 -66.95
N ASN F 112 -30.89 20.98 -66.27
CA ASN F 112 -30.50 21.91 -65.20
C ASN F 112 -29.03 21.64 -64.88
N VAL F 113 -28.53 22.35 -63.88
CA VAL F 113 -27.16 22.18 -63.41
C VAL F 113 -27.20 21.38 -62.11
N VAL F 114 -26.60 20.20 -62.13
CA VAL F 114 -26.56 19.33 -60.96
C VAL F 114 -25.22 19.57 -60.26
N ILE F 115 -25.28 19.96 -58.99
CA ILE F 115 -24.10 20.26 -58.21
C ILE F 115 -23.90 19.16 -57.19
N LYS F 116 -22.71 18.58 -57.18
CA LYS F 116 -22.39 17.49 -56.28
C LYS F 116 -20.99 17.73 -55.74
N VAL F 117 -20.70 17.15 -54.58
CA VAL F 117 -19.38 17.27 -53.97
C VAL F 117 -18.90 15.88 -53.58
N CYS F 118 -19.56 14.85 -54.11
CA CYS F 118 -19.20 13.47 -53.80
C CYS F 118 -17.93 13.07 -54.52
N GLU F 119 -17.22 12.10 -53.93
CA GLU F 119 -15.98 11.57 -54.49
C GLU F 119 -16.35 10.66 -55.65
N PHE F 120 -16.65 11.28 -56.80
CA PHE F 120 -17.08 10.56 -57.97
C PHE F 120 -15.88 9.92 -58.67
N GLN F 121 -16.15 9.17 -59.73
CA GLN F 121 -15.14 8.38 -60.42
C GLN F 121 -14.99 8.84 -61.85
N PHE F 122 -14.83 10.16 -62.06
CA PHE F 122 -14.73 10.75 -63.38
C PHE F 122 -13.80 9.94 -64.28
N CYS F 123 -14.20 9.80 -65.54
CA CYS F 123 -13.34 9.19 -66.53
C CYS F 123 -12.27 10.17 -67.00
N ASN F 124 -11.31 9.65 -67.76
CA ASN F 124 -10.25 10.51 -68.29
C ASN F 124 -10.77 11.51 -69.31
N ASP F 125 -11.98 11.32 -69.82
CA ASP F 125 -12.57 12.26 -70.75
C ASP F 125 -14.09 12.12 -70.77
N PRO F 126 -14.79 12.57 -69.73
CA PRO F 126 -16.25 12.45 -69.70
C PRO F 126 -16.91 13.55 -70.53
N PHE F 127 -18.21 13.38 -70.75
CA PHE F 127 -19.00 14.37 -71.46
C PHE F 127 -20.49 14.21 -71.16
N ASN F 151 -21.23 8.72 -53.40
CA ASN F 151 -20.01 8.30 -52.74
C ASN F 151 -19.57 9.31 -51.67
N ASN F 152 -20.09 9.13 -50.46
CA ASN F 152 -19.80 10.01 -49.32
C ASN F 152 -20.14 11.46 -49.63
N CYS F 153 -21.38 11.66 -50.10
CA CYS F 153 -21.84 13.00 -50.45
C CYS F 153 -22.07 13.84 -49.20
N THR F 154 -21.73 15.12 -49.30
CA THR F 154 -22.05 16.09 -48.26
C THR F 154 -22.86 17.28 -48.74
N PHE F 155 -22.96 17.49 -50.05
CA PHE F 155 -23.79 18.56 -50.58
C PHE F 155 -24.28 18.16 -51.96
N GLU F 156 -25.56 18.38 -52.24
CA GLU F 156 -26.15 18.12 -53.54
C GLU F 156 -27.10 19.24 -53.88
N TYR F 157 -27.32 19.44 -55.18
CA TYR F 157 -28.22 20.50 -55.65
C TYR F 157 -28.58 20.19 -57.09
N VAL F 158 -29.88 20.13 -57.39
CA VAL F 158 -30.40 20.04 -58.74
C VAL F 158 -31.25 21.28 -58.99
N SER F 159 -30.75 22.18 -59.82
CA SER F 159 -31.50 23.40 -60.15
C SER F 159 -32.64 23.10 -61.10
N PHE F 173 -20.74 31.62 -83.98
CA PHE F 173 -20.40 31.72 -82.56
C PHE F 173 -20.78 33.10 -82.03
N LYS F 174 -22.04 33.23 -81.62
CA LYS F 174 -22.61 34.50 -81.17
C LYS F 174 -23.01 34.43 -79.71
N ASN F 175 -22.21 33.74 -78.90
CA ASN F 175 -22.45 33.64 -77.47
C ASN F 175 -21.15 33.84 -76.71
N LEU F 176 -21.26 34.31 -75.48
CA LEU F 176 -20.11 34.51 -74.60
C LEU F 176 -20.56 34.19 -73.18
N ARG F 177 -20.18 33.02 -72.69
CA ARG F 177 -20.54 32.58 -71.35
C ARG F 177 -19.34 32.79 -70.44
N GLU F 178 -19.20 34.01 -69.92
CA GLU F 178 -18.08 34.35 -69.06
C GLU F 178 -18.36 33.91 -67.63
N PHE F 179 -17.40 33.22 -67.03
CA PHE F 179 -17.56 32.65 -65.71
C PHE F 179 -16.33 32.97 -64.88
N VAL F 180 -16.54 33.17 -63.58
CA VAL F 180 -15.44 33.38 -62.64
C VAL F 180 -15.65 32.47 -61.45
N PHE F 181 -14.61 31.71 -61.10
CA PHE F 181 -14.68 30.77 -59.99
C PHE F 181 -13.57 31.09 -59.00
N LYS F 182 -13.92 31.17 -57.72
CA LYS F 182 -12.92 31.32 -56.68
C LYS F 182 -13.50 30.85 -55.37
N ASN F 183 -12.61 30.51 -54.44
CA ASN F 183 -13.04 29.98 -53.15
C ASN F 183 -12.95 31.05 -52.07
N TYR F 187 -16.02 30.58 -49.28
CA TYR F 187 -16.10 29.33 -50.01
C TYR F 187 -16.32 29.57 -51.50
N PHE F 188 -16.86 28.56 -52.19
CA PHE F 188 -16.97 28.63 -53.63
C PHE F 188 -17.97 29.69 -54.07
N LYS F 189 -17.56 30.54 -55.02
CA LYS F 189 -18.43 31.56 -55.57
C LYS F 189 -18.33 31.55 -57.09
N ILE F 190 -19.47 31.78 -57.73
CA ILE F 190 -19.58 31.78 -59.18
C ILE F 190 -20.21 33.09 -59.62
N TYR F 191 -19.59 33.75 -60.59
CA TYR F 191 -20.15 34.93 -61.25
C TYR F 191 -20.30 34.61 -62.72
N SER F 192 -21.38 35.07 -63.33
CA SER F 192 -21.66 34.71 -64.70
C SER F 192 -22.36 35.84 -65.42
N LYS F 193 -22.14 35.91 -66.73
CA LYS F 193 -22.78 36.93 -67.55
C LYS F 193 -22.74 36.46 -69.00
N HIS F 194 -23.91 36.37 -69.63
CA HIS F 194 -24.04 35.87 -70.99
C HIS F 194 -24.44 37.05 -71.87
N THR F 195 -23.66 37.31 -72.91
CA THR F 195 -24.00 38.38 -73.84
C THR F 195 -23.75 37.92 -75.27
N PRO F 196 -24.58 38.35 -76.22
CA PRO F 196 -24.30 38.08 -77.63
C PRO F 196 -23.06 38.83 -78.09
N ILE F 197 -22.30 38.18 -78.97
CA ILE F 197 -21.07 38.75 -79.52
C ILE F 197 -21.00 38.41 -81.00
N ASN F 198 -19.92 38.86 -81.63
CA ASN F 198 -19.71 38.60 -83.06
C ASN F 198 -18.28 38.09 -83.29
N ASP F 202 -10.77 34.73 -80.11
CA ASP F 202 -11.10 36.09 -80.54
C ASP F 202 -12.05 36.76 -79.55
N LEU F 203 -11.53 37.07 -78.37
CA LEU F 203 -12.34 37.71 -77.34
C LEU F 203 -12.69 39.12 -77.77
N PRO F 204 -13.96 39.50 -77.74
CA PRO F 204 -14.34 40.85 -78.18
C PRO F 204 -13.83 41.92 -77.22
N GLN F 205 -13.53 43.09 -77.77
CA GLN F 205 -13.23 44.24 -76.95
C GLN F 205 -14.53 44.88 -76.47
N GLY F 206 -14.44 45.53 -75.31
CA GLY F 206 -15.59 46.12 -74.66
C GLY F 206 -15.67 45.70 -73.21
N PHE F 207 -16.67 46.27 -72.54
CA PHE F 207 -16.82 46.10 -71.10
C PHE F 207 -18.16 45.49 -70.75
N SER F 208 -18.13 44.51 -69.85
CA SER F 208 -19.36 43.92 -69.30
C SER F 208 -19.00 43.30 -67.96
N ALA F 209 -19.76 43.66 -66.92
CA ALA F 209 -19.52 43.13 -65.58
C ALA F 209 -20.22 41.79 -65.41
N LEU F 210 -19.71 40.99 -64.47
CA LEU F 210 -20.23 39.66 -64.22
C LEU F 210 -20.96 39.67 -62.88
N GLU F 211 -22.27 39.85 -62.92
CA GLU F 211 -23.06 39.78 -61.71
C GLU F 211 -23.00 38.38 -61.12
N PRO F 212 -22.96 38.26 -59.80
CA PRO F 212 -22.96 36.92 -59.18
C PRO F 212 -24.23 36.17 -59.52
N LEU F 213 -24.08 34.86 -59.70
CA LEU F 213 -25.20 34.00 -60.09
C LEU F 213 -25.49 32.91 -59.07
N VAL F 214 -24.47 32.27 -58.51
CA VAL F 214 -24.65 31.20 -57.55
C VAL F 214 -23.49 31.22 -56.55
N ASP F 215 -23.81 31.01 -55.27
CA ASP F 215 -22.81 30.84 -54.22
C ASP F 215 -23.12 29.53 -53.49
N LEU F 216 -22.09 28.71 -53.28
CA LEU F 216 -22.25 27.36 -52.76
C LEU F 216 -21.39 27.15 -51.53
N PRO F 217 -21.95 26.77 -50.38
CA PRO F 217 -21.18 26.62 -49.13
C PRO F 217 -20.57 25.23 -48.96
N ILE F 218 -19.88 24.76 -49.98
CA ILE F 218 -19.42 23.38 -50.03
C ILE F 218 -18.04 23.23 -49.40
N GLY F 219 -17.20 24.26 -49.45
CA GLY F 219 -15.96 24.24 -48.68
C GLY F 219 -15.02 23.12 -49.02
N ILE F 220 -14.77 22.89 -50.30
CA ILE F 220 -13.85 21.86 -50.77
C ILE F 220 -12.54 22.51 -51.16
N ASN F 221 -11.43 21.90 -50.73
CA ASN F 221 -10.11 22.36 -51.16
C ASN F 221 -9.94 22.03 -52.64
N ILE F 222 -9.82 23.06 -53.47
CA ILE F 222 -9.72 22.91 -54.91
C ILE F 222 -8.35 23.38 -55.37
N THR F 223 -7.73 22.60 -56.27
CA THR F 223 -6.47 22.97 -56.88
C THR F 223 -6.44 22.76 -58.38
N ARG F 224 -7.28 21.88 -58.93
CA ARG F 224 -7.29 21.59 -60.35
C ARG F 224 -8.72 21.59 -60.86
N PHE F 225 -8.87 21.71 -62.18
CA PHE F 225 -10.20 21.70 -62.78
C PHE F 225 -10.08 21.28 -64.23
N GLN F 226 -11.20 20.85 -64.80
CA GLN F 226 -11.24 20.39 -66.19
C GLN F 226 -12.56 20.84 -66.80
N THR F 227 -12.86 20.34 -68.01
CA THR F 227 -14.01 20.80 -68.74
C THR F 227 -14.68 19.64 -69.47
N LEU F 228 -15.97 19.81 -69.74
CA LEU F 228 -16.78 18.89 -70.53
C LEU F 228 -17.05 19.51 -71.89
N LEU F 229 -17.80 18.77 -72.72
CA LEU F 229 -18.20 19.27 -74.03
C LEU F 229 -19.28 18.39 -74.64
N ALA F 250 -15.54 24.27 -79.96
CA ALA F 250 -15.84 25.68 -79.85
C ALA F 250 -14.71 26.43 -79.15
N ALA F 251 -14.82 27.74 -79.11
CA ALA F 251 -13.84 28.55 -78.41
C ALA F 251 -13.92 28.29 -76.90
N TYR F 252 -12.76 28.05 -76.31
CA TYR F 252 -12.64 27.55 -74.94
C TYR F 252 -11.43 28.22 -74.30
N TYR F 253 -11.67 29.36 -73.66
CA TYR F 253 -10.63 30.20 -73.07
C TYR F 253 -10.57 30.01 -71.56
N VAL F 254 -9.42 30.30 -71.00
CA VAL F 254 -9.22 30.28 -69.55
C VAL F 254 -8.40 31.49 -69.15
N GLY F 255 -8.86 32.22 -68.13
CA GLY F 255 -8.07 33.26 -67.54
C GLY F 255 -7.74 32.92 -66.10
N TYR F 256 -6.77 33.60 -65.50
CA TYR F 256 -6.41 33.34 -64.11
C TYR F 256 -6.49 34.64 -63.32
N LEU F 257 -7.09 34.57 -62.13
CA LEU F 257 -7.25 35.73 -61.28
C LEU F 257 -5.96 36.03 -60.53
N GLN F 258 -5.67 37.31 -60.35
CA GLN F 258 -4.52 37.79 -59.60
C GLN F 258 -4.98 38.87 -58.63
N PRO F 259 -4.31 39.00 -57.49
CA PRO F 259 -4.72 40.01 -56.48
C PRO F 259 -4.27 41.42 -56.86
N ARG F 260 -5.06 42.06 -57.73
CA ARG F 260 -4.75 43.39 -58.22
C ARG F 260 -5.84 44.36 -57.82
N THR F 261 -5.46 45.62 -57.63
CA THR F 261 -6.38 46.67 -57.19
C THR F 261 -7.00 47.36 -58.38
N PHE F 262 -8.32 47.50 -58.37
CA PHE F 262 -9.06 48.05 -59.49
C PHE F 262 -9.86 49.27 -59.02
N LEU F 263 -10.13 50.19 -59.94
CA LEU F 263 -10.97 51.35 -59.69
C LEU F 263 -12.26 51.15 -60.47
N LEU F 264 -13.37 50.95 -59.77
CA LEU F 264 -14.62 50.55 -60.38
C LEU F 264 -15.53 51.75 -60.56
N LYS F 265 -16.01 51.96 -61.79
CA LYS F 265 -16.86 53.11 -62.11
C LYS F 265 -18.31 52.66 -62.10
N TYR F 266 -18.96 52.79 -60.95
CA TYR F 266 -20.39 52.55 -60.87
C TYR F 266 -21.13 53.68 -61.55
N ASN F 267 -22.30 53.37 -62.10
CA ASN F 267 -23.16 54.40 -62.68
C ASN F 267 -24.33 54.67 -61.73
N GLU F 268 -25.28 55.49 -62.20
CA GLU F 268 -26.38 55.91 -61.34
C GLU F 268 -27.28 54.73 -60.96
N ASN F 269 -27.31 53.68 -61.78
CA ASN F 269 -28.14 52.52 -61.49
C ASN F 269 -27.43 51.47 -60.67
N GLY F 270 -26.12 51.62 -60.46
CA GLY F 270 -25.34 50.64 -59.73
C GLY F 270 -24.54 49.70 -60.58
N THR F 271 -24.55 49.86 -61.89
CA THR F 271 -23.88 48.95 -62.81
C THR F 271 -22.46 49.41 -63.08
N ILE F 272 -21.49 48.52 -62.90
CA ILE F 272 -20.10 48.84 -63.17
C ILE F 272 -19.94 49.03 -64.68
N THR F 273 -19.83 50.27 -65.12
CA THR F 273 -19.73 50.55 -66.55
C THR F 273 -18.30 50.68 -67.04
N ASP F 274 -17.31 50.70 -66.14
CA ASP F 274 -15.92 50.79 -66.54
C ASP F 274 -15.04 50.51 -65.32
N ALA F 275 -13.76 50.26 -65.58
CA ALA F 275 -12.81 50.06 -64.50
C ALA F 275 -11.41 50.38 -64.99
N VAL F 276 -10.52 50.59 -64.03
CA VAL F 276 -9.13 50.93 -64.30
C VAL F 276 -8.24 50.01 -63.47
N ASP F 277 -7.29 49.35 -64.12
CA ASP F 277 -6.34 48.51 -63.42
C ASP F 277 -5.23 49.37 -62.84
N CYS F 278 -5.10 49.37 -61.53
CA CYS F 278 -4.16 50.29 -60.88
C CYS F 278 -2.71 49.93 -61.10
N ALA F 279 -2.37 49.01 -62.00
CA ALA F 279 -0.97 48.69 -62.23
C ALA F 279 -0.66 48.44 -63.71
N LEU F 280 -1.57 48.79 -64.62
CA LEU F 280 -1.36 48.48 -66.03
C LEU F 280 -0.22 49.33 -66.61
N ASP F 281 -0.26 50.63 -66.38
CA ASP F 281 0.75 51.54 -66.91
C ASP F 281 0.77 52.78 -66.05
N PRO F 282 1.72 53.69 -66.26
CA PRO F 282 1.73 54.93 -65.45
C PRO F 282 0.44 55.71 -65.50
N LEU F 283 -0.21 55.81 -66.65
CA LEU F 283 -1.44 56.59 -66.74
C LEU F 283 -2.53 55.99 -65.86
N SER F 284 -2.61 54.66 -65.82
CA SER F 284 -3.59 54.00 -64.98
C SER F 284 -3.28 54.21 -63.50
N GLU F 285 -2.00 54.23 -63.13
CA GLU F 285 -1.66 54.56 -61.75
C GLU F 285 -2.09 55.98 -61.40
N THR F 286 -1.88 56.92 -62.33
CA THR F 286 -2.30 58.29 -62.09
C THR F 286 -3.81 58.37 -61.93
N LYS F 287 -4.56 57.65 -62.76
CA LYS F 287 -6.01 57.65 -62.61
C LYS F 287 -6.43 57.05 -61.28
N CYS F 288 -5.76 55.98 -60.84
CA CYS F 288 -6.12 55.34 -59.58
C CYS F 288 -5.81 56.24 -58.40
N THR F 289 -4.66 56.92 -58.42
CA THR F 289 -4.27 57.72 -57.26
C THR F 289 -5.09 59.00 -57.17
N LEU F 290 -5.60 59.49 -58.30
CA LEU F 290 -6.48 60.64 -58.29
C LEU F 290 -7.95 60.27 -58.07
N LYS F 291 -8.28 58.98 -58.12
CA LYS F 291 -9.66 58.50 -58.00
C LYS F 291 -10.54 59.13 -59.06
N SER F 292 -10.02 59.23 -60.28
CA SER F 292 -10.74 59.83 -61.40
C SER F 292 -10.44 59.06 -62.67
N PHE F 293 -11.41 59.08 -63.59
CA PHE F 293 -11.23 58.47 -64.90
C PHE F 293 -10.74 59.46 -65.95
N THR F 294 -10.56 60.72 -65.57
CA THR F 294 -9.90 61.71 -66.40
C THR F 294 -8.88 62.45 -65.55
N VAL F 295 -7.77 62.85 -66.17
CA VAL F 295 -6.72 63.56 -65.47
C VAL F 295 -6.35 64.80 -66.26
N GLU F 296 -6.26 65.93 -65.56
CA GLU F 296 -5.94 67.21 -66.17
C GLU F 296 -4.43 67.36 -66.32
N LYS F 297 -4.03 68.36 -67.10
CA LYS F 297 -2.61 68.60 -67.35
C LYS F 297 -1.86 68.82 -66.06
N GLY F 298 -0.73 68.14 -65.91
CA GLY F 298 0.11 68.36 -64.76
C GLY F 298 0.99 67.17 -64.49
N ILE F 299 1.77 67.30 -63.43
CA ILE F 299 2.70 66.27 -62.98
C ILE F 299 2.22 65.77 -61.62
N TYR F 300 1.81 64.51 -61.58
CA TYR F 300 1.23 63.90 -60.39
C TYR F 300 2.18 62.85 -59.85
N GLN F 301 2.44 62.87 -58.55
CA GLN F 301 3.25 61.84 -57.92
C GLN F 301 2.36 60.66 -57.57
N THR F 302 2.77 59.47 -57.96
CA THR F 302 1.93 58.28 -57.85
C THR F 302 2.50 57.23 -56.90
N SER F 303 3.79 56.93 -56.97
CA SER F 303 4.36 55.86 -56.16
C SER F 303 5.78 56.20 -55.77
N ASN F 304 6.38 55.34 -54.95
CA ASN F 304 7.75 55.50 -54.48
C ASN F 304 8.61 54.41 -55.10
N PHE F 305 9.71 54.80 -55.73
CA PHE F 305 10.63 53.85 -56.33
C PHE F 305 11.77 53.55 -55.37
N ARG F 306 12.03 52.28 -55.12
CA ARG F 306 13.02 51.87 -54.14
C ARG F 306 13.95 50.83 -54.75
N VAL F 307 15.26 51.04 -54.65
CA VAL F 307 16.23 50.06 -55.11
C VAL F 307 16.36 48.99 -54.05
N GLN F 308 16.18 47.72 -54.44
CA GLN F 308 16.29 46.65 -53.48
C GLN F 308 17.69 46.03 -53.52
N PRO F 309 18.21 45.58 -52.38
CA PRO F 309 19.54 44.95 -52.38
C PRO F 309 19.55 43.65 -53.14
N THR F 310 20.71 43.33 -53.70
CA THR F 310 20.87 42.10 -54.48
C THR F 310 21.42 40.97 -53.61
N GLU F 311 22.61 41.14 -53.06
CA GLU F 311 23.30 40.10 -52.34
C GLU F 311 23.67 40.57 -50.95
N SER F 312 23.81 39.62 -50.03
CA SER F 312 24.30 39.92 -48.69
C SER F 312 25.81 39.71 -48.65
N ILE F 313 26.50 40.60 -47.94
CA ILE F 313 27.95 40.49 -47.75
C ILE F 313 28.21 40.40 -46.26
N VAL F 314 29.20 39.58 -45.89
CA VAL F 314 29.64 39.45 -44.50
C VAL F 314 31.16 39.39 -44.51
N ARG F 315 31.80 40.22 -43.69
CA ARG F 315 33.24 40.24 -43.56
C ARG F 315 33.60 40.24 -42.08
N PHE F 316 34.56 39.41 -41.71
CA PHE F 316 35.06 39.33 -40.35
C PHE F 316 36.59 39.31 -40.38
N PRO F 317 37.25 39.74 -39.29
CA PRO F 317 38.71 39.75 -39.29
C PRO F 317 39.30 38.39 -39.60
N ASN F 318 40.51 38.39 -40.17
CA ASN F 318 41.13 37.16 -40.74
C ASN F 318 41.42 36.16 -39.61
N ILE F 319 41.62 34.89 -39.97
CA ILE F 319 41.93 33.83 -38.95
C ILE F 319 43.06 34.30 -38.04
N THR F 320 42.83 34.33 -36.73
CA THR F 320 43.85 34.83 -35.77
C THR F 320 44.72 33.66 -35.30
N ASN F 321 45.17 33.68 -34.04
CA ASN F 321 45.91 32.54 -33.55
C ASN F 321 44.95 31.41 -33.17
N LEU F 322 45.14 30.25 -33.79
CA LEU F 322 44.27 29.11 -33.53
C LEU F 322 44.59 28.48 -32.18
N CYS F 323 43.60 27.79 -31.62
CA CYS F 323 43.78 27.14 -30.33
C CYS F 323 44.79 26.00 -30.45
N PRO F 324 45.52 25.71 -29.38
CA PRO F 324 46.52 24.64 -29.44
C PRO F 324 45.90 23.26 -29.54
N PHE F 325 46.01 22.63 -30.71
CA PHE F 325 45.56 21.26 -30.90
C PHE F 325 46.62 20.38 -31.53
N GLY F 326 47.82 20.90 -31.78
CA GLY F 326 48.90 20.09 -32.30
C GLY F 326 49.86 19.70 -31.21
N GLU F 327 49.95 20.52 -30.17
CA GLU F 327 50.78 20.22 -29.01
C GLU F 327 50.04 19.38 -27.98
N VAL F 328 48.78 19.06 -28.22
CA VAL F 328 48.01 18.18 -27.36
C VAL F 328 47.72 16.86 -28.05
N PHE F 329 47.26 16.91 -29.31
CA PHE F 329 46.95 15.71 -30.06
C PHE F 329 48.16 15.11 -30.77
N ASN F 330 49.24 15.88 -30.91
CA ASN F 330 50.48 15.38 -31.47
C ASN F 330 51.66 15.64 -30.54
N ALA F 331 51.40 15.62 -29.23
CA ALA F 331 52.44 15.86 -28.24
C ALA F 331 53.43 14.69 -28.23
N THR F 332 54.65 14.98 -27.77
CA THR F 332 55.71 13.98 -27.77
C THR F 332 55.51 12.95 -26.66
N ARG F 333 55.11 13.40 -25.47
CA ARG F 333 54.97 12.52 -24.31
C ARG F 333 53.63 12.75 -23.64
N PHE F 334 52.92 11.66 -23.36
CA PHE F 334 51.64 11.69 -22.66
C PHE F 334 51.80 11.30 -21.20
N ALA F 335 50.82 11.69 -20.40
CA ALA F 335 50.85 11.47 -18.96
C ALA F 335 50.13 10.18 -18.59
N SER F 336 50.48 9.65 -17.42
CA SER F 336 49.83 8.47 -16.89
C SER F 336 48.40 8.82 -16.46
N VAL F 337 47.55 7.79 -16.42
CA VAL F 337 46.12 8.04 -16.29
C VAL F 337 45.76 8.58 -14.92
N TYR F 338 46.40 8.07 -13.86
CA TYR F 338 46.10 8.59 -12.53
C TYR F 338 46.50 10.06 -12.41
N ALA F 339 47.66 10.42 -12.95
CA ALA F 339 48.09 11.82 -13.05
C ALA F 339 47.85 12.36 -14.46
N TRP F 340 46.57 12.42 -14.84
CA TRP F 340 46.24 12.82 -16.20
C TRP F 340 46.59 14.27 -16.45
N ASN F 341 47.17 14.54 -17.61
CA ASN F 341 47.61 15.88 -17.98
C ASN F 341 46.42 16.72 -18.37
N ARG F 342 46.25 17.87 -17.72
CA ARG F 342 45.13 18.77 -17.97
C ARG F 342 45.67 20.11 -18.47
N LYS F 343 45.04 20.62 -19.54
CA LYS F 343 45.40 21.91 -20.11
C LYS F 343 44.14 22.70 -20.39
N ARG F 344 44.11 23.96 -19.97
CA ARG F 344 42.96 24.84 -20.17
C ARG F 344 43.20 25.71 -21.40
N ILE F 345 42.35 25.54 -22.41
CA ILE F 345 42.47 26.25 -23.67
C ILE F 345 41.57 27.47 -23.61
N SER F 346 42.14 28.65 -23.85
CA SER F 346 41.38 29.88 -23.76
C SER F 346 42.05 30.96 -24.60
N ASN F 347 41.26 31.97 -24.97
CA ASN F 347 41.72 33.13 -25.74
C ASN F 347 42.36 32.69 -27.07
N CYS F 348 41.55 32.07 -27.93
CA CYS F 348 42.02 31.65 -29.27
C CYS F 348 40.82 31.25 -30.13
N VAL F 349 41.03 30.98 -31.42
CA VAL F 349 39.89 30.48 -32.26
C VAL F 349 39.83 28.96 -32.14
N ALA F 350 38.70 28.42 -31.69
CA ALA F 350 38.57 26.95 -31.47
C ALA F 350 38.20 26.26 -32.78
N ASP F 351 39.16 26.14 -33.70
CA ASP F 351 38.90 25.38 -34.95
C ASP F 351 38.89 23.89 -34.64
N TYR F 352 37.89 23.15 -35.13
CA TYR F 352 37.81 21.69 -34.89
C TYR F 352 38.14 20.95 -36.18
N SER F 353 38.49 21.67 -37.24
CA SER F 353 38.72 20.98 -38.51
C SER F 353 39.82 19.93 -38.41
N VAL F 354 40.79 20.13 -37.51
CA VAL F 354 41.87 19.16 -37.37
C VAL F 354 41.33 17.84 -36.84
N LEU F 355 40.33 17.88 -35.97
CA LEU F 355 39.73 16.66 -35.45
C LEU F 355 38.77 16.02 -36.45
N TYR F 356 38.48 16.68 -37.55
CA TYR F 356 37.57 16.16 -38.56
C TYR F 356 38.31 15.43 -39.67
N ASN F 357 39.30 16.09 -40.27
CA ASN F 357 40.06 15.47 -41.35
C ASN F 357 40.92 14.31 -40.85
N SER F 358 41.35 14.36 -39.59
CA SER F 358 42.20 13.30 -39.04
C SER F 358 41.38 12.02 -38.91
N ALA F 359 41.58 11.09 -39.84
CA ALA F 359 40.83 9.85 -39.87
C ALA F 359 41.50 8.73 -39.09
N SER F 360 42.61 9.01 -38.40
CA SER F 360 43.33 8.01 -37.63
C SER F 360 42.82 7.88 -36.20
N PHE F 361 41.79 8.62 -35.81
CA PHE F 361 41.23 8.47 -34.48
C PHE F 361 40.49 7.15 -34.38
N SER F 362 40.76 6.40 -33.32
CA SER F 362 40.04 5.15 -33.07
C SER F 362 38.68 5.37 -32.45
N THR F 363 38.39 6.58 -31.97
CA THR F 363 37.12 6.88 -31.33
C THR F 363 36.94 8.39 -31.27
N PHE F 364 35.78 8.87 -31.70
CA PHE F 364 35.38 10.27 -31.54
C PHE F 364 33.90 10.22 -31.15
N LYS F 365 33.62 10.30 -29.85
CA LYS F 365 32.27 10.20 -29.34
C LYS F 365 31.92 11.46 -28.55
N CYS F 366 30.71 11.97 -28.75
CA CYS F 366 30.27 13.21 -28.14
C CYS F 366 29.05 12.99 -27.26
N TYR F 367 28.96 13.75 -26.18
CA TYR F 367 27.89 13.63 -25.20
C TYR F 367 27.24 14.99 -25.00
N GLY F 368 25.92 15.03 -25.08
CA GLY F 368 25.16 16.25 -24.87
C GLY F 368 25.14 17.20 -26.06
N VAL F 369 26.16 17.14 -26.91
CA VAL F 369 26.27 18.02 -28.06
C VAL F 369 26.55 17.18 -29.29
N SER F 370 26.24 17.75 -30.45
CA SER F 370 26.50 17.07 -31.70
C SER F 370 28.00 17.02 -31.98
N PRO F 371 28.47 15.95 -32.64
CA PRO F 371 29.88 15.89 -33.03
C PRO F 371 30.29 16.92 -34.07
N THR F 372 29.32 17.58 -34.73
CA THR F 372 29.61 18.54 -35.77
C THR F 372 29.17 19.97 -35.44
N LYS F 373 28.18 20.16 -34.56
CA LYS F 373 27.67 21.48 -34.23
C LYS F 373 28.44 22.14 -33.10
N LEU F 374 29.72 21.78 -32.91
CA LEU F 374 30.48 22.31 -31.79
C LEU F 374 30.91 23.75 -32.04
N ASN F 375 31.22 24.09 -33.29
CA ASN F 375 31.73 25.42 -33.60
C ASN F 375 30.69 26.51 -33.38
N ASP F 376 29.40 26.18 -33.49
CA ASP F 376 28.36 27.20 -33.41
C ASP F 376 28.28 27.81 -32.02
N LEU F 377 28.19 26.98 -30.99
CA LEU F 377 28.07 27.44 -29.62
C LEU F 377 29.44 27.41 -28.97
N CYS F 378 29.74 28.45 -28.19
CA CYS F 378 31.08 28.56 -27.63
C CYS F 378 31.03 29.14 -26.23
N PHE F 379 32.09 28.88 -25.47
CA PHE F 379 32.10 29.02 -24.02
C PHE F 379 33.37 29.75 -23.61
N PHE F 380 33.61 29.79 -22.30
CA PHE F 380 34.74 30.53 -21.76
C PHE F 380 36.03 29.75 -21.95
N ASN F 381 36.08 28.51 -21.47
CA ASN F 381 37.30 27.71 -21.45
C ASN F 381 37.09 26.38 -22.14
N VAL F 382 38.17 25.85 -22.68
CA VAL F 382 38.22 24.49 -23.21
C VAL F 382 39.28 23.74 -22.43
N TYR F 383 38.90 22.60 -21.84
CA TYR F 383 39.81 21.78 -21.07
C TYR F 383 40.20 20.53 -21.86
N ALA F 384 41.50 20.27 -21.93
CA ALA F 384 42.03 19.08 -22.58
C ALA F 384 42.66 18.20 -21.51
N ASP F 385 42.05 17.05 -21.24
CA ASP F 385 42.58 16.06 -20.31
C ASP F 385 43.17 14.91 -21.13
N SER F 386 44.49 14.77 -21.10
CA SER F 386 45.18 13.79 -21.90
C SER F 386 45.87 12.78 -20.99
N PHE F 387 45.67 11.49 -21.29
CA PHE F 387 46.31 10.42 -20.53
C PHE F 387 46.35 9.18 -21.42
N VAL F 388 46.93 8.11 -20.88
CA VAL F 388 47.10 6.85 -21.60
C VAL F 388 46.50 5.73 -20.78
N ILE F 389 45.65 4.93 -21.41
CA ILE F 389 45.07 3.75 -20.78
C ILE F 389 45.18 2.57 -21.75
N ARG F 390 44.62 1.45 -21.34
CA ARG F 390 44.58 0.27 -22.19
C ARG F 390 43.26 0.22 -22.97
N GLY F 391 43.29 -0.51 -24.07
CA GLY F 391 42.10 -0.60 -24.91
C GLY F 391 40.92 -1.21 -24.20
N ASP F 392 41.18 -2.13 -23.27
CA ASP F 392 40.10 -2.83 -22.58
C ASP F 392 39.24 -1.90 -21.74
N GLU F 393 39.77 -0.75 -21.34
CA GLU F 393 39.07 0.19 -20.47
C GLU F 393 38.73 1.49 -21.17
N VAL F 394 38.93 1.57 -22.49
CA VAL F 394 38.60 2.79 -23.23
C VAL F 394 37.11 3.05 -23.16
N ARG F 395 36.30 2.00 -23.26
CA ARG F 395 34.85 2.17 -23.19
C ARG F 395 34.40 2.71 -21.85
N GLN F 396 35.25 2.64 -20.83
CA GLN F 396 34.90 3.14 -19.50
C GLN F 396 35.09 4.64 -19.36
N ILE F 397 35.66 5.30 -20.35
CA ILE F 397 35.74 6.77 -20.34
C ILE F 397 34.43 7.26 -20.93
N ALA F 398 33.41 7.32 -20.07
CA ALA F 398 32.07 7.73 -20.45
C ALA F 398 31.25 7.94 -19.20
N PRO F 399 30.23 8.80 -19.24
CA PRO F 399 29.35 8.94 -18.08
C PRO F 399 28.64 7.63 -17.74
N GLY F 400 28.46 7.40 -16.45
CA GLY F 400 27.81 6.19 -15.99
C GLY F 400 28.58 4.93 -16.26
N GLN F 401 29.91 4.96 -16.09
CA GLN F 401 30.76 3.80 -16.28
C GLN F 401 31.41 3.44 -14.95
N THR F 402 31.61 2.13 -14.75
CA THR F 402 32.30 1.63 -13.57
C THR F 402 33.38 0.65 -13.98
N GLY F 403 34.49 0.70 -13.28
CA GLY F 403 35.61 -0.17 -13.55
C GLY F 403 36.83 0.29 -12.79
N LYS F 404 37.94 -0.40 -13.04
CA LYS F 404 39.19 -0.06 -12.39
C LYS F 404 39.67 1.34 -12.75
N ILE F 405 39.26 1.86 -13.90
CA ILE F 405 39.63 3.21 -14.31
C ILE F 405 38.52 4.22 -14.07
N ALA F 406 37.26 3.84 -14.28
CA ALA F 406 36.14 4.77 -14.22
C ALA F 406 35.89 5.32 -12.82
N ASP F 407 36.47 4.74 -11.78
CA ASP F 407 36.23 5.24 -10.44
C ASP F 407 37.49 5.40 -9.60
N TYR F 408 38.65 4.98 -10.10
CA TYR F 408 39.89 5.11 -9.35
C TYR F 408 40.92 6.03 -10.02
N ASN F 409 40.73 6.36 -11.29
CA ASN F 409 41.71 7.19 -11.99
C ASN F 409 41.10 8.34 -12.76
N TYR F 410 39.86 8.20 -13.24
CA TYR F 410 39.21 9.27 -14.00
C TYR F 410 37.73 8.97 -14.07
N LYS F 411 36.90 9.90 -13.63
CA LYS F 411 35.45 9.73 -13.61
C LYS F 411 34.79 10.86 -14.38
N LEU F 412 33.72 10.54 -15.11
CA LEU F 412 32.94 11.55 -15.80
C LEU F 412 31.60 11.77 -15.11
N PRO F 413 31.10 13.00 -15.07
CA PRO F 413 29.82 13.26 -14.41
C PRO F 413 28.67 12.60 -15.15
N ASP F 414 27.55 12.44 -14.43
CA ASP F 414 26.36 11.83 -15.03
C ASP F 414 25.88 12.63 -16.24
N ASP F 415 25.90 13.96 -16.14
CA ASP F 415 25.70 14.83 -17.28
C ASP F 415 27.06 15.39 -17.69
N PHE F 416 27.35 15.36 -18.98
CA PHE F 416 28.65 15.77 -19.48
C PHE F 416 28.49 16.69 -20.68
N THR F 417 29.35 17.68 -20.76
CA THR F 417 29.36 18.64 -21.87
C THR F 417 30.73 18.55 -22.53
N GLY F 418 30.87 17.64 -23.48
CA GLY F 418 32.14 17.45 -24.15
C GLY F 418 32.13 16.21 -25.00
N CYS F 419 33.32 15.84 -25.46
CA CYS F 419 33.53 14.67 -26.30
C CYS F 419 34.81 13.97 -25.89
N VAL F 420 34.91 12.69 -26.20
CA VAL F 420 36.09 11.89 -25.89
C VAL F 420 36.72 11.40 -27.18
N ILE F 421 38.05 11.45 -27.22
CA ILE F 421 38.82 11.02 -28.39
C ILE F 421 39.96 10.13 -27.90
N ALA F 422 40.15 8.99 -28.56
CA ALA F 422 41.21 8.06 -28.18
C ALA F 422 41.71 7.33 -29.41
N TRP F 423 43.03 7.27 -29.58
CA TRP F 423 43.63 6.61 -30.72
C TRP F 423 44.74 5.70 -30.26
N ASN F 424 44.97 4.64 -31.03
CA ASN F 424 46.01 3.67 -30.68
C ASN F 424 47.38 4.31 -30.75
N SER F 425 48.19 4.08 -29.72
CA SER F 425 49.55 4.62 -29.66
C SER F 425 50.52 3.54 -29.25
N ASN F 426 50.39 2.37 -29.88
CA ASN F 426 51.31 1.27 -29.59
C ASN F 426 52.74 1.62 -29.99
N ASN F 427 52.92 2.35 -31.08
CA ASN F 427 54.24 2.68 -31.58
C ASN F 427 54.87 3.87 -30.86
N LEU F 428 54.15 4.50 -29.94
CA LEU F 428 54.64 5.66 -29.23
C LEU F 428 54.86 5.44 -27.75
N ASP F 429 54.19 4.45 -27.15
CA ASP F 429 54.23 4.22 -25.72
C ASP F 429 54.66 2.80 -25.35
N SER F 430 55.03 1.99 -26.34
CA SER F 430 55.41 0.60 -26.09
C SER F 430 56.83 0.37 -26.58
N LYS F 431 57.67 -0.20 -25.72
CA LYS F 431 59.06 -0.48 -26.06
C LYS F 431 59.35 -1.96 -25.84
N VAL F 432 60.55 -2.35 -26.26
CA VAL F 432 60.97 -3.74 -26.18
C VAL F 432 61.19 -4.12 -24.72
N GLY F 433 60.76 -5.33 -24.37
CA GLY F 433 60.86 -5.81 -23.00
C GLY F 433 59.75 -5.32 -22.08
N GLY F 434 58.74 -4.64 -22.61
CA GLY F 434 57.67 -4.14 -21.79
C GLY F 434 57.90 -2.72 -21.32
N ASN F 435 56.98 -1.82 -21.63
CA ASN F 435 57.06 -0.43 -21.20
C ASN F 435 56.30 -0.29 -19.90
N TYR F 436 57.00 0.06 -18.83
CA TYR F 436 56.42 0.17 -17.50
C TYR F 436 56.53 1.58 -16.93
N ASN F 437 56.55 2.59 -17.81
CA ASN F 437 56.66 3.98 -17.39
C ASN F 437 55.30 4.63 -17.19
N TYR F 438 54.21 3.92 -17.42
CA TYR F 438 52.86 4.40 -17.18
C TYR F 438 52.24 3.59 -16.06
N LEU F 439 51.53 4.26 -15.16
CA LEU F 439 50.94 3.62 -14.00
C LEU F 439 49.44 3.85 -13.98
N TYR F 440 48.78 3.31 -12.95
CA TYR F 440 47.38 3.58 -12.70
C TYR F 440 47.05 3.19 -11.26
N ARG F 441 45.87 3.59 -10.82
CA ARG F 441 45.44 3.34 -9.46
C ARG F 441 44.47 2.16 -9.43
N LEU F 442 44.78 1.16 -8.61
CA LEU F 442 43.96 -0.03 -8.49
C LEU F 442 43.18 -0.10 -7.20
N PHE F 443 43.68 0.52 -6.13
CA PHE F 443 43.05 0.47 -4.82
C PHE F 443 42.70 1.88 -4.37
N ARG F 444 41.46 2.09 -3.93
CA ARG F 444 41.06 3.37 -3.38
C ARG F 444 39.86 3.16 -2.48
N LYS F 445 39.78 3.98 -1.42
CA LYS F 445 38.71 3.83 -0.44
C LYS F 445 37.35 4.10 -1.04
N SER F 446 37.22 5.18 -1.80
CA SER F 446 35.94 5.63 -2.33
C SER F 446 36.08 5.98 -3.80
N ASN F 447 34.96 5.90 -4.52
CA ASN F 447 34.96 6.22 -5.94
C ASN F 447 35.31 7.69 -6.14
N LEU F 448 36.06 7.96 -7.20
CA LEU F 448 36.52 9.32 -7.46
C LEU F 448 35.38 10.20 -7.93
N LYS F 449 35.28 11.40 -7.34
CA LYS F 449 34.35 12.40 -7.83
C LYS F 449 34.77 12.82 -9.23
N PRO F 450 33.81 13.09 -10.12
CA PRO F 450 34.17 13.46 -11.49
C PRO F 450 35.10 14.66 -11.54
N PHE F 451 36.03 14.62 -12.49
CA PHE F 451 37.02 15.68 -12.69
C PHE F 451 37.85 15.91 -11.42
N GLU F 452 38.24 14.83 -10.78
CA GLU F 452 39.11 14.88 -9.61
C GLU F 452 40.33 14.01 -9.86
N ARG F 453 41.51 14.52 -9.54
CA ARG F 453 42.74 13.79 -9.70
C ARG F 453 43.33 13.47 -8.33
N ASP F 454 43.74 12.21 -8.16
CA ASP F 454 44.32 11.73 -6.91
C ASP F 454 45.69 11.14 -7.19
N ILE F 455 46.74 11.92 -6.93
CA ILE F 455 48.12 11.47 -7.14
C ILE F 455 48.74 10.88 -5.89
N SER F 456 47.98 10.81 -4.79
CA SER F 456 48.51 10.28 -3.54
C SER F 456 48.90 8.81 -3.71
N THR F 457 50.06 8.45 -3.15
CA THR F 457 50.59 7.10 -3.24
C THR F 457 50.63 6.43 -1.86
N GLU F 458 49.64 6.71 -1.02
CA GLU F 458 49.59 6.10 0.31
C GLU F 458 49.34 4.60 0.20
N ILE F 459 49.85 3.86 1.19
CA ILE F 459 49.73 2.41 1.18
C ILE F 459 48.32 2.01 1.56
N TYR F 460 47.69 1.19 0.73
CA TYR F 460 46.29 0.84 0.91
C TYR F 460 46.15 -0.22 2.00
N GLN F 461 45.16 -0.04 2.87
CA GLN F 461 44.86 -0.99 3.94
C GLN F 461 43.60 -1.76 3.56
N ALA F 462 43.80 -2.96 3.00
CA ALA F 462 42.69 -3.78 2.58
C ALA F 462 41.98 -4.49 3.72
N GLY F 463 42.70 -4.81 4.80
CA GLY F 463 42.11 -5.55 5.89
C GLY F 463 41.72 -4.69 7.07
N SER F 464 42.08 -5.11 8.27
CA SER F 464 41.77 -4.36 9.48
C SER F 464 43.02 -3.89 10.22
N THR F 465 44.20 -4.32 9.80
CA THR F 465 45.44 -3.91 10.45
C THR F 465 46.00 -2.69 9.74
N PRO F 466 46.07 -1.53 10.39
CA PRO F 466 46.66 -0.36 9.73
C PRO F 466 48.10 -0.63 9.32
N CYS F 467 48.45 -0.10 8.14
CA CYS F 467 49.74 -0.39 7.52
C CYS F 467 50.85 0.50 8.04
N ASN F 468 50.59 1.81 8.12
CA ASN F 468 51.60 2.80 8.49
C ASN F 468 52.79 2.76 7.54
N GLY F 469 52.53 2.51 6.26
CA GLY F 469 53.57 2.53 5.25
C GLY F 469 54.60 1.43 5.38
N VAL F 470 54.20 0.18 5.21
CA VAL F 470 55.11 -0.94 5.35
C VAL F 470 55.13 -1.78 4.07
N GLU F 471 54.01 -1.77 3.35
CA GLU F 471 53.85 -2.54 2.11
C GLU F 471 54.15 -4.01 2.33
N GLY F 472 53.31 -4.65 3.14
CA GLY F 472 53.46 -6.06 3.42
C GLY F 472 52.19 -6.85 3.20
N PHE F 473 51.88 -7.75 4.13
CA PHE F 473 50.67 -8.55 4.02
C PHE F 473 49.45 -7.68 4.26
N ASN F 474 48.45 -7.81 3.37
CA ASN F 474 47.23 -7.01 3.42
C ASN F 474 47.52 -5.52 3.37
N CYS F 475 48.60 -5.13 2.70
CA CYS F 475 48.96 -3.73 2.52
C CYS F 475 49.58 -3.60 1.13
N TYR F 476 48.94 -2.82 0.25
CA TYR F 476 49.31 -2.80 -1.15
C TYR F 476 49.65 -1.39 -1.62
N PHE F 477 50.47 -1.32 -2.67
CA PHE F 477 50.84 -0.06 -3.31
C PHE F 477 49.90 0.16 -4.49
N PRO F 478 49.03 1.17 -4.44
CA PRO F 478 47.97 1.26 -5.46
C PRO F 478 48.48 1.53 -6.87
N LEU F 479 49.70 2.03 -7.02
CA LEU F 479 50.19 2.45 -8.34
C LEU F 479 50.70 1.24 -9.10
N GLN F 480 49.78 0.55 -9.76
CA GLN F 480 50.13 -0.59 -10.60
C GLN F 480 50.61 -0.11 -11.96
N SER F 481 51.65 -0.75 -12.46
CA SER F 481 52.20 -0.41 -13.77
C SER F 481 51.41 -1.12 -14.87
N TYR F 482 51.74 -0.76 -16.11
CA TYR F 482 51.09 -1.30 -17.30
C TYR F 482 52.07 -2.20 -18.04
N GLY F 483 51.58 -3.33 -18.52
CA GLY F 483 52.41 -4.22 -19.30
C GLY F 483 52.35 -3.92 -20.79
N PHE F 484 53.00 -2.82 -21.20
CA PHE F 484 52.93 -2.37 -22.59
C PHE F 484 54.15 -2.89 -23.35
N GLN F 485 53.89 -3.83 -24.27
CA GLN F 485 54.91 -4.36 -25.16
C GLN F 485 54.35 -4.43 -26.57
N PRO F 486 55.21 -4.32 -27.60
CA PRO F 486 54.69 -4.33 -28.97
C PRO F 486 53.99 -5.61 -29.37
N THR F 487 54.25 -6.71 -28.69
CA THR F 487 53.67 -8.00 -29.04
C THR F 487 52.30 -8.22 -28.41
N ASN F 488 51.78 -7.24 -27.69
CA ASN F 488 50.43 -7.36 -27.15
C ASN F 488 49.41 -7.44 -28.29
N GLY F 489 48.21 -7.90 -27.95
CA GLY F 489 47.13 -7.89 -28.89
C GLY F 489 46.63 -6.48 -29.12
N VAL F 490 45.67 -6.36 -30.05
CA VAL F 490 45.13 -5.05 -30.38
C VAL F 490 44.48 -4.43 -29.14
N GLY F 491 43.69 -5.21 -28.41
CA GLY F 491 42.99 -4.68 -27.25
C GLY F 491 43.90 -4.39 -26.06
N TYR F 492 45.07 -5.02 -26.02
CA TYR F 492 46.00 -4.81 -24.91
C TYR F 492 47.07 -3.77 -25.22
N GLN F 493 47.02 -3.15 -26.40
CA GLN F 493 47.95 -2.09 -26.74
C GLN F 493 47.54 -0.78 -26.06
N PRO F 494 48.48 0.11 -25.81
CA PRO F 494 48.13 1.39 -25.18
C PRO F 494 47.26 2.24 -26.09
N TYR F 495 46.40 3.05 -25.48
CA TYR F 495 45.55 3.98 -26.21
C TYR F 495 45.74 5.36 -25.60
N ARG F 496 46.14 6.33 -26.42
CA ARG F 496 46.21 7.71 -25.96
C ARG F 496 44.81 8.32 -26.01
N VAL F 497 44.35 8.81 -24.87
CA VAL F 497 43.00 9.33 -24.71
C VAL F 497 43.09 10.81 -24.37
N VAL F 498 42.30 11.63 -25.07
CA VAL F 498 42.20 13.06 -24.80
C VAL F 498 40.72 13.39 -24.68
N VAL F 499 40.34 14.07 -23.60
CA VAL F 499 38.96 14.41 -23.33
C VAL F 499 38.83 15.93 -23.33
N LEU F 500 37.86 16.43 -24.07
CA LEU F 500 37.60 17.86 -24.18
C LEU F 500 36.31 18.21 -23.46
N SER F 501 36.40 19.13 -22.50
CA SER F 501 35.27 19.56 -21.70
C SER F 501 35.07 21.06 -21.88
N PHE F 502 33.81 21.47 -22.00
CA PHE F 502 33.45 22.86 -22.20
C PHE F 502 32.76 23.36 -20.94
N GLU F 503 33.26 24.44 -20.36
CA GLU F 503 32.61 25.05 -19.21
C GLU F 503 32.23 26.48 -19.59
N LEU F 504 30.99 26.85 -19.28
CA LEU F 504 30.48 28.18 -19.57
C LEU F 504 29.91 28.77 -18.29
N LEU F 505 30.33 29.99 -17.97
CA LEU F 505 29.82 30.71 -16.81
C LEU F 505 29.50 32.13 -17.23
N HIS F 506 29.08 32.95 -16.26
CA HIS F 506 28.69 34.33 -16.55
C HIS F 506 29.95 35.18 -16.62
N ALA F 507 30.62 35.11 -17.78
CA ALA F 507 31.89 35.78 -18.00
C ALA F 507 32.14 35.84 -19.50
N PRO F 508 33.00 36.75 -19.96
CA PRO F 508 33.26 36.86 -21.41
C PRO F 508 33.79 35.56 -21.99
N ALA F 509 33.21 35.17 -23.13
CA ALA F 509 33.64 33.97 -23.84
C ALA F 509 34.39 34.38 -25.10
N THR F 510 35.62 33.91 -25.24
CA THR F 510 36.48 34.32 -26.34
C THR F 510 37.05 33.13 -27.11
N VAL F 511 36.45 31.96 -26.94
CA VAL F 511 37.00 30.74 -27.60
C VAL F 511 35.91 30.14 -28.48
N CYS F 512 35.91 30.50 -29.77
CA CYS F 512 34.90 29.97 -30.72
C CYS F 512 35.56 29.66 -32.05
N GLY F 513 34.80 29.12 -33.01
CA GLY F 513 35.38 28.72 -34.31
C GLY F 513 35.58 29.92 -35.23
N PRO F 514 35.75 29.72 -36.54
CA PRO F 514 35.85 30.84 -37.49
C PRO F 514 34.47 31.31 -37.92
N LYS F 515 34.58 32.63 -38.34
CA LYS F 515 33.32 33.26 -38.79
C LYS F 515 33.27 33.33 -40.32
N LYS F 516 32.17 33.87 -40.85
CA LYS F 516 32.00 33.98 -42.32
C LYS F 516 32.77 35.18 -42.84
N SER F 517 33.27 35.11 -44.07
CA SER F 517 34.04 36.22 -44.67
C SER F 517 34.00 36.10 -46.19
N THR F 518 33.01 36.71 -46.84
CA THR F 518 32.85 36.60 -48.28
C THR F 518 33.75 37.59 -48.99
N ASN F 519 33.76 37.49 -50.32
CA ASN F 519 34.49 38.46 -51.13
C ASN F 519 33.81 39.83 -51.05
N LEU F 520 34.60 40.87 -51.28
CA LEU F 520 34.10 42.24 -51.20
C LEU F 520 33.58 42.69 -52.55
N VAL F 521 32.34 43.17 -52.57
CA VAL F 521 31.73 43.73 -53.78
C VAL F 521 31.36 45.18 -53.51
N LYS F 522 31.60 46.03 -54.51
CA LYS F 522 31.39 47.46 -54.39
C LYS F 522 30.47 47.91 -55.53
N ASN F 523 29.97 49.14 -55.40
CA ASN F 523 29.14 49.75 -56.43
C ASN F 523 27.87 48.93 -56.71
N LYS F 524 27.21 48.51 -55.65
CA LYS F 524 25.95 47.79 -55.76
C LYS F 524 25.27 47.79 -54.40
N CYS F 525 23.96 48.01 -54.39
CA CYS F 525 23.22 48.06 -53.14
C CYS F 525 23.24 46.67 -52.50
N VAL F 526 24.05 46.51 -51.45
CA VAL F 526 24.24 45.22 -50.79
C VAL F 526 23.73 45.33 -49.36
N ASN F 527 23.49 44.18 -48.76
CA ASN F 527 23.03 44.08 -47.38
C ASN F 527 24.21 43.69 -46.50
N PHE F 528 25.11 44.65 -46.28
CA PHE F 528 26.38 44.32 -45.66
C PHE F 528 26.21 44.01 -44.18
N ASN F 529 27.18 43.28 -43.64
CA ASN F 529 27.27 43.00 -42.21
C ASN F 529 28.76 42.82 -41.94
N PHE F 530 29.41 43.88 -41.47
CA PHE F 530 30.82 43.83 -41.13
C PHE F 530 30.99 43.31 -39.71
N ASN F 531 32.15 43.53 -39.12
CA ASN F 531 32.42 42.98 -37.80
C ASN F 531 31.54 43.65 -36.75
N GLY F 532 30.24 43.38 -36.79
CA GLY F 532 29.33 43.85 -35.78
C GLY F 532 28.14 44.65 -36.27
N LEU F 533 28.35 45.54 -37.24
CA LEU F 533 27.30 46.44 -37.68
C LEU F 533 26.63 45.94 -38.95
N THR F 534 25.31 46.07 -39.00
CA THR F 534 24.51 45.59 -40.11
C THR F 534 23.79 46.76 -40.76
N GLY F 535 23.82 46.80 -42.08
CA GLY F 535 23.17 47.88 -42.80
C GLY F 535 23.12 47.58 -44.27
N THR F 536 22.43 48.46 -44.99
CA THR F 536 22.26 48.36 -46.43
C THR F 536 22.86 49.61 -47.06
N GLY F 537 23.60 49.43 -48.14
CA GLY F 537 24.24 50.58 -48.74
C GLY F 537 24.97 50.22 -50.01
N VAL F 538 25.76 51.17 -50.48
CA VAL F 538 26.57 51.00 -51.68
C VAL F 538 28.00 51.34 -51.30
N LEU F 539 28.81 50.32 -51.07
CA LEU F 539 30.18 50.53 -50.65
C LEU F 539 31.03 50.99 -51.83
N THR F 540 31.83 52.02 -51.60
CA THR F 540 32.75 52.54 -52.61
C THR F 540 34.11 52.78 -51.99
N GLU F 541 35.14 52.76 -52.83
CA GLU F 541 36.49 53.03 -52.38
C GLU F 541 36.58 54.44 -51.81
N SER F 542 36.75 54.56 -50.50
CA SER F 542 36.60 55.83 -49.82
C SER F 542 37.87 56.68 -49.97
N ASN F 543 37.88 57.82 -49.28
CA ASN F 543 39.02 58.72 -49.26
C ASN F 543 39.38 59.19 -47.86
N LYS F 544 38.53 58.95 -46.87
CA LYS F 544 38.84 59.36 -45.50
C LYS F 544 40.03 58.57 -44.97
N LYS F 545 40.77 59.20 -44.05
CA LYS F 545 41.93 58.56 -43.42
C LYS F 545 41.60 58.31 -41.96
N PHE F 546 41.12 57.11 -41.66
CA PHE F 546 40.76 56.77 -40.30
C PHE F 546 41.99 56.74 -39.41
N LEU F 547 41.76 56.84 -38.10
CA LEU F 547 42.83 56.65 -37.14
C LEU F 547 43.19 55.16 -37.05
N PRO F 548 44.37 54.84 -36.49
CA PRO F 548 44.77 53.43 -36.43
C PRO F 548 43.78 52.52 -35.74
N PHE F 549 43.09 53.01 -34.71
CA PHE F 549 42.24 52.17 -33.88
C PHE F 549 40.76 52.27 -34.21
N GLN F 550 40.40 53.01 -35.25
CA GLN F 550 39.00 53.31 -35.54
C GLN F 550 38.45 52.40 -36.61
N GLN F 551 37.22 51.92 -36.38
CA GLN F 551 36.57 50.97 -37.26
C GLN F 551 35.22 51.45 -37.78
N PHE F 552 34.76 52.62 -37.34
CA PHE F 552 33.44 53.15 -37.65
C PHE F 552 33.57 54.50 -38.31
N GLY F 553 32.44 54.97 -38.85
CA GLY F 553 32.35 56.31 -39.38
C GLY F 553 30.98 56.87 -39.10
N ARG F 554 30.88 58.15 -38.76
CA ARG F 554 29.58 58.72 -38.45
C ARG F 554 29.49 60.16 -38.94
N ASP F 555 28.26 60.60 -39.17
CA ASP F 555 27.95 61.96 -39.60
C ASP F 555 27.44 62.76 -38.41
N ILE F 556 26.99 63.98 -38.69
CA ILE F 556 26.45 64.82 -37.62
C ILE F 556 25.18 64.21 -37.05
N ALA F 557 24.36 63.61 -37.90
CA ALA F 557 23.10 63.02 -37.49
C ALA F 557 23.27 61.66 -36.84
N ASP F 558 24.49 61.29 -36.47
CA ASP F 558 24.79 59.97 -35.90
C ASP F 558 24.29 58.84 -36.79
N THR F 559 24.56 58.96 -38.07
CA THR F 559 24.25 57.93 -39.05
C THR F 559 25.54 57.33 -39.59
N THR F 560 25.56 56.00 -39.68
CA THR F 560 26.77 55.31 -40.10
C THR F 560 27.13 55.71 -41.52
N ASP F 561 28.38 56.09 -41.73
CA ASP F 561 28.84 56.64 -43.00
C ASP F 561 29.94 55.82 -43.63
N ALA F 562 30.99 55.50 -42.88
CA ALA F 562 32.14 54.79 -43.42
C ALA F 562 32.49 53.64 -42.51
N VAL F 563 33.09 52.60 -43.10
CA VAL F 563 33.48 51.40 -42.38
C VAL F 563 34.88 51.00 -42.83
N ARG F 564 35.71 50.56 -41.90
CA ARG F 564 37.03 50.03 -42.22
C ARG F 564 36.95 48.52 -42.31
N ASP F 565 37.36 47.97 -43.45
CA ASP F 565 37.24 46.54 -43.69
C ASP F 565 38.20 45.78 -42.78
N PRO F 566 37.71 44.84 -41.96
CA PRO F 566 38.61 44.17 -41.02
C PRO F 566 39.71 43.36 -41.68
N GLN F 567 39.43 42.74 -42.83
CA GLN F 567 40.41 41.88 -43.47
C GLN F 567 41.50 42.71 -44.13
N THR F 568 41.13 43.54 -45.09
CA THR F 568 42.03 44.51 -45.70
C THR F 568 41.71 45.87 -45.11
N LEU F 569 42.69 46.49 -44.44
CA LEU F 569 42.41 47.70 -43.70
C LEU F 569 42.19 48.88 -44.64
N GLU F 570 41.09 48.83 -45.38
CA GLU F 570 40.73 49.88 -46.33
C GLU F 570 39.37 50.46 -45.94
N ILE F 571 39.26 51.78 -46.01
CA ILE F 571 38.06 52.47 -45.59
C ILE F 571 37.06 52.51 -46.75
N LEU F 572 35.79 52.26 -46.46
CA LEU F 572 34.75 52.19 -47.47
C LEU F 572 33.68 53.23 -47.17
N ASP F 573 33.25 53.95 -48.21
CA ASP F 573 32.15 54.88 -48.09
C ASP F 573 30.83 54.17 -48.27
N ILE F 574 29.83 54.55 -47.49
CA ILE F 574 28.51 53.95 -47.54
C ILE F 574 27.52 55.02 -47.97
N THR F 575 26.82 54.78 -49.08
CA THR F 575 25.75 55.65 -49.54
C THR F 575 24.51 54.79 -49.73
N PRO F 576 23.38 55.12 -49.12
CA PRO F 576 22.19 54.29 -49.29
C PRO F 576 21.79 54.19 -50.75
N CYS F 577 21.36 52.99 -51.16
CA CYS F 577 20.97 52.81 -52.55
C CYS F 577 19.73 53.65 -52.87
N SER F 578 19.67 54.11 -54.12
CA SER F 578 18.79 55.21 -54.48
C SER F 578 17.34 54.90 -54.18
N PHE F 579 16.63 55.93 -53.70
CA PHE F 579 15.20 55.89 -53.45
C PHE F 579 14.61 57.19 -53.93
N GLY F 580 13.33 57.38 -53.71
CA GLY F 580 12.71 58.61 -54.15
C GLY F 580 11.24 58.38 -54.47
N GLY F 581 10.75 59.19 -55.40
CA GLY F 581 9.36 59.13 -55.79
C GLY F 581 9.22 59.08 -57.30
N VAL F 582 8.05 58.65 -57.74
CA VAL F 582 7.72 58.53 -59.15
C VAL F 582 6.62 59.52 -59.46
N SER F 583 6.84 60.37 -60.45
CA SER F 583 5.86 61.35 -60.87
C SER F 583 5.56 61.17 -62.34
N VAL F 584 4.29 61.26 -62.70
CA VAL F 584 3.81 60.98 -64.05
C VAL F 584 3.47 62.30 -64.71
N ILE F 585 4.29 62.71 -65.67
CA ILE F 585 4.08 63.97 -66.38
C ILE F 585 3.12 63.72 -67.54
N THR F 586 1.98 64.39 -67.52
CA THR F 586 0.97 64.09 -68.53
C THR F 586 0.21 65.32 -68.98
N PRO F 587 -0.08 65.45 -70.28
CA PRO F 587 -1.14 66.34 -70.70
C PRO F 587 -2.49 65.71 -70.38
N GLY F 588 -3.54 66.49 -70.48
CA GLY F 588 -4.85 66.00 -70.10
C GLY F 588 -5.29 64.85 -70.97
N THR F 589 -6.02 63.91 -70.37
CA THR F 589 -6.62 62.85 -71.17
C THR F 589 -7.59 63.41 -72.20
N ASN F 590 -8.07 64.63 -72.00
CA ASN F 590 -8.83 65.32 -73.02
C ASN F 590 -7.99 65.54 -74.28
N THR F 591 -6.66 65.47 -74.16
CA THR F 591 -5.77 65.64 -75.30
C THR F 591 -5.17 64.31 -75.76
N SER F 592 -4.52 63.59 -74.86
CA SER F 592 -3.81 62.38 -75.23
C SER F 592 -3.66 61.48 -74.02
N ASN F 593 -3.22 60.25 -74.27
CA ASN F 593 -2.96 59.27 -73.22
C ASN F 593 -1.48 58.92 -73.13
N GLU F 594 -0.62 59.75 -73.68
CA GLU F 594 0.83 59.53 -73.70
C GLU F 594 1.46 60.29 -72.54
N VAL F 595 2.12 59.56 -71.63
CA VAL F 595 2.66 60.15 -70.42
C VAL F 595 4.17 59.97 -70.39
N ALA F 596 4.82 60.78 -69.57
CA ALA F 596 6.25 60.70 -69.34
C ALA F 596 6.48 60.55 -67.85
N VAL F 597 7.40 59.68 -67.47
CA VAL F 597 7.63 59.33 -66.08
C VAL F 597 8.97 59.90 -65.63
N LEU F 598 8.98 60.52 -64.46
CA LEU F 598 10.17 61.10 -63.88
C LEU F 598 10.49 60.40 -62.57
N TYR F 599 11.72 59.94 -62.42
CA TYR F 599 12.18 59.31 -61.19
C TYR F 599 13.05 60.33 -60.48
N GLN F 600 12.63 60.75 -59.30
CA GLN F 600 13.28 61.87 -58.62
C GLN F 600 14.57 61.42 -57.95
N ASP F 601 15.64 62.18 -58.19
CA ASP F 601 16.94 61.96 -57.58
C ASP F 601 17.48 60.55 -57.89
N VAL F 602 17.73 60.33 -59.18
CA VAL F 602 18.21 59.05 -59.69
C VAL F 602 19.09 59.31 -60.91
N ASN F 603 20.15 58.52 -61.05
CA ASN F 603 21.15 58.71 -62.09
C ASN F 603 20.82 57.95 -63.38
N CYS F 604 19.57 57.57 -63.60
CA CYS F 604 19.08 56.88 -64.79
C CYS F 604 19.59 55.46 -64.93
N THR F 605 20.51 55.02 -64.07
CA THR F 605 21.11 53.71 -64.19
C THR F 605 20.50 52.70 -63.22
N GLU F 606 19.43 53.07 -62.52
CA GLU F 606 18.80 52.20 -61.55
C GLU F 606 17.36 51.87 -61.88
N VAL F 607 16.82 52.35 -62.98
CA VAL F 607 15.42 52.14 -63.29
C VAL F 607 15.20 50.75 -63.88
N ASN F 628 15.17 59.90 -75.38
CA ASN F 628 14.17 59.02 -74.79
C ASN F 628 14.37 58.88 -73.30
N VAL F 629 15.61 59.04 -72.84
CA VAL F 629 15.95 59.04 -71.42
C VAL F 629 16.77 60.28 -71.15
N PHE F 630 16.13 61.32 -70.62
CA PHE F 630 16.74 62.61 -70.34
C PHE F 630 17.07 62.68 -68.86
N GLN F 631 18.27 63.14 -68.54
CA GLN F 631 18.72 63.25 -67.16
C GLN F 631 18.82 64.72 -66.78
N THR F 632 18.07 65.10 -65.76
CA THR F 632 17.99 66.48 -65.29
C THR F 632 18.44 66.56 -63.83
N ARG F 633 18.31 67.74 -63.23
CA ARG F 633 18.59 67.89 -61.82
C ARG F 633 17.48 67.34 -60.94
N ALA F 634 16.24 67.32 -61.43
CA ALA F 634 15.16 66.73 -60.66
C ALA F 634 15.26 65.21 -60.63
N GLY F 635 15.71 64.60 -61.72
CA GLY F 635 15.84 63.16 -61.76
C GLY F 635 15.80 62.67 -63.20
N CYS F 636 15.67 61.36 -63.33
CA CYS F 636 15.69 60.70 -64.64
C CYS F 636 14.33 60.81 -65.30
N LEU F 637 14.27 61.51 -66.42
CA LEU F 637 13.03 61.73 -67.15
C LEU F 637 12.94 60.72 -68.29
N ILE F 638 11.94 59.85 -68.24
CA ILE F 638 11.78 58.79 -69.21
C ILE F 638 10.51 59.05 -70.01
N GLY F 639 10.64 59.02 -71.32
CA GLY F 639 9.49 59.15 -72.19
C GLY F 639 9.24 60.53 -72.76
N ALA F 640 10.17 61.46 -72.56
CA ALA F 640 10.00 62.83 -73.04
C ALA F 640 11.22 63.25 -73.84
N GLU F 641 10.98 63.81 -75.02
CA GLU F 641 12.05 64.34 -75.84
C GLU F 641 12.68 65.55 -75.16
N HIS F 642 13.94 65.80 -75.47
CA HIS F 642 14.64 66.98 -75.00
C HIS F 642 14.83 67.91 -76.19
N VAL F 643 14.29 69.11 -76.09
CA VAL F 643 14.38 70.11 -77.15
C VAL F 643 15.38 71.17 -76.73
N ASN F 644 16.13 71.69 -77.71
CA ASN F 644 17.08 72.76 -77.46
C ASN F 644 16.45 74.15 -77.50
N ASN F 645 15.14 74.25 -77.74
CA ASN F 645 14.46 75.54 -77.71
C ASN F 645 14.14 75.91 -76.26
N SER F 646 13.30 76.93 -76.09
CA SER F 646 12.89 77.37 -74.76
C SER F 646 11.54 78.07 -74.91
N TYR F 647 10.50 77.49 -74.35
CA TYR F 647 9.16 78.06 -74.41
C TYR F 647 8.69 78.40 -73.00
N GLU F 648 7.46 78.91 -72.90
CA GLU F 648 6.87 79.17 -71.61
C GLU F 648 6.62 77.86 -70.87
N CYS F 649 6.65 77.92 -69.54
CA CYS F 649 6.48 76.72 -68.75
C CYS F 649 5.05 76.22 -68.85
N ASP F 650 4.91 74.92 -69.12
CA ASP F 650 3.63 74.25 -69.20
C ASP F 650 3.41 73.30 -68.04
N ILE F 651 4.34 72.38 -67.83
CA ILE F 651 4.34 71.48 -66.68
C ILE F 651 5.68 71.62 -65.98
N PRO F 652 5.71 72.17 -64.77
CA PRO F 652 6.99 72.31 -64.07
C PRO F 652 7.59 70.96 -63.71
N ILE F 653 8.92 70.92 -63.67
CA ILE F 653 9.62 69.73 -63.22
C ILE F 653 10.61 70.08 -62.12
N GLY F 654 11.49 71.02 -62.38
CA GLY F 654 12.47 71.43 -61.39
C GLY F 654 13.75 71.89 -62.04
N ALA F 655 14.42 72.81 -61.36
CA ALA F 655 15.67 73.40 -61.84
C ALA F 655 15.51 74.02 -63.22
N GLY F 656 14.34 74.57 -63.50
CA GLY F 656 14.11 75.27 -64.74
C GLY F 656 13.62 74.42 -65.89
N ILE F 657 13.42 73.14 -65.69
CA ILE F 657 12.96 72.24 -66.74
C ILE F 657 11.44 72.19 -66.72
N CYS F 658 10.82 72.44 -67.86
CA CYS F 658 9.37 72.36 -67.99
C CYS F 658 9.03 71.50 -69.19
N ALA F 659 8.24 70.46 -68.96
CA ALA F 659 7.80 69.58 -70.04
C ALA F 659 6.47 70.05 -70.61
N SER F 660 6.27 69.84 -71.89
CA SER F 660 5.03 70.26 -72.52
C SER F 660 4.71 69.33 -73.69
N TYR F 661 3.43 69.23 -74.00
CA TYR F 661 2.93 68.38 -75.07
C TYR F 661 2.75 69.23 -76.32
N GLN F 662 3.59 69.01 -77.32
CA GLN F 662 3.53 69.78 -78.55
C GLN F 662 4.09 68.94 -79.68
N THR F 663 3.84 69.41 -80.90
CA THR F 663 4.23 68.74 -82.14
C THR F 663 5.66 68.18 -82.11
N SER F 676 3.47 62.40 -84.72
CA SER F 676 3.27 63.84 -84.80
C SER F 676 3.67 64.53 -83.51
N GLN F 677 2.69 64.75 -82.63
CA GLN F 677 2.91 65.43 -81.37
C GLN F 677 3.35 64.46 -80.29
N SER F 678 4.31 64.90 -79.48
CA SER F 678 4.83 64.10 -78.38
C SER F 678 5.13 65.05 -77.21
N ILE F 679 5.77 64.50 -76.18
CA ILE F 679 6.06 65.24 -74.97
C ILE F 679 7.53 65.64 -74.97
N ILE F 680 7.78 66.94 -74.87
CA ILE F 680 9.13 67.47 -74.90
C ILE F 680 9.53 67.89 -73.48
N ALA F 681 10.79 68.25 -73.30
CA ALA F 681 11.31 68.64 -72.00
C ALA F 681 12.39 69.69 -72.21
N TYR F 682 11.99 70.95 -72.18
CA TYR F 682 12.88 72.07 -72.48
C TYR F 682 13.23 72.81 -71.20
N THR F 683 14.08 73.83 -71.34
CA THR F 683 14.42 74.73 -70.25
C THR F 683 13.63 76.02 -70.42
N MET F 684 12.78 76.33 -69.44
CA MET F 684 11.79 77.38 -69.61
C MET F 684 12.44 78.74 -69.81
N SER F 685 11.75 79.60 -70.55
CA SER F 685 12.25 80.93 -70.88
C SER F 685 11.51 81.98 -70.05
N LEU F 686 12.26 82.99 -69.61
CA LEU F 686 11.75 83.99 -68.68
C LEU F 686 11.15 85.18 -69.44
N GLY F 687 10.16 84.88 -70.27
CA GLY F 687 9.49 85.92 -71.02
C GLY F 687 10.20 86.31 -72.28
N ALA F 688 9.53 87.15 -73.07
CA ALA F 688 10.02 87.57 -74.37
C ALA F 688 10.98 88.73 -74.23
N GLU F 689 12.10 88.65 -74.94
CA GLU F 689 13.14 89.66 -74.81
C GLU F 689 12.67 91.02 -75.31
N ASN F 690 13.21 92.07 -74.69
CA ASN F 690 12.91 93.44 -75.06
C ASN F 690 14.02 94.33 -74.53
N SER F 691 14.45 95.29 -75.33
CA SER F 691 15.45 96.27 -74.94
C SER F 691 14.91 97.65 -75.28
N VAL F 692 14.87 98.53 -74.29
CA VAL F 692 14.28 99.85 -74.50
C VAL F 692 15.30 100.74 -75.20
N ALA F 693 14.85 101.43 -76.25
CA ALA F 693 15.71 102.33 -77.00
C ALA F 693 15.98 103.56 -76.15
N TYR F 694 16.95 103.43 -75.25
CA TYR F 694 17.23 104.45 -74.25
C TYR F 694 18.41 105.31 -74.69
N SER F 695 18.20 106.62 -74.72
CA SER F 695 19.26 107.58 -74.96
C SER F 695 19.17 108.66 -73.88
N ASN F 696 20.03 109.66 -73.97
CA ASN F 696 20.03 110.73 -72.99
C ASN F 696 19.21 111.93 -73.42
N ASN F 697 18.52 111.86 -74.55
CA ASN F 697 17.61 112.91 -74.95
C ASN F 697 16.32 112.38 -75.58
N SER F 698 16.11 111.07 -75.58
CA SER F 698 14.95 110.47 -76.20
C SER F 698 13.94 110.09 -75.13
N ILE F 699 12.69 110.54 -75.31
CA ILE F 699 11.60 110.22 -74.42
C ILE F 699 10.45 109.71 -75.26
N ALA F 700 9.71 108.72 -74.74
CA ALA F 700 8.56 108.17 -75.42
C ALA F 700 7.31 108.58 -74.67
N ILE F 701 6.29 109.00 -75.40
CA ILE F 701 5.05 109.48 -74.80
C ILE F 701 3.86 108.81 -75.45
N PRO F 702 2.92 108.26 -74.68
CA PRO F 702 1.75 107.63 -75.29
C PRO F 702 0.87 108.65 -75.95
N THR F 703 0.11 108.20 -76.94
CA THR F 703 -0.83 109.05 -77.66
C THR F 703 -2.27 108.60 -77.55
N ASN F 704 -2.52 107.35 -77.18
CA ASN F 704 -3.86 106.83 -76.99
C ASN F 704 -3.88 106.08 -75.67
N PHE F 705 -4.91 105.29 -75.45
CA PHE F 705 -5.03 104.52 -74.21
C PHE F 705 -6.05 103.41 -74.40
N THR F 706 -6.11 102.53 -73.42
CA THR F 706 -7.16 101.53 -73.36
C THR F 706 -7.63 101.40 -71.93
N ILE F 707 -8.92 101.16 -71.75
CA ILE F 707 -9.54 101.02 -70.44
C ILE F 707 -9.73 99.52 -70.23
N SER F 708 -8.76 98.87 -69.61
CA SER F 708 -8.83 97.44 -69.37
C SER F 708 -9.44 97.15 -68.01
N VAL F 709 -10.22 96.07 -67.93
CA VAL F 709 -10.94 95.70 -66.73
C VAL F 709 -10.56 94.26 -66.38
N THR F 710 -9.81 94.10 -65.30
CA THR F 710 -9.31 92.79 -64.89
C THR F 710 -10.08 92.28 -63.69
N THR F 711 -9.99 90.98 -63.46
CA THR F 711 -10.77 90.29 -62.44
C THR F 711 -9.84 89.72 -61.38
N GLU F 712 -10.19 89.91 -60.11
CA GLU F 712 -9.46 89.34 -59.00
C GLU F 712 -10.39 88.60 -58.07
N ILE F 713 -10.06 87.36 -57.75
CA ILE F 713 -10.90 86.48 -56.94
C ILE F 713 -10.20 86.20 -55.63
N LEU F 714 -10.91 86.38 -54.52
CA LEU F 714 -10.34 86.20 -53.19
C LEU F 714 -11.26 85.40 -52.29
N PRO F 715 -10.81 84.31 -51.67
CA PRO F 715 -11.65 83.64 -50.67
C PRO F 715 -11.81 84.49 -49.43
N VAL F 716 -13.00 84.43 -48.82
CA VAL F 716 -13.29 85.28 -47.68
C VAL F 716 -13.77 84.46 -46.47
N SER F 717 -14.35 83.30 -46.70
CA SER F 717 -14.87 82.51 -45.57
C SER F 717 -14.78 81.03 -45.88
N MET F 718 -15.10 80.22 -44.86
CA MET F 718 -15.12 78.78 -44.99
C MET F 718 -16.48 78.25 -44.54
N THR F 719 -16.61 76.94 -44.40
CA THR F 719 -17.83 76.36 -43.86
C THR F 719 -17.70 76.25 -42.35
N LYS F 720 -18.72 76.70 -41.64
CA LYS F 720 -18.73 76.65 -40.19
C LYS F 720 -19.07 75.23 -39.78
N THR F 721 -18.04 74.41 -39.61
CA THR F 721 -18.20 73.00 -39.27
C THR F 721 -17.89 72.80 -37.79
N SER F 722 -18.77 72.08 -37.10
CA SER F 722 -18.54 71.70 -35.72
C SER F 722 -18.61 70.18 -35.62
N VAL F 723 -17.84 69.62 -34.69
CA VAL F 723 -17.77 68.17 -34.49
C VAL F 723 -17.92 67.87 -33.01
N ASP F 724 -18.81 66.94 -32.69
CA ASP F 724 -19.05 66.59 -31.30
C ASP F 724 -18.09 65.50 -30.84
N CYS F 725 -17.65 65.61 -29.58
CA CYS F 725 -16.76 64.62 -29.00
C CYS F 725 -17.44 63.27 -28.83
N THR F 726 -18.51 63.24 -28.03
CA THR F 726 -19.12 61.97 -27.66
C THR F 726 -19.62 61.21 -28.87
N MET F 727 -20.27 61.90 -29.81
CA MET F 727 -20.86 61.19 -30.94
C MET F 727 -19.80 60.69 -31.91
N TYR F 728 -18.72 61.45 -32.10
CA TYR F 728 -17.70 61.03 -33.06
C TYR F 728 -16.89 59.86 -32.52
N ILE F 729 -16.48 59.93 -31.26
CA ILE F 729 -15.54 58.95 -30.71
C ILE F 729 -16.25 57.72 -30.19
N CYS F 730 -17.32 57.90 -29.42
CA CYS F 730 -18.02 56.82 -28.75
C CYS F 730 -19.51 56.86 -29.09
N GLY F 731 -19.82 56.92 -30.37
CA GLY F 731 -21.20 57.00 -30.82
C GLY F 731 -22.07 55.88 -30.29
N ASP F 732 -22.99 56.22 -29.39
CA ASP F 732 -23.91 55.27 -28.77
C ASP F 732 -23.15 54.15 -28.05
N SER F 733 -22.40 54.55 -27.03
CA SER F 733 -21.64 53.61 -26.22
C SER F 733 -21.41 54.24 -24.84
N THR F 734 -22.16 53.76 -23.85
CA THR F 734 -21.98 54.28 -22.50
C THR F 734 -20.62 53.90 -21.92
N GLU F 735 -20.17 52.66 -22.19
CA GLU F 735 -18.88 52.22 -21.67
C GLU F 735 -17.74 53.07 -22.22
N CYS F 736 -17.77 53.33 -23.53
CA CYS F 736 -16.74 54.18 -24.13
C CYS F 736 -16.80 55.60 -23.57
N SER F 737 -18.01 56.12 -23.36
CA SER F 737 -18.16 57.49 -22.89
C SER F 737 -17.58 57.66 -21.48
N ASN F 738 -17.77 56.66 -20.63
CA ASN F 738 -17.27 56.76 -19.25
C ASN F 738 -15.75 56.78 -19.21
N LEU F 739 -15.10 55.96 -20.04
CA LEU F 739 -13.64 55.93 -20.04
C LEU F 739 -13.07 57.22 -20.63
N LEU F 740 -13.80 57.83 -21.57
CA LEU F 740 -13.35 59.08 -22.17
C LEU F 740 -13.15 60.17 -21.13
N LEU F 741 -13.93 60.14 -20.05
CA LEU F 741 -13.84 61.18 -19.04
C LEU F 741 -12.49 61.17 -18.31
N GLN F 742 -11.71 60.10 -18.46
CA GLN F 742 -10.40 60.07 -17.80
C GLN F 742 -9.44 61.06 -18.43
N TYR F 743 -9.65 61.38 -19.71
CA TYR F 743 -8.74 62.29 -20.40
C TYR F 743 -8.94 63.74 -19.97
N GLY F 744 -9.96 64.03 -19.19
CA GLY F 744 -10.18 65.37 -18.67
C GLY F 744 -11.09 66.20 -19.53
N SER F 745 -10.56 67.28 -20.09
CA SER F 745 -11.31 68.17 -20.96
C SER F 745 -10.56 68.37 -22.27
N PHE F 746 -10.12 67.26 -22.87
CA PHE F 746 -9.47 67.36 -24.17
C PHE F 746 -10.41 67.91 -25.23
N CYS F 747 -11.67 67.47 -25.20
CA CYS F 747 -12.60 67.92 -26.23
C CYS F 747 -13.63 68.92 -25.71
N THR F 748 -13.47 69.41 -24.49
CA THR F 748 -14.05 70.72 -24.19
C THR F 748 -13.25 71.82 -24.87
N GLN F 749 -11.97 71.54 -25.16
CA GLN F 749 -11.17 72.46 -25.95
C GLN F 749 -11.58 72.42 -27.41
N LEU F 750 -11.79 71.22 -27.96
CA LEU F 750 -12.04 71.11 -29.39
C LEU F 750 -13.34 71.77 -29.79
N ASN F 751 -14.39 71.61 -28.98
CA ASN F 751 -15.61 72.35 -29.24
C ASN F 751 -15.41 73.85 -29.06
N ARG F 752 -14.42 74.24 -28.24
CA ARG F 752 -14.08 75.65 -28.13
C ARG F 752 -13.26 76.12 -29.31
N ALA F 753 -12.34 75.29 -29.80
CA ALA F 753 -11.50 75.67 -30.92
C ALA F 753 -12.29 75.77 -32.20
N LEU F 754 -13.16 74.81 -32.46
CA LEU F 754 -13.95 74.80 -33.68
C LEU F 754 -15.04 75.85 -33.67
N THR F 755 -15.48 76.30 -32.50
CA THR F 755 -16.44 77.38 -32.45
C THR F 755 -15.80 78.72 -32.76
N GLY F 756 -14.61 78.97 -32.20
CA GLY F 756 -13.94 80.23 -32.46
C GLY F 756 -13.65 80.43 -33.93
N ILE F 757 -13.35 79.35 -34.64
CA ILE F 757 -13.23 79.43 -36.09
C ILE F 757 -14.55 79.85 -36.70
N ALA F 758 -15.65 79.25 -36.25
CA ALA F 758 -16.94 79.50 -36.88
C ALA F 758 -17.46 80.90 -36.59
N VAL F 759 -17.31 81.39 -35.36
CA VAL F 759 -17.72 82.75 -35.06
C VAL F 759 -16.84 83.78 -35.75
N GLU F 760 -15.65 83.38 -36.19
CA GLU F 760 -14.75 84.25 -36.93
C GLU F 760 -15.05 84.23 -38.41
N GLN F 761 -15.50 83.10 -38.95
CA GLN F 761 -15.88 83.02 -40.35
C GLN F 761 -17.02 83.98 -40.67
N ASP F 762 -17.81 84.34 -39.67
CA ASP F 762 -18.88 85.32 -39.86
C ASP F 762 -18.36 86.73 -39.75
N LYS F 763 -17.25 86.93 -39.03
CA LYS F 763 -16.62 88.23 -38.98
C LYS F 763 -15.93 88.55 -40.29
N ASN F 764 -15.26 87.56 -40.89
CA ASN F 764 -14.61 87.75 -42.18
C ASN F 764 -15.58 88.29 -43.20
N THR F 765 -16.76 87.69 -43.29
CA THR F 765 -17.76 88.14 -44.24
C THR F 765 -18.28 89.53 -43.89
N GLN F 766 -18.32 89.87 -42.61
CA GLN F 766 -18.85 91.15 -42.20
C GLN F 766 -17.88 92.29 -42.46
N GLU F 767 -16.58 92.06 -42.27
CA GLU F 767 -15.61 93.11 -42.55
C GLU F 767 -15.55 93.46 -44.03
N VAL F 768 -15.69 92.47 -44.90
CA VAL F 768 -15.53 92.72 -46.32
C VAL F 768 -16.69 93.54 -46.85
N PHE F 769 -17.91 93.02 -46.71
CA PHE F 769 -19.06 93.62 -47.36
C PHE F 769 -19.70 94.70 -46.50
N ALA F 770 -19.96 94.40 -45.22
CA ALA F 770 -20.70 95.32 -44.36
C ALA F 770 -19.83 96.52 -44.01
N GLN F 771 -19.54 97.32 -45.02
CA GLN F 771 -18.73 98.52 -44.83
C GLN F 771 -19.51 99.81 -45.03
N VAL F 772 -20.64 99.74 -45.72
CA VAL F 772 -21.46 100.90 -45.99
C VAL F 772 -22.69 100.83 -45.10
N LYS F 773 -23.16 101.99 -44.65
CA LYS F 773 -24.28 102.03 -43.72
C LYS F 773 -25.63 102.05 -44.42
N GLN F 774 -25.89 103.06 -45.25
CA GLN F 774 -27.14 103.20 -45.95
C GLN F 774 -27.12 102.29 -47.17
N ILE F 775 -28.24 101.64 -47.46
CA ILE F 775 -28.38 100.79 -48.63
C ILE F 775 -28.74 101.68 -49.81
N TYR F 776 -27.76 102.00 -50.65
CA TYR F 776 -27.97 102.88 -51.78
C TYR F 776 -28.64 102.15 -52.93
N LYS F 777 -29.12 102.92 -53.89
CA LYS F 777 -29.80 102.39 -55.06
C LYS F 777 -29.46 103.24 -56.27
N THR F 778 -29.43 102.60 -57.43
CA THR F 778 -29.25 103.37 -58.65
C THR F 778 -30.56 104.07 -59.02
N PRO F 779 -30.48 105.20 -59.71
CA PRO F 779 -31.70 105.84 -60.18
C PRO F 779 -32.41 104.95 -61.17
N PRO F 780 -33.73 105.11 -61.33
CA PRO F 780 -34.44 104.33 -62.35
C PRO F 780 -33.91 104.56 -63.75
N ILE F 781 -33.45 105.77 -64.06
CA ILE F 781 -32.79 106.01 -65.34
C ILE F 781 -31.39 105.40 -65.32
N LYS F 782 -30.79 105.33 -66.50
CA LYS F 782 -29.49 104.69 -66.67
C LYS F 782 -28.58 105.47 -67.60
N ASP F 783 -28.72 106.80 -67.61
CA ASP F 783 -27.94 107.63 -68.52
C ASP F 783 -26.66 108.10 -67.83
N PHE F 784 -25.77 107.13 -67.60
CA PHE F 784 -24.51 107.41 -66.92
C PHE F 784 -23.45 107.87 -67.92
N GLY F 785 -23.75 108.92 -68.66
CA GLY F 785 -22.81 109.44 -69.63
C GLY F 785 -22.52 108.51 -70.79
N GLY F 786 -23.28 107.43 -70.92
CA GLY F 786 -23.02 106.45 -71.94
C GLY F 786 -22.32 105.19 -71.46
N PHE F 787 -22.10 105.04 -70.17
CA PHE F 787 -21.45 103.86 -69.63
C PHE F 787 -22.51 102.83 -69.26
N ASN F 788 -22.20 101.56 -69.49
CA ASN F 788 -23.17 100.48 -69.36
C ASN F 788 -22.78 99.57 -68.21
N PHE F 789 -23.62 99.52 -67.18
CA PHE F 789 -23.36 98.72 -65.99
C PHE F 789 -24.32 97.55 -65.84
N SER F 790 -25.02 97.19 -66.91
CA SER F 790 -26.05 96.15 -66.79
C SER F 790 -25.45 94.81 -66.39
N GLN F 791 -24.21 94.56 -66.77
CA GLN F 791 -23.58 93.28 -66.49
C GLN F 791 -23.14 93.14 -65.05
N ILE F 792 -23.02 94.22 -64.31
CA ILE F 792 -22.62 94.17 -62.91
C ILE F 792 -23.74 94.54 -61.96
N LEU F 793 -24.71 95.33 -62.40
CA LEU F 793 -25.79 95.79 -61.56
C LEU F 793 -26.88 94.72 -61.47
N PRO F 794 -27.64 94.70 -60.38
CA PRO F 794 -28.70 93.69 -60.25
C PRO F 794 -29.74 93.85 -61.34
N ASP F 795 -30.30 92.72 -61.76
CA ASP F 795 -31.38 92.81 -62.71
C ASP F 795 -32.64 92.19 -62.11
N PRO F 796 -33.80 92.83 -62.30
CA PRO F 796 -35.04 92.30 -61.74
C PRO F 796 -35.65 91.14 -62.53
N SER F 797 -34.92 90.60 -63.51
CA SER F 797 -35.39 89.49 -64.31
C SER F 797 -35.02 88.14 -63.73
N LYS F 798 -34.68 88.09 -62.44
CA LYS F 798 -34.30 86.83 -61.80
C LYS F 798 -35.07 86.63 -60.51
N SER F 800 -33.41 85.25 -56.36
CA SER F 800 -32.01 85.61 -56.50
C SER F 800 -31.86 86.87 -57.34
N LYS F 801 -31.91 88.03 -56.67
CA LYS F 801 -31.74 89.31 -57.35
C LYS F 801 -30.25 89.64 -57.48
N ARG F 802 -29.52 88.74 -58.13
CA ARG F 802 -28.12 88.93 -58.45
C ARG F 802 -28.02 89.59 -59.81
N SER F 803 -26.79 89.81 -60.27
CA SER F 803 -26.54 90.46 -61.54
C SER F 803 -26.22 89.41 -62.60
N PHE F 804 -25.83 89.88 -63.78
CA PHE F 804 -25.38 88.95 -64.81
C PHE F 804 -24.10 88.23 -64.38
N ILE F 805 -23.08 88.98 -63.99
CA ILE F 805 -21.79 88.37 -63.70
C ILE F 805 -21.83 87.55 -62.43
N GLU F 806 -22.52 88.04 -61.39
CA GLU F 806 -22.57 87.31 -60.13
C GLU F 806 -23.13 85.90 -60.34
N ASP F 807 -24.09 85.75 -61.26
CA ASP F 807 -24.68 84.45 -61.49
C ASP F 807 -23.69 83.49 -62.14
N LEU F 808 -22.82 83.98 -63.02
CA LEU F 808 -21.79 83.12 -63.59
C LEU F 808 -20.90 82.55 -62.52
N LEU F 809 -20.55 83.37 -61.53
CA LEU F 809 -19.71 82.90 -60.43
C LEU F 809 -20.44 81.88 -59.58
N PHE F 810 -21.75 82.04 -59.42
CA PHE F 810 -22.50 81.14 -58.55
C PHE F 810 -22.83 79.83 -59.24
N ASN F 811 -23.13 79.87 -60.54
CA ASN F 811 -23.35 78.63 -61.28
C ASN F 811 -22.08 77.81 -61.33
N LYS F 812 -20.94 78.46 -61.55
CA LYS F 812 -19.70 77.74 -61.80
C LYS F 812 -19.26 76.93 -60.58
N VAL F 813 -19.18 77.58 -59.43
CA VAL F 813 -18.70 76.93 -58.21
C VAL F 813 -19.86 76.15 -57.59
N THR F 814 -19.66 74.86 -57.40
CA THR F 814 -20.70 73.99 -56.86
C THR F 814 -20.12 73.03 -55.82
N LYS F 841 -21.98 62.90 -41.52
CA LYS F 841 -23.20 63.38 -40.87
C LYS F 841 -23.57 62.49 -39.71
N PHE F 842 -23.17 61.22 -39.80
CA PHE F 842 -23.52 60.23 -38.81
C PHE F 842 -22.72 60.36 -37.52
N ASN F 843 -21.73 61.25 -37.46
CA ASN F 843 -20.79 61.31 -36.36
C ASN F 843 -20.65 62.73 -35.83
N GLY F 844 -21.76 63.44 -35.72
CA GLY F 844 -21.70 64.78 -35.16
C GLY F 844 -21.09 65.83 -36.06
N LEU F 845 -21.07 65.60 -37.37
CA LEU F 845 -20.57 66.60 -38.32
C LEU F 845 -21.72 67.55 -38.65
N THR F 846 -21.85 68.58 -37.82
CA THR F 846 -22.89 69.58 -37.99
C THR F 846 -22.30 70.80 -38.67
N VAL F 847 -22.88 71.18 -39.81
CA VAL F 847 -22.45 72.35 -40.56
C VAL F 847 -23.39 73.49 -40.21
N LEU F 848 -22.87 74.52 -39.59
CA LEU F 848 -23.69 75.66 -39.23
C LEU F 848 -23.95 76.55 -40.45
N PRO F 849 -25.06 77.26 -40.47
CA PRO F 849 -25.35 78.13 -41.60
C PRO F 849 -24.72 79.50 -41.41
N PRO F 850 -24.25 80.13 -42.48
CA PRO F 850 -23.69 81.47 -42.35
C PRO F 850 -24.74 82.47 -41.88
N LEU F 851 -24.29 83.45 -41.11
CA LEU F 851 -25.21 84.43 -40.56
C LEU F 851 -25.79 85.32 -41.64
N LEU F 852 -25.00 85.68 -42.64
CA LEU F 852 -25.46 86.50 -43.75
C LEU F 852 -25.74 85.57 -44.93
N THR F 853 -27.01 85.39 -45.27
CA THR F 853 -27.33 84.55 -46.40
C THR F 853 -26.95 85.26 -47.69
N ASP F 854 -26.70 84.47 -48.74
CA ASP F 854 -26.16 85.01 -49.99
C ASP F 854 -27.05 86.07 -50.60
N GLU F 855 -28.33 86.11 -50.26
CA GLU F 855 -29.18 87.19 -50.71
C GLU F 855 -28.85 88.49 -49.99
N MET F 856 -28.43 88.43 -48.73
CA MET F 856 -28.02 89.64 -48.03
C MET F 856 -26.67 90.13 -48.51
N ILE F 857 -25.75 89.22 -48.81
CA ILE F 857 -24.43 89.61 -49.29
C ILE F 857 -24.54 90.32 -50.63
N ALA F 858 -25.35 89.78 -51.53
CA ALA F 858 -25.55 90.44 -52.82
C ALA F 858 -26.40 91.70 -52.69
N GLN F 859 -27.10 91.88 -51.57
CA GLN F 859 -27.71 93.17 -51.30
C GLN F 859 -26.66 94.17 -50.85
N TYR F 860 -25.59 93.68 -50.22
CA TYR F 860 -24.52 94.56 -49.77
C TYR F 860 -23.66 95.04 -50.92
N THR F 861 -23.33 94.15 -51.87
CA THR F 861 -22.49 94.56 -52.99
C THR F 861 -23.26 95.43 -53.98
N SER F 862 -24.58 95.45 -53.92
CA SER F 862 -25.34 96.39 -54.74
C SER F 862 -25.31 97.78 -54.13
N ALA F 863 -25.27 97.87 -52.80
CA ALA F 863 -25.11 99.16 -52.15
C ALA F 863 -23.78 99.79 -52.48
N LEU F 864 -22.71 98.98 -52.49
CA LEU F 864 -21.40 99.48 -52.88
C LEU F 864 -21.34 99.83 -54.35
N LEU F 865 -21.94 98.99 -55.19
CA LEU F 865 -22.00 99.28 -56.62
C LEU F 865 -22.82 100.53 -56.90
N ALA F 866 -23.98 100.67 -56.27
CA ALA F 866 -24.85 101.80 -56.56
C ALA F 866 -24.29 103.08 -55.94
N GLY F 867 -23.64 102.97 -54.79
CA GLY F 867 -23.03 104.15 -54.19
C GLY F 867 -21.85 104.67 -54.98
N THR F 868 -21.06 103.76 -55.55
CA THR F 868 -19.91 104.16 -56.36
C THR F 868 -20.36 104.88 -57.63
N ILE F 869 -21.43 104.40 -58.25
CA ILE F 869 -21.85 104.90 -59.56
C ILE F 869 -22.40 106.31 -59.43
N THR F 870 -23.16 106.57 -58.38
CA THR F 870 -23.83 107.86 -58.22
C THR F 870 -23.00 108.87 -57.43
N SER F 871 -22.18 108.42 -56.48
CA SER F 871 -21.48 109.34 -55.60
C SER F 871 -19.96 109.31 -55.70
N GLY F 872 -19.38 108.23 -56.21
CA GLY F 872 -17.93 108.16 -56.34
C GLY F 872 -17.27 107.65 -55.08
N TRP F 873 -16.25 108.37 -54.61
CA TRP F 873 -15.62 107.99 -53.37
C TRP F 873 -16.14 108.78 -52.19
N THR F 874 -17.15 109.62 -52.39
CA THR F 874 -17.66 110.48 -51.35
C THR F 874 -18.57 109.77 -50.37
N PHE F 875 -18.94 108.52 -50.63
CA PHE F 875 -19.86 107.82 -49.74
C PHE F 875 -19.15 106.98 -48.69
N GLY F 876 -17.90 106.62 -48.91
CA GLY F 876 -17.15 105.93 -47.90
C GLY F 876 -16.39 106.85 -46.97
N ALA F 877 -16.55 108.16 -47.15
CA ALA F 877 -15.82 109.14 -46.38
C ALA F 877 -16.73 110.09 -45.60
N GLY F 878 -18.03 109.93 -45.70
CA GLY F 878 -18.96 110.83 -45.05
C GLY F 878 -20.31 110.82 -45.70
N PRO F 879 -20.98 111.98 -45.74
CA PRO F 879 -22.26 112.07 -46.40
C PRO F 879 -22.10 111.82 -47.90
N ALA F 880 -23.01 111.03 -48.47
CA ALA F 880 -22.92 110.70 -49.88
C ALA F 880 -23.31 111.90 -50.72
N LEU F 881 -22.40 112.37 -51.56
CA LEU F 881 -22.63 113.50 -52.44
C LEU F 881 -22.63 113.00 -53.88
N GLN F 882 -23.72 113.25 -54.59
CA GLN F 882 -23.83 112.76 -55.96
C GLN F 882 -23.01 113.61 -56.91
N ILE F 883 -22.66 113.02 -58.05
CA ILE F 883 -21.90 113.70 -59.09
C ILE F 883 -22.08 112.92 -60.38
N PRO F 884 -22.28 113.59 -61.52
CA PRO F 884 -22.49 112.87 -62.77
C PRO F 884 -21.35 111.93 -63.10
N PHE F 885 -21.68 110.75 -63.62
CA PHE F 885 -20.66 109.75 -63.89
C PHE F 885 -19.72 110.18 -65.01
N PRO F 886 -20.20 110.97 -65.97
CA PRO F 886 -19.27 111.51 -66.94
C PRO F 886 -18.25 112.41 -66.28
N MET F 887 -18.68 113.19 -65.29
CA MET F 887 -17.80 114.10 -64.56
C MET F 887 -16.92 113.40 -63.53
N GLN F 888 -17.44 112.35 -62.88
CA GLN F 888 -16.64 111.64 -61.88
C GLN F 888 -15.42 111.00 -62.49
N MET F 889 -15.55 110.43 -63.69
CA MET F 889 -14.41 109.84 -64.35
C MET F 889 -13.35 110.88 -64.68
N ALA F 890 -13.75 112.13 -64.86
CA ALA F 890 -12.77 113.19 -65.03
C ALA F 890 -11.97 113.40 -63.77
N TYR F 891 -12.60 113.22 -62.61
CA TYR F 891 -11.87 113.20 -61.35
C TYR F 891 -10.91 112.01 -61.31
N ARG F 892 -11.37 110.83 -61.69
CA ARG F 892 -10.51 109.66 -61.69
C ARG F 892 -9.37 109.82 -62.67
N PHE F 893 -9.65 110.35 -63.85
CA PHE F 893 -8.58 110.60 -64.83
C PHE F 893 -7.59 111.62 -64.29
N ASN F 894 -8.08 112.69 -63.67
CA ASN F 894 -7.23 113.72 -63.12
C ASN F 894 -6.36 113.21 -61.98
N GLY F 895 -6.71 112.07 -61.39
CA GLY F 895 -5.94 111.50 -60.32
C GLY F 895 -4.82 110.58 -60.76
N ILE F 896 -4.67 110.33 -62.05
CA ILE F 896 -3.57 109.53 -62.57
C ILE F 896 -2.68 110.37 -63.50
N GLY F 897 -2.72 111.69 -63.36
CA GLY F 897 -1.85 112.56 -64.12
C GLY F 897 -2.35 112.97 -65.48
N VAL F 898 -3.58 112.62 -65.84
CA VAL F 898 -4.17 112.94 -67.13
C VAL F 898 -5.23 114.00 -66.92
N THR F 899 -5.18 115.07 -67.72
CA THR F 899 -6.07 116.21 -67.52
C THR F 899 -7.51 115.83 -67.78
N GLN F 900 -8.43 116.69 -67.33
CA GLN F 900 -9.84 116.42 -67.48
C GLN F 900 -10.25 116.36 -68.96
N ASN F 901 -9.74 117.28 -69.77
CA ASN F 901 -10.22 117.41 -71.14
C ASN F 901 -9.91 116.19 -71.99
N VAL F 902 -9.01 115.31 -71.54
CA VAL F 902 -8.76 114.08 -72.27
C VAL F 902 -9.99 113.18 -72.23
N LEU F 903 -10.66 113.11 -71.09
CA LEU F 903 -11.86 112.28 -71.01
C LEU F 903 -13.02 112.91 -71.79
N TYR F 904 -13.25 114.21 -71.59
CA TYR F 904 -14.42 114.84 -72.20
C TYR F 904 -14.34 114.80 -73.72
N GLU F 905 -13.17 115.08 -74.27
CA GLU F 905 -13.02 115.04 -75.72
C GLU F 905 -13.15 113.64 -76.28
N ASN F 906 -12.91 112.61 -75.48
CA ASN F 906 -12.96 111.23 -75.95
C ASN F 906 -13.95 110.39 -75.15
N GLN F 907 -15.01 111.03 -74.63
CA GLN F 907 -15.95 110.30 -73.79
C GLN F 907 -16.61 109.18 -74.55
N LYS F 908 -16.95 109.41 -75.82
CA LYS F 908 -17.64 108.39 -76.60
C LYS F 908 -16.75 107.17 -76.82
N LEU F 909 -15.46 107.39 -77.09
CA LEU F 909 -14.53 106.29 -77.23
C LEU F 909 -14.35 105.56 -75.92
N ILE F 910 -14.23 106.30 -74.81
CA ILE F 910 -13.97 105.70 -73.51
C ILE F 910 -15.14 104.86 -73.04
N ALA F 911 -16.37 105.36 -73.25
CA ALA F 911 -17.54 104.60 -72.84
C ALA F 911 -17.59 103.25 -73.55
N ASN F 912 -17.23 103.23 -74.83
CA ASN F 912 -17.22 101.97 -75.57
C ASN F 912 -16.11 101.05 -75.08
N GLN F 913 -14.96 101.62 -74.75
CA GLN F 913 -13.86 100.80 -74.23
C GLN F 913 -14.22 100.20 -72.87
N PHE F 914 -14.88 100.97 -72.02
CA PHE F 914 -15.31 100.43 -70.74
C PHE F 914 -16.36 99.33 -70.93
N ASN F 915 -17.32 99.56 -71.83
CA ASN F 915 -18.37 98.57 -72.03
C ASN F 915 -17.83 97.30 -72.66
N SER F 916 -16.94 97.43 -73.64
CA SER F 916 -16.39 96.25 -74.30
C SER F 916 -15.57 95.41 -73.34
N ALA F 917 -14.78 96.06 -72.48
CA ALA F 917 -13.93 95.33 -71.55
C ALA F 917 -14.74 94.58 -70.52
N ILE F 918 -15.86 95.17 -70.07
CA ILE F 918 -16.72 94.48 -69.11
C ILE F 918 -17.30 93.22 -69.73
N GLY F 919 -17.71 93.29 -71.00
CA GLY F 919 -18.32 92.14 -71.63
C GLY F 919 -17.40 90.94 -71.70
N LYS F 920 -16.10 91.18 -71.91
CA LYS F 920 -15.15 90.08 -71.96
C LYS F 920 -15.01 89.38 -70.62
N ILE F 921 -15.43 90.01 -69.52
CA ILE F 921 -15.33 89.38 -68.21
C ILE F 921 -16.24 88.16 -68.15
N GLN F 922 -17.47 88.29 -68.63
CA GLN F 922 -18.38 87.14 -68.60
C GLN F 922 -17.84 86.00 -69.44
N ASP F 923 -17.32 86.31 -70.62
CA ASP F 923 -16.75 85.26 -71.46
C ASP F 923 -15.55 84.61 -70.79
N SER F 924 -14.68 85.41 -70.18
CA SER F 924 -13.46 84.87 -69.58
C SER F 924 -13.80 83.91 -68.45
N LEU F 925 -14.84 84.19 -67.67
CA LEU F 925 -15.30 83.24 -66.68
C LEU F 925 -16.09 82.10 -67.32
N SER F 926 -16.88 82.41 -68.36
CA SER F 926 -17.71 81.38 -68.97
C SER F 926 -16.90 80.41 -69.81
N SER F 927 -15.84 80.88 -70.46
CA SER F 927 -15.05 80.01 -71.33
C SER F 927 -14.31 78.95 -70.52
N THR F 928 -13.42 79.38 -69.65
CA THR F 928 -12.59 78.47 -68.86
C THR F 928 -13.11 78.42 -67.43
N PRO F 929 -13.32 77.21 -66.92
CA PRO F 929 -13.85 77.00 -65.58
C PRO F 929 -12.79 77.04 -64.50
N SER F 930 -11.51 77.18 -64.87
CA SER F 930 -10.43 77.29 -63.90
C SER F 930 -10.24 78.70 -63.38
N ALA F 931 -11.06 79.65 -63.83
CA ALA F 931 -10.94 81.02 -63.36
C ALA F 931 -11.23 81.12 -61.86
N LEU F 932 -12.30 80.48 -61.40
CA LEU F 932 -12.65 80.46 -59.98
C LEU F 932 -12.03 79.27 -59.28
N GLY F 933 -10.74 79.08 -59.47
CA GLY F 933 -10.05 77.96 -58.84
C GLY F 933 -9.60 78.30 -57.45
N LYS F 934 -9.63 79.59 -57.09
CA LYS F 934 -9.25 79.98 -55.75
C LYS F 934 -10.35 79.65 -54.74
N LEU F 935 -11.60 79.96 -55.07
CA LEU F 935 -12.71 79.65 -54.17
C LEU F 935 -13.03 78.17 -54.18
N GLN F 936 -12.83 77.50 -55.31
CA GLN F 936 -13.07 76.07 -55.36
C GLN F 936 -12.03 75.31 -54.56
N ASP F 937 -10.78 75.76 -54.60
CA ASP F 937 -9.72 75.08 -53.85
C ASP F 937 -10.00 75.11 -52.36
N VAL F 938 -10.65 76.16 -51.88
CA VAL F 938 -11.02 76.23 -50.47
C VAL F 938 -12.06 75.16 -50.16
N VAL F 939 -13.03 74.97 -51.06
CA VAL F 939 -14.10 74.01 -50.82
C VAL F 939 -13.55 72.59 -50.80
N ASN F 940 -12.68 72.26 -51.75
CA ASN F 940 -12.14 70.91 -51.80
C ASN F 940 -11.30 70.59 -50.58
N GLN F 941 -10.49 71.54 -50.13
CA GLN F 941 -9.62 71.30 -48.98
C GLN F 941 -10.42 70.97 -47.74
N ASN F 942 -11.53 71.67 -47.54
CA ASN F 942 -12.33 71.41 -46.35
C ASN F 942 -13.03 70.07 -46.44
N ALA F 943 -13.59 69.73 -47.60
CA ALA F 943 -14.29 68.47 -47.75
C ALA F 943 -13.34 67.29 -47.61
N GLN F 944 -12.16 67.37 -48.22
CA GLN F 944 -11.20 66.29 -48.09
C GLN F 944 -10.77 66.11 -46.64
N ALA F 945 -10.60 67.21 -45.91
CA ALA F 945 -10.23 67.10 -44.50
C ALA F 945 -11.34 66.45 -43.70
N LEU F 946 -12.60 66.74 -44.04
CA LEU F 946 -13.71 66.12 -43.33
C LEU F 946 -13.86 64.65 -43.72
N ASN F 947 -13.70 64.33 -45.01
CA ASN F 947 -13.81 62.94 -45.43
C ASN F 947 -12.71 62.11 -44.81
N THR F 948 -11.50 62.65 -44.71
CA THR F 948 -10.42 61.95 -44.02
C THR F 948 -10.76 61.76 -42.55
N LEU F 949 -11.45 62.73 -41.95
CA LEU F 949 -11.86 62.60 -40.56
C LEU F 949 -12.85 61.44 -40.39
N VAL F 950 -13.79 61.30 -41.32
CA VAL F 950 -14.77 60.23 -41.23
C VAL F 950 -14.11 58.88 -41.48
N LYS F 951 -13.32 58.77 -42.55
CA LYS F 951 -12.73 57.49 -42.91
C LYS F 951 -11.77 56.98 -41.84
N GLN F 952 -11.30 57.85 -40.96
CA GLN F 952 -10.46 57.39 -39.85
C GLN F 952 -11.24 56.57 -38.84
N LEU F 953 -12.57 56.54 -38.95
CA LEU F 953 -13.36 55.68 -38.07
C LEU F 953 -13.19 54.22 -38.44
N SER F 954 -12.79 53.93 -39.68
CA SER F 954 -12.52 52.56 -40.11
C SER F 954 -11.03 52.23 -39.97
N SER F 955 -10.49 52.44 -38.78
CA SER F 955 -9.10 52.07 -38.50
C SER F 955 -9.02 51.48 -37.11
N ASN F 956 -8.23 50.41 -36.98
CA ASN F 956 -8.18 49.66 -35.74
C ASN F 956 -7.32 50.34 -34.69
N PHE F 957 -6.28 51.07 -35.11
CA PHE F 957 -5.33 51.67 -34.18
C PHE F 957 -4.75 50.63 -33.23
N GLY F 958 -4.49 49.43 -33.76
CA GLY F 958 -3.95 48.35 -32.96
C GLY F 958 -4.97 47.56 -32.17
N ALA F 959 -6.26 47.87 -32.32
CA ALA F 959 -7.30 47.10 -31.65
C ALA F 959 -7.74 45.95 -32.55
N ILE F 960 -8.70 45.17 -32.07
CA ILE F 960 -9.18 44.01 -32.82
C ILE F 960 -10.13 44.42 -33.92
N SER F 961 -11.18 45.17 -33.58
CA SER F 961 -12.21 45.55 -34.53
C SER F 961 -12.44 47.06 -34.46
N SER F 962 -12.85 47.61 -35.60
CA SER F 962 -13.14 49.04 -35.71
C SER F 962 -14.56 49.39 -35.29
N VAL F 963 -15.42 48.41 -35.06
CA VAL F 963 -16.78 48.67 -34.63
C VAL F 963 -16.84 48.60 -33.11
N LEU F 964 -17.52 49.56 -32.50
CA LEU F 964 -17.55 49.64 -31.05
C LEU F 964 -18.37 48.51 -30.44
N ASN F 965 -19.51 48.18 -31.05
CA ASN F 965 -20.34 47.11 -30.50
C ASN F 965 -19.70 45.74 -30.72
N ASP F 966 -18.98 45.55 -31.82
CA ASP F 966 -18.36 44.26 -32.08
C ASP F 966 -17.28 43.95 -31.05
N ILE F 967 -16.44 44.91 -30.72
CA ILE F 967 -15.41 44.68 -29.71
C ILE F 967 -16.06 44.52 -28.33
N LEU F 968 -17.20 45.16 -28.12
CA LEU F 968 -17.87 45.06 -26.82
C LEU F 968 -18.48 43.68 -26.62
N SER F 969 -19.15 43.16 -27.64
CA SER F 969 -19.81 41.86 -27.51
C SER F 969 -18.81 40.71 -27.53
N ARG F 970 -17.78 40.81 -28.38
CA ARG F 970 -16.86 39.69 -28.57
C ARG F 970 -16.11 39.36 -27.30
N LEU F 971 -15.63 40.36 -26.59
CA LEU F 971 -14.80 40.15 -25.40
C LEU F 971 -15.56 40.57 -24.15
N ASP F 972 -14.91 40.35 -23.01
CA ASP F 972 -15.33 40.67 -21.66
C ASP F 972 -14.90 42.09 -21.28
N PRO F 973 -15.64 42.74 -20.39
CA PRO F 973 -15.33 44.11 -20.01
C PRO F 973 -13.91 44.28 -19.47
N PRO F 974 -13.36 43.32 -18.71
CA PRO F 974 -11.96 43.48 -18.29
C PRO F 974 -10.98 43.59 -19.45
N GLU F 975 -11.22 42.88 -20.55
CA GLU F 975 -10.34 42.95 -21.71
C GLU F 975 -10.77 44.00 -22.72
N ALA F 976 -12.07 44.20 -22.91
CA ALA F 976 -12.55 45.19 -23.87
C ALA F 976 -12.12 46.61 -23.50
N GLU F 977 -11.82 46.85 -22.22
CA GLU F 977 -11.36 48.16 -21.80
C GLU F 977 -10.04 48.53 -22.46
N VAL F 978 -9.12 47.57 -22.56
CA VAL F 978 -7.86 47.84 -23.25
C VAL F 978 -8.10 48.11 -24.72
N GLN F 979 -8.95 47.30 -25.37
CA GLN F 979 -9.27 47.54 -26.77
C GLN F 979 -10.06 48.82 -26.96
N ILE F 980 -10.89 49.18 -25.97
CA ILE F 980 -11.57 50.46 -26.01
C ILE F 980 -10.55 51.59 -25.91
N ASP F 981 -9.55 51.44 -25.04
CA ASP F 981 -8.54 52.49 -24.90
C ASP F 981 -7.77 52.70 -26.19
N ARG F 982 -7.44 51.62 -26.89
CA ARG F 982 -6.67 51.76 -28.13
C ARG F 982 -7.44 52.53 -29.19
N LEU F 983 -8.75 52.30 -29.29
CA LEU F 983 -9.55 53.01 -30.29
C LEU F 983 -9.69 54.48 -29.95
N ILE F 984 -10.07 54.79 -28.70
CA ILE F 984 -10.35 56.18 -28.35
C ILE F 984 -9.10 57.04 -28.48
N THR F 985 -7.94 56.53 -28.04
CA THR F 985 -6.71 57.26 -28.22
C THR F 985 -6.40 57.47 -29.70
N GLY F 986 -6.67 56.45 -30.52
CA GLY F 986 -6.52 56.63 -31.95
C GLY F 986 -7.52 57.64 -32.52
N ARG F 987 -8.71 57.69 -31.94
CA ARG F 987 -9.71 58.63 -32.42
C ARG F 987 -9.53 60.03 -31.83
N LEU F 988 -8.90 60.13 -30.66
CA LEU F 988 -8.56 61.45 -30.13
C LEU F 988 -7.52 62.15 -31.01
N GLN F 989 -6.48 61.43 -31.41
CA GLN F 989 -5.47 62.02 -32.26
C GLN F 989 -6.05 62.41 -33.62
N SER F 990 -6.93 61.56 -34.16
CA SER F 990 -7.52 61.85 -35.46
C SER F 990 -8.42 63.08 -35.39
N LEU F 991 -9.09 63.29 -34.26
CA LEU F 991 -9.82 64.53 -34.04
C LEU F 991 -8.89 65.68 -33.68
N GLN F 992 -7.82 65.39 -32.96
CA GLN F 992 -6.85 66.43 -32.61
C GLN F 992 -6.16 66.97 -33.85
N THR F 993 -5.80 66.08 -34.78
CA THR F 993 -5.14 66.52 -35.99
C THR F 993 -6.05 67.38 -36.84
N TYR F 994 -7.33 67.01 -36.95
CA TYR F 994 -8.24 67.75 -37.81
C TYR F 994 -8.42 69.18 -37.34
N VAL F 995 -8.52 69.40 -36.04
CA VAL F 995 -8.70 70.76 -35.54
C VAL F 995 -7.46 71.59 -35.79
N THR F 996 -6.28 71.00 -35.60
CA THR F 996 -5.05 71.75 -35.81
C THR F 996 -4.93 72.20 -37.26
N GLN F 997 -5.20 71.31 -38.22
CA GLN F 997 -5.15 71.72 -39.61
C GLN F 997 -6.27 72.71 -39.94
N GLN F 998 -7.34 72.71 -39.15
CA GLN F 998 -8.39 73.72 -39.33
C GLN F 998 -7.93 75.08 -38.83
N LEU F 999 -7.19 75.11 -37.73
CA LEU F 999 -6.73 76.37 -37.17
C LEU F 999 -5.69 77.01 -38.08
N ILE F 1000 -4.87 76.19 -38.71
CA ILE F 1000 -3.88 76.71 -39.65
C ILE F 1000 -4.56 77.17 -40.93
N ARG F 1001 -5.58 76.44 -41.39
CA ARG F 1001 -6.27 76.81 -42.61
C ARG F 1001 -7.16 78.03 -42.40
N ALA F 1002 -7.82 78.11 -41.25
CA ALA F 1002 -8.69 79.26 -40.98
C ALA F 1002 -7.89 80.54 -40.83
N ALA F 1003 -6.63 80.45 -40.44
CA ALA F 1003 -5.76 81.62 -40.39
C ALA F 1003 -5.24 82.01 -41.76
N GLU F 1004 -5.30 81.10 -42.73
CA GLU F 1004 -4.97 81.43 -44.10
C GLU F 1004 -6.13 82.13 -44.80
N ILE F 1005 -7.35 81.92 -44.33
CA ILE F 1005 -8.53 82.60 -44.87
C ILE F 1005 -8.70 83.96 -44.23
N ARG F 1006 -8.34 84.10 -42.96
CA ARG F 1006 -8.41 85.40 -42.32
C ARG F 1006 -7.43 86.37 -42.93
N ALA F 1007 -6.31 85.88 -43.45
CA ALA F 1007 -5.37 86.74 -44.15
C ALA F 1007 -5.84 87.09 -45.55
N SER F 1008 -6.83 86.37 -46.08
CA SER F 1008 -7.48 86.71 -47.34
C SER F 1008 -8.73 87.54 -47.14
N ALA F 1009 -9.41 87.40 -46.00
CA ALA F 1009 -10.54 88.25 -45.70
C ALA F 1009 -10.10 89.63 -45.24
N ASN F 1010 -8.88 89.74 -44.72
CA ASN F 1010 -8.33 91.05 -44.38
C ASN F 1010 -7.78 91.75 -45.61
N LEU F 1011 -7.34 90.99 -46.62
CA LEU F 1011 -6.90 91.61 -47.86
C LEU F 1011 -8.09 92.05 -48.70
N ALA F 1012 -9.14 91.24 -48.76
CA ALA F 1012 -10.33 91.62 -49.50
C ALA F 1012 -11.05 92.78 -48.83
N ALA F 1013 -11.01 92.84 -47.51
CA ALA F 1013 -11.58 93.99 -46.80
C ALA F 1013 -10.75 95.25 -47.05
N THR F 1014 -9.47 95.08 -47.33
CA THR F 1014 -8.58 96.19 -47.63
C THR F 1014 -8.63 96.57 -49.10
N LYS F 1015 -8.88 95.61 -49.98
CA LYS F 1015 -9.04 95.94 -51.38
C LYS F 1015 -10.39 96.54 -51.67
N MET F 1016 -11.31 96.51 -50.71
CA MET F 1016 -12.59 97.18 -50.86
C MET F 1016 -12.61 98.55 -50.24
N SER F 1017 -11.86 98.77 -49.18
CA SER F 1017 -11.75 100.10 -48.61
C SER F 1017 -10.95 101.03 -49.48
N GLU F 1018 -9.98 100.50 -50.23
CA GLU F 1018 -9.02 101.32 -50.95
C GLU F 1018 -9.19 101.29 -52.45
N CYS F 1019 -9.64 100.17 -53.02
CA CYS F 1019 -9.89 100.13 -54.46
C CYS F 1019 -11.31 100.56 -54.79
N VAL F 1020 -12.30 100.00 -54.08
CA VAL F 1020 -13.70 100.29 -54.40
C VAL F 1020 -14.13 101.63 -53.83
N LEU F 1021 -13.91 101.85 -52.54
CA LEU F 1021 -14.37 103.07 -51.86
C LEU F 1021 -13.32 104.16 -51.93
N GLY F 1022 -12.80 104.41 -53.12
CA GLY F 1022 -11.75 105.40 -53.31
C GLY F 1022 -10.77 104.90 -54.35
N GLN F 1023 -10.00 105.84 -54.91
CA GLN F 1023 -9.08 105.53 -55.98
C GLN F 1023 -7.68 105.34 -55.42
N SER F 1024 -7.02 104.27 -55.83
CA SER F 1024 -5.75 103.85 -55.25
C SER F 1024 -4.57 104.38 -56.04
N LYS F 1025 -3.48 104.62 -55.32
CA LYS F 1025 -2.21 104.99 -55.93
C LYS F 1025 -1.11 104.00 -55.57
N ARG F 1026 -1.49 102.83 -55.07
CA ARG F 1026 -0.55 101.76 -54.78
C ARG F 1026 -0.43 100.89 -56.01
N VAL F 1027 0.81 100.69 -56.48
CA VAL F 1027 1.03 100.02 -57.75
C VAL F 1027 0.65 98.56 -57.65
N ASP F 1028 -0.04 98.06 -58.67
CA ASP F 1028 -0.44 96.68 -58.81
C ASP F 1028 -1.34 96.19 -57.68
N PHE F 1029 -1.79 97.09 -56.81
CA PHE F 1029 -2.73 96.69 -55.77
C PHE F 1029 -4.10 96.40 -56.38
N CYS F 1030 -4.67 97.39 -57.06
CA CYS F 1030 -5.94 97.24 -57.74
C CYS F 1030 -5.74 97.06 -59.25
N GLY F 1031 -5.10 95.97 -59.62
CA GLY F 1031 -4.94 95.62 -61.01
C GLY F 1031 -3.72 96.28 -61.64
N LYS F 1032 -3.26 95.69 -62.74
CA LYS F 1032 -2.06 96.14 -63.42
C LYS F 1032 -2.45 97.23 -64.42
N GLY F 1033 -2.02 98.45 -64.13
CA GLY F 1033 -2.34 99.64 -64.89
C GLY F 1033 -2.34 100.82 -63.96
N TYR F 1034 -3.01 101.89 -64.37
CA TYR F 1034 -3.25 103.03 -63.50
C TYR F 1034 -4.70 102.96 -63.05
N HIS F 1035 -4.91 102.79 -61.75
CA HIS F 1035 -6.21 102.46 -61.22
C HIS F 1035 -7.20 103.58 -61.49
N LEU F 1036 -8.41 103.20 -61.89
CA LEU F 1036 -9.51 104.15 -62.04
C LEU F 1036 -10.62 103.87 -61.03
N MET F 1037 -11.18 102.67 -61.01
CA MET F 1037 -12.19 102.30 -60.03
C MET F 1037 -12.37 100.79 -60.07
N SER F 1038 -13.07 100.25 -59.08
CA SER F 1038 -13.33 98.83 -59.03
C SER F 1038 -14.76 98.60 -58.59
N PHE F 1039 -15.28 97.42 -58.95
CA PHE F 1039 -16.66 97.05 -58.68
C PHE F 1039 -16.65 95.67 -58.05
N PRO F 1040 -17.16 95.52 -56.83
CA PRO F 1040 -17.18 94.20 -56.21
C PRO F 1040 -18.28 93.34 -56.80
N GLN F 1041 -18.02 92.06 -56.89
CA GLN F 1041 -19.04 91.08 -57.24
C GLN F 1041 -18.93 89.93 -56.26
N SER F 1042 -20.03 89.58 -55.62
CA SER F 1042 -19.98 88.49 -54.67
C SER F 1042 -19.78 87.17 -55.39
N ALA F 1043 -19.45 86.15 -54.61
CA ALA F 1043 -19.24 84.80 -55.12
C ALA F 1043 -19.37 83.85 -53.93
N PRO F 1044 -19.54 82.55 -54.18
CA PRO F 1044 -19.70 81.62 -53.06
C PRO F 1044 -18.43 81.55 -52.24
N HIS F 1045 -18.52 81.99 -50.98
CA HIS F 1045 -17.39 82.01 -50.06
C HIS F 1045 -16.25 82.88 -50.58
N GLY F 1046 -16.57 84.00 -51.19
CA GLY F 1046 -15.52 84.79 -51.80
C GLY F 1046 -16.05 86.09 -52.34
N VAL F 1047 -15.19 86.79 -53.06
CA VAL F 1047 -15.53 88.07 -53.67
C VAL F 1047 -14.66 88.25 -54.90
N VAL F 1048 -15.22 88.89 -55.92
CA VAL F 1048 -14.51 89.15 -57.17
C VAL F 1048 -14.48 90.66 -57.36
N PHE F 1049 -13.28 91.20 -57.60
CA PHE F 1049 -13.09 92.61 -57.86
C PHE F 1049 -12.84 92.79 -59.35
N LEU F 1050 -13.52 93.72 -59.97
CA LEU F 1050 -13.27 94.06 -61.37
C LEU F 1050 -12.53 95.39 -61.39
N HIS F 1051 -11.23 95.34 -61.61
CA HIS F 1051 -10.37 96.51 -61.46
C HIS F 1051 -10.30 97.25 -62.77
N VAL F 1052 -11.01 98.38 -62.86
CA VAL F 1052 -10.98 99.21 -64.05
C VAL F 1052 -9.70 100.04 -64.01
N THR F 1053 -8.80 99.79 -64.96
CA THR F 1053 -7.52 100.49 -65.00
C THR F 1053 -7.29 101.10 -66.37
N TYR F 1054 -6.57 102.20 -66.38
CA TYR F 1054 -6.21 102.94 -67.58
C TYR F 1054 -4.81 102.54 -68.01
N VAL F 1055 -4.69 102.00 -69.21
CA VAL F 1055 -3.40 101.51 -69.72
C VAL F 1055 -2.97 102.40 -70.87
N PRO F 1056 -1.80 103.03 -70.81
CA PRO F 1056 -1.32 103.81 -71.96
C PRO F 1056 -1.03 102.92 -73.15
N ALA F 1057 -1.15 103.50 -74.34
CA ALA F 1057 -0.91 102.74 -75.55
C ALA F 1057 -0.48 103.68 -76.66
N GLN F 1058 0.14 103.09 -77.69
CA GLN F 1058 0.59 103.81 -78.88
C GLN F 1058 1.63 104.88 -78.52
N GLU F 1059 2.76 104.41 -77.99
CA GLU F 1059 3.84 105.33 -77.64
C GLU F 1059 4.51 105.85 -78.90
N LYS F 1060 5.04 107.06 -78.81
CA LYS F 1060 5.72 107.72 -79.91
C LYS F 1060 7.02 108.31 -79.41
N ASN F 1061 8.11 108.08 -80.15
CA ASN F 1061 9.39 108.65 -79.77
C ASN F 1061 9.36 110.17 -79.91
N PHE F 1062 10.13 110.85 -79.05
CA PHE F 1062 10.29 112.28 -79.13
C PHE F 1062 11.69 112.64 -78.68
N THR F 1063 12.01 113.92 -78.74
CA THR F 1063 13.29 114.43 -78.26
C THR F 1063 13.02 115.39 -77.11
N THR F 1064 13.65 115.14 -75.97
CA THR F 1064 13.37 115.86 -74.74
C THR F 1064 14.49 116.83 -74.42
N ALA F 1065 14.21 117.72 -73.47
CA ALA F 1065 15.15 118.70 -73.03
C ALA F 1065 14.84 119.03 -71.57
N PRO F 1066 15.84 118.97 -70.68
CA PRO F 1066 15.58 119.36 -69.28
C PRO F 1066 15.04 120.76 -69.15
N ALA F 1067 15.54 121.70 -69.93
CA ALA F 1067 15.13 123.09 -69.84
C ALA F 1067 15.47 123.79 -71.15
N ILE F 1068 14.89 124.97 -71.35
CA ILE F 1068 15.14 125.77 -72.54
C ILE F 1068 15.55 127.17 -72.10
N CYS F 1069 16.51 127.75 -72.83
CA CYS F 1069 16.97 129.11 -72.57
C CYS F 1069 16.48 130.03 -73.68
N HIS F 1070 15.85 131.14 -73.27
CA HIS F 1070 15.34 132.12 -74.21
C HIS F 1070 15.99 133.48 -74.04
N ASP F 1071 16.07 133.98 -72.82
CA ASP F 1071 16.66 135.29 -72.53
C ASP F 1071 17.81 135.15 -71.54
N GLY F 1072 18.63 134.12 -71.70
CA GLY F 1072 19.67 133.87 -70.74
C GLY F 1072 19.19 133.29 -69.44
N LYS F 1073 17.94 132.83 -69.38
CA LYS F 1073 17.37 132.21 -68.20
C LYS F 1073 16.83 130.83 -68.56
N ALA F 1074 16.83 129.94 -67.58
CA ALA F 1074 16.39 128.56 -67.78
C ALA F 1074 14.91 128.42 -67.46
N HIS F 1075 14.18 127.74 -68.34
CA HIS F 1075 12.74 127.54 -68.19
C HIS F 1075 12.47 126.06 -67.98
N PHE F 1076 11.76 125.73 -66.90
CA PHE F 1076 11.35 124.38 -66.58
C PHE F 1076 9.84 124.25 -66.67
N PRO F 1077 9.32 123.15 -67.21
CA PRO F 1077 7.86 123.02 -67.34
C PRO F 1077 7.21 122.93 -65.97
N ARG F 1078 6.01 123.49 -65.86
CA ARG F 1078 5.29 123.44 -64.60
C ARG F 1078 4.79 122.03 -64.33
N GLU F 1079 3.96 121.50 -65.23
CA GLU F 1079 3.46 120.13 -65.14
C GLU F 1079 3.50 119.56 -66.56
N GLY F 1080 4.61 118.91 -66.89
CA GLY F 1080 4.76 118.35 -68.21
C GLY F 1080 6.21 118.14 -68.56
N VAL F 1081 6.44 117.70 -69.79
CA VAL F 1081 7.77 117.41 -70.30
C VAL F 1081 7.90 118.08 -71.66
N PHE F 1082 9.08 118.67 -71.92
CA PHE F 1082 9.33 119.29 -73.21
C PHE F 1082 9.56 118.21 -74.26
N VAL F 1083 8.90 118.35 -75.41
CA VAL F 1083 9.08 117.43 -76.52
C VAL F 1083 9.32 118.23 -77.79
N SER F 1084 9.81 117.52 -78.80
CA SER F 1084 10.14 118.13 -80.09
C SER F 1084 9.93 117.11 -81.18
N ASN F 1085 9.16 117.48 -82.21
CA ASN F 1085 8.94 116.62 -83.36
C ASN F 1085 10.08 116.69 -84.35
N GLY F 1086 11.24 117.20 -83.94
CA GLY F 1086 12.38 117.38 -84.80
C GLY F 1086 12.52 118.77 -85.38
N THR F 1087 11.43 119.54 -85.40
CA THR F 1087 11.45 120.90 -85.92
C THR F 1087 11.10 121.93 -84.87
N HIS F 1088 9.97 121.77 -84.18
CA HIS F 1088 9.53 122.71 -83.17
C HIS F 1088 9.60 122.08 -81.79
N TRP F 1089 9.31 122.89 -80.77
CA TRP F 1089 9.32 122.45 -79.39
C TRP F 1089 7.93 122.66 -78.78
N PHE F 1090 7.50 121.70 -77.98
CA PHE F 1090 6.21 121.76 -77.32
C PHE F 1090 6.36 121.28 -75.89
N VAL F 1091 5.41 121.66 -75.05
CA VAL F 1091 5.25 121.11 -73.71
C VAL F 1091 3.98 120.29 -73.70
N THR F 1092 4.06 119.09 -73.13
CA THR F 1092 2.92 118.20 -73.06
C THR F 1092 2.90 117.50 -71.72
N GLN F 1093 1.70 117.10 -71.29
CA GLN F 1093 1.59 116.34 -70.06
C GLN F 1093 2.33 115.01 -70.23
N ARG F 1094 2.94 114.54 -69.14
CA ARG F 1094 3.86 113.41 -69.26
C ARG F 1094 3.17 112.11 -69.63
N ASN F 1095 1.85 112.01 -69.49
CA ASN F 1095 1.15 110.75 -69.67
C ASN F 1095 0.31 110.68 -70.94
N PHE F 1096 0.32 111.72 -71.78
CA PHE F 1096 -0.53 111.74 -72.95
C PHE F 1096 -0.03 112.83 -73.87
N TYR F 1097 0.12 112.52 -75.16
CA TYR F 1097 0.72 113.45 -76.11
C TYR F 1097 -0.30 114.51 -76.47
N GLU F 1098 -0.23 115.65 -75.80
CA GLU F 1098 -1.08 116.81 -76.08
C GLU F 1098 -0.17 118.03 -76.17
N PRO F 1099 0.53 118.20 -77.29
CA PRO F 1099 1.54 119.26 -77.37
C PRO F 1099 0.92 120.65 -77.26
N GLN F 1100 1.65 121.54 -76.59
CA GLN F 1100 1.20 122.90 -76.38
C GLN F 1100 2.35 123.85 -76.66
N ILE F 1101 2.00 125.11 -76.96
CA ILE F 1101 3.00 126.14 -77.17
C ILE F 1101 3.68 126.48 -75.85
N ILE F 1102 4.99 126.63 -75.88
CA ILE F 1102 5.74 126.95 -74.67
C ILE F 1102 5.55 128.42 -74.33
N THR F 1103 4.55 128.73 -73.53
CA THR F 1103 4.31 130.10 -73.11
C THR F 1103 4.95 130.33 -71.74
N THR F 1104 4.84 131.57 -71.26
CA THR F 1104 5.38 131.89 -69.94
C THR F 1104 4.58 131.21 -68.84
N ASP F 1105 3.28 131.05 -69.05
CA ASP F 1105 2.45 130.39 -68.05
C ASP F 1105 2.68 128.89 -68.00
N ASN F 1106 3.00 128.26 -69.13
CA ASN F 1106 3.24 126.82 -69.15
C ASN F 1106 4.50 126.42 -68.40
N THR F 1107 5.37 127.38 -68.06
CA THR F 1107 6.63 127.06 -67.43
C THR F 1107 6.91 128.04 -66.31
N PHE F 1108 7.98 127.76 -65.58
CA PHE F 1108 8.48 128.66 -64.54
C PHE F 1108 9.99 128.77 -64.68
N VAL F 1109 10.53 129.89 -64.23
CA VAL F 1109 11.92 130.25 -64.46
C VAL F 1109 12.68 130.17 -63.15
N SER F 1110 13.87 129.58 -63.18
CA SER F 1110 14.72 129.51 -61.99
C SER F 1110 16.18 129.44 -62.43
N GLY F 1111 16.86 130.58 -62.43
CA GLY F 1111 18.27 130.61 -62.72
C GLY F 1111 18.65 131.12 -64.10
N ASN F 1112 19.70 130.55 -64.67
CA ASN F 1112 20.21 130.96 -65.98
C ASN F 1112 20.64 129.71 -66.73
N CYS F 1113 21.37 129.90 -67.83
CA CYS F 1113 21.75 128.80 -68.71
C CYS F 1113 22.98 128.04 -68.25
N ASP F 1114 23.59 128.42 -67.14
CA ASP F 1114 24.90 127.87 -66.79
C ASP F 1114 24.75 126.51 -66.11
N VAL F 1115 24.00 126.46 -65.01
CA VAL F 1115 24.06 125.31 -64.10
C VAL F 1115 23.53 124.05 -64.77
N VAL F 1116 22.42 124.16 -65.52
CA VAL F 1116 21.72 122.98 -66.00
C VAL F 1116 22.53 122.28 -67.08
N ILE F 1117 22.65 120.96 -66.99
CA ILE F 1117 23.27 120.14 -68.01
C ILE F 1117 22.20 119.72 -69.00
N GLY F 1118 22.50 119.85 -70.29
CA GLY F 1118 21.59 119.42 -71.33
C GLY F 1118 20.56 120.44 -71.76
N ILE F 1119 20.66 121.68 -71.28
CA ILE F 1119 19.70 122.71 -71.66
C ILE F 1119 19.80 122.96 -73.16
N VAL F 1120 18.68 123.34 -73.76
CA VAL F 1120 18.64 123.62 -75.19
C VAL F 1120 18.16 125.05 -75.41
N ASN F 1121 18.44 125.56 -76.60
CA ASN F 1121 18.09 126.93 -76.98
C ASN F 1121 16.76 126.94 -77.71
N ASN F 1122 15.85 127.80 -77.27
CA ASN F 1122 14.59 128.00 -77.97
C ASN F 1122 13.97 129.30 -77.48
N THR F 1123 12.75 129.55 -77.95
CA THR F 1123 12.01 130.75 -77.63
C THR F 1123 10.75 130.39 -76.86
N VAL F 1124 10.49 131.14 -75.80
CA VAL F 1124 9.27 130.97 -75.00
C VAL F 1124 8.34 132.14 -75.30
N TYR F 1125 7.13 131.81 -75.76
CA TYR F 1125 6.17 132.84 -76.11
C TYR F 1125 5.68 133.55 -74.86
N ASP F 1126 5.48 134.86 -74.97
CA ASP F 1126 4.96 135.65 -73.87
C ASP F 1126 3.56 136.14 -74.20
N PRO F 1127 2.54 135.76 -73.43
CA PRO F 1127 1.16 136.14 -73.79
C PRO F 1127 0.91 137.63 -73.79
N LEU F 1128 1.73 138.42 -73.09
CA LEU F 1128 1.48 139.85 -72.99
C LEU F 1128 1.98 140.63 -74.20
N GLN F 1129 2.71 139.99 -75.11
CA GLN F 1129 3.23 140.71 -76.28
C GLN F 1129 2.11 141.30 -77.14
N PRO F 1130 1.08 140.57 -77.55
CA PRO F 1130 -0.02 141.22 -78.29
C PRO F 1130 -0.73 142.29 -77.49
N GLU F 1131 -0.87 142.11 -76.18
CA GLU F 1131 -1.53 143.13 -75.38
C GLU F 1131 -0.65 144.35 -75.21
N LEU F 1132 0.63 144.16 -74.91
CA LEU F 1132 1.55 145.28 -74.76
C LEU F 1132 1.72 146.04 -76.07
N ASP F 1133 1.87 145.31 -77.18
CA ASP F 1133 1.98 145.96 -78.48
C ASP F 1133 0.69 146.69 -78.85
N SER F 1134 -0.46 146.07 -78.59
CA SER F 1134 -1.74 146.69 -78.90
C SER F 1134 -2.42 147.21 -77.63
N GLN G 3 29.68 0.18 9.66
CA GLN G 3 29.32 -1.21 9.39
C GLN G 3 28.98 -1.93 10.68
N LEU G 4 29.92 -1.95 11.62
CA LEU G 4 29.74 -2.61 12.91
C LEU G 4 29.68 -1.52 13.98
N VAL G 5 28.48 -1.18 14.41
CA VAL G 5 28.26 -0.21 15.47
C VAL G 5 28.23 -0.93 16.80
N GLU G 6 29.00 -0.45 17.76
CA GLU G 6 29.13 -1.09 19.05
C GLU G 6 28.79 -0.10 20.16
N SER G 7 28.40 -0.64 21.31
CA SER G 7 27.99 0.14 22.46
C SER G 7 28.71 -0.36 23.71
N GLY G 8 28.42 0.28 24.84
CA GLY G 8 29.01 -0.10 26.10
C GLY G 8 30.32 0.61 26.40
N GLY G 9 30.80 0.39 27.60
CA GLY G 9 32.07 0.94 28.04
C GLY G 9 31.90 2.14 28.96
N GLY G 10 32.93 2.41 29.73
CA GLY G 10 32.94 3.53 30.65
C GLY G 10 33.87 3.24 31.81
N LEU G 11 33.98 4.24 32.68
CA LEU G 11 34.76 4.08 33.90
C LEU G 11 34.09 3.08 34.83
N VAL G 12 34.89 2.22 35.45
CA VAL G 12 34.38 1.15 36.29
C VAL G 12 34.99 1.29 37.69
N GLU G 13 34.36 0.61 38.64
CA GLU G 13 34.77 0.66 40.04
C GLU G 13 35.91 -0.30 40.37
N ALA G 14 36.60 -0.82 39.34
CA ALA G 14 37.78 -1.67 39.52
C ALA G 14 37.43 -2.92 40.34
N GLY G 15 36.52 -3.72 39.78
CA GLY G 15 36.09 -4.94 40.43
C GLY G 15 34.64 -5.29 40.21
N GLY G 16 33.87 -4.36 39.67
CA GLY G 16 32.48 -4.61 39.36
C GLY G 16 32.29 -5.39 38.08
N SER G 17 31.23 -5.08 37.34
CA SER G 17 30.95 -5.75 36.08
C SER G 17 30.53 -4.71 35.04
N LEU G 18 30.75 -5.05 33.77
CA LEU G 18 30.37 -4.19 32.65
C LEU G 18 29.83 -5.07 31.53
N ARG G 19 29.07 -4.45 30.63
CA ARG G 19 28.47 -5.15 29.50
C ARG G 19 28.79 -4.39 28.22
N LEU G 20 29.31 -5.09 27.22
CA LEU G 20 29.62 -4.51 25.92
C LEU G 20 28.81 -5.21 24.84
N SER G 21 28.47 -4.46 23.80
CA SER G 21 27.68 -4.95 22.69
C SER G 21 28.27 -4.46 21.38
N CYS G 22 28.02 -5.21 20.31
CA CYS G 22 28.41 -4.81 18.97
C CYS G 22 27.29 -5.20 18.02
N VAL G 23 26.72 -4.21 17.34
CA VAL G 23 25.54 -4.38 16.50
C VAL G 23 25.97 -4.31 15.04
N ALA G 24 25.54 -5.30 14.27
CA ALA G 24 25.77 -5.32 12.82
C ALA G 24 24.56 -4.71 12.13
N SER G 25 24.82 -3.72 11.27
CA SER G 25 23.76 -2.99 10.58
C SER G 25 23.62 -3.39 9.13
N GLY G 26 24.61 -4.06 8.56
CA GLY G 26 24.57 -4.44 7.16
C GLY G 26 25.05 -5.86 6.91
N LEU G 27 24.87 -6.74 7.89
CA LEU G 27 25.25 -8.13 7.76
C LEU G 27 24.12 -9.02 8.26
N THR G 28 24.00 -10.21 7.68
CA THR G 28 22.93 -11.11 8.06
C THR G 28 23.08 -11.60 9.49
N PHE G 29 24.31 -11.66 9.99
CA PHE G 29 24.67 -12.02 11.37
C PHE G 29 24.34 -13.48 11.70
N SER G 30 23.73 -14.22 10.78
CA SER G 30 23.38 -15.62 11.03
C SER G 30 24.40 -16.58 10.43
N ASP G 31 25.21 -16.14 9.48
CA ASP G 31 26.29 -16.94 8.92
C ASP G 31 27.62 -16.19 8.99
N TYR G 32 27.84 -15.46 10.08
CA TYR G 32 29.07 -14.72 10.29
C TYR G 32 29.59 -14.99 11.69
N THR G 33 30.91 -14.88 11.84
CA THR G 33 31.61 -15.15 13.08
C THR G 33 32.41 -13.93 13.49
N MET G 34 32.25 -13.51 14.75
CA MET G 34 32.82 -12.28 15.27
C MET G 34 33.98 -12.59 16.22
N ALA G 35 34.52 -11.53 16.82
CA ALA G 35 35.60 -11.64 17.79
C ALA G 35 35.73 -10.32 18.52
N TRP G 36 36.56 -10.33 19.58
CA TRP G 36 36.88 -9.13 20.33
C TRP G 36 38.39 -8.98 20.42
N PHE G 37 38.87 -7.78 20.08
CA PHE G 37 40.30 -7.50 20.08
C PHE G 37 40.52 -6.26 20.92
N ARG G 38 41.73 -6.15 21.50
CA ARG G 38 42.05 -5.08 22.42
C ARG G 38 43.21 -4.24 21.89
N GLN G 39 43.09 -2.92 22.06
CA GLN G 39 44.08 -1.97 21.58
C GLN G 39 44.73 -1.27 22.77
N VAL G 40 46.05 -1.22 22.78
CA VAL G 40 46.79 -0.46 23.79
C VAL G 40 47.74 0.49 23.09
N PRO G 41 47.80 1.75 23.51
CA PRO G 41 48.75 2.70 22.89
C PRO G 41 50.20 2.27 23.11
N GLY G 42 51.03 2.52 22.10
CA GLY G 42 52.44 2.17 22.16
C GLY G 42 52.73 0.70 21.99
N GLN G 43 51.74 -0.12 21.67
CA GLN G 43 51.92 -1.55 21.56
C GLN G 43 50.95 -2.10 20.52
N GLU G 44 51.15 -3.35 20.14
CA GLU G 44 50.37 -3.98 19.07
C GLU G 44 48.94 -4.24 19.53
N ARG G 45 48.17 -4.83 18.62
CA ARG G 45 46.77 -5.16 18.86
C ARG G 45 46.66 -6.54 19.51
N GLU G 46 45.84 -6.65 20.55
CA GLU G 46 45.71 -7.89 21.30
C GLU G 46 44.34 -8.53 21.05
N PHE G 47 44.32 -9.86 21.15
CA PHE G 47 43.11 -10.65 21.05
C PHE G 47 42.61 -11.00 22.45
N VAL G 48 41.29 -11.00 22.62
CA VAL G 48 40.70 -11.36 23.91
C VAL G 48 39.71 -12.51 23.78
N SER G 49 38.66 -12.30 23.01
CA SER G 49 37.54 -13.24 22.98
C SER G 49 37.12 -13.55 21.55
N HIS G 50 36.43 -14.68 21.39
CA HIS G 50 35.95 -15.12 20.09
C HIS G 50 34.70 -15.97 20.30
N ILE G 51 33.75 -15.85 19.37
CA ILE G 51 32.51 -16.61 19.41
C ILE G 51 32.19 -17.11 18.01
N GLY G 52 31.78 -18.38 17.90
CA GLY G 52 31.39 -18.97 16.65
C GLY G 52 29.92 -18.76 16.34
N TRP G 53 29.45 -19.45 15.32
CA TRP G 53 28.04 -19.39 14.97
C TRP G 53 27.18 -19.89 16.14
N GLY G 54 26.19 -19.10 16.50
CA GLY G 54 25.32 -19.47 17.62
C GLY G 54 25.91 -19.30 19.00
N GLY G 55 27.12 -19.79 19.22
CA GLY G 55 27.77 -19.67 20.52
C GLY G 55 28.13 -21.00 21.14
N SER G 56 28.10 -22.07 20.35
CA SER G 56 28.39 -23.40 20.84
C SER G 56 29.88 -23.74 20.81
N GLU G 57 30.71 -22.89 20.21
CA GLU G 57 32.16 -23.13 20.12
C GLU G 57 32.85 -21.79 20.32
N THR G 58 33.18 -21.47 21.57
CA THR G 58 33.80 -20.20 21.92
C THR G 58 35.13 -20.46 22.61
N TYR G 59 36.10 -19.58 22.36
CA TYR G 59 37.41 -19.66 22.96
C TYR G 59 37.73 -18.34 23.65
N TYR G 60 38.71 -18.38 24.53
CA TYR G 60 39.14 -17.19 25.27
C TYR G 60 40.65 -17.19 25.41
N ALA G 61 41.19 -16.00 25.66
CA ALA G 61 42.63 -15.84 25.76
C ALA G 61 43.15 -16.48 27.05
N ASP G 62 44.44 -16.82 27.03
CA ASP G 62 45.07 -17.45 28.19
C ASP G 62 45.14 -16.52 29.39
N SER G 63 45.23 -15.20 29.16
CA SER G 63 45.28 -14.22 30.23
C SER G 63 43.90 -13.73 30.64
N VAL G 64 42.85 -14.17 29.95
CA VAL G 64 41.48 -13.75 30.25
C VAL G 64 40.56 -14.93 30.51
N LYS G 65 41.02 -16.17 30.32
CA LYS G 65 40.17 -17.35 30.48
C LYS G 65 39.57 -17.41 31.88
N GLY G 66 38.27 -17.74 31.94
CA GLY G 66 37.57 -17.90 33.18
C GLY G 66 36.95 -16.64 33.75
N ARG G 67 37.20 -15.48 33.15
CA ARG G 67 36.73 -14.21 33.70
C ARG G 67 35.55 -13.64 32.93
N PHE G 68 35.69 -13.49 31.61
CA PHE G 68 34.67 -12.84 30.80
C PHE G 68 33.84 -13.87 30.05
N THR G 69 32.57 -13.54 29.82
CA THR G 69 31.63 -14.42 29.15
C THR G 69 31.14 -13.77 27.87
N ILE G 70 31.00 -14.58 26.81
CA ILE G 70 30.57 -14.11 25.51
C ILE G 70 29.25 -14.79 25.16
N SER G 71 28.45 -14.10 24.34
CA SER G 71 27.17 -14.62 23.91
C SER G 71 26.74 -13.88 22.66
N ARG G 72 25.82 -14.49 21.91
CA ARG G 72 25.28 -13.87 20.71
C ARG G 72 23.81 -14.23 20.57
N ASP G 73 23.08 -13.39 19.84
CA ASP G 73 21.66 -13.58 19.64
C ASP G 73 21.26 -12.95 18.30
N ASN G 74 20.69 -13.75 17.42
CA ASN G 74 20.36 -13.33 16.06
C ASN G 74 19.09 -12.50 15.98
N ALA G 75 18.29 -12.45 17.05
CA ALA G 75 17.02 -11.75 17.01
C ALA G 75 17.19 -10.24 16.87
N LYS G 76 18.40 -9.72 17.06
CA LYS G 76 18.64 -8.29 16.97
C LYS G 76 19.92 -7.95 16.22
N ASN G 77 20.57 -8.92 15.58
CA ASN G 77 21.83 -8.73 14.86
C ASN G 77 22.91 -8.13 15.76
N ALA G 78 23.05 -8.70 16.96
CA ALA G 78 24.06 -8.21 17.90
C ALA G 78 24.47 -9.35 18.83
N MET G 79 25.64 -9.19 19.42
CA MET G 79 26.16 -10.13 20.41
C MET G 79 26.61 -9.37 21.65
N TYR G 80 26.63 -10.07 22.78
CA TYR G 80 26.88 -9.45 24.08
C TYR G 80 28.16 -10.01 24.67
N LEU G 81 29.04 -9.13 25.12
CA LEU G 81 30.23 -9.49 25.88
C LEU G 81 30.11 -8.88 27.27
N GLN G 82 30.18 -9.73 28.29
CA GLN G 82 30.03 -9.30 29.68
C GLN G 82 31.31 -9.59 30.44
N MET G 83 31.79 -8.60 31.19
CA MET G 83 32.98 -8.74 32.01
C MET G 83 32.57 -8.99 33.46
N ASN G 84 33.49 -9.61 34.21
CA ASN G 84 33.24 -9.97 35.60
C ASN G 84 34.33 -9.53 36.57
N GLU G 85 35.54 -9.20 36.09
CA GLU G 85 36.63 -8.80 36.96
C GLU G 85 37.03 -7.34 36.73
N LEU G 86 37.34 -6.97 35.49
CA LEU G 86 37.76 -5.60 35.14
C LEU G 86 38.97 -5.17 35.98
N LYS G 87 40.08 -5.88 35.78
CA LYS G 87 41.30 -5.57 36.46
C LYS G 87 41.81 -4.19 36.05
N PRO G 88 42.58 -3.52 36.91
CA PRO G 88 43.13 -2.21 36.54
C PRO G 88 44.26 -2.31 35.52
N ASP G 89 44.46 -3.49 34.93
CA ASP G 89 45.43 -3.67 33.86
C ASP G 89 44.79 -3.86 32.49
N ASP G 90 43.49 -4.15 32.43
CA ASP G 90 42.81 -4.40 31.17
C ASP G 90 42.13 -3.15 30.61
N THR G 91 42.32 -2.00 31.24
CA THR G 91 41.78 -0.75 30.71
C THR G 91 42.45 -0.40 29.39
N ALA G 92 41.73 -0.58 28.28
CA ALA G 92 42.31 -0.42 26.96
C ALA G 92 41.20 -0.08 25.98
N VAL G 93 41.52 -0.12 24.68
CA VAL G 93 40.59 0.23 23.62
C VAL G 93 40.01 -1.06 23.05
N TYR G 94 38.69 -1.10 22.89
CA TYR G 94 37.98 -2.30 22.49
C TYR G 94 37.56 -2.20 21.02
N TYR G 95 37.85 -3.25 20.26
CA TYR G 95 37.51 -3.31 18.84
C TYR G 95 36.71 -4.57 18.54
N CYS G 96 35.60 -4.39 17.82
CA CYS G 96 34.72 -5.48 17.43
C CYS G 96 35.02 -5.89 16.00
N ALA G 97 35.27 -7.19 15.80
CA ALA G 97 35.56 -7.75 14.50
C ALA G 97 34.46 -8.71 14.08
N ALA G 98 34.49 -9.12 12.82
CA ALA G 98 33.53 -10.08 12.30
C ALA G 98 34.09 -10.69 11.03
N ASP G 99 33.60 -11.88 10.69
CA ASP G 99 33.96 -12.50 9.42
C ASP G 99 32.91 -13.52 9.02
N ARG G 100 32.96 -13.89 7.74
CA ARG G 100 32.01 -14.87 7.20
C ARG G 100 32.18 -16.21 7.88
N GLY G 101 33.43 -16.63 8.13
CA GLY G 101 33.72 -17.92 8.69
C GLY G 101 34.54 -17.83 9.96
N SER G 102 34.90 -19.02 10.46
CA SER G 102 35.77 -19.16 11.60
C SER G 102 37.09 -19.76 11.14
N SER G 103 38.19 -19.30 11.72
CA SER G 103 39.52 -19.67 11.29
C SER G 103 40.26 -20.44 12.36
N PHE G 104 41.13 -21.36 11.92
CA PHE G 104 42.05 -22.01 12.84
C PHE G 104 43.03 -20.99 13.44
N TYR G 105 43.57 -20.11 12.61
CA TYR G 105 44.39 -19.02 13.13
C TYR G 105 43.48 -17.89 13.59
N TYR G 106 42.53 -18.21 14.46
CA TYR G 106 41.58 -17.25 14.99
C TYR G 106 42.23 -16.22 15.91
N VAL G 107 43.47 -16.43 16.33
CA VAL G 107 44.15 -15.43 17.13
C VAL G 107 44.72 -14.31 16.27
N ARG G 108 44.94 -14.56 14.98
CA ARG G 108 45.53 -13.56 14.10
C ARG G 108 44.54 -12.45 13.81
N GLU G 109 45.02 -11.21 13.85
CA GLU G 109 44.16 -10.07 13.55
C GLU G 109 43.83 -10.00 12.07
N SER G 110 44.73 -10.45 11.21
CA SER G 110 44.51 -10.44 9.77
C SER G 110 43.34 -11.31 9.35
N GLU G 111 42.92 -12.25 10.19
CA GLU G 111 41.83 -13.17 9.87
C GLU G 111 40.47 -12.62 10.26
N TYR G 112 40.34 -11.30 10.33
CA TYR G 112 39.06 -10.64 10.60
C TYR G 112 38.93 -9.46 9.65
N THR G 113 38.27 -9.68 8.51
CA THR G 113 38.18 -8.64 7.48
C THR G 113 37.37 -7.45 7.99
N PHE G 114 36.27 -7.70 8.68
CA PHE G 114 35.39 -6.65 9.17
C PHE G 114 35.83 -6.20 10.56
N TRP G 115 35.81 -4.89 10.77
CA TRP G 115 36.16 -4.31 12.06
C TRP G 115 35.17 -3.19 12.38
N GLY G 116 34.88 -3.04 13.67
CA GLY G 116 33.93 -2.07 14.15
C GLY G 116 34.57 -0.78 14.61
N GLN G 117 33.79 0.01 15.34
CA GLN G 117 34.28 1.25 15.92
C GLN G 117 35.02 0.93 17.22
N GLY G 118 35.27 1.95 18.03
CA GLY G 118 36.03 1.78 19.26
C GLY G 118 35.20 2.12 20.49
N VAL G 121 35.49 1.43 21.59
CA VAL G 121 34.89 1.70 22.87
C VAL G 121 35.81 2.66 23.63
N THR G 122 35.22 3.41 24.57
CA THR G 122 35.99 4.38 25.36
C THR G 122 37.17 3.70 26.06
N VAL G 123 38.31 4.38 26.02
CA VAL G 123 39.52 3.83 26.63
C VAL G 123 39.38 3.78 28.15
N ALA H 14 33.97 -32.18 68.26
CA ALA H 14 33.85 -33.53 68.83
C ALA H 14 32.82 -34.35 68.08
N TYR H 15 32.87 -35.67 68.25
CA TYR H 15 31.94 -36.58 67.60
C TYR H 15 31.40 -37.57 68.62
N THR H 16 30.15 -37.99 68.41
CA THR H 16 29.49 -38.91 69.32
C THR H 16 28.69 -39.92 68.49
N ASN H 17 28.30 -41.01 69.13
CA ASN H 17 27.60 -42.12 68.49
C ASN H 17 26.11 -42.02 68.77
N SER H 18 25.32 -41.79 67.72
CA SER H 18 23.87 -41.75 67.84
C SER H 18 23.36 -43.18 67.85
N PHE H 19 23.19 -43.75 69.04
CA PHE H 19 22.88 -45.17 69.15
C PHE H 19 21.60 -45.52 68.41
N THR H 20 20.47 -45.04 68.90
CA THR H 20 19.19 -45.51 68.38
C THR H 20 18.21 -44.36 68.14
N ARG H 21 18.59 -43.12 68.40
CA ARG H 21 17.68 -41.99 68.29
C ARG H 21 17.63 -41.47 66.87
N GLY H 22 16.58 -40.71 66.57
CA GLY H 22 16.42 -40.09 65.27
C GLY H 22 15.29 -40.67 64.44
N VAL H 23 14.31 -41.25 65.12
CA VAL H 23 13.23 -41.98 64.48
C VAL H 23 11.94 -41.21 64.69
N TYR H 24 11.20 -40.99 63.61
CA TYR H 24 10.00 -40.16 63.65
C TYR H 24 8.87 -40.86 62.93
N TYR H 25 7.68 -40.28 63.02
CA TYR H 25 6.52 -40.84 62.35
C TYR H 25 6.44 -40.27 60.95
N PRO H 26 6.63 -41.08 59.90
CA PRO H 26 6.59 -40.54 58.54
C PRO H 26 5.21 -40.14 58.07
N ASP H 27 4.14 -40.48 58.80
CA ASP H 27 2.79 -40.15 58.37
C ASP H 27 1.89 -40.07 59.59
N LYS H 28 0.63 -39.73 59.34
CA LYS H 28 -0.39 -39.60 60.37
C LYS H 28 -1.02 -40.94 60.74
N VAL H 29 -1.06 -41.88 59.81
CA VAL H 29 -1.87 -43.10 59.92
C VAL H 29 -1.53 -43.89 61.18
N PHE H 30 -2.47 -44.71 61.60
CA PHE H 30 -2.37 -45.44 62.87
C PHE H 30 -2.30 -46.92 62.57
N ARG H 31 -1.24 -47.56 63.03
CA ARG H 31 -1.01 -48.98 62.79
C ARG H 31 -0.81 -49.68 64.13
N SER H 32 -1.51 -50.78 64.33
CA SER H 32 -1.52 -51.49 65.60
C SER H 32 -0.86 -52.84 65.42
N SER H 33 0.23 -53.07 66.15
CA SER H 33 0.95 -54.35 66.13
C SER H 33 1.31 -54.76 64.71
N VAL H 34 2.05 -53.88 64.03
CA VAL H 34 2.44 -54.08 62.64
C VAL H 34 3.92 -53.72 62.51
N LEU H 35 4.67 -54.53 61.78
CA LEU H 35 6.06 -54.20 61.46
C LEU H 35 6.09 -53.60 60.06
N HIS H 36 5.75 -52.31 59.99
CA HIS H 36 5.72 -51.62 58.72
C HIS H 36 7.14 -51.26 58.27
N SER H 37 7.38 -51.39 56.98
CA SER H 37 8.66 -51.06 56.38
C SER H 37 8.46 -49.92 55.40
N THR H 38 9.16 -48.80 55.64
CA THR H 38 9.00 -47.62 54.81
C THR H 38 10.37 -47.05 54.44
N GLN H 39 10.40 -46.36 53.31
CA GLN H 39 11.61 -45.70 52.82
C GLN H 39 11.40 -44.20 52.90
N ASP H 40 12.15 -43.55 53.79
CA ASP H 40 12.12 -42.11 53.94
C ASP H 40 13.45 -41.68 54.54
N LEU H 41 13.63 -40.38 54.74
CA LEU H 41 14.90 -39.84 55.24
C LEU H 41 14.97 -40.05 56.74
N PHE H 42 15.73 -41.03 57.17
CA PHE H 42 15.90 -41.35 58.57
C PHE H 42 17.35 -41.18 58.96
N LEU H 43 17.59 -41.01 60.26
CA LEU H 43 18.96 -40.88 60.75
C LEU H 43 19.59 -42.26 60.81
N PRO H 44 20.66 -42.52 60.05
CA PRO H 44 21.24 -43.87 60.05
C PRO H 44 21.68 -44.30 61.44
N PHE H 45 21.44 -45.57 61.74
CA PHE H 45 21.71 -46.10 63.07
C PHE H 45 23.20 -46.10 63.35
N PHE H 46 23.56 -45.86 64.61
CA PHE H 46 24.95 -45.88 65.05
C PHE H 46 25.82 -44.97 64.18
N SER H 47 25.30 -43.78 63.88
CA SER H 47 26.01 -42.81 63.08
C SER H 47 26.88 -41.93 63.96
N ASN H 48 27.53 -40.95 63.33
CA ASN H 48 28.41 -40.01 64.00
C ASN H 48 27.70 -38.66 64.07
N VAL H 49 27.29 -38.26 65.25
CA VAL H 49 26.69 -36.95 65.44
C VAL H 49 27.80 -35.98 65.83
N THR H 50 27.94 -34.92 65.03
CA THR H 50 28.95 -33.89 65.26
C THR H 50 28.60 -33.08 66.50
N TRP H 51 29.40 -33.24 67.55
CA TRP H 51 29.17 -32.56 68.83
C TRP H 51 29.76 -31.15 68.77
N PHE H 52 28.90 -30.13 68.91
CA PHE H 52 29.35 -28.76 69.07
C PHE H 52 28.97 -28.21 70.44
N HIS H 53 29.38 -26.97 70.67
CA HIS H 53 29.05 -26.20 71.86
C HIS H 53 29.23 -24.72 71.58
N ASN H 68 27.13 -22.31 68.23
CA ASN H 68 27.74 -21.14 67.61
C ASN H 68 27.90 -21.24 66.07
N PRO H 69 28.59 -22.25 65.57
CA PRO H 69 28.90 -22.28 64.13
C PRO H 69 27.68 -22.59 63.29
N VAL H 70 27.75 -22.18 62.03
CA VAL H 70 26.69 -22.46 61.07
C VAL H 70 26.94 -23.83 60.44
N LEU H 71 25.90 -24.39 59.84
CA LEU H 71 25.95 -25.73 59.29
C LEU H 71 25.12 -25.79 58.00
N PRO H 72 25.39 -26.77 57.15
CA PRO H 72 24.54 -26.98 55.97
C PRO H 72 23.23 -27.67 56.32
N PHE H 73 22.33 -27.69 55.34
CA PHE H 73 21.01 -28.30 55.42
C PHE H 73 20.73 -29.10 54.15
N ASN H 74 21.66 -30.00 53.80
CA ASN H 74 21.59 -30.75 52.57
C ASN H 74 20.22 -31.38 52.35
N ASP H 75 19.78 -32.24 53.27
CA ASP H 75 18.49 -32.89 53.13
C ASP H 75 17.69 -33.01 54.42
N GLY H 76 18.30 -32.79 55.58
CA GLY H 76 17.60 -32.92 56.83
C GLY H 76 18.54 -32.84 58.01
N VAL H 77 18.00 -32.65 59.21
CA VAL H 77 18.82 -32.43 60.40
C VAL H 77 18.15 -33.10 61.58
N TYR H 78 18.95 -33.66 62.49
CA TYR H 78 18.47 -34.22 63.75
C TYR H 78 18.99 -33.36 64.90
N PHE H 79 18.81 -32.06 64.80
CA PHE H 79 19.23 -31.19 65.89
C PHE H 79 18.70 -31.69 67.21
N ALA H 80 19.61 -32.09 68.09
CA ALA H 80 19.28 -32.42 69.46
C ALA H 80 19.91 -31.39 70.38
N SER H 81 19.67 -31.55 71.68
CA SER H 81 20.19 -30.62 72.67
C SER H 81 19.98 -31.20 74.05
N THR H 82 20.79 -30.76 75.00
CA THR H 82 20.70 -31.20 76.39
C THR H 82 20.72 -29.95 77.25
N GLU H 83 19.55 -29.38 77.50
CA GLU H 83 19.41 -28.15 78.26
C GLU H 83 19.16 -28.46 79.74
N LYS H 84 19.34 -27.44 80.58
CA LYS H 84 19.05 -27.55 82.00
C LYS H 84 17.98 -26.56 82.45
N SER H 85 18.06 -25.31 82.03
CA SER H 85 17.09 -24.28 82.38
C SER H 85 16.75 -23.44 81.16
N ASN H 86 16.49 -24.11 80.03
CA ASN H 86 16.18 -23.46 78.76
C ASN H 86 17.34 -22.55 78.32
N ILE H 87 18.56 -23.08 78.40
CA ILE H 87 19.73 -22.35 77.92
C ILE H 87 19.64 -22.13 76.42
N ILE H 88 19.27 -23.17 75.68
CA ILE H 88 19.15 -23.08 74.22
C ILE H 88 17.79 -22.52 73.88
N ARG H 89 17.76 -21.58 72.92
CA ARG H 89 16.54 -20.81 72.65
C ARG H 89 15.91 -21.14 71.30
N GLY H 90 16.64 -21.00 70.20
CA GLY H 90 16.00 -21.13 68.90
C GLY H 90 16.89 -21.51 67.75
N TRP H 91 16.36 -21.42 66.53
CA TRP H 91 17.05 -21.88 65.33
C TRP H 91 16.98 -20.81 64.25
N ILE H 92 18.00 -20.81 63.40
CA ILE H 92 18.11 -19.91 62.27
C ILE H 92 18.21 -20.75 61.01
N PHE H 93 17.41 -20.44 60.00
CA PHE H 93 17.39 -21.22 58.78
C PHE H 93 17.37 -20.28 57.58
N GLY H 94 17.79 -20.83 56.44
CA GLY H 94 17.81 -20.10 55.19
C GLY H 94 18.96 -20.53 54.32
N THR H 95 19.13 -19.80 53.21
CA THR H 95 20.21 -20.06 52.27
C THR H 95 21.40 -19.14 52.54
N THR H 96 21.20 -17.83 52.46
CA THR H 96 22.26 -16.86 52.67
C THR H 96 22.36 -16.37 54.11
N LEU H 97 21.38 -16.68 54.95
CA LEU H 97 21.40 -16.39 56.38
C LEU H 97 21.47 -14.89 56.68
N ASP H 98 21.00 -14.04 55.78
CA ASP H 98 21.00 -12.61 56.01
C ASP H 98 19.97 -11.97 55.08
N SER H 99 20.05 -10.65 54.93
CA SER H 99 19.13 -9.93 54.07
C SER H 99 19.37 -10.31 52.61
N LYS H 100 18.56 -9.72 51.73
CA LYS H 100 18.52 -9.96 50.28
C LYS H 100 18.04 -11.36 49.94
N THR H 101 17.68 -12.17 50.94
CA THR H 101 17.17 -13.53 50.71
C THR H 101 16.34 -13.92 51.91
N GLN H 102 15.24 -14.62 51.67
CA GLN H 102 14.35 -15.04 52.75
C GLN H 102 15.07 -16.00 53.70
N SER H 103 14.66 -15.97 54.97
CA SER H 103 15.27 -16.81 55.99
C SER H 103 14.24 -17.11 57.08
N LEU H 104 13.99 -18.39 57.31
CA LEU H 104 13.10 -18.81 58.39
C LEU H 104 13.73 -18.47 59.74
N LEU H 105 12.87 -18.29 60.75
CA LEU H 105 13.31 -17.81 62.05
C LEU H 105 12.41 -18.39 63.13
N ILE H 106 13.00 -19.14 64.06
CA ILE H 106 12.30 -19.66 65.22
C ILE H 106 13.13 -19.35 66.46
N VAL H 107 12.56 -18.57 67.38
CA VAL H 107 13.19 -18.32 68.68
C VAL H 107 12.13 -18.45 69.77
N ASN H 108 12.54 -19.00 70.90
CA ASN H 108 11.72 -19.07 72.11
C ASN H 108 12.23 -18.00 73.06
N ASN H 109 11.58 -16.83 73.03
CA ASN H 109 11.95 -15.73 73.91
C ASN H 109 11.13 -15.75 75.21
N ALA H 110 11.16 -16.90 75.89
CA ALA H 110 10.52 -17.09 77.19
C ALA H 110 9.01 -16.88 77.16
N THR H 111 8.46 -16.59 75.98
CA THR H 111 7.02 -16.42 75.81
C THR H 111 6.43 -17.45 74.86
N ASN H 112 6.97 -17.57 73.66
CA ASN H 112 6.46 -18.47 72.64
C ASN H 112 7.51 -18.57 71.54
N VAL H 113 7.17 -19.30 70.49
CA VAL H 113 8.04 -19.44 69.32
C VAL H 113 7.49 -18.56 68.21
N VAL H 114 8.28 -17.58 67.80
CA VAL H 114 7.88 -16.66 66.73
C VAL H 114 8.49 -17.17 65.44
N ILE H 115 7.64 -17.43 64.46
CA ILE H 115 8.07 -17.97 63.17
C ILE H 115 7.93 -16.87 62.13
N LYS H 116 9.02 -16.61 61.41
CA LYS H 116 9.06 -15.58 60.39
C LYS H 116 9.81 -16.12 59.19
N VAL H 117 9.53 -15.54 58.03
CA VAL H 117 10.21 -15.95 56.81
C VAL H 117 10.73 -14.69 56.11
N CYS H 118 10.75 -13.58 56.82
CA CYS H 118 11.21 -12.32 56.26
C CYS H 118 12.74 -12.31 56.12
N GLU H 119 13.21 -11.51 55.16
CA GLU H 119 14.64 -11.36 54.90
C GLU H 119 15.22 -10.47 56.00
N PHE H 120 15.46 -11.09 57.15
CA PHE H 120 15.96 -10.37 58.31
C PHE H 120 17.46 -10.12 58.17
N GLN H 121 18.03 -9.41 59.14
CA GLN H 121 19.41 -8.96 59.09
C GLN H 121 20.20 -9.56 60.23
N PHE H 122 20.11 -10.88 60.40
CA PHE H 122 20.78 -11.58 61.50
C PHE H 122 22.22 -11.12 61.66
N CYS H 123 22.64 -10.98 62.92
CA CYS H 123 24.02 -10.67 63.22
C CYS H 123 24.88 -11.92 63.08
N ASN H 124 26.19 -11.74 63.14
CA ASN H 124 27.11 -12.87 63.06
C ASN H 124 27.01 -13.79 64.27
N ASP H 125 26.38 -13.34 65.35
CA ASP H 125 26.18 -14.17 66.53
C ASP H 125 25.03 -13.65 67.37
N PRO H 126 23.78 -13.83 66.94
CA PRO H 126 22.65 -13.34 67.71
C PRO H 126 22.31 -14.29 68.85
N PHE H 127 21.44 -13.80 69.73
CA PHE H 127 20.96 -14.62 70.85
C PHE H 127 19.65 -14.06 71.41
N ASN H 151 10.59 -7.19 56.68
CA ASN H 151 11.30 -7.04 55.42
C ASN H 151 10.80 -8.04 54.38
N ASN H 152 9.76 -7.65 53.65
CA ASN H 152 9.15 -8.47 52.61
C ASN H 152 8.67 -9.82 53.17
N CYS H 153 7.91 -9.73 54.27
CA CYS H 153 7.39 -10.93 54.91
C CYS H 153 6.30 -11.58 54.08
N THR H 154 6.30 -12.91 54.07
CA THR H 154 5.23 -13.68 53.45
C THR H 154 4.55 -14.66 54.41
N PHE H 155 5.14 -14.95 55.57
CA PHE H 155 4.50 -15.80 56.55
C PHE H 155 5.00 -15.40 57.93
N GLU H 156 4.07 -15.32 58.88
CA GLU H 156 4.40 -15.01 60.26
C GLU H 156 3.54 -15.88 61.17
N TYR H 157 4.04 -16.12 62.38
CA TYR H 157 3.32 -16.94 63.35
C TYR H 157 3.91 -16.67 64.73
N VAL H 158 3.06 -16.31 65.68
CA VAL H 158 3.43 -16.19 67.09
C VAL H 158 2.57 -17.19 67.87
N SER H 159 3.20 -18.25 68.34
CA SER H 159 2.48 -19.26 69.12
C SER H 159 2.19 -18.76 70.54
N PHE H 173 22.15 -31.78 83.54
CA PHE H 173 21.60 -31.87 82.18
C PHE H 173 20.65 -33.05 82.05
N LYS H 174 19.40 -32.83 82.43
CA LYS H 174 18.38 -33.88 82.47
C LYS H 174 17.26 -33.60 81.48
N ASN H 175 17.61 -33.07 80.31
CA ASN H 175 16.66 -32.80 79.26
C ASN H 175 17.22 -33.26 77.93
N LEU H 176 16.32 -33.58 76.99
CA LEU H 176 16.70 -34.00 75.65
C LEU H 176 15.65 -33.47 74.69
N ARG H 177 15.97 -32.40 73.99
CA ARG H 177 15.05 -31.78 73.04
C ARG H 177 15.44 -32.22 71.63
N GLU H 178 14.94 -33.38 71.23
CA GLU H 178 15.27 -33.93 69.92
C GLU H 178 14.37 -33.32 68.86
N PHE H 179 14.98 -32.85 67.78
CA PHE H 179 14.25 -32.16 66.72
C PHE H 179 14.68 -32.72 65.38
N VAL H 180 13.75 -32.75 64.43
CA VAL H 180 14.05 -33.16 63.06
C VAL H 180 13.46 -32.13 62.12
N PHE H 181 14.27 -31.63 61.19
CA PHE H 181 13.84 -30.63 60.24
C PHE H 181 14.10 -31.14 58.83
N LYS H 182 13.09 -31.03 57.97
CA LYS H 182 13.27 -31.35 56.57
C LYS H 182 12.19 -30.64 55.77
N ASN H 183 12.47 -30.45 54.48
CA ASN H 183 11.55 -29.75 53.60
C ASN H 183 10.74 -30.71 52.74
N TYR H 187 6.88 -29.26 52.10
CA TYR H 187 7.56 -28.09 52.65
C TYR H 187 8.14 -28.39 54.02
N PHE H 188 8.34 -27.34 54.81
CA PHE H 188 9.05 -27.49 56.08
C PHE H 188 8.23 -28.29 57.08
N LYS H 189 8.85 -29.28 57.70
CA LYS H 189 8.22 -30.09 58.72
C LYS H 189 9.14 -30.23 59.93
N ILE H 190 8.54 -30.20 61.11
CA ILE H 190 9.26 -30.29 62.37
C ILE H 190 8.67 -31.43 63.19
N TYR H 191 9.54 -32.30 63.70
CA TYR H 191 9.15 -33.35 64.64
C TYR H 191 9.94 -33.11 65.92
N SER H 192 9.30 -33.33 67.07
CA SER H 192 9.93 -33.02 68.33
C SER H 192 9.49 -33.99 69.40
N LYS H 193 10.37 -34.22 70.36
CA LYS H 193 10.06 -35.10 71.49
C LYS H 193 11.01 -34.78 72.61
N HIS H 194 10.47 -34.44 73.79
CA HIS H 194 11.25 -34.04 74.95
C HIS H 194 11.12 -35.13 76.00
N THR H 195 12.24 -35.66 76.44
CA THR H 195 12.21 -36.67 77.49
C THR H 195 13.33 -36.42 78.49
N PRO H 196 13.07 -36.69 79.78
CA PRO H 196 14.16 -36.62 80.76
C PRO H 196 15.21 -37.69 80.51
N ILE H 197 16.46 -37.33 80.77
CA ILE H 197 17.59 -38.23 80.58
C ILE H 197 18.56 -38.04 81.75
N ASN H 198 19.66 -38.80 81.71
CA ASN H 198 20.68 -38.71 82.75
C ASN H 198 22.07 -38.60 82.11
N ASP H 202 27.11 -37.02 75.05
CA ASP H 202 26.73 -38.28 75.69
C ASP H 202 25.26 -38.60 75.44
N LEU H 203 24.94 -38.95 74.20
CA LEU H 203 23.57 -39.28 73.86
C LEU H 203 23.16 -40.58 74.52
N PRO H 204 22.05 -40.62 75.24
CA PRO H 204 21.65 -41.87 75.91
C PRO H 204 21.25 -42.94 74.92
N GLN H 205 21.49 -44.19 75.31
CA GLN H 205 20.98 -45.32 74.54
C GLN H 205 19.53 -45.57 74.91
N GLY H 206 18.80 -46.12 73.96
CA GLY H 206 17.37 -46.34 74.11
C GLY H 206 16.59 -45.81 72.92
N PHE H 207 15.30 -46.05 72.95
CA PHE H 207 14.42 -45.74 71.83
C PHE H 207 13.32 -44.77 72.25
N SER H 208 13.09 -43.77 71.41
CA SER H 208 11.97 -42.85 71.58
C SER H 208 11.66 -42.24 70.23
N ALA H 209 10.40 -42.32 69.81
CA ALA H 209 9.98 -41.76 68.54
C ALA H 209 9.66 -40.27 68.68
N LEU H 210 9.75 -39.56 67.55
CA LEU H 210 9.53 -38.12 67.53
C LEU H 210 8.21 -37.84 66.82
N GLU H 211 7.15 -37.67 67.61
CA GLU H 211 5.87 -37.32 67.03
C GLU H 211 5.94 -35.93 66.40
N PRO H 212 5.28 -35.73 65.27
CA PRO H 212 5.27 -34.39 64.65
C PRO H 212 4.65 -33.36 65.58
N LEU H 213 5.20 -32.16 65.54
CA LEU H 213 4.75 -31.08 66.41
C LEU H 213 4.22 -29.87 65.65
N VAL H 214 4.89 -29.47 64.57
CA VAL H 214 4.49 -28.31 63.79
C VAL H 214 4.85 -28.55 62.32
N ASP H 215 3.94 -28.18 61.42
CA ASP H 215 4.19 -28.17 59.99
C ASP H 215 3.87 -26.78 59.45
N LEU H 216 4.78 -26.23 58.63
CA LEU H 216 4.70 -24.85 58.19
C LEU H 216 4.75 -24.77 56.67
N PRO H 217 3.77 -24.16 56.01
CA PRO H 217 3.73 -24.12 54.53
C PRO H 217 4.46 -22.93 53.94
N ILE H 218 5.69 -22.74 54.38
CA ILE H 218 6.45 -21.52 54.03
C ILE H 218 7.23 -21.67 52.74
N GLY H 219 7.64 -22.89 52.40
CA GLY H 219 8.20 -23.13 51.08
C GLY H 219 9.43 -22.31 50.75
N ILE H 220 10.40 -22.25 51.65
CA ILE H 220 11.64 -21.52 51.44
C ILE H 220 12.73 -22.52 51.09
N ASN H 221 13.53 -22.18 50.07
CA ASN H 221 14.69 -22.98 49.74
C ASN H 221 15.74 -22.83 50.83
N ILE H 222 16.04 -23.92 51.54
CA ILE H 222 16.96 -23.91 52.66
C ILE H 222 18.18 -24.75 52.31
N THR H 223 19.35 -24.23 52.66
CA THR H 223 20.60 -24.95 52.49
C THR H 223 21.52 -24.87 53.71
N ARG H 224 21.37 -23.86 54.55
CA ARG H 224 22.23 -23.69 55.72
C ARG H 224 21.38 -23.36 56.93
N PHE H 225 21.96 -23.54 58.12
CA PHE H 225 21.25 -23.24 59.35
C PHE H 225 22.26 -22.98 60.46
N GLN H 226 21.80 -22.33 61.51
CA GLN H 226 22.64 -21.97 62.65
C GLN H 226 21.83 -22.13 63.93
N THR H 227 22.39 -21.66 65.05
CA THR H 227 21.76 -21.87 66.33
C THR H 227 21.94 -20.64 67.22
N LEU H 228 21.02 -20.50 68.17
CA LEU H 228 21.05 -19.47 69.20
C LEU H 228 21.43 -20.10 70.53
N LEU H 229 21.49 -19.27 71.56
CA LEU H 229 21.77 -19.75 72.91
C LEU H 229 21.48 -18.68 73.95
N ALA H 250 25.91 -25.70 76.74
CA ALA H 250 25.24 -26.98 76.93
C ALA H 250 25.56 -27.93 75.79
N ALA H 251 25.11 -29.18 75.92
CA ALA H 251 25.29 -30.15 74.85
C ALA H 251 24.46 -29.76 73.63
N TYR H 252 25.11 -29.77 72.48
CA TYR H 252 24.58 -29.21 71.23
C TYR H 252 25.01 -30.12 70.09
N TYR H 253 24.17 -31.11 69.78
CA TYR H 253 24.45 -32.13 68.79
C TYR H 253 23.71 -31.84 67.49
N VAL H 254 24.25 -32.37 66.39
CA VAL H 254 23.60 -32.29 65.09
C VAL H 254 23.72 -33.64 64.41
N GLY H 255 22.61 -34.14 63.87
CA GLY H 255 22.64 -35.31 63.02
C GLY H 255 22.18 -34.94 61.62
N TYR H 256 22.44 -35.80 60.64
CA TYR H 256 22.03 -35.53 59.27
C TYR H 256 21.19 -36.70 58.77
N LEU H 257 20.08 -36.38 58.11
CA LEU H 257 19.19 -37.40 57.58
C LEU H 257 19.72 -37.95 56.26
N GLN H 258 19.52 -39.24 56.06
CA GLN H 258 19.89 -39.95 54.84
C GLN H 258 18.71 -40.79 54.37
N PRO H 259 18.57 -41.00 53.06
CA PRO H 259 17.44 -41.79 52.54
C PRO H 259 17.64 -43.29 52.71
N ARG H 260 17.35 -43.78 53.91
CA ARG H 260 17.52 -45.17 54.26
C ARG H 260 16.18 -45.81 54.62
N THR H 261 16.07 -47.10 54.34
CA THR H 261 14.83 -47.84 54.57
C THR H 261 14.83 -48.45 55.96
N PHE H 262 13.73 -48.24 56.69
CA PHE H 262 13.62 -48.67 58.07
C PHE H 262 12.43 -49.61 58.21
N LEU H 263 12.50 -50.50 59.21
CA LEU H 263 11.39 -51.38 59.56
C LEU H 263 10.86 -50.93 60.90
N LEU H 264 9.64 -50.39 60.92
CA LEU H 264 9.08 -49.74 62.10
C LEU H 264 8.15 -50.69 62.85
N LYS H 265 8.40 -50.86 64.14
CA LYS H 265 7.63 -51.77 64.97
C LYS H 265 6.59 -50.98 65.74
N TYR H 266 5.40 -50.84 65.15
CA TYR H 266 4.28 -50.24 65.85
C TYR H 266 3.78 -51.19 66.93
N ASN H 267 3.24 -50.65 68.00
CA ASN H 267 2.62 -51.46 69.04
C ASN H 267 1.10 -51.36 68.94
N GLU H 268 0.40 -51.94 69.90
CA GLU H 268 -1.05 -51.99 69.84
C GLU H 268 -1.69 -50.60 69.92
N ASN H 269 -0.98 -49.65 70.54
CA ASN H 269 -1.51 -48.30 70.67
C ASN H 269 -1.13 -47.40 69.51
N GLY H 270 -0.25 -47.85 68.62
CA GLY H 270 0.21 -47.06 67.50
C GLY H 270 1.56 -46.41 67.69
N THR H 271 2.24 -46.68 68.81
CA THR H 271 3.51 -46.03 69.11
C THR H 271 4.67 -46.87 68.59
N ILE H 272 5.55 -46.24 67.83
CA ILE H 272 6.72 -46.92 67.31
C ILE H 272 7.64 -47.26 68.48
N THR H 273 7.66 -48.52 68.89
CA THR H 273 8.46 -48.93 70.03
C THR H 273 9.84 -49.45 69.66
N ASP H 274 10.11 -49.65 68.37
CA ASP H 274 11.41 -50.12 67.93
C ASP H 274 11.50 -49.99 66.41
N ALA H 275 12.73 -50.09 65.90
CA ALA H 275 12.92 -50.05 64.46
C ALA H 275 14.23 -50.75 64.11
N VAL H 276 14.35 -51.11 62.84
CA VAL H 276 15.52 -51.81 62.31
C VAL H 276 15.99 -51.09 61.06
N ASP H 277 17.27 -50.74 61.02
CA ASP H 277 17.86 -50.11 59.85
C ASP H 277 18.19 -51.19 58.82
N CYS H 278 17.57 -51.12 57.66
CA CYS H 278 17.71 -52.19 56.68
C CYS H 278 19.07 -52.23 56.03
N ALA H 279 20.08 -51.50 56.51
CA ALA H 279 21.40 -51.56 55.91
C ALA H 279 22.52 -51.52 56.94
N LEU H 280 22.22 -51.69 58.22
CA LEU H 280 23.25 -51.57 59.25
C LEU H 280 24.26 -52.71 59.17
N ASP H 281 23.77 -53.94 59.10
CA ASP H 281 24.63 -55.11 59.06
C ASP H 281 23.85 -56.25 58.41
N PRO H 282 24.49 -57.38 58.14
CA PRO H 282 23.74 -58.51 57.57
C PRO H 282 22.54 -58.95 58.38
N LEU H 283 22.65 -58.96 59.70
CA LEU H 283 21.51 -59.42 60.51
C LEU H 283 20.32 -58.49 60.34
N SER H 284 20.58 -57.19 60.25
CA SER H 284 19.50 -56.24 60.04
C SER H 284 18.86 -56.39 58.67
N GLU H 285 19.67 -56.71 57.65
CA GLU H 285 19.09 -57.01 56.35
C GLU H 285 18.21 -58.24 56.41
N THR H 286 18.65 -59.27 57.13
CA THR H 286 17.82 -60.47 57.29
C THR H 286 16.52 -60.15 57.99
N LYS H 287 16.57 -59.33 59.04
CA LYS H 287 15.34 -58.95 59.72
C LYS H 287 14.42 -58.16 58.80
N CYS H 288 14.98 -57.26 57.99
CA CYS H 288 14.15 -56.46 57.09
C CYS H 288 13.51 -57.31 56.00
N THR H 289 14.27 -58.26 55.43
CA THR H 289 13.73 -59.04 54.33
C THR H 289 12.70 -60.06 54.81
N LEU H 290 12.80 -60.48 56.06
CA LEU H 290 11.81 -61.36 56.64
C LEU H 290 10.63 -60.62 57.24
N LYS H 291 10.71 -59.30 57.36
CA LYS H 291 9.66 -58.48 57.99
C LYS H 291 9.40 -58.95 59.42
N SER H 292 10.47 -59.28 60.14
CA SER H 292 10.37 -59.75 61.51
C SER H 292 11.49 -59.18 62.35
N PHE H 293 11.24 -59.03 63.64
CA PHE H 293 12.27 -58.59 64.58
C PHE H 293 12.98 -59.75 65.24
N THR H 294 12.60 -60.98 64.94
CA THR H 294 13.33 -62.17 65.34
C THR H 294 13.48 -63.08 64.12
N VAL H 295 14.59 -63.79 64.05
CA VAL H 295 14.86 -64.69 62.94
C VAL H 295 15.28 -66.04 63.49
N GLU H 296 14.67 -67.10 62.96
CA GLU H 296 14.95 -68.46 63.39
C GLU H 296 16.18 -69.00 62.68
N LYS H 297 16.68 -70.13 63.18
CA LYS H 297 17.88 -70.74 62.63
C LYS H 297 17.70 -71.04 61.15
N GLY H 298 18.68 -70.66 60.35
CA GLY H 298 18.65 -71.00 58.94
C GLY H 298 19.51 -70.06 58.14
N ILE H 299 19.51 -70.30 56.84
CA ILE H 299 20.25 -69.50 55.87
C ILE H 299 19.25 -68.79 54.97
N TYR H 300 19.22 -67.47 55.06
CA TYR H 300 18.25 -66.65 54.36
C TYR H 300 18.97 -65.82 53.30
N GLN H 301 18.45 -65.82 52.08
CA GLN H 301 19.00 -64.98 51.04
C GLN H 301 18.39 -63.58 51.14
N THR H 302 19.24 -62.56 51.14
CA THR H 302 18.83 -61.20 51.41
C THR H 302 19.02 -60.26 50.24
N SER H 303 20.15 -60.30 49.55
CA SER H 303 20.42 -59.35 48.49
C SER H 303 21.25 -60.01 47.39
N ASN H 304 21.48 -59.27 46.32
CA ASN H 304 22.27 -59.73 45.18
C ASN H 304 23.57 -58.95 45.13
N PHE H 305 24.69 -59.65 45.07
CA PHE H 305 25.99 -59.02 44.98
C PHE H 305 26.44 -58.95 43.53
N ARG H 306 26.83 -57.76 43.08
CA ARG H 306 27.19 -57.55 41.69
C ARG H 306 28.51 -56.83 41.60
N VAL H 307 29.44 -57.36 40.80
CA VAL H 307 30.71 -56.69 40.57
C VAL H 307 30.51 -55.61 39.53
N GLN H 308 30.90 -54.37 39.86
CA GLN H 308 30.72 -53.30 38.90
C GLN H 308 32.01 -53.06 38.11
N PRO H 309 31.91 -52.66 36.86
CA PRO H 309 33.11 -52.41 36.06
C PRO H 309 33.88 -51.20 36.58
N THR H 310 35.19 -51.24 36.39
CA THR H 310 36.06 -50.15 36.84
C THR H 310 36.30 -49.13 35.73
N GLU H 311 36.90 -49.56 34.62
CA GLU H 311 37.32 -48.66 33.56
C GLU H 311 36.71 -49.11 32.24
N SER H 312 36.55 -48.15 31.32
CA SER H 312 36.12 -48.46 29.96
C SER H 312 37.36 -48.64 29.08
N ILE H 313 37.28 -49.61 28.18
CA ILE H 313 38.34 -49.87 27.21
C ILE H 313 37.75 -49.73 25.82
N VAL H 314 38.53 -49.17 24.91
CA VAL H 314 38.16 -49.03 23.50
C VAL H 314 39.38 -49.37 22.66
N ARG H 315 39.20 -50.27 21.69
CA ARG H 315 40.27 -50.64 20.78
C ARG H 315 39.74 -50.62 19.36
N PHE H 316 40.50 -50.03 18.45
CA PHE H 316 40.17 -49.98 17.04
C PHE H 316 41.39 -50.35 16.22
N PRO H 317 41.20 -50.84 14.99
CA PRO H 317 42.36 -51.23 14.17
C PRO H 317 43.35 -50.10 13.99
N ASN H 318 44.63 -50.43 13.80
CA ASN H 318 45.75 -49.46 13.82
C ASN H 318 45.61 -48.48 12.65
N ILE H 319 46.28 -47.34 12.73
CA ILE H 319 46.23 -46.31 11.64
C ILE H 319 46.50 -46.97 10.29
N THR H 320 45.58 -46.85 9.34
CA THR H 320 45.73 -47.51 8.01
C THR H 320 46.45 -46.57 7.05
N ASN H 321 46.11 -46.60 5.76
CA ASN H 321 46.71 -45.65 4.86
C ASN H 321 46.02 -44.29 4.98
N LEU H 322 46.81 -43.27 5.31
CA LEU H 322 46.27 -41.93 5.49
C LEU H 322 45.93 -41.30 4.13
N CYS H 323 45.01 -40.33 4.17
CA CYS H 323 44.60 -39.66 2.95
C CYS H 323 45.76 -38.83 2.40
N PRO H 324 45.82 -38.64 1.08
CA PRO H 324 46.92 -37.87 0.50
C PRO H 324 46.83 -36.39 0.81
N PHE H 325 47.73 -35.90 1.67
CA PHE H 325 47.83 -34.48 1.98
C PHE H 325 49.24 -33.96 1.83
N GLY H 326 50.20 -34.78 1.42
CA GLY H 326 51.54 -34.32 1.19
C GLY H 326 51.80 -34.08 -0.29
N GLU H 327 51.09 -34.83 -1.13
CA GLU H 327 51.17 -34.66 -2.58
C GLU H 327 50.24 -33.58 -3.09
N VAL H 328 49.45 -32.97 -2.21
CA VAL H 328 48.58 -31.86 -2.56
C VAL H 328 49.07 -30.55 -1.93
N PHE H 329 49.40 -30.60 -0.64
CA PHE H 329 49.87 -29.42 0.07
C PHE H 329 51.37 -29.21 -0.07
N ASN H 330 52.11 -30.23 -0.49
CA ASN H 330 53.54 -30.10 -0.76
C ASN H 330 53.88 -30.58 -2.16
N ALA H 331 52.95 -30.40 -3.11
CA ALA H 331 53.18 -30.82 -4.48
C ALA H 331 54.26 -29.95 -5.13
N THR H 332 54.88 -30.50 -6.17
CA THR H 332 55.98 -29.80 -6.83
C THR H 332 55.46 -28.67 -7.72
N ARG H 333 54.36 -28.90 -8.45
CA ARG H 333 53.84 -27.94 -9.40
C ARG H 333 52.34 -27.75 -9.20
N PHE H 334 51.91 -26.51 -9.12
CA PHE H 334 50.50 -26.16 -8.98
C PHE H 334 49.91 -25.71 -10.32
N ALA H 335 48.59 -25.77 -10.40
CA ALA H 335 47.88 -25.45 -11.62
C ALA H 335 47.43 -24.00 -11.63
N SER H 336 47.19 -23.48 -12.84
CA SER H 336 46.67 -22.14 -13.02
C SER H 336 45.22 -22.08 -12.55
N VAL H 337 44.78 -20.87 -12.20
CA VAL H 337 43.52 -20.73 -11.48
C VAL H 337 42.33 -21.05 -12.38
N TYR H 338 42.38 -20.64 -13.65
CA TYR H 338 41.28 -20.97 -14.55
C TYR H 338 41.16 -22.47 -14.75
N ALA H 339 42.28 -23.16 -14.91
CA ALA H 339 42.32 -24.62 -14.96
C ALA H 339 42.77 -25.19 -13.62
N TRP H 340 41.96 -24.96 -12.59
CA TRP H 340 42.35 -25.36 -11.24
C TRP H 340 42.39 -26.87 -11.12
N ASN H 341 43.43 -27.37 -10.46
CA ASN H 341 43.65 -28.80 -10.30
C ASN H 341 42.70 -29.34 -9.24
N ARG H 342 41.92 -30.35 -9.61
CA ARG H 342 40.94 -30.96 -8.70
C ARG H 342 41.31 -32.42 -8.47
N LYS H 343 41.27 -32.84 -7.21
CA LYS H 343 41.54 -34.23 -6.83
C LYS H 343 40.49 -34.68 -5.83
N ARG H 344 39.93 -35.86 -6.06
CA ARG H 344 38.90 -36.43 -5.20
C ARG H 344 39.56 -37.42 -4.24
N ILE H 345 39.49 -37.12 -2.94
CA ILE H 345 40.10 -37.93 -1.91
C ILE H 345 39.04 -38.88 -1.37
N SER H 346 39.32 -40.18 -1.39
CA SER H 346 38.36 -41.18 -0.96
C SER H 346 39.09 -42.44 -0.54
N ASN H 347 38.40 -43.25 0.29
CA ASN H 347 38.91 -44.54 0.77
C ASN H 347 40.26 -44.39 1.48
N CYS H 348 40.25 -43.65 2.59
CA CYS H 348 41.49 -43.47 3.40
C CYS H 348 41.10 -42.85 4.75
N VAL H 349 42.06 -42.75 5.68
CA VAL H 349 41.75 -42.04 6.97
C VAL H 349 42.02 -40.55 6.77
N ALA H 350 41.01 -39.70 6.99
CA ALA H 350 41.16 -38.24 6.77
C ALA H 350 41.78 -37.57 8.00
N ASP H 351 43.07 -37.78 8.23
CA ASP H 351 43.76 -37.08 9.34
C ASP H 351 43.96 -35.62 8.97
N TYR H 352 43.62 -34.69 9.87
CA TYR H 352 43.79 -33.25 9.60
C TYR H 352 44.96 -32.71 10.43
N SER H 353 45.64 -33.58 11.19
CA SER H 353 46.70 -33.07 12.04
C SER H 353 47.79 -32.34 11.26
N VAL H 354 48.00 -32.70 10.00
CA VAL H 354 49.02 -32.03 9.21
C VAL H 354 48.64 -30.58 8.97
N LEU H 355 47.35 -30.30 8.81
CA LEU H 355 46.90 -28.93 8.62
C LEU H 355 46.85 -28.14 9.92
N TYR H 356 47.07 -28.80 11.05
CA TYR H 356 47.04 -28.13 12.34
C TYR H 356 48.43 -27.71 12.80
N ASN H 357 49.38 -28.64 12.80
CA ASN H 357 50.74 -28.32 13.22
C ASN H 357 51.43 -27.39 12.23
N SER H 358 51.07 -27.43 10.95
CA SER H 358 51.70 -26.59 9.95
C SER H 358 51.31 -25.15 10.19
N ALA H 359 52.22 -24.37 10.77
CA ALA H 359 51.96 -22.97 11.12
C ALA H 359 52.35 -22.01 10.01
N SER H 360 52.76 -22.52 8.85
CA SER H 360 53.15 -21.68 7.74
C SER H 360 52.01 -21.30 6.82
N PHE H 361 50.78 -21.73 7.13
CA PHE H 361 49.63 -21.33 6.32
C PHE H 361 49.32 -19.86 6.55
N SER H 362 49.14 -19.12 5.46
CA SER H 362 48.75 -17.72 5.55
C SER H 362 47.27 -17.54 5.82
N THR H 363 46.47 -18.60 5.68
CA THR H 363 45.04 -18.51 5.87
C THR H 363 44.47 -19.91 6.03
N PHE H 364 43.67 -20.11 7.09
CA PHE H 364 42.91 -21.35 7.29
C PHE H 364 41.53 -20.90 7.78
N LYS H 365 40.58 -20.80 6.86
CA LYS H 365 39.24 -20.32 7.19
C LYS H 365 38.21 -21.38 6.83
N CYS H 366 37.23 -21.58 7.70
CA CYS H 366 36.22 -22.62 7.53
C CYS H 366 34.83 -22.03 7.47
N TYR H 367 33.97 -22.65 6.68
CA TYR H 367 32.61 -22.19 6.46
C TYR H 367 31.63 -23.32 6.75
N GLY H 368 30.63 -23.03 7.56
CA GLY H 368 29.60 -23.99 7.91
C GLY H 368 29.99 -24.99 8.97
N VAL H 369 31.29 -25.27 9.11
CA VAL H 369 31.79 -26.23 10.06
C VAL H 369 32.91 -25.59 10.86
N SER H 370 33.17 -26.16 12.04
CA SER H 370 34.24 -25.66 12.89
C SER H 370 35.60 -26.01 12.28
N PRO H 371 36.60 -25.16 12.47
CA PRO H 371 37.96 -25.49 12.00
C PRO H 371 38.59 -26.67 12.73
N THR H 372 38.02 -27.11 13.86
CA THR H 372 38.58 -28.19 14.64
C THR H 372 37.69 -29.42 14.73
N LYS H 373 36.37 -29.29 14.56
CA LYS H 373 35.45 -30.41 14.67
C LYS H 373 35.27 -31.16 13.36
N LEU H 374 36.26 -31.11 12.47
CA LEU H 374 36.11 -31.73 11.16
C LEU H 374 36.22 -33.25 11.24
N ASN H 375 37.07 -33.76 12.13
CA ASN H 375 37.31 -35.20 12.20
C ASN H 375 36.09 -35.96 12.69
N ASP H 376 35.21 -35.32 13.47
CA ASP H 376 34.09 -36.03 14.06
C ASP H 376 33.10 -36.50 13.00
N LEU H 377 32.66 -35.58 12.14
CA LEU H 377 31.69 -35.89 11.10
C LEU H 377 32.42 -36.16 9.79
N CYS H 378 31.97 -37.18 9.07
CA CYS H 378 32.68 -37.59 7.87
C CYS H 378 31.72 -38.02 6.78
N PHE H 379 32.21 -37.98 5.54
CA PHE H 379 31.38 -38.00 4.35
C PHE H 379 31.97 -39.00 3.37
N PHE H 380 31.42 -38.98 2.16
CA PHE H 380 31.82 -39.95 1.14
C PHE H 380 33.16 -39.54 0.52
N ASN H 381 33.24 -38.32 -0.02
CA ASN H 381 34.40 -37.86 -0.77
C ASN H 381 34.95 -36.58 -0.18
N VAL H 382 36.25 -36.38 -0.38
CA VAL H 382 36.91 -35.12 -0.07
C VAL H 382 37.52 -34.61 -1.37
N TYR H 383 37.17 -33.37 -1.73
CA TYR H 383 37.69 -32.75 -2.95
C TYR H 383 38.74 -31.71 -2.60
N ALA H 384 39.88 -31.79 -3.28
CA ALA H 384 40.96 -30.83 -3.13
C ALA H 384 41.09 -30.06 -4.44
N ASP H 385 40.76 -28.77 -4.41
CA ASP H 385 40.91 -27.88 -5.55
C ASP H 385 42.12 -26.99 -5.30
N SER H 386 43.18 -27.18 -6.07
CA SER H 386 44.43 -26.48 -5.87
C SER H 386 44.73 -25.61 -7.08
N PHE H 387 45.06 -24.34 -6.83
CA PHE H 387 45.41 -23.41 -7.89
C PHE H 387 46.25 -22.29 -7.28
N VAL H 388 46.69 -21.37 -8.12
CA VAL H 388 47.55 -20.26 -7.72
C VAL H 388 46.90 -18.96 -8.16
N ILE H 389 46.78 -18.02 -7.24
CA ILE H 389 46.27 -16.69 -7.53
C ILE H 389 47.19 -15.66 -6.88
N ARG H 390 46.81 -14.40 -6.98
CA ARG H 390 47.54 -13.31 -6.36
C ARG H 390 46.95 -13.00 -4.98
N GLY H 391 47.76 -12.38 -4.13
CA GLY H 391 47.32 -12.06 -2.79
C GLY H 391 46.13 -11.12 -2.77
N ASP H 392 46.06 -10.22 -3.76
CA ASP H 392 45.01 -9.22 -3.78
C ASP H 392 43.62 -9.83 -3.94
N GLU H 393 43.53 -11.05 -4.47
CA GLU H 393 42.26 -11.69 -4.73
C GLU H 393 42.04 -12.93 -3.86
N VAL H 394 42.92 -13.16 -2.88
CA VAL H 394 42.74 -14.31 -1.99
C VAL H 394 41.46 -14.18 -1.19
N ARG H 395 41.14 -12.96 -0.74
CA ARG H 395 39.91 -12.75 0.02
C ARG H 395 38.67 -13.05 -0.80
N GLN H 396 38.80 -13.13 -2.12
CA GLN H 396 37.66 -13.41 -2.99
C GLN H 396 37.34 -14.89 -3.09
N ILE H 397 38.18 -15.75 -2.52
CA ILE H 397 37.87 -17.19 -2.47
C ILE H 397 37.03 -17.38 -1.21
N ALA H 398 35.73 -17.11 -1.36
CA ALA H 398 34.78 -17.19 -0.26
C ALA H 398 33.37 -17.08 -0.83
N PRO H 399 32.37 -17.66 -0.16
CA PRO H 399 30.99 -17.48 -0.63
C PRO H 399 30.59 -16.01 -0.62
N GLY H 400 29.78 -15.65 -1.59
CA GLY H 400 29.32 -14.27 -1.71
C GLY H 400 30.40 -13.27 -2.02
N GLN H 401 31.34 -13.64 -2.88
CA GLN H 401 32.41 -12.74 -3.30
C GLN H 401 32.28 -12.45 -4.78
N THR H 402 32.67 -11.23 -5.17
CA THR H 402 32.69 -10.83 -6.57
C THR H 402 34.02 -10.19 -6.90
N GLY H 403 34.49 -10.47 -8.10
CA GLY H 403 35.76 -9.93 -8.57
C GLY H 403 36.18 -10.63 -9.84
N LYS H 404 37.38 -10.26 -10.30
CA LYS H 404 37.92 -10.86 -11.50
C LYS H 404 38.15 -12.36 -11.36
N ILE H 405 38.33 -12.84 -10.14
CA ILE H 405 38.51 -14.27 -9.90
C ILE H 405 37.24 -14.94 -9.41
N ALA H 406 36.45 -14.27 -8.57
CA ALA H 406 35.29 -14.88 -7.92
C ALA H 406 34.18 -15.24 -8.88
N ASP H 407 34.21 -14.74 -10.12
CA ASP H 407 33.15 -15.06 -11.06
C ASP H 407 33.64 -15.47 -12.44
N TYR H 408 34.94 -15.40 -12.71
CA TYR H 408 35.48 -15.78 -14.01
C TYR H 408 36.42 -16.97 -13.94
N ASN H 409 36.89 -17.35 -12.77
CA ASN H 409 37.85 -18.45 -12.67
C ASN H 409 37.50 -19.47 -11.60
N TYR H 410 36.83 -19.05 -10.52
CA TYR H 410 36.46 -19.98 -9.44
C TYR H 410 35.40 -19.32 -8.59
N LYS H 411 34.26 -19.97 -8.42
CA LYS H 411 33.16 -19.44 -7.65
C LYS H 411 32.76 -20.43 -6.56
N LEU H 412 32.40 -19.90 -5.39
CA LEU H 412 31.92 -20.73 -4.30
C LEU H 412 30.42 -20.54 -4.11
N PRO H 413 29.69 -21.60 -3.77
CA PRO H 413 28.24 -21.47 -3.59
C PRO H 413 27.91 -20.60 -2.38
N ASP H 414 26.67 -20.11 -2.37
CA ASP H 414 26.20 -19.28 -1.27
C ASP H 414 26.29 -20.01 0.07
N ASP H 415 25.91 -21.28 0.09
CA ASP H 415 26.17 -22.17 1.21
C ASP H 415 27.32 -23.08 0.84
N PHE H 416 28.28 -23.23 1.75
CA PHE H 416 29.48 -23.99 1.46
C PHE H 416 29.79 -24.93 2.62
N THR H 417 30.27 -26.12 2.29
CA THR H 417 30.65 -27.14 3.27
C THR H 417 32.12 -27.44 3.05
N GLY H 418 32.99 -26.68 3.69
CA GLY H 418 34.41 -26.87 3.53
C GLY H 418 35.20 -25.73 4.14
N CYS H 419 36.49 -25.72 3.83
CA CYS H 419 37.42 -24.70 4.32
C CYS H 419 38.38 -24.34 3.21
N VAL H 420 38.97 -23.15 3.32
CA VAL H 420 39.92 -22.65 2.34
C VAL H 420 41.27 -22.44 3.01
N ILE H 421 42.33 -22.83 2.32
CA ILE H 421 43.69 -22.70 2.82
C ILE H 421 44.56 -22.10 1.71
N ALA H 422 45.36 -21.10 2.06
CA ALA H 422 46.22 -20.44 1.09
C ALA H 422 47.49 -19.95 1.77
N TRP H 423 48.64 -20.25 1.18
CA TRP H 423 49.92 -19.86 1.74
C TRP H 423 50.77 -19.22 0.66
N ASN H 424 51.66 -18.32 1.08
CA ASN H 424 52.52 -17.62 0.15
C ASN H 424 53.49 -18.60 -0.51
N SER H 425 53.61 -18.49 -1.82
CA SER H 425 54.52 -19.36 -2.58
C SER H 425 55.34 -18.52 -3.55
N ASN H 426 55.89 -17.42 -3.05
CA ASN H 426 56.73 -16.58 -3.89
C ASN H 426 57.99 -17.30 -4.33
N ASN H 427 58.55 -18.14 -3.46
CA ASN H 427 59.79 -18.83 -3.75
C ASN H 427 59.59 -20.07 -4.60
N LEU H 428 58.35 -20.42 -4.92
CA LEU H 428 58.05 -21.63 -5.69
C LEU H 428 57.46 -21.34 -7.06
N ASP H 429 56.85 -20.18 -7.25
CA ASP H 429 56.15 -19.86 -8.48
C ASP H 429 56.64 -18.57 -9.13
N SER H 430 57.68 -17.94 -8.59
CA SER H 430 58.20 -16.69 -9.11
C SER H 430 59.66 -16.87 -9.51
N LYS H 431 59.99 -16.46 -10.73
CA LYS H 431 61.35 -16.58 -11.25
C LYS H 431 61.84 -15.20 -11.70
N VAL H 432 63.12 -15.17 -12.05
CA VAL H 432 63.76 -13.92 -12.47
C VAL H 432 63.21 -13.49 -13.83
N GLY H 433 62.99 -12.19 -13.98
CA GLY H 433 62.42 -11.66 -15.20
C GLY H 433 60.92 -11.77 -15.31
N GLY H 434 60.24 -12.21 -14.26
CA GLY H 434 58.80 -12.36 -14.29
C GLY H 434 58.38 -13.75 -14.70
N ASN H 435 57.58 -14.41 -13.87
CA ASN H 435 57.07 -15.73 -14.15
C ASN H 435 55.70 -15.57 -14.80
N TYR H 436 55.57 -16.01 -16.06
CA TYR H 436 54.34 -15.86 -16.82
C TYR H 436 53.77 -17.20 -17.23
N ASN H 437 54.01 -18.25 -16.44
CA ASN H 437 53.51 -19.57 -16.74
C ASN H 437 52.15 -19.85 -16.10
N TYR H 438 51.61 -18.90 -15.36
CA TYR H 438 50.27 -19.01 -14.77
C TYR H 438 49.36 -17.99 -15.43
N LEU H 439 48.14 -18.38 -15.72
CA LEU H 439 47.18 -17.52 -16.40
C LEU H 439 45.93 -17.36 -15.57
N TYR H 440 44.98 -16.59 -16.10
CA TYR H 440 43.65 -16.47 -15.51
C TYR H 440 42.69 -15.90 -16.55
N ARG H 441 41.42 -15.95 -16.23
CA ARG H 441 40.37 -15.49 -17.13
C ARG H 441 39.89 -14.11 -16.71
N LEU H 442 39.94 -13.16 -17.64
CA LEU H 442 39.52 -11.79 -17.38
C LEU H 442 38.20 -11.43 -18.02
N PHE H 443 37.86 -12.07 -19.14
CA PHE H 443 36.64 -11.76 -19.88
C PHE H 443 35.76 -13.00 -19.94
N ARG H 444 34.48 -12.84 -19.60
CA ARG H 444 33.52 -13.93 -19.73
C ARG H 444 32.13 -13.35 -19.83
N LYS H 445 31.27 -14.04 -20.60
CA LYS H 445 29.92 -13.54 -20.84
C LYS H 445 29.10 -13.51 -19.55
N SER H 446 29.16 -14.58 -18.76
CA SER H 446 28.32 -14.72 -17.58
C SER H 446 29.15 -15.21 -16.41
N ASN H 447 28.69 -14.90 -15.21
CA ASN H 447 29.39 -15.33 -14.01
C ASN H 447 29.40 -16.85 -13.91
N LEU H 448 30.52 -17.39 -13.44
CA LEU H 448 30.69 -18.83 -13.38
C LEU H 448 29.82 -19.43 -12.27
N LYS H 449 29.11 -20.51 -12.61
CA LYS H 449 28.40 -21.28 -11.62
C LYS H 449 29.39 -21.90 -10.65
N PRO H 450 29.06 -22.00 -9.36
CA PRO H 450 30.01 -22.54 -8.40
C PRO H 450 30.47 -23.94 -8.78
N PHE H 451 31.75 -24.21 -8.51
CA PHE H 451 32.37 -25.50 -8.81
C PHE H 451 32.26 -25.83 -10.30
N GLU H 452 32.49 -24.84 -11.15
CA GLU H 452 32.52 -25.02 -12.59
C GLU H 452 33.84 -24.51 -13.12
N ARG H 453 34.46 -25.28 -14.00
CA ARG H 453 35.73 -24.90 -14.61
C ARG H 453 35.50 -24.63 -16.09
N ASP H 454 36.06 -23.51 -16.58
CA ASP H 454 35.94 -23.10 -17.97
C ASP H 454 37.34 -22.89 -18.54
N ILE H 455 37.83 -23.89 -19.27
CA ILE H 455 39.14 -23.82 -19.89
C ILE H 455 39.09 -23.33 -21.33
N SER H 456 37.91 -22.97 -21.82
CA SER H 456 37.76 -22.49 -23.19
C SER H 456 38.54 -21.19 -23.39
N THR H 457 39.24 -21.10 -24.51
CA THR H 457 40.04 -19.93 -24.85
C THR H 457 39.48 -19.19 -26.07
N GLU H 458 38.17 -19.14 -26.19
CA GLU H 458 37.55 -18.44 -27.30
C GLU H 458 37.79 -16.94 -27.19
N ILE H 459 37.83 -16.28 -28.36
CA ILE H 459 38.12 -14.86 -28.40
C ILE H 459 36.88 -14.08 -27.96
N TYR H 460 37.05 -13.19 -26.98
CA TYR H 460 35.94 -12.48 -26.39
C TYR H 460 35.48 -11.34 -27.30
N GLN H 461 34.17 -11.20 -27.45
CA GLN H 461 33.58 -10.12 -28.25
C GLN H 461 33.00 -9.09 -27.30
N ALA H 462 33.77 -8.03 -27.04
CA ALA H 462 33.33 -6.98 -26.13
C ALA H 462 32.32 -6.03 -26.75
N GLY H 463 32.36 -5.82 -28.06
CA GLY H 463 31.48 -4.86 -28.69
C GLY H 463 30.30 -5.52 -29.38
N SER H 464 30.01 -5.10 -30.62
CA SER H 464 28.92 -5.65 -31.39
C SER H 464 29.38 -6.36 -32.65
N THR H 465 30.66 -6.29 -32.99
CA THR H 465 31.18 -6.94 -34.18
C THR H 465 31.70 -8.31 -33.82
N PRO H 466 31.11 -9.39 -34.31
CA PRO H 466 31.64 -10.73 -34.00
C PRO H 466 33.08 -10.88 -34.46
N CYS H 467 33.87 -11.55 -33.65
CA CYS H 467 35.31 -11.65 -33.86
C CYS H 467 35.67 -12.76 -34.84
N ASN H 468 35.09 -13.94 -34.66
CA ASN H 468 35.44 -15.12 -35.46
C ASN H 468 36.91 -15.46 -35.33
N GLY H 469 37.48 -15.26 -34.15
CA GLY H 469 38.86 -15.62 -33.88
C GLY H 469 39.89 -14.82 -34.66
N VAL H 470 39.97 -13.52 -34.38
CA VAL H 470 40.91 -12.66 -35.10
C VAL H 470 41.83 -11.96 -34.13
N GLU H 471 41.36 -11.74 -32.90
CA GLU H 471 42.11 -11.06 -31.84
C GLU H 471 42.60 -9.69 -32.31
N GLY H 472 41.65 -8.81 -32.57
CA GLY H 472 41.97 -7.46 -33.00
C GLY H 472 41.29 -6.39 -32.17
N PHE H 473 40.77 -5.37 -32.83
CA PHE H 473 40.06 -4.29 -32.13
C PHE H 473 38.74 -4.81 -31.58
N ASN H 474 38.48 -4.50 -30.31
CA ASN H 474 37.28 -4.96 -29.60
C ASN H 474 37.15 -6.47 -29.61
N CYS H 475 38.29 -7.17 -29.63
CA CYS H 475 38.32 -8.63 -29.56
C CYS H 475 39.55 -9.02 -28.74
N TYR H 476 39.33 -9.68 -27.61
CA TYR H 476 40.39 -9.91 -26.64
C TYR H 476 40.56 -11.39 -26.33
N PHE H 477 41.77 -11.74 -25.91
CA PHE H 477 42.11 -13.10 -25.49
C PHE H 477 41.97 -13.17 -23.98
N PRO H 478 40.99 -13.91 -23.45
CA PRO H 478 40.69 -13.82 -22.00
C PRO H 478 41.81 -14.32 -21.11
N LEU H 479 42.73 -15.12 -21.62
CA LEU H 479 43.74 -15.75 -20.77
C LEU H 479 44.87 -14.77 -20.51
N GLN H 480 44.69 -13.93 -19.51
CA GLN H 480 45.72 -12.99 -19.09
C GLN H 480 46.74 -13.68 -18.20
N SER H 481 48.01 -13.36 -18.41
CA SER H 481 49.08 -13.93 -17.61
C SER H 481 49.26 -13.14 -16.32
N TYR H 482 50.10 -13.67 -15.44
CA TYR H 482 50.38 -13.07 -14.14
C TYR H 482 51.80 -12.52 -14.14
N GLY H 483 51.97 -11.34 -13.56
CA GLY H 483 53.28 -10.75 -13.44
C GLY H 483 53.98 -11.15 -12.16
N PHE H 484 54.45 -12.40 -12.09
CA PHE H 484 55.05 -12.93 -10.88
C PHE H 484 56.56 -12.79 -10.95
N GLN H 485 57.12 -11.90 -10.13
CA GLN H 485 58.55 -11.71 -9.99
C GLN H 485 58.91 -11.61 -8.52
N PRO H 486 60.13 -12.01 -8.15
CA PRO H 486 60.49 -11.99 -6.72
C PRO H 486 60.48 -10.60 -6.09
N THR H 487 60.59 -9.55 -6.90
CA THR H 487 60.65 -8.19 -6.38
C THR H 487 59.27 -7.58 -6.16
N ASN H 488 58.20 -8.34 -6.38
CA ASN H 488 56.86 -7.83 -6.09
C ASN H 488 56.71 -7.59 -4.59
N GLY H 489 55.69 -6.82 -4.25
CA GLY H 489 55.35 -6.62 -2.86
C GLY H 489 54.73 -7.88 -2.28
N VAL H 490 54.46 -7.82 -0.98
CA VAL H 490 53.87 -8.97 -0.30
C VAL H 490 52.51 -9.31 -0.91
N GLY H 491 51.69 -8.29 -1.14
CA GLY H 491 50.35 -8.54 -1.68
C GLY H 491 50.34 -8.95 -3.13
N TYR H 492 51.40 -8.65 -3.88
CA TYR H 492 51.47 -9.00 -5.29
C TYR H 492 52.23 -10.29 -5.55
N GLN H 493 52.68 -10.97 -4.50
CA GLN H 493 53.34 -12.26 -4.64
C GLN H 493 52.31 -13.35 -4.87
N PRO H 494 52.69 -14.43 -5.54
CA PRO H 494 51.73 -15.53 -5.76
C PRO H 494 51.34 -16.20 -4.45
N TYR H 495 50.11 -16.71 -4.42
CA TYR H 495 49.60 -17.46 -3.28
C TYR H 495 49.07 -18.79 -3.78
N ARG H 496 49.58 -19.88 -3.24
CA ARG H 496 49.03 -21.20 -3.55
C ARG H 496 47.80 -21.43 -2.69
N VAL H 497 46.68 -21.70 -3.34
CA VAL H 497 45.39 -21.85 -2.67
C VAL H 497 44.90 -23.26 -2.89
N VAL H 498 44.45 -23.91 -1.82
CA VAL H 498 43.86 -25.24 -1.86
C VAL H 498 42.54 -25.18 -1.11
N VAL H 499 41.47 -25.65 -1.75
CA VAL H 499 40.13 -25.61 -1.18
C VAL H 499 39.65 -27.04 -0.99
N LEU H 500 39.15 -27.33 0.21
CA LEU H 500 38.66 -28.65 0.56
C LEU H 500 37.15 -28.61 0.70
N SER H 501 36.45 -29.44 -0.07
CA SER H 501 35.00 -29.50 -0.07
C SER H 501 34.56 -30.92 0.30
N PHE H 502 33.53 -31.00 1.13
CA PHE H 502 32.99 -32.26 1.61
C PHE H 502 31.62 -32.47 0.99
N GLU H 503 31.42 -33.59 0.32
CA GLU H 503 30.12 -33.93 -0.23
C GLU H 503 29.65 -35.23 0.41
N LEU H 504 28.41 -35.25 0.88
CA LEU H 504 27.84 -36.43 1.50
C LEU H 504 26.52 -36.75 0.80
N LEU H 505 26.37 -38.02 0.40
CA LEU H 505 25.14 -38.48 -0.22
C LEU H 505 24.76 -39.80 0.42
N HIS H 506 23.68 -40.42 -0.09
CA HIS H 506 23.18 -41.66 0.48
C HIS H 506 24.01 -42.82 -0.09
N ALA H 507 25.20 -43.00 0.48
CA ALA H 507 26.15 -43.99 0.01
C ALA H 507 27.16 -44.24 1.13
N PRO H 508 27.87 -45.36 1.09
CA PRO H 508 28.86 -45.65 2.16
C PRO H 508 29.92 -44.58 2.25
N ALA H 509 30.20 -44.14 3.48
CA ALA H 509 31.24 -43.15 3.74
C ALA H 509 32.42 -43.83 4.40
N THR H 510 33.60 -43.71 3.79
CA THR H 510 34.80 -44.41 4.26
C THR H 510 35.97 -43.47 4.48
N VAL H 511 35.69 -42.16 4.59
CA VAL H 511 36.80 -41.19 4.73
C VAL H 511 36.57 -40.40 6.03
N CYS H 512 37.21 -40.85 7.11
CA CYS H 512 37.07 -40.15 8.42
C CYS H 512 38.42 -40.13 9.14
N GLY H 513 38.48 -39.49 10.30
CA GLY H 513 39.76 -39.36 11.03
C GLY H 513 40.12 -40.63 11.77
N PRO H 514 41.04 -40.59 12.75
CA PRO H 514 41.36 -41.77 13.57
C PRO H 514 40.37 -41.90 14.73
N LYS H 515 40.38 -43.23 15.12
CA LYS H 515 39.46 -43.56 16.24
C LYS H 515 40.24 -43.74 17.54
N LYS H 516 39.54 -44.01 18.64
CA LYS H 516 40.20 -44.19 19.95
C LYS H 516 40.79 -45.60 20.05
N SER H 517 41.89 -45.74 20.80
CA SER H 517 42.54 -47.06 20.94
C SER H 517 43.39 -47.05 22.22
N THR H 518 42.81 -47.45 23.34
CA THR H 518 43.51 -47.40 24.62
C THR H 518 44.37 -48.65 24.79
N ASN H 519 45.14 -48.66 25.88
CA ASN H 519 45.92 -49.84 26.22
C ASN H 519 44.99 -50.98 26.64
N LEU H 520 45.47 -52.20 26.47
CA LEU H 520 44.69 -53.39 26.78
C LEU H 520 44.91 -53.80 28.24
N VAL H 521 43.82 -53.95 28.97
CA VAL H 521 43.86 -54.43 30.36
C VAL H 521 43.06 -55.71 30.46
N LYS H 522 43.57 -56.66 31.22
CA LYS H 522 42.99 -57.98 31.35
C LYS H 522 42.78 -58.28 32.83
N ASN H 523 42.00 -59.32 33.10
CA ASN H 523 41.76 -59.78 34.47
C ASN H 523 41.11 -58.70 35.33
N LYS H 524 40.10 -58.03 34.79
CA LYS H 524 39.35 -57.03 35.53
C LYS H 524 38.06 -56.75 34.78
N CYS H 525 36.96 -56.63 35.52
CA CYS H 525 35.66 -56.38 34.89
C CYS H 525 35.68 -55.00 34.25
N VAL H 526 35.79 -54.96 32.92
CA VAL H 526 35.90 -53.73 32.15
C VAL H 526 34.67 -53.59 31.27
N ASN H 527 34.44 -52.37 30.81
CA ASN H 527 33.32 -52.05 29.92
C ASN H 527 33.87 -51.91 28.50
N PHE H 528 34.22 -53.04 27.89
CA PHE H 528 34.97 -53.00 26.64
C PHE H 528 34.09 -52.54 25.49
N ASN H 529 34.75 -52.04 24.45
CA ASN H 529 34.09 -51.68 23.19
C ASN H 529 35.17 -51.86 22.13
N PHE H 530 35.16 -53.01 21.47
CA PHE H 530 36.09 -53.30 20.40
C PHE H 530 35.57 -52.73 19.09
N ASN H 531 36.10 -53.18 17.97
CA ASN H 531 35.73 -52.62 16.69
C ASN H 531 34.28 -52.97 16.35
N GLY H 532 33.35 -52.37 17.10
CA GLY H 532 31.94 -52.51 16.80
C GLY H 532 31.07 -53.02 17.93
N LEU H 533 31.54 -54.01 18.68
CA LEU H 533 30.72 -54.64 19.70
C LEU H 533 31.03 -54.10 21.08
N THR H 534 29.98 -53.89 21.87
CA THR H 534 30.08 -53.31 23.20
C THR H 534 29.58 -54.30 24.22
N GLY H 535 30.33 -54.45 25.31
CA GLY H 535 29.92 -55.39 26.34
C GLY H 535 30.78 -55.20 27.57
N THR H 536 30.41 -55.93 28.61
CA THR H 536 31.10 -55.91 29.90
C THR H 536 31.61 -57.31 30.18
N GLY H 537 32.85 -57.41 30.64
CA GLY H 537 33.39 -58.73 30.89
C GLY H 537 34.77 -58.67 31.51
N VAL H 538 35.42 -59.82 31.52
CA VAL H 538 36.76 -59.96 32.07
C VAL H 538 37.61 -60.62 30.99
N LEU H 539 38.37 -59.82 30.25
CA LEU H 539 39.17 -60.34 29.16
C LEU H 539 40.38 -61.09 29.71
N THR H 540 40.63 -62.28 29.15
CA THR H 540 41.78 -63.09 29.53
C THR H 540 42.46 -63.62 28.27
N GLU H 541 43.75 -63.92 28.39
CA GLU H 541 44.49 -64.50 27.28
C GLU H 541 43.89 -65.83 26.88
N SER H 542 43.27 -65.88 25.71
CA SER H 542 42.45 -67.02 25.33
C SER H 542 43.32 -68.17 24.82
N ASN H 543 42.65 -69.22 24.34
CA ASN H 543 43.32 -70.36 23.75
C ASN H 543 42.70 -70.81 22.43
N LYS H 544 41.55 -70.28 22.05
CA LYS H 544 40.93 -70.65 20.79
C LYS H 544 41.77 -70.15 19.63
N LYS H 545 41.69 -70.87 18.51
CA LYS H 545 42.42 -70.50 17.30
C LYS H 545 41.42 -70.06 16.24
N PHE H 546 41.17 -68.76 16.17
CA PHE H 546 40.22 -68.23 15.21
C PHE H 546 40.71 -68.45 13.78
N LEU H 547 39.78 -68.38 12.85
CA LEU H 547 40.13 -68.39 11.43
C LEU H 547 40.74 -67.04 11.05
N PRO H 548 41.45 -66.99 9.91
CA PRO H 548 42.09 -65.73 9.52
C PRO H 548 41.16 -64.55 9.43
N PHE H 549 39.92 -64.76 8.99
CA PHE H 549 39.00 -63.67 8.71
C PHE H 549 37.99 -63.42 9.82
N GLN H 550 38.09 -64.12 10.94
CA GLN H 550 37.07 -64.07 11.97
C GLN H 550 37.45 -63.14 13.10
N GLN H 551 36.48 -62.35 13.55
CA GLN H 551 36.69 -61.34 14.57
C GLN H 551 35.79 -61.51 15.78
N PHE H 552 34.88 -62.47 15.76
CA PHE H 552 33.87 -62.67 16.79
C PHE H 552 33.99 -64.06 17.38
N GLY H 553 33.29 -64.27 18.49
CA GLY H 553 33.17 -65.58 19.08
C GLY H 553 31.78 -65.75 19.67
N ARG H 554 31.19 -66.93 19.54
CA ARG H 554 29.85 -67.12 20.04
C ARG H 554 29.68 -68.53 20.60
N ASP H 555 28.73 -68.66 21.52
CA ASP H 555 28.37 -69.92 22.15
C ASP H 555 27.10 -70.47 21.52
N ILE H 556 26.58 -71.56 22.09
CA ILE H 556 25.35 -72.15 21.58
C ILE H 556 24.19 -71.19 21.77
N ALA H 557 24.16 -70.47 22.88
CA ALA H 557 23.08 -69.54 23.18
C ALA H 557 23.20 -68.22 22.44
N ASP H 558 24.06 -68.15 21.43
CA ASP H 558 24.31 -66.91 20.67
C ASP H 558 24.70 -65.77 21.61
N THR H 559 25.60 -66.05 22.53
CA THR H 559 26.15 -65.05 23.44
C THR H 559 27.62 -64.84 23.12
N THR H 560 28.03 -63.57 23.08
CA THR H 560 29.40 -63.25 22.70
C THR H 560 30.37 -63.84 23.71
N ASP H 561 31.38 -64.55 23.21
CA ASP H 561 32.31 -65.29 24.06
C ASP H 561 33.74 -64.83 23.90
N ALA H 562 34.24 -64.73 22.68
CA ALA H 562 35.63 -64.38 22.43
C ALA H 562 35.70 -63.29 21.39
N VAL H 563 36.76 -62.49 21.46
CA VAL H 563 36.98 -61.37 20.54
C VAL H 563 38.44 -61.38 20.12
N ARG H 564 38.69 -61.09 18.85
CA ARG H 564 40.04 -60.93 18.35
C ARG H 564 40.42 -59.46 18.35
N ASP H 565 41.51 -59.13 19.02
CA ASP H 565 41.92 -57.74 19.17
C ASP H 565 42.36 -57.18 17.82
N PRO H 566 41.76 -56.10 17.34
CA PRO H 566 42.11 -55.58 16.01
C PRO H 566 43.56 -55.14 15.89
N GLN H 567 44.13 -54.56 16.94
CA GLN H 567 45.49 -54.04 16.86
C GLN H 567 46.50 -55.17 16.86
N THR H 568 46.53 -55.95 17.94
CA THR H 568 47.34 -57.16 18.02
C THR H 568 46.40 -58.35 17.81
N LEU H 569 46.66 -59.13 16.76
CA LEU H 569 45.72 -60.18 16.39
C LEU H 569 45.76 -61.33 17.40
N GLU H 570 45.31 -61.06 18.62
CA GLU H 570 45.28 -62.06 19.69
C GLU H 570 43.85 -62.23 20.15
N ILE H 571 43.47 -63.49 20.38
CA ILE H 571 42.11 -63.82 20.76
C ILE H 571 41.96 -63.69 22.27
N LEU H 572 40.85 -63.11 22.72
CA LEU H 572 40.59 -62.85 24.12
C LEU H 572 39.33 -63.56 24.56
N ASP H 573 39.38 -64.23 25.71
CA ASP H 573 38.20 -64.83 26.29
C ASP H 573 37.44 -63.82 27.13
N ILE H 574 36.12 -63.88 27.06
CA ILE H 574 35.25 -62.96 27.80
C ILE H 574 34.43 -63.78 28.78
N THR H 575 34.56 -63.46 30.07
CA THR H 575 33.74 -64.07 31.10
C THR H 575 33.09 -62.94 31.89
N PRO H 576 31.77 -62.92 32.04
CA PRO H 576 31.13 -61.82 32.78
C PRO H 576 31.65 -61.75 34.20
N CYS H 577 31.84 -60.52 34.68
CA CYS H 577 32.35 -60.35 36.03
C CYS H 577 31.34 -60.86 37.04
N SER H 578 31.86 -61.39 38.16
CA SER H 578 31.10 -62.26 39.03
C SER H 578 29.84 -61.57 39.56
N PHE H 579 28.76 -62.34 39.63
CA PHE H 579 27.50 -61.92 40.21
C PHE H 579 26.97 -63.07 41.05
N GLY H 580 25.78 -62.90 41.60
CA GLY H 580 25.22 -63.96 42.39
C GLY H 580 24.31 -63.40 43.46
N GLY H 581 24.22 -64.13 44.57
CA GLY H 581 23.35 -63.75 45.66
C GLY H 581 24.09 -63.78 46.98
N VAL H 582 23.51 -63.10 47.96
CA VAL H 582 24.07 -63.02 49.30
C VAL H 582 23.12 -63.71 50.25
N SER H 583 23.63 -64.67 51.01
CA SER H 583 22.83 -65.40 51.98
C SER H 583 23.47 -65.26 53.35
N VAL H 584 22.63 -65.05 54.36
CA VAL H 584 23.07 -64.77 55.72
C VAL H 584 22.83 -66.00 56.57
N ILE H 585 23.91 -66.69 56.93
CA ILE H 585 23.81 -67.90 57.74
C ILE H 585 23.77 -67.50 59.20
N THR H 586 22.67 -67.86 59.89
CA THR H 586 22.51 -67.40 61.25
C THR H 586 21.86 -68.42 62.15
N PRO H 587 22.31 -68.58 63.39
CA PRO H 587 21.47 -69.20 64.41
C PRO H 587 20.39 -68.22 64.83
N GLY H 588 19.41 -68.73 65.56
CA GLY H 588 18.29 -67.88 65.94
C GLY H 588 18.72 -66.72 66.81
N THR H 589 18.05 -65.59 66.65
CA THR H 589 18.28 -64.48 67.56
C THR H 589 17.95 -64.85 68.99
N ASN H 590 17.14 -65.89 69.19
CA ASN H 590 16.94 -66.45 70.52
C ASN H 590 18.25 -66.97 71.10
N THR H 591 19.24 -67.23 70.27
CA THR H 591 20.54 -67.71 70.73
C THR H 591 21.62 -66.62 70.67
N SER H 592 21.81 -66.02 69.50
CA SER H 592 22.89 -65.06 69.32
C SER H 592 22.55 -64.14 68.16
N ASN H 593 23.35 -63.08 68.03
CA ASN H 593 23.23 -62.12 66.94
C ASN H 593 24.45 -62.15 66.02
N GLU H 594 25.22 -63.22 66.06
CA GLU H 594 26.43 -63.37 65.25
C GLU H 594 26.09 -64.17 64.00
N VAL H 595 26.30 -63.57 62.83
CA VAL H 595 25.90 -64.18 61.58
C VAL H 595 27.12 -64.38 60.70
N ALA H 596 26.98 -65.26 59.72
CA ALA H 596 28.00 -65.53 58.72
C ALA H 596 27.40 -65.33 57.35
N VAL H 597 28.14 -64.69 56.46
CA VAL H 597 27.64 -64.30 55.14
C VAL H 597 28.30 -65.16 54.08
N LEU H 598 27.50 -65.67 53.16
CA LEU H 598 27.98 -66.49 52.05
C LEU H 598 27.67 -65.79 50.74
N TYR H 599 28.69 -65.64 49.91
CA TYR H 599 28.54 -65.06 48.58
C TYR H 599 28.57 -66.21 47.58
N GLN H 600 27.47 -66.41 46.87
CA GLN H 600 27.33 -67.60 46.04
C GLN H 600 28.10 -67.45 44.73
N ASP H 601 28.88 -68.47 44.40
CA ASP H 601 29.63 -68.53 43.14
C ASP H 601 30.58 -67.35 43.00
N VAL H 602 31.56 -67.30 43.92
CA VAL H 602 32.54 -66.22 43.97
C VAL H 602 33.85 -66.80 44.51
N ASN H 603 34.97 -66.31 43.98
CA ASN H 603 36.29 -66.82 44.30
C ASN H 603 36.95 -66.12 45.48
N CYS H 604 36.16 -65.45 46.34
CA CYS H 604 36.61 -64.76 47.54
C CYS H 604 37.47 -63.52 47.26
N THR H 605 37.83 -63.27 46.00
CA THR H 605 38.69 -62.16 45.65
C THR H 605 37.93 -60.97 45.11
N GLU H 606 36.60 -61.00 45.16
CA GLU H 606 35.79 -59.91 44.64
C GLU H 606 34.90 -59.25 45.68
N VAL H 607 34.98 -59.67 46.94
CA VAL H 607 34.09 -59.13 47.96
C VAL H 607 34.60 -57.79 48.45
N ASN H 628 38.63 -67.51 58.71
CA ASN H 628 37.74 -66.36 58.71
C ASN H 628 37.10 -66.16 57.34
N VAL H 629 37.79 -66.59 56.30
CA VAL H 629 37.26 -66.56 54.94
C VAL H 629 37.46 -67.95 54.35
N PHE H 630 36.39 -68.74 54.36
CA PHE H 630 36.39 -70.12 53.89
C PHE H 630 35.81 -70.16 52.48
N GLN H 631 36.47 -70.87 51.58
CA GLN H 631 36.04 -70.98 50.20
C GLN H 631 35.53 -72.39 49.95
N THR H 632 34.26 -72.50 49.54
CA THR H 632 33.58 -73.77 49.31
C THR H 632 33.12 -73.85 47.86
N ARG H 633 32.38 -74.90 47.54
CA ARG H 633 31.78 -75.01 46.21
C ARG H 633 30.56 -74.13 46.05
N ALA H 634 29.85 -73.84 47.15
CA ALA H 634 28.72 -72.93 47.06
C ALA H 634 29.16 -71.49 46.86
N GLY H 635 30.28 -71.10 47.47
CA GLY H 635 30.78 -69.75 47.32
C GLY H 635 31.66 -69.37 48.50
N CYS H 636 31.98 -68.09 48.57
CA CYS H 636 32.88 -67.56 49.59
C CYS H 636 32.14 -67.38 50.90
N LEU H 637 32.54 -68.13 51.92
CA LEU H 637 31.90 -68.08 53.23
C LEU H 637 32.72 -67.18 54.14
N ILE H 638 32.11 -66.08 54.58
CA ILE H 638 32.80 -65.08 55.40
C ILE H 638 32.18 -65.08 56.78
N GLY H 639 33.02 -65.19 57.80
CA GLY H 639 32.55 -65.09 59.17
C GLY H 639 32.33 -66.40 59.88
N ALA H 640 32.71 -67.52 59.28
CA ALA H 640 32.49 -68.83 59.88
C ALA H 640 33.79 -69.61 59.89
N GLU H 641 34.12 -70.18 61.05
CA GLU H 641 35.29 -71.02 61.17
C GLU H 641 35.11 -72.30 60.36
N HIS H 642 36.22 -72.87 59.93
CA HIS H 642 36.20 -74.17 59.25
C HIS H 642 36.78 -75.21 60.20
N VAL H 643 35.98 -76.21 60.52
CA VAL H 643 36.39 -77.27 61.42
C VAL H 643 36.69 -78.53 60.61
N ASN H 644 37.68 -79.30 61.05
CA ASN H 644 38.02 -80.55 60.39
C ASN H 644 37.20 -81.74 60.88
N ASN H 645 36.27 -81.51 61.81
CA ASN H 645 35.38 -82.58 62.27
C ASN H 645 34.24 -82.74 61.28
N SER H 646 33.22 -83.49 61.67
CA SER H 646 32.04 -83.71 60.84
C SER H 646 30.88 -84.07 61.76
N TYR H 647 29.89 -83.19 61.84
CA TYR H 647 28.71 -83.41 62.67
C TYR H 647 27.48 -83.51 61.79
N GLU H 648 26.32 -83.67 62.44
CA GLU H 648 25.06 -83.67 61.72
C GLU H 648 24.79 -82.29 61.14
N CYS H 649 24.06 -82.25 60.03
CA CYS H 649 23.80 -80.99 59.37
C CYS H 649 22.85 -80.15 60.21
N ASP H 650 23.22 -78.88 60.41
CA ASP H 650 22.40 -77.92 61.13
C ASP H 650 21.83 -76.85 60.22
N ILE H 651 22.69 -76.19 59.45
CA ILE H 651 22.28 -75.23 58.44
C ILE H 651 22.91 -75.65 57.12
N PRO H 652 22.13 -76.10 56.14
CA PRO H 652 22.73 -76.49 54.87
C PRO H 652 23.33 -75.33 54.12
N ILE H 653 24.37 -75.62 53.35
CA ILE H 653 25.00 -74.61 52.50
C ILE H 653 25.07 -75.11 51.06
N GLY H 654 25.68 -76.27 50.87
CA GLY H 654 25.79 -76.83 49.54
C GLY H 654 27.06 -77.66 49.40
N ALA H 655 26.98 -78.66 48.54
CA ALA H 655 28.08 -79.58 48.29
C ALA H 655 28.56 -80.25 49.56
N GLY H 656 27.65 -80.50 50.50
CA GLY H 656 27.98 -81.21 51.70
C GLY H 656 28.45 -80.36 52.86
N ILE H 657 28.50 -79.06 52.71
CA ILE H 657 28.95 -78.16 53.76
C ILE H 657 27.74 -77.72 54.58
N CYS H 658 27.82 -77.88 55.89
CA CYS H 658 26.77 -77.47 56.80
C CYS H 658 27.38 -76.63 57.91
N ALA H 659 26.90 -75.41 58.09
CA ALA H 659 27.37 -74.54 59.14
C ALA H 659 26.51 -74.71 60.38
N SER H 660 27.13 -74.55 61.55
CA SER H 660 26.39 -74.69 62.79
C SER H 660 27.01 -73.80 63.86
N TYR H 661 26.19 -73.41 64.82
CA TYR H 661 26.61 -72.54 65.92
C TYR H 661 26.94 -73.42 67.13
N GLN H 662 28.23 -73.50 67.46
CA GLN H 662 28.65 -74.32 68.58
C GLN H 662 29.94 -73.74 69.14
N THR H 663 30.31 -74.23 70.32
CA THR H 663 31.48 -73.78 71.08
C THR H 663 32.73 -73.60 70.22
N SER H 676 33.91 -67.67 73.13
CA SER H 676 33.43 -69.02 73.43
C SER H 676 32.85 -69.68 72.20
N GLN H 677 31.54 -69.57 72.02
CA GLN H 677 30.84 -70.20 70.91
C GLN H 677 30.84 -69.28 69.70
N SER H 678 31.03 -69.89 68.53
CA SER H 678 31.03 -69.16 67.27
C SER H 678 30.39 -70.06 66.20
N ILE H 679 30.46 -69.62 64.95
CA ILE H 679 29.83 -70.30 63.84
C ILE H 679 30.89 -71.07 63.08
N ILE H 680 30.71 -72.37 62.95
CA ILE H 680 31.66 -73.23 62.26
C ILE H 680 31.08 -73.62 60.91
N ALA H 681 31.89 -74.27 60.09
CA ALA H 681 31.47 -74.69 58.75
C ALA H 681 32.18 -75.98 58.41
N TYR H 682 31.53 -77.10 58.70
CA TYR H 682 32.12 -78.42 58.55
C TYR H 682 31.50 -79.13 57.35
N THR H 683 31.98 -80.34 57.07
CA THR H 683 31.41 -81.21 56.05
C THR H 683 30.55 -82.26 56.74
N MET H 684 29.27 -82.27 56.42
CA MET H 684 28.30 -83.04 57.19
C MET H 684 28.59 -84.53 57.11
N SER H 685 28.23 -85.24 58.16
CA SER H 685 28.47 -86.68 58.27
C SER H 685 27.17 -87.44 58.07
N LEU H 686 27.26 -88.57 57.38
CA LEU H 686 26.08 -89.33 56.97
C LEU H 686 25.73 -90.39 58.02
N GLY H 687 25.48 -89.91 59.23
CA GLY H 687 25.10 -90.80 60.30
C GLY H 687 26.27 -91.46 60.99
N ALA H 688 25.96 -92.16 62.07
CA ALA H 688 26.96 -92.78 62.92
C ALA H 688 27.35 -94.14 62.36
N GLU H 689 28.64 -94.41 62.32
CA GLU H 689 29.15 -95.63 61.71
C GLU H 689 28.71 -96.86 62.49
N ASN H 690 28.53 -97.96 61.76
CA ASN H 690 28.14 -99.24 62.34
C ASN H 690 28.49 -100.33 61.36
N SER H 691 29.04 -101.43 61.87
CA SER H 691 29.36 -102.60 61.06
C SER H 691 28.79 -103.82 61.75
N VAL H 692 27.98 -104.58 61.02
CA VAL H 692 27.29 -105.72 61.62
C VAL H 692 28.26 -106.89 61.72
N ALA H 693 28.31 -107.53 62.88
CA ALA H 693 29.18 -108.67 63.10
C ALA H 693 28.61 -109.86 62.34
N TYR H 694 28.91 -109.90 61.05
CA TYR H 694 28.32 -110.88 60.15
C TYR H 694 29.27 -112.05 59.92
N SER H 695 28.79 -113.26 60.17
CA SER H 695 29.52 -114.47 59.86
C SER H 695 28.58 -115.41 59.11
N ASN H 696 29.06 -116.59 58.77
CA ASN H 696 28.24 -117.55 58.05
C ASN H 696 27.53 -118.54 58.95
N ASN H 697 27.63 -118.37 60.27
CA ASN H 697 26.86 -119.20 61.19
C ASN H 697 26.33 -118.40 62.37
N SER H 698 26.48 -117.08 62.39
CA SER H 698 26.06 -116.26 63.51
C SER H 698 24.77 -115.55 63.14
N ILE H 699 23.77 -115.68 64.02
CA ILE H 699 22.48 -115.03 63.86
C ILE H 699 22.17 -114.31 65.17
N ALA H 700 21.56 -113.13 65.06
CA ALA H 700 21.15 -112.35 66.22
C ALA H 700 19.64 -112.38 66.33
N ILE H 701 19.14 -112.58 67.54
CA ILE H 701 17.70 -112.68 67.76
C ILE H 701 17.30 -111.78 68.90
N PRO H 702 16.26 -110.95 68.74
CA PRO H 702 15.83 -110.09 69.85
C PRO H 702 15.24 -110.92 70.97
N THR H 703 15.30 -110.36 72.17
CA THR H 703 14.74 -110.99 73.35
C THR H 703 13.65 -110.18 74.04
N ASN H 704 13.57 -108.89 73.76
CA ASN H 704 12.53 -108.03 74.32
C ASN H 704 11.98 -107.20 73.16
N PHE H 705 11.23 -106.16 73.49
CA PHE H 705 10.65 -105.29 72.47
C PHE H 705 10.23 -103.98 73.11
N THR H 706 9.87 -103.03 72.26
CA THR H 706 9.24 -101.80 72.71
C THR H 706 8.10 -101.45 71.78
N ILE H 707 7.05 -100.87 72.34
CA ILE H 707 5.87 -100.47 71.59
C ILE H 707 5.98 -98.96 71.39
N SER H 708 6.58 -98.53 70.29
CA SER H 708 6.75 -97.12 70.02
C SER H 708 5.59 -96.58 69.20
N VAL H 709 5.20 -95.34 69.48
CA VAL H 709 4.06 -94.70 68.87
C VAL H 709 4.52 -93.39 68.25
N THR H 710 4.56 -93.33 66.93
CA THR H 710 5.07 -92.18 66.20
C THR H 710 3.92 -91.38 65.60
N THR H 711 4.20 -90.13 65.26
CA THR H 711 3.19 -89.18 64.79
C THR H 711 3.48 -88.79 63.36
N GLU H 712 2.44 -88.79 62.52
CA GLU H 712 2.55 -88.34 61.14
C GLU H 712 1.48 -87.31 60.83
N ILE H 713 1.88 -86.18 60.28
CA ILE H 713 1.00 -85.05 60.02
C ILE H 713 0.89 -84.86 58.51
N LEU H 714 -0.34 -84.76 58.00
CA LEU H 714 -0.57 -84.63 56.57
C LEU H 714 -1.61 -83.56 56.28
N PRO H 715 -1.32 -82.58 55.42
CA PRO H 715 -2.36 -81.63 55.01
C PRO H 715 -3.40 -82.31 54.13
N VAL H 716 -4.66 -81.90 54.29
CA VAL H 716 -5.74 -82.55 53.57
C VAL H 716 -6.57 -81.55 52.77
N SER H 717 -6.62 -80.30 53.19
CA SER H 717 -7.44 -79.33 52.49
C SER H 717 -6.83 -77.94 52.58
N MET H 718 -7.44 -77.01 51.85
CA MET H 718 -7.03 -75.61 51.85
C MET H 718 -8.22 -74.73 52.19
N THR H 719 -8.07 -73.42 52.05
CA THR H 719 -9.19 -72.51 52.23
C THR H 719 -9.89 -72.31 50.90
N LYS H 720 -11.22 -72.44 50.92
CA LYS H 720 -12.02 -72.27 49.71
C LYS H 720 -12.14 -70.78 49.44
N THR H 721 -11.22 -70.23 48.67
CA THR H 721 -11.17 -68.82 48.36
C THR H 721 -11.69 -68.59 46.96
N SER H 722 -12.59 -67.62 46.81
CA SER H 722 -13.08 -67.19 45.51
C SER H 722 -12.81 -65.71 45.35
N VAL H 723 -12.57 -65.28 44.11
CA VAL H 723 -12.25 -63.90 43.80
C VAL H 723 -13.13 -63.46 42.63
N ASP H 724 -13.77 -62.30 42.78
CA ASP H 724 -14.64 -61.79 41.73
C ASP H 724 -13.85 -60.96 40.73
N CYS H 725 -14.24 -61.07 39.46
CA CYS H 725 -13.60 -60.29 38.40
C CYS H 725 -13.90 -58.81 38.53
N THR H 726 -15.17 -58.45 38.47
CA THR H 726 -15.54 -57.04 38.39
C THR H 726 -15.08 -56.27 39.62
N MET H 727 -15.24 -56.84 40.81
CA MET H 727 -14.90 -56.09 42.02
C MET H 727 -13.39 -55.97 42.19
N TYR H 728 -12.63 -56.99 41.80
CA TYR H 728 -11.18 -56.91 42.00
C TYR H 728 -10.54 -55.95 41.01
N ILE H 729 -10.93 -56.01 39.75
CA ILE H 729 -10.25 -55.27 38.70
C ILE H 729 -10.79 -53.86 38.57
N CYS H 730 -12.10 -53.71 38.53
CA CYS H 730 -12.76 -52.43 38.28
C CYS H 730 -13.76 -52.12 39.39
N GLY H 731 -13.31 -52.21 40.63
CA GLY H 731 -14.18 -51.96 41.76
C GLY H 731 -14.87 -50.62 41.72
N ASP H 732 -16.19 -50.65 41.52
CA ASP H 732 -17.02 -49.44 41.44
C ASP H 732 -16.54 -48.50 40.33
N SER H 733 -16.60 -49.01 39.10
CA SER H 733 -16.21 -48.22 37.93
C SER H 733 -16.96 -48.78 36.73
N THR H 734 -17.98 -48.05 36.28
CA THR H 734 -18.72 -48.49 35.09
C THR H 734 -17.86 -48.41 33.84
N GLU H 735 -17.05 -47.37 33.71
CA GLU H 735 -16.21 -47.23 32.53
C GLU H 735 -15.20 -48.37 32.42
N CYS H 736 -14.57 -48.73 33.54
CA CYS H 736 -13.64 -49.86 33.54
C CYS H 736 -14.36 -51.16 33.22
N SER H 737 -15.57 -51.34 33.75
CA SER H 737 -16.30 -52.58 33.55
C SER H 737 -16.66 -52.79 32.09
N ASN H 738 -17.03 -51.71 31.40
CA ASN H 738 -17.42 -51.83 29.99
C ASN H 738 -16.24 -52.23 29.12
N LEU H 739 -15.06 -51.67 29.37
CA LEU H 739 -13.90 -52.02 28.56
C LEU H 739 -13.45 -53.44 28.85
N LEU H 740 -13.66 -53.93 30.07
CA LEU H 740 -13.29 -55.29 30.42
C LEU H 740 -13.99 -56.31 29.53
N LEU H 741 -15.19 -56.00 29.07
CA LEU H 741 -15.95 -56.94 28.26
C LEU H 741 -15.28 -57.20 26.92
N GLN H 742 -14.31 -56.39 26.51
CA GLN H 742 -13.63 -56.64 25.24
C GLN H 742 -12.77 -57.89 25.31
N TYR H 743 -12.30 -58.25 26.50
CA TYR H 743 -11.44 -59.41 26.65
C TYR H 743 -12.20 -60.72 26.52
N GLY H 744 -13.53 -60.68 26.46
CA GLY H 744 -14.32 -61.88 26.25
C GLY H 744 -14.77 -62.51 27.54
N SER H 745 -14.32 -63.73 27.80
CA SER H 745 -14.65 -64.48 29.00
C SER H 745 -13.38 -64.96 29.68
N PHE H 746 -12.41 -64.05 29.86
CA PHE H 746 -11.20 -64.41 30.57
C PHE H 746 -11.51 -64.79 32.02
N CYS H 747 -12.41 -64.04 32.66
CA CYS H 747 -12.69 -64.32 34.06
C CYS H 747 -14.04 -64.98 34.28
N THR H 748 -14.73 -65.39 33.22
CA THR H 748 -15.67 -66.49 33.39
C THR H 748 -14.94 -67.80 33.60
N GLN H 749 -13.70 -67.89 33.11
CA GLN H 749 -12.86 -69.03 33.39
C GLN H 749 -12.36 -69.01 34.83
N LEU H 750 -11.93 -67.85 35.30
CA LEU H 750 -11.30 -67.78 36.62
C LEU H 750 -12.29 -68.13 37.72
N ASN H 751 -13.52 -67.64 37.62
CA ASN H 751 -14.53 -68.06 38.58
C ASN H 751 -14.85 -69.54 38.42
N ARG H 752 -14.62 -70.11 37.24
CA ARG H 752 -14.77 -71.54 37.07
C ARG H 752 -13.58 -72.30 37.63
N ALA H 753 -12.37 -71.76 37.44
CA ALA H 753 -11.18 -72.45 37.93
C ALA H 753 -11.12 -72.44 39.45
N LEU H 754 -11.42 -71.30 40.07
CA LEU H 754 -11.37 -71.19 41.52
C LEU H 754 -12.50 -71.93 42.20
N THR H 755 -13.61 -72.16 41.50
CA THR H 755 -14.68 -72.94 42.09
C THR H 755 -14.34 -74.43 42.09
N GLY H 756 -13.77 -74.93 41.00
CA GLY H 756 -13.42 -76.33 40.94
C GLY H 756 -12.43 -76.72 42.00
N ILE H 757 -11.52 -75.81 42.34
CA ILE H 757 -10.63 -76.03 43.48
C ILE H 757 -11.45 -76.15 44.76
N ALA H 758 -12.42 -75.26 44.94
CA ALA H 758 -13.16 -75.21 46.20
C ALA H 758 -14.08 -76.41 46.36
N VAL H 759 -14.77 -76.82 45.29
CA VAL H 759 -15.61 -78.01 45.39
C VAL H 759 -14.79 -79.28 45.55
N GLU H 760 -13.51 -79.23 45.22
CA GLU H 760 -12.60 -80.36 45.40
C GLU H 760 -12.01 -80.38 46.80
N GLN H 761 -11.78 -79.21 47.40
CA GLN H 761 -11.28 -79.16 48.77
C GLN H 761 -12.25 -79.80 49.74
N ASP H 762 -13.52 -79.88 49.38
CA ASP H 762 -14.50 -80.56 50.21
C ASP H 762 -14.52 -82.05 49.92
N LYS H 763 -14.09 -82.46 48.75
CA LYS H 763 -13.95 -83.88 48.46
C LYS H 763 -12.75 -84.47 49.18
N ASN H 764 -11.64 -83.72 49.22
CA ASN H 764 -10.47 -84.17 49.94
C ASN H 764 -10.81 -84.53 51.38
N THR H 765 -11.54 -83.66 52.05
CA THR H 765 -11.91 -83.91 53.44
C THR H 765 -12.87 -85.08 53.54
N GLN H 766 -13.70 -85.31 52.53
CA GLN H 766 -14.68 -86.38 52.58
C GLN H 766 -14.04 -87.75 52.35
N GLU H 767 -13.06 -87.84 51.45
CA GLU H 767 -12.41 -89.12 51.23
C GLU H 767 -11.64 -89.59 52.45
N VAL H 768 -11.00 -88.66 53.16
CA VAL H 768 -10.15 -89.06 54.28
C VAL H 768 -10.99 -89.59 55.42
N PHE H 769 -11.90 -88.78 55.95
CA PHE H 769 -12.60 -89.11 57.18
C PHE H 769 -13.87 -89.92 56.89
N ALA H 770 -14.70 -89.47 55.96
CA ALA H 770 -16.00 -90.09 55.72
C ALA H 770 -15.81 -91.44 55.04
N GLN H 771 -15.22 -92.38 55.78
CA GLN H 771 -14.99 -93.72 55.28
C GLN H 771 -15.82 -94.78 55.98
N VAL H 772 -16.32 -94.48 57.17
CA VAL H 772 -17.11 -95.41 57.95
C VAL H 772 -18.56 -94.97 57.88
N LYS H 773 -19.48 -95.93 57.86
CA LYS H 773 -20.89 -95.60 57.71
C LYS H 773 -21.58 -95.34 59.04
N GLN H 774 -21.58 -96.31 59.95
CA GLN H 774 -22.22 -96.18 61.25
C GLN H 774 -21.29 -95.41 62.17
N ILE H 775 -21.85 -94.52 62.98
CA ILE H 775 -21.09 -93.75 63.96
C ILE H 775 -20.95 -94.61 65.21
N TYR H 776 -19.79 -95.23 65.38
CA TYR H 776 -19.56 -96.12 66.50
C TYR H 776 -19.26 -95.34 67.76
N LYS H 777 -19.30 -96.04 68.89
CA LYS H 777 -19.07 -95.44 70.20
C LYS H 777 -18.33 -96.44 71.08
N THR H 778 -17.51 -95.93 71.97
CA THR H 778 -16.88 -96.80 72.95
C THR H 778 -17.90 -97.18 74.03
N PRO H 779 -17.74 -98.34 74.65
CA PRO H 779 -18.60 -98.68 75.76
C PRO H 779 -18.39 -97.71 76.91
N PRO H 780 -19.39 -97.56 77.78
CA PRO H 780 -19.19 -96.71 78.97
C PRO H 780 -18.05 -97.17 79.85
N ILE H 781 -17.81 -98.48 79.94
CA ILE H 781 -16.65 -98.98 80.65
C ILE H 781 -15.39 -98.74 79.82
N LYS H 782 -14.23 -98.92 80.45
CA LYS H 782 -12.96 -98.64 79.82
C LYS H 782 -11.93 -99.71 80.15
N ASP H 783 -12.35 -100.96 80.34
CA ASP H 783 -11.45 -102.03 80.72
C ASP H 783 -10.94 -102.74 79.47
N PHE H 784 -10.12 -102.02 78.72
CA PHE H 784 -9.56 -102.55 77.48
C PHE H 784 -8.28 -103.34 77.74
N GLY H 785 -8.38 -104.34 78.62
CA GLY H 785 -7.23 -105.16 78.94
C GLY H 785 -6.13 -104.43 79.67
N GLY H 786 -6.38 -103.20 80.10
CA GLY H 786 -5.36 -102.40 80.72
C GLY H 786 -4.74 -101.32 79.85
N PHE H 787 -5.25 -101.15 78.64
CA PHE H 787 -4.74 -100.12 77.74
C PHE H 787 -5.51 -98.83 77.94
N ASN H 788 -4.83 -97.71 77.85
CA ASN H 788 -5.39 -96.41 78.21
C ASN H 788 -5.48 -95.54 76.97
N PHE H 789 -6.71 -95.20 76.58
CA PHE H 789 -6.96 -94.39 75.38
C PHE H 789 -7.50 -93.02 75.70
N SER H 790 -7.37 -92.56 76.95
CA SER H 790 -8.00 -91.30 77.33
C SER H 790 -7.40 -90.12 76.57
N GLN H 791 -6.14 -90.23 76.17
CA GLN H 791 -5.47 -89.14 75.49
C GLN H 791 -5.89 -88.99 74.04
N ILE H 792 -6.47 -90.03 73.45
CA ILE H 792 -6.92 -89.95 72.06
C ILE H 792 -8.44 -89.96 71.94
N LEU H 793 -9.16 -90.51 72.90
CA LEU H 793 -10.61 -90.60 72.84
C LEU H 793 -11.24 -89.30 73.28
N PRO H 794 -12.45 -88.98 72.80
CA PRO H 794 -13.10 -87.74 73.19
C PRO H 794 -13.37 -87.72 74.68
N ASP H 795 -13.28 -86.53 75.26
CA ASP H 795 -13.64 -86.40 76.66
C ASP H 795 -14.81 -85.44 76.81
N PRO H 796 -15.78 -85.78 77.66
CA PRO H 796 -16.94 -84.91 77.85
C PRO H 796 -16.69 -83.70 78.74
N SER H 797 -15.43 -83.44 79.11
CA SER H 797 -15.08 -82.31 79.95
C SER H 797 -14.76 -81.06 79.14
N LYS H 798 -15.20 -81.00 77.89
CA LYS H 798 -14.93 -79.83 77.05
C LYS H 798 -16.21 -79.34 76.40
N SER H 800 -16.85 -78.10 71.92
CA SER H 800 -15.74 -78.82 71.30
C SER H 800 -15.49 -80.13 72.01
N LYS H 801 -16.19 -81.19 71.57
CA LYS H 801 -16.00 -82.51 72.14
C LYS H 801 -14.84 -83.22 71.43
N ARG H 802 -13.68 -82.59 71.50
CA ARG H 802 -12.43 -83.16 71.01
C ARG H 802 -11.76 -83.94 72.13
N SER H 803 -10.59 -84.48 71.85
CA SER H 803 -9.85 -85.27 72.82
C SER H 803 -8.74 -84.43 73.43
N PHE H 804 -7.89 -85.07 74.23
CA PHE H 804 -6.73 -84.37 74.75
C PHE H 804 -5.77 -83.96 73.64
N ILE H 805 -5.38 -84.92 72.80
CA ILE H 805 -4.35 -84.64 71.80
C ILE H 805 -4.89 -83.73 70.70
N GLU H 806 -6.14 -83.96 70.27
CA GLU H 806 -6.69 -83.14 69.20
C GLU H 806 -6.67 -81.66 69.57
N ASP H 807 -6.87 -81.35 70.84
CA ASP H 807 -6.88 -79.95 71.26
C ASP H 807 -5.49 -79.32 71.18
N LEU H 808 -4.44 -80.09 71.46
CA LEU H 808 -3.08 -79.57 71.30
C LEU H 808 -2.83 -79.16 69.86
N LEU H 809 -3.30 -79.96 68.92
CA LEU H 809 -3.14 -79.64 67.52
C LEU H 809 -3.93 -78.40 67.13
N PHE H 810 -5.10 -78.21 67.73
CA PHE H 810 -5.94 -77.08 67.36
C PHE H 810 -5.49 -75.79 68.01
N ASN H 811 -5.02 -75.86 69.26
CA ASN H 811 -4.47 -74.66 69.89
C ASN H 811 -3.22 -74.19 69.17
N LYS H 812 -2.36 -75.13 68.77
CA LYS H 812 -1.06 -74.77 68.22
C LYS H 812 -1.19 -74.01 66.91
N VAL H 813 -1.93 -74.56 65.96
CA VAL H 813 -2.06 -73.96 64.64
C VAL H 813 -3.12 -72.87 64.71
N THR H 814 -2.74 -71.65 64.34
CA THR H 814 -3.64 -70.51 64.40
C THR H 814 -3.50 -69.66 63.14
N LYS H 841 -10.35 -58.29 51.53
CA LYS H 841 -11.79 -58.39 51.71
C LYS H 841 -12.51 -57.34 50.88
N PHE H 842 -11.81 -56.24 50.64
CA PHE H 842 -12.40 -55.11 49.93
C PHE H 842 -12.51 -55.34 48.42
N ASN H 843 -11.99 -56.45 47.91
CA ASN H 843 -11.87 -56.66 46.47
C ASN H 843 -12.41 -58.02 46.07
N GLY H 844 -13.53 -58.42 46.65
CA GLY H 844 -14.13 -59.67 46.26
C GLY H 844 -13.42 -60.91 46.75
N LEU H 845 -12.62 -60.80 47.80
CA LEU H 845 -11.95 -61.97 48.39
C LEU H 845 -12.92 -62.62 49.36
N THR H 846 -13.74 -63.51 48.83
CA THR H 846 -14.72 -64.23 49.64
C THR H 846 -14.19 -65.61 49.98
N VAL H 847 -14.12 -65.92 51.26
CA VAL H 847 -13.66 -67.22 51.74
C VAL H 847 -14.88 -68.04 52.07
N LEU H 848 -15.08 -69.12 51.34
CA LEU H 848 -16.22 -69.98 51.59
C LEU H 848 -15.97 -70.86 52.81
N PRO H 849 -17.03 -71.28 53.50
CA PRO H 849 -16.85 -72.13 54.68
C PRO H 849 -16.81 -73.59 54.27
N PRO H 850 -15.99 -74.40 54.95
CA PRO H 850 -15.96 -75.83 54.63
C PRO H 850 -17.30 -76.49 54.91
N LEU H 851 -17.63 -77.49 54.08
CA LEU H 851 -18.92 -78.16 54.22
C LEU H 851 -19.00 -78.94 55.52
N LEU H 852 -17.91 -79.58 55.93
CA LEU H 852 -17.87 -80.34 57.18
C LEU H 852 -17.19 -79.46 58.22
N THR H 853 -17.97 -78.99 59.20
CA THR H 853 -17.37 -78.20 60.25
C THR H 853 -16.54 -79.08 61.17
N ASP H 854 -15.56 -78.46 61.84
CA ASP H 854 -14.58 -79.22 62.61
C ASP H 854 -15.21 -80.06 63.70
N GLU H 855 -16.43 -79.74 64.12
CA GLU H 855 -17.12 -80.61 65.06
C GLU H 855 -17.59 -81.89 64.38
N MET H 856 -17.94 -81.83 63.09
CA MET H 856 -18.32 -83.04 62.38
C MET H 856 -17.10 -83.91 62.08
N ILE H 857 -15.98 -83.28 61.74
CA ILE H 857 -14.77 -84.03 61.43
C ILE H 857 -14.29 -84.79 62.66
N ALA H 858 -14.29 -84.14 63.81
CA ALA H 858 -13.91 -84.82 65.04
C ALA H 858 -14.97 -85.80 65.50
N GLN H 859 -16.19 -85.72 64.98
CA GLN H 859 -17.15 -86.79 65.19
C GLN H 859 -16.82 -87.99 64.32
N TYR H 860 -16.20 -87.74 63.17
CA TYR H 860 -15.83 -88.82 62.26
C TYR H 860 -14.62 -89.59 62.78
N THR H 861 -13.62 -88.89 63.31
CA THR H 861 -12.44 -89.59 63.81
C THR H 861 -12.71 -90.30 65.12
N SER H 862 -13.79 -89.98 65.82
CA SER H 862 -14.18 -90.76 66.97
C SER H 862 -14.86 -92.06 66.57
N ALA H 863 -15.58 -92.05 65.44
CA ALA H 863 -16.15 -93.29 64.93
C ALA H 863 -15.06 -94.26 64.52
N LEU H 864 -14.00 -93.75 63.87
CA LEU H 864 -12.88 -94.60 63.50
C LEU H 864 -12.10 -95.07 64.71
N LEU H 865 -11.91 -94.17 65.69
CA LEU H 865 -11.23 -94.56 66.91
C LEU H 865 -12.03 -95.57 67.70
N ALA H 866 -13.34 -95.35 67.84
CA ALA H 866 -14.15 -96.25 68.63
C ALA H 866 -14.38 -97.56 67.93
N GLY H 867 -14.48 -97.54 66.59
CA GLY H 867 -14.63 -98.78 65.85
C GLY H 867 -13.39 -99.65 65.90
N THR H 868 -12.22 -99.02 65.86
CA THR H 868 -10.96 -99.76 65.93
C THR H 868 -10.79 -100.45 67.28
N ILE H 869 -11.16 -99.76 68.35
CA ILE H 869 -10.90 -100.24 69.70
C ILE H 869 -11.78 -101.44 70.02
N THR H 870 -13.03 -101.43 69.59
CA THR H 870 -13.97 -102.48 69.93
C THR H 870 -14.01 -103.60 68.90
N SER H 871 -13.77 -103.30 67.62
CA SER H 871 -13.93 -104.30 66.57
C SER H 871 -12.67 -104.65 65.82
N GLY H 872 -11.66 -103.81 65.82
CA GLY H 872 -10.42 -104.12 65.13
C GLY H 872 -10.46 -103.70 63.67
N TRP H 873 -10.09 -104.61 62.79
CA TRP H 873 -10.20 -104.31 61.37
C TRP H 873 -11.47 -104.84 60.74
N THR H 874 -12.36 -105.41 61.54
CA THR H 874 -13.57 -106.04 61.02
C THR H 874 -14.64 -105.04 60.66
N PHE H 875 -14.48 -103.76 60.99
CA PHE H 875 -15.52 -102.79 60.70
C PHE H 875 -15.32 -102.07 59.38
N GLY H 876 -14.12 -102.06 58.83
CA GLY H 876 -13.92 -101.51 57.52
C GLY H 876 -14.07 -102.52 56.41
N ALA H 877 -14.42 -103.74 56.75
CA ALA H 877 -14.52 -104.82 55.78
C ALA H 877 -15.91 -105.43 55.71
N GLY H 878 -16.86 -104.96 56.51
CA GLY H 878 -18.18 -105.55 56.55
C GLY H 878 -18.89 -105.24 57.86
N PRO H 879 -19.68 -106.19 58.34
CA PRO H 879 -20.36 -106.00 59.61
C PRO H 879 -19.34 -105.93 60.74
N ALA H 880 -19.53 -104.97 61.65
CA ALA H 880 -18.60 -104.79 62.75
C ALA H 880 -18.75 -105.91 63.75
N LEU H 881 -17.68 -106.67 63.98
CA LEU H 881 -17.66 -107.76 64.92
C LEU H 881 -16.73 -107.40 66.07
N GLN H 882 -17.25 -107.40 67.30
CA GLN H 882 -16.47 -107.02 68.45
C GLN H 882 -15.50 -108.12 68.84
N ILE H 883 -14.45 -107.74 69.55
CA ILE H 883 -13.44 -108.67 70.04
C ILE H 883 -12.67 -107.97 71.15
N PRO H 884 -12.36 -108.65 72.25
CA PRO H 884 -11.65 -107.99 73.35
C PRO H 884 -10.33 -107.42 72.92
N PHE H 885 -10.01 -106.23 73.44
CA PHE H 885 -8.79 -105.56 73.02
C PHE H 885 -7.54 -106.29 73.46
N PRO H 886 -7.59 -107.00 74.57
CA PRO H 886 -6.45 -107.84 74.91
C PRO H 886 -6.24 -108.91 73.86
N MET H 887 -7.31 -109.48 73.34
CA MET H 887 -7.26 -110.52 72.32
C MET H 887 -6.96 -109.99 70.93
N GLN H 888 -7.46 -108.80 70.60
CA GLN H 888 -7.21 -108.24 69.27
C GLN H 888 -5.73 -107.98 69.05
N MET H 889 -5.03 -107.49 70.08
CA MET H 889 -3.60 -107.26 69.93
C MET H 889 -2.85 -108.55 69.71
N ALA H 890 -3.39 -109.68 70.18
CA ALA H 890 -2.78 -110.97 69.86
C ALA H 890 -2.91 -111.26 68.37
N TYR H 891 -4.01 -110.84 67.76
CA TYR H 891 -4.10 -110.91 66.30
C TYR H 891 -3.07 -110.01 65.65
N ARG H 892 -2.93 -108.78 66.13
CA ARG H 892 -1.95 -107.86 65.55
C ARG H 892 -0.54 -108.39 65.74
N PHE H 893 -0.24 -108.93 66.93
CA PHE H 893 1.08 -109.51 67.15
C PHE H 893 1.32 -110.70 66.24
N ASN H 894 0.30 -111.55 66.09
CA ASN H 894 0.41 -112.73 65.24
C ASN H 894 0.59 -112.38 63.77
N GLY H 895 0.28 -111.14 63.39
CA GLY H 895 0.45 -110.69 62.02
C GLY H 895 1.81 -110.13 61.69
N ILE H 896 2.70 -110.02 62.66
CA ILE H 896 4.07 -109.59 62.42
C ILE H 896 5.07 -110.68 62.76
N GLY H 897 4.63 -111.93 62.77
CA GLY H 897 5.52 -113.05 62.99
C GLY H 897 5.77 -113.43 64.43
N VAL H 898 5.08 -112.81 65.38
CA VAL H 898 5.26 -113.07 66.80
C VAL H 898 4.03 -113.82 67.29
N THR H 899 4.25 -114.91 68.02
CA THR H 899 3.15 -115.77 68.43
C THR H 899 2.24 -115.05 69.41
N GLN H 900 1.05 -115.63 69.62
CA GLN H 900 0.08 -115.01 70.52
C GLN H 900 0.59 -114.96 71.95
N ASN H 901 1.21 -116.04 72.41
CA ASN H 901 1.55 -116.15 73.83
C ASN H 901 2.59 -115.13 74.25
N VAL H 902 3.27 -114.47 73.32
CA VAL H 902 4.19 -113.41 73.69
C VAL H 902 3.43 -112.23 74.28
N LEU H 903 2.27 -111.89 73.69
CA LEU H 903 1.49 -110.79 74.24
C LEU H 903 0.85 -111.16 75.56
N TYR H 904 0.22 -112.33 75.64
CA TYR H 904 -0.53 -112.70 76.84
C TYR H 904 0.38 -112.80 78.05
N GLU H 905 1.56 -113.41 77.87
CA GLU H 905 2.48 -113.52 78.99
C GLU H 905 3.05 -112.18 79.42
N ASN H 906 3.05 -111.18 78.53
CA ASN H 906 3.63 -109.88 78.84
C ASN H 906 2.61 -108.75 78.67
N GLN H 907 1.33 -109.06 78.87
CA GLN H 907 0.30 -108.06 78.65
C GLN H 907 0.48 -106.86 79.55
N LYS H 908 0.85 -107.10 80.80
CA LYS H 908 1.00 -106.00 81.76
C LYS H 908 2.14 -105.07 81.36
N LEU H 909 3.25 -105.64 80.88
CA LEU H 909 4.35 -104.81 80.40
C LEU H 909 3.95 -104.05 79.14
N ILE H 910 3.24 -104.72 78.23
CA ILE H 910 2.88 -104.11 76.95
C ILE H 910 1.90 -102.97 77.15
N ALA H 911 0.92 -103.14 78.04
CA ALA H 911 -0.04 -102.08 78.29
C ALA H 911 0.66 -100.82 78.80
N ASN H 912 1.66 -100.99 79.66
CA ASN H 912 2.40 -99.85 80.17
C ASN H 912 3.23 -99.21 79.07
N GLN H 913 3.83 -100.02 78.19
CA GLN H 913 4.60 -99.47 77.09
C GLN H 913 3.73 -98.69 76.13
N PHE H 914 2.52 -99.19 75.85
CA PHE H 914 1.61 -98.46 74.99
C PHE H 914 1.17 -97.16 75.64
N ASN H 915 0.85 -97.20 76.93
CA ASN H 915 0.38 -96.00 77.62
C ASN H 915 1.48 -94.95 77.73
N SER H 916 2.70 -95.38 78.06
CA SER H 916 3.79 -94.44 78.21
C SER H 916 4.12 -93.76 76.88
N ALA H 917 4.11 -94.53 75.78
CA ALA H 917 4.46 -93.96 74.49
C ALA H 917 3.42 -92.95 74.02
N ILE H 918 2.15 -93.19 74.32
CA ILE H 918 1.10 -92.25 73.95
C ILE H 918 1.31 -90.92 74.68
N GLY H 919 1.68 -90.99 75.96
CA GLY H 919 1.83 -89.77 76.74
C GLY H 919 2.91 -88.86 76.19
N LYS H 920 3.99 -89.43 75.66
CA LYS H 920 5.05 -88.63 75.08
C LYS H 920 4.59 -87.87 73.85
N ILE H 921 3.49 -88.29 73.22
CA ILE H 921 3.00 -87.60 72.03
C ILE H 921 2.57 -86.20 72.38
N GLN H 922 1.82 -86.04 73.48
CA GLN H 922 1.37 -84.70 73.87
C GLN H 922 2.55 -83.80 74.17
N ASP H 923 3.55 -84.33 74.89
CA ASP H 923 4.73 -83.53 75.19
C ASP H 923 5.47 -83.15 73.91
N SER H 924 5.62 -84.11 72.99
CA SER H 924 6.39 -83.84 71.77
C SER H 924 5.74 -82.74 70.94
N LEU H 925 4.41 -82.70 70.90
CA LEU H 925 3.75 -81.57 70.26
C LEU H 925 3.76 -80.34 71.14
N SER H 926 3.63 -80.50 72.46
CA SER H 926 3.57 -79.35 73.35
C SER H 926 4.93 -78.69 73.51
N SER H 927 6.01 -79.46 73.50
CA SER H 927 7.34 -78.89 73.72
C SER H 927 7.74 -77.99 72.56
N THR H 928 7.86 -78.57 71.36
CA THR H 928 8.31 -77.83 70.19
C THR H 928 7.11 -77.54 69.29
N PRO H 929 6.98 -76.28 68.88
CA PRO H 929 5.86 -75.84 68.06
C PRO H 929 6.10 -76.06 66.57
N SER H 930 7.27 -76.55 66.18
CA SER H 930 7.57 -76.85 64.80
C SER H 930 7.07 -78.21 64.37
N ALA H 931 6.42 -78.96 65.26
CA ALA H 931 5.91 -80.28 64.91
C ALA H 931 4.82 -80.18 63.85
N LEU H 932 3.89 -79.25 64.01
CA LEU H 932 2.82 -79.05 63.03
C LEU H 932 3.22 -78.00 62.00
N GLY H 933 4.41 -78.15 61.43
CA GLY H 933 4.88 -77.21 60.44
C GLY H 933 4.38 -77.53 59.06
N LYS H 934 3.84 -78.74 58.89
CA LYS H 934 3.28 -79.11 57.59
C LYS H 934 1.94 -78.45 57.34
N LEU H 935 1.06 -78.44 58.34
CA LEU H 935 -0.23 -77.80 58.19
C LEU H 935 -0.12 -76.29 58.25
N GLN H 936 0.84 -75.78 59.03
CA GLN H 936 1.04 -74.35 59.08
C GLN H 936 1.62 -73.81 57.79
N ASP H 937 2.52 -74.57 57.15
CA ASP H 937 3.10 -74.12 55.90
C ASP H 937 2.05 -73.97 54.81
N VAL H 938 1.00 -74.78 54.87
CA VAL H 938 -0.09 -74.63 53.91
C VAL H 938 -0.81 -73.31 54.14
N VAL H 939 -1.04 -72.96 55.41
CA VAL H 939 -1.77 -71.73 55.73
C VAL H 939 -0.99 -70.50 55.30
N ASN H 940 0.32 -70.48 55.57
CA ASN H 940 1.12 -69.33 55.22
C ASN H 940 1.18 -69.13 53.71
N GLN H 941 1.34 -70.22 52.96
CA GLN H 941 1.45 -70.11 51.52
C GLN H 941 0.21 -69.49 50.90
N ASN H 942 -0.96 -69.88 51.40
CA ASN H 942 -2.19 -69.34 50.85
C ASN H 942 -2.35 -67.86 51.20
N ALA H 943 -2.07 -67.50 52.45
CA ALA H 943 -2.22 -66.10 52.87
C ALA H 943 -1.25 -65.20 52.12
N GLN H 944 0.01 -65.63 51.99
CA GLN H 944 0.98 -64.82 51.26
C GLN H 944 0.55 -64.63 49.81
N ALA H 945 0.01 -65.69 49.19
CA ALA H 945 -0.46 -65.56 47.81
C ALA H 945 -1.62 -64.58 47.71
N LEU H 946 -2.50 -64.58 48.72
CA LEU H 946 -3.61 -63.64 48.70
C LEU H 946 -3.14 -62.22 48.99
N ASN H 947 -2.22 -62.06 49.94
CA ASN H 947 -1.72 -60.73 50.24
C ASN H 947 -0.98 -60.14 49.03
N THR H 948 -0.21 -60.98 48.33
CA THR H 948 0.43 -60.50 47.12
C THR H 948 -0.61 -60.13 46.06
N LEU H 949 -1.73 -60.85 46.03
CA LEU H 949 -2.79 -60.49 45.10
C LEU H 949 -3.37 -59.12 45.41
N VAL H 950 -3.56 -58.82 46.70
CA VAL H 950 -4.13 -57.53 47.07
C VAL H 950 -3.12 -56.41 46.81
N LYS H 951 -1.88 -56.61 47.25
CA LYS H 951 -0.88 -55.55 47.12
C LYS H 951 -0.59 -55.20 45.67
N GLN H 952 -0.92 -56.09 44.73
CA GLN H 952 -0.75 -55.78 43.32
C GLN H 952 -1.73 -54.71 42.85
N LEU H 953 -2.71 -54.35 43.67
CA LEU H 953 -3.60 -53.26 43.33
C LEU H 953 -2.89 -51.91 43.41
N SER H 954 -1.82 -51.84 44.20
CA SER H 954 -1.01 -50.63 44.30
C SER H 954 0.17 -50.67 43.34
N SER H 955 -0.11 -50.92 42.06
CA SER H 955 0.92 -50.89 41.03
C SER H 955 0.36 -50.23 39.79
N ASN H 956 1.19 -49.40 39.17
CA ASN H 956 0.73 -48.59 38.04
C ASN H 956 0.66 -49.37 36.74
N PHE H 957 1.52 -50.37 36.57
CA PHE H 957 1.62 -51.12 35.33
C PHE H 957 1.81 -50.19 34.13
N GLY H 958 2.62 -49.15 34.34
CA GLY H 958 2.87 -48.18 33.29
C GLY H 958 1.83 -47.10 33.15
N ALA H 959 0.81 -47.08 34.00
CA ALA H 959 -0.18 -46.02 33.96
C ALA H 959 0.24 -44.87 34.87
N ILE H 960 -0.58 -43.83 34.94
CA ILE H 960 -0.24 -42.65 35.72
C ILE H 960 -0.49 -42.90 37.21
N SER H 961 -1.71 -43.32 37.56
CA SER H 961 -2.09 -43.51 38.95
C SER H 961 -2.69 -44.89 39.14
N SER H 962 -2.52 -45.41 40.36
CA SER H 962 -3.05 -46.72 40.73
C SER H 962 -4.50 -46.68 41.19
N VAL H 963 -5.05 -45.49 41.39
CA VAL H 963 -6.45 -45.35 41.82
C VAL H 963 -7.32 -45.16 40.58
N LEU H 964 -8.44 -45.87 40.54
CA LEU H 964 -9.29 -45.82 39.35
C LEU H 964 -9.99 -44.47 39.22
N ASN H 965 -10.47 -43.91 40.33
CA ASN H 965 -11.15 -42.63 40.26
C ASN H 965 -10.19 -41.48 39.98
N ASP H 966 -8.95 -41.57 40.47
CA ASP H 966 -7.99 -40.51 40.23
C ASP H 966 -7.63 -40.39 38.76
N ILE H 967 -7.38 -41.52 38.09
CA ILE H 967 -7.08 -41.46 36.67
C ILE H 967 -8.32 -41.05 35.87
N LEU H 968 -9.51 -41.36 36.38
CA LEU H 968 -10.72 -40.99 35.66
C LEU H 968 -10.97 -39.49 35.74
N SER H 969 -10.81 -38.90 36.91
CA SER H 969 -11.06 -37.46 37.08
C SER H 969 -9.97 -36.62 36.45
N ARG H 970 -8.71 -37.04 36.59
CA ARG H 970 -7.60 -36.21 36.15
C ARG H 970 -7.62 -35.97 34.64
N LEU H 971 -7.89 -37.01 33.87
CA LEU H 971 -7.84 -36.92 32.41
C LEU H 971 -9.23 -37.03 31.82
N ASP H 972 -9.30 -36.90 30.51
CA ASP H 972 -10.46 -36.99 29.64
C ASP H 972 -10.68 -38.44 29.20
N PRO H 973 -11.93 -38.80 28.93
CA PRO H 973 -12.25 -40.19 28.54
C PRO H 973 -11.47 -40.67 27.33
N PRO H 974 -11.22 -39.82 26.32
CA PRO H 974 -10.38 -40.30 25.21
C PRO H 974 -8.98 -40.74 25.62
N GLU H 975 -8.38 -40.09 26.62
CA GLU H 975 -7.07 -40.47 27.10
C GLU H 975 -7.11 -41.45 28.26
N ALA H 976 -8.08 -41.33 29.16
CA ALA H 976 -8.18 -42.24 30.29
C ALA H 976 -8.40 -43.67 29.84
N GLU H 977 -8.94 -43.89 28.65
CA GLU H 977 -9.15 -45.24 28.15
C GLU H 977 -7.83 -45.98 27.99
N VAL H 978 -6.80 -45.30 27.49
CA VAL H 978 -5.48 -45.93 27.38
C VAL H 978 -4.93 -46.25 28.75
N GLN H 979 -5.04 -45.30 29.69
CA GLN H 979 -4.56 -45.55 31.05
C GLN H 979 -5.42 -46.60 31.74
N ILE H 980 -6.71 -46.65 31.42
CA ILE H 980 -7.56 -47.74 31.92
C ILE H 980 -7.09 -49.07 31.38
N ASP H 981 -6.74 -49.12 30.09
CA ASP H 981 -6.29 -50.36 29.48
C ASP H 981 -5.01 -50.87 30.14
N ARG H 982 -4.09 -49.97 30.47
CA ARG H 982 -2.83 -50.40 31.06
C ARG H 982 -3.05 -51.03 32.44
N LEU H 983 -3.97 -50.48 33.23
CA LEU H 983 -4.22 -51.03 34.55
C LEU H 983 -4.91 -52.39 34.47
N ILE H 984 -5.97 -52.50 33.66
CA ILE H 984 -6.74 -53.73 33.64
C ILE H 984 -5.89 -54.89 33.13
N THR H 985 -5.10 -54.65 32.07
CA THR H 985 -4.20 -55.70 31.60
C THR H 985 -3.20 -56.09 32.68
N GLY H 986 -2.69 -55.11 33.41
CA GLY H 986 -1.83 -55.43 34.54
C GLY H 986 -2.55 -56.18 35.63
N ARG H 987 -3.83 -55.89 35.82
CA ARG H 987 -4.60 -56.58 36.86
C ARG H 987 -5.14 -57.92 36.37
N LEU H 988 -5.32 -58.10 35.06
CA LEU H 988 -5.67 -59.42 34.55
C LEU H 988 -4.54 -60.42 34.75
N GLN H 989 -3.31 -60.02 34.44
CA GLN H 989 -2.19 -60.93 34.63
C GLN H 989 -2.00 -61.25 36.10
N SER H 990 -2.18 -60.25 36.97
CA SER H 990 -2.01 -60.48 38.41
C SER H 990 -3.07 -61.43 38.94
N LEU H 991 -4.27 -61.38 38.40
CA LEU H 991 -5.28 -62.37 38.72
C LEU H 991 -5.05 -63.68 37.99
N GLN H 992 -4.52 -63.62 36.77
CA GLN H 992 -4.21 -64.85 36.04
C GLN H 992 -3.12 -65.63 36.72
N THR H 993 -2.08 -64.94 37.22
CA THR H 993 -1.00 -65.64 37.89
C THR H 993 -1.47 -66.30 39.17
N TYR H 994 -2.33 -65.62 39.93
CA TYR H 994 -2.76 -66.16 41.21
C TYR H 994 -3.52 -67.47 41.04
N VAL H 995 -4.39 -67.54 40.03
CA VAL H 995 -5.16 -68.77 39.83
C VAL H 995 -4.23 -69.90 39.41
N THR H 996 -3.26 -69.62 38.55
CA THR H 996 -2.36 -70.68 38.10
C THR H 996 -1.57 -71.26 39.27
N GLN H 997 -1.03 -70.40 40.14
CA GLN H 997 -0.33 -70.93 41.30
C GLN H 997 -1.28 -71.62 42.26
N GLN H 998 -2.57 -71.29 42.22
CA GLN H 998 -3.55 -72.01 43.03
C GLN H 998 -3.82 -73.39 42.47
N LEU H 999 -3.85 -73.52 41.14
CA LEU H 999 -4.11 -74.81 40.53
C LEU H 999 -2.95 -75.76 40.76
N ILE H 1000 -1.73 -75.24 40.75
CA ILE H 1000 -0.56 -76.06 41.03
C ILE H 1000 -0.49 -76.43 42.50
N ARG H 1001 -0.88 -75.50 43.38
CA ARG H 1001 -0.85 -75.79 44.82
C ARG H 1001 -1.97 -76.71 45.23
N ALA H 1002 -3.15 -76.54 44.65
CA ALA H 1002 -4.28 -77.40 45.00
C ALA H 1002 -4.05 -78.83 44.53
N ALA H 1003 -3.24 -79.03 43.50
CA ALA H 1003 -2.89 -80.37 43.08
C ALA H 1003 -1.82 -80.99 43.95
N GLU H 1004 -1.10 -80.17 44.71
CA GLU H 1004 -0.15 -80.68 45.69
C GLU H 1004 -0.86 -81.13 46.96
N ILE H 1005 -2.04 -80.56 47.23
CA ILE H 1005 -2.83 -80.96 48.39
C ILE H 1005 -3.68 -82.18 48.06
N ARG H 1006 -4.13 -82.31 46.82
CA ARG H 1006 -4.88 -83.50 46.44
C ARG H 1006 -4.01 -84.74 46.48
N ALA H 1007 -2.71 -84.58 46.25
CA ALA H 1007 -1.79 -85.70 46.38
C ALA H 1007 -1.48 -86.02 47.82
N SER H 1008 -1.79 -85.12 48.75
CA SER H 1008 -1.69 -85.39 50.18
C SER H 1008 -3.00 -85.85 50.77
N ALA H 1009 -4.13 -85.46 50.20
CA ALA H 1009 -5.42 -85.97 50.64
C ALA H 1009 -5.67 -87.37 50.13
N ASN H 1010 -5.02 -87.75 49.02
CA ASN H 1010 -5.10 -89.12 48.55
C ASN H 1010 -4.17 -90.03 49.31
N LEU H 1011 -3.07 -89.49 49.84
CA LEU H 1011 -2.19 -90.30 50.67
C LEU H 1011 -2.77 -90.50 52.06
N ALA H 1012 -3.37 -89.45 52.63
CA ALA H 1012 -3.99 -89.58 53.94
C ALA H 1012 -5.22 -90.45 53.87
N ALA H 1013 -5.95 -90.41 52.76
CA ALA H 1013 -7.08 -91.33 52.59
C ALA H 1013 -6.61 -92.76 52.43
N THR H 1014 -5.39 -92.94 51.93
CA THR H 1014 -4.80 -94.27 51.77
C THR H 1014 -4.13 -94.73 53.05
N LYS H 1015 -3.59 -93.82 53.84
CA LYS H 1015 -3.02 -94.21 55.11
C LYS H 1015 -4.08 -94.47 56.16
N MET H 1016 -5.34 -94.13 55.87
CA MET H 1016 -6.43 -94.46 56.77
C MET H 1016 -7.14 -95.73 56.37
N SER H 1017 -7.18 -96.05 55.08
CA SER H 1017 -7.77 -97.30 54.66
C SER H 1017 -6.88 -98.49 55.01
N GLU H 1018 -5.57 -98.28 55.05
CA GLU H 1018 -4.61 -99.36 55.18
C GLU H 1018 -3.90 -99.40 56.51
N CYS H 1019 -3.66 -98.26 57.15
CA CYS H 1019 -3.06 -98.27 58.47
C CYS H 1019 -4.11 -98.34 59.56
N VAL H 1020 -5.14 -97.51 59.49
CA VAL H 1020 -6.15 -97.45 60.55
C VAL H 1020 -7.14 -98.60 60.42
N LEU H 1021 -7.74 -98.76 59.25
CA LEU H 1021 -8.79 -99.76 59.03
C LEU H 1021 -8.19 -101.09 58.60
N GLY H 1022 -7.19 -101.55 59.31
CA GLY H 1022 -6.50 -102.79 58.97
C GLY H 1022 -5.02 -102.64 59.23
N GLN H 1023 -4.35 -103.78 59.35
CA GLN H 1023 -2.94 -103.80 59.70
C GLN H 1023 -2.10 -103.93 58.45
N SER H 1024 -1.06 -103.10 58.34
CA SER H 1024 -0.28 -102.96 57.13
C SER H 1024 0.96 -103.85 57.16
N LYS H 1025 1.36 -104.30 55.98
CA LYS H 1025 2.61 -105.03 55.80
C LYS H 1025 3.53 -104.31 54.82
N ARG H 1026 3.25 -103.06 54.52
CA ARG H 1026 4.11 -102.24 53.67
C ARG H 1026 5.11 -101.53 54.56
N VAL H 1027 6.40 -101.69 54.24
CA VAL H 1027 7.45 -101.21 55.12
C VAL H 1027 7.47 -99.69 55.13
N ASP H 1028 7.62 -99.12 56.32
CA ASP H 1028 7.72 -97.68 56.56
C ASP H 1028 6.51 -96.91 56.08
N PHE H 1029 5.44 -97.59 55.68
CA PHE H 1029 4.22 -96.88 55.31
C PHE H 1029 3.55 -96.31 56.55
N CYS H 1030 3.23 -97.16 57.51
CA CYS H 1030 2.63 -96.74 58.77
C CYS H 1030 3.67 -96.74 59.89
N GLY H 1031 4.66 -95.88 59.75
CA GLY H 1031 5.66 -95.70 60.79
C GLY H 1031 6.81 -96.69 60.69
N LYS H 1032 7.93 -96.32 61.29
CA LYS H 1032 9.14 -97.12 61.24
C LYS H 1032 9.11 -98.16 62.35
N GLY H 1033 8.98 -99.41 61.98
CA GLY H 1033 8.84 -100.54 62.87
C GLY H 1033 8.02 -101.60 62.20
N TYR H 1034 7.46 -102.50 62.99
CA TYR H 1034 6.49 -103.47 62.51
C TYR H 1034 5.11 -102.99 62.93
N HIS H 1035 4.27 -102.67 61.94
CA HIS H 1035 3.02 -101.98 62.22
C HIS H 1035 2.10 -102.83 63.07
N LEU H 1036 1.46 -102.19 64.05
CA LEU H 1036 0.44 -102.83 64.86
C LEU H 1036 -0.93 -102.21 64.62
N MET H 1037 -1.08 -100.91 64.82
CA MET H 1037 -2.33 -100.21 64.54
C MET H 1037 -2.06 -98.72 64.55
N SER H 1038 -3.03 -97.95 64.08
CA SER H 1038 -2.91 -96.50 64.06
C SER H 1038 -4.23 -95.88 64.47
N PHE H 1039 -4.13 -94.64 64.96
CA PHE H 1039 -5.29 -93.91 65.48
C PHE H 1039 -5.28 -92.54 64.84
N PRO H 1040 -6.32 -92.17 64.10
CA PRO H 1040 -6.35 -90.84 63.49
C PRO H 1040 -6.67 -89.79 64.52
N GLN H 1041 -6.08 -88.61 64.36
CA GLN H 1041 -6.46 -87.45 65.14
C GLN H 1041 -6.62 -86.29 64.18
N SER H 1042 -7.76 -85.62 64.24
CA SER H 1042 -7.97 -84.51 63.33
C SER H 1042 -7.07 -83.33 63.71
N ALA H 1043 -6.98 -82.37 62.80
CA ALA H 1043 -6.20 -81.16 63.00
C ALA H 1043 -6.72 -80.13 62.02
N PRO H 1044 -6.39 -78.85 62.22
CA PRO H 1044 -6.90 -77.83 61.30
C PRO H 1044 -6.33 -78.01 59.90
N HIS H 1045 -7.21 -78.33 58.95
CA HIS H 1045 -6.83 -78.55 57.55
C HIS H 1045 -5.87 -79.72 57.42
N GLY H 1046 -6.06 -80.77 58.20
CA GLY H 1046 -5.09 -81.84 58.18
C GLY H 1046 -5.55 -83.01 59.02
N VAL H 1047 -4.64 -83.95 59.21
CA VAL H 1047 -4.89 -85.16 59.99
C VAL H 1047 -3.56 -85.65 60.54
N VAL H 1048 -3.60 -86.19 61.75
CA VAL H 1048 -2.43 -86.73 62.42
C VAL H 1048 -2.66 -88.21 62.67
N PHE H 1049 -1.73 -89.04 62.24
CA PHE H 1049 -1.79 -90.47 62.48
C PHE H 1049 -0.81 -90.82 63.57
N LEU H 1050 -1.24 -91.60 64.54
CA LEU H 1050 -0.35 -92.10 65.59
C LEU H 1050 -0.09 -93.57 65.30
N HIS H 1051 1.07 -93.87 64.75
CA HIS H 1051 1.38 -95.20 64.25
C HIS H 1051 1.97 -96.05 65.36
N VAL H 1052 1.18 -96.96 65.90
CA VAL H 1052 1.65 -97.87 66.95
C VAL H 1052 2.43 -98.98 66.27
N THR H 1053 3.73 -99.05 66.52
CA THR H 1053 4.58 -100.05 65.91
C THR H 1053 5.36 -100.80 66.96
N TYR H 1054 5.67 -102.05 66.66
CA TYR H 1054 6.43 -102.95 67.51
C TYR H 1054 7.88 -102.95 67.05
N VAL H 1055 8.79 -102.56 67.94
CA VAL H 1055 10.21 -102.45 67.62
C VAL H 1055 10.96 -103.51 68.40
N PRO H 1056 11.70 -104.41 67.75
CA PRO H 1056 12.51 -105.37 68.49
C PRO H 1056 13.64 -104.68 69.24
N ALA H 1057 14.05 -105.30 70.34
CA ALA H 1057 15.11 -104.72 71.16
C ALA H 1057 15.83 -105.83 71.91
N GLN H 1058 17.03 -105.50 72.38
CA GLN H 1058 17.88 -106.40 73.16
C GLN H 1058 18.22 -107.67 72.37
N GLU H 1059 18.94 -107.47 71.27
CA GLU H 1059 19.37 -108.59 70.47
C GLU H 1059 20.47 -109.36 71.17
N LYS H 1060 20.53 -110.66 70.89
CA LYS H 1060 21.52 -111.56 71.48
C LYS H 1060 22.12 -112.41 70.39
N ASN H 1061 23.44 -112.53 70.38
CA ASN H 1061 24.10 -113.38 69.39
C ASN H 1061 23.78 -114.85 69.64
N PHE H 1062 23.74 -115.62 68.57
CA PHE H 1062 23.54 -117.05 68.66
C PHE H 1062 24.31 -117.71 67.53
N THR H 1063 24.28 -119.04 67.50
CA THR H 1063 24.89 -119.82 66.43
C THR H 1063 23.79 -120.58 65.71
N THR H 1064 23.72 -120.41 64.40
CA THR H 1064 22.62 -120.93 63.60
C THR H 1064 23.09 -122.13 62.78
N ALA H 1065 22.11 -122.84 62.22
CA ALA H 1065 22.37 -123.99 61.40
C ALA H 1065 21.24 -124.13 60.40
N PRO H 1066 21.54 -124.24 59.11
CA PRO H 1066 20.46 -124.44 58.13
C PRO H 1066 19.60 -125.65 58.42
N ALA H 1067 20.20 -126.75 58.86
CA ALA H 1067 19.47 -127.97 59.13
C ALA H 1067 20.29 -128.83 60.07
N ILE H 1068 19.65 -129.83 60.66
CA ILE H 1068 20.30 -130.77 61.57
C ILE H 1068 20.03 -132.19 61.09
N CYS H 1069 21.03 -133.05 61.21
CA CYS H 1069 20.92 -134.45 60.85
C CYS H 1069 20.91 -135.30 62.10
N HIS H 1070 19.91 -136.18 62.21
CA HIS H 1070 19.77 -137.07 63.35
C HIS H 1070 19.84 -138.54 62.95
N ASP H 1071 19.10 -138.95 61.93
CA ASP H 1071 19.07 -140.33 61.47
C ASP H 1071 19.47 -140.41 60.00
N GLY H 1072 20.48 -139.64 59.60
CA GLY H 1072 20.83 -139.59 58.20
C GLY H 1072 19.87 -138.80 57.34
N LYS H 1073 18.97 -138.04 57.95
CA LYS H 1073 18.02 -137.20 57.24
C LYS H 1073 18.14 -135.77 57.73
N ALA H 1074 17.82 -134.82 56.85
CA ALA H 1074 17.94 -133.40 57.15
C ALA H 1074 16.62 -132.86 57.70
N HIS H 1075 16.71 -132.10 58.79
CA HIS H 1075 15.53 -131.52 59.43
C HIS H 1075 15.58 -130.01 59.30
N PHE H 1076 14.49 -129.43 58.78
CA PHE H 1076 14.34 -128.00 58.63
C PHE H 1076 13.23 -127.50 59.53
N PRO H 1077 13.40 -126.36 60.18
CA PRO H 1077 12.35 -125.85 61.08
C PRO H 1077 11.09 -125.49 60.30
N ARG H 1078 9.95 -125.74 60.93
CA ARG H 1078 8.68 -125.40 60.28
C ARG H 1078 8.49 -123.89 60.22
N GLU H 1079 8.47 -123.24 61.38
CA GLU H 1079 8.38 -121.79 61.48
C GLU H 1079 9.33 -121.36 62.59
N GLY H 1080 10.56 -121.04 62.21
CA GLY H 1080 11.55 -120.63 63.17
C GLY H 1080 12.96 -120.83 62.62
N VAL H 1081 13.92 -120.57 63.49
CA VAL H 1081 15.34 -120.66 63.15
C VAL H 1081 16.04 -121.44 64.25
N PHE H 1082 16.96 -122.34 63.86
CA PHE H 1082 17.71 -123.09 64.83
C PHE H 1082 18.76 -122.21 65.50
N VAL H 1083 18.84 -122.26 66.82
CA VAL H 1083 19.83 -121.51 67.57
C VAL H 1083 20.52 -122.44 68.55
N SER H 1084 21.65 -121.96 69.07
CA SER H 1084 22.46 -122.74 69.99
C SER H 1084 23.17 -121.78 70.94
N ASN H 1085 23.02 -122.03 72.24
CA ASN H 1085 23.71 -121.22 73.25
C ASN H 1085 25.17 -121.66 73.44
N GLY H 1086 25.72 -122.42 72.50
CA GLY H 1086 27.04 -122.95 72.59
C GLY H 1086 27.12 -124.36 73.11
N THR H 1087 26.08 -124.83 73.79
CA THR H 1087 26.04 -126.18 74.32
C THR H 1087 24.92 -127.01 73.71
N HIS H 1088 23.68 -126.52 73.76
CA HIS H 1088 22.53 -127.24 73.25
C HIS H 1088 21.98 -126.53 72.01
N TRP H 1089 20.98 -127.16 71.40
CA TRP H 1089 20.33 -126.62 70.21
C TRP H 1089 18.84 -126.43 70.49
N PHE H 1090 18.30 -125.33 70.00
CA PHE H 1090 16.89 -125.01 70.17
C PHE H 1090 16.34 -124.47 68.86
N VAL H 1091 15.02 -124.53 68.73
CA VAL H 1091 14.30 -123.86 67.65
C VAL H 1091 13.50 -122.74 68.28
N THR H 1092 13.55 -121.55 67.68
CA THR H 1092 12.84 -120.40 68.19
C THR H 1092 12.24 -119.63 67.04
N GLN H 1093 11.16 -118.90 67.32
CA GLN H 1093 10.59 -118.03 66.30
C GLN H 1093 11.60 -116.97 65.92
N ARG H 1094 11.60 -116.57 64.64
CA ARG H 1094 12.68 -115.74 64.14
C ARG H 1094 12.68 -114.33 64.72
N ASN H 1095 11.58 -113.90 65.33
CA ASN H 1095 11.44 -112.51 65.77
C ASN H 1095 11.50 -112.34 67.28
N PHE H 1096 11.71 -113.40 68.05
CA PHE H 1096 11.68 -113.30 69.50
C PHE H 1096 12.31 -114.54 70.08
N TYR H 1097 13.22 -114.38 71.03
CA TYR H 1097 13.98 -115.51 71.56
C TYR H 1097 13.11 -116.30 72.51
N GLU H 1098 12.50 -117.37 72.00
CA GLU H 1098 11.69 -118.29 72.80
C GLU H 1098 12.15 -119.70 72.47
N PRO H 1099 13.28 -120.14 73.02
CA PRO H 1099 13.86 -121.42 72.61
C PRO H 1099 12.96 -122.58 72.97
N GLN H 1100 12.93 -123.58 72.08
CA GLN H 1100 12.12 -124.77 72.27
C GLN H 1100 12.94 -126.00 71.94
N ILE H 1101 12.51 -127.14 72.46
CA ILE H 1101 13.16 -128.41 72.17
C ILE H 1101 12.87 -128.79 70.73
N ILE H 1102 13.90 -129.29 70.04
CA ILE H 1102 13.74 -129.69 68.65
C ILE H 1102 13.03 -131.04 68.58
N THR H 1103 11.70 -131.01 68.50
CA THR H 1103 10.93 -132.23 68.39
C THR H 1103 10.62 -132.51 66.92
N THR H 1104 9.96 -133.64 66.68
CA THR H 1104 9.57 -133.99 65.32
C THR H 1104 8.50 -133.04 64.80
N ASP H 1105 7.62 -132.56 65.69
CA ASP H 1105 6.57 -131.65 65.25
C ASP H 1105 7.11 -130.25 64.97
N ASN H 1106 8.15 -129.82 65.68
CA ASN H 1106 8.72 -128.49 65.45
C ASN H 1106 9.40 -128.37 64.10
N THR H 1107 9.66 -129.48 63.41
CA THR H 1107 10.40 -129.44 62.16
C THR H 1107 9.75 -130.37 61.15
N PHE H 1108 10.26 -130.32 59.93
CA PHE H 1108 9.85 -131.24 58.88
C PHE H 1108 11.10 -131.74 58.16
N VAL H 1109 10.98 -132.92 57.57
CA VAL H 1109 12.12 -133.64 57.02
C VAL H 1109 12.01 -133.65 55.50
N SER H 1110 13.14 -133.39 54.82
CA SER H 1110 13.15 -133.44 53.37
C SER H 1110 14.58 -133.77 52.92
N GLY H 1111 14.82 -135.05 52.63
CA GLY H 1111 16.10 -135.46 52.08
C GLY H 1111 17.03 -136.15 53.05
N ASN H 1112 18.33 -135.92 52.90
CA ASN H 1112 19.35 -136.55 53.73
C ASN H 1112 20.43 -135.51 54.03
N CYS H 1113 21.57 -135.97 54.53
CA CYS H 1113 22.64 -135.07 54.97
C CYS H 1113 23.54 -134.61 53.85
N ASP H 1114 23.32 -135.05 52.61
CA ASP H 1114 24.30 -134.82 51.56
C ASP H 1114 24.15 -133.41 50.97
N VAL H 1115 22.96 -133.09 50.47
CA VAL H 1115 22.80 -131.92 49.60
C VAL H 1115 23.07 -130.63 50.35
N VAL H 1116 22.57 -130.51 51.59
CA VAL H 1116 22.59 -129.23 52.28
C VAL H 1116 24.01 -128.86 52.67
N ILE H 1117 24.38 -127.60 52.43
CA ILE H 1117 25.65 -127.05 52.86
C ILE H 1117 25.46 -126.46 54.25
N GLY H 1118 26.38 -126.75 55.16
CA GLY H 1118 26.33 -126.19 56.49
C GLY H 1118 25.51 -126.95 57.50
N ILE H 1119 25.01 -128.13 57.14
CA ILE H 1119 24.21 -128.90 58.07
C ILE H 1119 25.04 -129.29 59.28
N VAL H 1120 24.39 -129.42 60.43
CA VAL H 1120 25.08 -129.79 61.65
C VAL H 1120 24.46 -131.07 62.21
N ASN H 1121 25.22 -131.73 63.09
CA ASN H 1121 24.81 -132.98 63.69
C ASN H 1121 24.16 -132.72 65.04
N ASN H 1122 22.97 -133.28 65.25
CA ASN H 1122 22.31 -133.21 66.54
C ASN H 1122 21.22 -134.26 66.59
N THR H 1123 20.45 -134.24 67.68
CA THR H 1123 19.38 -135.18 67.92
C THR H 1123 18.05 -134.45 67.96
N VAL H 1124 17.05 -135.02 67.28
CA VAL H 1124 15.69 -134.49 67.28
C VAL H 1124 14.83 -135.39 68.13
N TYR H 1125 14.21 -134.81 69.15
CA TYR H 1125 13.38 -135.60 70.06
C TYR H 1125 12.11 -136.05 69.34
N ASP H 1126 11.68 -137.27 69.65
CA ASP H 1126 10.46 -137.81 69.09
C ASP H 1126 9.41 -137.95 70.19
N PRO H 1127 8.27 -137.26 70.09
CA PRO H 1127 7.29 -137.31 71.18
C PRO H 1127 6.72 -138.69 71.44
N LEU H 1128 6.77 -139.59 70.46
CA LEU H 1128 6.15 -140.90 70.64
C LEU H 1128 7.02 -141.88 71.41
N GLN H 1129 8.27 -141.52 71.72
CA GLN H 1129 9.14 -142.43 72.46
C GLN H 1129 8.59 -142.79 73.83
N PRO H 1130 8.17 -141.85 74.69
CA PRO H 1130 7.57 -142.26 75.97
C PRO H 1130 6.28 -143.04 75.79
N GLU H 1131 5.49 -142.74 74.76
CA GLU H 1131 4.26 -143.48 74.54
C GLU H 1131 4.54 -144.88 74.01
N LEU H 1132 5.46 -144.99 73.04
CA LEU H 1132 5.81 -146.30 72.49
C LEU H 1132 6.48 -147.17 73.54
N ASP H 1133 7.40 -146.59 74.32
CA ASP H 1133 8.04 -147.36 75.39
C ASP H 1133 7.04 -147.77 76.46
N SER H 1134 6.14 -146.86 76.84
CA SER H 1134 5.14 -147.15 77.85
C SER H 1134 3.77 -147.38 77.22
N GLN I 3 -22.41 5.30 21.08
CA GLN I 3 -21.47 4.33 21.66
C GLN I 3 -22.02 2.92 21.54
N LEU I 4 -23.22 2.70 22.08
CA LEU I 4 -23.88 1.40 22.03
C LEU I 4 -25.10 1.52 21.13
N VAL I 5 -24.96 1.06 19.89
CA VAL I 5 -26.04 1.06 18.93
C VAL I 5 -26.78 -0.27 19.03
N GLU I 6 -28.11 -0.20 19.16
CA GLU I 6 -28.92 -1.38 19.35
C GLU I 6 -29.99 -1.46 18.27
N SER I 7 -30.48 -2.67 18.03
CA SER I 7 -31.47 -2.93 17.00
C SER I 7 -32.60 -3.77 17.58
N GLY I 8 -33.58 -4.09 16.74
CA GLY I 8 -34.71 -4.90 17.15
C GLY I 8 -35.86 -4.09 17.70
N GLY I 9 -36.96 -4.77 17.94
CA GLY I 9 -38.14 -4.17 18.52
C GLY I 9 -39.24 -3.92 17.49
N GLY I 10 -40.45 -3.81 17.98
CA GLY I 10 -41.59 -3.54 17.14
C GLY I 10 -42.86 -4.10 17.77
N LEU I 11 -43.97 -3.86 17.10
CA LEU I 11 -45.25 -4.41 17.54
C LEU I 11 -45.24 -5.92 17.39
N VAL I 12 -45.79 -6.61 18.39
CA VAL I 12 -45.79 -8.06 18.42
C VAL I 12 -47.22 -8.57 18.52
N GLU I 13 -47.39 -9.85 18.21
CA GLU I 13 -48.69 -10.50 18.20
C GLU I 13 -49.15 -10.96 19.58
N ALA I 14 -48.50 -10.47 20.65
CA ALA I 14 -48.88 -10.75 22.03
C ALA I 14 -48.88 -12.27 22.30
N GLY I 15 -47.69 -12.84 22.18
CA GLY I 15 -47.51 -14.26 22.41
C GLY I 15 -46.46 -14.91 21.52
N GLY I 16 -46.02 -14.21 20.49
CA GLY I 16 -45.00 -14.71 19.61
C GLY I 16 -43.60 -14.59 20.19
N SER I 17 -42.62 -14.31 19.34
CA SER I 17 -41.25 -14.14 19.79
C SER I 17 -40.62 -12.93 19.08
N LEU I 18 -39.63 -12.35 19.72
CA LEU I 18 -38.89 -11.21 19.18
C LEU I 18 -37.41 -11.38 19.50
N ARG I 19 -36.58 -10.67 18.74
CA ARG I 19 -35.13 -10.73 18.92
C ARG I 19 -34.59 -9.31 19.00
N LEU I 20 -33.81 -9.02 20.04
CA LEU I 20 -33.18 -7.73 20.23
C LEU I 20 -31.66 -7.88 20.24
N SER I 21 -30.97 -6.85 19.76
CA SER I 21 -29.53 -6.84 19.66
C SER I 21 -29.00 -5.50 20.12
N CYS I 22 -27.75 -5.49 20.59
CA CYS I 22 -27.06 -4.27 20.96
C CYS I 22 -25.61 -4.39 20.51
N VAL I 23 -25.19 -3.48 19.64
CA VAL I 23 -23.88 -3.55 18.99
C VAL I 23 -22.99 -2.48 19.61
N ALA I 24 -21.79 -2.88 20.01
CA ALA I 24 -20.78 -1.95 20.53
C ALA I 24 -19.88 -1.55 19.38
N SER I 25 -19.71 -0.24 19.18
CA SER I 25 -18.93 0.30 18.07
C SER I 25 -17.58 0.83 18.51
N GLY I 26 -17.38 1.05 19.81
CA GLY I 26 -16.13 1.59 20.30
C GLY I 26 -15.63 0.90 21.56
N LEU I 27 -15.96 -0.37 21.71
CA LEU I 27 -15.50 -1.16 22.84
C LEU I 27 -15.00 -2.51 22.36
N THR I 28 -14.03 -3.06 23.10
CA THR I 28 -13.43 -4.33 22.69
C THR I 28 -14.43 -5.47 22.78
N PHE I 29 -15.41 -5.36 23.67
CA PHE I 29 -16.52 -6.30 23.87
C PHE I 29 -16.05 -7.66 24.39
N SER I 30 -14.74 -7.88 24.53
CA SER I 30 -14.22 -9.15 25.03
C SER I 30 -13.91 -9.12 26.51
N ASP I 31 -13.74 -7.94 27.10
CA ASP I 31 -13.54 -7.78 28.52
C ASP I 31 -14.54 -6.79 29.12
N TYR I 32 -15.77 -6.83 28.63
CA TYR I 32 -16.84 -5.98 29.11
C TYR I 32 -18.09 -6.81 29.39
N THR I 33 -18.90 -6.33 30.33
CA THR I 33 -20.11 -7.02 30.75
C THR I 33 -21.30 -6.08 30.58
N MET I 34 -22.35 -6.60 29.94
CA MET I 34 -23.52 -5.81 29.57
C MET I 34 -24.72 -6.17 30.45
N ALA I 35 -25.87 -5.57 30.13
CA ALA I 35 -27.11 -5.83 30.83
C ALA I 35 -28.26 -5.26 30.01
N TRP I 36 -29.47 -5.59 30.43
CA TRP I 36 -30.69 -5.06 29.82
C TRP I 36 -31.57 -4.45 30.89
N PHE I 37 -32.02 -3.22 30.65
CA PHE I 37 -32.83 -2.49 31.61
C PHE I 37 -34.08 -2.01 30.89
N ARG I 38 -35.16 -1.83 31.64
CA ARG I 38 -36.46 -1.50 31.07
C ARG I 38 -36.94 -0.15 31.61
N GLN I 39 -37.52 0.64 30.71
CA GLN I 39 -38.02 1.98 31.03
C GLN I 39 -39.53 2.01 30.88
N VAL I 40 -40.22 2.52 31.89
CA VAL I 40 -41.67 2.75 31.80
C VAL I 40 -41.96 4.20 32.14
N PRO I 41 -42.82 4.88 31.37
CA PRO I 41 -43.17 6.26 31.71
C PRO I 41 -43.90 6.36 33.04
N GLY I 42 -43.62 7.43 33.77
CA GLY I 42 -44.24 7.67 35.05
C GLY I 42 -43.69 6.83 36.19
N GLN I 43 -42.63 6.07 35.95
CA GLN I 43 -42.08 5.16 36.95
C GLN I 43 -40.58 5.03 36.72
N GLU I 44 -39.90 4.44 37.71
CA GLU I 44 -38.45 4.33 37.68
C GLU I 44 -37.99 3.34 36.62
N ARG I 45 -36.67 3.18 36.55
CA ARG I 45 -36.02 2.30 35.59
C ARG I 45 -35.94 0.89 36.17
N GLU I 46 -36.29 -0.11 35.36
CA GLU I 46 -36.32 -1.49 35.81
C GLU I 46 -35.21 -2.32 35.16
N PHE I 47 -34.77 -3.34 35.90
CA PHE I 47 -33.77 -4.29 35.43
C PHE I 47 -34.48 -5.55 34.94
N VAL I 48 -33.95 -6.14 33.87
CA VAL I 48 -34.52 -7.38 33.34
C VAL I 48 -33.48 -8.48 33.25
N SER I 49 -32.43 -8.27 32.47
CA SER I 49 -31.49 -9.34 32.16
C SER I 49 -30.06 -8.86 32.32
N HIS I 50 -29.14 -9.83 32.45
CA HIS I 50 -27.73 -9.55 32.62
C HIS I 50 -26.94 -10.74 32.09
N ILE I 51 -25.79 -10.46 31.47
CA ILE I 51 -24.90 -11.48 30.94
C ILE I 51 -23.47 -11.13 31.29
N GLY I 52 -22.70 -12.12 31.72
CA GLY I 52 -21.30 -11.95 32.03
C GLY I 52 -20.42 -12.15 30.82
N TRP I 53 -19.11 -12.22 31.07
CA TRP I 53 -18.15 -12.48 30.01
C TRP I 53 -18.45 -13.84 29.38
N GLY I 54 -18.54 -13.86 28.05
CA GLY I 54 -18.83 -15.11 27.35
C GLY I 54 -20.26 -15.59 27.41
N GLY I 55 -20.85 -15.62 28.60
CA GLY I 55 -22.22 -16.07 28.76
C GLY I 55 -22.38 -17.26 29.68
N SER I 56 -21.33 -17.57 30.44
CA SER I 56 -21.34 -18.71 31.35
C SER I 56 -21.93 -18.39 32.72
N GLU I 57 -22.21 -17.12 33.01
CA GLU I 57 -22.78 -16.71 34.29
C GLU I 57 -23.79 -15.60 34.01
N THR I 58 -25.04 -16.00 33.82
CA THR I 58 -26.11 -15.07 33.49
C THR I 58 -27.21 -15.17 34.54
N TYR I 59 -27.84 -14.04 34.84
CA TYR I 59 -28.94 -13.97 35.79
C TYR I 59 -30.14 -13.32 35.12
N TYR I 60 -31.31 -13.51 35.72
CA TYR I 60 -32.54 -12.94 35.20
C TYR I 60 -33.41 -12.47 36.35
N ALA I 61 -34.32 -11.56 36.04
CA ALA I 61 -35.20 -10.98 37.05
C ALA I 61 -36.20 -12.01 37.56
N ASP I 62 -36.70 -11.77 38.77
CA ASP I 62 -37.67 -12.68 39.37
C ASP I 62 -39.01 -12.68 38.63
N SER I 63 -39.37 -11.58 37.99
CA SER I 63 -40.60 -11.49 37.22
C SER I 63 -40.42 -11.90 35.76
N VAL I 64 -39.20 -12.19 35.34
CA VAL I 64 -38.91 -12.57 33.96
C VAL I 64 -38.19 -13.91 33.86
N LYS I 65 -37.80 -14.50 34.99
CA LYS I 65 -37.05 -15.76 34.97
C LYS I 65 -37.81 -16.85 34.22
N GLY I 66 -37.08 -17.59 33.39
CA GLY I 66 -37.63 -18.71 32.66
C GLY I 66 -38.24 -18.37 31.32
N ARG I 67 -38.35 -17.10 30.98
CA ARG I 67 -39.03 -16.68 29.75
C ARG I 67 -38.06 -16.25 28.66
N PHE I 68 -37.16 -15.31 28.97
CA PHE I 68 -36.28 -14.73 27.97
C PHE I 68 -34.89 -15.33 28.09
N THR I 69 -34.21 -15.43 26.94
CA THR I 69 -32.87 -16.01 26.86
C THR I 69 -31.88 -14.96 26.37
N ILE I 70 -30.69 -14.96 26.97
CA ILE I 70 -29.63 -14.01 26.64
C ILE I 70 -28.44 -14.78 26.08
N SER I 71 -27.67 -14.09 25.23
CA SER I 71 -26.50 -14.68 24.61
C SER I 71 -25.59 -13.57 24.12
N ARG I 72 -24.32 -13.90 23.92
CA ARG I 72 -23.35 -12.94 23.40
C ARG I 72 -22.37 -13.66 22.48
N ASP I 73 -21.78 -12.89 21.58
CA ASP I 73 -20.82 -13.43 20.61
C ASP I 73 -19.84 -12.32 20.23
N ASN I 74 -18.56 -12.59 20.44
CA ASN I 74 -17.50 -11.61 20.23
C ASN I 74 -17.12 -11.44 18.76
N ALA I 75 -17.57 -12.32 17.88
CA ALA I 75 -17.17 -12.26 16.48
C ALA I 75 -17.74 -11.03 15.76
N LYS I 76 -18.69 -10.33 16.38
CA LYS I 76 -19.29 -9.16 15.75
C LYS I 76 -19.48 -7.99 16.72
N ASN I 77 -18.93 -8.08 17.94
CA ASN I 77 -19.07 -7.05 18.97
C ASN I 77 -20.55 -6.76 19.27
N ALA I 78 -21.33 -7.83 19.45
CA ALA I 78 -22.74 -7.67 19.75
C ALA I 78 -23.24 -8.88 20.53
N MET I 79 -24.35 -8.69 21.24
CA MET I 79 -25.01 -9.76 21.97
C MET I 79 -26.48 -9.78 21.62
N TYR I 80 -27.10 -10.95 21.80
CA TYR I 80 -28.47 -11.18 21.36
C TYR I 80 -29.36 -11.46 22.56
N LEU I 81 -30.49 -10.77 22.63
CA LEU I 81 -31.53 -11.05 23.61
C LEU I 81 -32.78 -11.48 22.86
N GLN I 82 -33.29 -12.67 23.19
CA GLN I 82 -34.45 -13.24 22.52
C GLN I 82 -35.58 -13.43 23.53
N MET I 83 -36.78 -12.98 23.16
CA MET I 83 -37.96 -13.13 23.99
C MET I 83 -38.77 -14.32 23.51
N ASN I 84 -39.58 -14.88 24.43
CA ASN I 84 -40.40 -16.05 24.13
C ASN I 84 -41.86 -15.90 24.52
N GLU I 85 -42.22 -14.95 25.39
CA GLU I 85 -43.59 -14.77 25.82
C GLU I 85 -44.18 -13.44 25.33
N LEU I 86 -43.52 -12.33 25.64
CA LEU I 86 -43.98 -10.99 25.25
C LEU I 86 -45.40 -10.73 25.76
N LYS I 87 -45.51 -10.71 27.08
CA LYS I 87 -46.79 -10.44 27.73
C LYS I 87 -47.24 -9.02 27.41
N PRO I 88 -48.56 -8.77 27.43
CA PRO I 88 -49.05 -7.41 27.19
C PRO I 88 -48.79 -6.46 28.35
N ASP I 89 -47.98 -6.89 29.32
CA ASP I 89 -47.57 -6.03 30.41
C ASP I 89 -46.10 -5.59 30.33
N ASP I 90 -45.30 -6.23 29.48
CA ASP I 90 -43.89 -5.92 29.37
C ASP I 90 -43.59 -4.93 28.24
N THR I 91 -44.61 -4.41 27.58
CA THR I 91 -44.42 -3.41 26.54
C THR I 91 -43.86 -2.13 27.15
N ALA I 92 -42.58 -1.86 26.94
CA ALA I 92 -41.90 -0.75 27.58
C ALA I 92 -40.71 -0.33 26.73
N VAL I 93 -39.86 0.53 27.28
CA VAL I 93 -38.70 1.06 26.57
C VAL I 93 -37.48 0.27 27.00
N TYR I 94 -36.67 -0.16 26.02
CA TYR I 94 -35.54 -1.04 26.24
C TYR I 94 -34.25 -0.25 26.18
N TYR I 95 -33.38 -0.45 27.18
CA TYR I 95 -32.09 0.23 27.25
C TYR I 95 -30.98 -0.79 27.43
N CYS I 96 -29.93 -0.64 26.62
CA CYS I 96 -28.77 -1.52 26.64
C CYS I 96 -27.65 -0.86 27.42
N ALA I 97 -27.11 -1.58 28.41
CA ALA I 97 -26.03 -1.09 29.25
C ALA I 97 -24.80 -1.95 29.03
N ALA I 98 -23.68 -1.48 29.57
CA ALA I 98 -22.42 -2.20 29.48
C ALA I 98 -21.49 -1.69 30.56
N ASP I 99 -20.51 -2.53 30.94
CA ASP I 99 -19.48 -2.08 31.85
C ASP I 99 -18.24 -2.96 31.71
N ARG I 100 -17.13 -2.45 32.24
CA ARG I 100 -15.87 -3.18 32.19
C ARG I 100 -15.95 -4.49 32.95
N GLY I 101 -16.61 -4.46 34.12
CA GLY I 101 -16.69 -5.63 34.97
C GLY I 101 -18.12 -6.01 35.30
N SER I 102 -18.23 -7.03 36.14
CA SER I 102 -19.51 -7.49 36.68
C SER I 102 -19.58 -7.15 38.16
N SER I 103 -20.75 -6.77 38.62
CA SER I 103 -20.93 -6.29 39.98
C SER I 103 -21.84 -7.21 40.78
N PHE I 104 -21.58 -7.29 42.08
CA PHE I 104 -22.52 -7.96 42.98
C PHE I 104 -23.85 -7.23 43.03
N TYR I 105 -23.81 -5.90 43.13
CA TYR I 105 -25.05 -5.13 43.02
C TYR I 105 -25.39 -4.92 41.55
N TYR I 106 -25.46 -6.02 40.80
CA TYR I 106 -25.77 -5.99 39.39
C TYR I 106 -27.20 -5.56 39.09
N VAL I 107 -28.07 -5.51 40.10
CA VAL I 107 -29.42 -5.00 39.87
C VAL I 107 -29.46 -3.49 39.86
N ARG I 108 -28.47 -2.82 40.46
CA ARG I 108 -28.47 -1.37 40.53
C ARG I 108 -28.19 -0.76 39.17
N GLU I 109 -28.94 0.28 38.82
CA GLU I 109 -28.72 0.96 37.55
C GLU I 109 -27.43 1.77 37.57
N SER I 110 -27.03 2.28 38.73
CA SER I 110 -25.80 3.07 38.85
C SER I 110 -24.55 2.25 38.54
N GLU I 111 -24.64 0.92 38.57
CA GLU I 111 -23.50 0.06 38.32
C GLU I 111 -23.33 -0.28 36.85
N TYR I 112 -23.82 0.58 35.96
CA TYR I 112 -23.65 0.42 34.52
C TYR I 112 -23.31 1.79 33.94
N THR I 113 -22.00 2.06 33.80
CA THR I 113 -21.56 3.37 33.33
C THR I 113 -22.00 3.64 31.91
N PHE I 114 -21.90 2.64 31.04
CA PHE I 114 -22.25 2.78 29.63
C PHE I 114 -23.72 2.46 29.42
N TRP I 115 -24.37 3.25 28.59
CA TRP I 115 -25.77 3.04 28.25
C TRP I 115 -25.97 3.28 26.76
N GLY I 116 -26.87 2.51 26.16
CA GLY I 116 -27.13 2.59 24.74
C GLY I 116 -28.32 3.47 24.41
N GLN I 117 -28.79 3.31 23.17
CA GLN I 117 -29.96 4.03 22.70
C GLN I 117 -31.22 3.32 23.19
N GLY I 118 -32.37 3.66 22.63
CA GLY I 118 -33.64 3.09 23.04
C GLY I 118 -34.31 2.30 21.94
N VAL I 121 -35.03 1.26 22.32
CA VAL I 121 -35.84 0.47 21.41
C VAL I 121 -37.26 1.05 21.41
N THR I 122 -37.99 0.81 20.32
CA THR I 122 -39.34 1.32 20.18
C THR I 122 -40.22 0.85 21.35
N VAL I 123 -41.04 1.78 21.86
CA VAL I 123 -41.90 1.46 22.99
C VAL I 123 -42.98 0.48 22.59
N ALA J 14 -57.53 -51.07 30.53
CA ALA J 14 -57.40 -52.41 31.10
C ALA J 14 -55.98 -52.93 30.92
N TYR J 15 -55.63 -53.96 31.69
CA TYR J 15 -54.31 -54.57 31.63
C TYR J 15 -54.45 -56.08 31.56
N THR J 16 -53.50 -56.71 30.88
CA THR J 16 -53.52 -58.16 30.68
C THR J 16 -52.09 -58.68 30.83
N ASN J 17 -51.97 -59.99 31.01
CA ASN J 17 -50.70 -60.66 31.26
C ASN J 17 -50.20 -61.30 29.97
N SER J 18 -49.08 -60.80 29.44
CA SER J 18 -48.48 -61.37 28.25
C SER J 18 -47.67 -62.59 28.68
N PHE J 19 -48.29 -63.77 28.62
CA PHE J 19 -47.68 -64.97 29.18
C PHE J 19 -46.32 -65.25 28.53
N THR J 20 -46.32 -65.62 27.26
CA THR J 20 -45.10 -66.11 26.65
C THR J 20 -44.86 -65.51 25.27
N ARG J 21 -45.73 -64.64 24.79
CA ARG J 21 -45.63 -64.09 23.44
C ARG J 21 -44.71 -62.89 23.41
N GLY J 22 -44.24 -62.56 22.20
CA GLY J 22 -43.39 -61.40 22.00
C GLY J 22 -41.96 -61.74 21.64
N VAL J 23 -41.77 -62.91 21.06
CA VAL J 23 -40.46 -63.46 20.76
C VAL J 23 -40.26 -63.50 19.26
N TYR J 24 -39.15 -62.98 18.79
CA TYR J 24 -38.90 -62.84 17.36
C TYR J 24 -37.50 -63.33 17.03
N TYR J 25 -37.21 -63.41 15.74
CA TYR J 25 -35.90 -63.84 15.31
C TYR J 25 -34.97 -62.64 15.22
N PRO J 26 -33.95 -62.53 16.07
CA PRO J 26 -33.09 -61.34 16.01
C PRO J 26 -32.19 -61.29 14.79
N ASP J 27 -32.10 -62.35 14.00
CA ASP J 27 -31.21 -62.35 12.84
C ASP J 27 -31.72 -63.36 11.82
N LYS J 28 -31.03 -63.42 10.69
CA LYS J 28 -31.38 -64.31 9.59
C LYS J 28 -30.83 -65.73 9.81
N VAL J 29 -29.72 -65.87 10.53
CA VAL J 29 -28.94 -67.10 10.57
C VAL J 29 -29.77 -68.29 11.02
N PHE J 30 -29.33 -69.48 10.67
CA PHE J 30 -30.07 -70.70 10.89
C PHE J 30 -29.30 -71.57 11.87
N ARG J 31 -29.95 -71.91 12.98
CA ARG J 31 -29.33 -72.70 14.03
C ARG J 31 -30.20 -73.92 14.31
N SER J 32 -29.58 -75.09 14.34
CA SER J 32 -30.29 -76.34 14.48
C SER J 32 -29.95 -76.98 15.83
N SER J 33 -30.97 -77.18 16.66
CA SER J 33 -30.83 -77.81 17.97
C SER J 33 -29.75 -77.12 18.80
N VAL J 34 -29.92 -75.82 19.01
CA VAL J 34 -28.97 -75.01 19.74
C VAL J 34 -29.75 -74.14 20.71
N LEU J 35 -29.25 -74.00 21.93
CA LEU J 35 -29.83 -73.07 22.91
C LEU J 35 -28.99 -71.79 22.87
N HIS J 36 -29.25 -70.96 21.88
CA HIS J 36 -28.52 -69.71 21.73
C HIS J 36 -29.02 -68.67 22.72
N SER J 37 -28.08 -67.90 23.27
CA SER J 37 -28.40 -66.84 24.22
C SER J 37 -27.97 -65.52 23.61
N THR J 38 -28.93 -64.60 23.46
CA THR J 38 -28.67 -63.32 22.83
C THR J 38 -29.28 -62.20 23.64
N GLN J 39 -28.69 -61.02 23.52
CA GLN J 39 -29.17 -59.82 24.20
C GLN J 39 -29.71 -58.86 23.14
N ASP J 40 -31.01 -58.65 23.15
CA ASP J 40 -31.68 -57.71 22.26
C ASP J 40 -32.97 -57.27 22.93
N LEU J 41 -33.72 -56.40 22.26
CA LEU J 41 -34.94 -55.83 22.84
C LEU J 41 -36.06 -56.85 22.68
N PHE J 42 -36.40 -57.53 23.76
CA PHE J 42 -37.44 -58.54 23.79
C PHE J 42 -38.55 -58.10 24.74
N LEU J 43 -39.74 -58.66 24.54
CA LEU J 43 -40.84 -58.35 25.44
C LEU J 43 -40.68 -59.15 26.72
N PRO J 44 -40.53 -58.50 27.87
CA PRO J 44 -40.29 -59.24 29.11
C PRO J 44 -41.43 -60.22 29.41
N PHE J 45 -41.04 -61.40 29.89
CA PHE J 45 -42.02 -62.46 30.12
C PHE J 45 -42.97 -62.08 31.24
N PHE J 46 -44.22 -62.52 31.10
CA PHE J 46 -45.26 -62.29 32.11
C PHE J 46 -45.36 -60.81 32.45
N SER J 47 -45.34 -59.97 31.42
CA SER J 47 -45.44 -58.53 31.59
C SER J 47 -46.90 -58.10 31.56
N ASN J 48 -47.11 -56.79 31.64
CA ASN J 48 -48.43 -56.18 31.64
C ASN J 48 -48.65 -55.52 30.29
N VAL J 49 -49.51 -56.10 29.47
CA VAL J 49 -49.88 -55.48 28.20
C VAL J 49 -51.10 -54.60 28.42
N THR J 50 -50.96 -53.32 28.08
CA THR J 50 -52.04 -52.35 28.24
C THR J 50 -53.14 -52.63 27.22
N TRP J 51 -54.29 -53.07 27.71
CA TRP J 51 -55.43 -53.42 26.86
C TRP J 51 -56.22 -52.18 26.52
N PHE J 52 -56.30 -51.84 25.23
CA PHE J 52 -57.17 -50.78 24.74
C PHE J 52 -58.25 -51.34 23.83
N HIS J 53 -59.12 -50.43 23.38
CA HIS J 53 -60.16 -50.71 22.41
C HIS J 53 -60.61 -49.41 21.75
N ASN J 68 -57.89 -46.47 19.44
CA ASN J 68 -58.17 -45.04 19.37
C ASN J 68 -57.01 -44.15 19.87
N PRO J 69 -56.57 -44.32 21.12
CA PRO J 69 -55.61 -43.38 21.69
C PRO J 69 -54.22 -43.55 21.09
N VAL J 70 -53.44 -42.49 21.19
CA VAL J 70 -52.05 -42.50 20.72
C VAL J 70 -51.16 -43.02 21.86
N LEU J 71 -49.96 -43.45 21.49
CA LEU J 71 -49.04 -44.07 22.43
C LEU J 71 -47.62 -43.66 22.10
N PRO J 72 -46.70 -43.74 23.06
CA PRO J 72 -45.29 -43.51 22.77
C PRO J 72 -44.65 -44.70 22.07
N PHE J 73 -43.42 -44.45 21.59
CA PHE J 73 -42.59 -45.43 20.89
C PHE J 73 -41.16 -45.36 21.41
N ASN J 74 -41.01 -45.44 22.74
CA ASN J 74 -39.72 -45.27 23.40
C ASN J 74 -38.63 -46.10 22.72
N ASP J 75 -38.79 -47.43 22.68
CA ASP J 75 -37.78 -48.28 22.08
C ASP J 75 -38.35 -49.42 21.24
N GLY J 76 -39.63 -49.73 21.35
CA GLY J 76 -40.19 -50.84 20.59
C GLY J 76 -41.61 -51.13 21.03
N VAL J 77 -42.35 -51.89 20.23
CA VAL J 77 -43.77 -52.14 20.49
C VAL J 77 -44.09 -53.58 20.10
N TYR J 78 -44.97 -54.21 20.86
CA TYR J 78 -45.50 -55.54 20.53
C TYR J 78 -46.98 -55.41 20.19
N PHE J 79 -47.32 -54.48 19.31
CA PHE J 79 -48.70 -54.34 18.91
C PHE J 79 -49.28 -55.69 18.50
N ALA J 80 -50.26 -56.16 19.24
CA ALA J 80 -51.03 -57.32 18.89
C ALA J 80 -52.45 -56.91 18.58
N SER J 81 -53.27 -57.88 18.20
CA SER J 81 -54.65 -57.61 17.84
C SER J 81 -55.40 -58.93 17.73
N THR J 82 -56.72 -58.87 17.89
CA THR J 82 -57.58 -60.04 17.78
C THR J 82 -58.75 -59.65 16.87
N GLU J 83 -58.57 -59.82 15.58
CA GLU J 83 -59.57 -59.44 14.60
C GLU J 83 -60.47 -60.62 14.26
N LYS J 84 -61.59 -60.33 13.62
CA LYS J 84 -62.52 -61.35 13.15
C LYS J 84 -62.71 -61.31 11.65
N SER J 85 -62.91 -60.13 11.07
CA SER J 85 -63.09 -59.96 9.63
C SER J 85 -62.30 -58.76 9.14
N ASN J 86 -61.04 -58.67 9.58
CA ASN J 86 -60.15 -57.55 9.23
C ASN J 86 -60.73 -56.22 9.70
N ILE J 87 -61.20 -56.21 10.95
CA ILE J 87 -61.69 -54.97 11.55
C ILE J 87 -60.57 -53.95 11.68
N ILE J 88 -59.40 -54.39 12.14
CA ILE J 88 -58.25 -53.51 12.33
C ILE J 88 -57.52 -53.40 10.99
N ARG J 89 -57.12 -52.17 10.64
CA ARG J 89 -56.61 -51.91 9.30
C ARG J 89 -55.12 -51.58 9.29
N GLY J 90 -54.68 -50.55 10.01
CA GLY J 90 -53.31 -50.11 9.87
C GLY J 90 -52.70 -49.37 11.05
N TRP J 91 -51.52 -48.78 10.83
CA TRP J 91 -50.77 -48.15 11.90
C TRP J 91 -50.31 -46.77 11.46
N ILE J 92 -50.16 -45.89 12.45
CA ILE J 92 -49.68 -44.53 12.26
C ILE J 92 -48.44 -44.35 13.10
N PHE J 93 -47.37 -43.82 12.50
CA PHE J 93 -46.11 -43.67 13.20
C PHE J 93 -45.54 -42.30 12.92
N GLY J 94 -44.65 -41.85 13.80
CA GLY J 94 -43.97 -40.59 13.67
C GLY J 94 -43.69 -39.95 15.01
N THR J 95 -43.20 -38.71 14.95
CA THR J 95 -42.93 -37.94 16.16
C THR J 95 -44.08 -37.00 16.51
N THR J 96 -44.42 -36.10 15.59
CA THR J 96 -45.49 -35.13 15.83
C THR J 96 -46.85 -35.60 15.30
N LEU J 97 -46.87 -36.68 14.53
CA LEU J 97 -48.11 -37.31 14.06
C LEU J 97 -48.96 -36.40 13.19
N ASP J 98 -48.35 -35.42 12.52
CA ASP J 98 -49.08 -34.53 11.64
C ASP J 98 -48.09 -33.90 10.66
N SER J 99 -48.53 -32.83 9.99
CA SER J 99 -47.68 -32.14 9.04
C SER J 99 -46.51 -31.46 9.76
N LYS J 100 -45.66 -30.81 8.98
CA LYS J 100 -44.43 -30.15 9.41
C LYS J 100 -43.37 -31.13 9.91
N THR J 101 -43.65 -32.43 9.89
CA THR J 101 -42.70 -33.45 10.32
C THR J 101 -43.08 -34.76 9.64
N GLN J 102 -42.06 -35.52 9.24
CA GLN J 102 -42.30 -36.78 8.55
C GLN J 102 -43.02 -37.76 9.46
N SER J 103 -43.81 -38.64 8.85
CA SER J 103 -44.59 -39.63 9.59
C SER J 103 -44.81 -40.86 8.72
N LEU J 104 -44.37 -42.01 9.21
CA LEU J 104 -44.59 -43.28 8.53
C LEU J 104 -46.08 -43.62 8.54
N LEU J 105 -46.51 -44.39 7.54
CA LEU J 105 -47.92 -44.65 7.32
C LEU J 105 -48.09 -46.04 6.71
N ILE J 106 -48.81 -46.91 7.41
CA ILE J 106 -49.16 -48.23 6.91
C ILE J 106 -50.66 -48.44 7.11
N VAL J 107 -51.40 -48.64 6.02
CA VAL J 107 -52.81 -49.00 6.08
C VAL J 107 -53.08 -50.13 5.10
N ASN J 108 -53.95 -51.05 5.49
CA ASN J 108 -54.44 -52.11 4.62
C ASN J 108 -55.85 -51.71 4.19
N ASN J 109 -55.95 -51.10 3.01
CA ASN J 109 -57.25 -50.70 2.46
C ASN J 109 -57.83 -51.78 1.57
N ALA J 110 -57.93 -53.00 2.10
CA ALA J 110 -58.56 -54.13 1.43
C ALA J 110 -57.85 -54.52 0.13
N THR J 111 -56.77 -53.82 -0.21
CA THR J 111 -55.99 -54.12 -1.41
C THR J 111 -54.57 -54.52 -1.07
N ASN J 112 -53.86 -53.70 -0.31
CA ASN J 112 -52.46 -53.92 0.03
C ASN J 112 -52.09 -52.96 1.15
N VAL J 113 -50.82 -52.97 1.54
CA VAL J 113 -50.30 -52.08 2.56
C VAL J 113 -49.50 -50.99 1.86
N VAL J 114 -49.95 -49.75 1.99
CA VAL J 114 -49.28 -48.61 1.38
C VAL J 114 -48.39 -47.97 2.43
N ILE J 115 -47.09 -47.89 2.13
CA ILE J 115 -46.11 -47.37 3.06
C ILE J 115 -45.66 -46.00 2.54
N LYS J 116 -45.75 -44.99 3.39
CA LYS J 116 -45.37 -43.64 3.04
C LYS J 116 -44.60 -43.04 4.21
N VAL J 117 -43.78 -42.04 3.90
CA VAL J 117 -43.02 -41.35 4.94
C VAL J 117 -43.21 -39.85 4.78
N CYS J 118 -44.22 -39.46 4.00
CA CYS J 118 -44.50 -38.06 3.75
C CYS J 118 -45.16 -37.41 4.95
N GLU J 119 -44.95 -36.09 5.08
CA GLU J 119 -45.53 -35.31 6.17
C GLU J 119 -47.01 -35.11 5.87
N PHE J 120 -47.79 -36.15 6.16
CA PHE J 120 -49.21 -36.14 5.88
C PHE J 120 -49.95 -35.32 6.94
N GLN J 121 -51.26 -35.18 6.76
CA GLN J 121 -52.09 -34.32 7.60
C GLN J 121 -53.14 -35.13 8.33
N PHE J 122 -52.72 -36.22 8.99
CA PHE J 122 -53.63 -37.13 9.68
C PHE J 122 -54.66 -36.36 10.50
N CYS J 123 -55.89 -36.85 10.47
CA CYS J 123 -56.93 -36.30 11.32
C CYS J 123 -56.77 -36.81 12.76
N ASN J 124 -57.55 -36.22 13.66
CA ASN J 124 -57.50 -36.65 15.05
C ASN J 124 -58.05 -38.06 15.25
N ASP J 125 -58.74 -38.61 14.25
CA ASP J 125 -59.23 -39.97 14.34
C ASP J 125 -59.52 -40.53 12.94
N PRO J 126 -58.48 -40.85 12.16
CA PRO J 126 -58.71 -41.38 10.82
C PRO J 126 -59.05 -42.86 10.86
N PHE J 127 -59.49 -43.37 9.70
CA PHE J 127 -59.80 -44.78 9.55
C PHE J 127 -59.79 -45.19 8.08
N ASN J 151 -46.49 -34.86 0.18
CA ASN J 151 -45.93 -33.75 0.93
C ASN J 151 -44.49 -34.02 1.35
N ASN J 152 -43.55 -33.70 0.46
CA ASN J 152 -42.11 -33.90 0.68
C ASN J 152 -41.80 -35.38 0.96
N CYS J 153 -42.30 -36.23 0.07
CA CYS J 153 -42.08 -37.67 0.22
C CYS J 153 -40.63 -38.03 -0.07
N THR J 154 -40.12 -39.00 0.70
CA THR J 154 -38.81 -39.57 0.44
C THR J 154 -38.82 -41.08 0.28
N PHE J 155 -39.91 -41.76 0.65
CA PHE J 155 -40.02 -43.20 0.44
C PHE J 155 -41.49 -43.55 0.29
N GLU J 156 -41.81 -44.38 -0.69
CA GLU J 156 -43.16 -44.86 -0.91
C GLU J 156 -43.10 -46.34 -1.26
N TYR J 157 -44.21 -47.05 -1.01
CA TYR J 157 -44.28 -48.47 -1.30
C TYR J 157 -45.74 -48.89 -1.30
N VAL J 158 -46.20 -49.49 -2.39
CA VAL J 158 -47.51 -50.11 -2.46
C VAL J 158 -47.32 -51.60 -2.73
N SER J 159 -47.58 -52.42 -1.72
CA SER J 159 -47.43 -53.87 -1.87
C SER J 159 -48.57 -54.45 -2.70
N PHE J 173 -63.62 -64.17 17.71
CA PHE J 173 -62.27 -63.63 17.62
C PHE J 173 -61.24 -64.75 17.59
N LYS J 174 -60.98 -65.28 16.40
CA LYS J 174 -60.11 -66.42 16.20
C LYS J 174 -58.90 -66.04 15.37
N ASN J 175 -58.36 -64.84 15.59
CA ASN J 175 -57.17 -64.37 14.92
C ASN J 175 -56.24 -63.70 15.91
N LEU J 176 -54.95 -63.72 15.60
CA LEU J 176 -53.93 -63.08 16.43
C LEU J 176 -52.86 -62.52 15.51
N ARG J 177 -52.89 -61.21 15.29
CA ARG J 177 -51.94 -60.55 14.41
C ARG J 177 -50.87 -59.89 15.28
N GLU J 178 -49.86 -60.67 15.66
CA GLU J 178 -48.79 -60.16 16.52
C GLU J 178 -47.76 -59.43 15.69
N PHE J 179 -47.40 -58.22 16.11
CA PHE J 179 -46.49 -57.37 15.38
C PHE J 179 -45.45 -56.81 16.34
N VAL J 180 -44.24 -56.62 15.83
CA VAL J 180 -43.17 -55.99 16.60
C VAL J 180 -42.54 -54.92 15.74
N PHE J 181 -42.42 -53.71 16.30
CA PHE J 181 -41.84 -52.58 15.57
C PHE J 181 -40.68 -52.02 16.37
N LYS J 182 -39.55 -51.81 15.71
CA LYS J 182 -38.43 -51.13 16.34
C LYS J 182 -37.54 -50.55 15.26
N ASN J 183 -36.76 -49.55 15.65
CA ASN J 183 -35.89 -48.85 14.71
C ASN J 183 -34.45 -49.33 14.82
N TYR J 187 -32.58 -49.34 11.08
CA TYR J 187 -33.79 -48.57 10.82
C TYR J 187 -35.04 -49.39 11.15
N PHE J 188 -36.16 -49.03 10.53
CA PHE J 188 -37.43 -49.62 10.90
C PHE J 188 -37.48 -51.09 10.50
N LYS J 189 -37.90 -51.94 11.43
CA LYS J 189 -38.07 -53.37 11.19
C LYS J 189 -39.41 -53.83 11.72
N ILE J 190 -40.03 -54.74 10.98
CA ILE J 190 -41.34 -55.29 11.33
C ILE J 190 -41.24 -56.80 11.34
N TYR J 191 -41.73 -57.41 12.42
CA TYR J 191 -41.87 -58.86 12.52
C TYR J 191 -43.35 -59.17 12.72
N SER J 192 -43.82 -60.23 12.10
CA SER J 192 -45.25 -60.52 12.14
C SER J 192 -45.48 -62.02 12.13
N LYS J 193 -46.58 -62.43 12.74
CA LYS J 193 -46.96 -63.84 12.77
C LYS J 193 -48.44 -63.93 13.09
N HIS J 194 -49.20 -64.58 12.20
CA HIS J 194 -50.65 -64.69 12.33
C HIS J 194 -50.97 -66.15 12.63
N THR J 195 -51.68 -66.39 13.73
CA THR J 195 -52.08 -67.74 14.07
C THR J 195 -53.52 -67.74 14.58
N PRO J 196 -54.28 -68.78 14.26
CA PRO J 196 -55.62 -68.92 14.85
C PRO J 196 -55.53 -69.16 16.35
N ILE J 197 -56.49 -68.60 17.08
CA ILE J 197 -56.57 -68.71 18.52
C ILE J 197 -58.03 -68.91 18.91
N ASN J 198 -58.27 -69.03 20.22
CA ASN J 198 -59.61 -69.20 20.75
C ASN J 198 -59.86 -68.24 21.91
N ASP J 202 -57.50 -61.07 26.48
CA ASP J 202 -57.33 -62.49 26.78
C ASP J 202 -56.28 -63.12 25.87
N LEU J 203 -55.03 -62.74 26.09
CA LEU J 203 -53.94 -63.28 25.27
C LEU J 203 -53.75 -64.76 25.57
N PRO J 204 -53.73 -65.62 24.56
CA PRO J 204 -53.57 -67.06 24.83
C PRO J 204 -52.19 -67.39 25.36
N GLN J 205 -52.13 -68.42 26.18
CA GLN J 205 -50.85 -68.96 26.61
C GLN J 205 -50.31 -69.91 25.53
N GLY J 206 -49.00 -70.01 25.48
CA GLY J 206 -48.31 -70.78 24.47
C GLY J 206 -47.21 -69.97 23.81
N PHE J 207 -46.49 -70.64 22.91
CA PHE J 207 -45.31 -70.07 22.30
C PHE J 207 -45.44 -70.04 20.78
N SER J 208 -45.07 -68.89 20.20
CA SER J 208 -45.00 -68.76 18.75
C SER J 208 -44.03 -67.62 18.44
N ALA J 209 -43.05 -67.89 17.59
CA ALA J 209 -42.07 -66.89 17.21
C ALA J 209 -42.59 -66.03 16.07
N LEU J 210 -42.04 -64.82 15.97
CA LEU J 210 -42.45 -63.85 14.97
C LEU J 210 -41.37 -63.71 13.92
N GLU J 211 -41.50 -64.45 12.82
CA GLU J 211 -40.55 -64.32 11.74
C GLU J 211 -40.63 -62.93 11.13
N PRO J 212 -39.50 -62.36 10.73
CA PRO J 212 -39.54 -61.04 10.08
C PRO J 212 -40.34 -61.08 8.79
N LEU J 213 -41.05 -59.99 8.54
CA LEU J 213 -41.91 -59.89 7.36
C LEU J 213 -41.52 -58.77 6.41
N VAL J 214 -41.17 -57.60 6.95
CA VAL J 214 -40.81 -56.45 6.12
C VAL J 214 -39.76 -55.62 6.86
N ASP J 215 -38.76 -55.16 6.12
CA ASP J 215 -37.77 -54.21 6.63
C ASP J 215 -37.73 -53.01 5.69
N LEU J 216 -37.76 -51.80 6.25
CA LEU J 216 -37.91 -50.58 5.48
C LEU J 216 -36.79 -49.60 5.82
N PRO J 217 -36.02 -49.13 4.83
CA PRO J 217 -34.86 -48.25 5.11
C PRO J 217 -35.23 -46.77 5.10
N ILE J 218 -36.27 -46.44 5.87
CA ILE J 218 -36.85 -45.10 5.82
C ILE J 218 -36.17 -44.14 6.81
N GLY J 219 -35.64 -44.65 7.92
CA GLY J 219 -34.81 -43.84 8.79
C GLY J 219 -35.48 -42.60 9.35
N ILE J 220 -36.69 -42.75 9.88
CA ILE J 220 -37.43 -41.65 10.47
C ILE J 220 -37.32 -41.74 11.99
N ASN J 221 -37.06 -40.61 12.62
CA ASN J 221 -37.07 -40.56 14.09
C ASN J 221 -38.51 -40.72 14.59
N ILE J 222 -38.78 -41.81 15.30
CA ILE J 222 -40.12 -42.13 15.76
C ILE J 222 -40.13 -42.08 17.28
N THR J 223 -41.19 -41.47 17.83
CA THR J 223 -41.41 -41.44 19.27
C THR J 223 -42.83 -41.77 19.67
N ARG J 224 -43.81 -41.59 18.78
CA ARG J 224 -45.20 -41.84 19.11
C ARG J 224 -45.85 -42.65 17.98
N PHE J 225 -46.99 -43.26 18.29
CA PHE J 225 -47.70 -44.04 17.29
C PHE J 225 -49.17 -44.13 17.69
N GLN J 226 -50.01 -44.47 16.71
CA GLN J 226 -51.44 -44.58 16.94
C GLN J 226 -51.97 -45.74 16.10
N THR J 227 -53.30 -45.86 16.03
CA THR J 227 -53.90 -47.01 15.38
C THR J 227 -55.15 -46.58 14.61
N LEU J 228 -55.48 -47.38 13.60
CA LEU J 228 -56.69 -47.24 12.81
C LEU J 228 -57.68 -48.35 13.18
N LEU J 229 -58.82 -48.34 12.51
CA LEU J 229 -59.84 -49.38 12.73
C LEU J 229 -60.90 -49.33 11.65
N ALA J 250 -62.57 -54.41 18.60
CA ALA J 250 -61.90 -55.68 18.79
C ALA J 250 -60.80 -55.56 19.83
N ALA J 251 -60.20 -56.70 20.17
CA ALA J 251 -59.09 -56.70 21.11
C ALA J 251 -57.88 -56.00 20.50
N TYR J 252 -57.30 -55.08 21.26
CA TYR J 252 -56.28 -54.14 20.78
C TYR J 252 -55.26 -53.95 21.90
N TYR J 253 -54.23 -54.79 21.89
CA TYR J 253 -53.20 -54.83 22.92
C TYR J 253 -51.94 -54.12 22.45
N VAL J 254 -51.15 -53.66 23.42
CA VAL J 254 -49.84 -53.07 23.14
C VAL J 254 -48.86 -53.59 24.18
N GLY J 255 -47.69 -54.03 23.70
CA GLY J 255 -46.59 -54.35 24.59
C GLY J 255 -45.42 -53.43 24.32
N TYR J 256 -44.47 -53.37 25.25
CA TYR J 256 -43.30 -52.51 25.06
C TYR J 256 -42.04 -53.36 25.19
N LEU J 257 -41.09 -53.15 24.28
CA LEU J 257 -39.85 -53.89 24.29
C LEU J 257 -38.87 -53.32 25.31
N GLN J 258 -38.12 -54.20 25.94
CA GLN J 258 -37.09 -53.84 26.90
C GLN J 258 -35.81 -54.60 26.58
N PRO J 259 -34.65 -54.02 26.88
CA PRO J 259 -33.37 -54.69 26.56
C PRO J 259 -33.02 -55.80 27.55
N ARG J 260 -33.62 -56.97 27.34
CA ARG J 260 -33.44 -58.11 28.22
C ARG J 260 -32.81 -59.27 27.45
N THR J 261 -32.04 -60.08 28.17
CA THR J 261 -31.31 -61.20 27.58
C THR J 261 -32.15 -62.46 27.63
N PHE J 262 -32.25 -63.15 26.49
CA PHE J 262 -33.10 -64.32 26.36
C PHE J 262 -32.25 -65.51 25.93
N LEU J 263 -32.72 -66.71 26.29
CA LEU J 263 -32.09 -67.95 25.86
C LEU J 263 -33.05 -68.62 24.88
N LEU J 264 -32.66 -68.70 23.61
CA LEU J 264 -33.54 -69.13 22.54
C LEU J 264 -33.29 -70.59 22.20
N LYS J 265 -34.35 -71.39 22.22
CA LYS J 265 -34.27 -72.82 21.96
C LYS J 265 -34.64 -73.10 20.51
N TYR J 266 -33.64 -73.09 19.64
CA TYR J 266 -33.86 -73.48 18.25
C TYR J 266 -34.07 -74.98 18.18
N ASN J 267 -34.86 -75.42 17.20
CA ASN J 267 -35.03 -76.85 16.96
C ASN J 267 -34.24 -77.27 15.74
N GLU J 268 -34.42 -78.53 15.32
CA GLU J 268 -33.61 -79.05 14.22
C GLU J 268 -33.91 -78.34 12.89
N ASN J 269 -35.10 -77.77 12.76
CA ASN J 269 -35.45 -77.07 11.53
C ASN J 269 -35.10 -75.59 11.56
N GLY J 270 -34.66 -75.07 12.71
CA GLY J 270 -34.34 -73.67 12.84
C GLY J 270 -35.40 -72.83 13.49
N THR J 271 -36.51 -73.43 13.93
CA THR J 271 -37.63 -72.68 14.49
C THR J 271 -37.48 -72.54 16.00
N ILE J 272 -37.58 -71.31 16.49
CA ILE J 272 -37.49 -71.06 17.93
C ILE J 272 -38.73 -71.67 18.58
N THR J 273 -38.57 -72.81 19.25
CA THR J 273 -39.70 -73.49 19.86
C THR J 273 -39.89 -73.13 21.33
N ASP J 274 -38.95 -72.41 21.93
CA ASP J 274 -39.08 -72.00 23.33
C ASP J 274 -38.01 -70.98 23.65
N ALA J 275 -38.18 -70.30 24.78
CA ALA J 275 -37.18 -69.34 25.22
C ALA J 275 -37.29 -69.16 26.73
N VAL J 276 -36.23 -68.62 27.31
CA VAL J 276 -36.13 -68.38 28.75
C VAL J 276 -35.67 -66.95 28.97
N ASP J 277 -36.42 -66.20 29.79
CA ASP J 277 -36.04 -64.85 30.13
C ASP J 277 -35.00 -64.89 31.24
N CYS J 278 -33.81 -64.37 30.96
CA CYS J 278 -32.70 -64.51 31.91
C CYS J 278 -32.87 -63.65 33.14
N ALA J 279 -34.04 -63.05 33.40
CA ALA J 279 -34.20 -62.24 34.60
C ALA J 279 -35.57 -62.41 35.24
N LEU J 280 -36.35 -63.41 34.82
CA LEU J 280 -37.71 -63.55 35.34
C LEU J 280 -37.71 -63.95 36.80
N ASP J 281 -36.94 -64.97 37.16
CA ASP J 281 -36.89 -65.47 38.52
C ASP J 281 -35.56 -66.19 38.70
N PRO J 282 -35.23 -66.61 39.94
CA PRO J 282 -33.97 -67.35 40.12
C PRO J 282 -33.84 -68.59 39.26
N LEU J 283 -34.92 -69.35 39.06
CA LEU J 283 -34.80 -70.56 38.27
C LEU J 283 -34.43 -70.24 36.82
N SER J 284 -34.99 -69.15 36.29
CA SER J 284 -34.66 -68.75 34.93
C SER J 284 -33.21 -68.28 34.83
N GLU J 285 -32.70 -67.61 35.86
CA GLU J 285 -31.29 -67.26 35.87
C GLU J 285 -30.42 -68.51 35.87
N THR J 286 -30.80 -69.51 36.65
CA THR J 286 -30.05 -70.76 36.67
C THR J 286 -30.06 -71.43 35.31
N LYS J 287 -31.22 -71.45 34.65
CA LYS J 287 -31.29 -72.02 33.32
C LYS J 287 -30.41 -71.26 32.34
N CYS J 288 -30.41 -69.92 32.43
CA CYS J 288 -29.61 -69.13 31.51
C CYS J 288 -28.12 -69.32 31.74
N THR J 289 -27.68 -69.39 33.00
CA THR J 289 -26.26 -69.48 33.28
C THR J 289 -25.72 -70.88 32.95
N LEU J 290 -26.58 -71.89 33.01
CA LEU J 290 -26.20 -73.24 32.62
C LEU J 290 -26.35 -73.49 31.12
N LYS J 291 -26.99 -72.58 30.40
CA LYS J 291 -27.29 -72.76 28.97
C LYS J 291 -28.08 -74.04 28.72
N SER J 292 -29.05 -74.30 29.59
CA SER J 292 -29.87 -75.49 29.49
C SER J 292 -31.30 -75.16 29.87
N PHE J 293 -32.24 -75.91 29.30
CA PHE J 293 -33.65 -75.78 29.65
C PHE J 293 -34.08 -76.74 30.73
N THR J 294 -33.17 -77.58 31.22
CA THR J 294 -33.39 -78.40 32.39
C THR J 294 -32.18 -78.28 33.30
N VAL J 295 -32.40 -78.34 34.60
CA VAL J 295 -31.33 -78.23 35.58
C VAL J 295 -31.44 -79.37 36.57
N GLU J 296 -30.32 -80.04 36.82
CA GLU J 296 -30.26 -81.16 37.74
C GLU J 296 -30.12 -80.68 39.18
N LYS J 297 -30.32 -81.61 40.11
CA LYS J 297 -30.27 -81.27 41.52
C LYS J 297 -28.92 -80.68 41.88
N GLY J 298 -28.93 -79.57 42.61
CA GLY J 298 -27.69 -78.99 43.08
C GLY J 298 -27.86 -77.52 43.38
N ILE J 299 -26.75 -76.93 43.80
CA ILE J 299 -26.68 -75.51 44.13
C ILE J 299 -25.76 -74.83 43.13
N TYR J 300 -26.33 -73.95 42.32
CA TYR J 300 -25.61 -73.30 41.24
C TYR J 300 -25.47 -71.82 41.55
N GLN J 301 -24.26 -71.29 41.40
CA GLN J 301 -24.05 -69.85 41.58
C GLN J 301 -24.36 -69.14 40.27
N THR J 302 -25.19 -68.10 40.35
CA THR J 302 -25.71 -67.44 39.17
C THR J 302 -25.26 -66.00 39.02
N SER J 303 -25.28 -65.21 40.09
CA SER J 303 -24.96 -63.79 39.98
C SER J 303 -24.26 -63.32 41.24
N ASN J 304 -23.83 -62.06 41.24
CA ASN J 304 -23.17 -61.43 42.37
C ASN J 304 -24.08 -60.36 42.94
N PHE J 305 -24.31 -60.42 44.24
CA PHE J 305 -25.15 -59.44 44.91
C PHE J 305 -24.27 -58.36 45.54
N ARG J 306 -24.58 -57.10 45.25
CA ARG J 306 -23.75 -55.99 45.71
C ARG J 306 -24.63 -54.93 46.36
N VAL J 307 -24.27 -54.50 47.55
CA VAL J 307 -24.98 -53.42 48.22
C VAL J 307 -24.49 -52.09 47.66
N GLN J 308 -25.41 -51.27 47.17
CA GLN J 308 -25.00 -49.99 46.63
C GLN J 308 -25.13 -48.89 47.66
N PRO J 309 -24.24 -47.89 47.63
CA PRO J 309 -24.34 -46.79 48.59
C PRO J 309 -25.58 -45.96 48.38
N THR J 310 -26.08 -45.38 49.48
CA THR J 310 -27.27 -44.55 49.43
C THR J 310 -26.93 -43.08 49.26
N GLU J 311 -26.20 -42.51 50.22
CA GLU J 311 -25.93 -41.08 50.26
C GLU J 311 -24.44 -40.85 50.33
N SER J 312 -24.01 -39.67 49.85
CA SER J 312 -22.64 -39.24 49.99
C SER J 312 -22.49 -38.40 51.25
N ILE J 313 -21.38 -38.59 51.95
CA ILE J 313 -21.06 -37.80 53.14
C ILE J 313 -19.74 -37.10 52.90
N VAL J 314 -19.64 -35.86 53.38
CA VAL J 314 -18.41 -35.08 53.32
C VAL J 314 -18.24 -34.37 54.64
N ARG J 315 -17.06 -34.50 55.25
CA ARG J 315 -16.74 -33.84 56.50
C ARG J 315 -15.38 -33.18 56.38
N PHE J 316 -15.29 -31.94 56.82
CA PHE J 316 -14.04 -31.19 56.84
C PHE J 316 -13.88 -30.52 58.21
N PRO J 317 -12.64 -30.20 58.61
CA PRO J 317 -12.43 -29.58 59.92
C PRO J 317 -13.22 -28.30 60.06
N ASN J 318 -13.57 -27.97 61.31
CA ASN J 318 -14.53 -26.87 61.61
C ASN J 318 -13.93 -25.52 61.20
N ILE J 319 -14.77 -24.50 61.04
CA ILE J 319 -14.30 -23.13 60.64
C ILE J 319 -13.13 -22.71 61.54
N THR J 320 -11.98 -22.39 60.94
CA THR J 320 -10.78 -22.04 61.73
C THR J 320 -10.75 -20.52 61.96
N ASN J 321 -9.56 -19.91 61.99
CA ASN J 321 -9.53 -18.46 62.11
C ASN J 321 -9.81 -17.82 60.76
N LEU J 322 -10.85 -16.98 60.70
CA LEU J 322 -11.23 -16.33 59.46
C LEU J 322 -10.26 -15.21 59.12
N CYS J 323 -10.19 -14.87 57.83
CA CYS J 323 -9.30 -13.81 57.38
C CYS J 323 -9.78 -12.46 57.93
N PRO J 324 -8.86 -11.53 58.16
CA PRO J 324 -9.25 -10.22 58.70
C PRO J 324 -10.02 -9.38 57.69
N PHE J 325 -11.32 -9.21 57.94
CA PHE J 325 -12.16 -8.35 57.12
C PHE J 325 -12.97 -7.35 57.95
N GLY J 326 -12.79 -7.35 59.27
CA GLY J 326 -13.46 -6.38 60.11
C GLY J 326 -12.53 -5.26 60.50
N GLU J 327 -11.24 -5.55 60.55
CA GLU J 327 -10.23 -4.54 60.83
C GLU J 327 -9.79 -3.80 59.58
N VAL J 328 -10.30 -4.18 58.41
CA VAL J 328 -10.02 -3.49 57.17
C VAL J 328 -11.26 -2.75 56.67
N PHE J 329 -12.41 -3.42 56.66
CA PHE J 329 -13.66 -2.82 56.20
C PHE J 329 -14.38 -2.05 57.29
N ASN J 330 -14.02 -2.26 58.55
CA ASN J 330 -14.58 -1.48 59.65
C ASN J 330 -13.47 -0.87 60.51
N ALA J 331 -12.35 -0.53 59.87
CA ALA J 331 -11.24 0.08 60.58
C ALA J 331 -11.60 1.48 61.06
N THR J 332 -10.90 1.93 62.11
CA THR J 332 -11.20 3.23 62.70
C THR J 332 -10.69 4.37 61.84
N ARG J 333 -9.49 4.24 61.27
CA ARG J 333 -8.86 5.31 60.50
C ARG J 333 -8.33 4.77 59.18
N PHE J 334 -8.66 5.46 58.09
CA PHE J 334 -8.20 5.10 56.75
C PHE J 334 -7.05 6.00 56.33
N ALA J 335 -6.30 5.53 55.34
CA ALA J 335 -5.11 6.21 54.86
C ALA J 335 -5.44 7.10 53.67
N SER J 336 -4.59 8.09 53.45
CA SER J 336 -4.71 8.97 52.30
C SER J 336 -4.37 8.21 51.03
N VAL J 337 -4.89 8.71 49.89
CA VAL J 337 -4.86 7.92 48.67
C VAL J 337 -3.45 7.77 48.12
N TYR J 338 -2.65 8.84 48.20
CA TYR J 338 -1.28 8.74 47.72
C TYR J 338 -0.48 7.73 48.54
N ALA J 339 -0.64 7.75 49.86
CA ALA J 339 -0.06 6.74 50.74
C ALA J 339 -1.12 5.71 51.13
N TRP J 340 -1.60 4.98 50.15
CA TRP J 340 -2.68 4.03 50.39
C TRP J 340 -2.22 2.89 51.27
N ASN J 341 -3.07 2.52 52.24
CA ASN J 341 -2.73 1.48 53.21
C ASN J 341 -2.88 0.11 52.54
N ARG J 342 -1.81 -0.69 52.60
CA ARG J 342 -1.79 -2.02 51.99
C ARG J 342 -1.59 -3.06 53.07
N LYS J 343 -2.39 -4.13 53.01
CA LYS J 343 -2.29 -5.24 53.95
C LYS J 343 -2.36 -6.55 53.17
N ARG J 344 -1.43 -7.46 53.47
CA ARG J 344 -1.38 -8.76 52.80
C ARG J 344 -2.07 -9.81 53.68
N ILE J 345 -3.15 -10.38 53.18
CA ILE J 345 -3.96 -11.36 53.90
C ILE J 345 -3.47 -12.74 53.51
N SER J 346 -3.10 -13.55 54.50
CA SER J 346 -2.58 -14.88 54.22
C SER J 346 -2.77 -15.77 55.45
N ASN J 347 -2.76 -17.08 55.19
CA ASN J 347 -2.89 -18.11 56.23
C ASN J 347 -4.17 -17.93 57.05
N CYS J 348 -5.31 -18.05 56.37
CA CYS J 348 -6.62 -17.96 57.06
C CYS J 348 -7.73 -18.45 56.11
N VAL J 349 -8.96 -18.57 56.59
CA VAL J 349 -10.07 -18.95 55.66
C VAL J 349 -10.64 -17.66 55.05
N ALA J 350 -10.63 -17.56 53.72
CA ALA J 350 -11.09 -16.33 53.03
C ALA J 350 -12.61 -16.34 52.86
N ASP J 351 -13.36 -16.15 53.95
CA ASP J 351 -14.84 -16.07 53.83
C ASP J 351 -15.21 -14.72 53.22
N TYR J 352 -16.10 -14.72 52.23
CA TYR J 352 -16.54 -13.46 51.58
C TYR J 352 -17.97 -13.13 52.01
N SER J 353 -18.55 -13.96 52.88
CA SER J 353 -19.94 -13.71 53.23
C SER J 353 -20.16 -12.33 53.83
N VAL J 354 -19.16 -11.76 54.48
CA VAL J 354 -19.30 -10.43 55.06
C VAL J 354 -19.49 -9.38 53.97
N LEU J 355 -18.83 -9.57 52.83
CA LEU J 355 -18.98 -8.64 51.73
C LEU J 355 -20.26 -8.85 50.95
N TYR J 356 -21.00 -9.92 51.26
CA TYR J 356 -22.25 -10.22 50.56
C TYR J 356 -23.46 -9.68 51.31
N ASN J 357 -23.58 -10.00 52.61
CA ASN J 357 -24.71 -9.51 53.38
C ASN J 357 -24.65 -8.01 53.60
N SER J 358 -23.45 -7.42 53.62
CA SER J 358 -23.32 -5.99 53.85
C SER J 358 -23.87 -5.23 52.64
N ALA J 359 -25.08 -4.69 52.78
CA ALA J 359 -25.75 -3.99 51.70
C ALA J 359 -25.45 -2.50 51.68
N SER J 360 -24.57 -2.03 52.54
CA SER J 360 -24.23 -0.61 52.61
C SER J 360 -23.08 -0.23 51.68
N PHE J 361 -22.54 -1.16 50.91
CA PHE J 361 -21.50 -0.83 49.95
C PHE J 361 -22.09 -0.02 48.81
N SER J 362 -21.44 1.09 48.47
CA SER J 362 -21.85 1.89 47.33
C SER J 362 -21.38 1.32 46.01
N THR J 363 -20.47 0.36 46.02
CA THR J 363 -19.94 -0.23 44.80
C THR J 363 -19.25 -1.53 45.14
N PHE J 364 -19.58 -2.59 44.40
CA PHE J 364 -18.87 -3.87 44.47
C PHE J 364 -18.74 -4.36 43.03
N LYS J 365 -17.59 -4.10 42.42
CA LYS J 365 -17.36 -4.43 41.03
C LYS J 365 -16.16 -5.34 40.92
N CYS J 366 -16.26 -6.37 40.06
CA CYS J 366 -15.24 -7.39 39.93
C CYS J 366 -14.72 -7.44 38.50
N TYR J 367 -13.43 -7.74 38.35
CA TYR J 367 -12.76 -7.76 37.07
C TYR J 367 -12.07 -9.11 36.89
N GLY J 368 -12.30 -9.75 35.76
CA GLY J 368 -11.69 -11.03 35.43
C GLY J 368 -12.32 -12.23 36.10
N VAL J 369 -12.97 -12.02 37.24
CA VAL J 369 -13.59 -13.11 37.99
C VAL J 369 -15.02 -12.70 38.32
N SER J 370 -15.85 -13.72 38.60
CA SER J 370 -17.23 -13.47 38.97
C SER J 370 -17.30 -12.86 40.38
N PRO J 371 -18.29 -12.00 40.61
CA PRO J 371 -18.47 -11.46 41.98
C PRO J 371 -18.89 -12.50 43.00
N THR J 372 -19.32 -13.69 42.56
CA THR J 372 -19.78 -14.73 43.47
C THR J 372 -18.93 -15.99 43.47
N LYS J 373 -18.19 -16.28 42.38
CA LYS J 373 -17.39 -17.49 42.29
C LYS J 373 -15.99 -17.31 42.87
N LEU J 374 -15.81 -16.38 43.81
CA LEU J 374 -14.48 -16.11 44.33
C LEU J 374 -14.02 -17.20 45.28
N ASN J 375 -14.94 -17.78 46.06
CA ASN J 375 -14.55 -18.77 47.06
C ASN J 375 -14.03 -20.06 46.44
N ASP J 376 -14.45 -20.39 45.22
CA ASP J 376 -14.06 -21.66 44.62
C ASP J 376 -12.57 -21.73 44.35
N LEU J 377 -12.03 -20.72 43.67
CA LEU J 377 -10.63 -20.68 43.30
C LEU J 377 -9.87 -19.82 44.31
N CYS J 378 -8.70 -20.29 44.70
CA CYS J 378 -7.97 -19.61 45.76
C CYS J 378 -6.47 -19.64 45.49
N PHE J 379 -5.78 -18.70 46.13
CA PHE J 379 -4.43 -18.32 45.74
C PHE J 379 -3.57 -18.23 47.00
N PHE J 380 -2.36 -17.70 46.83
CA PHE J 380 -1.40 -17.63 47.92
C PHE J 380 -1.74 -16.49 48.87
N ASN J 381 -1.85 -15.27 48.34
CA ASN J 381 -2.02 -14.07 49.15
C ASN J 381 -3.24 -13.29 48.70
N VAL J 382 -3.81 -12.56 49.65
CA VAL J 382 -4.87 -11.59 49.38
C VAL J 382 -4.37 -10.23 49.83
N TYR J 383 -4.39 -9.25 48.93
CA TYR J 383 -3.93 -7.91 49.23
C TYR J 383 -5.13 -6.98 49.38
N ALA J 384 -5.14 -6.22 50.47
CA ALA J 384 -6.18 -5.21 50.72
C ALA J 384 -5.52 -3.83 50.66
N ASP J 385 -5.87 -3.06 49.64
CA ASP J 385 -5.40 -1.68 49.49
C ASP J 385 -6.55 -0.75 49.86
N SER J 386 -6.40 -0.05 50.99
CA SER J 386 -7.46 0.80 51.51
C SER J 386 -7.01 2.26 51.50
N PHE J 387 -7.85 3.13 50.97
CA PHE J 387 -7.57 4.56 50.94
C PHE J 387 -8.89 5.31 50.81
N VAL J 388 -8.81 6.64 50.80
CA VAL J 388 -9.98 7.50 50.75
C VAL J 388 -9.81 8.46 49.58
N ILE J 389 -10.83 8.54 48.72
CA ILE J 389 -10.87 9.47 47.62
C ILE J 389 -12.22 10.17 47.61
N ARG J 390 -12.44 11.00 46.59
CA ARG J 390 -13.71 11.67 46.40
C ARG J 390 -14.59 10.86 45.46
N GLY J 391 -15.91 11.10 45.57
CA GLY J 391 -16.83 10.37 44.73
C GLY J 391 -16.64 10.61 43.24
N ASP J 392 -16.17 11.80 42.89
CA ASP J 392 -16.01 12.16 41.47
C ASP J 392 -14.96 11.30 40.78
N GLU J 393 -14.03 10.71 41.54
CA GLU J 393 -12.94 9.93 40.97
C GLU J 393 -13.04 8.45 41.32
N VAL J 394 -14.15 8.03 41.93
CA VAL J 394 -14.31 6.61 42.27
C VAL J 394 -14.34 5.76 41.02
N ARG J 395 -15.00 6.24 39.97
CA ARG J 395 -15.06 5.50 38.72
C ARG J 395 -13.69 5.31 38.09
N GLN J 396 -12.69 6.09 38.51
CA GLN J 396 -11.35 5.99 37.97
C GLN J 396 -10.54 4.87 38.61
N ILE J 397 -11.05 4.21 39.65
CA ILE J 397 -10.40 3.04 40.23
C ILE J 397 -10.88 1.85 39.41
N ALA J 398 -10.22 1.65 38.27
CA ALA J 398 -10.56 0.60 37.32
C ALA J 398 -9.46 0.49 36.28
N PRO J 399 -9.26 -0.68 35.68
CA PRO J 399 -8.27 -0.79 34.60
C PRO J 399 -8.65 0.11 33.43
N GLY J 400 -7.62 0.66 32.79
CA GLY J 400 -7.83 1.54 31.65
C GLY J 400 -8.52 2.84 32.00
N GLN J 401 -8.18 3.44 33.13
CA GLN J 401 -8.73 4.72 33.55
C GLN J 401 -7.63 5.77 33.59
N THR J 402 -7.99 7.00 33.27
CA THR J 402 -7.07 8.12 33.35
C THR J 402 -7.73 9.27 34.10
N GLY J 403 -6.93 9.96 34.90
CA GLY J 403 -7.41 11.08 35.67
C GLY J 403 -6.36 11.49 36.69
N LYS J 404 -6.74 12.47 37.51
CA LYS J 404 -5.85 12.95 38.55
C LYS J 404 -5.50 11.88 39.57
N ILE J 405 -6.35 10.86 39.73
CA ILE J 405 -6.07 9.78 40.65
C ILE J 405 -5.57 8.53 39.93
N ALA J 406 -6.09 8.22 38.75
CA ALA J 406 -5.77 6.98 38.04
C ALA J 406 -4.32 6.89 37.59
N ASP J 407 -3.57 7.98 37.59
CA ASP J 407 -2.19 7.92 37.15
C ASP J 407 -1.20 8.63 38.07
N TYR J 408 -1.67 9.32 39.11
CA TYR J 408 -0.79 10.00 40.04
C TYR J 408 -0.86 9.46 41.46
N ASN J 409 -1.86 8.66 41.79
CA ASN J 409 -1.99 8.17 43.16
C ASN J 409 -2.26 6.67 43.25
N TYR J 410 -2.91 6.09 42.25
CA TYR J 410 -3.20 4.66 42.26
C TYR J 410 -3.59 4.23 40.86
N LYS J 411 -2.90 3.24 40.31
CA LYS J 411 -3.15 2.77 38.96
C LYS J 411 -3.43 1.27 38.98
N LEU J 412 -4.35 0.82 38.14
CA LEU J 412 -4.64 -0.60 38.01
C LEU J 412 -4.10 -1.12 36.68
N PRO J 413 -3.59 -2.36 36.65
CA PRO J 413 -3.06 -2.91 35.40
C PRO J 413 -4.16 -3.12 34.37
N ASP J 414 -3.74 -3.23 33.11
CA ASP J 414 -4.69 -3.45 32.03
C ASP J 414 -5.49 -4.73 32.23
N ASP J 415 -4.82 -5.81 32.67
CA ASP J 415 -5.48 -7.01 33.13
C ASP J 415 -5.41 -7.02 34.66
N PHE J 416 -6.54 -7.31 35.30
CA PHE J 416 -6.63 -7.25 36.75
C PHE J 416 -7.32 -8.48 37.28
N THR J 417 -6.84 -8.98 38.42
CA THR J 417 -7.40 -10.14 39.09
C THR J 417 -7.85 -9.70 40.48
N GLY J 418 -9.08 -9.20 40.57
CA GLY J 418 -9.58 -8.73 41.83
C GLY J 418 -10.90 -7.98 41.65
N CYS J 419 -11.30 -7.32 42.74
CA CYS J 419 -12.54 -6.55 42.76
C CYS J 419 -12.30 -5.27 43.55
N VAL J 420 -13.14 -4.26 43.28
CA VAL J 420 -13.04 -2.97 43.97
C VAL J 420 -14.32 -2.73 44.75
N ILE J 421 -14.17 -2.21 45.96
CA ILE J 421 -15.28 -1.90 46.85
C ILE J 421 -15.09 -0.51 47.41
N ALA J 422 -16.14 0.30 47.39
CA ALA J 422 -16.08 1.66 47.89
C ALA J 422 -17.43 2.07 48.45
N TRP J 423 -17.43 2.63 49.66
CA TRP J 423 -18.66 3.04 50.31
C TRP J 423 -18.49 4.46 50.85
N ASN J 424 -19.60 5.17 50.93
CA ASN J 424 -19.58 6.55 51.40
C ASN J 424 -19.18 6.60 52.87
N SER J 425 -18.26 7.50 53.19
CA SER J 425 -17.80 7.66 54.57
C SER J 425 -17.78 9.13 54.94
N ASN J 426 -18.87 9.83 54.62
CA ASN J 426 -18.96 11.25 54.97
C ASN J 426 -18.97 11.44 56.48
N ASN J 427 -19.60 10.54 57.22
CA ASN J 427 -19.72 10.67 58.66
C ASN J 427 -18.49 10.20 59.41
N LEU J 428 -17.48 9.68 58.70
CA LEU J 428 -16.28 9.17 59.33
C LEU J 428 -15.03 9.97 59.01
N ASP J 429 -15.02 10.70 57.89
CA ASP J 429 -13.83 11.40 57.41
C ASP J 429 -14.08 12.88 57.20
N SER J 430 -15.26 13.39 57.54
CA SER J 430 -15.60 14.80 57.33
C SER J 430 -15.95 15.44 58.66
N LYS J 431 -15.33 16.58 58.95
CA LYS J 431 -15.56 17.30 60.19
C LYS J 431 -15.98 18.72 59.88
N VAL J 432 -16.36 19.44 60.94
CA VAL J 432 -16.83 20.81 60.81
C VAL J 432 -15.68 21.72 60.42
N GLY J 433 -15.95 22.66 59.53
CA GLY J 433 -14.92 23.56 59.04
C GLY J 433 -14.04 22.99 57.95
N GLY J 434 -14.36 21.80 57.45
CA GLY J 434 -13.55 21.20 56.41
C GLY J 434 -12.48 20.29 56.97
N ASN J 435 -12.48 19.03 56.55
CA ASN J 435 -11.48 18.04 56.98
C ASN J 435 -10.36 18.04 55.94
N TYR J 436 -9.16 18.43 56.37
CA TYR J 436 -8.01 18.54 55.49
C TYR J 436 -6.88 17.61 55.91
N ASN J 437 -7.21 16.49 56.54
CA ASN J 437 -6.22 15.52 56.98
C ASN J 437 -5.93 14.45 55.94
N TYR J 438 -6.60 14.49 54.79
CA TYR J 438 -6.35 13.58 53.69
C TYR J 438 -5.78 14.37 52.52
N LEU J 439 -4.79 13.81 51.84
CA LEU J 439 -4.11 14.48 50.75
C LEU J 439 -4.20 13.64 49.48
N TYR J 440 -3.60 14.15 48.42
CA TYR J 440 -3.44 13.41 47.17
C TYR J 440 -2.38 14.08 46.33
N ARG J 441 -1.98 13.38 45.27
CA ARG J 441 -0.93 13.87 44.38
C ARG J 441 -1.54 14.42 43.12
N LEU J 442 -1.22 15.68 42.80
CA LEU J 442 -1.74 16.34 41.62
C LEU J 442 -0.72 16.50 40.51
N PHE J 443 0.56 16.59 40.85
CA PHE J 443 1.63 16.79 39.88
C PHE J 443 2.60 15.62 39.92
N ARG J 444 2.91 15.07 38.75
CA ARG J 444 3.90 14.01 38.67
C ARG J 444 4.47 13.97 37.26
N LYS J 445 5.75 13.61 37.15
CA LYS J 445 6.42 13.61 35.86
C LYS J 445 5.83 12.59 34.91
N SER J 446 5.60 11.37 35.41
CA SER J 446 5.15 10.26 34.58
C SER J 446 4.02 9.51 35.27
N ASN J 447 3.20 8.85 34.46
CA ASN J 447 2.07 8.09 35.00
C ASN J 447 2.59 6.95 35.88
N LEU J 448 1.86 6.69 36.96
CA LEU J 448 2.29 5.68 37.91
C LEU J 448 2.11 4.28 37.35
N LYS J 449 3.14 3.45 37.49
CA LYS J 449 3.02 2.04 37.15
C LYS J 449 2.01 1.39 38.09
N PRO J 450 1.21 0.45 37.60
CA PRO J 450 0.19 -0.18 38.46
C PRO J 450 0.80 -0.78 39.72
N PHE J 451 0.06 -0.66 40.81
CA PHE J 451 0.48 -1.18 42.11
C PHE J 451 1.81 -0.58 42.55
N GLU J 452 1.97 0.72 42.33
CA GLU J 452 3.15 1.45 42.77
C GLU J 452 2.71 2.63 43.62
N ARG J 453 3.37 2.82 44.76
CA ARG J 453 3.07 3.93 45.66
C ARG J 453 4.22 4.92 45.65
N ASP J 454 3.89 6.20 45.54
CA ASP J 454 4.86 7.28 45.50
C ASP J 454 4.53 8.27 46.62
N ILE J 455 5.25 8.18 47.73
CA ILE J 455 5.04 9.07 48.87
C ILE J 455 5.98 10.27 48.84
N SER J 456 6.83 10.36 47.81
CA SER J 456 7.77 11.47 47.72
C SER J 456 7.03 12.80 47.61
N THR J 457 7.52 13.80 48.36
CA THR J 457 6.94 15.14 48.38
C THR J 457 7.87 16.18 47.78
N GLU J 458 8.60 15.80 46.74
CA GLU J 458 9.51 16.74 46.10
C GLU J 458 8.74 17.85 45.38
N ILE J 459 9.35 19.02 45.29
CA ILE J 459 8.69 20.17 44.69
C ILE J 459 8.68 20.01 43.18
N TYR J 460 7.49 20.13 42.59
CA TYR J 460 7.31 19.88 41.16
C TYR J 460 7.80 21.07 40.35
N GLN J 461 8.52 20.79 39.26
CA GLN J 461 9.02 21.81 38.35
C GLN J 461 8.18 21.78 37.08
N ALA J 462 7.19 22.67 37.01
CA ALA J 462 6.30 22.71 35.87
C ALA J 462 6.92 23.39 34.65
N GLY J 463 7.83 24.34 34.85
CA GLY J 463 8.40 25.07 33.74
C GLY J 463 9.77 24.58 33.35
N SER J 464 10.70 25.51 33.15
CA SER J 464 12.07 25.16 32.77
C SER J 464 13.09 25.57 33.83
N THR J 465 12.69 26.30 34.86
CA THR J 465 13.61 26.72 35.90
C THR J 465 13.58 25.71 37.04
N PRO J 466 14.68 25.01 37.30
CA PRO J 466 14.69 24.07 38.42
C PRO J 466 14.39 24.77 39.74
N CYS J 467 13.62 24.08 40.59
CA CYS J 467 13.11 24.67 41.82
C CYS J 467 14.12 24.60 42.96
N ASN J 468 14.72 23.43 43.14
CA ASN J 468 15.62 23.17 44.28
C ASN J 468 14.91 23.41 45.61
N GLY J 469 13.63 23.05 45.68
CA GLY J 469 12.87 23.14 46.91
C GLY J 469 12.66 24.55 47.41
N VAL J 470 11.90 25.35 46.67
CA VAL J 470 11.66 26.74 47.05
C VAL J 470 10.16 27.01 47.16
N GLU J 471 9.36 26.26 46.40
CA GLU J 471 7.91 26.40 46.37
C GLU J 471 7.49 27.84 46.07
N GLY J 472 7.84 28.28 44.86
CA GLY J 472 7.49 29.61 44.41
C GLY J 472 6.77 29.63 43.08
N PHE J 473 7.16 30.57 42.21
CA PHE J 473 6.56 30.67 40.89
C PHE J 473 6.98 29.49 40.04
N ASN J 474 6.01 28.85 39.38
CA ASN J 474 6.24 27.67 38.54
C ASN J 474 6.89 26.54 39.33
N CYS J 475 6.60 26.47 40.62
CA CYS J 475 7.09 25.39 41.49
C CYS J 475 6.01 25.08 42.50
N TYR J 476 5.47 23.86 42.46
CA TYR J 476 4.29 23.51 43.22
C TYR J 476 4.54 22.32 44.14
N PHE J 477 3.74 22.27 45.22
CA PHE J 477 3.76 21.18 46.17
C PHE J 477 2.69 20.17 45.78
N PRO J 478 3.06 18.96 45.33
CA PRO J 478 2.05 18.08 44.72
C PRO J 478 0.99 17.59 45.69
N LEU J 479 1.23 17.66 46.99
CA LEU J 479 0.31 17.06 47.97
C LEU J 479 -0.83 18.04 48.24
N GLN J 480 -1.84 17.98 47.39
CA GLN J 480 -3.04 18.78 47.56
C GLN J 480 -3.98 18.14 48.56
N SER J 481 -4.57 18.95 49.42
CA SER J 481 -5.51 18.47 50.42
C SER J 481 -6.90 18.32 49.81
N TYR J 482 -7.81 17.74 50.59
CA TYR J 482 -9.18 17.51 50.19
C TYR J 482 -10.11 18.41 50.97
N GLY J 483 -11.09 18.98 50.29
CA GLY J 483 -12.08 19.82 50.96
C GLY J 483 -13.27 19.03 51.46
N PHE J 484 -13.07 18.27 52.54
CA PHE J 484 -14.11 17.38 53.06
C PHE J 484 -14.86 18.09 54.18
N GLN J 485 -16.11 18.43 53.92
CA GLN J 485 -17.01 19.02 54.90
C GLN J 485 -18.37 18.35 54.80
N PRO J 486 -19.12 18.28 55.91
CA PRO J 486 -20.41 17.59 55.87
C PRO J 486 -21.41 18.20 54.93
N THR J 487 -21.26 19.47 54.57
CA THR J 487 -22.22 20.16 53.71
C THR J 487 -21.93 19.97 52.23
N ASN J 488 -20.93 19.17 51.88
CA ASN J 488 -20.68 18.86 50.48
C ASN J 488 -21.87 18.10 49.89
N GLY J 489 -21.92 18.08 48.57
CA GLY J 489 -22.91 17.26 47.89
C GLY J 489 -22.56 15.80 48.00
N VAL J 490 -23.46 14.96 47.47
CA VAL J 490 -23.24 13.52 47.53
C VAL J 490 -21.97 13.13 46.80
N GLY J 491 -21.76 13.70 45.61
CA GLY J 491 -20.58 13.36 44.82
C GLY J 491 -19.29 13.92 45.37
N TYR J 492 -19.36 14.97 46.18
CA TYR J 492 -18.16 15.58 46.75
C TYR J 492 -17.85 15.08 48.15
N GLN J 493 -18.63 14.14 48.67
CA GLN J 493 -18.34 13.55 49.96
C GLN J 493 -17.22 12.50 49.84
N PRO J 494 -16.48 12.27 50.92
CA PRO J 494 -15.41 11.27 50.85
C PRO J 494 -15.97 9.86 50.65
N TYR J 495 -15.18 9.03 49.97
CA TYR J 495 -15.53 7.63 49.77
C TYR J 495 -14.36 6.78 50.22
N ARG J 496 -14.62 5.86 51.15
CA ARG J 496 -13.59 4.91 51.55
C ARG J 496 -13.56 3.78 50.54
N VAL J 497 -12.38 3.55 49.96
CA VAL J 497 -12.20 2.58 48.88
C VAL J 497 -11.24 1.51 49.37
N VAL J 498 -11.60 0.25 49.16
CA VAL J 498 -10.76 -0.89 49.47
C VAL J 498 -10.70 -1.78 48.24
N VAL J 499 -9.50 -2.13 47.81
CA VAL J 499 -9.27 -2.93 46.62
C VAL J 499 -8.63 -4.24 47.02
N LEU J 500 -9.20 -5.35 46.55
CA LEU J 500 -8.72 -6.69 46.85
C LEU J 500 -8.09 -7.29 45.60
N SER J 501 -6.82 -7.68 45.71
CA SER J 501 -6.08 -8.27 44.61
C SER J 501 -5.61 -9.66 45.00
N PHE J 502 -5.70 -10.59 44.06
CA PHE J 502 -5.31 -11.98 44.28
C PHE J 502 -4.07 -12.26 43.45
N GLU J 503 -3.02 -12.75 44.10
CA GLU J 503 -1.81 -13.14 43.39
C GLU J 503 -1.57 -14.61 43.64
N LEU J 504 -1.31 -15.37 42.58
CA LEU J 504 -1.05 -16.79 42.66
C LEU J 504 0.28 -17.10 41.98
N LEU J 505 1.16 -17.82 42.68
CA LEU J 505 2.42 -18.24 42.12
C LEU J 505 2.63 -19.71 42.45
N HIS J 506 3.80 -20.24 42.07
CA HIS J 506 4.10 -21.65 42.28
C HIS J 506 4.56 -21.83 43.73
N ALA J 507 3.60 -21.87 44.63
CA ALA J 507 3.86 -21.95 46.06
C ALA J 507 2.59 -22.42 46.75
N PRO J 508 2.69 -22.95 47.98
CA PRO J 508 1.49 -23.43 48.68
C PRO J 508 0.47 -22.31 48.88
N ALA J 509 -0.79 -22.62 48.57
CA ALA J 509 -1.89 -21.69 48.77
C ALA J 509 -2.74 -22.14 49.95
N THR J 510 -2.90 -21.25 50.92
CA THR J 510 -3.59 -21.60 52.16
C THR J 510 -4.71 -20.61 52.49
N VAL J 511 -5.16 -19.85 51.50
CA VAL J 511 -6.20 -18.82 51.77
C VAL J 511 -7.39 -19.11 50.86
N CYS J 512 -8.39 -19.85 51.37
CA CYS J 512 -9.60 -20.17 50.57
C CYS J 512 -10.83 -20.09 51.47
N GLY J 513 -12.01 -20.30 50.89
CA GLY J 513 -13.26 -20.17 51.66
C GLY J 513 -13.54 -21.39 52.52
N PRO J 514 -14.77 -21.60 53.01
CA PRO J 514 -15.11 -22.80 53.76
C PRO J 514 -15.46 -23.95 52.82
N LYS J 515 -15.26 -25.13 53.51
CA LYS J 515 -15.54 -26.37 52.74
C LYS J 515 -16.87 -26.99 53.17
N LYS J 516 -17.26 -28.09 52.54
CA LYS J 516 -18.55 -28.76 52.87
C LYS J 516 -18.37 -29.60 54.14
N SER J 517 -19.44 -29.75 54.92
CA SER J 517 -19.39 -30.54 56.17
C SER J 517 -20.80 -30.98 56.55
N THR J 518 -21.23 -32.15 56.07
CA THR J 518 -22.58 -32.61 56.33
C THR J 518 -22.66 -33.29 57.69
N ASN J 519 -23.89 -33.66 58.06
CA ASN J 519 -24.09 -34.42 59.28
C ASN J 519 -23.52 -35.82 59.12
N LEU J 520 -23.16 -36.43 60.25
CA LEU J 520 -22.55 -37.75 60.25
C LEU J 520 -23.63 -38.81 60.35
N VAL J 521 -23.60 -39.78 59.42
CA VAL J 521 -24.51 -40.92 59.44
C VAL J 521 -23.68 -42.19 59.52
N LYS J 522 -24.17 -43.13 60.32
CA LYS J 522 -23.47 -44.38 60.61
C LYS J 522 -24.40 -45.54 60.28
N ASN J 523 -23.82 -46.74 60.22
CA ASN J 523 -24.57 -47.97 60.00
C ASN J 523 -25.34 -47.94 58.68
N LYS J 524 -24.68 -47.51 57.62
CA LYS J 524 -25.26 -47.49 56.28
C LYS J 524 -24.14 -47.34 55.28
N CYS J 525 -24.21 -48.08 54.17
CA CYS J 525 -23.17 -48.01 53.16
C CYS J 525 -23.22 -46.64 52.51
N VAL J 526 -22.25 -45.78 52.86
CA VAL J 526 -22.19 -44.41 52.39
C VAL J 526 -20.94 -44.23 51.55
N ASN J 527 -20.94 -43.16 50.75
CA ASN J 527 -19.82 -42.82 49.89
C ASN J 527 -19.05 -41.68 50.54
N PHE J 528 -18.31 -41.99 51.61
CA PHE J 528 -17.73 -40.96 52.43
C PHE J 528 -16.58 -40.27 51.73
N ASN J 529 -16.30 -39.05 52.18
CA ASN J 529 -15.12 -38.29 51.73
C ASN J 529 -14.76 -37.38 52.92
N PHE J 530 -13.81 -37.83 53.72
CA PHE J 530 -13.33 -37.06 54.85
C PHE J 530 -12.28 -36.07 54.39
N ASN J 531 -11.50 -35.53 55.32
CA ASN J 531 -10.54 -34.51 54.97
C ASN J 531 -9.42 -35.09 54.11
N GLY J 532 -9.75 -35.45 52.87
CA GLY J 532 -8.76 -35.89 51.91
C GLY J 532 -9.01 -37.24 51.28
N LEU J 533 -9.45 -38.22 52.07
CA LEU J 533 -9.58 -39.58 51.57
C LEU J 533 -11.03 -39.89 51.19
N THR J 534 -11.19 -40.59 50.07
CA THR J 534 -12.50 -40.92 49.53
C THR J 534 -12.66 -42.44 49.50
N GLY J 535 -13.81 -42.91 49.93
CA GLY J 535 -14.06 -44.33 49.93
C GLY J 535 -15.51 -44.61 50.23
N THR J 536 -15.86 -45.90 50.14
CA THR J 536 -17.20 -46.39 50.39
C THR J 536 -17.14 -47.38 51.54
N GLY J 537 -18.08 -47.27 52.47
CA GLY J 537 -18.02 -48.16 53.61
C GLY J 537 -19.22 -47.98 54.52
N VAL J 538 -19.11 -48.57 55.70
CA VAL J 538 -20.15 -48.50 56.71
C VAL J 538 -19.47 -48.02 57.99
N LEU J 539 -19.60 -46.74 58.28
CA LEU J 539 -18.95 -46.17 59.45
C LEU J 539 -19.69 -46.59 60.72
N THR J 540 -18.93 -47.02 61.73
CA THR J 540 -19.49 -47.40 63.02
C THR J 540 -18.65 -46.78 64.12
N GLU J 541 -19.26 -46.61 65.28
CA GLU J 541 -18.56 -46.07 66.45
C GLU J 541 -17.43 -47.02 66.84
N SER J 542 -16.19 -46.59 66.63
CA SER J 542 -15.04 -47.48 66.73
C SER J 542 -14.65 -47.69 68.20
N ASN J 543 -13.54 -48.39 68.38
CA ASN J 543 -12.97 -48.63 69.70
C ASN J 543 -11.46 -48.40 69.77
N LYS J 544 -10.80 -48.22 68.63
CA LYS J 544 -9.37 -47.96 68.64
C LYS J 544 -9.07 -46.60 69.26
N LYS J 545 -7.90 -46.47 69.86
CA LYS J 545 -7.47 -45.22 70.49
C LYS J 545 -6.31 -44.66 69.67
N PHE J 546 -6.63 -43.77 68.73
CA PHE J 546 -5.62 -43.17 67.88
C PHE J 546 -4.67 -42.31 68.71
N LEU J 547 -3.51 -42.04 68.14
CA LEU J 547 -2.59 -41.08 68.73
C LEU J 547 -3.11 -39.67 68.52
N PRO J 548 -2.60 -38.69 69.28
CA PRO J 548 -3.11 -37.32 69.14
C PRO J 548 -3.01 -36.77 67.73
N PHE J 549 -1.98 -37.10 66.99
CA PHE J 549 -1.72 -36.49 65.69
C PHE J 549 -2.17 -37.35 64.51
N GLN J 550 -2.82 -38.48 64.76
CA GLN J 550 -3.13 -39.43 63.70
C GLN J 550 -4.56 -39.28 63.21
N GLN J 551 -4.73 -39.34 61.89
CA GLN J 551 -6.01 -39.15 61.25
C GLN J 551 -6.43 -40.32 60.37
N PHE J 552 -5.60 -41.34 60.23
CA PHE J 552 -5.82 -42.45 59.33
C PHE J 552 -5.79 -43.76 60.11
N GLY J 553 -6.22 -44.82 59.44
CA GLY J 553 -6.12 -46.16 59.98
C GLY J 553 -5.81 -47.13 58.86
N ARG J 554 -4.96 -48.12 59.11
CA ARG J 554 -4.60 -49.05 58.06
C ARG J 554 -4.42 -50.45 58.63
N ASP J 555 -4.60 -51.44 57.75
CA ASP J 555 -4.43 -52.85 58.07
C ASP J 555 -3.08 -53.33 57.53
N ILE J 556 -2.86 -54.64 57.62
CA ILE J 556 -1.62 -55.21 57.12
C ILE J 556 -1.54 -55.06 55.61
N ALA J 557 -2.68 -55.22 54.92
CA ALA J 557 -2.72 -55.13 53.47
C ALA J 557 -2.72 -53.70 52.96
N ASP J 558 -2.40 -52.72 53.81
CA ASP J 558 -2.41 -51.31 53.45
C ASP J 558 -3.77 -50.90 52.89
N THR J 559 -4.84 -51.32 53.57
CA THR J 559 -6.19 -50.94 53.22
C THR J 559 -6.76 -50.06 54.32
N THR J 560 -7.42 -48.97 53.92
CA THR J 560 -7.94 -48.02 54.89
C THR J 560 -8.98 -48.68 55.77
N ASP J 561 -8.82 -48.52 57.08
CA ASP J 561 -9.65 -49.21 58.05
C ASP J 561 -10.44 -48.26 58.95
N ALA J 562 -9.77 -47.28 59.53
CA ALA J 562 -10.40 -46.38 60.49
C ALA J 562 -10.05 -44.95 60.13
N VAL J 563 -10.95 -44.03 60.48
CA VAL J 563 -10.78 -42.61 60.20
C VAL J 563 -11.17 -41.83 61.44
N ARG J 564 -10.43 -40.77 61.74
CA ARG J 564 -10.78 -39.87 62.82
C ARG J 564 -11.53 -38.67 62.26
N ASP J 565 -12.72 -38.43 62.79
CA ASP J 565 -13.58 -37.37 62.27
C ASP J 565 -12.97 -36.02 62.58
N PRO J 566 -12.71 -35.17 61.58
CA PRO J 566 -12.06 -33.88 61.86
C PRO J 566 -12.86 -32.96 62.76
N GLN J 567 -14.18 -32.96 62.64
CA GLN J 567 -15.01 -32.04 63.42
C GLN J 567 -15.08 -32.49 64.87
N THR J 568 -15.62 -33.68 65.11
CA THR J 568 -15.61 -34.28 66.43
C THR J 568 -14.54 -35.36 66.44
N LEU J 569 -13.55 -35.21 67.31
CA LEU J 569 -12.39 -36.09 67.27
C LEU J 569 -12.75 -37.49 67.75
N GLU J 570 -13.57 -38.19 66.98
CA GLU J 570 -14.00 -39.53 67.30
C GLU J 570 -13.57 -40.47 66.18
N ILE J 571 -13.08 -41.64 66.56
CA ILE J 571 -12.56 -42.61 65.60
C ILE J 571 -13.71 -43.47 65.08
N LEU J 572 -13.73 -43.71 63.77
CA LEU J 572 -14.79 -44.46 63.12
C LEU J 572 -14.22 -45.69 62.44
N ASP J 573 -14.89 -46.83 62.62
CA ASP J 573 -14.51 -48.04 61.93
C ASP J 573 -15.17 -48.09 60.56
N ILE J 574 -14.43 -48.58 59.57
CA ILE J 574 -14.92 -48.68 58.20
C ILE J 574 -14.97 -50.15 57.82
N THR J 575 -16.15 -50.63 57.45
CA THR J 575 -16.32 -51.99 56.94
C THR J 575 -17.03 -51.88 55.60
N PRO J 576 -16.49 -52.44 54.52
CA PRO J 576 -17.17 -52.33 53.22
C PRO J 576 -18.57 -52.91 53.28
N CYS J 577 -19.51 -52.25 52.61
CA CYS J 577 -20.87 -52.75 52.61
C CYS J 577 -20.96 -54.10 51.90
N SER J 578 -21.87 -54.93 52.38
CA SER J 578 -21.83 -56.36 52.09
C SER J 578 -21.88 -56.64 50.60
N PHE J 579 -21.10 -57.63 50.18
CA PHE J 579 -21.10 -58.13 48.82
C PHE J 579 -21.03 -59.65 48.88
N GLY J 580 -20.92 -60.28 47.74
CA GLY J 580 -20.85 -61.73 47.74
C GLY J 580 -21.43 -62.29 46.47
N GLY J 581 -21.97 -63.51 46.58
CA GLY J 581 -22.52 -64.19 45.44
C GLY J 581 -23.91 -64.73 45.76
N VAL J 582 -24.64 -65.03 44.69
CA VAL J 582 -25.99 -65.57 44.79
C VAL J 582 -25.99 -66.98 44.23
N SER J 583 -26.46 -67.92 45.04
CA SER J 583 -26.54 -69.31 44.62
C SER J 583 -27.97 -69.80 44.75
N VAL J 584 -28.42 -70.55 43.74
CA VAL J 584 -29.80 -70.99 43.63
C VAL J 584 -29.86 -72.47 43.98
N ILE J 585 -30.42 -72.78 45.13
CA ILE J 585 -30.53 -74.16 45.59
C ILE J 585 -31.79 -74.76 45.00
N THR J 586 -31.65 -75.82 44.21
CA THR J 586 -32.80 -76.36 43.53
C THR J 586 -32.77 -77.87 43.41
N PRO J 587 -33.91 -78.55 43.59
CA PRO J 587 -34.04 -79.90 43.07
C PRO J 587 -34.20 -79.85 41.56
N GLY J 588 -34.08 -81.01 40.92
CA GLY J 588 -34.14 -81.03 39.47
C GLY J 588 -35.48 -80.56 38.95
N THR J 589 -35.45 -79.90 37.79
CA THR J 589 -36.70 -79.56 37.14
C THR J 589 -37.50 -80.79 36.78
N ASN J 590 -36.84 -81.95 36.71
CA ASN J 590 -37.56 -83.22 36.58
C ASN J 590 -38.47 -83.46 37.78
N THR J 591 -38.22 -82.78 38.91
CA THR J 591 -39.05 -82.92 40.10
C THR J 591 -39.95 -81.71 40.32
N SER J 592 -39.38 -80.52 40.37
CA SER J 592 -40.15 -79.33 40.70
C SER J 592 -39.44 -78.10 40.16
N ASN J 593 -40.14 -76.97 40.21
CA ASN J 593 -39.60 -75.69 39.79
C ASN J 593 -39.49 -74.71 40.95
N GLU J 594 -39.49 -75.22 42.18
CA GLU J 594 -39.41 -74.41 43.38
C GLU J 594 -37.97 -74.37 43.85
N VAL J 595 -37.40 -73.16 43.92
CA VAL J 595 -35.99 -73.00 44.24
C VAL J 595 -35.84 -72.18 45.51
N ALA J 596 -34.66 -72.29 46.11
CA ALA J 596 -34.31 -71.50 47.30
C ALA J 596 -33.01 -70.77 47.00
N VAL J 597 -32.93 -69.51 47.41
CA VAL J 597 -31.82 -68.64 47.07
C VAL J 597 -31.00 -68.38 48.32
N LEU J 598 -29.69 -68.49 48.19
CA LEU J 598 -28.75 -68.25 49.27
C LEU J 598 -27.85 -67.08 48.92
N TYR J 599 -27.76 -66.11 49.81
CA TYR J 599 -26.88 -64.97 49.63
C TYR J 599 -25.68 -65.18 50.55
N GLN J 600 -24.51 -65.32 49.96
CA GLN J 600 -23.33 -65.73 50.72
C GLN J 600 -22.76 -64.56 51.52
N ASP J 601 -22.50 -64.81 52.80
CA ASP J 601 -21.87 -63.83 53.69
C ASP J 601 -22.70 -62.55 53.79
N VAL J 602 -23.91 -62.69 54.31
CA VAL J 602 -24.86 -61.59 54.46
C VAL J 602 -25.71 -61.85 55.70
N ASN J 603 -26.05 -60.77 56.41
CA ASN J 603 -26.76 -60.85 57.68
C ASN J 603 -28.28 -60.81 57.53
N CYS J 604 -28.81 -61.12 56.34
CA CYS J 604 -30.23 -61.17 56.02
C CYS J 604 -30.90 -59.80 56.04
N THR J 605 -30.21 -58.75 56.44
CA THR J 605 -30.81 -57.42 56.56
C THR J 605 -30.47 -56.53 55.39
N GLU J 606 -29.84 -57.07 54.35
CA GLU J 606 -29.43 -56.28 53.19
C GLU J 606 -30.06 -56.75 51.88
N VAL J 607 -30.91 -57.76 51.91
CA VAL J 607 -31.46 -58.31 50.69
C VAL J 607 -32.61 -57.46 50.19
N ASN J 628 -38.85 -69.02 56.78
CA ASN J 628 -38.85 -68.52 55.41
C ASN J 628 -37.54 -67.80 55.09
N VAL J 629 -36.90 -67.24 56.11
CA VAL J 629 -35.60 -66.61 55.97
C VAL J 629 -34.70 -67.19 57.06
N PHE J 630 -33.87 -68.14 56.68
CA PHE J 630 -32.97 -68.85 57.59
C PHE J 630 -31.58 -68.26 57.46
N GLN J 631 -30.93 -68.00 58.58
CA GLN J 631 -29.60 -67.41 58.60
C GLN J 631 -28.61 -68.46 59.09
N THR J 632 -27.63 -68.77 58.24
CA THR J 632 -26.61 -69.79 58.50
C THR J 632 -25.23 -69.16 58.49
N ARG J 633 -24.21 -70.00 58.60
CA ARG J 633 -22.83 -69.51 58.48
C ARG J 633 -22.44 -69.23 57.04
N ALA J 634 -23.05 -69.92 56.08
CA ALA J 634 -22.76 -69.64 54.68
C ALA J 634 -23.39 -68.33 54.24
N GLY J 635 -24.56 -68.00 54.75
CA GLY J 635 -25.22 -66.76 54.40
C GLY J 635 -26.72 -66.86 54.61
N CYS J 636 -27.44 -65.87 54.10
CA CYS J 636 -28.87 -65.76 54.28
C CYS J 636 -29.59 -66.68 53.30
N LEU J 637 -30.29 -67.67 53.84
CA LEU J 637 -31.01 -68.65 53.02
C LEU J 637 -32.47 -68.24 52.94
N ILE J 638 -32.94 -67.94 51.73
CA ILE J 638 -34.29 -67.46 51.51
C ILE J 638 -35.06 -68.50 50.72
N GLY J 639 -36.23 -68.88 51.22
CA GLY J 639 -37.10 -69.79 50.51
C GLY J 639 -37.03 -71.23 50.93
N ALA J 640 -36.33 -71.54 52.02
CA ALA J 640 -36.17 -72.91 52.48
C ALA J 640 -36.54 -73.01 53.95
N GLU J 641 -37.37 -73.97 54.28
CA GLU J 641 -37.73 -74.22 55.67
C GLU J 641 -36.52 -74.73 56.44
N HIS J 642 -36.51 -74.48 57.74
CA HIS J 642 -35.48 -75.00 58.62
C HIS J 642 -36.10 -76.10 59.47
N VAL J 643 -35.57 -77.30 59.37
CA VAL J 643 -36.06 -78.45 60.11
C VAL J 643 -35.10 -78.76 61.25
N ASN J 644 -35.63 -79.21 62.38
CA ASN J 644 -34.82 -79.58 63.52
C ASN J 644 -34.33 -81.03 63.45
N ASN J 645 -34.68 -81.76 62.40
CA ASN J 645 -34.17 -83.12 62.22
C ASN J 645 -32.77 -83.08 61.62
N SER J 646 -32.28 -84.22 61.17
CA SER J 646 -30.96 -84.32 60.56
C SER J 646 -30.96 -85.55 59.65
N TYR J 647 -30.86 -85.33 58.35
CA TYR J 647 -30.83 -86.41 57.38
C TYR J 647 -29.49 -86.42 56.65
N GLU J 648 -29.35 -87.34 55.71
CA GLU J 648 -28.16 -87.37 54.88
C GLU J 648 -28.12 -86.14 53.99
N CYS J 649 -26.90 -85.72 53.63
CA CYS J 649 -26.74 -84.52 52.83
C CYS J 649 -27.25 -84.76 51.42
N ASP J 650 -28.08 -83.84 50.93
CA ASP J 650 -28.60 -83.87 49.57
C ASP J 650 -28.02 -82.78 48.70
N ILE J 651 -28.10 -81.54 49.16
CA ILE J 651 -27.48 -80.40 48.50
C ILE J 651 -26.62 -79.68 49.52
N PRO J 652 -25.29 -79.71 49.38
CA PRO J 652 -24.45 -79.02 50.36
C PRO J 652 -24.63 -77.52 50.31
N ILE J 653 -24.43 -76.88 51.47
CA ILE J 653 -24.48 -75.44 51.55
C ILE J 653 -23.21 -74.92 52.22
N GLY J 654 -22.91 -75.41 53.41
CA GLY J 654 -21.72 -74.98 54.11
C GLY J 654 -21.92 -75.03 55.61
N ALA J 655 -20.84 -75.26 56.33
CA ALA J 655 -20.84 -75.37 57.78
C ALA J 655 -21.80 -76.43 58.27
N GLY J 656 -21.98 -77.49 57.50
CA GLY J 656 -22.80 -78.60 57.90
C GLY J 656 -24.26 -78.51 57.53
N ILE J 657 -24.67 -77.45 56.84
CA ILE J 657 -26.06 -77.27 56.45
C ILE J 657 -26.27 -77.88 55.07
N CYS J 658 -27.25 -78.75 54.94
CA CYS J 658 -27.60 -79.38 53.67
C CYS J 658 -29.09 -79.22 53.43
N ALA J 659 -29.44 -78.62 52.30
CA ALA J 659 -30.84 -78.45 51.94
C ALA J 659 -31.31 -79.62 51.09
N SER J 660 -32.58 -79.97 51.23
CA SER J 660 -33.13 -81.08 50.46
C SER J 660 -34.60 -80.85 50.21
N TYR J 661 -35.09 -81.44 49.12
CA TYR J 661 -36.49 -81.31 48.72
C TYR J 661 -37.25 -82.53 49.21
N GLN J 662 -38.12 -82.32 50.20
CA GLN J 662 -38.89 -83.42 50.77
C GLN J 662 -40.19 -82.86 51.33
N THR J 663 -41.11 -83.77 51.63
CA THR J 663 -42.44 -83.47 52.12
C THR J 663 -42.48 -82.38 53.19
N SER J 676 -47.61 -79.41 50.04
CA SER J 676 -47.08 -80.73 50.39
C SER J 676 -45.57 -80.69 50.58
N GLN J 677 -44.83 -80.99 49.52
CA GLN J 677 -43.38 -81.04 49.58
C GLN J 677 -42.78 -79.66 49.31
N SER J 678 -41.74 -79.34 50.06
CA SER J 678 -41.05 -78.07 49.92
C SER J 678 -39.56 -78.31 50.17
N ILE J 679 -38.79 -77.23 50.24
CA ILE J 679 -37.34 -77.30 50.39
C ILE J 679 -36.99 -77.00 51.82
N ILE J 680 -36.30 -77.92 52.48
CA ILE J 680 -35.90 -77.78 53.87
C ILE J 680 -34.41 -77.47 53.93
N ALA J 681 -33.94 -77.16 55.13
CA ALA J 681 -32.53 -76.81 55.33
C ALA J 681 -32.11 -77.28 56.71
N TYR J 682 -31.59 -78.49 56.79
CA TYR J 682 -31.25 -79.14 58.05
C TYR J 682 -29.74 -79.15 58.23
N THR J 683 -29.31 -79.69 59.37
CA THR J 683 -27.90 -79.92 59.66
C THR J 683 -27.60 -81.39 59.45
N MET J 684 -26.69 -81.68 58.51
CA MET J 684 -26.52 -83.04 58.03
C MET J 684 -26.02 -83.96 59.14
N SER J 685 -26.39 -85.23 59.05
CA SER J 685 -26.04 -86.23 60.04
C SER J 685 -24.94 -87.14 59.51
N LEU J 686 -24.01 -87.49 60.39
CA LEU J 686 -22.81 -88.24 59.99
C LEU J 686 -23.04 -89.75 60.10
N GLY J 687 -24.04 -90.22 59.37
CA GLY J 687 -24.34 -91.63 59.35
C GLY J 687 -25.21 -92.08 60.50
N ALA J 688 -25.62 -93.34 60.43
CA ALA J 688 -26.54 -93.92 61.40
C ALA J 688 -25.77 -94.41 62.61
N GLU J 689 -26.29 -94.11 63.80
CA GLU J 689 -25.59 -94.44 65.03
C GLU J 689 -25.51 -95.95 65.23
N ASN J 690 -24.43 -96.37 65.88
CA ASN J 690 -24.20 -97.77 66.20
C ASN J 690 -23.18 -97.84 67.33
N SER J 691 -23.43 -98.73 68.28
CA SER J 691 -22.52 -98.97 69.39
C SER J 691 -22.29 -100.46 69.49
N VAL J 692 -21.04 -100.88 69.46
CA VAL J 692 -20.71 -102.30 69.46
C VAL J 692 -20.82 -102.84 70.87
N ALA J 693 -21.50 -103.97 71.02
CA ALA J 693 -21.67 -104.60 72.33
C ALA J 693 -20.33 -105.21 72.74
N TYR J 694 -19.47 -104.37 73.27
CA TYR J 694 -18.09 -104.75 73.57
C TYR J 694 -17.95 -105.09 75.05
N SER J 695 -17.43 -106.29 75.32
CA SER J 695 -17.08 -106.71 76.67
C SER J 695 -15.67 -107.28 76.63
N ASN J 696 -15.19 -107.75 77.78
CA ASN J 696 -13.85 -108.32 77.85
C ASN J 696 -13.82 -109.82 77.66
N ASN J 697 -14.95 -110.44 77.36
CA ASN J 697 -14.97 -111.86 77.03
C ASN J 697 -15.92 -112.20 75.90
N SER J 698 -16.51 -111.20 75.25
CA SER J 698 -17.50 -111.43 74.20
C SER J 698 -16.85 -111.18 72.85
N ILE J 699 -16.97 -112.16 71.96
CA ILE J 699 -16.46 -112.07 70.59
C ILE J 699 -17.59 -112.44 69.65
N ALA J 700 -17.66 -111.76 68.51
CA ALA J 700 -18.65 -112.04 67.49
C ALA J 700 -17.97 -112.67 66.30
N ILE J 701 -18.58 -113.72 65.75
CA ILE J 701 -17.98 -114.45 64.64
C ILE J 701 -19.03 -114.63 63.55
N PRO J 702 -18.70 -114.32 62.29
CA PRO J 702 -19.68 -114.51 61.22
C PRO J 702 -19.93 -116.00 60.98
N THR J 703 -21.12 -116.29 60.45
CA THR J 703 -21.49 -117.64 60.12
C THR J 703 -21.80 -117.87 58.65
N ASN J 704 -22.05 -116.80 57.89
CA ASN J 704 -22.29 -116.89 56.47
C ASN J 704 -21.43 -115.82 55.79
N PHE J 705 -21.72 -115.55 54.53
CA PHE J 705 -20.98 -114.53 53.79
C PHE J 705 -21.76 -114.13 52.57
N THR J 706 -21.29 -113.08 51.91
CA THR J 706 -21.80 -112.68 50.61
C THR J 706 -20.65 -112.30 49.71
N ILE J 707 -20.77 -112.61 48.43
CA ILE J 707 -19.75 -112.30 47.44
C ILE J 707 -20.24 -111.07 46.69
N SER J 708 -19.84 -109.89 47.15
CA SER J 708 -20.27 -108.65 46.52
C SER J 708 -19.26 -108.21 45.47
N VAL J 709 -19.77 -107.62 44.39
CA VAL J 709 -18.95 -107.22 43.24
C VAL J 709 -19.22 -105.75 42.99
N THR J 710 -18.23 -104.91 43.27
CA THR J 710 -18.38 -103.47 43.15
C THR J 710 -17.63 -102.96 41.91
N THR J 711 -18.00 -101.75 41.49
CA THR J 711 -17.50 -101.17 40.25
C THR J 711 -16.68 -99.93 40.56
N GLU J 712 -15.51 -99.81 39.93
CA GLU J 712 -14.67 -98.64 40.05
C GLU J 712 -14.28 -98.11 38.68
N ILE J 713 -14.50 -96.82 38.45
CA ILE J 713 -14.29 -96.18 37.17
C ILE J 713 -13.14 -95.20 37.31
N LEU J 714 -12.17 -95.27 36.39
CA LEU J 714 -10.99 -94.41 36.44
C LEU J 714 -10.66 -93.85 35.07
N PRO J 715 -10.51 -92.54 34.91
CA PRO J 715 -10.04 -92.00 33.63
C PRO J 715 -8.58 -92.34 33.40
N VAL J 716 -8.23 -92.60 32.15
CA VAL J 716 -6.88 -93.04 31.83
C VAL J 716 -6.22 -92.16 30.76
N SER J 717 -7.02 -91.53 29.91
CA SER J 717 -6.43 -90.72 28.85
C SER J 717 -7.33 -89.55 28.51
N MET J 718 -6.83 -88.68 27.64
CA MET J 718 -7.58 -87.52 27.16
C MET J 718 -7.59 -87.53 25.63
N THR J 719 -8.05 -86.45 25.03
CA THR J 719 -7.98 -86.31 23.58
C THR J 719 -6.67 -85.64 23.20
N LYS J 720 -5.98 -86.22 22.24
CA LYS J 720 -4.70 -85.68 21.77
C LYS J 720 -5.01 -84.51 20.86
N THR J 721 -5.09 -83.32 21.43
CA THR J 721 -5.42 -82.10 20.71
C THR J 721 -4.16 -81.30 20.48
N SER J 722 -3.96 -80.84 19.25
CA SER J 722 -2.88 -79.94 18.89
C SER J 722 -3.46 -78.69 18.28
N VAL J 723 -2.78 -77.56 18.48
CA VAL J 723 -3.23 -76.27 18.00
C VAL J 723 -2.06 -75.58 17.31
N ASP J 724 -2.29 -75.07 16.11
CA ASP J 724 -1.25 -74.41 15.35
C ASP J 724 -1.18 -72.93 15.70
N CYS J 725 0.04 -72.40 15.74
CA CYS J 725 0.24 -70.98 16.02
C CYS J 725 -0.28 -70.10 14.90
N THR J 726 0.27 -70.28 13.70
CA THR J 726 -0.03 -69.35 12.61
C THR J 726 -1.51 -69.36 12.27
N MET J 727 -2.14 -70.54 12.21
CA MET J 727 -3.52 -70.59 11.77
C MET J 727 -4.46 -70.05 12.84
N TYR J 728 -4.16 -70.27 14.13
CA TYR J 728 -5.07 -69.80 15.16
C TYR J 728 -4.99 -68.29 15.33
N ILE J 729 -3.79 -67.73 15.34
CA ILE J 729 -3.60 -66.32 15.68
C ILE J 729 -3.77 -65.43 14.46
N CYS J 730 -3.14 -65.79 13.34
CA CYS J 730 -3.12 -64.96 12.14
C CYS J 730 -3.59 -65.76 10.94
N GLY J 731 -4.75 -66.40 11.07
CA GLY J 731 -5.30 -67.22 10.00
C GLY J 731 -5.43 -66.48 8.68
N ASP J 732 -4.60 -66.86 7.71
CA ASP J 732 -4.60 -66.25 6.37
C ASP J 732 -4.33 -64.74 6.46
N SER J 733 -3.15 -64.40 6.96
CA SER J 733 -2.74 -63.00 7.05
C SER J 733 -1.22 -62.97 7.05
N THR J 734 -0.64 -62.55 5.94
CA THR J 734 0.82 -62.44 5.87
C THR J 734 1.34 -61.33 6.76
N GLU J 735 0.62 -60.20 6.83
CA GLU J 735 1.06 -59.09 7.66
C GLU J 735 1.09 -59.47 9.13
N CYS J 736 0.05 -60.17 9.60
CA CYS J 736 0.01 -60.63 10.98
C CYS J 736 1.13 -61.64 11.24
N SER J 737 1.38 -62.52 10.28
CA SER J 737 2.38 -63.56 10.48
C SER J 737 3.77 -62.98 10.63
N ASN J 738 4.08 -61.94 9.86
CA ASN J 738 5.41 -61.33 9.93
C ASN J 738 5.66 -60.67 11.28
N LEU J 739 4.65 -59.98 11.83
CA LEU J 739 4.84 -59.32 13.11
C LEU J 739 4.94 -60.35 14.24
N LEU J 740 4.28 -61.50 14.08
CA LEU J 740 4.35 -62.54 15.10
C LEU J 740 5.78 -63.01 15.33
N LEU J 741 6.62 -62.96 14.30
CA LEU J 741 7.99 -63.43 14.43
C LEU J 741 8.80 -62.58 15.40
N GLN J 742 8.31 -61.40 15.78
CA GLN J 742 9.06 -60.57 16.73
C GLN J 742 9.06 -61.20 18.12
N TYR J 743 8.03 -61.99 18.43
CA TYR J 743 7.94 -62.59 19.75
C TYR J 743 8.92 -63.73 19.95
N GLY J 744 9.62 -64.15 18.90
CA GLY J 744 10.63 -65.17 19.02
C GLY J 744 10.10 -66.56 18.74
N SER J 745 10.16 -67.43 19.76
CA SER J 745 9.67 -68.79 19.67
C SER J 745 8.69 -69.07 20.80
N PHE J 746 7.73 -68.17 20.99
CA PHE J 746 6.70 -68.42 22.00
C PHE J 746 5.88 -69.64 21.65
N CYS J 747 5.54 -69.82 20.38
CA CYS J 747 4.71 -70.96 20.02
C CYS J 747 5.47 -72.06 19.29
N THR J 748 6.79 -71.98 19.23
CA THR J 748 7.56 -73.21 19.07
C THR J 748 7.53 -74.01 20.38
N GLN J 749 7.32 -73.31 21.50
CA GLN J 749 7.13 -74.00 22.76
C GLN J 749 5.76 -74.66 22.83
N LEU J 750 4.72 -73.94 22.40
CA LEU J 750 3.36 -74.45 22.57
C LEU J 750 3.13 -75.71 21.75
N ASN J 751 3.63 -75.75 20.53
CA ASN J 751 3.57 -77.00 19.77
C ASN J 751 4.41 -78.08 20.41
N ARG J 752 5.43 -77.70 21.18
CA ARG J 752 6.20 -78.69 21.93
C ARG J 752 5.46 -79.12 23.18
N ALA J 753 4.78 -78.18 23.85
CA ALA J 753 4.07 -78.53 25.08
C ALA J 753 2.86 -79.40 24.79
N LEU J 754 2.10 -79.06 23.76
CA LEU J 754 0.90 -79.82 23.43
C LEU J 754 1.23 -81.17 22.82
N THR J 755 2.41 -81.33 22.24
CA THR J 755 2.79 -82.63 21.73
C THR J 755 3.19 -83.57 22.85
N GLY J 756 3.95 -83.08 23.82
CA GLY J 756 4.37 -83.92 24.93
C GLY J 756 3.19 -84.46 25.70
N ILE J 757 2.12 -83.67 25.81
CA ILE J 757 0.88 -84.18 26.38
C ILE J 757 0.34 -85.32 25.55
N ALA J 758 0.34 -85.15 24.22
CA ALA J 758 -0.28 -86.13 23.35
C ALA J 758 0.52 -87.42 23.28
N VAL J 759 1.84 -87.34 23.21
CA VAL J 759 2.65 -88.56 23.22
C VAL J 759 2.61 -89.27 24.57
N GLU J 760 2.21 -88.56 25.62
CA GLU J 760 2.04 -89.15 26.94
C GLU J 760 0.67 -89.77 27.12
N GLN J 761 -0.35 -89.20 26.49
CA GLN J 761 -1.69 -89.80 26.55
C GLN J 761 -1.71 -91.18 25.95
N ASP J 762 -0.76 -91.50 25.07
CA ASP J 762 -0.65 -92.84 24.53
C ASP J 762 0.15 -93.75 25.44
N LYS J 763 1.01 -93.18 26.28
CA LYS J 763 1.70 -93.98 27.27
C LYS J 763 0.77 -94.39 28.39
N ASN J 764 -0.11 -93.47 28.82
CA ASN J 764 -1.07 -93.78 29.85
C ASN J 764 -1.88 -95.02 29.48
N THR J 765 -2.38 -95.07 28.25
CA THR J 765 -3.16 -96.20 27.81
C THR J 765 -2.32 -97.47 27.71
N GLN J 766 -1.03 -97.32 27.41
CA GLN J 766 -0.16 -98.48 27.26
C GLN J 766 0.22 -99.10 28.60
N GLU J 767 0.46 -98.27 29.61
CA GLU J 767 0.80 -98.82 30.92
C GLU J 767 -0.35 -99.58 31.53
N VAL J 768 -1.58 -99.11 31.34
CA VAL J 768 -2.72 -99.75 32.00
C VAL J 768 -2.97 -101.11 31.40
N PHE J 769 -3.24 -101.17 30.10
CA PHE J 769 -3.71 -102.40 29.47
C PHE J 769 -2.56 -103.28 29.01
N ALA J 770 -1.59 -102.71 28.30
CA ALA J 770 -0.52 -103.49 27.70
C ALA J 770 0.44 -103.98 28.78
N GLN J 771 -0.07 -104.88 29.62
CA GLN J 771 0.72 -105.46 30.69
C GLN J 771 1.00 -106.93 30.50
N VAL J 772 0.22 -107.61 29.68
CA VAL J 772 0.37 -109.03 29.42
C VAL J 772 0.97 -109.21 28.04
N LYS J 773 1.81 -110.22 27.89
CA LYS J 773 2.51 -110.42 26.63
C LYS J 773 1.72 -111.27 25.64
N GLN J 774 1.39 -112.50 26.01
CA GLN J 774 0.65 -113.41 25.15
C GLN J 774 -0.82 -113.06 25.23
N ILE J 775 -1.52 -113.12 24.09
CA ILE J 775 -2.95 -112.87 24.03
C ILE J 775 -3.66 -114.18 24.37
N TYR J 776 -4.13 -114.30 25.60
CA TYR J 776 -4.77 -115.51 26.07
C TYR J 776 -6.20 -115.58 25.56
N LYS J 777 -6.79 -116.77 25.69
CA LYS J 777 -8.15 -117.03 25.25
C LYS J 777 -8.81 -118.00 26.22
N THR J 778 -10.11 -117.85 26.37
CA THR J 778 -10.84 -118.84 27.16
C THR J 778 -11.03 -120.11 26.35
N PRO J 779 -11.15 -121.26 27.01
CA PRO J 779 -11.45 -122.49 26.29
C PRO J 779 -12.82 -122.40 25.65
N PRO J 780 -13.05 -123.16 24.59
CA PRO J 780 -14.40 -123.18 23.99
C PRO J 780 -15.48 -123.61 24.96
N ILE J 781 -15.16 -124.52 25.89
CA ILE J 781 -16.10 -124.88 26.94
C ILE J 781 -16.17 -123.75 27.97
N LYS J 782 -17.17 -123.83 28.83
CA LYS J 782 -17.43 -122.79 29.82
C LYS J 782 -17.80 -123.37 31.18
N ASP J 783 -17.25 -124.53 31.52
CA ASP J 783 -17.58 -125.19 32.77
C ASP J 783 -16.60 -124.77 33.86
N PHE J 784 -16.69 -123.51 34.25
CA PHE J 784 -15.81 -122.96 35.26
C PHE J 784 -16.35 -123.21 36.67
N GLY J 785 -16.60 -124.48 36.99
CA GLY J 785 -17.11 -124.83 38.29
C GLY J 785 -18.50 -124.34 38.57
N GLY J 786 -19.19 -123.80 37.57
CA GLY J 786 -20.49 -123.23 37.77
C GLY J 786 -20.53 -121.72 37.81
N PHE J 787 -19.41 -121.05 37.57
CA PHE J 787 -19.36 -119.60 37.57
C PHE J 787 -19.62 -119.08 36.17
N ASN J 788 -20.34 -117.97 36.08
CA ASN J 788 -20.83 -117.45 34.81
C ASN J 788 -20.16 -116.13 34.49
N PHE J 789 -19.37 -116.10 33.42
CA PHE J 789 -18.62 -114.91 33.02
C PHE J 789 -19.13 -114.31 31.72
N SER J 790 -20.34 -114.67 31.29
CA SER J 790 -20.81 -114.23 29.98
C SER J 790 -20.97 -112.72 29.94
N GLN J 791 -21.26 -112.09 31.08
CA GLN J 791 -21.48 -110.66 31.11
C GLN J 791 -20.20 -109.84 31.01
N ILE J 792 -19.05 -110.45 31.28
CA ILE J 792 -17.78 -109.74 31.18
C ILE J 792 -16.92 -110.23 30.02
N LEU J 793 -17.09 -111.46 29.57
CA LEU J 793 -16.28 -112.02 28.50
C LEU J 793 -16.82 -111.58 27.15
N PRO J 794 -15.95 -111.52 26.13
CA PRO J 794 -16.42 -111.10 24.81
C PRO J 794 -17.45 -112.06 24.26
N ASP J 795 -18.40 -111.52 23.51
CA ASP J 795 -19.36 -112.38 22.86
C ASP J 795 -19.26 -112.22 21.35
N PRO J 796 -19.30 -113.32 20.59
CA PRO J 796 -19.20 -113.23 19.14
C PRO J 796 -20.48 -112.80 18.44
N SER J 797 -21.50 -112.38 19.19
CA SER J 797 -22.77 -111.93 18.63
C SER J 797 -22.78 -110.44 18.33
N LYS J 798 -21.62 -109.81 18.23
CA LYS J 798 -21.55 -108.38 17.94
C LYS J 798 -20.59 -108.11 16.79
N SER J 800 -17.28 -104.80 16.55
CA SER J 800 -17.07 -104.54 17.96
C SER J 800 -17.23 -105.82 18.78
N LYS J 801 -16.15 -106.57 18.92
CA LYS J 801 -16.17 -107.79 19.73
C LYS J 801 -15.92 -107.45 21.21
N ARG J 802 -16.81 -106.61 21.73
CA ARG J 802 -16.83 -106.27 23.14
C ARG J 802 -17.74 -107.25 23.88
N SER J 803 -17.89 -107.03 25.18
CA SER J 803 -18.70 -107.90 26.01
C SER J 803 -20.06 -107.26 26.26
N PHE J 804 -20.86 -107.88 27.12
CA PHE J 804 -22.11 -107.26 27.50
C PHE J 804 -21.89 -105.97 28.27
N ILE J 805 -21.06 -106.00 29.31
CA ILE J 805 -20.92 -104.83 30.17
C ILE J 805 -20.14 -103.74 29.46
N GLU J 806 -19.10 -104.09 28.71
CA GLU J 806 -18.30 -103.07 28.04
C GLU J 806 -19.16 -102.22 27.11
N ASP J 807 -20.18 -102.83 26.49
CA ASP J 807 -21.04 -102.08 25.59
C ASP J 807 -21.91 -101.07 26.33
N LEU J 808 -22.35 -101.41 27.54
CA LEU J 808 -23.11 -100.44 28.33
C LEU J 808 -22.28 -99.21 28.61
N LEU J 809 -21.00 -99.39 28.90
CA LEU J 809 -20.11 -98.26 29.15
C LEU J 809 -19.90 -97.43 27.89
N PHE J 810 -19.87 -98.08 26.73
CA PHE J 810 -19.57 -97.36 25.50
C PHE J 810 -20.81 -96.66 24.96
N ASN J 811 -21.99 -97.28 25.10
CA ASN J 811 -23.22 -96.60 24.71
C ASN J 811 -23.46 -95.36 25.56
N LYS J 812 -23.22 -95.49 26.86
CA LYS J 812 -23.59 -94.43 27.80
C LYS J 812 -22.80 -93.16 27.55
N VAL J 813 -21.47 -93.26 27.49
CA VAL J 813 -20.62 -92.08 27.32
C VAL J 813 -20.56 -91.74 25.84
N THR J 814 -20.94 -90.51 25.51
CA THR J 814 -20.96 -90.05 24.13
C THR J 814 -20.38 -88.65 24.01
N LYS J 841 -12.34 -76.13 14.56
CA LYS J 841 -11.71 -76.85 13.45
C LYS J 841 -11.12 -75.87 12.46
N PHE J 842 -11.70 -74.67 12.41
CA PHE J 842 -11.29 -73.66 11.45
C PHE J 842 -9.99 -72.97 11.82
N ASN J 843 -9.42 -73.26 12.99
CA ASN J 843 -8.28 -72.51 13.52
C ASN J 843 -7.18 -73.46 13.98
N GLY J 844 -6.91 -74.50 13.20
CA GLY J 844 -5.82 -75.38 13.55
C GLY J 844 -6.08 -76.30 14.71
N LEU J 845 -7.35 -76.55 15.05
CA LEU J 845 -7.69 -77.50 16.12
C LEU J 845 -7.71 -78.89 15.52
N THR J 846 -6.54 -79.52 15.51
CA THR J 846 -6.39 -80.87 14.99
C THR J 846 -6.39 -81.87 16.13
N VAL J 847 -7.31 -82.82 16.09
CA VAL J 847 -7.42 -83.87 17.10
C VAL J 847 -6.74 -85.11 16.55
N LEU J 848 -5.66 -85.52 17.18
CA LEU J 848 -4.95 -86.70 16.74
C LEU J 848 -5.68 -87.97 17.17
N PRO J 849 -5.54 -89.06 16.44
CA PRO J 849 -6.19 -90.30 16.82
C PRO J 849 -5.34 -91.09 17.80
N PRO J 850 -5.96 -91.78 18.75
CA PRO J 850 -5.18 -92.60 19.68
C PRO J 850 -4.47 -93.73 18.95
N LEU J 851 -3.29 -94.09 19.45
CA LEU J 851 -2.50 -95.12 18.79
C LEU J 851 -3.15 -96.48 18.90
N LEU J 852 -3.77 -96.78 20.04
CA LEU J 852 -4.47 -98.04 20.24
C LEU J 852 -5.96 -97.79 20.03
N THR J 853 -6.50 -98.31 18.94
CA THR J 853 -7.92 -98.15 18.72
C THR J 853 -8.72 -99.02 19.69
N ASP J 854 -9.96 -98.62 19.94
CA ASP J 854 -10.75 -99.25 20.99
C ASP J 854 -10.96 -100.73 20.75
N GLU J 855 -10.80 -101.20 19.52
CA GLU J 855 -10.85 -102.63 19.27
C GLU J 855 -9.59 -103.33 19.79
N MET J 856 -8.45 -102.65 19.77
CA MET J 856 -7.24 -103.23 20.34
C MET J 856 -7.27 -103.23 21.86
N ILE J 857 -7.82 -102.17 22.45
CA ILE J 857 -7.90 -102.07 23.89
C ILE J 857 -8.79 -103.17 24.45
N ALA J 858 -9.95 -103.39 23.82
CA ALA J 858 -10.82 -104.47 24.25
C ALA J 858 -10.26 -105.83 23.89
N GLN J 859 -9.29 -105.91 23.00
CA GLN J 859 -8.55 -107.16 22.82
C GLN J 859 -7.58 -107.38 23.95
N TYR J 860 -7.10 -106.29 24.55
CA TYR J 860 -6.16 -106.39 25.67
C TYR J 860 -6.88 -106.81 26.94
N THR J 861 -8.06 -106.26 27.21
CA THR J 861 -8.77 -106.61 28.44
C THR J 861 -9.37 -108.00 28.36
N SER J 862 -9.49 -108.58 27.17
CA SER J 862 -9.90 -109.97 27.06
C SER J 862 -8.75 -110.91 27.37
N ALA J 863 -7.51 -110.51 27.06
CA ALA J 863 -6.36 -111.30 27.44
C ALA J 863 -6.20 -111.35 28.95
N LEU J 864 -6.43 -110.21 29.62
CA LEU J 864 -6.36 -110.19 31.08
C LEU J 864 -7.52 -110.95 31.69
N LEU J 865 -8.72 -110.82 31.11
CA LEU J 865 -9.86 -111.57 31.60
C LEU J 865 -9.68 -113.06 31.39
N ALA J 866 -9.22 -113.46 30.20
CA ALA J 866 -9.08 -114.89 29.91
C ALA J 866 -7.90 -115.49 30.65
N GLY J 867 -6.84 -114.71 30.85
CA GLY J 867 -5.71 -115.23 31.62
C GLY J 867 -6.03 -115.41 33.08
N THR J 868 -6.84 -114.51 33.65
CA THR J 868 -7.23 -114.63 35.05
C THR J 868 -8.09 -115.85 35.29
N ILE J 869 -9.01 -116.13 34.36
CA ILE J 869 -10.00 -117.17 34.55
C ILE J 869 -9.34 -118.55 34.50
N THR J 870 -8.39 -118.75 33.59
CA THR J 870 -7.78 -120.04 33.40
C THR J 870 -6.53 -120.25 34.24
N SER J 871 -5.76 -119.20 34.53
CA SER J 871 -4.48 -119.35 35.20
C SER J 871 -4.39 -118.69 36.57
N GLY J 872 -5.23 -117.72 36.88
CA GLY J 872 -5.19 -117.07 38.18
C GLY J 872 -4.20 -115.93 38.21
N TRP J 873 -3.35 -115.91 39.23
CA TRP J 873 -2.31 -114.90 39.29
C TRP J 873 -0.99 -115.37 38.73
N THR J 874 -0.94 -116.59 38.18
CA THR J 874 0.30 -117.17 37.72
C THR J 874 0.74 -116.64 36.36
N PHE J 875 -0.10 -115.85 35.69
CA PHE J 875 0.28 -115.37 34.36
C PHE J 875 0.93 -114.00 34.39
N GLY J 876 0.74 -113.22 35.44
CA GLY J 876 1.45 -111.98 35.58
C GLY J 876 2.78 -112.10 36.28
N ALA J 877 3.16 -113.31 36.64
CA ALA J 877 4.38 -113.54 37.39
C ALA J 877 5.36 -114.45 36.67
N GLY J 878 5.03 -114.93 35.49
CA GLY J 878 5.88 -115.86 34.79
C GLY J 878 5.11 -116.68 33.76
N PRO J 879 5.50 -117.93 33.59
CA PRO J 879 4.78 -118.80 32.68
C PRO J 879 3.37 -119.04 33.18
N ALA J 880 2.39 -118.98 32.28
CA ALA J 880 1.00 -119.14 32.67
C ALA J 880 0.72 -120.60 32.98
N LEU J 881 0.31 -120.88 34.22
CA LEU J 881 -0.01 -122.22 34.66
C LEU J 881 -1.51 -122.30 34.93
N GLN J 882 -2.19 -123.22 34.25
CA GLN J 882 -3.63 -123.34 34.39
C GLN J 882 -4.00 -124.01 35.71
N ILE J 883 -5.22 -123.77 36.16
CA ILE J 883 -5.74 -124.36 37.39
C ILE J 883 -7.26 -124.23 37.35
N PRO J 884 -8.00 -125.26 37.74
CA PRO J 884 -9.46 -125.18 37.67
C PRO J 884 -10.02 -124.02 38.48
N PHE J 885 -11.04 -123.37 37.93
CA PHE J 885 -11.58 -122.18 38.58
C PHE J 885 -12.26 -122.51 39.90
N PRO J 886 -12.83 -123.69 40.03
CA PRO J 886 -13.34 -124.08 41.33
C PRO J 886 -12.21 -124.15 42.35
N MET J 887 -11.05 -124.64 41.95
CA MET J 887 -9.89 -124.77 42.82
C MET J 887 -9.17 -123.45 43.05
N GLN J 888 -9.12 -122.59 42.03
CA GLN J 888 -8.43 -121.31 42.19
C GLN J 888 -9.09 -120.45 43.25
N MET J 889 -10.43 -120.45 43.29
CA MET J 889 -11.12 -119.67 44.31
C MET J 889 -10.82 -120.20 45.70
N ALA J 890 -10.48 -121.48 45.83
CA ALA J 890 -10.05 -121.98 47.12
C ALA J 890 -8.72 -121.37 47.53
N TYR J 891 -7.86 -121.10 46.55
CA TYR J 891 -6.65 -120.33 46.82
C TYR J 891 -7.00 -118.91 47.25
N ARG J 892 -7.93 -118.26 46.55
CA ARG J 892 -8.32 -116.90 46.90
C ARG J 892 -8.97 -116.88 48.28
N PHE J 893 -9.83 -117.85 48.58
CA PHE J 893 -10.44 -117.92 49.89
C PHE J 893 -9.38 -118.15 50.97
N ASN J 894 -8.43 -119.03 50.71
CA ASN J 894 -7.38 -119.34 51.65
C ASN J 894 -6.47 -118.14 51.91
N GLY J 895 -6.49 -117.16 51.02
CA GLY J 895 -5.69 -115.96 51.20
C GLY J 895 -6.32 -114.86 52.01
N ILE J 896 -7.57 -115.03 52.43
CA ILE J 896 -8.22 -114.07 53.31
C ILE J 896 -8.57 -114.68 54.66
N GLY J 897 -7.88 -115.75 55.03
CA GLY J 897 -8.06 -116.36 56.34
C GLY J 897 -9.16 -117.39 56.44
N VAL J 898 -9.79 -117.77 55.33
CA VAL J 898 -10.88 -118.73 55.32
C VAL J 898 -10.37 -120.01 54.68
N THR J 899 -10.61 -121.14 55.33
CA THR J 899 -10.05 -122.41 54.88
C THR J 899 -10.64 -122.81 53.52
N GLN J 900 -9.98 -123.78 52.89
CA GLN J 900 -10.43 -124.23 51.57
C GLN J 900 -11.81 -124.85 51.63
N ASN J 901 -12.06 -125.67 52.65
CA ASN J 901 -13.29 -126.46 52.67
C ASN J 901 -14.53 -125.60 52.79
N VAL J 902 -14.40 -124.33 53.15
CA VAL J 902 -15.56 -123.45 53.17
C VAL J 902 -16.09 -123.23 51.77
N LEU J 903 -15.19 -123.06 50.79
CA LEU J 903 -15.64 -122.88 49.42
C LEU J 903 -16.21 -124.17 48.85
N TYR J 904 -15.50 -125.29 49.02
CA TYR J 904 -15.92 -126.54 48.38
C TYR J 904 -17.27 -126.99 48.90
N GLU J 905 -17.49 -126.89 50.20
CA GLU J 905 -18.77 -127.29 50.75
C GLU J 905 -19.91 -126.38 50.32
N ASN J 906 -19.61 -125.14 49.94
CA ASN J 906 -20.63 -124.17 49.57
C ASN J 906 -20.44 -123.65 48.16
N GLN J 907 -19.83 -124.45 47.28
CA GLN J 907 -19.52 -123.98 45.94
C GLN J 907 -20.78 -123.59 45.19
N LYS J 908 -21.84 -124.36 45.35
CA LYS J 908 -23.08 -124.08 44.63
C LYS J 908 -23.69 -122.77 45.06
N LEU J 909 -23.66 -122.48 46.36
CA LEU J 909 -24.15 -121.20 46.85
C LEU J 909 -23.28 -120.05 46.38
N ILE J 910 -21.96 -120.26 46.39
CA ILE J 910 -21.02 -119.19 46.04
C ILE J 910 -21.12 -118.85 44.56
N ALA J 911 -21.26 -119.86 43.71
CA ALA J 911 -21.38 -119.60 42.28
C ALA J 911 -22.61 -118.75 41.98
N ASN J 912 -23.71 -119.02 42.69
CA ASN J 912 -24.92 -118.22 42.49
C ASN J 912 -24.74 -116.81 43.00
N GLN J 913 -24.03 -116.65 44.13
CA GLN J 913 -23.78 -115.31 44.67
C GLN J 913 -22.89 -114.51 43.74
N PHE J 914 -21.88 -115.14 43.15
CA PHE J 914 -21.04 -114.44 42.18
C PHE J 914 -21.82 -114.06 40.95
N ASN J 915 -22.65 -114.96 40.44
CA ASN J 915 -23.41 -114.69 39.22
C ASN J 915 -24.45 -113.61 39.46
N SER J 916 -25.14 -113.66 40.59
CA SER J 916 -26.17 -112.66 40.87
C SER J 916 -25.57 -111.27 41.02
N ALA J 917 -24.42 -111.18 41.69
CA ALA J 917 -23.81 -109.87 41.92
C ALA J 917 -23.31 -109.25 40.62
N ILE J 918 -22.82 -110.08 39.70
CA ILE J 918 -22.38 -109.56 38.40
C ILE J 918 -23.56 -108.97 37.64
N GLY J 919 -24.70 -109.65 37.68
CA GLY J 919 -25.85 -109.17 36.93
C GLY J 919 -26.31 -107.79 37.37
N LYS J 920 -26.23 -107.51 38.66
CA LYS J 920 -26.62 -106.19 39.15
C LYS J 920 -25.72 -105.08 38.62
N ILE J 921 -24.53 -105.42 38.15
CA ILE J 921 -23.63 -104.40 37.61
C ILE J 921 -24.22 -103.76 36.37
N GLN J 922 -24.75 -104.57 35.46
CA GLN J 922 -25.35 -104.00 34.25
C GLN J 922 -26.52 -103.10 34.59
N ASP J 923 -27.38 -103.54 35.52
CA ASP J 923 -28.50 -102.71 35.92
C ASP J 923 -28.03 -101.41 36.56
N SER J 924 -27.02 -101.49 37.43
CA SER J 924 -26.56 -100.31 38.14
C SER J 924 -26.02 -99.26 37.17
N LEU J 925 -25.35 -99.69 36.12
CA LEU J 925 -24.94 -98.75 35.08
C LEU J 925 -26.12 -98.38 34.18
N SER J 926 -27.00 -99.34 33.89
CA SER J 926 -28.11 -99.05 32.98
C SER J 926 -29.17 -98.17 33.62
N SER J 927 -29.41 -98.32 34.93
CA SER J 927 -30.46 -97.56 35.59
C SER J 927 -30.10 -96.08 35.63
N THR J 928 -29.02 -95.74 36.32
CA THR J 928 -28.61 -94.35 36.50
C THR J 928 -27.43 -94.05 35.58
N PRO J 929 -27.53 -92.96 34.83
CA PRO J 929 -26.50 -92.56 33.89
C PRO J 929 -25.37 -91.75 34.52
N SER J 930 -25.47 -91.44 35.81
CA SER J 930 -24.43 -90.72 36.52
C SER J 930 -23.32 -91.63 37.01
N ALA J 931 -23.42 -92.94 36.74
CA ALA J 931 -22.37 -93.86 37.18
C ALA J 931 -21.05 -93.55 36.51
N LEU J 932 -21.06 -93.33 35.20
CA LEU J 932 -19.85 -92.99 34.46
C LEU J 932 -19.66 -91.48 34.38
N GLY J 933 -19.75 -90.82 35.53
CA GLY J 933 -19.58 -89.39 35.57
C GLY J 933 -18.13 -88.98 35.66
N LYS J 934 -17.26 -89.95 35.97
CA LYS J 934 -15.83 -89.65 36.04
C LYS J 934 -15.23 -89.51 34.66
N LEU J 935 -15.56 -90.42 33.74
CA LEU J 935 -15.04 -90.35 32.38
C LEU J 935 -15.74 -89.26 31.59
N GLN J 936 -17.01 -89.01 31.88
CA GLN J 936 -17.71 -87.94 31.19
C GLN J 936 -17.19 -86.57 31.61
N ASP J 937 -16.86 -86.41 32.89
CA ASP J 937 -16.36 -85.13 33.37
C ASP J 937 -15.05 -84.77 32.68
N VAL J 938 -14.25 -85.77 32.32
CA VAL J 938 -13.02 -85.49 31.57
C VAL J 938 -13.34 -84.96 30.19
N VAL J 939 -14.36 -85.53 29.54
CA VAL J 939 -14.71 -85.11 28.19
C VAL J 939 -15.24 -83.68 28.18
N ASN J 940 -16.11 -83.35 29.13
CA ASN J 940 -16.68 -82.02 29.17
C ASN J 940 -15.62 -80.96 29.44
N GLN J 941 -14.70 -81.25 30.35
CA GLN J 941 -13.67 -80.26 30.69
C GLN J 941 -12.82 -79.91 29.49
N ASN J 942 -12.47 -80.92 28.68
CA ASN J 942 -11.63 -80.66 27.52
C ASN J 942 -12.39 -79.86 26.47
N ALA J 943 -13.65 -80.24 26.20
CA ALA J 943 -14.43 -79.54 25.19
C ALA J 943 -14.69 -78.09 25.58
N GLN J 944 -15.05 -77.86 26.85
CA GLN J 944 -15.27 -76.49 27.30
C GLN J 944 -14.00 -75.66 27.17
N ALA J 945 -12.85 -76.25 27.49
CA ALA J 945 -11.60 -75.51 27.35
C ALA J 945 -11.32 -75.18 25.89
N LEU J 946 -11.65 -76.09 24.98
CA LEU J 946 -11.45 -75.81 23.57
C LEU J 946 -12.45 -74.80 23.04
N ASN J 947 -13.71 -74.91 23.47
CA ASN J 947 -14.71 -73.94 23.03
C ASN J 947 -14.38 -72.54 23.53
N THR J 948 -13.90 -72.44 24.77
CA THR J 948 -13.45 -71.14 25.26
C THR J 948 -12.26 -70.64 24.45
N LEU J 949 -11.40 -71.54 23.99
CA LEU J 949 -10.27 -71.12 23.16
C LEU J 949 -10.76 -70.54 21.84
N VAL J 950 -11.78 -71.15 21.23
CA VAL J 950 -12.29 -70.66 19.97
C VAL J 950 -13.02 -69.34 20.16
N LYS J 951 -13.90 -69.28 21.15
CA LYS J 951 -14.71 -68.08 21.35
C LYS J 951 -13.86 -66.86 21.70
N GLN J 952 -12.63 -67.07 22.15
CA GLN J 952 -11.73 -65.95 22.41
C GLN J 952 -11.29 -65.26 21.13
N LEU J 953 -11.59 -65.84 19.97
CA LEU J 953 -11.29 -65.18 18.71
C LEU J 953 -12.24 -64.01 18.47
N SER J 954 -13.40 -64.03 19.09
CA SER J 954 -14.35 -62.92 19.00
C SER J 954 -14.18 -61.95 20.16
N SER J 955 -12.95 -61.48 20.36
CA SER J 955 -12.68 -60.48 21.38
C SER J 955 -11.69 -59.46 20.83
N ASN J 956 -11.94 -58.19 21.13
CA ASN J 956 -11.16 -57.12 20.54
C ASN J 956 -9.81 -56.93 21.22
N PHE J 957 -9.73 -57.23 22.52
CA PHE J 957 -8.51 -57.00 23.30
C PHE J 957 -8.05 -55.55 23.17
N GLY J 958 -9.01 -54.63 23.16
CA GLY J 958 -8.70 -53.22 23.02
C GLY J 958 -8.48 -52.74 21.61
N ALA J 959 -8.64 -53.60 20.60
CA ALA J 959 -8.52 -53.20 19.21
C ALA J 959 -9.89 -52.74 18.70
N ILE J 960 -9.92 -52.34 17.42
CA ILE J 960 -11.16 -51.84 16.84
C ILE J 960 -12.09 -53.00 16.46
N SER J 961 -11.59 -53.95 15.68
CA SER J 961 -12.40 -55.05 15.18
C SER J 961 -11.73 -56.38 15.47
N SER J 962 -12.55 -57.40 15.64
CA SER J 962 -12.07 -58.76 15.91
C SER J 962 -11.72 -59.53 14.64
N VAL J 963 -12.05 -59.00 13.47
CA VAL J 963 -11.74 -59.66 12.21
C VAL J 963 -10.43 -59.11 11.69
N LEU J 964 -9.56 -60.01 11.22
CA LEU J 964 -8.24 -59.59 10.79
C LEU J 964 -8.30 -58.79 9.49
N ASN J 965 -9.13 -59.23 8.54
CA ASN J 965 -9.23 -58.51 7.27
C ASN J 965 -9.93 -57.17 7.42
N ASP J 966 -10.89 -57.08 8.34
CA ASP J 966 -11.61 -55.82 8.53
C ASP J 966 -10.69 -54.73 9.07
N ILE J 967 -9.86 -55.05 10.06
CA ILE J 967 -8.93 -54.07 10.57
C ILE J 967 -7.85 -53.75 9.54
N LEU J 968 -7.54 -54.71 8.67
CA LEU J 968 -6.52 -54.46 7.65
C LEU J 968 -7.02 -53.51 6.58
N SER J 969 -8.25 -53.73 6.11
CA SER J 969 -8.79 -52.89 5.04
C SER J 969 -9.18 -51.51 5.54
N ARG J 970 -9.75 -51.43 6.74
CA ARG J 970 -10.29 -50.17 7.23
C ARG J 970 -9.20 -49.12 7.40
N LEU J 971 -8.06 -49.50 7.96
CA LEU J 971 -7.00 -48.56 8.27
C LEU J 971 -5.80 -48.80 7.36
N ASP J 972 -4.80 -47.95 7.51
CA ASP J 972 -3.51 -47.93 6.85
C ASP J 972 -2.51 -48.79 7.61
N PRO J 973 -1.53 -49.34 6.90
CA PRO J 973 -0.54 -50.23 7.54
C PRO J 973 0.20 -49.56 8.70
N PRO J 974 0.54 -48.27 8.62
CA PRO J 974 1.16 -47.64 9.80
C PRO J 974 0.31 -47.69 11.06
N GLU J 975 -1.02 -47.60 10.93
CA GLU J 975 -1.91 -47.67 12.08
C GLU J 975 -2.40 -49.08 12.37
N ALA J 976 -2.65 -49.88 11.34
CA ALA J 976 -3.13 -51.23 11.55
C ALA J 976 -2.13 -52.08 12.30
N GLU J 977 -0.84 -51.73 12.27
CA GLU J 977 0.17 -52.48 13.00
C GLU J 977 -0.09 -52.43 14.50
N VAL J 978 -0.48 -51.26 15.02
CA VAL J 978 -0.80 -51.17 16.44
C VAL J 978 -2.03 -52.01 16.76
N GLN J 979 -3.06 -51.92 15.92
CA GLN J 979 -4.25 -52.74 16.14
C GLN J 979 -3.97 -54.21 15.93
N ILE J 980 -3.04 -54.53 15.02
CA ILE J 980 -2.59 -55.92 14.87
C ILE J 980 -1.88 -56.39 16.13
N ASP J 981 -1.05 -55.52 16.71
CA ASP J 981 -0.33 -55.89 17.92
C ASP J 981 -1.28 -56.17 19.08
N ARG J 982 -2.34 -55.38 19.21
CA ARG J 982 -3.26 -55.58 20.31
C ARG J 982 -3.98 -56.92 20.21
N LEU J 983 -4.34 -57.34 19.00
CA LEU J 983 -5.03 -58.62 18.83
C LEU J 983 -4.10 -59.79 19.10
N ILE J 984 -2.91 -59.78 18.51
CA ILE J 984 -2.03 -60.94 18.62
C ILE J 984 -1.60 -61.14 20.07
N THR J 985 -1.27 -60.07 20.78
CA THR J 985 -0.95 -60.20 22.21
C THR J 985 -2.13 -60.76 22.98
N GLY J 986 -3.34 -60.30 22.66
CA GLY J 986 -4.53 -60.88 23.27
C GLY J 986 -4.72 -62.34 22.90
N ARG J 987 -4.34 -62.71 21.68
CA ARG J 987 -4.48 -64.10 21.27
C ARG J 987 -3.33 -64.97 21.72
N LEU J 988 -2.15 -64.39 21.96
CA LEU J 988 -1.06 -65.15 22.57
C LEU J 988 -1.41 -65.57 23.99
N GLN J 989 -1.94 -64.66 24.79
CA GLN J 989 -2.30 -65.01 26.16
C GLN J 989 -3.41 -66.05 26.17
N SER J 990 -4.38 -65.91 25.27
CA SER J 990 -5.49 -66.86 25.22
C SER J 990 -5.01 -68.25 24.83
N LEU J 991 -4.00 -68.33 23.97
CA LEU J 991 -3.36 -69.60 23.68
C LEU J 991 -2.41 -70.02 24.79
N GLN J 992 -1.76 -69.07 25.43
CA GLN J 992 -0.87 -69.40 26.54
C GLN J 992 -1.65 -69.96 27.72
N THR J 993 -2.80 -69.38 28.01
CA THR J 993 -3.60 -69.88 29.13
C THR J 993 -4.11 -71.30 28.86
N TYR J 994 -4.53 -71.57 27.63
CA TYR J 994 -5.10 -72.87 27.33
C TYR J 994 -4.08 -73.98 27.52
N VAL J 995 -2.83 -73.76 27.11
CA VAL J 995 -1.83 -74.81 27.27
C VAL J 995 -1.52 -75.03 28.73
N THR J 996 -1.44 -73.96 29.52
CA THR J 996 -1.15 -74.12 30.93
C THR J 996 -2.22 -74.94 31.64
N GLN J 997 -3.50 -74.65 31.38
CA GLN J 997 -4.55 -75.45 31.98
C GLN J 997 -4.56 -76.87 31.42
N GLN J 998 -4.00 -77.08 30.23
CA GLN J 998 -3.86 -78.42 29.70
C GLN J 998 -2.76 -79.19 30.42
N LEU J 999 -1.67 -78.51 30.75
CA LEU J 999 -0.57 -79.17 31.44
C LEU J 999 -0.95 -79.56 32.85
N ILE J 1000 -1.75 -78.73 33.50
CA ILE J 1000 -2.24 -79.05 34.84
C ILE J 1000 -3.27 -80.17 34.78
N ARG J 1001 -4.12 -80.17 33.76
CA ARG J 1001 -5.14 -81.20 33.64
C ARG J 1001 -4.54 -82.53 33.20
N ALA J 1002 -3.56 -82.50 32.30
CA ALA J 1002 -2.94 -83.73 31.84
C ALA J 1002 -2.15 -84.41 32.95
N ALA J 1003 -1.67 -83.63 33.93
CA ALA J 1003 -0.99 -84.21 35.08
C ALA J 1003 -1.99 -84.78 36.08
N GLU J 1004 -3.24 -84.38 36.01
CA GLU J 1004 -4.28 -84.98 36.83
C GLU J 1004 -4.74 -86.30 36.26
N ILE J 1005 -4.58 -86.50 34.95
CA ILE J 1005 -4.93 -87.77 34.31
C ILE J 1005 -3.78 -88.76 34.42
N ARG J 1006 -2.54 -88.27 34.42
CA ARG J 1006 -1.41 -89.18 34.60
C ARG J 1006 -1.40 -89.77 36.00
N ALA J 1007 -1.92 -89.04 36.98
CA ALA J 1007 -2.06 -89.59 38.32
C ALA J 1007 -3.21 -90.56 38.43
N SER J 1008 -4.13 -90.58 37.47
CA SER J 1008 -5.18 -91.58 37.38
C SER J 1008 -4.81 -92.75 36.50
N ALA J 1009 -3.94 -92.53 35.51
CA ALA J 1009 -3.45 -93.64 34.70
C ALA J 1009 -2.39 -94.43 35.43
N ASN J 1010 -1.71 -93.81 36.40
CA ASN J 1010 -0.77 -94.54 37.24
C ASN J 1010 -1.48 -95.30 38.33
N LEU J 1011 -2.64 -94.83 38.77
CA LEU J 1011 -3.43 -95.57 39.74
C LEU J 1011 -4.13 -96.76 39.09
N ALA J 1012 -4.68 -96.56 37.89
CA ALA J 1012 -5.34 -97.65 37.20
C ALA J 1012 -4.33 -98.70 36.75
N ALA J 1013 -3.11 -98.28 36.41
CA ALA J 1013 -2.06 -99.25 36.09
C ALA J 1013 -1.63 -100.00 37.32
N THR J 1014 -1.78 -99.39 38.49
CA THR J 1014 -1.44 -100.04 39.76
C THR J 1014 -2.59 -100.88 40.28
N LYS J 1015 -3.82 -100.49 40.00
CA LYS J 1015 -4.95 -101.32 40.39
C LYS J 1015 -5.12 -102.51 39.48
N MET J 1016 -4.41 -102.56 38.37
CA MET J 1016 -4.43 -103.73 37.51
C MET J 1016 -3.27 -104.67 37.77
N SER J 1017 -2.13 -104.15 38.20
CA SER J 1017 -1.03 -105.01 38.57
C SER J 1017 -1.29 -105.74 39.88
N GLU J 1018 -2.05 -105.13 40.78
CA GLU J 1018 -2.22 -105.64 42.13
C GLU J 1018 -3.59 -106.20 42.41
N CYS J 1019 -4.65 -105.66 41.81
CA CYS J 1019 -5.96 -106.23 42.00
C CYS J 1019 -6.26 -107.32 40.98
N VAL J 1020 -6.01 -107.06 39.70
CA VAL J 1020 -6.35 -108.01 38.65
C VAL J 1020 -5.32 -109.12 38.57
N LEU J 1021 -4.04 -108.76 38.45
CA LEU J 1021 -2.96 -109.73 38.25
C LEU J 1021 -2.40 -110.22 39.59
N GLY J 1022 -3.29 -110.60 40.49
CA GLY J 1022 -2.89 -111.03 41.82
C GLY J 1022 -3.90 -110.54 42.83
N GLN J 1023 -3.89 -111.18 43.99
CA GLN J 1023 -4.85 -110.88 45.04
C GLN J 1023 -4.25 -109.92 46.05
N SER J 1024 -5.00 -108.89 46.39
CA SER J 1024 -4.50 -107.78 47.20
C SER J 1024 -4.81 -107.99 48.67
N LYS J 1025 -3.91 -107.46 49.51
CA LYS J 1025 -4.13 -107.42 50.95
C LYS J 1025 -4.11 -105.99 51.47
N ARG J 1026 -4.22 -105.00 50.59
CA ARG J 1026 -4.30 -103.61 50.97
C ARG J 1026 -5.76 -103.25 51.15
N VAL J 1027 -6.10 -102.71 52.32
CA VAL J 1027 -7.49 -102.49 52.67
C VAL J 1027 -8.09 -101.41 51.80
N ASP J 1028 -9.31 -101.65 51.34
CA ASP J 1028 -10.10 -100.72 50.54
C ASP J 1028 -9.41 -100.33 49.23
N PHE J 1029 -8.31 -100.97 48.88
CA PHE J 1029 -7.69 -100.69 47.59
C PHE J 1029 -8.54 -101.26 46.45
N CYS J 1030 -8.79 -102.56 46.49
CA CYS J 1030 -9.63 -103.23 45.51
C CYS J 1030 -11.02 -103.51 46.08
N GLY J 1031 -11.74 -102.44 46.39
CA GLY J 1031 -13.11 -102.57 46.84
C GLY J 1031 -13.22 -102.79 48.33
N LYS J 1032 -14.39 -102.48 48.87
CA LYS J 1032 -14.66 -102.57 50.30
C LYS J 1032 -15.10 -103.99 50.63
N GLY J 1033 -14.26 -104.71 51.35
CA GLY J 1033 -14.45 -106.10 51.69
C GLY J 1033 -13.11 -106.76 51.82
N TYR J 1034 -13.10 -108.08 51.73
CA TYR J 1034 -11.86 -108.85 51.63
C TYR J 1034 -11.69 -109.26 50.18
N HIS J 1035 -10.63 -108.76 49.55
CA HIS J 1035 -10.48 -108.88 48.12
C HIS J 1035 -10.36 -110.33 47.70
N LEU J 1036 -11.04 -110.69 46.61
CA LEU J 1036 -10.90 -112.00 46.01
C LEU J 1036 -10.27 -111.92 44.62
N MET J 1037 -10.85 -111.16 43.71
CA MET J 1037 -10.28 -110.96 42.38
C MET J 1037 -11.01 -109.79 41.72
N SER J 1038 -10.45 -109.31 40.62
CA SER J 1038 -11.05 -108.22 39.87
C SER J 1038 -10.96 -108.50 38.39
N PHE J 1039 -11.86 -107.88 37.64
CA PHE J 1039 -11.96 -108.09 36.20
C PHE J 1039 -12.00 -106.72 35.54
N PRO J 1040 -11.05 -106.39 34.67
CA PRO J 1040 -11.08 -105.08 34.02
C PRO J 1040 -12.12 -105.07 32.92
N GLN J 1041 -12.74 -103.91 32.73
CA GLN J 1041 -13.61 -103.67 31.59
C GLN J 1041 -13.22 -102.33 31.00
N SER J 1042 -12.97 -102.30 29.71
CA SER J 1042 -12.58 -101.05 29.10
C SER J 1042 -13.77 -100.10 29.03
N ALA J 1043 -13.49 -98.84 28.74
CA ALA J 1043 -14.49 -97.80 28.61
C ALA J 1043 -13.88 -96.67 27.82
N PRO J 1044 -14.69 -95.75 27.30
CA PRO J 1044 -14.11 -94.67 26.50
C PRO J 1044 -13.25 -93.76 27.35
N HIS J 1045 -11.94 -93.74 27.05
CA HIS J 1045 -10.96 -92.93 27.78
C HIS J 1045 -10.90 -93.34 29.25
N GLY J 1046 -11.00 -94.62 29.54
CA GLY J 1046 -11.05 -95.03 30.92
C GLY J 1046 -11.03 -96.54 31.06
N VAL J 1047 -11.26 -96.98 32.29
CA VAL J 1047 -11.29 -98.40 32.61
C VAL J 1047 -12.18 -98.59 33.82
N VAL J 1048 -12.89 -99.72 33.84
CA VAL J 1048 -13.78 -100.07 34.93
C VAL J 1048 -13.29 -101.36 35.55
N PHE J 1049 -13.11 -101.36 36.86
CA PHE J 1049 -12.71 -102.55 37.60
C PHE J 1049 -13.92 -103.09 38.34
N LEU J 1050 -14.15 -104.39 38.24
CA LEU J 1050 -15.22 -105.03 39.00
C LEU J 1050 -14.56 -105.82 40.12
N HIS J 1051 -14.60 -105.28 41.32
CA HIS J 1051 -13.83 -105.83 42.44
C HIS J 1051 -14.67 -106.88 43.16
N VAL J 1052 -14.35 -108.14 42.94
CA VAL J 1052 -15.05 -109.25 43.61
C VAL J 1052 -14.48 -109.35 45.02
N THR J 1053 -15.31 -109.08 46.03
CA THR J 1053 -14.86 -109.11 47.41
C THR J 1053 -15.79 -109.99 48.23
N TYR J 1054 -15.22 -110.60 49.27
CA TYR J 1054 -15.92 -111.46 50.20
C TYR J 1054 -16.29 -110.66 51.44
N VAL J 1055 -17.57 -110.57 51.73
CA VAL J 1055 -18.08 -109.78 52.84
C VAL J 1055 -18.65 -110.73 53.88
N PRO J 1056 -18.18 -110.72 55.12
CA PRO J 1056 -18.78 -111.55 56.16
C PRO J 1056 -20.19 -111.09 56.48
N ALA J 1057 -21.02 -112.03 56.93
CA ALA J 1057 -22.40 -111.71 57.24
C ALA J 1057 -22.91 -112.69 58.29
N GLN J 1058 -24.01 -112.28 58.94
CA GLN J 1058 -24.69 -113.09 59.96
C GLN J 1058 -23.77 -113.40 61.13
N GLU J 1059 -23.35 -112.35 61.82
CA GLU J 1059 -22.50 -112.51 62.99
C GLU J 1059 -23.30 -113.08 64.15
N LYS J 1060 -22.62 -113.82 65.00
CA LYS J 1060 -23.23 -114.45 66.17
C LYS J 1060 -22.35 -114.20 67.38
N ASN J 1061 -22.96 -113.79 68.49
CA ASN J 1061 -22.20 -113.57 69.71
C ASN J 1061 -21.67 -114.89 70.25
N PHE J 1062 -20.51 -114.83 70.90
CA PHE J 1062 -19.92 -115.98 71.56
C PHE J 1062 -19.18 -115.50 72.80
N THR J 1063 -18.63 -116.44 73.55
CA THR J 1063 -17.81 -116.15 74.71
C THR J 1063 -16.41 -116.67 74.46
N THR J 1064 -15.42 -115.79 74.58
CA THR J 1064 -14.06 -116.09 74.21
C THR J 1064 -13.19 -116.30 75.44
N ALA J 1065 -11.99 -116.84 75.21
CA ALA J 1065 -11.04 -117.08 76.26
C ALA J 1065 -9.65 -116.99 75.66
N PRO J 1066 -8.76 -116.20 76.25
CA PRO J 1066 -7.37 -116.16 75.73
C PRO J 1066 -6.70 -117.52 75.69
N ALA J 1067 -6.93 -118.34 76.71
CA ALA J 1067 -6.29 -119.65 76.79
C ALA J 1067 -7.11 -120.53 77.73
N ILE J 1068 -6.85 -121.83 77.68
CA ILE J 1068 -7.52 -122.80 78.53
C ILE J 1068 -6.48 -123.63 79.25
N CYS J 1069 -6.73 -123.95 80.51
CA CYS J 1069 -5.86 -124.79 81.31
C CYS J 1069 -6.49 -126.14 81.52
N HIS J 1070 -5.74 -127.20 81.23
CA HIS J 1070 -6.21 -128.56 81.39
C HIS J 1070 -5.38 -129.35 82.38
N ASP J 1071 -4.06 -129.31 82.26
CA ASP J 1071 -3.16 -130.04 83.15
C ASP J 1071 -2.18 -129.09 83.83
N GLY J 1072 -2.67 -127.93 84.25
CA GLY J 1072 -1.78 -126.93 84.80
C GLY J 1072 -0.94 -126.21 83.78
N LYS J 1073 -1.25 -126.36 82.49
CA LYS J 1073 -0.54 -125.68 81.42
C LYS J 1073 -1.55 -124.90 80.57
N ALA J 1074 -1.06 -123.82 79.97
CA ALA J 1074 -1.90 -122.94 79.17
C ALA J 1074 -1.87 -123.35 77.70
N HIS J 1075 -3.05 -123.41 77.09
CA HIS J 1075 -3.20 -123.82 75.69
C HIS J 1075 -3.69 -122.64 74.88
N PHE J 1076 -2.97 -122.31 73.80
CA PHE J 1076 -3.34 -121.26 72.88
C PHE J 1076 -3.67 -121.84 71.52
N PRO J 1077 -4.70 -121.35 70.85
CA PRO J 1077 -5.07 -121.91 69.54
C PRO J 1077 -3.98 -121.64 68.53
N ARG J 1078 -3.79 -122.61 67.62
CA ARG J 1078 -2.78 -122.45 66.57
C ARG J 1078 -3.22 -121.40 65.56
N GLU J 1079 -4.37 -121.63 64.93
CA GLU J 1079 -4.96 -120.68 63.98
C GLU J 1079 -6.45 -120.67 64.25
N GLY J 1080 -6.90 -119.77 65.09
CA GLY J 1080 -8.30 -119.69 65.44
C GLY J 1080 -8.50 -118.99 66.77
N VAL J 1081 -9.76 -118.97 67.19
CA VAL J 1081 -10.17 -118.31 68.42
C VAL J 1081 -11.07 -119.27 69.19
N PHE J 1082 -10.89 -119.34 70.51
CA PHE J 1082 -11.73 -120.18 71.33
C PHE J 1082 -13.10 -119.56 71.50
N VAL J 1083 -14.14 -120.35 71.30
CA VAL J 1083 -15.51 -119.88 71.48
C VAL J 1083 -16.27 -120.88 72.35
N SER J 1084 -17.41 -120.43 72.84
CA SER J 1084 -18.24 -121.23 73.73
C SER J 1084 -19.69 -120.85 73.53
N ASN J 1085 -20.54 -121.84 73.27
CA ASN J 1085 -21.96 -121.62 73.14
C ASN J 1085 -22.68 -121.52 74.47
N GLY J 1086 -21.93 -121.30 75.55
CA GLY J 1086 -22.46 -121.25 76.89
C GLY J 1086 -22.35 -122.54 77.66
N THR J 1087 -22.18 -123.66 76.97
CA THR J 1087 -22.05 -124.96 77.61
C THR J 1087 -20.70 -125.61 77.33
N HIS J 1088 -20.31 -125.74 76.06
CA HIS J 1088 -19.06 -126.36 75.69
C HIS J 1088 -18.10 -125.33 75.12
N TRP J 1089 -16.88 -125.78 74.84
CA TRP J 1089 -15.84 -124.94 74.27
C TRP J 1089 -15.38 -125.51 72.93
N PHE J 1090 -15.15 -124.63 71.97
CA PHE J 1090 -14.71 -125.02 70.65
C PHE J 1090 -13.64 -124.06 70.19
N VAL J 1091 -12.84 -124.51 69.21
CA VAL J 1091 -11.91 -123.65 68.49
C VAL J 1091 -12.43 -123.52 67.07
N THR J 1092 -12.44 -122.29 66.56
CA THR J 1092 -12.93 -122.03 65.21
C THR J 1092 -12.02 -121.00 64.55
N GLN J 1093 -11.99 -121.04 63.22
CA GLN J 1093 -11.24 -120.03 62.49
C GLN J 1093 -11.87 -118.67 62.74
N ARG J 1094 -11.03 -117.64 62.79
CA ARG J 1094 -11.50 -116.34 63.26
C ARG J 1094 -12.49 -115.67 62.32
N ASN J 1095 -12.58 -116.13 61.07
CA ASN J 1095 -13.39 -115.45 60.06
C ASN J 1095 -14.66 -116.20 59.68
N PHE J 1096 -14.95 -117.34 60.29
CA PHE J 1096 -16.10 -118.14 59.89
C PHE J 1096 -16.38 -119.14 60.99
N TYR J 1097 -17.64 -119.25 61.40
CA TYR J 1097 -17.99 -120.09 62.54
C TYR J 1097 -18.00 -121.55 62.11
N GLU J 1098 -16.89 -122.23 62.37
CA GLU J 1098 -16.74 -123.66 62.09
C GLU J 1098 -16.17 -124.31 63.34
N PRO J 1099 -17.00 -124.54 64.36
CA PRO J 1099 -16.47 -125.00 65.65
C PRO J 1099 -15.85 -126.38 65.55
N GLN J 1100 -14.76 -126.57 66.30
CA GLN J 1100 -14.05 -127.84 66.31
C GLN J 1100 -13.72 -128.22 67.74
N ILE J 1101 -13.49 -129.51 67.94
CA ILE J 1101 -13.09 -130.01 69.25
C ILE J 1101 -11.68 -129.53 69.57
N ILE J 1102 -11.46 -129.10 70.81
CA ILE J 1102 -10.15 -128.62 71.21
C ILE J 1102 -9.23 -129.82 71.46
N THR J 1103 -8.51 -130.23 70.42
CA THR J 1103 -7.57 -131.33 70.56
C THR J 1103 -6.17 -130.77 70.79
N THR J 1104 -5.21 -131.69 70.97
CA THR J 1104 -3.83 -131.26 71.17
C THR J 1104 -3.26 -130.67 69.89
N ASP J 1105 -3.69 -131.18 68.74
CA ASP J 1105 -3.19 -130.65 67.47
C ASP J 1105 -3.78 -129.28 67.15
N ASN J 1106 -5.01 -129.01 67.55
CA ASN J 1106 -5.62 -127.72 67.28
C ASN J 1106 -4.97 -126.58 68.04
N THR J 1107 -4.13 -126.87 69.03
CA THR J 1107 -3.55 -125.84 69.86
C THR J 1107 -2.08 -126.14 70.12
N PHE J 1108 -1.41 -125.19 70.75
CA PHE J 1108 -0.03 -125.37 71.19
C PHE J 1108 0.09 -124.85 72.61
N VAL J 1109 1.06 -125.39 73.34
CA VAL J 1109 1.20 -125.16 74.78
C VAL J 1109 2.43 -124.30 75.02
N SER J 1110 2.30 -123.31 75.89
CA SER J 1110 3.44 -122.47 76.26
C SER J 1110 3.20 -121.92 77.67
N GLY J 1111 3.80 -122.57 78.66
CA GLY J 1111 3.74 -122.08 80.02
C GLY J 1111 2.78 -122.81 80.94
N ASN J 1112 2.17 -122.08 81.86
CA ASN J 1112 1.26 -122.65 82.85
C ASN J 1112 0.09 -121.67 83.03
N CYS J 1113 -0.70 -121.88 84.07
CA CYS J 1113 -1.92 -121.11 84.29
C CYS J 1113 -1.68 -119.78 84.99
N ASP J 1114 -0.44 -119.45 85.34
CA ASP J 1114 -0.19 -118.29 86.19
C ASP J 1114 -0.21 -117.01 85.39
N VAL J 1115 0.65 -116.91 84.38
CA VAL J 1115 0.95 -115.62 83.76
C VAL J 1115 -0.26 -115.03 83.05
N VAL J 1116 -1.02 -115.85 82.34
CA VAL J 1116 -2.06 -115.35 81.45
C VAL J 1116 -3.21 -114.79 82.26
N ILE J 1117 -3.69 -113.61 81.89
CA ILE J 1117 -4.88 -113.01 82.47
C ILE J 1117 -6.08 -113.47 81.67
N GLY J 1118 -7.14 -113.89 82.36
CA GLY J 1118 -8.37 -114.29 81.71
C GLY J 1118 -8.44 -115.73 81.28
N ILE J 1119 -7.46 -116.55 81.65
CA ILE J 1119 -7.48 -117.95 81.27
C ILE J 1119 -8.69 -118.64 81.89
N VAL J 1120 -9.21 -119.66 81.20
CA VAL J 1120 -10.35 -120.40 81.69
C VAL J 1120 -9.99 -121.87 81.83
N ASN J 1121 -10.79 -122.58 82.61
CA ASN J 1121 -10.57 -123.99 82.90
C ASN J 1121 -11.39 -124.84 81.93
N ASN J 1122 -10.74 -125.80 81.28
CA ASN J 1122 -11.45 -126.75 80.45
C ASN J 1122 -10.54 -127.94 80.19
N THR J 1123 -11.01 -128.84 79.33
CA THR J 1123 -10.29 -130.06 79.00
C THR J 1123 -9.93 -130.04 77.52
N VAL J 1124 -8.69 -130.41 77.21
CA VAL J 1124 -8.22 -130.53 75.84
C VAL J 1124 -8.10 -132.01 75.51
N TYR J 1125 -8.81 -132.43 74.47
CA TYR J 1125 -8.79 -133.83 74.06
C TYR J 1125 -7.43 -134.20 73.49
N ASP J 1126 -6.99 -135.41 73.79
CA ASP J 1126 -5.73 -135.92 73.27
C ASP J 1126 -6.00 -137.05 72.29
N PRO J 1127 -5.62 -136.92 71.02
CA PRO J 1127 -5.96 -137.96 70.04
C PRO J 1127 -5.34 -139.31 70.34
N LEU J 1128 -4.26 -139.36 71.11
CA LEU J 1128 -3.58 -140.63 71.35
C LEU J 1128 -4.24 -141.48 72.43
N GLN J 1129 -5.24 -140.93 73.14
CA GLN J 1129 -5.91 -141.71 74.19
C GLN J 1129 -6.55 -142.99 73.67
N PRO J 1130 -7.37 -142.97 72.61
CA PRO J 1130 -7.89 -144.24 72.10
C PRO J 1130 -6.81 -145.17 71.58
N GLU J 1131 -5.74 -144.63 71.00
CA GLU J 1131 -4.67 -145.49 70.51
C GLU J 1131 -3.86 -146.07 71.67
N LEU J 1132 -3.52 -145.24 72.66
CA LEU J 1132 -2.77 -145.72 73.81
C LEU J 1132 -3.58 -146.72 74.62
N ASP J 1133 -4.87 -146.44 74.84
CA ASP J 1133 -5.72 -147.39 75.56
C ASP J 1133 -5.91 -148.68 74.77
N SER J 1134 -6.09 -148.58 73.46
CA SER J 1134 -6.27 -149.76 72.62
C SER J 1134 -5.01 -150.04 71.81
N GLN K 3 -7.21 -16.93 -25.21
CA GLN K 3 -7.74 -17.63 -24.05
C GLN K 3 -6.82 -18.77 -23.64
N LEU K 4 -6.57 -19.68 -24.55
CA LEU K 4 -5.70 -20.83 -24.31
C LEU K 4 -4.44 -20.66 -25.14
N VAL K 5 -3.37 -20.20 -24.50
CA VAL K 5 -2.07 -20.02 -25.14
C VAL K 5 -1.28 -21.31 -24.97
N GLU K 6 -0.74 -21.83 -26.08
CA GLU K 6 -0.02 -23.08 -26.06
C GLU K 6 1.38 -22.88 -26.62
N SER K 7 2.27 -23.79 -26.26
CA SER K 7 3.67 -23.74 -26.65
C SER K 7 4.11 -25.10 -27.18
N GLY K 8 5.37 -25.19 -27.59
CA GLY K 8 5.94 -26.42 -28.09
C GLY K 8 5.77 -26.59 -29.59
N GLY K 9 6.40 -27.63 -30.10
CA GLY K 9 6.30 -27.98 -31.50
C GLY K 9 7.55 -27.59 -32.28
N GLY K 10 7.74 -28.24 -33.40
CA GLY K 10 8.87 -27.98 -34.28
C GLY K 10 9.21 -29.21 -35.08
N LEU K 11 10.21 -29.05 -35.95
CA LEU K 11 10.70 -30.17 -36.72
C LEU K 11 11.41 -31.17 -35.81
N VAL K 12 11.17 -32.46 -36.05
CA VAL K 12 11.70 -33.51 -35.21
C VAL K 12 12.53 -34.46 -36.06
N GLU K 13 13.36 -35.26 -35.38
CA GLU K 13 14.26 -36.20 -36.03
C GLU K 13 13.60 -37.51 -36.42
N ALA K 14 12.26 -37.56 -36.43
CA ALA K 14 11.49 -38.72 -36.87
C ALA K 14 11.86 -39.96 -36.04
N GLY K 15 11.58 -39.86 -34.75
CA GLY K 15 11.85 -40.95 -33.84
C GLY K 15 12.28 -40.51 -32.45
N GLY K 16 12.58 -39.22 -32.29
CA GLY K 16 12.96 -38.69 -30.99
C GLY K 16 11.76 -38.44 -30.10
N SER K 17 11.81 -37.38 -29.30
CA SER K 17 10.72 -37.01 -28.41
C SER K 17 10.49 -35.51 -28.48
N LEU K 18 9.26 -35.10 -28.17
CA LEU K 18 8.89 -33.69 -28.14
C LEU K 18 7.96 -33.46 -26.96
N ARG K 19 7.86 -32.19 -26.55
CA ARG K 19 7.01 -31.81 -25.41
C ARG K 19 6.13 -30.64 -25.83
N LEU K 20 4.83 -30.77 -25.61
CA LEU K 20 3.86 -29.72 -25.91
C LEU K 20 3.16 -29.28 -24.64
N SER K 21 2.80 -28.00 -24.59
CA SER K 21 2.14 -27.41 -23.44
C SER K 21 1.00 -26.52 -23.90
N CYS K 22 0.02 -26.34 -23.03
CA CYS K 22 -1.09 -25.42 -23.28
C CYS K 22 -1.42 -24.72 -21.97
N VAL K 23 -1.31 -23.39 -21.98
CA VAL K 23 -1.44 -22.58 -20.78
C VAL K 23 -2.77 -21.85 -20.83
N ALA K 24 -3.53 -21.94 -19.75
CA ALA K 24 -4.78 -21.20 -19.61
C ALA K 24 -4.50 -19.90 -18.88
N SER K 25 -4.93 -18.78 -19.47
CA SER K 25 -4.68 -17.46 -18.93
C SER K 25 -5.90 -16.84 -18.27
N GLY K 26 -7.08 -17.38 -18.52
CA GLY K 26 -8.30 -16.82 -17.96
C GLY K 26 -9.26 -17.88 -17.45
N LEU K 27 -8.72 -19.00 -17.00
CA LEU K 27 -9.53 -20.07 -16.43
C LEU K 27 -8.88 -20.57 -15.14
N THR K 28 -9.72 -21.03 -14.23
CA THR K 28 -9.22 -21.49 -12.93
C THR K 28 -8.35 -22.73 -13.07
N PHE K 29 -8.60 -23.54 -14.11
CA PHE K 29 -7.83 -24.74 -14.46
C PHE K 29 -7.94 -25.85 -13.42
N SER K 30 -8.63 -25.61 -12.29
CA SER K 30 -8.78 -26.62 -11.25
C SER K 30 -10.10 -27.36 -11.35
N ASP K 31 -11.10 -26.80 -12.03
CA ASP K 31 -12.37 -27.46 -12.27
C ASP K 31 -12.71 -27.48 -13.76
N TYR K 32 -11.70 -27.67 -14.60
CA TYR K 32 -11.86 -27.73 -16.04
C TYR K 32 -11.13 -28.95 -16.60
N THR K 33 -11.64 -29.46 -17.71
CA THR K 33 -11.10 -30.65 -18.36
C THR K 33 -10.73 -30.32 -19.80
N MET K 34 -9.52 -30.69 -20.19
CA MET K 34 -8.94 -30.33 -21.48
C MET K 34 -8.89 -31.55 -22.40
N ALA K 35 -8.30 -31.35 -23.58
CA ALA K 35 -8.12 -32.41 -24.56
C ALA K 35 -7.12 -31.94 -25.60
N TRP K 36 -6.71 -32.87 -26.47
CA TRP K 36 -5.84 -32.57 -27.59
C TRP K 36 -6.47 -33.10 -28.87
N PHE K 37 -6.54 -32.23 -29.88
CA PHE K 37 -7.15 -32.57 -31.15
C PHE K 37 -6.15 -32.27 -32.26
N ARG K 38 -6.26 -32.98 -33.36
CA ARG K 38 -5.30 -32.88 -34.46
C ARG K 38 -5.99 -32.41 -35.74
N GLN K 39 -5.32 -31.52 -36.46
CA GLN K 39 -5.84 -30.94 -37.69
C GLN K 39 -4.97 -31.38 -38.86
N VAL K 40 -5.61 -31.86 -39.92
CA VAL K 40 -4.90 -32.19 -41.16
C VAL K 40 -5.58 -31.46 -42.31
N PRO K 41 -4.82 -30.83 -43.21
CA PRO K 41 -5.42 -30.16 -44.36
C PRO K 41 -6.13 -31.15 -45.29
N GLY K 42 -7.25 -30.70 -45.85
CA GLY K 42 -8.04 -31.53 -46.75
C GLY K 42 -8.86 -32.60 -46.08
N GLN K 43 -8.92 -32.62 -44.75
CA GLN K 43 -9.62 -33.65 -44.01
C GLN K 43 -10.14 -33.06 -42.72
N GLU K 44 -11.01 -33.82 -42.04
CA GLU K 44 -11.68 -33.35 -40.85
C GLU K 44 -10.70 -33.25 -39.67
N ARG K 45 -11.25 -32.85 -38.52
CA ARG K 45 -10.48 -32.68 -37.29
C ARG K 45 -10.43 -34.00 -36.54
N GLU K 46 -9.25 -34.36 -36.06
CA GLU K 46 -9.04 -35.64 -35.38
C GLU K 46 -8.78 -35.44 -33.90
N PHE K 47 -9.18 -36.44 -33.11
CA PHE K 47 -8.95 -36.48 -31.68
C PHE K 47 -7.73 -37.35 -31.39
N VAL K 48 -6.94 -36.95 -30.41
CA VAL K 48 -5.76 -37.73 -30.02
C VAL K 48 -5.79 -38.10 -28.54
N SER K 49 -5.80 -37.09 -27.67
CA SER K 49 -5.61 -37.33 -26.23
C SER K 49 -6.63 -36.54 -25.42
N HIS K 50 -6.82 -36.99 -24.19
CA HIS K 50 -7.76 -36.37 -23.27
C HIS K 50 -7.30 -36.62 -21.84
N ILE K 51 -7.50 -35.63 -20.98
CA ILE K 51 -7.13 -35.72 -19.57
C ILE K 51 -8.25 -35.14 -18.71
N GLY K 52 -8.59 -35.83 -17.63
CA GLY K 52 -9.60 -35.38 -16.70
C GLY K 52 -9.02 -34.48 -15.63
N TRP K 53 -9.85 -34.20 -14.62
CA TRP K 53 -9.39 -33.41 -13.49
C TRP K 53 -8.23 -34.11 -12.78
N GLY K 54 -7.16 -33.38 -12.56
CA GLY K 54 -5.98 -33.97 -11.91
C GLY K 54 -5.14 -34.86 -12.77
N GLY K 55 -5.75 -35.81 -13.47
CA GLY K 55 -5.01 -36.73 -14.32
C GLY K 55 -5.18 -38.19 -13.96
N SER K 56 -6.18 -38.48 -13.12
CA SER K 56 -6.44 -39.84 -12.67
C SER K 56 -7.34 -40.63 -13.60
N GLU K 57 -7.91 -40.00 -14.63
CA GLU K 57 -8.78 -40.68 -15.58
C GLU K 57 -8.48 -40.10 -16.96
N THR K 58 -7.55 -40.72 -17.68
CA THR K 58 -7.12 -40.25 -18.99
C THR K 58 -7.34 -41.35 -20.01
N TYR K 59 -7.70 -40.95 -21.22
CA TYR K 59 -7.91 -41.86 -22.34
C TYR K 59 -7.05 -41.43 -23.52
N TYR K 60 -6.87 -42.36 -24.44
CA TYR K 60 -6.06 -42.10 -25.63
C TYR K 60 -6.70 -42.76 -26.84
N ALA K 61 -6.34 -42.26 -28.02
CA ALA K 61 -6.91 -42.76 -29.26
C ALA K 61 -6.40 -44.17 -29.56
N ASP K 62 -7.20 -44.90 -30.35
CA ASP K 62 -6.82 -46.26 -30.72
C ASP K 62 -5.58 -46.31 -31.60
N SER K 63 -5.33 -45.28 -32.39
CA SER K 63 -4.14 -45.21 -33.24
C SER K 63 -2.95 -44.57 -32.54
N VAL K 64 -3.13 -44.08 -31.32
CA VAL K 64 -2.05 -43.43 -30.58
C VAL K 64 -1.83 -44.06 -29.21
N LYS K 65 -2.66 -45.02 -28.80
CA LYS K 65 -2.54 -45.64 -27.49
C LYS K 65 -1.17 -46.26 -27.28
N GLY K 66 -0.59 -46.02 -26.10
CA GLY K 66 0.68 -46.59 -25.72
C GLY K 66 1.90 -45.78 -26.11
N ARG K 67 1.72 -44.70 -26.86
CA ARG K 67 2.85 -43.93 -27.37
C ARG K 67 3.05 -42.61 -26.62
N PHE K 68 2.00 -41.80 -26.53
CA PHE K 68 2.11 -40.46 -25.95
C PHE K 68 1.56 -40.45 -24.53
N THR K 69 2.15 -39.59 -23.70
CA THR K 69 1.76 -39.47 -22.30
C THR K 69 1.23 -38.07 -22.02
N ILE K 70 0.18 -37.98 -21.21
CA ILE K 70 -0.46 -36.72 -20.87
C ILE K 70 -0.32 -36.49 -19.37
N SER K 71 -0.32 -35.22 -18.98
CA SER K 71 -0.20 -34.85 -17.59
C SER K 71 -0.70 -33.42 -17.41
N ARG K 72 -1.05 -33.07 -16.17
CA ARG K 72 -1.49 -31.72 -15.87
C ARG K 72 -0.99 -31.34 -14.48
N ASP K 73 -0.90 -30.03 -14.26
CA ASP K 73 -0.40 -29.50 -13.00
C ASP K 73 -1.03 -28.12 -12.78
N ASN K 74 -1.73 -27.96 -11.65
CA ASN K 74 -2.47 -26.75 -11.36
C ASN K 74 -1.60 -25.62 -10.85
N ALA K 75 -0.34 -25.89 -10.49
CA ALA K 75 0.52 -24.87 -9.91
C ALA K 75 0.89 -23.77 -10.91
N LYS K 76 0.61 -23.99 -12.20
CA LYS K 76 0.94 -23.00 -13.21
C LYS K 76 -0.16 -22.80 -14.25
N ASN K 77 -1.34 -23.39 -14.04
CA ASN K 77 -2.46 -23.31 -14.96
C ASN K 77 -2.08 -23.82 -16.35
N ALA K 78 -1.42 -24.98 -16.39
CA ALA K 78 -1.01 -25.56 -17.66
C ALA K 78 -0.89 -27.08 -17.51
N MET K 79 -0.96 -27.76 -18.65
CA MET K 79 -0.79 -29.21 -18.70
C MET K 79 0.24 -29.56 -19.77
N TYR K 80 0.85 -30.73 -19.62
CA TYR K 80 1.97 -31.13 -20.46
C TYR K 80 1.59 -32.37 -21.24
N LEU K 81 1.84 -32.33 -22.55
CA LEU K 81 1.70 -33.50 -23.43
C LEU K 81 3.08 -33.82 -24.00
N GLN K 82 3.54 -35.05 -23.77
CA GLN K 82 4.85 -35.49 -24.20
C GLN K 82 4.70 -36.64 -25.20
N MET K 83 5.42 -36.54 -26.32
CA MET K 83 5.42 -37.58 -27.33
C MET K 83 6.66 -38.45 -27.19
N ASN K 84 6.57 -39.68 -27.69
CA ASN K 84 7.66 -40.64 -27.59
C ASN K 84 8.03 -41.31 -28.90
N GLU K 85 7.17 -41.27 -29.93
CA GLU K 85 7.45 -41.91 -31.21
C GLU K 85 7.61 -40.88 -32.33
N LEU K 86 6.62 -40.02 -32.53
CA LEU K 86 6.64 -38.99 -33.58
C LEU K 86 6.85 -39.64 -34.95
N LYS K 87 5.87 -40.45 -35.35
CA LYS K 87 5.91 -41.10 -36.64
C LYS K 87 5.83 -40.07 -37.76
N PRO K 88 6.37 -40.38 -38.93
CA PRO K 88 6.29 -39.44 -40.06
C PRO K 88 4.89 -39.35 -40.66
N ASP K 89 3.89 -39.93 -39.98
CA ASP K 89 2.51 -39.82 -40.39
C ASP K 89 1.67 -38.91 -39.49
N ASP K 90 2.18 -38.58 -38.30
CA ASP K 90 1.44 -37.77 -37.34
C ASP K 90 1.78 -36.29 -37.43
N THR K 91 2.61 -35.89 -38.40
CA THR K 91 2.93 -34.48 -38.61
C THR K 91 1.68 -33.73 -39.05
N ALA K 92 1.11 -32.93 -38.15
CA ALA K 92 -0.17 -32.27 -38.40
C ALA K 92 -0.25 -31.03 -37.53
N VAL K 93 -1.44 -30.43 -37.48
CA VAL K 93 -1.67 -29.20 -36.73
C VAL K 93 -2.31 -29.57 -35.39
N TYR K 94 -1.80 -29.01 -34.32
CA TYR K 94 -2.20 -29.35 -32.96
C TYR K 94 -3.10 -28.27 -32.39
N TYR K 95 -4.22 -28.69 -31.81
CA TYR K 95 -5.19 -27.79 -31.20
C TYR K 95 -5.49 -28.20 -29.78
N CYS K 96 -5.44 -27.23 -28.87
CA CYS K 96 -5.70 -27.45 -27.45
C CYS K 96 -7.12 -27.02 -27.13
N ALA K 97 -7.87 -27.93 -26.51
CA ALA K 97 -9.26 -27.69 -26.13
C ALA K 97 -9.38 -27.71 -24.60
N ALA K 98 -10.53 -27.28 -24.11
CA ALA K 98 -10.81 -27.30 -22.69
C ALA K 98 -12.32 -27.22 -22.49
N ASP K 99 -12.78 -27.69 -21.32
CA ASP K 99 -14.18 -27.54 -20.97
C ASP K 99 -14.35 -27.62 -19.46
N ARG K 100 -15.51 -27.16 -19.00
CA ARG K 100 -15.82 -27.19 -17.57
C ARG K 100 -15.86 -28.61 -17.04
N GLY K 101 -16.45 -29.53 -17.82
CA GLY K 101 -16.63 -30.90 -17.40
C GLY K 101 -16.01 -31.89 -18.37
N SER K 102 -16.22 -33.17 -18.06
CA SER K 102 -15.81 -34.28 -18.89
C SER K 102 -17.06 -34.94 -19.46
N SER K 103 -16.98 -35.37 -20.71
CA SER K 103 -18.13 -35.90 -21.44
C SER K 103 -17.95 -37.36 -21.78
N PHE K 104 -19.05 -38.10 -21.82
CA PHE K 104 -19.03 -39.46 -22.36
C PHE K 104 -18.68 -39.44 -23.84
N TYR K 105 -19.28 -38.54 -24.60
CA TYR K 105 -18.88 -38.38 -26.00
C TYR K 105 -17.64 -37.48 -26.07
N TYR K 106 -16.61 -37.86 -25.32
CA TYR K 106 -15.36 -37.11 -25.27
C TYR K 106 -14.59 -37.15 -26.57
N VAL K 107 -14.95 -38.02 -27.51
CA VAL K 107 -14.30 -38.03 -28.81
C VAL K 107 -14.86 -36.95 -29.73
N ARG K 108 -16.07 -36.47 -29.47
CA ARG K 108 -16.68 -35.47 -30.33
C ARG K 108 -16.00 -34.12 -30.15
N GLU K 109 -15.75 -33.44 -31.28
CA GLU K 109 -15.14 -32.11 -31.22
C GLU K 109 -16.11 -31.08 -30.67
N SER K 110 -17.42 -31.25 -30.92
CA SER K 110 -18.42 -30.31 -30.44
C SER K 110 -18.49 -30.25 -28.92
N GLU K 111 -17.96 -31.25 -28.22
CA GLU K 111 -18.01 -31.31 -26.77
C GLU K 111 -16.82 -30.61 -26.12
N TYR K 112 -16.21 -29.65 -26.82
CA TYR K 112 -15.12 -28.85 -26.27
C TYR K 112 -15.38 -27.40 -26.67
N THR K 113 -16.02 -26.64 -25.78
CA THR K 113 -16.39 -25.26 -26.10
C THR K 113 -15.16 -24.39 -26.28
N PHE K 114 -14.15 -24.55 -25.44
CA PHE K 114 -12.94 -23.74 -25.48
C PHE K 114 -11.92 -24.39 -26.40
N TRP K 115 -11.25 -23.57 -27.20
CA TRP K 115 -10.20 -24.04 -28.10
C TRP K 115 -9.05 -23.05 -28.06
N GLY K 116 -7.83 -23.58 -28.20
CA GLY K 116 -6.63 -22.78 -28.14
C GLY K 116 -6.11 -22.38 -29.51
N GLN K 117 -4.87 -21.94 -29.53
CA GLN K 117 -4.19 -21.57 -30.77
C GLN K 117 -3.66 -22.84 -31.44
N GLY K 118 -2.78 -22.68 -32.42
CA GLY K 118 -2.25 -23.79 -33.17
C GLY K 118 -0.75 -23.95 -32.99
N VAL K 121 -0.29 -25.20 -33.04
CA VAL K 121 1.12 -25.52 -33.02
C VAL K 121 1.61 -25.63 -34.46
N THR K 122 2.91 -25.41 -34.66
CA THR K 122 3.49 -25.47 -36.00
C THR K 122 3.22 -26.82 -36.67
N VAL K 123 2.86 -26.75 -37.95
CA VAL K 123 2.54 -27.97 -38.69
C VAL K 123 3.78 -28.83 -38.89
N ALA L 14 24.76 -75.83 -22.07
CA ALA L 14 24.76 -77.08 -21.31
C ALA L 14 24.38 -76.83 -19.86
N TYR L 15 24.02 -77.90 -19.16
CA TYR L 15 23.63 -77.82 -17.76
C TYR L 15 24.34 -78.91 -16.97
N THR L 16 24.65 -78.61 -15.71
CA THR L 16 25.35 -79.54 -14.84
C THR L 16 24.74 -79.47 -13.45
N ASN L 17 25.03 -80.48 -12.63
CA ASN L 17 24.46 -80.63 -11.30
C ASN L 17 25.46 -80.15 -10.26
N SER L 18 25.12 -79.07 -9.55
CA SER L 18 25.96 -78.55 -8.49
C SER L 18 25.70 -79.38 -7.24
N PHE L 19 26.50 -80.42 -7.03
CA PHE L 19 26.22 -81.39 -5.97
C PHE L 19 26.15 -80.71 -4.61
N THR L 20 27.28 -80.22 -4.12
CA THR L 20 27.34 -79.76 -2.74
C THR L 20 28.06 -78.42 -2.61
N ARG L 21 28.54 -77.84 -3.68
CA ARG L 21 29.31 -76.60 -3.63
C ARG L 21 28.41 -75.38 -3.59
N GLY L 22 28.99 -74.26 -3.17
CA GLY L 22 28.27 -73.00 -3.14
C GLY L 22 27.97 -72.50 -1.73
N VAL L 23 28.78 -72.93 -0.77
CA VAL L 23 28.56 -72.66 0.64
C VAL L 23 29.65 -71.74 1.14
N TYR L 24 29.25 -70.67 1.82
CA TYR L 24 30.18 -69.64 2.24
C TYR L 24 29.93 -69.28 3.69
N TYR L 25 30.81 -68.47 4.24
CA TYR L 25 30.67 -68.03 5.62
C TYR L 25 29.81 -66.77 5.66
N PRO L 26 28.59 -66.82 6.22
CA PRO L 26 27.75 -65.63 6.22
C PRO L 26 28.22 -64.54 7.16
N ASP L 27 29.19 -64.79 8.03
CA ASP L 27 29.66 -63.79 8.97
C ASP L 27 31.09 -64.09 9.37
N LYS L 28 31.65 -63.21 10.20
CA LYS L 28 33.01 -63.33 10.68
C LYS L 28 33.12 -64.27 11.88
N VAL L 29 32.07 -64.39 12.68
CA VAL L 29 32.11 -65.01 14.01
C VAL L 29 32.64 -66.43 13.94
N PHE L 30 33.15 -66.92 15.06
CA PHE L 30 33.82 -68.20 15.14
C PHE L 30 33.01 -69.12 16.03
N ARG L 31 32.60 -70.26 15.48
CA ARG L 31 31.78 -71.22 16.20
C ARG L 31 32.47 -72.58 16.16
N SER L 32 32.58 -73.21 17.32
CA SER L 32 33.32 -74.45 17.46
C SER L 32 32.35 -75.57 17.80
N SER L 33 32.28 -76.58 16.94
CA SER L 33 31.45 -77.76 17.14
C SER L 33 30.00 -77.37 17.40
N VAL L 34 29.42 -76.63 16.47
CA VAL L 34 28.06 -76.12 16.58
C VAL L 34 27.36 -76.35 15.25
N LEU L 35 26.10 -76.80 15.30
CA LEU L 35 25.29 -76.92 14.09
C LEU L 35 24.40 -75.68 14.02
N HIS L 36 24.99 -74.59 13.54
CA HIS L 36 24.26 -73.34 13.42
C HIS L 36 23.33 -73.36 12.21
N SER L 37 22.14 -72.80 12.38
CA SER L 37 21.15 -72.71 11.31
C SER L 37 20.90 -71.25 11.02
N THR L 38 21.15 -70.85 9.76
CA THR L 38 21.02 -69.46 9.36
C THR L 38 20.25 -69.37 8.05
N GLN L 39 19.60 -68.23 7.86
CA GLN L 39 18.85 -67.94 6.63
C GLN L 39 19.57 -66.83 5.89
N ASP L 40 20.13 -67.17 4.73
CA ASP L 40 20.79 -66.20 3.86
C ASP L 40 20.75 -66.77 2.45
N LEU L 41 21.31 -66.02 1.49
CA LEU L 41 21.25 -66.41 0.08
C LEU L 41 22.33 -67.45 -0.17
N PHE L 42 21.92 -68.70 -0.27
CA PHE L 42 22.82 -69.82 -0.51
C PHE L 42 22.46 -70.47 -1.84
N LEU L 43 23.42 -71.19 -2.40
CA LEU L 43 23.17 -71.92 -3.65
C LEU L 43 22.39 -73.19 -3.33
N PRO L 44 21.17 -73.35 -3.84
CA PRO L 44 20.38 -74.53 -3.50
C PRO L 44 21.09 -75.82 -3.88
N PHE L 45 20.99 -76.81 -3.01
CA PHE L 45 21.70 -78.07 -3.20
C PHE L 45 21.17 -78.81 -4.42
N PHE L 46 22.07 -79.50 -5.11
CA PHE L 46 21.72 -80.31 -6.27
C PHE L 46 20.92 -79.49 -7.29
N SER L 47 21.39 -78.26 -7.53
CA SER L 47 20.75 -77.37 -8.48
C SER L 47 21.35 -77.59 -9.87
N ASN L 48 20.87 -76.77 -10.81
CA ASN L 48 21.31 -76.82 -12.21
C ASN L 48 22.21 -75.62 -12.47
N VAL L 49 23.51 -75.87 -12.63
CA VAL L 49 24.43 -74.81 -13.00
C VAL L 49 24.54 -74.76 -14.51
N THR L 50 24.23 -73.59 -15.08
CA THR L 50 24.27 -73.38 -16.52
C THR L 50 25.72 -73.38 -16.99
N TRP L 51 26.09 -74.41 -17.75
CA TRP L 51 27.45 -74.58 -18.26
C TRP L 51 27.63 -73.76 -19.53
N PHE L 52 28.54 -72.79 -19.50
CA PHE L 52 28.94 -72.07 -20.70
C PHE L 52 30.41 -72.32 -21.02
N HIS L 53 30.84 -71.73 -22.14
CA HIS L 53 32.23 -71.73 -22.58
C HIS L 53 32.47 -70.57 -23.55
N ASN L 68 31.77 -66.10 -22.62
CA ASN L 68 31.40 -65.14 -23.66
C ASN L 68 30.09 -64.37 -23.37
N PRO L 69 28.96 -65.07 -23.20
CA PRO L 69 27.68 -64.38 -23.12
C PRO L 69 27.52 -63.64 -21.80
N VAL L 70 26.64 -62.64 -21.82
CA VAL L 70 26.31 -61.88 -20.63
C VAL L 70 25.20 -62.59 -19.88
N LEU L 71 25.04 -62.24 -18.61
CA LEU L 71 24.09 -62.90 -17.73
C LEU L 71 23.47 -61.88 -16.77
N PRO L 72 22.31 -62.18 -16.21
CA PRO L 72 21.73 -61.33 -15.18
C PRO L 72 22.42 -61.52 -13.83
N PHE L 73 22.08 -60.62 -12.91
CA PHE L 73 22.58 -60.59 -11.54
C PHE L 73 21.43 -60.33 -10.57
N ASN L 74 20.37 -61.12 -10.69
CA ASN L 74 19.15 -60.92 -9.92
C ASN L 74 19.44 -60.71 -8.43
N ASP L 75 20.07 -61.69 -7.78
CA ASP L 75 20.36 -61.58 -6.36
C ASP L 75 21.72 -62.11 -5.96
N GLY L 76 22.41 -62.86 -6.82
CA GLY L 76 23.69 -63.42 -6.45
C GLY L 76 24.18 -64.40 -7.49
N VAL L 77 25.46 -64.75 -7.45
CA VAL L 77 26.06 -65.60 -8.47
C VAL L 77 27.09 -66.51 -7.80
N TYR L 78 27.19 -67.75 -8.30
CA TYR L 78 28.21 -68.70 -7.87
C TYR L 78 29.17 -68.95 -9.03
N PHE L 79 29.66 -67.89 -9.64
CA PHE L 79 30.62 -68.06 -10.72
C PHE L 79 31.74 -68.99 -10.30
N ALA L 80 31.83 -70.13 -10.96
CA ALA L 80 32.94 -71.03 -10.80
C ALA L 80 33.74 -71.07 -12.10
N SER L 81 34.82 -71.85 -12.09
CA SER L 81 35.67 -71.96 -13.27
C SER L 81 36.65 -73.10 -13.06
N THR L 82 37.15 -73.64 -14.17
CA THR L 82 38.12 -74.73 -14.13
C THR L 82 39.25 -74.34 -15.08
N GLU L 83 40.23 -73.63 -14.56
CA GLU L 83 41.36 -73.14 -15.35
C GLU L 83 42.52 -74.12 -15.29
N LYS L 84 43.46 -73.95 -16.21
CA LYS L 84 44.68 -74.74 -16.24
C LYS L 84 45.93 -73.89 -16.08
N SER L 85 46.02 -72.77 -16.80
CA SER L 85 47.16 -71.87 -16.74
C SER L 85 46.69 -70.42 -16.70
N ASN L 86 45.69 -70.15 -15.86
CA ASN L 86 45.08 -68.82 -15.74
C ASN L 86 44.49 -68.36 -17.07
N ILE L 87 43.75 -69.25 -17.71
CA ILE L 87 43.06 -68.91 -18.95
C ILE L 87 42.01 -67.85 -18.69
N ILE L 88 41.22 -68.01 -17.62
CA ILE L 88 40.18 -67.06 -17.27
C ILE L 88 40.79 -65.92 -16.47
N ARG L 89 40.40 -64.68 -16.80
CA ARG L 89 41.08 -63.51 -16.26
C ARG L 89 40.21 -62.73 -15.28
N GLY L 90 39.04 -62.26 -15.68
CA GLY L 90 38.30 -61.36 -14.83
C GLY L 90 36.80 -61.30 -15.04
N TRP L 91 36.15 -60.32 -14.42
CA TRP L 91 34.69 -60.22 -14.42
C TRP L 91 34.27 -58.80 -14.77
N ILE L 92 33.09 -58.70 -15.37
CA ILE L 92 32.48 -57.43 -15.75
C ILE L 92 31.14 -57.35 -15.05
N PHE L 93 30.87 -56.23 -14.40
CA PHE L 93 29.63 -56.07 -13.66
C PHE L 93 29.03 -54.71 -13.93
N GLY L 94 27.74 -54.59 -13.69
CA GLY L 94 27.01 -53.35 -13.86
C GLY L 94 25.59 -53.59 -14.31
N THR L 95 24.91 -52.49 -14.63
CA THR L 95 23.54 -52.55 -15.12
C THR L 95 23.49 -52.51 -16.65
N THR L 96 24.01 -51.44 -17.25
CA THR L 96 24.00 -51.28 -18.69
C THR L 96 25.26 -51.80 -19.37
N LEU L 97 26.29 -52.13 -18.60
CA LEU L 97 27.51 -52.76 -19.10
C LEU L 97 28.27 -51.89 -20.11
N ASP L 98 28.10 -50.57 -20.06
CA ASP L 98 28.81 -49.68 -20.95
C ASP L 98 28.83 -48.28 -20.33
N SER L 99 29.16 -47.28 -21.15
CA SER L 99 29.20 -45.91 -20.68
C SER L 99 27.80 -45.42 -20.31
N LYS L 100 27.73 -44.18 -19.84
CA LYS L 100 26.53 -43.50 -19.36
C LYS L 100 25.98 -44.13 -18.08
N THR L 101 26.65 -45.15 -17.53
CA THR L 101 26.22 -45.78 -16.29
C THR L 101 27.44 -46.46 -15.68
N GLN L 102 27.54 -46.39 -14.36
CA GLN L 102 28.68 -46.97 -13.65
C GLN L 102 28.71 -48.48 -13.85
N SER L 103 29.92 -49.04 -13.82
CA SER L 103 30.12 -50.48 -14.02
C SER L 103 31.37 -50.92 -13.28
N LEU L 104 31.21 -51.88 -12.38
CA LEU L 104 32.35 -52.46 -11.68
C LEU L 104 33.21 -53.26 -12.65
N LEU L 105 34.50 -53.38 -12.32
CA LEU L 105 35.48 -53.95 -13.22
C LEU L 105 36.56 -54.65 -12.42
N ILE L 106 36.72 -55.96 -12.64
CA ILE L 106 37.81 -56.73 -12.03
C ILE L 106 38.46 -57.56 -13.13
N VAL L 107 39.75 -57.32 -13.35
CA VAL L 107 40.56 -58.13 -14.26
C VAL L 107 41.88 -58.46 -13.60
N ASN L 108 42.37 -59.66 -13.85
CA ASN L 108 43.70 -60.09 -13.42
C ASN L 108 44.60 -60.07 -14.66
N ASN L 109 45.32 -58.97 -14.85
CA ASN L 109 46.24 -58.83 -15.98
C ASN L 109 47.64 -59.28 -15.61
N ALA L 110 47.75 -60.52 -15.09
CA ALA L 110 49.02 -61.16 -14.78
C ALA L 110 49.82 -60.41 -13.72
N THR L 111 49.28 -59.31 -13.21
CA THR L 111 49.92 -58.53 -12.15
C THR L 111 49.10 -58.49 -10.88
N ASN L 112 47.84 -58.09 -10.97
CA ASN L 112 46.97 -57.95 -9.81
C ASN L 112 45.55 -57.78 -10.33
N VAL L 113 44.62 -57.56 -9.41
CA VAL L 113 43.22 -57.33 -9.74
C VAL L 113 42.95 -55.84 -9.60
N VAL L 114 42.59 -55.19 -10.70
CA VAL L 114 42.29 -53.77 -10.70
C VAL L 114 40.79 -53.61 -10.60
N ILE L 115 40.34 -52.90 -9.57
CA ILE L 115 38.92 -52.71 -9.30
C ILE L 115 38.57 -51.26 -9.62
N LYS L 116 37.56 -51.07 -10.47
CA LYS L 116 37.13 -49.76 -10.88
C LYS L 116 35.62 -49.73 -10.88
N VAL L 117 35.05 -48.54 -10.76
CA VAL L 117 33.60 -48.38 -10.78
C VAL L 117 33.25 -47.27 -11.77
N CYS L 118 34.21 -46.90 -12.61
CA CYS L 118 34.00 -45.86 -13.59
C CYS L 118 33.14 -46.35 -14.75
N GLU L 119 32.44 -45.40 -15.37
CA GLU L 119 31.58 -45.69 -16.53
C GLU L 119 32.47 -45.92 -17.74
N PHE L 120 33.03 -47.12 -17.81
CA PHE L 120 33.95 -47.47 -18.87
C PHE L 120 33.19 -47.78 -20.16
N GLN L 121 33.93 -48.06 -21.22
CA GLN L 121 33.35 -48.24 -22.55
C GLN L 121 33.64 -49.64 -23.07
N PHE L 122 33.33 -50.66 -22.25
CA PHE L 122 33.61 -52.05 -22.58
C PHE L 122 33.18 -52.36 -24.01
N CYS L 123 34.01 -53.15 -24.69
CA CYS L 123 33.66 -53.65 -26.01
C CYS L 123 32.67 -54.79 -25.91
N ASN L 124 32.12 -55.20 -27.05
CA ASN L 124 31.18 -56.32 -27.07
C ASN L 124 31.85 -57.64 -26.72
N ASP L 125 33.17 -57.70 -26.73
CA ASP L 125 33.89 -58.91 -26.34
C ASP L 125 35.32 -58.58 -25.93
N PRO L 126 35.54 -57.97 -24.77
CA PRO L 126 36.90 -57.64 -24.35
C PRO L 126 37.61 -58.85 -23.76
N PHE L 127 38.92 -58.68 -23.57
CA PHE L 127 39.73 -59.73 -22.95
C PHE L 127 41.03 -59.15 -22.39
N ASN L 151 36.52 -42.17 -16.24
CA ASN L 151 35.23 -41.62 -16.61
C ASN L 151 34.30 -41.53 -15.41
N ASN L 152 34.39 -40.42 -14.66
CA ASN L 152 33.58 -40.18 -13.48
C ASN L 152 33.77 -41.28 -12.43
N CYS L 153 35.04 -41.56 -12.13
CA CYS L 153 35.36 -42.60 -11.16
C CYS L 153 35.02 -42.15 -9.75
N THR L 154 34.53 -43.11 -8.96
CA THR L 154 34.29 -42.89 -7.53
C THR L 154 35.02 -43.88 -6.63
N PHE L 155 35.53 -44.99 -7.17
CA PHE L 155 36.30 -45.94 -6.38
C PHE L 155 37.28 -46.64 -7.30
N GLU L 156 38.53 -46.77 -6.85
CA GLU L 156 39.56 -47.48 -7.58
C GLU L 156 40.37 -48.31 -6.60
N TYR L 157 41.00 -49.37 -7.10
CA TYR L 157 41.82 -50.24 -6.27
C TYR L 157 42.70 -51.07 -7.18
N VAL L 158 44.01 -51.04 -6.95
CA VAL L 158 44.96 -51.93 -7.61
C VAL L 158 45.64 -52.76 -6.53
N SER L 159 45.31 -54.04 -6.48
CA SER L 159 45.90 -54.94 -5.49
C SER L 159 47.35 -55.28 -5.87
N PHE L 173 42.79 -79.86 -16.46
CA PHE L 173 41.97 -78.93 -15.69
C PHE L 173 41.91 -79.34 -14.23
N LYS L 174 42.91 -78.91 -13.47
CA LYS L 174 43.07 -79.29 -12.07
C LYS L 174 42.96 -78.09 -11.15
N ASN L 175 42.06 -77.17 -11.49
CA ASN L 175 41.81 -75.99 -10.67
C ASN L 175 40.31 -75.76 -10.55
N LEU L 176 39.91 -75.11 -9.45
CA LEU L 176 38.51 -74.77 -9.21
C LEU L 176 38.48 -73.43 -8.49
N ARG L 177 38.15 -72.38 -9.23
CA ARG L 177 38.11 -71.03 -8.68
C ARG L 177 36.65 -70.68 -8.42
N GLU L 178 36.14 -71.10 -7.26
CA GLU L 178 34.75 -70.85 -6.90
C GLU L 178 34.60 -69.45 -6.33
N PHE L 179 33.63 -68.71 -6.84
CA PHE L 179 33.41 -67.33 -6.47
C PHE L 179 31.93 -67.11 -6.17
N VAL L 180 31.64 -66.22 -5.23
CA VAL L 180 30.27 -65.84 -4.92
C VAL L 180 30.21 -64.33 -4.87
N PHE L 181 29.26 -63.75 -5.58
CA PHE L 181 29.08 -62.30 -5.64
C PHE L 181 27.68 -61.95 -5.23
N LYS L 182 27.54 -60.98 -4.33
CA LYS L 182 26.23 -60.46 -3.98
C LYS L 182 26.40 -59.08 -3.38
N ASN L 183 25.32 -58.31 -3.43
CA ASN L 183 25.35 -56.93 -2.95
C ASN L 183 24.73 -56.82 -1.57
N TYR L 187 26.69 -53.91 0.71
CA TYR L 187 27.21 -53.65 -0.62
C TYR L 187 27.88 -54.89 -1.21
N PHE L 188 28.79 -54.68 -2.15
CA PHE L 188 29.37 -55.79 -2.89
C PHE L 188 30.28 -56.62 -1.98
N LYS L 189 30.09 -57.94 -2.02
CA LYS L 189 30.91 -58.88 -1.27
C LYS L 189 31.34 -60.02 -2.16
N ILE L 190 32.57 -60.46 -1.97
CA ILE L 190 33.18 -61.53 -2.75
C ILE L 190 33.69 -62.60 -1.80
N TYR L 191 33.35 -63.85 -2.06
CA TYR L 191 33.89 -65.00 -1.36
C TYR L 191 34.59 -65.88 -2.37
N SER L 192 35.73 -66.46 -2.00
CA SER L 192 36.52 -67.21 -2.95
C SER L 192 37.22 -68.36 -2.26
N LYS L 193 37.46 -69.42 -3.02
CA LYS L 193 38.17 -70.59 -2.50
C LYS L 193 38.69 -71.37 -3.68
N HIS L 194 40.00 -71.60 -3.71
CA HIS L 194 40.67 -72.29 -4.80
C HIS L 194 41.16 -73.63 -4.28
N THR L 195 40.76 -74.71 -4.94
CA THR L 195 41.22 -76.03 -4.54
C THR L 195 41.54 -76.87 -5.77
N PRO L 196 42.57 -77.70 -5.70
CA PRO L 196 42.83 -78.64 -6.80
C PRO L 196 41.72 -79.67 -6.92
N ILE L 197 41.43 -80.05 -8.16
CA ILE L 197 40.39 -81.02 -8.47
C ILE L 197 40.89 -81.93 -9.58
N ASN L 198 40.04 -82.87 -9.97
CA ASN L 198 40.36 -83.80 -11.05
C ASN L 198 39.22 -83.90 -12.05
N ASP L 202 31.73 -80.60 -15.35
CA ASP L 202 31.96 -81.73 -14.46
C ASP L 202 32.38 -81.26 -13.08
N LEU L 203 31.44 -80.65 -12.36
CA LEU L 203 31.73 -80.16 -11.02
C LEU L 203 31.98 -81.32 -10.08
N PRO L 204 33.09 -81.34 -9.34
CA PRO L 204 33.35 -82.47 -8.44
C PRO L 204 32.37 -82.51 -7.28
N GLN L 205 32.11 -83.72 -6.81
CA GLN L 205 31.35 -83.89 -5.59
C GLN L 205 32.27 -83.73 -4.39
N GLY L 206 31.69 -83.29 -3.28
CA GLY L 206 32.43 -82.99 -2.07
C GLY L 206 32.09 -81.62 -1.54
N PHE L 207 32.67 -81.30 -0.39
CA PHE L 207 32.34 -80.10 0.34
C PHE L 207 33.57 -79.22 0.54
N SER L 208 33.41 -77.92 0.30
CA SER L 208 34.44 -76.94 0.59
C SER L 208 33.76 -75.59 0.76
N ALA L 209 34.03 -74.91 1.87
CA ALA L 209 33.45 -73.61 2.15
C ALA L 209 34.26 -72.51 1.48
N LEU L 210 33.60 -71.38 1.24
CA LEU L 210 34.20 -70.24 0.55
C LEU L 210 34.42 -69.12 1.56
N GLU L 211 35.62 -69.05 2.12
CA GLU L 211 35.95 -67.97 3.03
C GLU L 211 35.92 -66.64 2.28
N PRO L 212 35.44 -65.58 2.93
CA PRO L 212 35.45 -64.27 2.27
C PRO L 212 36.87 -63.82 1.95
N LEU L 213 37.01 -63.15 0.81
CA LEU L 213 38.31 -62.70 0.34
C LEU L 213 38.42 -61.19 0.19
N VAL L 214 37.38 -60.54 -0.33
CA VAL L 214 37.39 -59.10 -0.53
C VAL L 214 35.99 -58.55 -0.35
N ASP L 215 35.88 -57.42 0.33
CA ASP L 215 34.62 -56.67 0.44
C ASP L 215 34.86 -55.24 -0.01
N LEU L 216 33.98 -54.72 -0.87
CA LEU L 216 34.18 -53.44 -1.53
C LEU L 216 32.99 -52.52 -1.29
N PRO L 217 33.18 -51.33 -0.75
CA PRO L 217 32.06 -50.42 -0.41
C PRO L 217 31.67 -49.50 -1.56
N ILE L 218 31.46 -50.10 -2.73
CA ILE L 218 31.26 -49.32 -3.95
C ILE L 218 29.80 -48.97 -4.19
N GLY L 219 28.87 -49.81 -3.73
CA GLY L 219 27.47 -49.43 -3.72
C GLY L 219 26.90 -49.12 -5.10
N ILE L 220 27.15 -49.99 -6.07
CA ILE L 220 26.63 -49.81 -7.42
C ILE L 220 25.43 -50.74 -7.61
N ASN L 221 24.37 -50.21 -8.20
CA ASN L 221 23.23 -51.05 -8.56
C ASN L 221 23.63 -51.98 -9.70
N ILE L 222 23.62 -53.29 -9.43
CA ILE L 222 24.05 -54.28 -10.40
C ILE L 222 22.86 -55.15 -10.77
N THR L 223 22.74 -55.43 -12.07
CA THR L 223 21.71 -56.34 -12.57
C THR L 223 22.24 -57.34 -13.59
N ARG L 224 23.36 -57.04 -14.27
CA ARG L 224 23.90 -57.93 -15.29
C ARG L 224 25.40 -58.07 -15.08
N PHE L 225 25.96 -59.11 -15.68
CA PHE L 225 27.39 -59.34 -15.57
C PHE L 225 27.86 -60.18 -16.75
N GLN L 226 29.16 -60.15 -17.01
CA GLN L 226 29.76 -60.88 -18.12
C GLN L 226 31.10 -61.43 -17.68
N THR L 227 31.87 -61.95 -18.62
CA THR L 227 33.13 -62.62 -18.29
C THR L 227 34.18 -62.31 -19.35
N LEU L 228 35.44 -62.41 -18.93
CA LEU L 228 36.60 -62.28 -19.79
C LEU L 228 37.23 -63.65 -20.00
N LEU L 229 38.32 -63.68 -20.76
CA LEU L 229 39.05 -64.92 -21.00
C LEU L 229 40.41 -64.64 -21.62
N ALA L 250 37.82 -73.00 -21.50
CA ALA L 250 37.82 -73.78 -20.27
C ALA L 250 36.41 -73.91 -19.71
N ALA L 251 36.29 -74.71 -18.65
CA ALA L 251 35.00 -74.86 -17.99
C ALA L 251 34.60 -73.55 -17.30
N TYR L 252 33.36 -73.14 -17.55
CA TYR L 252 32.87 -71.81 -17.20
C TYR L 252 31.42 -71.95 -16.75
N TYR L 253 31.23 -72.17 -15.45
CA TYR L 253 29.94 -72.43 -14.84
C TYR L 253 29.40 -71.19 -14.16
N VAL L 254 28.07 -71.13 -14.02
CA VAL L 254 27.41 -70.07 -13.28
C VAL L 254 26.32 -70.69 -12.43
N GLY L 255 26.27 -70.30 -11.15
CA GLY L 255 25.16 -70.66 -10.30
C GLY L 255 24.42 -69.40 -9.85
N TYR L 256 23.20 -69.56 -9.34
CA TYR L 256 22.44 -68.41 -8.88
C TYR L 256 22.03 -68.63 -7.42
N LEU L 257 22.19 -67.59 -6.61
CA LEU L 257 21.85 -67.67 -5.20
C LEU L 257 20.34 -67.51 -5.00
N GLN L 258 19.81 -68.24 -4.03
CA GLN L 258 18.41 -68.18 -3.64
C GLN L 258 18.31 -68.06 -2.12
N PRO L 259 17.29 -67.39 -1.62
CA PRO L 259 17.15 -67.21 -0.15
C PRO L 259 16.64 -68.47 0.55
N ARG L 260 17.55 -69.41 0.80
CA ARG L 260 17.22 -70.67 1.43
C ARG L 260 17.94 -70.82 2.75
N THR L 261 17.30 -71.54 3.67
CA THR L 261 17.83 -71.73 5.02
C THR L 261 18.71 -72.97 5.08
N PHE L 262 19.90 -72.82 5.65
CA PHE L 262 20.87 -73.89 5.70
C PHE L 262 21.25 -74.19 7.14
N LEU L 263 21.66 -75.43 7.40
CA LEU L 263 22.17 -75.84 8.70
C LEU L 263 23.65 -76.09 8.56
N LEU L 264 24.47 -75.25 9.18
CA LEU L 264 25.91 -75.25 8.97
C LEU L 264 26.62 -76.00 10.09
N LYS L 265 27.44 -76.98 9.72
CA LYS L 265 28.15 -77.82 10.68
C LYS L 265 29.56 -77.29 10.86
N TYR L 266 29.75 -76.39 11.82
CA TYR L 266 31.08 -75.94 12.18
C TYR L 266 31.82 -77.05 12.90
N ASN L 267 33.13 -77.08 12.76
CA ASN L 267 33.96 -78.03 13.50
C ASN L 267 34.67 -77.31 14.63
N GLU L 268 35.56 -78.01 15.31
CA GLU L 268 36.23 -77.45 16.49
C GLU L 268 37.11 -76.27 16.13
N ASN L 269 37.61 -76.21 14.90
CA ASN L 269 38.47 -75.11 14.47
C ASN L 269 37.69 -73.94 13.89
N GLY L 270 36.39 -74.09 13.68
CA GLY L 270 35.58 -73.05 13.09
C GLY L 270 35.28 -73.21 11.62
N THR L 271 35.72 -74.32 11.01
CA THR L 271 35.56 -74.52 9.58
C THR L 271 34.27 -75.26 9.28
N ILE L 272 33.45 -74.71 8.39
CA ILE L 272 32.21 -75.35 7.99
C ILE L 272 32.55 -76.63 7.23
N THR L 273 32.40 -77.77 7.88
CA THR L 273 32.75 -79.05 7.25
C THR L 273 31.57 -79.73 6.58
N ASP L 274 30.35 -79.22 6.77
CA ASP L 274 29.18 -79.81 6.12
C ASP L 274 28.00 -78.87 6.31
N ALA L 275 26.95 -79.11 5.53
CA ALA L 275 25.73 -78.32 5.66
C ALA L 275 24.55 -79.13 5.14
N VAL L 276 23.35 -78.69 5.53
CA VAL L 276 22.10 -79.34 5.16
C VAL L 276 21.15 -78.28 4.63
N ASP L 277 20.60 -78.50 3.44
CA ASP L 277 19.62 -77.59 2.88
C ASP L 277 18.26 -77.89 3.47
N CYS L 278 17.68 -76.93 4.17
CA CYS L 278 16.44 -77.18 4.90
C CYS L 278 15.25 -77.35 4.01
N ALA L 279 15.39 -77.50 2.70
CA ALA L 279 14.24 -77.70 1.84
C ALA L 279 14.49 -78.70 0.73
N LEU L 280 15.59 -79.46 0.78
CA LEU L 280 15.92 -80.36 -0.32
C LEU L 280 14.94 -81.52 -0.40
N ASP L 281 14.67 -82.18 0.72
CA ASP L 281 13.78 -83.32 0.75
C ASP L 281 13.25 -83.46 2.18
N PRO L 282 12.30 -84.37 2.40
CA PRO L 282 11.80 -84.55 3.78
C PRO L 282 12.89 -84.87 4.79
N LEU L 283 13.86 -85.70 4.44
CA LEU L 283 14.90 -86.06 5.40
C LEU L 283 15.71 -84.84 5.81
N SER L 284 15.98 -83.94 4.86
CA SER L 284 16.71 -82.72 5.19
C SER L 284 15.89 -81.80 6.07
N GLU L 285 14.57 -81.74 5.86
CA GLU L 285 13.72 -80.98 6.76
C GLU L 285 13.78 -81.56 8.17
N THR L 286 13.74 -82.89 8.28
CA THR L 286 13.83 -83.51 9.60
C THR L 286 15.15 -83.19 10.27
N LYS L 287 16.24 -83.23 9.51
CA LYS L 287 17.54 -82.88 10.09
C LYS L 287 17.57 -81.43 10.54
N CYS L 288 16.98 -80.53 9.75
CA CYS L 288 16.98 -79.11 10.10
C CYS L 288 16.13 -78.85 11.33
N THR L 289 14.97 -79.48 11.44
CA THR L 289 14.08 -79.19 12.57
C THR L 289 14.61 -79.81 13.86
N LEU L 290 15.37 -80.88 13.76
CA LEU L 290 16.01 -81.48 14.93
C LEU L 290 17.33 -80.82 15.28
N LYS L 291 17.88 -79.98 14.40
CA LYS L 291 19.19 -79.36 14.58
C LYS L 291 20.27 -80.42 14.76
N SER L 292 20.19 -81.49 13.97
CA SER L 292 21.14 -82.58 14.04
C SER L 292 21.43 -83.10 12.64
N PHE L 293 22.63 -83.64 12.46
CA PHE L 293 23.01 -84.26 11.21
C PHE L 293 22.76 -85.76 11.19
N THR L 294 22.25 -86.31 12.28
CA THR L 294 21.76 -87.68 12.34
C THR L 294 20.41 -87.68 13.02
N VAL L 295 19.54 -88.58 12.60
CA VAL L 295 18.20 -88.69 13.16
C VAL L 295 17.93 -90.13 13.52
N GLU L 296 17.42 -90.34 14.73
CA GLU L 296 17.13 -91.68 15.24
C GLU L 296 15.76 -92.13 14.75
N LYS L 297 15.48 -93.43 14.93
CA LYS L 297 14.22 -94.00 14.48
C LYS L 297 13.05 -93.29 15.11
N GLY L 298 12.07 -92.94 14.29
CA GLY L 298 10.85 -92.34 14.83
C GLY L 298 10.14 -91.53 13.78
N ILE L 299 9.02 -90.95 14.21
CA ILE L 299 8.19 -90.10 13.37
C ILE L 299 8.24 -88.68 13.92
N TYR L 300 8.82 -87.78 13.14
CA TYR L 300 9.05 -86.41 13.56
C TYR L 300 8.17 -85.48 12.74
N GLN L 301 7.47 -84.57 13.40
CA GLN L 301 6.68 -83.56 12.70
C GLN L 301 7.58 -82.39 12.34
N THR L 302 7.53 -82.00 11.06
CA THR L 302 8.45 -81.02 10.52
C THR L 302 7.79 -79.73 10.07
N SER L 303 6.66 -79.80 9.36
CA SER L 303 6.04 -78.60 8.82
C SER L 303 4.53 -78.76 8.81
N ASN L 304 3.83 -77.69 8.43
CA ASN L 304 2.38 -77.66 8.34
C ASN L 304 1.98 -77.58 6.87
N PHE L 305 1.11 -78.48 6.44
CA PHE L 305 0.63 -78.48 5.06
C PHE L 305 -0.71 -77.76 4.99
N ARG L 306 -0.82 -76.79 4.08
CA ARG L 306 -2.02 -75.96 3.99
C ARG L 306 -2.49 -75.91 2.54
N VAL L 307 -3.77 -76.18 2.32
CA VAL L 307 -4.34 -76.06 0.99
C VAL L 307 -4.66 -74.60 0.73
N GLN L 308 -4.14 -74.06 -0.38
CA GLN L 308 -4.41 -72.67 -0.67
C GLN L 308 -5.58 -72.53 -1.65
N PRO L 309 -6.37 -71.47 -1.53
CA PRO L 309 -7.50 -71.29 -2.44
C PRO L 309 -7.03 -71.02 -3.85
N THR L 310 -7.87 -71.45 -4.82
CA THR L 310 -7.55 -71.26 -6.23
C THR L 310 -8.16 -69.98 -6.78
N GLU L 311 -9.47 -69.87 -6.75
CA GLU L 311 -10.19 -68.77 -7.37
C GLU L 311 -11.09 -68.10 -6.36
N SER L 312 -11.37 -66.82 -6.59
CA SER L 312 -12.35 -66.08 -5.80
C SER L 312 -13.71 -66.17 -6.44
N ILE L 313 -14.74 -66.31 -5.62
CA ILE L 313 -16.13 -66.34 -6.08
C ILE L 313 -16.87 -65.21 -5.39
N VAL L 314 -17.78 -64.58 -6.14
CA VAL L 314 -18.64 -63.52 -5.62
C VAL L 314 -20.03 -63.73 -6.19
N ARG L 315 -21.04 -63.76 -5.31
CA ARG L 315 -22.43 -63.90 -5.73
C ARG L 315 -23.27 -62.86 -5.01
N PHE L 316 -24.14 -62.20 -5.76
CA PHE L 316 -25.07 -61.21 -5.22
C PHE L 316 -26.45 -61.48 -5.77
N PRO L 317 -27.51 -61.05 -5.07
CA PRO L 317 -28.87 -61.29 -5.55
C PRO L 317 -29.09 -60.76 -6.96
N ASN L 318 -30.00 -61.38 -7.70
CA ASN L 318 -30.19 -61.13 -9.16
C ASN L 318 -30.68 -59.69 -9.37
N ILE L 319 -30.53 -59.17 -10.59
CA ILE L 319 -30.98 -57.79 -10.92
C ILE L 319 -32.43 -57.58 -10.45
N THR L 320 -32.66 -56.58 -9.60
CA THR L 320 -34.02 -56.35 -9.04
C THR L 320 -34.78 -55.39 -9.95
N ASN L 321 -35.64 -54.54 -9.38
CA ASN L 321 -36.30 -53.55 -10.22
C ASN L 321 -35.36 -52.40 -10.52
N LEU L 322 -35.13 -52.15 -11.80
CA LEU L 322 -34.22 -51.09 -12.21
C LEU L 322 -34.88 -49.72 -12.04
N CYS L 323 -34.04 -48.69 -11.90
CA CYS L 323 -34.54 -47.34 -11.72
C CYS L 323 -35.25 -46.87 -12.99
N PRO L 324 -36.24 -46.00 -12.86
CA PRO L 324 -36.97 -45.53 -14.04
C PRO L 324 -36.14 -44.61 -14.92
N PHE L 325 -35.73 -45.11 -16.09
CA PHE L 325 -35.03 -44.31 -17.07
C PHE L 325 -35.64 -44.39 -18.45
N GLY L 326 -36.75 -45.10 -18.62
CA GLY L 326 -37.44 -45.16 -19.89
C GLY L 326 -38.63 -44.23 -19.90
N GLU L 327 -39.22 -44.01 -18.72
CA GLU L 327 -40.33 -43.07 -18.58
C GLU L 327 -39.86 -41.65 -18.38
N VAL L 328 -38.56 -41.41 -18.32
CA VAL L 328 -37.99 -40.07 -18.23
C VAL L 328 -37.27 -39.70 -19.52
N PHE L 329 -36.43 -40.61 -20.03
CA PHE L 329 -35.69 -40.36 -21.25
C PHE L 329 -36.46 -40.70 -22.51
N ASN L 330 -37.53 -41.47 -22.39
CA ASN L 330 -38.42 -41.78 -23.51
C ASN L 330 -39.87 -41.44 -23.17
N ALA L 331 -40.07 -40.41 -22.37
CA ALA L 331 -41.41 -39.98 -22.00
C ALA L 331 -42.14 -39.40 -23.20
N THR L 332 -43.47 -39.44 -23.14
CA THR L 332 -44.29 -38.96 -24.26
C THR L 332 -44.31 -37.45 -24.34
N ARG L 333 -44.42 -36.77 -23.19
CA ARG L 333 -44.55 -35.31 -23.15
C ARG L 333 -43.58 -34.73 -22.14
N PHE L 334 -42.84 -33.71 -22.57
CA PHE L 334 -41.90 -33.01 -21.70
C PHE L 334 -42.48 -31.68 -21.22
N ALA L 335 -41.91 -31.17 -20.15
CA ALA L 335 -42.40 -29.95 -19.52
C ALA L 335 -41.65 -28.72 -20.03
N SER L 336 -42.29 -27.57 -19.89
CA SER L 336 -41.67 -26.31 -20.24
C SER L 336 -40.56 -25.98 -19.25
N VAL L 337 -39.62 -25.14 -19.71
CA VAL L 337 -38.38 -24.97 -18.97
C VAL L 337 -38.61 -24.22 -17.65
N TYR L 338 -39.47 -23.21 -17.66
CA TYR L 338 -39.75 -22.49 -16.42
C TYR L 338 -40.39 -23.41 -15.38
N ALA L 339 -41.34 -24.24 -15.82
CA ALA L 339 -41.94 -25.27 -14.96
C ALA L 339 -41.32 -26.63 -15.28
N TRP L 340 -40.02 -26.76 -15.01
CA TRP L 340 -39.30 -27.98 -15.36
C TRP L 340 -39.79 -29.15 -14.53
N ASN L 341 -39.97 -30.28 -15.19
CA ASN L 341 -40.47 -31.49 -14.54
C ASN L 341 -39.36 -32.13 -13.72
N ARG L 342 -39.63 -32.35 -12.43
CA ARG L 342 -38.66 -32.92 -11.50
C ARG L 342 -39.20 -34.25 -10.97
N LYS L 343 -38.34 -35.27 -10.96
CA LYS L 343 -38.69 -36.59 -10.44
C LYS L 343 -37.55 -37.10 -9.58
N ARG L 344 -37.88 -37.58 -8.39
CA ARG L 344 -36.90 -38.10 -7.43
C ARG L 344 -36.84 -39.62 -7.56
N ILE L 345 -35.68 -40.13 -7.98
CA ILE L 345 -35.47 -41.55 -8.19
C ILE L 345 -34.86 -42.14 -6.93
N SER L 346 -35.51 -43.17 -6.38
CA SER L 346 -35.04 -43.76 -5.13
C SER L 346 -35.55 -45.19 -5.03
N ASN L 347 -34.85 -45.99 -4.20
CA ASN L 347 -35.20 -47.38 -3.93
C ASN L 347 -35.27 -48.20 -5.22
N CYS L 348 -34.12 -48.31 -5.90
CA CYS L 348 -34.03 -49.14 -7.13
C CYS L 348 -32.56 -49.33 -7.50
N VAL L 349 -32.26 -50.15 -8.51
CA VAL L 349 -30.84 -50.28 -8.96
C VAL L 349 -30.58 -49.20 -10.02
N ALA L 350 -29.59 -48.34 -9.78
CA ALA L 350 -29.31 -47.22 -10.72
C ALA L 350 -28.40 -47.69 -11.85
N ASP L 351 -28.95 -48.46 -12.79
CA ASP L 351 -28.15 -48.88 -13.97
C ASP L 351 -28.02 -47.69 -14.91
N TYR L 352 -26.79 -47.43 -15.40
CA TYR L 352 -26.56 -46.30 -16.33
C TYR L 352 -26.31 -46.84 -17.74
N SER L 353 -26.38 -48.17 -17.92
CA SER L 353 -26.05 -48.71 -19.22
C SER L 353 -26.92 -48.15 -20.33
N VAL L 354 -28.16 -47.76 -20.01
CA VAL L 354 -29.05 -47.20 -21.03
C VAL L 354 -28.51 -45.88 -21.54
N LEU L 355 -27.89 -45.09 -20.67
CA LEU L 355 -27.31 -43.82 -21.08
C LEU L 355 -25.98 -43.99 -21.80
N TYR L 356 -25.44 -45.21 -21.84
CA TYR L 356 -24.16 -45.47 -22.48
C TYR L 356 -24.34 -45.97 -23.91
N ASN L 357 -25.17 -47.01 -24.09
CA ASN L 357 -25.39 -47.53 -25.43
C ASN L 357 -26.17 -46.58 -26.31
N SER L 358 -27.01 -45.72 -25.71
CA SER L 358 -27.80 -44.78 -26.49
C SER L 358 -26.89 -43.73 -27.10
N ALA L 359 -26.61 -43.85 -28.39
CA ALA L 359 -25.69 -42.96 -29.08
C ALA L 359 -26.39 -41.77 -29.72
N SER L 360 -27.70 -41.63 -29.48
CA SER L 360 -28.47 -40.53 -30.05
C SER L 360 -28.46 -39.27 -29.18
N PHE L 361 -27.77 -39.30 -28.04
CA PHE L 361 -27.68 -38.10 -27.22
C PHE L 361 -26.81 -37.06 -27.90
N SER L 362 -27.30 -35.82 -27.96
CA SER L 362 -26.52 -34.73 -28.50
C SER L 362 -25.51 -34.18 -27.52
N THR L 363 -25.61 -34.55 -26.24
CA THR L 363 -24.70 -34.04 -25.22
C THR L 363 -24.81 -34.93 -23.99
N PHE L 364 -23.66 -35.37 -23.47
CA PHE L 364 -23.57 -36.07 -22.20
C PHE L 364 -22.34 -35.51 -21.49
N LYS L 365 -22.54 -34.55 -20.61
CA LYS L 365 -21.44 -33.88 -19.94
C LYS L 365 -21.60 -34.03 -18.43
N CYS L 366 -20.50 -34.29 -17.74
CA CYS L 366 -20.51 -34.57 -16.31
C CYS L 366 -19.64 -33.56 -15.56
N TYR L 367 -20.06 -33.22 -14.35
CA TYR L 367 -19.39 -32.23 -13.52
C TYR L 367 -19.08 -32.84 -12.17
N GLY L 368 -17.83 -32.71 -11.73
CA GLY L 368 -17.40 -33.21 -10.44
C GLY L 368 -17.13 -34.70 -10.38
N VAL L 369 -17.78 -35.47 -11.25
CA VAL L 369 -17.63 -36.91 -11.28
C VAL L 369 -17.33 -37.36 -12.71
N SER L 370 -16.74 -38.54 -12.82
CA SER L 370 -16.44 -39.09 -14.13
C SER L 370 -17.72 -39.51 -14.84
N PRO L 371 -17.75 -39.40 -16.18
CA PRO L 371 -18.92 -39.89 -16.92
C PRO L 371 -19.10 -41.39 -16.88
N THR L 372 -18.09 -42.14 -16.43
CA THR L 372 -18.16 -43.59 -16.38
C THR L 372 -18.09 -44.18 -14.97
N LYS L 373 -17.51 -43.49 -14.00
CA LYS L 373 -17.38 -44.00 -12.64
C LYS L 373 -18.59 -43.70 -11.77
N LEU L 374 -19.77 -43.52 -12.38
CA LEU L 374 -20.95 -43.16 -11.60
C LEU L 374 -21.50 -44.34 -10.82
N ASN L 375 -21.41 -45.55 -11.37
CA ASN L 375 -22.00 -46.71 -10.71
C ASN L 375 -21.29 -47.07 -9.42
N ASP L 376 -20.01 -46.73 -9.29
CA ASP L 376 -19.25 -47.15 -8.12
C ASP L 376 -19.75 -46.48 -6.85
N LEU L 377 -19.87 -45.16 -6.87
CA LEU L 377 -20.31 -44.40 -5.71
C LEU L 377 -21.79 -44.11 -5.83
N CYS L 378 -22.52 -44.25 -4.71
CA CYS L 378 -23.97 -44.11 -4.77
C CYS L 378 -24.49 -43.43 -3.53
N PHE L 379 -25.69 -42.88 -3.67
CA PHE L 379 -26.22 -41.88 -2.75
C PHE L 379 -27.66 -42.24 -2.40
N PHE L 380 -28.34 -41.32 -1.72
CA PHE L 380 -29.68 -41.57 -1.24
C PHE L 380 -30.69 -41.43 -2.38
N ASN L 381 -30.70 -40.28 -3.06
CA ASN L 381 -31.70 -39.97 -4.06
C ASN L 381 -31.05 -39.59 -5.38
N VAL L 382 -31.77 -39.84 -6.46
CA VAL L 382 -31.41 -39.37 -7.79
C VAL L 382 -32.53 -38.48 -8.28
N TYR L 383 -32.20 -37.26 -8.68
CA TYR L 383 -33.17 -36.30 -9.17
C TYR L 383 -33.05 -36.16 -10.68
N ALA L 384 -34.18 -36.27 -11.37
CA ALA L 384 -34.26 -36.07 -12.81
C ALA L 384 -35.06 -34.81 -13.08
N ASP L 385 -34.40 -33.78 -13.59
CA ASP L 385 -35.05 -32.53 -13.99
C ASP L 385 -35.12 -32.51 -15.51
N SER L 386 -36.33 -32.61 -16.04
CA SER L 386 -36.53 -32.70 -17.48
C SER L 386 -37.32 -31.49 -17.96
N PHE L 387 -36.82 -30.86 -19.03
CA PHE L 387 -37.48 -29.71 -19.62
C PHE L 387 -37.02 -29.59 -21.07
N VAL L 388 -37.56 -28.60 -21.77
CA VAL L 388 -37.26 -28.37 -23.18
C VAL L 388 -36.81 -26.93 -23.36
N ILE L 389 -35.68 -26.74 -24.02
CA ILE L 389 -35.16 -25.43 -24.35
C ILE L 389 -34.74 -25.42 -25.82
N ARG L 390 -34.17 -24.31 -26.24
CA ARG L 390 -33.64 -24.18 -27.59
C ARG L 390 -32.15 -24.52 -27.61
N GLY L 391 -31.68 -24.89 -28.80
CA GLY L 391 -30.27 -25.27 -28.93
C GLY L 391 -29.32 -24.15 -28.58
N ASP L 392 -29.72 -22.90 -28.84
CA ASP L 392 -28.86 -21.76 -28.61
C ASP L 392 -28.51 -21.58 -27.14
N GLU L 393 -29.33 -22.10 -26.23
CA GLU L 393 -29.13 -21.93 -24.80
C GLU L 393 -28.79 -23.23 -24.10
N VAL L 394 -28.54 -24.31 -24.85
CA VAL L 394 -28.18 -25.58 -24.24
C VAL L 394 -26.87 -25.46 -23.49
N ARG L 395 -25.91 -24.72 -24.05
CA ARG L 395 -24.62 -24.54 -23.39
C ARG L 395 -24.76 -23.81 -22.07
N GLN L 396 -25.88 -23.13 -21.84
CA GLN L 396 -26.10 -22.40 -20.60
C GLN L 396 -26.56 -23.28 -19.45
N ILE L 397 -26.86 -24.55 -19.71
CA ILE L 397 -27.19 -25.49 -18.63
C ILE L 397 -25.84 -26.03 -18.15
N ALA L 398 -25.21 -25.26 -17.27
CA ALA L 398 -23.90 -25.57 -16.72
C ALA L 398 -23.61 -24.64 -15.57
N PRO L 399 -22.80 -25.05 -14.60
CA PRO L 399 -22.40 -24.13 -13.53
C PRO L 399 -21.65 -22.92 -14.08
N GLY L 400 -21.88 -21.77 -13.47
CA GLY L 400 -21.24 -20.54 -13.89
C GLY L 400 -21.66 -20.07 -15.26
N GLN L 401 -22.95 -20.18 -15.59
CA GLN L 401 -23.48 -19.72 -16.86
C GLN L 401 -24.46 -18.60 -16.61
N THR L 402 -24.52 -17.65 -17.54
CA THR L 402 -25.47 -16.55 -17.49
C THR L 402 -26.16 -16.41 -18.84
N GLY L 403 -27.44 -16.10 -18.78
CA GLY L 403 -28.24 -15.93 -19.97
C GLY L 403 -29.71 -15.85 -19.61
N LYS L 404 -30.54 -15.77 -20.66
CA LYS L 404 -31.97 -15.72 -20.47
C LYS L 404 -32.53 -16.97 -19.78
N ILE L 405 -31.83 -18.10 -19.90
CA ILE L 405 -32.26 -19.33 -19.25
C ILE L 405 -31.48 -19.61 -17.97
N ALA L 406 -30.19 -19.31 -17.94
CA ALA L 406 -29.32 -19.68 -16.83
C ALA L 406 -29.66 -18.94 -15.54
N ASP L 407 -30.46 -17.88 -15.59
CA ASP L 407 -30.78 -17.15 -14.37
C ASP L 407 -32.25 -16.83 -14.21
N TYR L 408 -33.09 -17.12 -15.21
CA TYR L 408 -34.52 -16.86 -15.11
C TYR L 408 -35.38 -18.12 -15.14
N ASN L 409 -34.84 -19.25 -15.54
CA ASN L 409 -35.64 -20.47 -15.66
C ASN L 409 -34.99 -21.68 -15.02
N TYR L 410 -33.67 -21.75 -14.98
CA TYR L 410 -32.98 -22.90 -14.37
C TYR L 410 -31.53 -22.52 -14.13
N LYS L 411 -31.07 -22.64 -12.89
CA LYS L 411 -29.72 -22.28 -12.52
C LYS L 411 -29.03 -23.47 -11.87
N LEU L 412 -27.73 -23.63 -12.16
CA LEU L 412 -26.94 -24.68 -11.52
C LEU L 412 -25.98 -24.07 -10.50
N PRO L 413 -25.72 -24.74 -9.40
CA PRO L 413 -24.81 -24.20 -8.38
C PRO L 413 -23.39 -24.15 -8.90
N ASP L 414 -22.57 -23.33 -8.23
CA ASP L 414 -21.17 -23.19 -8.61
C ASP L 414 -20.44 -24.53 -8.53
N ASP L 415 -20.71 -25.30 -7.48
CA ASP L 415 -20.28 -26.70 -7.41
C ASP L 415 -21.47 -27.58 -7.68
N PHE L 416 -21.29 -28.58 -8.53
CA PHE L 416 -22.41 -29.42 -8.94
C PHE L 416 -22.00 -30.88 -8.89
N THR L 417 -22.93 -31.73 -8.48
CA THR L 417 -22.72 -33.17 -8.39
C THR L 417 -23.74 -33.84 -9.30
N GLY L 418 -23.39 -33.99 -10.57
CA GLY L 418 -24.30 -34.58 -11.52
C GLY L 418 -23.79 -34.43 -12.94
N CYS L 419 -24.68 -34.73 -13.88
CA CYS L 419 -24.39 -34.65 -15.30
C CYS L 419 -25.60 -34.11 -16.03
N VAL L 420 -25.38 -33.54 -17.20
CA VAL L 420 -26.45 -32.99 -18.04
C VAL L 420 -26.50 -33.74 -19.35
N ILE L 421 -27.73 -34.03 -19.79
CA ILE L 421 -27.97 -34.76 -21.04
C ILE L 421 -29.04 -34.02 -21.81
N ALA L 422 -28.81 -33.81 -23.11
CA ALA L 422 -29.76 -33.10 -23.96
C ALA L 422 -29.68 -33.64 -25.37
N TRP L 423 -30.83 -33.96 -25.96
CA TRP L 423 -30.88 -34.49 -27.31
C TRP L 423 -31.92 -33.74 -28.12
N ASN L 424 -31.70 -33.68 -29.43
CA ASN L 424 -32.61 -32.97 -30.31
C ASN L 424 -33.96 -33.65 -30.34
N SER L 425 -35.03 -32.86 -30.21
CA SER L 425 -36.39 -33.39 -30.24
C SER L 425 -37.26 -32.55 -31.16
N ASN L 426 -36.73 -32.25 -32.35
CA ASN L 426 -37.49 -31.48 -33.32
C ASN L 426 -38.74 -32.24 -33.77
N ASN L 427 -38.65 -33.56 -33.90
CA ASN L 427 -39.75 -34.36 -34.39
C ASN L 427 -40.78 -34.69 -33.31
N LEU L 428 -40.54 -34.27 -32.07
CA LEU L 428 -41.43 -34.58 -30.95
C LEU L 428 -42.10 -33.35 -30.38
N ASP L 429 -41.52 -32.17 -30.55
CA ASP L 429 -42.01 -30.94 -29.92
C ASP L 429 -42.30 -29.84 -30.93
N SER L 430 -42.16 -30.11 -32.23
CA SER L 430 -42.37 -29.11 -33.26
C SER L 430 -43.48 -29.56 -34.20
N LYS L 431 -44.45 -28.69 -34.43
CA LYS L 431 -45.57 -28.99 -35.31
C LYS L 431 -45.68 -27.94 -36.40
N VAL L 432 -46.58 -28.20 -37.34
CA VAL L 432 -46.77 -27.31 -38.48
C VAL L 432 -47.40 -26.00 -38.01
N GLY L 433 -46.93 -24.90 -38.59
CA GLY L 433 -47.42 -23.59 -38.19
C GLY L 433 -46.79 -23.03 -36.95
N GLY L 434 -45.78 -23.69 -36.38
CA GLY L 434 -45.15 -23.22 -35.17
C GLY L 434 -45.77 -23.82 -33.92
N ASN L 435 -44.96 -24.47 -33.10
CA ASN L 435 -45.41 -25.06 -31.85
C ASN L 435 -45.17 -24.03 -30.74
N TYR L 436 -46.26 -23.57 -30.12
CA TYR L 436 -46.19 -22.54 -29.08
C TYR L 436 -46.72 -23.05 -27.75
N ASN L 437 -46.60 -24.34 -27.50
CA ASN L 437 -47.07 -24.94 -26.25
C ASN L 437 -45.99 -24.98 -25.18
N TYR L 438 -44.79 -24.52 -25.47
CA TYR L 438 -43.70 -24.43 -24.51
C TYR L 438 -43.38 -22.96 -24.26
N LEU L 439 -43.15 -22.60 -23.02
CA LEU L 439 -42.89 -21.22 -22.64
C LEU L 439 -41.55 -21.10 -21.94
N TYR L 440 -41.21 -19.88 -21.55
CA TYR L 440 -40.04 -19.63 -20.72
C TYR L 440 -40.17 -18.25 -20.09
N ARG L 441 -39.29 -17.97 -19.13
CA ARG L 441 -39.31 -16.72 -18.40
C ARG L 441 -38.23 -15.79 -18.93
N LEU L 442 -38.64 -14.59 -19.34
CA LEU L 442 -37.71 -13.60 -19.88
C LEU L 442 -37.44 -12.45 -18.94
N PHE L 443 -38.37 -12.12 -18.04
CA PHE L 443 -38.22 -11.01 -17.12
C PHE L 443 -38.30 -11.52 -15.69
N ARG L 444 -37.34 -11.11 -14.86
CA ARG L 444 -37.35 -11.45 -13.45
C ARG L 444 -36.52 -10.43 -12.68
N LYS L 445 -36.94 -10.16 -11.45
CA LYS L 445 -36.28 -9.14 -10.64
C LYS L 445 -34.85 -9.55 -10.31
N SER L 446 -34.65 -10.79 -9.88
CA SER L 446 -33.35 -11.26 -9.41
C SER L 446 -33.04 -12.62 -10.02
N ASN L 447 -31.74 -12.92 -10.10
CA ASN L 447 -31.31 -14.19 -10.65
C ASN L 447 -31.80 -15.34 -9.79
N LEU L 448 -32.19 -16.43 -10.43
CA LEU L 448 -32.75 -17.57 -9.73
C LEU L 448 -31.67 -18.30 -8.92
N LYS L 449 -31.98 -18.61 -7.67
CA LYS L 449 -31.12 -19.46 -6.88
C LYS L 449 -31.10 -20.86 -7.49
N PRO L 450 -29.95 -21.53 -7.46
CA PRO L 450 -29.87 -22.86 -8.08
C PRO L 450 -30.91 -23.81 -7.52
N PHE L 451 -31.44 -24.65 -8.41
CA PHE L 451 -32.46 -25.65 -8.06
C PHE L 451 -33.70 -24.98 -7.46
N GLU L 452 -34.10 -23.87 -8.05
CA GLU L 452 -35.32 -23.17 -7.64
C GLU L 452 -36.21 -23.00 -8.86
N ARG L 453 -37.50 -23.28 -8.69
CA ARG L 453 -38.47 -23.14 -9.76
C ARG L 453 -39.43 -22.00 -9.44
N ASP L 454 -39.66 -21.13 -10.41
CA ASP L 454 -40.55 -19.98 -10.27
C ASP L 454 -41.61 -20.04 -11.35
N ILE L 455 -42.81 -20.51 -10.99
CA ILE L 455 -43.92 -20.62 -11.91
C ILE L 455 -44.84 -19.40 -11.85
N SER L 456 -44.50 -18.41 -11.03
CA SER L 456 -45.33 -17.22 -10.92
C SER L 456 -45.40 -16.47 -12.24
N THR L 457 -46.60 -16.02 -12.60
CA THR L 457 -46.83 -15.30 -13.84
C THR L 457 -47.24 -13.84 -13.58
N GLU L 458 -46.65 -13.22 -12.56
CA GLU L 458 -46.96 -11.84 -12.25
C GLU L 458 -46.45 -10.92 -13.35
N ILE L 459 -47.14 -9.79 -13.53
CA ILE L 459 -46.79 -8.85 -14.58
C ILE L 459 -45.55 -8.07 -14.17
N TYR L 460 -44.55 -8.07 -15.05
CA TYR L 460 -43.25 -7.47 -14.73
C TYR L 460 -43.32 -5.95 -14.86
N GLN L 461 -42.73 -5.26 -13.90
CA GLN L 461 -42.67 -3.79 -13.90
C GLN L 461 -41.25 -3.37 -14.27
N ALA L 462 -41.04 -3.07 -15.55
CA ALA L 462 -39.72 -2.68 -16.03
C ALA L 462 -39.36 -1.24 -15.68
N GLY L 463 -40.33 -0.35 -15.55
CA GLY L 463 -40.03 1.04 -15.28
C GLY L 463 -40.22 1.44 -13.84
N SER L 464 -40.90 2.56 -13.60
CA SER L 464 -41.15 3.03 -12.25
C SER L 464 -42.65 3.08 -11.91
N THR L 465 -43.52 2.84 -12.88
CA THR L 465 -44.96 2.86 -12.63
C THR L 465 -45.43 1.46 -12.30
N PRO L 466 -45.92 1.20 -11.09
CA PRO L 466 -46.43 -0.14 -10.78
C PRO L 466 -47.57 -0.52 -11.72
N CYS L 467 -47.58 -1.80 -12.10
CA CYS L 467 -48.49 -2.29 -13.12
C CYS L 467 -49.86 -2.65 -12.53
N ASN L 468 -49.86 -3.38 -11.41
CA ASN L 468 -51.09 -3.91 -10.81
C ASN L 468 -51.85 -4.79 -11.78
N GLY L 469 -51.13 -5.55 -12.60
CA GLY L 469 -51.74 -6.50 -13.52
C GLY L 469 -52.57 -5.87 -14.61
N VAL L 470 -51.92 -5.13 -15.51
CA VAL L 470 -52.64 -4.46 -16.59
C VAL L 470 -52.08 -4.88 -17.94
N GLU L 471 -50.80 -5.25 -17.97
CA GLU L 471 -50.10 -5.67 -19.19
C GLU L 471 -50.21 -4.60 -20.28
N GLY L 472 -49.61 -3.44 -20.00
CA GLY L 472 -49.61 -2.36 -20.95
C GLY L 472 -48.23 -1.81 -21.24
N PHE L 473 -48.10 -0.48 -21.30
CA PHE L 473 -46.83 0.14 -21.53
C PHE L 473 -45.91 -0.03 -20.33
N ASN L 474 -44.67 -0.46 -20.58
CA ASN L 474 -43.68 -0.72 -19.53
C ASN L 474 -44.18 -1.77 -18.54
N CYS L 475 -45.02 -2.69 -19.01
CA CYS L 475 -45.51 -3.79 -18.18
C CYS L 475 -45.64 -5.01 -19.08
N TYR L 476 -44.87 -6.06 -18.77
CA TYR L 476 -44.72 -7.20 -19.66
C TYR L 476 -45.12 -8.50 -18.97
N PHE L 477 -45.52 -9.47 -19.80
CA PHE L 477 -45.86 -10.82 -19.35
C PHE L 477 -44.63 -11.69 -19.52
N PRO L 478 -43.99 -12.15 -18.44
CA PRO L 478 -42.68 -12.81 -18.58
C PRO L 478 -42.72 -14.12 -19.34
N LEU L 479 -43.88 -14.76 -19.47
CA LEU L 479 -43.95 -16.09 -20.07
C LEU L 479 -43.96 -15.97 -21.59
N GLN L 480 -42.76 -15.88 -22.17
CA GLN L 480 -42.61 -15.85 -23.61
C GLN L 480 -42.67 -17.25 -24.18
N SER L 481 -43.36 -17.39 -25.31
CA SER L 481 -43.47 -18.68 -25.97
C SER L 481 -42.25 -18.93 -26.86
N TYR L 482 -42.19 -20.14 -27.39
CA TYR L 482 -41.08 -20.58 -28.24
C TYR L 482 -41.58 -20.73 -29.67
N GLY L 483 -40.78 -20.28 -30.63
CA GLY L 483 -41.13 -20.44 -32.03
C GLY L 483 -40.63 -21.74 -32.61
N PHE L 484 -41.26 -22.85 -32.26
CA PHE L 484 -40.80 -24.17 -32.66
C PHE L 484 -41.56 -24.60 -33.91
N GLN L 485 -40.87 -24.66 -35.04
CA GLN L 485 -41.41 -25.15 -36.29
C GLN L 485 -40.40 -26.08 -36.95
N PRO L 486 -40.86 -27.05 -37.74
CA PRO L 486 -39.91 -28.01 -38.34
C PRO L 486 -38.92 -27.38 -39.29
N THR L 487 -39.21 -26.19 -39.82
CA THR L 487 -38.33 -25.54 -40.79
C THR L 487 -37.25 -24.70 -40.13
N ASN L 488 -37.17 -24.70 -38.80
CA ASN L 488 -36.09 -24.00 -38.13
C ASN L 488 -34.75 -24.63 -38.48
N GLY L 489 -33.68 -23.89 -38.22
CA GLY L 489 -32.35 -24.42 -38.38
C GLY L 489 -32.04 -25.41 -37.28
N VAL L 490 -30.86 -26.03 -37.38
CA VAL L 490 -30.46 -27.03 -36.39
C VAL L 490 -30.39 -26.39 -35.01
N GLY L 491 -29.78 -25.21 -34.91
CA GLY L 491 -29.63 -24.56 -33.62
C GLY L 491 -30.91 -24.00 -33.05
N TYR L 492 -31.92 -23.76 -33.88
CA TYR L 492 -33.19 -23.22 -33.43
C TYR L 492 -34.24 -24.28 -33.20
N GLN L 493 -33.89 -25.55 -33.38
CA GLN L 493 -34.81 -26.64 -33.09
C GLN L 493 -34.88 -26.90 -31.58
N PRO L 494 -35.98 -27.44 -31.09
CA PRO L 494 -36.09 -27.73 -29.66
C PRO L 494 -35.11 -28.82 -29.24
N TYR L 495 -34.66 -28.72 -27.99
CA TYR L 495 -33.78 -29.73 -27.41
C TYR L 495 -34.39 -30.19 -26.09
N ARG L 496 -34.64 -31.49 -25.96
CA ARG L 496 -35.08 -32.03 -24.69
C ARG L 496 -33.88 -32.23 -23.79
N VAL L 497 -33.93 -31.62 -22.61
CA VAL L 497 -32.82 -31.61 -21.67
C VAL L 497 -33.26 -32.31 -20.40
N VAL L 498 -32.43 -33.22 -19.90
CA VAL L 498 -32.66 -33.92 -18.65
C VAL L 498 -31.39 -33.80 -17.81
N VAL L 499 -31.52 -33.35 -16.58
CA VAL L 499 -30.39 -33.15 -15.68
C VAL L 499 -30.52 -34.09 -14.51
N LEU L 500 -29.45 -34.82 -14.21
CA LEU L 500 -29.41 -35.77 -13.11
C LEU L 500 -28.52 -35.23 -12.00
N SER L 501 -29.09 -35.12 -10.79
CA SER L 501 -28.38 -34.61 -9.63
C SER L 501 -28.39 -35.66 -8.54
N PHE L 502 -27.25 -35.82 -7.86
CA PHE L 502 -27.08 -36.79 -6.81
C PHE L 502 -26.96 -36.05 -5.48
N GLU L 503 -27.79 -36.39 -4.51
CA GLU L 503 -27.69 -35.81 -3.19
C GLU L 503 -27.44 -36.94 -2.20
N LEU L 504 -26.46 -36.74 -1.33
CA LEU L 504 -26.11 -37.73 -0.31
C LEU L 504 -26.13 -37.05 1.05
N LEU L 505 -26.82 -37.66 2.01
CA LEU L 505 -26.87 -37.16 3.36
C LEU L 505 -26.65 -38.33 4.31
N HIS L 506 -26.74 -38.06 5.61
CA HIS L 506 -26.51 -39.10 6.62
C HIS L 506 -27.79 -39.90 6.79
N ALA L 507 -28.00 -40.83 5.85
CA ALA L 507 -29.21 -41.64 5.79
C ALA L 507 -28.93 -42.84 4.92
N PRO L 508 -29.72 -43.91 5.04
CA PRO L 508 -29.49 -45.11 4.22
C PRO L 508 -29.56 -44.81 2.73
N ALA L 509 -28.57 -45.31 2.00
CA ALA L 509 -28.52 -45.16 0.54
C ALA L 509 -28.85 -46.49 -0.11
N THR L 510 -29.87 -46.50 -0.97
CA THR L 510 -30.35 -47.73 -1.57
C THR L 510 -30.42 -47.64 -3.10
N VAL L 511 -29.73 -46.66 -3.67
CA VAL L 511 -29.81 -46.47 -5.15
C VAL L 511 -28.40 -46.57 -5.72
N CYS L 512 -28.01 -47.77 -6.19
CA CYS L 512 -26.67 -47.97 -6.78
C CYS L 512 -26.77 -48.89 -7.99
N GLY L 513 -25.65 -49.14 -8.66
CA GLY L 513 -25.67 -49.96 -9.89
C GLY L 513 -25.74 -51.44 -9.58
N PRO L 514 -25.41 -52.33 -10.53
CA PRO L 514 -25.37 -53.77 -10.27
C PRO L 514 -24.02 -54.16 -9.67
N LYS L 515 -24.21 -55.35 -8.97
CA LYS L 515 -22.98 -55.88 -8.30
C LYS L 515 -22.42 -57.06 -9.09
N LYS L 516 -21.31 -57.62 -8.61
CA LYS L 516 -20.67 -58.78 -9.31
C LYS L 516 -21.41 -60.07 -8.95
N SER L 517 -21.42 -61.03 -9.88
CA SER L 517 -22.12 -62.31 -9.64
C SER L 517 -21.53 -63.37 -10.58
N THR L 518 -20.51 -64.08 -10.14
CA THR L 518 -19.84 -65.06 -10.98
C THR L 518 -20.60 -66.39 -10.95
N ASN L 519 -20.14 -67.32 -11.77
CA ASN L 519 -20.69 -68.67 -11.75
C ASN L 519 -20.31 -69.37 -10.46
N LEU L 520 -21.12 -70.34 -10.07
CA LEU L 520 -20.93 -71.07 -8.82
C LEU L 520 -20.05 -72.29 -9.07
N VAL L 521 -18.97 -72.41 -8.29
CA VAL L 521 -18.09 -73.57 -8.34
C VAL L 521 -18.09 -74.23 -6.98
N LYS L 522 -18.10 -75.56 -6.98
CA LYS L 522 -18.18 -76.36 -5.77
C LYS L 522 -17.03 -77.35 -5.76
N ASN L 523 -16.80 -77.96 -4.59
CA ASN L 523 -15.78 -78.99 -4.42
C ASN L 523 -14.39 -78.46 -4.76
N LYS L 524 -14.06 -77.28 -4.25
CA LYS L 524 -12.74 -76.69 -4.43
C LYS L 524 -12.58 -75.57 -3.42
N CYS L 525 -11.40 -75.49 -2.80
CA CYS L 525 -11.16 -74.44 -1.81
C CYS L 525 -11.16 -73.09 -2.50
N VAL L 526 -12.24 -72.33 -2.31
CA VAL L 526 -12.45 -71.04 -2.96
C VAL L 526 -12.48 -69.96 -1.91
N ASN L 527 -12.28 -68.73 -2.35
CA ASN L 527 -12.29 -67.56 -1.49
C ASN L 527 -13.63 -66.84 -1.68
N PHE L 528 -14.70 -67.43 -1.15
CA PHE L 528 -16.04 -66.96 -1.48
C PHE L 528 -16.33 -65.63 -0.83
N ASN L 529 -17.30 -64.91 -1.41
CA ASN L 529 -17.82 -63.67 -0.83
C ASN L 529 -19.27 -63.59 -1.34
N PHE L 530 -20.19 -64.04 -0.50
CA PHE L 530 -21.61 -63.98 -0.81
C PHE L 530 -22.16 -62.61 -0.47
N ASN L 531 -23.48 -62.49 -0.37
CA ASN L 531 -24.09 -61.19 -0.13
C ASN L 531 -23.75 -60.70 1.26
N GLY L 532 -22.49 -60.34 1.47
CA GLY L 532 -22.07 -59.73 2.72
C GLY L 532 -20.93 -60.41 3.44
N LEU L 533 -20.94 -61.74 3.50
CA LEU L 533 -19.96 -62.47 4.30
C LEU L 533 -18.84 -62.99 3.43
N THR L 534 -17.62 -62.90 3.95
CA THR L 534 -16.42 -63.30 3.23
C THR L 534 -15.73 -64.42 4.00
N GLY L 535 -15.30 -65.44 3.27
CA GLY L 535 -14.63 -66.55 3.90
C GLY L 535 -14.02 -67.47 2.87
N THR L 536 -13.28 -68.46 3.36
CA THR L 536 -12.62 -69.45 2.53
C THR L 536 -13.16 -70.82 2.91
N GLY L 537 -13.46 -71.64 1.90
CA GLY L 537 -14.03 -72.93 2.22
C GLY L 537 -14.20 -73.77 0.98
N VAL L 538 -14.94 -74.86 1.15
CA VAL L 538 -15.23 -75.80 0.08
C VAL L 538 -16.74 -75.95 0.05
N LEU L 539 -17.41 -75.26 -0.86
CA LEU L 539 -18.86 -75.30 -0.95
C LEU L 539 -19.31 -76.63 -1.54
N THR L 540 -20.31 -77.25 -0.91
CA THR L 540 -20.88 -78.49 -1.41
C THR L 540 -22.40 -78.40 -1.35
N GLU L 541 -23.06 -79.19 -2.19
CA GLU L 541 -24.52 -79.25 -2.19
C GLU L 541 -25.03 -79.73 -0.85
N SER L 542 -25.65 -78.85 -0.09
CA SER L 542 -25.96 -79.12 1.31
C SER L 542 -27.21 -79.99 1.43
N ASN L 543 -27.64 -80.21 2.66
CA ASN L 543 -28.85 -80.95 2.95
C ASN L 543 -29.74 -80.27 3.99
N LYS L 544 -29.27 -79.22 4.66
CA LYS L 544 -30.09 -78.51 5.63
C LYS L 544 -31.24 -77.80 4.93
N LYS L 545 -32.34 -77.63 5.65
CA LYS L 545 -33.53 -76.96 5.13
C LYS L 545 -33.69 -75.64 5.88
N PHE L 546 -33.14 -74.56 5.32
CA PHE L 546 -33.22 -73.26 5.95
C PHE L 546 -34.67 -72.78 6.01
N LEU L 547 -34.91 -71.82 6.90
CA LEU L 547 -36.19 -71.16 6.94
C LEU L 547 -36.32 -70.20 5.75
N PRO L 548 -37.54 -69.77 5.42
CA PRO L 548 -37.70 -68.89 4.25
C PRO L 548 -36.87 -67.62 4.30
N PHE L 549 -36.68 -67.04 5.48
CA PHE L 549 -36.04 -65.75 5.61
C PHE L 549 -34.57 -65.82 6.00
N GLN L 550 -34.00 -67.02 6.09
CA GLN L 550 -32.66 -67.19 6.64
C GLN L 550 -31.62 -67.32 5.54
N GLN L 551 -30.49 -66.64 5.73
CA GLN L 551 -29.43 -66.59 4.75
C GLN L 551 -28.08 -67.06 5.28
N PHE L 552 -28.00 -67.40 6.56
CA PHE L 552 -26.76 -67.74 7.24
C PHE L 552 -26.87 -69.14 7.85
N GLY L 553 -25.73 -69.66 8.27
CA GLY L 553 -25.68 -70.90 9.01
C GLY L 553 -24.60 -70.82 10.06
N ARG L 554 -24.84 -71.37 11.24
CA ARG L 554 -23.84 -71.28 12.29
C ARG L 554 -23.83 -72.55 13.13
N ASP L 555 -22.68 -72.81 13.76
CA ASP L 555 -22.47 -73.95 14.64
C ASP L 555 -22.55 -73.48 16.09
N ILE L 556 -22.23 -74.39 17.01
CA ILE L 556 -22.23 -74.04 18.43
C ILE L 556 -21.16 -73.01 18.72
N ALA L 557 -20.00 -73.14 18.07
CA ALA L 557 -18.88 -72.23 18.30
C ALA L 557 -19.04 -70.90 17.58
N ASP L 558 -20.24 -70.59 17.08
CA ASP L 558 -20.50 -69.37 16.32
C ASP L 558 -19.53 -69.24 15.15
N THR L 559 -19.37 -70.33 14.41
CA THR L 559 -18.57 -70.35 13.19
C THR L 559 -19.48 -70.58 12.00
N THR L 560 -19.25 -69.80 10.94
CA THR L 560 -20.11 -69.88 9.77
C THR L 560 -20.02 -71.26 9.14
N ASP L 561 -21.18 -71.87 8.89
CA ASP L 561 -21.25 -73.24 8.43
C ASP L 561 -21.92 -73.38 7.07
N ALA L 562 -23.09 -72.78 6.89
CA ALA L 562 -23.86 -72.93 5.66
C ALA L 562 -24.31 -71.57 5.19
N VAL L 563 -24.48 -71.44 3.88
CA VAL L 563 -24.89 -70.20 3.25
C VAL L 563 -25.96 -70.52 2.21
N ARG L 564 -26.97 -69.66 2.12
CA ARG L 564 -27.99 -69.79 1.08
C ARG L 564 -27.64 -68.88 -0.08
N ASP L 565 -27.54 -69.45 -1.26
CA ASP L 565 -27.12 -68.69 -2.44
C ASP L 565 -28.18 -67.69 -2.83
N PRO L 566 -27.86 -66.39 -2.90
CA PRO L 566 -28.90 -65.39 -3.19
C PRO L 566 -29.56 -65.55 -4.55
N GLN L 567 -28.80 -65.98 -5.56
CA GLN L 567 -29.35 -66.08 -6.90
C GLN L 567 -30.27 -67.28 -7.02
N THR L 568 -29.73 -68.48 -6.81
CA THR L 568 -30.51 -69.69 -6.74
C THR L 568 -30.65 -70.07 -5.27
N LEU L 569 -31.88 -70.12 -4.78
CA LEU L 569 -32.09 -70.30 -3.34
C LEU L 569 -31.74 -71.72 -2.92
N GLU L 570 -30.47 -72.06 -2.98
CA GLU L 570 -29.98 -73.38 -2.61
C GLU L 570 -28.97 -73.23 -1.49
N ILE L 571 -29.05 -74.12 -0.50
CA ILE L 571 -28.19 -74.05 0.67
C ILE L 571 -26.89 -74.78 0.38
N LEU L 572 -25.78 -74.19 0.80
CA LEU L 572 -24.45 -74.73 0.54
C LEU L 572 -23.72 -75.00 1.85
N ASP L 573 -23.09 -76.17 1.95
CA ASP L 573 -22.28 -76.49 3.10
C ASP L 573 -20.86 -75.96 2.91
N ILE L 574 -20.27 -75.45 3.98
CA ILE L 574 -18.94 -74.88 3.96
C ILE L 574 -18.05 -75.73 4.86
N THR L 575 -16.99 -76.30 4.29
CA THR L 575 -15.99 -77.02 5.06
C THR L 575 -14.63 -76.41 4.72
N PRO L 576 -13.84 -75.98 5.71
CA PRO L 576 -12.55 -75.38 5.39
C PRO L 576 -11.66 -76.34 4.63
N CYS L 577 -10.93 -75.81 3.65
CA CYS L 577 -10.06 -76.68 2.87
C CYS L 577 -8.94 -77.25 3.74
N SER L 578 -8.54 -78.47 3.41
CA SER L 578 -7.78 -79.31 4.33
C SER L 578 -6.49 -78.64 4.77
N PHE L 579 -6.18 -78.82 6.05
CA PHE L 579 -4.93 -78.37 6.65
C PHE L 579 -4.43 -79.47 7.56
N GLY L 580 -3.35 -79.21 8.26
CA GLY L 580 -2.83 -80.22 9.15
C GLY L 580 -1.33 -80.08 9.30
N GLY L 581 -0.68 -81.22 9.56
CA GLY L 581 0.74 -81.24 9.77
C GLY L 581 1.39 -82.32 8.93
N VAL L 582 2.70 -82.17 8.76
CA VAL L 582 3.50 -83.11 7.99
C VAL L 582 4.48 -83.79 8.93
N SER L 583 4.46 -85.11 8.94
CA SER L 583 5.35 -85.90 9.78
C SER L 583 6.16 -86.84 8.91
N VAL L 584 7.45 -86.95 9.22
CA VAL L 584 8.40 -87.71 8.41
C VAL L 584 8.73 -88.99 9.15
N ILE L 585 8.23 -90.11 8.63
CA ILE L 585 8.47 -91.41 9.25
C ILE L 585 9.78 -91.96 8.73
N THR L 586 10.73 -92.19 9.64
CA THR L 586 12.05 -92.60 9.20
C THR L 586 12.71 -93.60 10.13
N PRO L 587 13.39 -94.60 9.60
CA PRO L 587 14.39 -95.31 10.39
C PRO L 587 15.61 -94.45 10.55
N GLY L 588 16.50 -94.86 11.45
CA GLY L 588 17.66 -94.04 11.74
C GLY L 588 18.55 -93.88 10.54
N THR L 589 19.18 -92.71 10.42
CA THR L 589 20.18 -92.54 9.38
C THR L 589 21.34 -93.50 9.55
N ASN L 590 21.52 -94.05 10.75
CA ASN L 590 22.46 -95.15 10.95
C ASN L 590 22.08 -96.36 10.12
N THR L 591 20.81 -96.45 9.68
CA THR L 591 20.36 -97.56 8.85
C THR L 591 20.17 -97.16 7.39
N SER L 592 19.38 -96.12 7.14
CA SER L 592 19.05 -95.75 5.77
C SER L 592 18.66 -94.28 5.73
N ASN L 593 18.53 -93.76 4.52
CA ASN L 593 18.08 -92.39 4.28
C ASN L 593 16.75 -92.34 3.56
N GLU L 594 16.00 -93.43 3.58
CA GLU L 594 14.71 -93.54 2.90
C GLU L 594 13.61 -93.25 3.92
N VAL L 595 12.81 -92.22 3.65
CA VAL L 595 11.80 -91.78 4.60
C VAL L 595 10.42 -91.89 3.95
N ALA L 596 9.40 -91.89 4.81
CA ALA L 596 8.01 -91.90 4.38
C ALA L 596 7.30 -90.72 5.03
N VAL L 597 6.47 -90.03 4.27
CA VAL L 597 5.83 -88.80 4.72
C VAL L 597 4.35 -89.06 4.94
N LEU L 598 3.84 -88.58 6.06
CA LEU L 598 2.44 -88.70 6.41
C LEU L 598 1.82 -87.33 6.52
N TYR L 599 0.71 -87.12 5.83
CA TYR L 599 -0.04 -85.88 5.89
C TYR L 599 -1.27 -86.13 6.76
N GLN L 600 -1.34 -85.45 7.89
CA GLN L 600 -2.36 -85.76 8.89
C GLN L 600 -3.71 -85.19 8.49
N ASP L 601 -4.74 -86.03 8.55
CA ASP L 601 -6.12 -85.63 8.28
C ASP L 601 -6.28 -85.06 6.87
N VAL L 602 -6.03 -85.92 5.89
CA VAL L 602 -6.09 -85.57 4.47
C VAL L 602 -6.53 -86.79 3.68
N ASN L 603 -7.33 -86.58 2.64
CA ASN L 603 -7.92 -87.64 1.85
C ASN L 603 -7.06 -88.08 0.67
N CYS L 604 -5.76 -87.79 0.69
CA CYS L 604 -4.78 -88.17 -0.33
C CYS L 604 -4.98 -87.44 -1.66
N THR L 605 -6.05 -86.67 -1.81
CA THR L 605 -6.35 -86.01 -3.06
C THR L 605 -5.96 -84.55 -3.07
N GLU L 606 -5.25 -84.08 -2.03
CA GLU L 606 -4.87 -82.69 -1.93
C GLU L 606 -3.36 -82.48 -1.86
N VAL L 607 -2.57 -83.54 -1.94
CA VAL L 607 -1.13 -83.40 -1.79
C VAL L 607 -0.50 -82.93 -3.09
N ASN L 628 1.97 -97.40 -2.69
CA ASN L 628 2.84 -96.23 -2.67
C ASN L 628 2.15 -95.05 -2.01
N VAL L 629 0.82 -95.02 -2.06
CA VAL L 629 0.04 -94.00 -1.36
C VAL L 629 -1.03 -94.74 -0.56
N PHE L 630 -0.79 -94.90 0.73
CA PHE L 630 -1.67 -95.61 1.65
C PHE L 630 -2.49 -94.60 2.42
N GLN L 631 -3.78 -94.84 2.53
CA GLN L 631 -4.69 -93.95 3.24
C GLN L 631 -5.16 -94.62 4.53
N THR L 632 -4.88 -93.98 5.66
CA THR L 632 -5.18 -94.49 6.98
C THR L 632 -6.12 -93.52 7.70
N ARG L 633 -6.39 -93.81 8.98
CA ARG L 633 -7.17 -92.89 9.79
C ARG L 633 -6.36 -91.69 10.25
N ALA L 634 -5.05 -91.84 10.38
CA ALA L 634 -4.21 -90.71 10.75
C ALA L 634 -4.06 -89.73 9.59
N GLY L 635 -3.99 -90.23 8.36
CA GLY L 635 -3.87 -89.37 7.20
C GLY L 635 -3.25 -90.13 6.04
N CYS L 636 -2.88 -89.37 5.02
CA CYS L 636 -2.34 -89.93 3.79
C CYS L 636 -0.87 -90.27 3.97
N LEU L 637 -0.55 -91.56 3.88
CA LEU L 637 0.81 -92.04 4.06
C LEU L 637 1.46 -92.24 2.69
N ILE L 638 2.51 -91.47 2.42
CA ILE L 638 3.17 -91.50 1.12
C ILE L 638 4.57 -92.05 1.30
N GLY L 639 4.91 -93.05 0.50
CA GLY L 639 6.25 -93.59 0.50
C GLY L 639 6.44 -94.86 1.29
N ALA L 640 5.37 -95.46 1.79
CA ALA L 640 5.46 -96.67 2.60
C ALA L 640 4.54 -97.74 2.06
N GLU L 641 5.07 -98.94 1.89
CA GLU L 641 4.27 -100.06 1.45
C GLU L 641 3.26 -100.44 2.53
N HIS L 642 2.16 -101.03 2.11
CA HIS L 642 1.16 -101.55 3.02
C HIS L 642 1.23 -103.08 2.99
N VAL L 643 1.50 -103.68 4.13
CA VAL L 643 1.62 -105.12 4.25
C VAL L 643 0.37 -105.66 4.94
N ASN L 644 -0.06 -106.85 4.53
CA ASN L 644 -1.21 -107.50 5.15
C ASN L 644 -0.84 -108.31 6.39
N ASN L 645 0.43 -108.34 6.77
CA ASN L 645 0.84 -109.02 7.99
C ASN L 645 0.58 -108.13 9.20
N SER L 646 1.13 -108.50 10.35
CA SER L 646 0.99 -107.72 11.57
C SER L 646 2.16 -108.06 12.48
N TYR L 647 3.04 -107.10 12.72
CA TYR L 647 4.19 -107.29 13.57
C TYR L 647 4.08 -106.37 14.78
N GLU L 648 5.10 -106.42 15.63
CA GLU L 648 5.17 -105.52 16.77
C GLU L 648 5.35 -104.09 16.28
N CYS L 649 4.87 -103.13 17.07
CA CYS L 649 4.95 -101.74 16.67
C CYS L 649 6.39 -101.26 16.72
N ASP L 650 6.83 -100.61 15.64
CA ASP L 650 8.16 -100.03 15.54
C ASP L 650 8.12 -98.51 15.55
N ILE L 651 7.32 -97.92 14.66
CA ILE L 651 7.09 -96.48 14.64
C ILE L 651 5.59 -96.27 14.68
N PRO L 652 5.04 -95.71 15.76
CA PRO L 652 3.59 -95.49 15.82
C PRO L 652 3.15 -94.46 14.81
N ILE L 653 1.91 -94.61 14.34
CA ILE L 653 1.30 -93.63 13.45
C ILE L 653 -0.05 -93.19 14.00
N GLY L 654 -0.93 -94.14 14.26
CA GLY L 654 -2.23 -93.82 14.79
C GLY L 654 -3.28 -94.81 14.33
N ALA L 655 -4.29 -95.00 15.17
CA ALA L 655 -5.37 -95.94 14.92
C ALA L 655 -4.86 -97.35 14.66
N GLY L 656 -3.76 -97.72 15.31
CA GLY L 656 -3.24 -99.06 15.22
C GLY L 656 -2.26 -99.30 14.10
N ILE L 657 -1.92 -98.29 13.32
CA ILE L 657 -0.99 -98.44 12.21
C ILE L 657 0.42 -98.13 12.71
N CYS L 658 1.34 -99.05 12.45
CA CYS L 658 2.74 -98.86 12.83
C CYS L 658 3.61 -99.15 11.62
N ALA L 659 4.43 -98.19 11.23
CA ALA L 659 5.35 -98.36 10.12
C ALA L 659 6.69 -98.87 10.62
N SER L 660 7.36 -99.67 9.80
CA SER L 660 8.65 -100.21 10.18
C SER L 660 9.50 -100.43 8.94
N TYR L 661 10.81 -100.40 9.13
CA TYR L 661 11.78 -100.58 8.05
C TYR L 661 12.23 -102.03 8.06
N GLN L 662 11.83 -102.78 7.04
CA GLN L 662 12.19 -104.18 6.95
C GLN L 662 12.20 -104.59 5.48
N THR L 663 12.78 -105.76 5.23
CA THR L 663 12.94 -106.33 3.89
C THR L 663 11.71 -106.19 3.01
N SER L 676 15.58 -104.09 -2.06
CA SER L 676 15.55 -105.04 -0.95
C SER L 676 14.63 -104.57 0.16
N GLN L 677 15.20 -103.89 1.14
CA GLN L 677 14.44 -103.42 2.30
C GLN L 677 13.82 -102.06 2.03
N SER L 678 12.60 -101.89 2.49
CA SER L 678 11.87 -100.64 2.33
C SER L 678 11.02 -100.42 3.59
N ILE L 679 10.17 -99.40 3.55
CA ILE L 679 9.37 -99.00 4.68
C ILE L 679 7.95 -99.51 4.48
N ILE L 680 7.46 -100.30 5.42
CA ILE L 680 6.13 -100.88 5.34
C ILE L 680 5.22 -100.15 6.32
N ALA L 681 3.92 -100.46 6.26
CA ALA L 681 2.94 -99.81 7.11
C ALA L 681 1.83 -100.82 7.41
N TYR L 682 1.98 -101.54 8.51
CA TYR L 682 1.09 -102.63 8.87
C TYR L 682 0.19 -102.20 10.03
N THR L 683 -0.71 -103.09 10.43
CA THR L 683 -1.55 -102.91 11.60
C THR L 683 -0.96 -103.72 12.75
N MET L 684 -0.58 -103.05 13.82
CA MET L 684 0.23 -103.68 14.86
C MET L 684 -0.52 -104.81 15.54
N SER L 685 0.22 -105.80 16.01
CA SER L 685 -0.34 -106.98 16.66
C SER L 685 -0.13 -106.91 18.15
N LEU L 686 -1.13 -107.34 18.91
CA LEU L 686 -1.14 -107.20 20.35
C LEU L 686 -0.52 -108.43 21.03
N GLY L 687 0.72 -108.71 20.68
CA GLY L 687 1.43 -109.82 21.27
C GLY L 687 1.14 -111.14 20.60
N ALA L 688 1.89 -112.15 21.02
CA ALA L 688 1.82 -113.48 20.43
C ALA L 688 0.68 -114.27 21.05
N GLU L 689 -0.10 -114.94 20.22
CA GLU L 689 -1.27 -115.66 20.69
C GLU L 689 -0.89 -116.83 21.59
N ASN L 690 -1.77 -117.12 22.54
CA ASN L 690 -1.59 -118.22 23.47
C ASN L 690 -2.94 -118.58 24.05
N SER L 691 -3.22 -119.87 24.16
CA SER L 691 -4.45 -120.36 24.79
C SER L 691 -4.06 -121.41 25.81
N VAL L 692 -4.51 -121.23 27.04
CA VAL L 692 -4.11 -122.13 28.13
C VAL L 692 -4.95 -123.39 28.04
N ALA L 693 -4.29 -124.55 28.13
CA ALA L 693 -4.98 -125.83 28.08
C ALA L 693 -5.72 -126.02 29.40
N TYR L 694 -6.90 -125.42 29.48
CA TYR L 694 -7.68 -125.37 30.71
C TYR L 694 -8.76 -126.44 30.70
N SER L 695 -8.77 -127.26 31.74
CA SER L 695 -9.82 -128.23 31.97
C SER L 695 -10.29 -128.10 33.40
N ASN L 696 -11.22 -128.95 33.81
CA ASN L 696 -11.73 -128.90 35.17
C ASN L 696 -11.02 -129.85 36.11
N ASN L 697 -9.98 -130.53 35.65
CA ASN L 697 -9.18 -131.36 36.54
C ASN L 697 -7.69 -131.28 36.23
N SER L 698 -7.28 -130.40 35.32
CA SER L 698 -5.89 -130.30 34.91
C SER L 698 -5.26 -129.09 35.57
N ILE L 699 -4.12 -129.30 36.24
CA ILE L 699 -3.37 -128.25 36.89
C ILE L 699 -1.93 -128.37 36.41
N ALA L 700 -1.26 -127.23 36.22
CA ALA L 700 0.13 -127.19 35.82
C ALA L 700 0.96 -126.69 36.98
N ILE L 701 2.09 -127.34 37.23
CA ILE L 701 2.94 -126.99 38.36
C ILE L 701 4.37 -126.85 37.89
N PRO L 702 5.07 -125.77 38.24
CA PRO L 702 6.46 -125.62 37.82
C PRO L 702 7.34 -126.64 38.52
N THR L 703 8.46 -126.97 37.88
CA THR L 703 9.43 -127.89 38.45
C THR L 703 10.80 -127.29 38.65
N ASN L 704 11.11 -126.16 38.01
CA ASN L 704 12.38 -125.47 38.18
C ASN L 704 12.06 -123.99 38.37
N PHE L 705 13.07 -123.15 38.27
CA PHE L 705 12.88 -121.71 38.42
C PHE L 705 14.07 -120.98 37.83
N THR L 706 13.93 -119.67 37.74
CA THR L 706 15.05 -118.81 37.39
C THR L 706 15.02 -117.57 38.27
N ILE L 707 16.19 -117.07 38.62
CA ILE L 707 16.33 -115.90 39.46
C ILE L 707 16.70 -114.75 38.53
N SER L 708 15.68 -114.03 38.06
CA SER L 708 15.91 -112.93 37.14
C SER L 708 16.05 -111.61 37.90
N VAL L 709 16.91 -110.74 37.39
CA VAL L 709 17.23 -109.48 38.05
C VAL L 709 17.00 -108.37 37.04
N THR L 710 15.96 -107.57 37.27
CA THR L 710 15.57 -106.52 36.34
C THR L 710 15.97 -105.15 36.90
N THR L 711 16.01 -104.17 36.01
CA THR L 711 16.49 -102.83 36.33
C THR L 711 15.37 -101.82 36.18
N GLU L 712 15.24 -100.94 37.17
CA GLU L 712 14.26 -99.86 37.12
C GLU L 712 14.93 -98.52 37.41
N ILE L 713 14.72 -97.55 36.53
CA ILE L 713 15.36 -96.25 36.62
C ILE L 713 14.30 -95.20 36.92
N LEU L 714 14.56 -94.35 37.92
CA LEU L 714 13.60 -93.34 38.34
C LEU L 714 14.28 -92.00 38.57
N PRO L 715 13.82 -90.91 37.94
CA PRO L 715 14.36 -89.59 38.29
C PRO L 715 13.95 -89.17 39.68
N VAL L 716 14.85 -88.48 40.38
CA VAL L 716 14.58 -88.11 41.76
C VAL L 716 14.75 -86.61 42.00
N SER L 717 15.57 -85.94 41.19
CA SER L 717 15.78 -84.52 41.41
C SER L 717 16.05 -83.81 40.10
N MET L 718 16.13 -82.49 40.17
CA MET L 718 16.44 -81.64 39.03
C MET L 718 17.62 -80.75 39.35
N THR L 719 17.91 -79.78 38.49
CA THR L 719 18.95 -78.80 38.78
C THR L 719 18.33 -77.62 39.50
N LYS L 720 18.95 -77.21 40.60
CA LYS L 720 18.47 -76.08 41.37
C LYS L 720 18.88 -74.81 40.65
N THR L 721 18.01 -74.32 39.78
CA THR L 721 18.26 -73.15 38.97
C THR L 721 17.50 -71.96 39.54
N SER L 722 18.19 -70.83 39.69
CA SER L 722 17.57 -69.59 40.10
C SER L 722 17.86 -68.54 39.05
N VAL L 723 16.92 -67.60 38.88
CA VAL L 723 17.03 -66.55 37.89
C VAL L 723 16.71 -65.22 38.55
N ASP L 724 17.57 -64.23 38.33
CA ASP L 724 17.38 -62.92 38.94
C ASP L 724 16.50 -62.04 38.05
N CYS L 725 15.66 -61.24 38.69
CA CYS L 725 14.79 -60.31 37.96
C CYS L 725 15.59 -59.21 37.28
N THR L 726 16.31 -58.42 38.08
CA THR L 726 16.95 -57.22 37.54
C THR L 726 17.95 -57.57 36.46
N MET L 727 18.77 -58.61 36.67
CA MET L 727 19.82 -58.90 35.71
C MET L 727 19.24 -59.49 34.42
N TYR L 728 18.19 -60.29 34.52
CA TYR L 728 17.65 -60.91 33.30
C TYR L 728 16.90 -59.89 32.45
N ILE L 729 16.08 -59.06 33.06
CA ILE L 729 15.19 -58.18 32.32
C ILE L 729 15.87 -56.87 31.93
N CYS L 730 16.57 -56.25 32.87
CA CYS L 730 17.16 -54.93 32.67
C CYS L 730 18.63 -54.97 33.03
N GLY L 731 19.36 -55.93 32.46
CA GLY L 731 20.77 -56.07 32.74
C GLY L 731 21.59 -54.82 32.50
N ASP L 732 22.07 -54.21 33.58
CA ASP L 732 22.87 -52.98 33.52
C ASP L 732 22.10 -51.85 32.83
N SER L 733 20.98 -51.47 33.46
CA SER L 733 20.16 -50.37 32.93
C SER L 733 19.38 -49.79 34.11
N THR L 734 19.81 -48.61 34.56
CA THR L 734 19.09 -47.96 35.65
C THR L 734 17.70 -47.50 35.22
N GLU L 735 17.58 -46.99 34.00
CA GLU L 735 16.28 -46.53 33.51
C GLU L 735 15.28 -47.67 33.44
N CYS L 736 15.71 -48.82 32.93
CA CYS L 736 14.83 -49.99 32.87
C CYS L 736 14.45 -50.45 34.26
N SER L 737 15.41 -50.43 35.19
CA SER L 737 15.16 -50.93 36.53
C SER L 737 14.12 -50.09 37.26
N ASN L 738 14.17 -48.77 37.05
CA ASN L 738 13.21 -47.89 37.73
C ASN L 738 11.79 -48.12 37.25
N LEU L 739 11.61 -48.31 35.94
CA LEU L 739 10.26 -48.54 35.43
C LEU L 739 9.73 -49.91 35.86
N LEU L 740 10.62 -50.89 36.05
CA LEU L 740 10.21 -52.21 36.48
C LEU L 740 9.49 -52.16 37.83
N LEU L 741 9.84 -51.20 38.68
CA LEU L 741 9.24 -51.12 39.99
C LEU L 741 7.75 -50.78 39.93
N GLN L 742 7.25 -50.33 38.78
CA GLN L 742 5.82 -50.03 38.68
C GLN L 742 4.99 -51.31 38.74
N TYR L 743 5.55 -52.44 38.33
CA TYR L 743 4.81 -53.69 38.31
C TYR L 743 4.61 -54.26 39.71
N GLY L 744 5.24 -53.68 40.72
CA GLY L 744 5.04 -54.11 42.09
C GLY L 744 6.04 -55.14 42.54
N SER L 745 5.57 -56.33 42.86
CA SER L 745 6.41 -57.45 43.30
C SER L 745 6.13 -58.67 42.44
N PHE L 746 6.12 -58.50 41.13
CA PHE L 746 5.94 -59.64 40.25
C PHE L 746 7.09 -60.63 40.38
N CYS L 747 8.32 -60.13 40.50
CA CYS L 747 9.44 -61.03 40.59
C CYS L 747 10.06 -61.10 41.98
N THR L 748 9.42 -60.53 42.98
CA THR L 748 9.63 -61.04 44.33
C THR L 748 8.93 -62.38 44.49
N GLN L 749 7.91 -62.63 43.69
CA GLN L 749 7.29 -63.95 43.65
C GLN L 749 8.17 -64.97 42.94
N LEU L 750 8.75 -64.58 41.81
CA LEU L 750 9.49 -65.54 41.01
C LEU L 750 10.73 -66.05 41.73
N ASN L 751 11.44 -65.16 42.42
CA ASN L 751 12.54 -65.63 43.25
C ASN L 751 12.04 -66.48 44.40
N ARG L 752 10.78 -66.28 44.83
CA ARG L 752 10.20 -67.16 45.83
C ARG L 752 9.76 -68.48 45.23
N ALA L 753 9.22 -68.45 44.01
CA ALA L 753 8.75 -69.68 43.38
C ALA L 753 9.91 -70.59 43.00
N LEU L 754 10.97 -70.01 42.43
CA LEU L 754 12.11 -70.80 42.01
C LEU L 754 12.95 -71.29 43.18
N THR L 755 12.87 -70.62 44.33
CA THR L 755 13.58 -71.11 45.50
C THR L 755 12.87 -72.31 46.11
N GLY L 756 11.54 -72.24 46.20
CA GLY L 756 10.80 -73.35 46.78
C GLY L 756 11.00 -74.64 46.01
N ILE L 757 11.15 -74.53 44.69
CA ILE L 757 11.52 -75.69 43.89
C ILE L 757 12.88 -76.21 44.31
N ALA L 758 13.83 -75.30 44.49
CA ALA L 758 15.21 -75.71 44.77
C ALA L 758 15.36 -76.31 46.16
N VAL L 759 14.71 -75.71 47.17
CA VAL L 759 14.77 -76.30 48.50
C VAL L 759 14.02 -77.62 48.59
N GLU L 760 13.14 -77.89 47.63
CA GLU L 760 12.42 -79.15 47.56
C GLU L 760 13.21 -80.20 46.81
N GLN L 761 13.99 -79.81 45.81
CA GLN L 761 14.84 -80.75 45.09
C GLN L 761 15.85 -81.40 46.01
N ASP L 762 16.17 -80.76 47.13
CA ASP L 762 17.06 -81.36 48.11
C ASP L 762 16.30 -82.26 49.07
N LYS L 763 15.01 -82.02 49.23
CA LYS L 763 14.20 -82.93 50.03
C LYS L 763 13.95 -84.22 49.29
N ASN L 764 13.70 -84.15 47.98
CA ASN L 764 13.50 -85.35 47.18
C ASN L 764 14.67 -86.30 47.34
N THR L 765 15.89 -85.79 47.25
CA THR L 765 17.06 -86.64 47.39
C THR L 765 17.21 -87.17 48.80
N GLN L 766 16.73 -86.42 49.79
CA GLN L 766 16.87 -86.84 51.18
C GLN L 766 15.88 -87.93 51.55
N GLU L 767 14.65 -87.86 51.03
CA GLU L 767 13.67 -88.89 51.34
C GLU L 767 14.08 -90.23 50.75
N VAL L 768 14.66 -90.23 49.55
CA VAL L 768 14.96 -91.49 48.87
C VAL L 768 16.08 -92.21 49.61
N PHE L 769 17.25 -91.58 49.71
CA PHE L 769 18.44 -92.27 50.19
C PHE L 769 18.56 -92.20 51.71
N ALA L 770 18.41 -91.01 52.30
CA ALA L 770 18.64 -90.82 53.72
C ALA L 770 17.52 -91.46 54.53
N GLN L 771 17.46 -92.79 54.46
CA GLN L 771 16.45 -93.55 55.18
C GLN L 771 17.03 -94.40 56.30
N VAL L 772 18.33 -94.68 56.26
CA VAL L 772 18.99 -95.50 57.26
C VAL L 772 19.82 -94.58 58.13
N LYS L 773 19.92 -94.90 59.42
CA LYS L 773 20.63 -94.04 60.35
C LYS L 773 22.11 -94.36 60.44
N GLN L 774 22.46 -95.58 60.82
CA GLN L 774 23.85 -96.00 60.96
C GLN L 774 24.39 -96.34 59.57
N ILE L 775 25.63 -95.95 59.31
CA ILE L 775 26.30 -96.27 58.05
C ILE L 775 26.90 -97.67 58.19
N TYR L 776 26.23 -98.65 57.62
CA TYR L 776 26.66 -100.03 57.72
C TYR L 776 27.79 -100.31 56.74
N LYS L 777 28.44 -101.46 56.95
CA LYS L 777 29.56 -101.88 56.12
C LYS L 777 29.53 -103.39 55.96
N THR L 778 30.00 -103.86 54.83
CA THR L 778 30.12 -105.29 54.65
C THR L 778 31.34 -105.81 55.42
N PRO L 779 31.33 -107.06 55.85
CA PRO L 779 32.51 -107.61 56.48
C PRO L 779 33.65 -107.67 55.50
N PRO L 780 34.90 -107.68 55.99
CA PRO L 780 36.04 -107.84 55.07
C PRO L 780 36.00 -109.12 54.27
N ILE L 781 35.47 -110.20 54.85
CA ILE L 781 35.25 -111.42 54.09
C ILE L 781 34.07 -111.25 53.15
N LYS L 782 33.92 -112.19 52.22
CA LYS L 782 32.88 -112.12 51.20
C LYS L 782 32.24 -113.48 50.96
N ASP L 783 32.15 -114.31 51.99
CA ASP L 783 31.59 -115.66 51.83
C ASP L 783 30.10 -115.64 52.13
N PHE L 784 29.36 -114.99 51.24
CA PHE L 784 27.91 -114.87 51.38
C PHE L 784 27.19 -116.08 50.81
N GLY L 785 27.56 -117.27 51.28
CA GLY L 785 26.94 -118.49 50.80
C GLY L 785 27.22 -118.82 49.36
N GLY L 786 28.14 -118.09 48.73
CA GLY L 786 28.41 -118.27 47.32
C GLY L 786 27.83 -117.23 46.42
N PHE L 787 27.19 -116.20 46.96
CA PHE L 787 26.60 -115.14 46.15
C PHE L 787 27.62 -114.03 45.95
N ASN L 788 27.62 -113.45 44.77
CA ASN L 788 28.66 -112.51 44.35
C ASN L 788 28.05 -111.11 44.18
N PHE L 789 28.48 -110.17 45.02
CA PHE L 789 27.96 -108.80 45.00
C PHE L 789 28.99 -107.80 44.53
N SER L 790 30.07 -108.24 43.89
CA SER L 790 31.15 -107.31 43.54
C SER L 790 30.69 -106.27 42.54
N GLN L 791 29.70 -106.60 41.72
CA GLN L 791 29.23 -105.67 40.69
C GLN L 791 28.36 -104.57 41.25
N ILE L 792 27.81 -104.73 42.45
CA ILE L 792 26.97 -103.71 43.05
C ILE L 792 27.63 -103.05 44.25
N LEU L 793 28.53 -103.73 44.94
CA LEU L 793 29.18 -103.21 46.13
C LEU L 793 30.34 -102.28 45.75
N PRO L 794 30.67 -101.32 46.62
CA PRO L 794 31.76 -100.39 46.29
C PRO L 794 33.07 -101.14 46.16
N ASP L 795 33.92 -100.66 45.26
CA ASP L 795 35.24 -101.24 45.16
C ASP L 795 36.29 -100.20 45.46
N PRO L 796 37.32 -100.55 46.23
CA PRO L 796 38.38 -99.59 46.58
C PRO L 796 39.38 -99.34 45.47
N SER L 797 39.14 -99.85 44.27
CA SER L 797 40.04 -99.67 43.14
C SER L 797 39.71 -98.42 42.33
N LYS L 798 38.97 -97.48 42.90
CA LYS L 798 38.61 -96.27 42.18
C LYS L 798 38.92 -95.03 43.02
N SER L 800 36.17 -91.30 43.76
CA SER L 800 34.87 -91.88 43.46
C SER L 800 34.81 -93.33 43.89
N LYS L 801 34.43 -93.57 45.15
CA LYS L 801 34.29 -94.92 45.67
C LYS L 801 32.90 -95.48 45.34
N ARG L 802 32.61 -95.50 44.05
CA ARG L 802 31.39 -96.11 43.53
C ARG L 802 31.65 -97.57 43.23
N SER L 803 30.64 -98.25 42.70
CA SER L 803 30.75 -99.66 42.39
C SER L 803 30.98 -99.85 40.89
N PHE L 804 30.96 -101.09 40.44
CA PHE L 804 31.05 -101.34 39.01
C PHE L 804 29.84 -100.77 38.27
N ILE L 805 28.62 -101.12 38.71
CA ILE L 805 27.43 -100.74 37.96
C ILE L 805 27.17 -99.24 38.09
N GLU L 806 27.37 -98.67 39.28
CA GLU L 806 27.11 -97.25 39.45
C GLU L 806 27.92 -96.41 38.48
N ASP L 807 29.15 -96.85 38.18
CA ASP L 807 29.99 -96.09 37.25
C ASP L 807 29.46 -96.12 35.84
N LEU L 808 28.87 -97.25 35.42
CA LEU L 808 28.28 -97.30 34.08
C LEU L 808 27.16 -96.27 33.96
N LEU L 809 26.36 -96.11 35.01
CA LEU L 809 25.30 -95.13 34.99
C LEU L 809 25.84 -93.71 34.96
N PHE L 810 26.97 -93.47 35.61
CA PHE L 810 27.52 -92.12 35.69
C PHE L 810 28.28 -91.75 34.43
N ASN L 811 29.00 -92.70 33.84
CA ASN L 811 29.65 -92.44 32.56
C ASN L 811 28.63 -92.15 31.47
N LYS L 812 27.55 -92.93 31.44
CA LYS L 812 26.61 -92.85 30.34
C LYS L 812 25.91 -91.49 30.27
N VAL L 813 25.33 -91.05 31.38
CA VAL L 813 24.59 -89.80 31.40
C VAL L 813 25.57 -88.66 31.58
N THR L 814 25.54 -87.71 30.63
CA THR L 814 26.45 -86.58 30.65
C THR L 814 25.71 -85.29 30.32
N LYS L 841 24.20 -67.76 31.40
CA LYS L 841 25.03 -67.38 32.55
C LYS L 841 25.12 -65.87 32.66
N PHE L 842 24.98 -65.21 31.52
CA PHE L 842 25.14 -63.76 31.46
C PHE L 842 23.93 -63.01 32.00
N ASN L 843 22.85 -63.70 32.37
CA ASN L 843 21.58 -63.06 32.71
C ASN L 843 21.04 -63.60 34.03
N GLY L 844 21.91 -63.78 35.01
CA GLY L 844 21.44 -64.23 36.31
C GLY L 844 21.02 -65.67 36.38
N LEU L 845 21.48 -66.52 35.46
CA LEU L 845 21.19 -67.95 35.51
C LEU L 845 22.20 -68.61 36.43
N THR L 846 21.86 -68.63 37.71
CA THR L 846 22.72 -69.22 38.73
C THR L 846 22.22 -70.62 39.06
N VAL L 847 23.07 -71.62 38.90
CA VAL L 847 22.74 -73.00 39.22
C VAL L 847 23.31 -73.32 40.59
N LEU L 848 22.44 -73.59 41.53
CA LEU L 848 22.89 -73.92 42.87
C LEU L 848 23.40 -75.35 42.93
N PRO L 849 24.32 -75.64 43.85
CA PRO L 849 24.83 -77.00 43.97
C PRO L 849 23.96 -77.84 44.88
N PRO L 850 23.79 -79.12 44.59
CA PRO L 850 23.00 -79.97 45.48
C PRO L 850 23.64 -80.09 46.85
N LEU L 851 22.80 -80.20 47.87
CA LEU L 851 23.31 -80.27 49.24
C LEU L 851 24.07 -81.55 49.49
N LEU L 852 23.62 -82.66 48.93
CA LEU L 852 24.30 -83.95 49.08
C LEU L 852 25.10 -84.19 47.81
N THR L 853 26.42 -84.11 47.92
CA THR L 853 27.24 -84.38 46.75
C THR L 853 27.22 -85.88 46.43
N ASP L 854 27.49 -86.20 45.16
CA ASP L 854 27.33 -87.56 44.68
C ASP L 854 28.18 -88.56 45.43
N GLU L 855 29.24 -88.10 46.10
CA GLU L 855 30.01 -89.01 46.95
C GLU L 855 29.25 -89.35 48.22
N MET L 856 28.43 -88.42 48.73
CA MET L 856 27.60 -88.74 49.89
C MET L 856 26.45 -89.65 49.53
N ILE L 857 25.85 -89.43 48.36
CA ILE L 857 24.73 -90.26 47.93
C ILE L 857 25.17 -91.71 47.75
N ALA L 858 26.31 -91.91 47.10
CA ALA L 858 26.84 -93.26 46.95
C ALA L 858 27.37 -93.82 48.25
N GLN L 859 27.60 -92.99 49.27
CA GLN L 859 27.85 -93.51 50.61
C GLN L 859 26.57 -93.97 51.25
N TYR L 860 25.44 -93.38 50.86
CA TYR L 860 24.15 -93.77 51.41
C TYR L 860 23.68 -95.09 50.82
N THR L 861 23.84 -95.28 49.52
CA THR L 861 23.39 -96.53 48.91
C THR L 861 24.29 -97.70 49.25
N SER L 862 25.49 -97.46 49.76
CA SER L 862 26.32 -98.54 50.26
C SER L 862 25.86 -98.97 51.65
N ALA L 863 25.34 -98.04 52.44
CA ALA L 863 24.76 -98.40 53.73
C ALA L 863 23.54 -99.28 53.55
N LEU L 864 22.69 -98.95 52.57
CA LEU L 864 21.52 -99.77 52.29
C LEU L 864 21.92 -101.11 51.69
N LEU L 865 22.91 -101.11 50.81
CA LEU L 865 23.39 -102.36 50.24
C LEU L 865 24.04 -103.23 51.29
N ALA L 866 24.88 -102.65 52.14
CA ALA L 866 25.59 -103.44 53.14
C ALA L 866 24.66 -103.89 54.25
N GLY L 867 23.67 -103.06 54.60
CA GLY L 867 22.71 -103.46 55.61
C GLY L 867 21.81 -104.59 55.15
N THR L 868 21.42 -104.57 53.88
CA THR L 868 20.58 -105.63 53.33
C THR L 868 21.30 -106.96 53.31
N ILE L 869 22.58 -106.95 52.95
CA ILE L 869 23.33 -108.17 52.75
C ILE L 869 23.58 -108.89 54.06
N THR L 870 23.87 -108.15 55.13
CA THR L 870 24.22 -108.74 56.40
C THR L 870 23.03 -108.92 57.33
N SER L 871 22.01 -108.06 57.24
CA SER L 871 20.90 -108.10 58.19
C SER L 871 19.55 -108.40 57.58
N GLY L 872 19.35 -108.19 56.29
CA GLY L 872 18.07 -108.50 55.66
C GLY L 872 17.11 -107.32 55.77
N TRP L 873 15.89 -107.59 56.21
CA TRP L 873 14.94 -106.52 56.42
C TRP L 873 14.89 -106.05 57.86
N THR L 874 15.76 -106.59 58.71
CA THR L 874 15.72 -106.27 60.14
C THR L 874 16.35 -104.92 60.46
N PHE L 875 16.99 -104.27 59.50
CA PHE L 875 17.65 -103.00 59.79
C PHE L 875 16.78 -101.79 59.51
N GLY L 876 15.75 -101.93 58.68
CA GLY L 876 14.81 -100.84 58.48
C GLY L 876 13.65 -100.87 59.44
N ALA L 877 13.64 -101.81 60.37
CA ALA L 877 12.54 -101.98 61.30
C ALA L 877 12.95 -101.84 62.75
N GLY L 878 14.23 -101.61 63.03
CA GLY L 878 14.71 -101.54 64.39
C GLY L 878 16.19 -101.81 64.48
N PRO L 879 16.63 -102.46 65.55
CA PRO L 879 18.03 -102.80 65.70
C PRO L 879 18.43 -103.80 64.61
N ALA L 880 19.59 -103.57 64.00
CA ALA L 880 20.06 -104.43 62.93
C ALA L 880 20.51 -105.77 63.49
N LEU L 881 19.87 -106.84 63.05
CA LEU L 881 20.20 -108.20 63.48
C LEU L 881 20.77 -108.96 62.30
N GLN L 882 21.99 -109.47 62.45
CA GLN L 882 22.65 -110.17 61.36
C GLN L 882 22.06 -111.56 61.18
N ILE L 883 22.24 -112.10 59.97
CA ILE L 883 21.77 -113.44 59.64
C ILE L 883 22.51 -113.88 58.38
N PRO L 884 22.98 -115.13 58.31
CA PRO L 884 23.73 -115.57 57.14
C PRO L 884 22.93 -115.41 55.85
N PHE L 885 23.62 -114.99 54.79
CA PHE L 885 22.93 -114.73 53.54
C PHE L 885 22.37 -115.99 52.90
N PRO L 886 23.01 -117.13 53.12
CA PRO L 886 22.41 -118.37 52.66
C PRO L 886 21.08 -118.61 53.36
N MET L 887 21.00 -118.30 54.66
CA MET L 887 19.79 -118.48 55.44
C MET L 887 18.75 -117.41 55.20
N GLN L 888 19.18 -116.17 54.95
CA GLN L 888 18.21 -115.09 54.72
C GLN L 888 17.39 -115.35 53.46
N MET L 889 18.03 -115.86 52.41
CA MET L 889 17.29 -116.16 51.20
C MET L 889 16.26 -117.25 51.43
N ALA L 890 16.49 -118.12 52.42
CA ALA L 890 15.45 -119.09 52.77
C ALA L 890 14.25 -118.39 53.37
N TYR L 891 14.47 -117.31 54.11
CA TYR L 891 13.35 -116.48 54.54
C TYR L 891 12.65 -115.85 53.35
N ARG L 892 13.41 -115.30 52.40
CA ARG L 892 12.80 -114.68 51.22
C ARG L 892 12.05 -115.71 50.40
N PHE L 893 12.63 -116.90 50.22
CA PHE L 893 11.94 -117.96 49.50
C PHE L 893 10.67 -118.38 50.22
N ASN L 894 10.74 -118.51 51.54
CA ASN L 894 9.59 -118.90 52.35
C ASN L 894 8.48 -117.86 52.31
N GLY L 895 8.78 -116.64 51.91
CA GLY L 895 7.80 -115.59 51.80
C GLY L 895 7.06 -115.51 50.49
N ILE L 896 7.42 -116.35 49.52
CA ILE L 896 6.70 -116.41 48.26
C ILE L 896 6.07 -117.78 48.05
N GLY L 897 5.85 -118.52 49.13
CA GLY L 897 5.15 -119.79 49.07
C GLY L 897 6.01 -121.00 48.77
N VAL L 898 7.33 -120.84 48.74
CA VAL L 898 8.27 -121.92 48.44
C VAL L 898 9.00 -122.27 49.73
N THR L 899 9.05 -123.56 50.06
CA THR L 899 9.61 -123.99 51.33
C THR L 899 11.10 -123.69 51.40
N GLN L 900 11.65 -123.77 52.62
CA GLN L 900 13.06 -123.48 52.81
C GLN L 900 13.95 -124.47 52.07
N ASN L 901 13.60 -125.75 52.13
CA ASN L 901 14.50 -126.78 51.63
C ASN L 901 14.70 -126.69 50.12
N VAL L 902 13.86 -125.94 49.41
CA VAL L 902 14.08 -125.75 47.98
C VAL L 902 15.36 -124.95 47.74
N LEU L 903 15.60 -123.93 48.56
CA LEU L 903 16.82 -123.15 48.40
C LEU L 903 18.05 -123.94 48.84
N TYR L 904 17.98 -124.58 50.00
CA TYR L 904 19.17 -125.26 50.54
C TYR L 904 19.62 -126.38 49.63
N GLU L 905 18.68 -127.17 49.11
CA GLU L 905 19.05 -128.25 48.22
C GLU L 905 19.60 -127.76 46.89
N ASN L 906 19.27 -126.53 46.49
CA ASN L 906 19.70 -126.00 45.20
C ASN L 906 20.49 -124.70 45.36
N GLN L 907 21.17 -124.54 46.50
CA GLN L 907 21.88 -123.30 46.76
C GLN L 907 22.95 -123.03 45.71
N LYS L 908 23.65 -124.07 45.28
CA LYS L 908 24.72 -123.90 44.31
C LYS L 908 24.18 -123.44 42.97
N LEU L 909 23.05 -124.00 42.54
CA LEU L 909 22.42 -123.54 41.31
C LEU L 909 21.91 -122.12 41.44
N ILE L 910 21.31 -121.78 42.58
CA ILE L 910 20.71 -120.47 42.77
C ILE L 910 21.77 -119.39 42.82
N ALA L 911 22.89 -119.66 43.49
CA ALA L 911 23.97 -118.67 43.54
C ALA L 911 24.48 -118.34 42.15
N ASN L 912 24.59 -119.35 41.29
CA ASN L 912 25.04 -119.11 39.93
C ASN L 912 23.99 -118.33 39.13
N GLN L 913 22.72 -118.63 39.35
CA GLN L 913 21.66 -117.89 38.66
C GLN L 913 21.63 -116.44 39.09
N PHE L 914 21.82 -116.17 40.38
CA PHE L 914 21.88 -114.79 40.84
C PHE L 914 23.08 -114.07 40.28
N ASN L 915 24.25 -114.72 40.26
CA ASN L 915 25.46 -114.08 39.77
C ASN L 915 25.38 -113.83 38.27
N SER L 916 24.87 -114.79 37.51
CA SER L 916 24.78 -114.62 36.07
C SER L 916 23.83 -113.50 35.69
N ALA L 917 22.70 -113.40 36.39
CA ALA L 917 21.71 -112.38 36.07
C ALA L 917 22.23 -110.98 36.38
N ILE L 918 23.02 -110.84 37.45
CA ILE L 918 23.60 -109.54 37.78
C ILE L 918 24.55 -109.10 36.68
N GLY L 919 25.35 -110.03 36.16
CA GLY L 919 26.32 -109.67 35.14
C GLY L 919 25.70 -109.10 33.89
N LYS L 920 24.53 -109.63 33.50
CA LYS L 920 23.84 -109.12 32.33
C LYS L 920 23.37 -107.69 32.50
N ILE L 921 23.28 -107.21 33.74
CA ILE L 921 22.85 -105.83 33.96
C ILE L 921 23.86 -104.85 33.40
N GLN L 922 25.14 -105.09 33.65
CA GLN L 922 26.16 -104.18 33.12
C GLN L 922 26.14 -104.17 31.59
N ASP L 923 26.01 -105.35 30.98
CA ASP L 923 25.95 -105.40 29.53
C ASP L 923 24.72 -104.68 29.00
N SER L 924 23.57 -104.88 29.66
CA SER L 924 22.34 -104.28 29.17
C SER L 924 22.41 -102.76 29.19
N LEU L 925 23.06 -102.20 30.21
CA LEU L 925 23.30 -100.76 30.21
C LEU L 925 24.44 -100.40 29.26
N SER L 926 25.47 -101.23 29.19
CA SER L 926 26.63 -100.90 28.35
C SER L 926 26.32 -101.03 26.87
N SER L 927 25.48 -102.00 26.49
CA SER L 927 25.20 -102.23 25.07
C SER L 927 24.41 -101.07 24.48
N THR L 928 23.21 -100.83 24.98
CA THR L 928 22.33 -99.79 24.47
C THR L 928 22.33 -98.60 25.41
N PRO L 929 22.54 -97.41 24.86
CA PRO L 929 22.62 -96.19 25.65
C PRO L 929 21.25 -95.57 25.92
N SER L 930 20.19 -96.15 25.38
CA SER L 930 18.83 -95.67 25.62
C SER L 930 18.25 -96.21 26.92
N ALA L 931 19.00 -97.02 27.66
CA ALA L 931 18.50 -97.56 28.92
C ALA L 931 18.23 -96.46 29.93
N LEU L 932 19.17 -95.52 30.08
CA LEU L 932 19.02 -94.40 30.99
C LEU L 932 18.40 -93.20 30.28
N GLY L 933 17.30 -93.43 29.58
CA GLY L 933 16.64 -92.37 28.87
C GLY L 933 15.69 -91.60 29.75
N LYS L 934 15.37 -92.16 30.92
CA LYS L 934 14.49 -91.46 31.85
C LYS L 934 15.21 -90.32 32.55
N LEU L 935 16.43 -90.55 33.02
CA LEU L 935 17.20 -89.50 33.68
C LEU L 935 17.74 -88.51 32.67
N GLN L 936 18.06 -88.97 31.46
CA GLN L 936 18.53 -88.05 30.44
C GLN L 936 17.42 -87.13 29.96
N ASP L 937 16.20 -87.65 29.85
CA ASP L 937 15.09 -86.83 29.40
C ASP L 937 14.82 -85.68 30.36
N VAL L 938 15.09 -85.88 31.64
CA VAL L 938 14.95 -84.81 32.61
C VAL L 938 15.97 -83.73 32.35
N VAL L 939 17.21 -84.12 32.03
CA VAL L 939 18.27 -83.14 31.80
C VAL L 939 17.99 -82.31 30.56
N ASN L 940 17.56 -82.96 29.48
CA ASN L 940 17.31 -82.23 28.25
C ASN L 940 16.16 -81.24 28.41
N GLN L 941 15.10 -81.65 29.10
CA GLN L 941 13.94 -80.77 29.25
C GLN L 941 14.32 -79.49 30.00
N ASN L 942 15.16 -79.61 31.02
CA ASN L 942 15.54 -78.42 31.78
C ASN L 942 16.42 -77.51 30.94
N ALA L 943 17.41 -78.08 30.24
CA ALA L 943 18.32 -77.27 29.45
C ALA L 943 17.58 -76.56 28.31
N GLN L 944 16.69 -77.27 27.62
CA GLN L 944 15.92 -76.64 26.55
C GLN L 944 15.06 -75.50 27.08
N ALA L 945 14.47 -75.68 28.26
CA ALA L 945 13.67 -74.62 28.85
C ALA L 945 14.53 -73.41 29.19
N LEU L 946 15.75 -73.66 29.66
CA LEU L 946 16.65 -72.54 29.96
C LEU L 946 17.15 -71.88 28.70
N ASN L 947 17.50 -72.67 27.68
CA ASN L 947 17.97 -72.08 26.43
C ASN L 947 16.88 -71.25 25.77
N THR L 948 15.64 -71.73 25.82
CA THR L 948 14.53 -70.93 25.31
C THR L 948 14.36 -69.65 26.13
N LEU L 949 14.64 -69.71 27.43
CA LEU L 949 14.57 -68.51 28.25
C LEU L 949 15.61 -67.49 27.82
N VAL L 950 16.82 -67.94 27.51
CA VAL L 950 17.88 -67.02 27.09
C VAL L 950 17.58 -66.46 25.71
N LYS L 951 17.22 -67.33 24.76
CA LYS L 951 17.01 -66.87 23.40
C LYS L 951 15.85 -65.90 23.27
N GLN L 952 14.95 -65.86 24.27
CA GLN L 952 13.88 -64.88 24.26
C GLN L 952 14.39 -63.48 24.48
N LEU L 953 15.67 -63.31 24.85
CA LEU L 953 16.24 -61.98 24.97
C LEU L 953 16.44 -61.34 23.60
N SER L 954 16.55 -62.16 22.55
CA SER L 954 16.67 -61.66 21.19
C SER L 954 15.31 -61.59 20.50
N SER L 955 14.36 -60.91 21.15
CA SER L 955 13.05 -60.70 20.56
C SER L 955 12.59 -59.28 20.87
N ASN L 956 11.99 -58.64 19.87
CA ASN L 956 11.64 -57.24 19.98
C ASN L 956 10.38 -57.01 20.79
N PHE L 957 9.44 -57.96 20.74
CA PHE L 957 8.14 -57.81 21.40
C PHE L 957 7.45 -56.52 20.95
N GLY L 958 7.58 -56.21 19.66
CA GLY L 958 7.00 -55.00 19.11
C GLY L 958 7.79 -53.75 19.32
N ALA L 959 8.98 -53.83 19.91
CA ALA L 959 9.85 -52.67 20.07
C ALA L 959 10.75 -52.53 18.84
N ILE L 960 11.60 -51.51 18.86
CA ILE L 960 12.49 -51.26 17.73
C ILE L 960 13.69 -52.21 17.74
N SER L 961 14.41 -52.24 18.86
CA SER L 961 15.63 -53.03 18.97
C SER L 961 15.57 -53.91 20.21
N SER L 962 16.25 -55.05 20.13
CA SER L 962 16.32 -56.00 21.23
C SER L 962 17.43 -55.68 22.23
N VAL L 963 18.30 -54.72 21.91
CA VAL L 963 19.38 -54.34 22.81
C VAL L 963 18.91 -53.15 23.64
N LEU L 964 19.18 -53.20 24.95
CA LEU L 964 18.70 -52.15 25.83
C LEU L 964 19.43 -50.84 25.61
N ASN L 965 20.76 -50.89 25.41
CA ASN L 965 21.51 -49.67 25.20
C ASN L 965 21.22 -49.05 23.83
N ASP L 966 20.96 -49.88 22.82
CA ASP L 966 20.68 -49.35 21.48
C ASP L 966 19.39 -48.55 21.46
N ILE L 967 18.33 -49.07 22.08
CA ILE L 967 17.08 -48.33 22.12
C ILE L 967 17.23 -47.09 23.01
N LEU L 968 18.11 -47.14 24.01
CA LEU L 968 18.30 -45.99 24.88
C LEU L 968 19.02 -44.86 24.17
N SER L 969 20.08 -45.19 23.43
CA SER L 969 20.86 -44.15 22.76
C SER L 969 20.13 -43.60 21.54
N ARG L 970 19.46 -44.47 20.79
CA ARG L 970 18.85 -44.05 19.52
C ARG L 970 17.77 -42.99 19.72
N LEU L 971 16.92 -43.18 20.73
CA LEU L 971 15.78 -42.30 20.94
C LEU L 971 15.98 -41.49 22.22
N ASP L 972 15.03 -40.61 22.48
CA ASP L 972 14.89 -39.73 23.62
C ASP L 972 14.14 -40.42 24.75
N PRO L 973 14.41 -40.04 25.99
CA PRO L 973 13.76 -40.69 27.15
C PRO L 973 12.24 -40.63 27.09
N PRO L 974 11.63 -39.53 26.61
CA PRO L 974 10.17 -39.55 26.48
C PRO L 974 9.64 -40.65 25.57
N GLU L 975 10.36 -40.99 24.51
CA GLU L 975 9.93 -42.05 23.60
C GLU L 975 10.50 -43.41 23.96
N ALA L 976 11.74 -43.47 24.45
CA ALA L 976 12.34 -44.74 24.82
C ALA L 976 11.58 -45.43 25.94
N GLU L 977 10.83 -44.68 26.74
CA GLU L 977 10.04 -45.28 27.81
C GLU L 977 8.99 -46.23 27.27
N VAL L 978 8.33 -45.84 26.17
CA VAL L 978 7.36 -46.73 25.54
C VAL L 978 8.04 -47.98 25.00
N GLN L 979 9.18 -47.80 24.32
CA GLN L 979 9.91 -48.95 23.81
C GLN L 979 10.51 -49.78 24.94
N ILE L 980 10.87 -49.13 26.05
CA ILE L 980 11.30 -49.88 27.24
C ILE L 980 10.15 -50.70 27.79
N ASP L 981 8.94 -50.11 27.82
CA ASP L 981 7.79 -50.83 28.34
C ASP L 981 7.48 -52.06 27.51
N ARG L 982 7.60 -51.97 26.19
CA ARG L 982 7.28 -53.10 25.33
C ARG L 982 8.23 -54.26 25.59
N LEU L 983 9.51 -53.98 25.80
CA LEU L 983 10.48 -55.05 26.04
C LEU L 983 10.26 -55.71 27.39
N ILE L 984 10.11 -54.91 28.45
CA ILE L 984 10.03 -55.48 29.79
C ILE L 984 8.78 -56.34 29.93
N THR L 985 7.65 -55.87 29.40
CA THR L 985 6.44 -56.69 29.42
C THR L 985 6.64 -57.98 28.65
N GLY L 986 7.32 -57.90 27.51
CA GLY L 986 7.66 -59.12 26.79
C GLY L 986 8.61 -60.01 27.56
N ARG L 987 9.51 -59.42 28.34
CA ARG L 987 10.43 -60.22 29.13
C ARG L 987 9.84 -60.69 30.44
N LEU L 988 8.83 -59.99 30.97
CA LEU L 988 8.12 -60.50 32.13
C LEU L 988 7.35 -61.76 31.80
N GLN L 989 6.64 -61.78 30.68
CA GLN L 989 5.89 -62.97 30.30
C GLN L 989 6.84 -64.13 30.03
N SER L 990 7.98 -63.86 29.38
CA SER L 990 8.93 -64.92 29.07
C SER L 990 9.53 -65.50 30.35
N LEU L 991 9.72 -64.68 31.37
CA LEU L 991 10.11 -65.18 32.67
C LEU L 991 8.95 -65.80 33.42
N GLN L 992 7.75 -65.25 33.24
CA GLN L 992 6.57 -65.82 33.89
C GLN L 992 6.28 -67.21 33.36
N THR L 993 6.40 -67.40 32.04
CA THR L 993 6.12 -68.71 31.46
C THR L 993 7.12 -69.74 31.95
N TYR L 994 8.40 -69.37 32.04
CA TYR L 994 9.42 -70.33 32.42
C TYR L 994 9.19 -70.87 33.82
N VAL L 995 8.80 -70.01 34.76
CA VAL L 995 8.58 -70.48 36.13
C VAL L 995 7.37 -71.40 36.18
N THR L 996 6.31 -71.08 35.44
CA THR L 996 5.13 -71.92 35.46
C THR L 996 5.43 -73.32 34.94
N GLN L 997 6.16 -73.42 33.83
CA GLN L 997 6.53 -74.74 33.33
C GLN L 997 7.51 -75.42 34.27
N GLN L 998 8.24 -74.66 35.09
CA GLN L 998 9.09 -75.27 36.11
C GLN L 998 8.28 -75.84 37.25
N LEU L 999 7.21 -75.15 37.64
CA LEU L 999 6.39 -75.62 38.75
C LEU L 999 5.64 -76.88 38.36
N ILE L 1000 5.21 -76.97 37.10
CA ILE L 1000 4.55 -78.16 36.62
C ILE L 1000 5.54 -79.31 36.47
N ARG L 1001 6.75 -79.02 36.02
CA ARG L 1001 7.75 -80.06 35.85
C ARG L 1001 8.31 -80.53 37.18
N ALA L 1002 8.51 -79.61 38.13
CA ALA L 1002 9.02 -80.00 39.44
C ALA L 1002 8.02 -80.85 40.21
N ALA L 1003 6.73 -80.70 39.93
CA ALA L 1003 5.72 -81.55 40.55
C ALA L 1003 5.66 -82.91 39.88
N GLU L 1004 6.19 -83.05 38.68
CA GLU L 1004 6.31 -84.34 38.03
C GLU L 1004 7.49 -85.13 38.57
N ILE L 1005 8.50 -84.43 39.09
CA ILE L 1005 9.65 -85.09 39.69
C ILE L 1005 9.37 -85.44 41.15
N ARG L 1006 8.58 -84.64 41.83
CA ARG L 1006 8.21 -84.98 43.20
C ARG L 1006 7.36 -86.23 43.25
N ALA L 1007 6.58 -86.48 42.21
CA ALA L 1007 5.81 -87.71 42.13
C ALA L 1007 6.67 -88.90 41.77
N SER L 1008 7.88 -88.68 41.27
CA SER L 1008 8.87 -89.74 41.04
C SER L 1008 9.82 -89.91 42.20
N ALA L 1009 10.07 -88.85 42.97
CA ALA L 1009 10.88 -88.99 44.18
C ALA L 1009 10.08 -89.60 45.31
N ASN L 1010 8.75 -89.47 45.28
CA ASN L 1010 7.91 -90.15 46.25
C ASN L 1010 7.72 -91.61 45.90
N LEU L 1011 7.78 -91.95 44.61
CA LEU L 1011 7.70 -93.35 44.23
C LEU L 1011 9.01 -94.08 44.49
N ALA L 1012 10.14 -93.43 44.21
CA ALA L 1012 11.43 -94.04 44.49
C ALA L 1012 11.68 -94.15 45.98
N ALA L 1013 11.18 -93.20 46.76
CA ALA L 1013 11.27 -93.32 48.22
C ALA L 1013 10.39 -94.43 48.73
N THR L 1014 9.31 -94.74 48.01
CA THR L 1014 8.42 -95.83 48.37
C THR L 1014 8.91 -97.17 47.84
N LYS L 1015 9.60 -97.17 46.72
CA LYS L 1015 10.16 -98.42 46.23
C LYS L 1015 11.42 -98.79 46.98
N MET L 1016 11.95 -97.91 47.80
CA MET L 1016 13.07 -98.24 48.66
C MET L 1016 12.65 -98.65 50.06
N SER L 1017 11.55 -98.11 50.56
CA SER L 1017 11.05 -98.55 51.84
C SER L 1017 10.44 -99.94 51.77
N GLU L 1018 9.89 -100.31 50.63
CA GLU L 1018 9.12 -101.54 50.50
C GLU L 1018 9.80 -102.61 49.69
N CYS L 1019 10.59 -102.26 48.68
CA CYS L 1019 11.32 -103.26 47.93
C CYS L 1019 12.68 -103.55 48.56
N VAL L 1020 13.45 -102.51 48.87
CA VAL L 1020 14.79 -102.69 49.39
C VAL L 1020 14.77 -103.06 50.87
N LEU L 1021 14.10 -102.26 51.69
CA LEU L 1021 14.08 -102.45 53.14
C LEU L 1021 12.95 -103.38 53.57
N GLY L 1022 12.84 -104.51 52.90
CA GLY L 1022 11.78 -105.47 53.18
C GLY L 1022 11.30 -106.08 51.88
N GLN L 1023 10.64 -107.23 52.01
CA GLN L 1023 10.20 -107.99 50.85
C GLN L 1023 8.75 -107.68 50.54
N SER L 1024 8.46 -107.42 49.28
CA SER L 1024 7.16 -106.92 48.85
C SER L 1024 6.24 -108.05 48.41
N LYS L 1025 4.95 -107.85 48.62
CA LYS L 1025 3.92 -108.74 48.12
C LYS L 1025 2.96 -108.02 47.19
N ARG L 1026 3.31 -106.83 46.73
CA ARG L 1026 2.52 -106.09 45.77
C ARG L 1026 2.97 -106.48 44.38
N VAL L 1027 2.03 -106.90 43.54
CA VAL L 1027 2.37 -107.46 42.25
C VAL L 1027 2.93 -106.39 41.34
N ASP L 1028 3.99 -106.74 40.63
CA ASP L 1028 4.65 -105.89 39.64
C ASP L 1028 5.17 -104.59 40.23
N PHE L 1029 5.13 -104.43 41.55
CA PHE L 1029 5.72 -103.23 42.15
C PHE L 1029 7.23 -103.29 42.06
N CYS L 1030 7.83 -104.33 42.61
CA CYS L 1030 9.27 -104.54 42.55
C CYS L 1030 9.63 -105.58 41.50
N GLY L 1031 9.34 -105.27 40.25
CA GLY L 1031 9.73 -106.13 39.15
C GLY L 1031 8.72 -107.22 38.87
N LYS L 1032 8.76 -107.74 37.65
CA LYS L 1032 7.82 -108.75 37.19
C LYS L 1032 8.33 -110.12 37.59
N GLY L 1033 7.64 -110.76 38.51
CA GLY L 1033 8.00 -112.03 39.09
C GLY L 1033 7.49 -112.09 40.51
N TYR L 1034 8.06 -112.98 41.30
CA TYR L 1034 7.81 -113.02 42.73
C TYR L 1034 9.00 -112.38 43.44
N HIS L 1035 8.77 -111.26 44.10
CA HIS L 1035 9.86 -110.45 44.61
C HIS L 1035 10.68 -111.19 45.64
N LEU L 1036 12.00 -111.06 45.54
CA LEU L 1036 12.91 -111.59 46.54
C LEU L 1036 13.63 -110.48 47.29
N MET L 1037 14.34 -109.60 46.59
CA MET L 1037 15.00 -108.45 47.21
C MET L 1037 15.43 -107.50 46.11
N SER L 1038 15.82 -106.30 46.51
CA SER L 1038 16.29 -105.30 45.56
C SER L 1038 17.50 -104.58 46.12
N PHE L 1039 18.29 -104.03 45.21
CA PHE L 1039 19.53 -103.36 45.56
C PHE L 1039 19.54 -101.99 44.88
N PRO L 1040 19.61 -100.90 45.63
CA PRO L 1040 19.63 -99.59 44.99
C PRO L 1040 20.99 -99.31 44.40
N GLN L 1041 21.00 -98.59 43.28
CA GLN L 1041 22.23 -98.06 42.70
C GLN L 1041 21.98 -96.62 42.36
N SER L 1042 22.85 -95.73 42.83
CA SER L 1042 22.65 -94.33 42.53
C SER L 1042 22.93 -94.05 41.07
N ALA L 1043 22.52 -92.87 40.62
CA ALA L 1043 22.72 -92.42 39.25
C ALA L 1043 22.59 -90.91 39.25
N PRO L 1044 23.05 -90.24 38.20
CA PRO L 1044 22.97 -88.76 38.18
C PRO L 1044 21.51 -88.31 38.16
N HIS L 1045 21.09 -87.64 39.23
CA HIS L 1045 19.73 -87.14 39.37
C HIS L 1045 18.70 -88.27 39.34
N GLY L 1046 19.04 -89.40 39.95
CA GLY L 1046 18.14 -90.53 39.84
C GLY L 1046 18.60 -91.68 40.70
N VAL L 1047 17.94 -92.82 40.51
CA VAL L 1047 18.25 -94.04 41.25
C VAL L 1047 17.83 -95.22 40.40
N VAL L 1048 18.60 -96.30 40.49
CA VAL L 1048 18.33 -97.53 39.75
C VAL L 1048 18.12 -98.64 40.76
N PHE L 1049 17.01 -99.35 40.61
CA PHE L 1049 16.69 -100.49 41.46
C PHE L 1049 16.94 -101.76 40.67
N LEU L 1050 17.63 -102.71 41.26
CA LEU L 1050 17.82 -104.02 40.64
C LEU L 1050 16.92 -105.00 41.37
N HIS L 1051 15.80 -105.35 40.76
CA HIS L 1051 14.76 -106.12 41.43
C HIS L 1051 15.02 -107.61 41.23
N VAL L 1052 15.53 -108.27 42.26
CA VAL L 1052 15.77 -109.72 42.20
C VAL L 1052 14.43 -110.42 42.41
N THR L 1053 13.96 -111.12 41.39
CA THR L 1053 12.69 -111.80 41.45
C THR L 1053 12.84 -113.26 41.06
N TYR L 1054 11.99 -114.09 41.63
CA TYR L 1054 11.95 -115.52 41.39
C TYR L 1054 10.88 -115.82 40.35
N VAL L 1055 11.26 -116.40 39.23
CA VAL L 1055 10.34 -116.68 38.14
C VAL L 1055 10.18 -118.19 38.01
N PRO L 1056 8.97 -118.74 38.11
CA PRO L 1056 8.79 -120.17 37.89
C PRO L 1056 9.08 -120.55 36.45
N ALA L 1057 9.51 -121.79 36.25
CA ALA L 1057 9.83 -122.26 34.92
C ALA L 1057 9.65 -123.77 34.84
N GLN L 1058 9.53 -124.26 33.62
CA GLN L 1058 9.40 -125.69 33.33
C GLN L 1058 8.15 -126.28 33.98
N GLU L 1059 6.99 -125.77 33.55
CA GLU L 1059 5.74 -126.27 34.05
C GLU L 1059 5.45 -127.66 33.50
N LYS L 1060 4.73 -128.45 34.28
CA LYS L 1060 4.37 -129.82 33.92
C LYS L 1060 2.90 -130.03 34.20
N ASN L 1061 2.18 -130.61 33.25
CA ASN L 1061 0.78 -130.91 33.44
C ASN L 1061 0.59 -131.98 34.51
N PHE L 1062 -0.52 -131.89 35.24
CA PHE L 1062 -0.87 -132.90 36.23
C PHE L 1062 -2.39 -133.01 36.27
N THR L 1063 -2.89 -133.93 37.08
CA THR L 1063 -4.31 -134.10 37.30
C THR L 1063 -4.62 -133.81 38.75
N THR L 1064 -5.54 -132.90 38.99
CA THR L 1064 -5.82 -132.39 40.33
C THR L 1064 -7.12 -132.95 40.85
N ALA L 1065 -7.34 -132.76 42.15
CA ALA L 1065 -8.53 -133.21 42.82
C ALA L 1065 -8.80 -132.28 43.99
N PRO L 1066 -10.01 -131.73 44.10
CA PRO L 1066 -10.31 -130.89 45.27
C PRO L 1066 -10.09 -131.60 46.60
N ALA L 1067 -10.45 -132.86 46.69
CA ALA L 1067 -10.32 -133.62 47.93
C ALA L 1067 -10.31 -135.10 47.59
N ILE L 1068 -9.89 -135.91 48.56
CA ILE L 1068 -9.85 -137.36 48.40
C ILE L 1068 -10.61 -138.00 49.56
N CYS L 1069 -11.34 -139.07 49.26
CA CYS L 1069 -12.08 -139.82 50.27
C CYS L 1069 -11.40 -141.15 50.51
N HIS L 1070 -11.14 -141.46 51.77
CA HIS L 1070 -10.50 -142.70 52.16
C HIS L 1070 -11.39 -143.56 53.05
N ASP L 1071 -11.97 -142.97 54.10
CA ASP L 1071 -12.82 -143.69 55.04
C ASP L 1071 -14.21 -143.05 55.10
N GLY L 1072 -14.74 -142.65 53.95
CA GLY L 1072 -15.99 -141.94 53.95
C GLY L 1072 -15.90 -140.50 54.42
N LYS L 1073 -14.69 -139.96 54.53
CA LYS L 1073 -14.47 -138.58 54.93
C LYS L 1073 -13.61 -137.88 53.88
N ALA L 1074 -13.80 -136.58 53.75
CA ALA L 1074 -13.10 -135.78 52.75
C ALA L 1074 -11.82 -135.20 53.33
N HIS L 1075 -10.73 -135.31 52.58
CA HIS L 1075 -9.42 -134.83 53.01
C HIS L 1075 -8.99 -133.68 52.11
N PHE L 1076 -8.65 -132.54 52.72
CA PHE L 1076 -8.16 -131.38 52.02
C PHE L 1076 -6.71 -131.11 52.40
N PRO L 1077 -5.86 -130.73 51.44
CA PRO L 1077 -4.45 -130.50 51.76
C PRO L 1077 -4.31 -129.30 52.69
N ARG L 1078 -3.33 -129.39 53.59
CA ARG L 1078 -3.08 -128.29 54.51
C ARG L 1078 -2.48 -127.10 53.78
N GLU L 1079 -1.32 -127.30 53.15
CA GLU L 1079 -0.66 -126.28 52.34
C GLU L 1079 -0.11 -126.98 51.11
N GLY L 1080 -0.92 -127.00 50.06
CA GLY L 1080 -0.50 -127.66 48.84
C GLY L 1080 -1.70 -128.02 47.99
N VAL L 1081 -1.42 -128.71 46.89
CA VAL L 1081 -2.42 -129.12 45.92
C VAL L 1081 -2.19 -130.60 45.60
N PHE L 1082 -3.28 -131.36 45.50
CA PHE L 1082 -3.18 -132.76 45.15
C PHE L 1082 -2.86 -132.92 43.67
N VAL L 1083 -1.87 -133.75 43.36
CA VAL L 1083 -1.50 -134.02 41.98
C VAL L 1083 -1.42 -135.53 41.77
N SER L 1084 -1.41 -135.92 40.50
CA SER L 1084 -1.38 -137.32 40.13
C SER L 1084 -0.63 -137.46 38.81
N ASN L 1085 0.37 -138.34 38.79
CA ASN L 1085 1.11 -138.62 37.56
C ASN L 1085 0.38 -139.60 36.66
N GLY L 1086 -0.91 -139.81 36.88
CA GLY L 1086 -1.71 -140.76 36.14
C GLY L 1086 -1.86 -142.10 36.81
N THR L 1087 -0.98 -142.43 37.75
CA THR L 1087 -1.04 -143.70 38.46
C THR L 1087 -1.25 -143.50 39.96
N HIS L 1088 -0.41 -142.70 40.61
CA HIS L 1088 -0.50 -142.47 42.04
C HIS L 1088 -0.94 -141.04 42.32
N TRP L 1089 -1.16 -140.74 43.60
CA TRP L 1089 -1.56 -139.42 44.05
C TRP L 1089 -0.54 -138.88 45.02
N PHE L 1090 -0.24 -137.59 44.90
CA PHE L 1090 0.71 -136.92 45.77
C PHE L 1090 0.17 -135.56 46.16
N VAL L 1091 0.69 -135.02 47.24
CA VAL L 1091 0.46 -133.63 47.64
C VAL L 1091 1.77 -132.88 47.47
N THR L 1092 1.70 -131.71 46.85
CA THR L 1092 2.88 -130.90 46.61
C THR L 1092 2.56 -129.44 46.87
N GLN L 1093 3.58 -128.67 47.21
CA GLN L 1093 3.39 -127.24 47.36
C GLN L 1093 2.98 -126.64 46.02
N ARG L 1094 2.13 -125.62 46.07
CA ARG L 1094 1.50 -125.15 44.84
C ARG L 1094 2.47 -124.47 43.89
N ASN L 1095 3.66 -124.08 44.35
CA ASN L 1095 4.59 -123.30 43.54
C ASN L 1095 5.80 -124.07 43.05
N PHE L 1096 5.91 -125.36 43.37
CA PHE L 1096 7.10 -126.12 43.01
C PHE L 1096 6.77 -127.60 43.14
N TYR L 1097 7.13 -128.38 42.13
CA TYR L 1097 6.74 -129.79 42.09
C TYR L 1097 7.64 -130.57 43.03
N GLU L 1098 7.15 -130.82 44.24
CA GLU L 1098 7.83 -131.62 45.25
C GLU L 1098 6.84 -132.62 45.80
N PRO L 1099 6.54 -133.69 45.06
CA PRO L 1099 5.46 -134.59 45.46
C PRO L 1099 5.76 -135.29 46.77
N GLN L 1100 4.71 -135.48 47.57
CA GLN L 1100 4.83 -136.13 48.87
C GLN L 1100 3.71 -137.13 49.04
N ILE L 1101 3.93 -138.09 49.92
CA ILE L 1101 2.90 -139.08 50.24
C ILE L 1101 1.77 -138.41 51.00
N ILE L 1102 0.54 -138.76 50.66
CA ILE L 1102 -0.62 -138.17 51.33
C ILE L 1102 -0.81 -138.82 52.67
N THR L 1103 -0.21 -138.25 53.71
CA THR L 1103 -0.35 -138.77 55.05
C THR L 1103 -1.45 -138.00 55.78
N THR L 1104 -1.73 -138.41 57.01
CA THR L 1104 -2.73 -137.71 57.81
C THR L 1104 -2.25 -136.32 58.20
N ASP L 1105 -0.95 -136.16 58.41
CA ASP L 1105 -0.42 -134.84 58.77
C ASP L 1105 -0.40 -133.89 57.58
N ASN L 1106 -0.20 -134.39 56.37
CA ASN L 1106 -0.18 -133.53 55.20
C ASN L 1106 -1.54 -132.92 54.89
N THR L 1107 -2.61 -133.41 55.49
CA THR L 1107 -3.95 -132.95 55.17
C THR L 1107 -4.76 -132.77 56.44
N PHE L 1108 -5.95 -132.22 56.29
CA PHE L 1108 -6.91 -132.11 57.37
C PHE L 1108 -8.28 -132.53 56.85
N VAL L 1109 -9.12 -132.99 57.77
CA VAL L 1109 -10.39 -133.64 57.43
C VAL L 1109 -11.52 -132.71 57.84
N SER L 1110 -12.52 -132.57 56.98
CA SER L 1110 -13.70 -131.76 57.30
C SER L 1110 -14.88 -132.29 56.50
N GLY L 1111 -15.70 -133.13 57.13
CA GLY L 1111 -16.91 -133.60 56.50
C GLY L 1111 -16.87 -135.02 55.98
N ASN L 1112 -17.55 -135.26 54.86
CA ASN L 1112 -17.64 -136.59 54.27
C ASN L 1112 -17.58 -136.42 52.75
N CYS L 1113 -17.92 -137.48 52.03
CA CYS L 1113 -17.77 -137.51 50.58
C CYS L 1113 -18.94 -136.88 49.84
N ASP L 1114 -19.96 -136.39 50.55
CA ASP L 1114 -21.19 -136.00 49.87
C ASP L 1114 -21.05 -134.59 49.28
N VAL L 1115 -20.74 -133.61 50.12
CA VAL L 1115 -20.91 -132.20 49.75
C VAL L 1115 -19.99 -131.81 48.61
N VAL L 1116 -18.73 -132.25 48.66
CA VAL L 1116 -17.72 -131.75 47.73
C VAL L 1116 -17.99 -132.25 46.32
N ILE L 1117 -17.91 -131.36 45.34
CA ILE L 1117 -17.99 -131.71 43.93
C ILE L 1117 -16.59 -132.01 43.44
N GLY L 1118 -16.45 -133.10 42.70
CA GLY L 1118 -15.18 -133.45 42.11
C GLY L 1118 -14.25 -134.26 42.97
N ILE L 1119 -14.71 -134.71 44.15
CA ILE L 1119 -13.86 -135.50 45.03
C ILE L 1119 -13.48 -136.80 44.35
N VAL L 1120 -12.30 -137.31 44.68
CA VAL L 1120 -11.82 -138.55 44.10
C VAL L 1120 -11.54 -139.55 45.22
N ASN L 1121 -11.47 -140.82 44.82
CA ASN L 1121 -11.25 -141.92 45.75
C ASN L 1121 -9.77 -142.26 45.81
N ASN L 1122 -9.22 -142.32 47.02
CA ASN L 1122 -7.86 -142.77 47.21
C ASN L 1122 -7.65 -143.13 48.67
N THR L 1123 -6.41 -143.45 49.01
CA THR L 1123 -6.03 -143.87 50.35
C THR L 1123 -5.07 -142.84 50.94
N VAL L 1124 -5.31 -142.47 52.20
CA VAL L 1124 -4.43 -141.56 52.93
C VAL L 1124 -3.66 -142.38 53.96
N TYR L 1125 -2.34 -142.33 53.87
CA TYR L 1125 -1.50 -143.09 54.79
C TYR L 1125 -1.60 -142.51 56.20
N ASP L 1126 -1.59 -143.40 57.19
CA ASP L 1126 -1.61 -142.99 58.58
C ASP L 1126 -0.28 -143.33 59.23
N PRO L 1127 0.46 -142.34 59.73
CA PRO L 1127 1.80 -142.63 60.29
C PRO L 1127 1.78 -143.54 61.49
N LEU L 1128 0.66 -143.64 62.20
CA LEU L 1128 0.62 -144.45 63.41
C LEU L 1128 0.44 -145.94 63.15
N GLN L 1129 0.18 -146.33 61.90
CA GLN L 1129 -0.01 -147.75 61.61
C GLN L 1129 1.21 -148.60 61.95
N PRO L 1130 2.43 -148.26 61.53
CA PRO L 1130 3.59 -149.06 61.97
C PRO L 1130 3.80 -149.02 63.47
N GLU L 1131 3.50 -147.90 64.12
CA GLU L 1131 3.67 -147.84 65.57
C GLU L 1131 2.60 -148.64 66.28
N LEU L 1132 1.34 -148.50 65.86
CA LEU L 1132 0.26 -149.27 66.48
C LEU L 1132 0.43 -150.75 66.24
N ASP L 1133 0.79 -151.15 65.02
CA ASP L 1133 1.03 -152.57 64.75
C ASP L 1133 2.23 -153.10 65.52
N SER L 1134 3.31 -152.32 65.60
CA SER L 1134 4.49 -152.73 66.33
C SER L 1134 4.60 -151.99 67.66
C1 NAG M . -45.48 68.88 -6.91
C2 NAG M . -46.74 68.94 -6.04
C3 NAG M . -47.90 69.54 -6.84
C4 NAG M . -47.48 70.87 -7.47
C5 NAG M . -46.18 70.67 -8.26
C6 NAG M . -45.66 71.93 -8.93
C7 NAG M . -47.40 66.54 -6.18
C8 NAG M . -47.66 65.31 -5.33
N2 NAG M . -47.05 67.64 -5.49
O3 NAG M . -48.99 69.69 -5.97
O4 NAG M . -48.55 71.29 -8.29
O5 NAG M . -45.18 70.17 -7.39
O6 NAG M . -44.29 72.11 -8.62
O7 NAG M . -47.52 66.47 -7.40
C1 NAG N . -30.71 60.64 28.19
C2 NAG N . -30.60 60.84 29.72
C3 NAG N . -29.19 60.49 30.16
C4 NAG N . -28.89 59.05 29.78
C5 NAG N . -29.12 58.87 28.27
C6 NAG N . -28.91 57.45 27.80
C7 NAG N . -31.96 62.49 30.93
C8 NAG N . -32.16 63.95 31.22
N2 NAG N . -30.96 62.18 30.10
O3 NAG N . -29.09 60.70 31.55
O4 NAG N . -27.56 58.78 30.13
O5 NAG N . -30.43 59.28 27.92
O6 NAG N . -29.98 56.64 28.25
O7 NAG N . -32.70 61.65 31.44
C1 NAG O . -25.83 39.90 18.02
C2 NAG O . -25.86 38.65 17.13
C3 NAG O . -27.16 37.87 17.34
C4 NAG O . -27.43 37.64 18.83
C5 NAG O . -27.32 38.97 19.58
C6 NAG O . -27.55 38.87 21.07
C7 NAG O . -24.51 39.12 15.13
C8 NAG O . -24.59 39.53 13.67
N2 NAG O . -25.71 39.02 15.75
O3 NAG O . -27.04 36.66 16.65
O4 NAG O . -28.73 37.09 18.94
O5 NAG O . -26.03 39.49 19.35
O6 NAG O . -28.69 38.09 21.32
O7 NAG O . -23.45 38.92 15.68
C1 NAG P . -27.95 47.03 1.65
C2 NAG P . -27.45 45.74 1.00
C3 NAG P . -27.90 45.72 -0.46
C4 NAG P . -29.42 45.86 -0.52
C5 NAG P . -29.87 47.10 0.26
C6 NAG P . -31.38 47.25 0.35
C7 NAG P . -25.39 44.61 1.73
C8 NAG P . -23.88 44.68 1.69
N2 NAG P . -26.02 45.62 1.09
O3 NAG P . -27.47 44.51 -1.03
O4 NAG P . -29.77 45.97 -1.89
O5 NAG P . -29.35 47.05 1.58
O6 NAG P . -31.73 47.82 1.59
O7 NAG P . -25.97 43.71 2.31
C1 NAG Q . -16.36 88.15 6.55
C2 NAG Q . -17.72 88.78 6.87
C3 NAG Q . -17.54 90.13 7.55
C4 NAG Q . -16.66 89.95 8.78
C5 NAG Q . -15.33 89.35 8.35
C6 NAG Q . -14.40 89.09 9.51
C7 NAG Q . -18.31 89.57 4.59
C8 NAG Q . -19.39 89.49 3.54
N2 NAG Q . -18.56 88.88 5.71
O3 NAG Q . -18.82 90.62 7.87
O4 NAG Q . -16.49 91.22 9.38
O5 NAG Q . -15.57 88.10 7.70
O6 NAG Q . -15.10 88.42 10.53
O7 NAG Q . -17.29 90.22 4.40
C1 NAG R . -40.87 68.64 -41.26
C2 NAG R . -40.31 69.03 -42.64
C3 NAG R . -41.45 69.25 -43.63
C4 NAG R . -42.46 68.12 -43.60
C5 NAG R . -42.91 67.91 -42.15
C6 NAG R . -43.97 66.84 -41.97
C7 NAG R . -38.19 70.27 -42.61
C8 NAG R . -37.59 71.65 -42.47
N2 NAG R . -39.52 70.22 -42.55
O3 NAG R . -40.89 69.43 -44.91
O4 NAG R . -43.54 68.48 -44.43
O5 NAG R . -41.77 67.57 -41.39
O6 NAG R . -45.15 67.42 -41.45
O7 NAG R . -37.48 69.27 -42.75
C1 NAG S . -29.40 114.92 -69.28
C2 NAG S . -28.94 115.42 -70.65
C3 NAG S . -30.12 115.98 -71.46
C4 NAG S . -31.34 115.06 -71.40
C5 NAG S . -31.63 114.74 -69.94
C6 NAG S . -32.85 113.86 -69.74
C7 NAG S . -26.64 116.27 -70.41
C8 NAG S . -25.82 117.52 -70.19
N2 NAG S . -27.97 116.47 -70.46
O3 NAG S . -29.66 116.15 -72.77
O4 NAG S . -32.40 115.74 -72.02
O5 NAG S . -30.51 114.07 -69.41
O6 NAG S . -34.02 114.64 -69.90
O7 NAG S . -26.11 115.17 -70.52
C1 NAG T . 42.60 70.92 -4.05
C2 NAG T . 43.94 70.95 -3.30
C3 NAG T . 44.11 72.29 -2.60
C4 NAG T . 43.89 73.45 -3.56
C5 NAG T . 42.55 73.26 -4.29
C6 NAG T . 42.23 74.36 -5.28
C7 NAG T . 43.27 69.56 -1.33
C8 NAG T . 43.62 68.29 -0.59
N2 NAG T . 44.05 69.82 -2.40
O3 NAG T . 45.39 72.31 -2.02
O4 NAG T . 43.94 74.63 -2.81
O5 NAG T . 42.55 72.01 -4.94
O6 NAG T . 41.86 73.78 -6.52
O7 NAG T . 42.35 70.27 -0.94
C1 NAG U . 59.74 38.94 -18.25
C2 NAG U . 60.95 38.16 -18.79
C3 NAG U . 60.47 37.11 -19.78
C4 NAG U . 59.49 36.18 -19.06
C5 NAG U . 58.36 37.02 -18.46
C6 NAG U . 57.37 36.19 -17.68
C7 NAG U . 63.20 39.16 -18.97
C8 NAG U . 64.05 40.12 -19.75
N2 NAG U . 61.93 39.03 -19.40
O3 NAG U . 61.59 36.41 -20.28
O4 NAG U . 59.00 35.27 -20.02
O5 NAG U . 58.90 38.02 -17.61
O6 NAG U . 57.95 35.76 -16.46
O7 NAG U . 63.65 38.55 -18.01
C1 NAG V . 41.71 28.09 -7.54
C2 NAG V . 40.57 27.73 -6.58
C3 NAG V . 41.10 27.55 -5.16
C4 NAG V . 42.32 26.62 -5.14
C5 NAG V . 43.35 27.10 -6.17
C6 NAG V . 44.58 26.24 -6.26
C7 NAG V . 38.50 28.72 -7.48
C8 NAG V . 37.55 29.88 -7.34
N2 NAG V . 39.54 28.74 -6.63
O3 NAG V . 40.05 27.04 -4.37
O4 NAG V . 42.86 26.67 -3.84
O5 NAG V . 42.72 27.11 -7.44
O6 NAG V . 45.07 25.98 -4.97
O7 NAG V . 38.33 27.83 -8.30
C1 NAG W . 32.55 43.53 -6.57
C2 NAG W . 31.31 42.80 -6.05
C3 NAG W . 30.38 43.80 -5.37
C4 NAG W . 31.14 44.53 -4.26
C5 NAG W . 32.44 45.12 -4.82
C6 NAG W . 33.32 45.76 -3.75
C7 NAG W . 30.44 40.77 -7.13
C8 NAG W . 29.68 40.26 -8.33
N2 NAG W . 30.62 42.10 -7.10
O3 NAG W . 29.27 43.10 -4.87
O4 NAG W . 30.28 45.52 -3.76
O5 NAG W . 33.20 44.13 -5.47
O6 NAG W . 34.67 45.58 -4.08
O7 NAG W . 30.85 40.01 -6.28
C1 NAG X . 45.67 65.72 -40.98
C2 NAG X . 46.84 66.50 -40.38
C3 NAG X . 47.78 67.01 -41.46
C4 NAG X . 48.24 65.83 -42.31
C5 NAG X . 47.01 65.12 -42.88
C6 NAG X . 47.37 63.92 -43.71
C7 NAG X . 45.62 68.62 -39.89
C8 NAG X . 45.32 69.58 -38.77
N2 NAG X . 46.38 67.57 -39.53
O3 NAG X . 48.85 67.66 -40.83
O4 NAG X . 49.08 66.33 -43.32
O5 NAG X . 46.17 64.70 -41.82
O6 NAG X . 48.26 63.11 -42.98
O7 NAG X . 45.20 68.81 -41.03
C1 NAG Y . 13.26 88.93 -0.03
C2 NAG Y . 12.04 89.79 -0.39
C3 NAG Y . 11.91 90.97 0.58
C4 NAG Y . 12.02 90.52 2.03
C5 NAG Y . 13.32 89.71 2.18
C6 NAG Y . 13.60 89.24 3.60
C7 NAG Y . 11.45 89.83 -2.78
C8 NAG Y . 11.77 90.52 -4.09
N2 NAG Y . 12.16 90.29 -1.73
O3 NAG Y . 10.70 91.61 0.32
O4 NAG Y . 12.04 91.68 2.83
O5 NAG Y . 13.21 88.58 1.33
O6 NAG Y . 14.79 89.81 4.06
O7 NAG Y . 10.63 88.94 -2.71
C1 NAG Z . 2.50 133.97 -30.26
C2 NAG Z . 1.39 134.95 -30.62
C3 NAG Z . 1.54 136.27 -29.85
C4 NAG Z . 1.86 136.05 -28.38
C5 NAG Z . 3.04 135.08 -28.26
C6 NAG Z . 3.48 134.81 -26.85
C7 NAG Z . 0.73 134.52 -32.95
C8 NAG Z . 0.95 134.98 -34.38
N2 NAG Z . 1.43 135.21 -32.03
O3 NAG Z . 0.34 136.98 -30.03
O4 NAG Z . 2.17 137.30 -27.83
O5 NAG Z . 2.66 133.87 -28.86
O6 NAG Z . 4.23 135.91 -26.38
O7 NAG Z . -0.01 133.60 -32.69
C1 NAG AA . 1.56 36.82 -74.21
C2 NAG AA . 1.49 35.88 -75.43
C3 NAG AA . 2.46 36.37 -76.51
C4 NAG AA . 2.23 37.84 -76.81
C5 NAG AA . 2.26 38.65 -75.51
C6 NAG AA . 2.04 40.14 -75.69
C7 NAG AA . 2.86 34.00 -74.51
C8 NAG AA . 2.80 32.53 -74.19
N2 NAG AA . 1.73 34.52 -75.03
O3 NAG AA . 2.27 35.57 -77.63
O4 NAG AA . 3.23 38.24 -77.71
O5 NAG AA . 1.29 38.14 -74.62
O6 NAG AA . 1.05 40.59 -74.78
O7 NAG AA . 3.88 34.64 -74.30
C1 NAG BA . -29.88 15.53 -65.46
C2 NAG BA . -31.19 14.82 -65.83
C3 NAG BA . -32.11 14.81 -64.61
C4 NAG BA . -31.40 14.12 -63.46
C5 NAG BA . -30.05 14.79 -63.20
C6 NAG BA . -29.25 14.13 -62.12
C7 NAG BA . -32.09 14.76 -68.12
C8 NAG BA . -32.78 15.59 -69.18
N2 NAG BA . -31.83 15.42 -66.97
O3 NAG BA . -33.31 14.18 -64.96
O4 NAG BA . -32.25 14.20 -62.33
O5 NAG BA . -29.29 14.82 -64.40
O6 NAG BA . -28.75 12.89 -62.58
O7 NAG BA . -31.79 13.60 -68.31
C1 NAG CA . -16.43 8.47 -47.38
C2 NAG CA . -15.25 8.10 -46.49
C3 NAG CA . -14.46 6.93 -47.10
C4 NAG CA . -15.40 5.79 -47.51
C5 NAG CA . -16.54 6.33 -48.36
C6 NAG CA . -17.54 5.30 -48.79
C7 NAG CA . -14.55 10.12 -45.27
C8 NAG CA . -13.54 11.24 -45.25
N2 NAG CA . -14.40 9.24 -46.28
O3 NAG CA . -13.51 6.52 -46.15
O4 NAG CA . -14.62 4.85 -48.23
O5 NAG CA . -17.21 7.33 -47.60
O6 NAG CA . -16.87 4.17 -49.29
O7 NAG CA . -15.44 10.03 -44.43
C1 NAG DA . -5.42 22.51 -49.63
C2 NAG DA . -4.68 22.16 -48.35
C3 NAG DA . -3.31 22.83 -48.38
C4 NAG DA . -2.55 22.42 -49.63
C5 NAG DA . -3.42 22.68 -50.88
C6 NAG DA . -2.79 22.18 -52.16
C7 NAG DA . -5.84 21.67 -46.23
C8 NAG DA . -6.59 22.30 -45.09
N2 NAG DA . -5.41 22.54 -47.17
O3 NAG DA . -2.62 22.47 -47.21
O4 NAG DA . -1.36 23.18 -49.67
O5 NAG DA . -4.68 22.05 -50.73
O6 NAG DA . -3.79 21.72 -53.04
O7 NAG DA . -5.65 20.46 -46.30
C1 NAG EA . -30.87 53.35 -65.47
C2 NAG EA . -30.68 53.11 -66.98
C3 NAG EA . -31.81 53.74 -67.77
C4 NAG EA . -33.14 53.21 -67.24
C5 NAG EA . -33.23 53.51 -65.75
C6 NAG EA . -34.50 52.99 -65.13
C7 NAG EA . -28.91 54.81 -67.40
C8 NAG EA . -27.53 54.97 -67.97
N2 NAG EA . -29.39 53.56 -67.45
O3 NAG EA . -31.62 53.44 -69.13
O4 NAG EA . -34.17 53.83 -67.97
O5 NAG EA . -32.14 52.92 -65.07
O6 NAG EA . -34.68 51.64 -65.51
O7 NAG EA . -29.52 55.77 -66.94
C1 NAG FA . 26.00 58.70 -62.99
C2 NAG FA . 26.63 60.00 -62.48
C3 NAG FA . 27.89 60.33 -63.29
C4 NAG FA . 28.80 59.12 -63.43
C5 NAG FA . 27.98 57.96 -63.97
C6 NAG FA . 28.78 56.68 -64.23
C7 NAG FA . 25.06 61.64 -61.53
C8 NAG FA . 24.14 62.78 -61.90
N2 NAG FA . 25.70 61.09 -62.57
O3 NAG FA . 28.52 61.42 -62.67
O4 NAG FA . 29.85 59.48 -64.30
O5 NAG FA . 26.96 57.67 -63.04
O6 NAG FA . 28.75 56.37 -65.60
O7 NAG FA . 25.21 61.28 -60.38
C1 NAG GA . 24.17 112.70 -74.78
C2 NAG GA . 24.80 114.04 -74.42
C3 NAG GA . 25.80 114.49 -75.47
C4 NAG GA . 26.72 113.35 -75.91
C5 NAG GA . 25.87 112.13 -76.28
C6 NAG GA . 26.65 110.95 -76.78
C7 NAG GA . 23.14 115.34 -73.15
C8 NAG GA . 22.08 116.42 -73.28
N2 NAG GA . 23.77 115.03 -74.29
O3 NAG GA . 26.53 115.56 -74.94
O4 NAG GA . 27.46 113.81 -77.01
O5 NAG GA . 25.15 111.76 -75.13
O6 NAG GA . 27.06 111.17 -78.11
O7 NAG GA . 23.38 114.82 -72.07
C1 NAG HA . 33.06 -41.70 63.48
C2 NAG HA . 33.92 -40.88 64.45
C3 NAG HA . 35.16 -41.68 64.85
C4 NAG HA . 34.78 -43.06 65.35
C5 NAG HA . 33.88 -43.75 64.30
C6 NAG HA . 33.42 -45.14 64.69
C7 NAG HA . 34.97 -39.34 62.79
C8 NAG HA . 35.13 -37.88 62.44
N2 NAG HA . 34.23 -39.59 63.89
O3 NAG HA . 35.85 -40.94 65.82
O4 NAG HA . 35.97 -43.77 65.57
O5 NAG HA . 32.74 -42.94 64.07
O6 NAG HA . 32.03 -45.25 64.54
O7 NAG HA . 35.51 -40.20 62.10
C1 NAG IA . 8.71 -12.50 72.02
C2 NAG IA . 8.07 -11.51 72.98
C3 NAG IA . 6.65 -11.18 72.49
C4 NAG IA . 6.76 -10.60 71.08
C5 NAG IA . 7.51 -11.58 70.18
C6 NAG IA . 7.71 -11.05 68.78
C7 NAG IA . 8.64 -11.41 75.38
C8 NAG IA . 8.47 -12.11 76.70
N2 NAG IA . 8.03 -12.01 74.33
O3 NAG IA . 6.06 -10.28 73.39
O4 NAG IA . 5.44 -10.38 70.63
O5 NAG IA . 8.77 -11.89 70.75
O6 NAG IA . 8.68 -10.03 68.78
O7 NAG IA . 9.28 -10.38 75.27
C1 NAG JA . 11.12 -7.69 49.02
C2 NAG JA . 11.66 -7.57 47.59
C3 NAG JA . 12.91 -6.69 47.57
C4 NAG JA . 12.70 -5.38 48.33
C5 NAG JA . 12.12 -5.68 49.72
C6 NAG JA . 11.83 -4.46 50.55
C7 NAG JA . 11.03 -9.60 46.36
C8 NAG JA . 11.52 -10.93 45.87
N2 NAG JA . 11.92 -8.86 47.03
O3 NAG JA . 13.25 -6.46 46.22
O4 NAG JA . 13.94 -4.73 48.43
O5 NAG JA . 10.91 -6.40 49.54
O6 NAG JA . 12.93 -3.59 50.51
O7 NAG JA . 9.88 -9.22 46.14
C1 NAG KA . 17.51 -24.20 45.88
C2 NAG KA . 17.50 -23.96 44.37
C3 NAG KA . 18.42 -24.95 43.69
C4 NAG KA . 19.82 -24.85 44.28
C5 NAG KA . 19.76 -24.98 45.80
C6 NAG KA . 21.10 -24.75 46.48
C7 NAG KA . 15.53 -23.02 43.22
C8 NAG KA . 14.13 -23.35 42.73
N2 NAG KA . 16.16 -24.05 43.83
O3 NAG KA . 18.41 -24.69 42.30
O4 NAG KA . 20.59 -25.88 43.71
O5 NAG KA . 18.84 -24.04 46.33
O6 NAG KA . 20.90 -24.13 47.73
O7 NAG KA . 16.01 -21.92 43.07
C1 NAG LA . -1.66 -48.71 75.54
C2 NAG LA . -0.62 -48.65 76.67
C3 NAG LA . -1.24 -49.03 78.01
C4 NAG LA . -2.45 -48.14 78.26
C5 NAG LA . -3.43 -48.29 77.10
C6 NAG LA . -4.64 -47.41 77.25
C7 NAG LA . 0.58 -50.78 76.18
C8 NAG LA . 1.95 -51.32 75.89
N2 NAG LA . 0.54 -49.45 76.38
O3 NAG LA . -0.25 -48.89 79.00
O4 NAG LA . -3.02 -48.53 79.49
O5 NAG LA . -2.78 -47.94 75.89
O6 NAG LA . -4.23 -46.11 77.56
O7 NAG LA . -0.40 -51.50 76.21
C1 NAG MA . 40.64 -68.13 42.35
C2 NAG MA . 40.52 -69.50 41.67
C3 NAG MA . 41.88 -70.20 41.68
C4 NAG MA . 42.99 -69.27 41.19
C5 NAG MA . 42.95 -67.98 42.00
C6 NAG MA . 44.04 -66.99 41.67
C7 NAG MA . 38.33 -70.61 41.89
C8 NAG MA . 37.51 -71.49 42.79
N2 NAG MA . 39.56 -70.32 42.35
O3 NAG MA . 41.77 -71.35 40.89
O4 NAG MA . 44.21 -69.96 41.36
O5 NAG MA . 41.69 -67.38 41.78
O6 NAG MA . 44.86 -66.78 42.80
O7 NAG MA . 37.90 -70.21 40.83
C1 NAG NA . 32.01 -120.64 57.38
C2 NAG NA . 31.97 -122.07 56.84
C3 NAG NA . 33.24 -122.83 57.19
C4 NAG NA . 34.50 -122.00 56.96
C5 NAG NA . 34.34 -120.64 57.64
C6 NAG NA . 35.54 -119.74 57.51
C7 NAG NA . 29.61 -122.80 56.81
C8 NAG NA . 28.59 -123.57 57.59
N2 NAG NA . 30.83 -122.75 57.38
O3 NAG NA . 33.24 -124.01 56.43
O4 NAG NA . 35.58 -122.72 57.50
O5 NAG NA . 33.22 -120.01 57.06
O6 NAG NA . 36.53 -120.17 58.41
O7 NAG NA . 29.34 -122.27 55.75
C1 NAG OA . -49.70 -55.39 36.38
C2 NAG OA . -51.19 -55.06 36.37
C3 NAG OA . -51.82 -55.41 37.72
C4 NAG OA . -51.48 -56.84 38.11
C5 NAG OA . -49.96 -57.04 38.03
C6 NAG OA . -49.50 -58.44 38.40
C7 NAG OA . -51.03 -52.58 36.67
C8 NAG OA . -51.40 -51.28 36.01
N2 NAG OA . -51.42 -53.69 35.99
O3 NAG OA . -53.21 -55.20 37.62
O4 NAG OA . -51.98 -57.04 39.42
O5 NAG OA . -49.52 -56.74 36.72
O6 NAG OA . -48.64 -58.94 37.40
O7 NAG OA . -50.43 -52.59 37.73
C1 NAG PA . -55.40 -48.44 -1.53
C2 NAG PA . -56.20 -48.55 -2.83
C3 NAG PA . -55.24 -48.53 -4.02
C4 NAG PA . -54.43 -47.24 -3.97
C5 NAG PA . -53.73 -47.14 -2.61
C6 NAG PA . -52.95 -45.85 -2.46
C7 NAG PA . -58.38 -49.68 -2.96
C8 NAG PA . -59.06 -51.03 -2.97
N2 NAG PA . -57.04 -49.72 -2.86
O3 NAG PA . -55.99 -48.65 -5.20
O4 NAG PA . -53.50 -47.30 -5.03
O5 NAG PA . -54.68 -47.23 -1.57
O6 NAG PA . -53.83 -44.77 -2.30
O7 NAG PA . -59.03 -48.65 -3.03
C1 NAG QA . -40.62 -30.48 2.55
C2 NAG QA . -39.83 -29.35 3.21
C3 NAG QA . -40.78 -28.25 3.70
C4 NAG QA . -41.76 -27.84 2.59
C5 NAG QA . -42.43 -29.09 2.02
C6 NAG QA . -43.40 -28.82 0.89
C7 NAG QA . -37.77 -30.31 4.16
C8 NAG QA . -37.13 -30.79 5.44
N2 NAG QA . -39.03 -29.85 4.30
O3 NAG QA . -39.99 -27.17 4.11
O4 NAG QA . -42.71 -26.98 3.17
O5 NAG QA . -41.41 -29.95 1.53
O6 NAG QA . -44.26 -27.76 1.26
O7 NAG QA . -37.18 -30.33 3.09
C1 NAG RA . -35.02 -38.11 17.84
C2 NAG RA . -33.93 -37.05 18.01
C3 NAG RA . -33.48 -37.02 19.47
C4 NAG RA . -34.68 -36.78 20.38
C5 NAG RA . -35.79 -37.80 20.07
C6 NAG RA . -37.06 -37.55 20.83
C7 NAG RA . -32.42 -36.43 16.17
C8 NAG RA . -31.22 -36.88 15.37
N2 NAG RA . -32.82 -37.28 17.14
O3 NAG RA . -32.50 -36.01 19.60
O4 NAG RA . -34.22 -36.90 21.70
O5 NAG RA . -36.10 -37.78 18.69
O6 NAG RA . -38.18 -37.91 20.06
O7 NAG RA . -32.97 -35.36 15.94
C1 NAG SA . -39.00 -80.31 10.60
C2 NAG SA . -40.42 -80.54 11.13
C3 NAG SA . -41.00 -81.85 10.58
C4 NAG SA . -40.94 -81.80 9.06
C5 NAG SA . -39.49 -81.58 8.63
C6 NAG SA . -39.33 -81.49 7.13
C7 NAG SA . -39.81 -81.34 13.41
C8 NAG SA . -40.07 -81.06 14.87
N2 NAG SA . -40.47 -80.52 12.57
O3 NAG SA . -42.31 -81.96 11.05
O4 NAG SA . -41.45 -83.02 8.57
O5 NAG SA . -39.00 -80.37 9.19
O6 NAG SA . -40.28 -80.57 6.63
O7 NAG SA . -39.07 -82.24 13.06
C1 NAG TA . -26.92 -59.03 62.25
C2 NAG TA . -25.81 -59.65 63.11
C3 NAG TA . -26.22 -59.66 64.59
C4 NAG TA . -26.76 -58.30 65.03
C5 NAG TA . -27.86 -57.88 64.06
C6 NAG TA . -28.53 -56.57 64.41
C7 NAG TA . -24.45 -61.38 62.00
C8 NAG TA . -24.41 -62.86 61.67
N2 NAG TA . -25.54 -61.00 62.69
O3 NAG TA . -25.11 -60.07 65.34
O4 NAG TA . -27.23 -58.43 66.34
O5 NAG TA . -27.29 -57.78 62.78
O6 NAG TA . -29.90 -56.79 64.70
O7 NAG TA . -23.57 -60.62 61.66
C1 NAG UA . -14.03 -108.75 82.73
C2 NAG UA . -13.04 -109.48 83.66
C3 NAG UA . -13.66 -109.77 85.02
C4 NAG UA . -14.42 -108.57 85.58
C5 NAG UA . -15.40 -108.06 84.51
C6 NAG UA . -16.25 -106.90 84.95
C7 NAG UA . -11.56 -110.85 82.24
C8 NAG UA . -11.35 -112.24 81.72
N2 NAG UA . -12.64 -110.70 83.05
O3 NAG UA . -12.61 -110.16 85.87
O4 NAG UA . -15.10 -109.00 86.73
O5 NAG UA . -14.63 -107.67 83.39
O6 NAG UA . -17.28 -107.36 85.78
O7 NAG UA . -10.80 -109.93 81.96
C1 NAG VA . 17.96 -79.53 -14.70
C2 NAG VA . 18.59 -79.83 -16.05
C3 NAG VA . 17.99 -81.11 -16.63
C4 NAG VA . 18.06 -82.25 -15.63
C5 NAG VA . 17.45 -81.79 -14.30
C6 NAG VA . 17.47 -82.84 -13.20
C7 NAG VA . 17.32 -78.17 -17.43
C8 NAG VA . 17.51 -76.99 -18.33
N2 NAG VA . 18.47 -78.70 -16.94
O3 NAG VA . 18.68 -81.41 -17.82
O4 NAG VA . 17.37 -83.34 -16.18
O5 NAG VA . 18.13 -80.63 -13.83
O6 NAG VA . 18.00 -82.29 -12.01
O7 NAG VA . 16.21 -78.59 -17.18
C1 NAG WA . 47.55 -54.17 -14.97
C2 NAG WA . 49.00 -53.77 -15.25
C3 NAG WA . 49.43 -52.70 -14.25
C4 NAG WA . 48.49 -51.51 -14.36
C5 NAG WA . 47.04 -51.98 -14.18
C6 NAG WA . 46.04 -50.86 -14.34
C7 NAG WA . 50.61 -55.31 -16.28
C8 NAG WA . 51.48 -56.52 -16.01
N2 NAG WA . 49.88 -54.90 -15.22
O3 NAG WA . 50.77 -52.36 -14.52
O4 NAG WA . 48.86 -50.57 -13.38
O5 NAG WA . 46.74 -53.02 -15.10
O6 NAG WA . 45.93 -50.50 -15.70
O7 NAG WA . 50.60 -54.76 -17.37
C1 NAG XA . 30.06 -38.29 -14.68
C2 NAG XA . 28.72 -37.58 -14.88
C3 NAG XA . 28.40 -37.42 -16.36
C4 NAG XA . 29.58 -36.84 -17.14
C5 NAG XA . 30.85 -37.64 -16.80
C6 NAG XA . 32.10 -37.13 -17.48
C7 NAG XA . 27.32 -38.07 -12.91
C8 NAG XA . 26.20 -38.93 -12.39
N2 NAG XA . 27.67 -38.29 -14.19
O3 NAG XA . 27.26 -36.60 -16.46
O4 NAG XA . 29.28 -36.91 -18.50
O5 NAG XA . 31.05 -37.59 -15.40
O6 NAG XA . 31.84 -36.91 -18.85
O7 NAG XA . 27.87 -37.24 -12.20
C1 NAG YA . 18.34 -50.77 -9.18
C2 NAG YA . 17.26 -49.70 -8.99
C3 NAG YA . 15.90 -50.38 -8.96
C4 NAG YA . 15.70 -51.18 -10.24
C5 NAG YA . 16.88 -52.14 -10.46
C6 NAG YA . 16.83 -52.89 -11.77
C7 NAG YA . 17.70 -47.61 -7.76
C8 NAG YA . 17.89 -47.02 -6.39
N2 NAG YA . 17.48 -48.94 -7.78
O3 NAG YA . 14.91 -49.38 -8.81
O4 NAG YA . 14.48 -51.89 -10.10
O5 NAG YA . 18.09 -51.42 -10.40
O6 NAG YA . 18.13 -53.09 -12.26
O7 NAG YA . 17.74 -46.92 -8.77
C1 NAG ZA . 42.21 -78.19 13.78
C2 NAG ZA . 42.59 -79.20 12.69
C3 NAG ZA . 43.81 -80.01 13.11
C4 NAG ZA . 44.95 -79.05 13.45
C5 NAG ZA . 44.47 -78.11 14.56
C6 NAG ZA . 45.52 -77.11 14.95
C7 NAG ZA . 40.83 -80.90 13.13
C8 NAG ZA . 39.71 -81.65 12.44
N2 NAG ZA . 41.49 -80.05 12.32
O3 NAG ZA . 44.15 -80.86 12.04
O4 NAG ZA . 46.05 -79.82 13.87
O5 NAG ZA . 43.33 -77.40 14.11
O6 NAG ZA . 46.03 -76.50 13.79
O7 NAG ZA . 41.07 -81.06 14.31
C1 NAG AB . -12.09 -89.12 -0.32
C2 NAG AB . -13.08 -89.67 0.72
C3 NAG AB . -14.01 -90.69 0.08
C4 NAG AB . -14.61 -90.17 -1.22
C5 NAG AB . -13.48 -89.70 -2.12
C6 NAG AB . -13.92 -89.21 -3.48
C7 NAG AB . -12.23 -89.75 3.03
C8 NAG AB . -11.42 -90.59 3.99
N2 NAG AB . -12.37 -90.27 1.80
O3 NAG AB . -15.00 -91.02 1.03
O4 NAG AB . -15.34 -91.23 -1.80
O5 NAG AB . -12.80 -88.66 -1.45
O6 NAG AB . -13.37 -90.04 -4.49
O7 NAG AB . -12.70 -88.67 3.36
C1 NAG BB . -15.27 -132.18 34.23
C2 NAG BB . -16.21 -132.87 35.22
C3 NAG BB . -16.84 -134.12 34.61
C4 NAG BB . -17.35 -133.87 33.20
C5 NAG BB . -16.23 -133.23 32.37
C6 NAG BB . -16.60 -132.97 30.93
C7 NAG BB . -15.31 -132.48 37.48
C8 NAG BB . -14.47 -133.08 38.58
N2 NAG BB . -15.46 -133.24 36.39
O3 NAG BB . -17.87 -134.52 35.48
O4 NAG BB . -17.73 -135.12 32.67
O5 NAG BB . -15.89 -132.01 32.98
O6 NAG BB . -16.54 -134.18 30.21
O7 NAG BB . -15.82 -131.38 37.61
#